data_9GY6
#
_entry.id   9GY6
#
_cell.length_a   1.00
_cell.length_b   1.00
_cell.length_c   1.00
_cell.angle_alpha   90.00
_cell.angle_beta   90.00
_cell.angle_gamma   90.00
#
_symmetry.space_group_name_H-M   'P 1'
#
loop_
_entity.id
_entity.type
_entity.pdbx_description
1 polymer 'Cytochrome bc1 complex Rieske iron-sulfur subunit'
2 polymer 'Cytochrome bc1 complex cytochrome b subunit'
3 polymer 'Cytochrome bc1 complex cytochrome c subunit'
4 polymer 'Transmembrane protein'
5 polymer 'Cytochrome c oxidase subunit 2'
6 polymer 'Cytochrome c oxidase subunit 1'
7 polymer 'Cytochrome c oxidase subunit 3'
8 polymer 'Cytochrome c oxidase polypeptide 4'
9 polymer 'Secreted protein'
10 polymer 'DUF5130 domain-containing protein'
11 polymer 'Superoxide dismutase [Cu-Zn]'
12 non-polymer 'FE2/S2 (INORGANIC) CLUSTER'
13 non-polymer '(2R)-2-(hexadecanoyloxy)-3-{[(S)-hydroxy{[(1R,2R,3R,4R,5R,6S)-2,3,4,5,6-pentahydroxycyclohexyl]oxy}phosphoryl]oxy}propyl (9S)-9-methyloctadecanoate'
14 non-polymer 'PALMITIC ACID'
15 non-polymer 'PROTOPORPHYRIN IX CONTAINING FE'
16 non-polymer CARDIOLIPIN
17 non-polymer 6-chloranyl-2-ethyl-N-[[4-[2-(trifluoromethylsulfonyl)-2-azaspiro[3.3]heptan-6-yl]phenyl]methyl]imidazo[1,2-a]pyridine-3-carboxamide
18 non-polymer 'HEME C'
19 non-polymer MENAQUINONE-9
20 non-polymer '(2R)-3-(((2-aminoethoxy)(hydroxy)phosphoryl)oxy)-2-(palmitoyloxy)propyl (E)-octadec-9-enoate'
21 non-polymer 'COPPER (II) ION'
22 non-polymer HEME-A
23 non-polymer 'CALCIUM ION'
24 non-polymer MENAQUINONE-7
25 water water
#
loop_
_entity_poly.entity_id
_entity_poly.type
_entity_poly.pdbx_seq_one_letter_code
_entity_poly.pdbx_strand_id
1 'polypeptide(L)'
;MDYRNGGRHRCGHVDRIASMSQDSPDIKGTDAPGQTGVPGQPTDAELAEMSREELVKLGGKIDGVETIFKEPRWPVPGTK
AEKRTERLVAYWLMLGGLSGLALLLVFLFWPWEYQPFGSEGEFLYSLATPLYGLTFGLSILSIGIGAVLFQKKFIPEEIS
VQDRHDGRSPEVHRKTVAANLTDALEGSTLKRRKVIGLSLGIGLGAFGAGTLVAFIGGLIKNPWKPVVPTAEGKKAVLWT
SGWTPRFKGETIYLARATGRPGESPFVKMRPEDIDAGGMETVFPWRESDGDGTTVESEHKLTEIAMGVRNPVMLIRIKPA
DMHRVIKRKGQESFNFGELFAYTKVCSHLGCPSSLYEQQTYRILCPCHQSQFDALEFAKPIFGPAARALAQLPITIDEDG
YLVANGDFVEPVGPAFWERKS
;
A,M
2 'polypeptide(L)'
;MSPDFAKLAAAQGDAIDSRYHPSAAVRRQLNKVFPTHWSFLLGEIALYSFIILLLTGVWLTLFFDPSMAHVTYDGVYQPL
RGVQMSRAYETALDISFEVRGGLFVRQVHHWAALMFAASIMVHLARIFFTGAFRRPREANWVIGSLLLILAMFEGYFGYS
LPDDLLSGTGIRAALSGITMGMPVIGTWLHWALFGGDFPGEILIPRLYALHILLIPGIILALIGAHLALVWFQKHTQFPG
PGRTETNVVGVRVMPVFAVKSGAFFAMITGVLGLMGGLLTINPIWNLGPYKPSQVSAGSQPDFYMMWTEGLARLWPAWEF
YPFGHTIPQGVWVAVGMGLVFALLIAYPFIEKKVTGDDAHHNLLQRPRDVPVRTAIGSMAIALYLLLTFACMNDIIALKF
HISLNATTWIGRIGMVVLPAIVYFVAYRWAISLQRSDREVLEHGVETGIIKRLPHGAYVELHQPLGPVDEHGHPIPLEYA
GAPLPKRMNKLGSGGAPGTGSFLFPDPAVEHEALTEAAHASEHKSLTALKEHQDRIHGNGETNGHH
;
B,N
3 'polypeptide(L)'
;MTSKSRRRLRRRLSAGLLLLIGLAVAGGVAATLTPQPQVAVADESQSALLRTGKQLFETSCVSCHGANLQGVPDRGPSLI
GTGEAAVYFQVSTGRMPAMRGEAQAPSKPPHFDESQIDALGAYVQANGGGPTVPRDDHGAVAQESLIGGDVARGGDLFRL
NCASCHNFTGKGGALSSGKYAPDLGDANPAQIYTAMLTGPQNMPKFSDRQLTPDEKRDIVAYVRESAETPSYGGYGLGGF
GPAPEGMAMWIIGMVAAIGVAMWIGSRA
;
C,O
4 'polypeptide(L)'
;MANTEVERHTGVDVEDVPSAEWGWSHMPIGVMHIGGLLSAAFLLVMMRGNHVGHVEDWFLIGFAAVIVALVGRNWWLRRR
GWIR
;
D,P
5 'polypeptide(L)'
;MTPRGFRVVALSIVLGGSALLLSGCSWSDALALGWPTGITPEAKLNRELWIGSVIASFAVGAIVWGLIFWTSAFHRKKAT
DTELPRQFGYNMPLELTLTVIPFLIISVLFYFTVVVQERMMHKDPNPEVVIDVTAFQWNWKFGYQKIAFADGSFDYDGAD
PERKEAMTSRPEGKDEHGIEKVGPIRGMTPEDRTYLNFDKIETLGTSSEIPVLVLPAGKRIEFVLNSADVIHGFWVPEFL
FKRDVLPEPKANNSDNVFQVSEIQQTGAFVGRCTEMCGTFHAMMNFEVRVVEPNDFKAYIDQRNAGKTNAEALAAINQPP
LAITTEPFESRRGELVPQASK
;
E,Q
6 'polypeptide(L)'
;MVAEAPPIGELEARRPFPERMGPKGNLIYKLITTTDHKLIGIMYCVVCFAFFLVGGLMALFMRTELAMPGLQFLSNEQFN
QLFTMHGTVMLLFYATPIVFGFANLVLPLQIGAPDVAFPRLNALSFWLFLFGALIAIAGFITPGGAADFGWTAYSPLTDA
IHSPGAGGDLWIMGLAVGGLGTILGGVNMITTVVCMRAPGMTMFRMPIFTWNILVTSILVLIAFPILTAALFGLAADRHL
GAHIYDPANGGVLLWQHLFWFFGHPEVYIIALPFFGIVSEIFPVFSRKPIFGYTTLIYATLAIAALSVAVWAHHMYATGA
VLLPFFSFMTFLIAVPTGIKFFNWIGTMWKGQLTFETPMLFSVGFLITFLLGGLSGVLLASPPLDFHVTDSYFVIAHFHY
VLFGTIVFATYAGIYFWFPKMTGRLLDERLGKLHFWLTFIGFHTTFLVQHWLGDEGMPRRYADYLPTDGFTTLNVISTVG
AFILGVSMLPFVWNVFKSWRYGEPVTVDDPWGYGNSLEWATSCPPPRHNFTELPRIRSERPAFELHYPHMVERMRAEAHV
GRAHHPELETADKSS
;
F,R
7 'polypeptide(L)'
;MTSAVGTSGTAITSRVHSLNRPNMVSVGTIVWLSSELMFFAGLFAMYFTARAQAGGAWPPEPTELNLALAVPVTLVLIAS
SFTCQMGVFAAERGDVFGLRRWYVITFLMGLFFVLGQGYEYIHLVEHGTTIPGSAYGSVFYLATGFHGLHVIGGLVAFVL
LLARTKMSKFTPAQATAAIVVSYYWHFVDIVWIALFATIYFVR
;
G,S
8 'polypeptide(L)'
;MHIEARLFEILTAFFALAAVVYAVLTAMFATGGVEWAGTTALVLTTGLTLITGTFFRFVARRLDTRPEDYEDAEISDGAG
ELGFFAPHSWWPILISLSFSTAAVGAALWLPWLIAAGVAFVITSVCGLVFEYYWGPEKH
;
H,T
9 'polypeptide(L)' MSTALTHGLIGGVPLVLFAVLALIFLTRKGPHPDTYKMSDPWTHAPILWAAEEPREHGHGGHGHDSHGVVIGGGASGKW I,U
10 'polypeptide(L)'
;MASGDIATVANAELDLPYGSALTSSGRISAVTEPGELSVHYPFPTMDLVVLDDALKYGSRAAKARFAVYIGPLGADTAAT
AREILANVPTPENAVLLAVSPDQRAIEVVYGADVKGRGIESAAPLGVSAAAASFKEGNLIDGLISAVRVMSAGVSPA
;
J,V
11 'polypeptide(L)'
;MLKPVSVAVLFATPVLALSACSPPGETASSEPGTTPAIWTGSPSPAAPSGEDHGGGHGAGAAGAGETLTAELKTADGTSV
ATADFQFADGFATVTIETTTPGRLTPGFHGVHIHSVGKCEANSVAPTGGAPGDFNSAGGHFQVSGHSGHPASGDLSSLQV
RADGSGKLVTTTDAFTAEDLLDGAKTAIIIHEKADNFANIPPERYQQVNGAPGPDQTTMATGDAGSRVACGVISAG
;
L,X
#
# COMPACT_ATOMS: atom_id res chain seq x y z
N PRO A 42 -38.94 -25.40 22.52
CA PRO A 42 -40.14 -24.56 22.64
C PRO A 42 -40.87 -24.36 21.30
N THR A 43 -42.20 -24.41 21.33
CA THR A 43 -42.99 -24.26 20.11
C THR A 43 -43.40 -22.80 19.93
N ASP A 44 -43.89 -22.51 18.71
CA ASP A 44 -44.26 -21.13 18.38
C ASP A 44 -45.32 -20.58 19.33
N ALA A 45 -46.26 -21.43 19.75
CA ALA A 45 -47.33 -20.97 20.63
C ALA A 45 -46.78 -20.53 21.97
N GLU A 46 -45.88 -21.31 22.57
CA GLU A 46 -45.33 -20.96 23.86
C GLU A 46 -44.15 -20.00 23.75
N LEU A 47 -43.54 -19.90 22.57
CA LEU A 47 -42.61 -18.80 22.33
C LEU A 47 -43.34 -17.47 22.27
N ALA A 48 -44.58 -17.48 21.77
CA ALA A 48 -45.38 -16.26 21.71
C ALA A 48 -45.72 -15.73 23.10
N GLU A 49 -45.61 -16.55 24.14
CA GLU A 49 -46.02 -16.19 25.48
C GLU A 49 -44.85 -16.27 26.46
N MET A 50 -43.65 -15.92 26.01
CA MET A 50 -42.50 -15.77 26.88
C MET A 50 -42.13 -14.30 27.01
N SER A 51 -41.83 -13.89 28.24
CA SER A 51 -41.38 -12.54 28.49
C SER A 51 -39.95 -12.37 27.96
N ARG A 52 -39.53 -11.10 27.87
CA ARG A 52 -38.21 -10.81 27.31
C ARG A 52 -37.10 -11.40 28.18
N GLU A 53 -37.27 -11.38 29.50
CA GLU A 53 -36.27 -11.97 30.37
C GLU A 53 -36.17 -13.48 30.17
N GLU A 54 -37.31 -14.15 30.04
CA GLU A 54 -37.30 -15.59 29.78
C GLU A 54 -36.66 -15.91 28.44
N LEU A 55 -36.94 -15.07 27.43
CA LEU A 55 -36.35 -15.29 26.11
C LEU A 55 -34.84 -15.08 26.14
N VAL A 56 -34.38 -14.08 26.89
CA VAL A 56 -32.94 -13.86 27.04
C VAL A 56 -32.29 -15.05 27.74
N LYS A 57 -32.96 -15.56 28.78
CA LYS A 57 -32.44 -16.73 29.49
C LYS A 57 -32.33 -17.92 28.56
N LEU A 58 -33.37 -18.17 27.77
CA LEU A 58 -33.36 -19.30 26.83
C LEU A 58 -32.28 -19.12 25.77
N GLY A 59 -32.14 -17.91 25.23
CA GLY A 59 -31.12 -17.66 24.23
C GLY A 59 -29.72 -17.88 24.77
N GLY A 60 -29.46 -17.39 25.97
CA GLY A 60 -28.17 -17.64 26.60
C GLY A 60 -27.94 -19.12 26.87
N LYS A 61 -28.98 -19.83 27.29
CA LYS A 61 -28.85 -21.26 27.58
C LYS A 61 -28.55 -22.05 26.31
N ILE A 62 -29.11 -21.63 25.17
CA ILE A 62 -28.80 -22.29 23.91
C ILE A 62 -27.31 -22.17 23.58
N ASP A 63 -26.76 -20.96 23.76
CA ASP A 63 -25.35 -20.72 23.46
C ASP A 63 -24.41 -21.29 24.48
N GLY A 64 -24.92 -21.78 25.62
CA GLY A 64 -24.06 -22.27 26.67
C GLY A 64 -23.71 -21.25 27.73
N VAL A 65 -24.44 -20.14 27.81
CA VAL A 65 -24.16 -19.04 28.71
C VAL A 65 -25.26 -18.95 29.75
N GLU A 66 -24.88 -18.86 31.02
CA GLU A 66 -25.82 -18.63 32.10
C GLU A 66 -25.42 -17.34 32.81
N THR A 67 -26.32 -16.36 32.81
CA THR A 67 -26.09 -15.12 33.54
C THR A 67 -26.55 -15.35 34.97
N ILE A 68 -25.60 -15.61 35.87
CA ILE A 68 -25.95 -15.98 37.24
C ILE A 68 -26.20 -14.78 38.13
N PHE A 69 -25.94 -13.58 37.63
CA PHE A 69 -26.22 -12.35 38.38
C PHE A 69 -26.40 -11.21 37.40
N LYS A 70 -27.47 -10.45 37.55
CA LYS A 70 -27.67 -9.22 36.79
C LYS A 70 -28.71 -8.38 37.50
N GLU A 71 -28.31 -7.21 37.99
CA GLU A 71 -29.20 -6.38 38.80
C GLU A 71 -29.12 -4.93 38.33
N PRO A 72 -30.24 -4.22 38.33
CA PRO A 72 -30.22 -2.81 37.92
C PRO A 72 -29.34 -1.97 38.84
N ARG A 73 -28.75 -0.93 38.27
CA ARG A 73 -27.78 -0.13 39.02
C ARG A 73 -28.45 0.78 40.03
N TRP A 74 -29.71 1.15 39.81
CA TRP A 74 -30.45 2.05 40.71
C TRP A 74 -31.75 1.38 41.12
N PRO A 75 -31.70 0.39 42.02
CA PRO A 75 -32.94 -0.25 42.47
C PRO A 75 -33.92 0.71 43.12
N VAL A 76 -33.43 1.70 43.86
CA VAL A 76 -34.29 2.61 44.62
C VAL A 76 -34.68 3.77 43.69
N PRO A 77 -35.95 3.93 43.35
CA PRO A 77 -36.35 5.01 42.44
C PRO A 77 -36.30 6.38 43.10
N GLY A 78 -36.14 7.39 42.25
CA GLY A 78 -36.33 8.77 42.66
C GLY A 78 -35.38 9.33 43.69
N THR A 79 -34.08 9.10 43.53
CA THR A 79 -33.08 9.64 44.44
C THR A 79 -32.30 10.76 43.77
N LYS A 80 -31.74 11.63 44.61
CA LYS A 80 -30.90 12.72 44.11
C LYS A 80 -29.57 12.21 43.58
N ALA A 81 -29.07 11.09 44.10
CA ALA A 81 -27.80 10.54 43.64
C ALA A 81 -27.88 10.11 42.19
N GLU A 82 -29.01 9.55 41.79
CA GLU A 82 -29.19 9.19 40.38
C GLU A 82 -29.15 10.42 39.49
N LYS A 83 -29.80 11.51 39.92
CA LYS A 83 -29.75 12.75 39.17
C LYS A 83 -28.33 13.27 39.06
N ARG A 84 -27.57 13.21 40.16
CA ARG A 84 -26.20 13.70 40.16
C ARG A 84 -25.34 12.90 39.20
N THR A 85 -25.47 11.57 39.22
CA THR A 85 -24.67 10.73 38.32
C THR A 85 -25.05 10.96 36.86
N GLU A 86 -26.35 11.12 36.59
CA GLU A 86 -26.79 11.41 35.23
C GLU A 86 -26.22 12.74 34.75
N ARG A 87 -26.21 13.75 35.61
CA ARG A 87 -25.64 15.03 35.20
C ARG A 87 -24.13 14.96 35.06
N LEU A 88 -23.46 14.10 35.83
CA LEU A 88 -22.00 13.94 35.65
C LEU A 88 -21.69 13.34 34.29
N VAL A 89 -22.39 12.28 33.90
CA VAL A 89 -22.17 11.70 32.58
C VAL A 89 -22.51 12.72 31.50
N ALA A 90 -23.59 13.48 31.69
CA ALA A 90 -23.96 14.52 30.76
C ALA A 90 -22.88 15.57 30.62
N TYR A 91 -22.29 15.99 31.74
CA TYR A 91 -21.25 17.01 31.70
C TYR A 91 -20.01 16.51 30.96
N TRP A 92 -19.64 15.25 31.17
CA TRP A 92 -18.48 14.73 30.45
C TRP A 92 -18.74 14.67 28.94
N LEU A 93 -19.93 14.20 28.54
CA LEU A 93 -20.24 14.18 27.11
C LEU A 93 -20.32 15.59 26.54
N MET A 94 -20.82 16.55 27.33
CA MET A 94 -20.92 17.92 26.85
C MET A 94 -19.55 18.57 26.73
N LEU A 95 -18.62 18.23 27.64
CA LEU A 95 -17.25 18.69 27.49
C LEU A 95 -16.63 18.13 26.23
N GLY A 96 -16.90 16.85 25.93
CA GLY A 96 -16.45 16.30 24.66
C GLY A 96 -17.00 17.06 23.47
N GLY A 97 -18.29 17.39 23.51
CA GLY A 97 -18.88 18.15 22.41
C GLY A 97 -18.28 19.53 22.25
N LEU A 98 -18.11 20.25 23.36
CA LEU A 98 -17.55 21.59 23.28
C LEU A 98 -16.08 21.55 22.86
N SER A 99 -15.34 20.51 23.22
CA SER A 99 -13.96 20.40 22.77
C SER A 99 -13.90 20.03 21.29
N GLY A 100 -14.84 19.22 20.79
CA GLY A 100 -14.91 19.01 19.35
C GLY A 100 -15.23 20.29 18.59
N LEU A 101 -16.14 21.10 19.13
CA LEU A 101 -16.41 22.41 18.54
C LEU A 101 -15.17 23.29 18.55
N ALA A 102 -14.43 23.26 19.67
CA ALA A 102 -13.19 24.03 19.74
C ALA A 102 -12.18 23.54 18.72
N LEU A 103 -12.13 22.23 18.48
CA LEU A 103 -11.27 21.69 17.44
C LEU A 103 -11.64 22.27 16.08
N LEU A 104 -12.93 22.24 15.75
CA LEU A 104 -13.39 22.80 14.49
C LEU A 104 -12.98 24.26 14.35
N LEU A 105 -13.27 25.06 15.38
CA LEU A 105 -13.01 26.50 15.32
C LEU A 105 -11.52 26.78 15.24
N VAL A 106 -10.71 26.13 16.07
CA VAL A 106 -9.28 26.38 16.09
C VAL A 106 -8.64 25.96 14.78
N PHE A 107 -9.04 24.80 14.25
CA PHE A 107 -8.51 24.38 12.97
C PHE A 107 -8.84 25.38 11.87
N LEU A 108 -10.09 25.84 11.82
CA LEU A 108 -10.50 26.72 10.73
C LEU A 108 -9.88 28.11 10.85
N PHE A 109 -9.74 28.64 12.07
CA PHE A 109 -9.52 30.07 12.24
C PHE A 109 -8.18 30.46 12.87
N TRP A 110 -7.48 29.53 13.50
CA TRP A 110 -6.19 29.89 14.08
C TRP A 110 -5.19 30.22 12.98
N PRO A 111 -4.26 31.15 13.25
CA PRO A 111 -3.18 31.44 12.29
C PRO A 111 -2.12 30.34 12.34
N TRP A 112 -2.09 29.51 11.29
CA TRP A 112 -1.29 28.29 11.29
C TRP A 112 -0.02 28.36 10.47
N GLU A 113 0.08 29.32 9.54
CA GLU A 113 1.23 29.34 8.63
C GLU A 113 2.52 29.62 9.38
N TYR A 114 3.58 28.94 8.98
CA TYR A 114 4.88 29.10 9.62
C TYR A 114 5.34 30.54 9.58
N GLN A 115 5.88 31.03 10.70
CA GLN A 115 6.37 32.38 10.82
C GLN A 115 7.87 32.37 11.05
N PRO A 116 8.63 33.24 10.39
CA PRO A 116 10.09 33.21 10.53
C PRO A 116 10.55 33.45 11.95
N PHE A 117 11.85 33.26 12.16
CA PHE A 117 12.42 33.34 13.49
C PHE A 117 12.40 34.78 14.01
N GLY A 118 12.07 34.92 15.29
CA GLY A 118 12.14 36.20 15.97
C GLY A 118 11.26 37.26 15.35
N SER A 119 10.02 36.93 15.05
CA SER A 119 9.08 37.85 14.46
C SER A 119 7.76 37.80 15.20
N GLU A 120 6.88 38.74 14.88
CA GLU A 120 5.53 38.71 15.40
C GLU A 120 4.76 37.54 14.78
N GLY A 121 3.82 37.00 15.54
CA GLY A 121 3.04 35.88 15.07
C GLY A 121 3.69 34.53 15.19
N GLU A 122 4.92 34.46 15.70
CA GLU A 122 5.58 33.18 15.91
C GLU A 122 5.02 32.45 17.13
N PHE A 123 4.53 33.18 18.12
CA PHE A 123 3.91 32.53 19.28
C PHE A 123 2.60 31.85 18.89
N LEU A 124 1.78 32.51 18.08
CA LEU A 124 0.55 31.90 17.62
C LEU A 124 0.83 30.69 16.73
N TYR A 125 1.84 30.80 15.87
CA TYR A 125 2.23 29.65 15.06
C TYR A 125 2.70 28.48 15.93
N SER A 126 3.50 28.78 16.95
CA SER A 126 3.97 27.72 17.84
C SER A 126 2.82 27.08 18.60
N LEU A 127 1.77 27.85 18.89
CA LEU A 127 0.61 27.30 19.59
C LEU A 127 -0.35 26.57 18.65
N ALA A 128 -0.24 26.78 17.34
CA ALA A 128 -1.16 26.16 16.37
C ALA A 128 -1.35 24.66 16.59
N THR A 129 -0.26 23.87 16.57
CA THR A 129 -0.37 22.43 16.63
C THR A 129 -0.73 21.93 18.03
N PRO A 130 -0.14 22.47 19.10
CA PRO A 130 -0.63 22.11 20.44
C PRO A 130 -2.12 22.33 20.64
N LEU A 131 -2.70 23.34 19.98
CA LEU A 131 -4.13 23.56 20.13
C LEU A 131 -4.94 22.49 19.42
N TYR A 132 -4.48 22.05 18.23
CA TYR A 132 -5.12 20.93 17.57
C TYR A 132 -5.10 19.70 18.46
N GLY A 133 -3.92 19.38 19.00
CA GLY A 133 -3.81 18.23 19.88
C GLY A 133 -4.70 18.35 21.10
N LEU A 134 -4.68 19.51 21.76
CA LEU A 134 -5.49 19.72 22.95
C LEU A 134 -6.97 19.51 22.65
N THR A 135 -7.49 20.20 21.63
CA THR A 135 -8.91 20.12 21.34
C THR A 135 -9.33 18.71 20.93
N PHE A 136 -8.59 18.10 20.00
CA PHE A 136 -8.95 16.77 19.51
C PHE A 136 -8.89 15.73 20.63
N GLY A 137 -7.75 15.67 21.33
CA GLY A 137 -7.59 14.69 22.38
C GLY A 137 -8.57 14.90 23.51
N LEU A 138 -8.81 16.15 23.90
CA LEU A 138 -9.76 16.43 24.97
C LEU A 138 -11.16 15.98 24.58
N SER A 139 -11.57 16.27 23.34
CA SER A 139 -12.92 15.89 22.90
C SER A 139 -13.10 14.38 22.95
N ILE A 140 -12.20 13.64 22.29
CA ILE A 140 -12.43 12.20 22.22
C ILE A 140 -12.20 11.54 23.57
N LEU A 141 -11.28 12.06 24.38
CA LEU A 141 -11.05 11.51 25.72
C LEU A 141 -12.25 11.75 26.62
N SER A 142 -12.87 12.92 26.53
CA SER A 142 -14.07 13.19 27.32
C SER A 142 -15.23 12.29 26.89
N ILE A 143 -15.37 12.06 25.58
CA ILE A 143 -16.41 11.14 25.12
C ILE A 143 -16.17 9.73 25.68
N GLY A 144 -14.91 9.28 25.64
CA GLY A 144 -14.58 7.98 26.20
C GLY A 144 -14.86 7.89 27.69
N ILE A 145 -14.52 8.95 28.44
CA ILE A 145 -14.77 8.98 29.87
C ILE A 145 -16.27 8.93 30.16
N GLY A 146 -17.06 9.68 29.39
CA GLY A 146 -18.51 9.62 29.54
C GLY A 146 -19.05 8.24 29.30
N ALA A 147 -18.53 7.55 28.27
CA ALA A 147 -18.97 6.19 28.00
C ALA A 147 -18.60 5.24 29.13
N VAL A 148 -17.37 5.36 29.67
CA VAL A 148 -16.97 4.51 30.79
C VAL A 148 -17.87 4.75 31.99
N LEU A 149 -18.15 6.01 32.29
CA LEU A 149 -18.99 6.34 33.44
C LEU A 149 -20.41 5.81 33.24
N PHE A 150 -20.93 5.89 32.01
CA PHE A 150 -22.25 5.32 31.76
C PHE A 150 -22.26 3.82 31.99
N GLN A 151 -21.22 3.12 31.52
CA GLN A 151 -21.14 1.68 31.76
C GLN A 151 -21.09 1.38 33.26
N LYS A 152 -20.25 2.10 33.99
CA LYS A 152 -20.02 1.76 35.39
C LYS A 152 -21.21 2.16 36.26
N LYS A 153 -21.98 3.15 35.86
CA LYS A 153 -23.01 3.72 36.73
C LYS A 153 -24.42 3.32 36.34
N PHE A 154 -24.69 3.01 35.08
CA PHE A 154 -26.06 2.79 34.66
C PHE A 154 -26.31 1.42 34.04
N ILE A 155 -25.39 0.91 33.24
CA ILE A 155 -25.56 -0.43 32.67
C ILE A 155 -25.50 -1.47 33.80
N PRO A 156 -26.46 -2.37 33.90
CA PRO A 156 -26.51 -3.28 35.05
C PRO A 156 -25.29 -4.19 35.11
N GLU A 157 -24.78 -4.39 36.33
CA GLU A 157 -23.66 -5.27 36.55
C GLU A 157 -24.10 -6.73 36.40
N GLU A 158 -23.31 -7.51 35.67
CA GLU A 158 -23.67 -8.89 35.41
C GLU A 158 -22.46 -9.80 35.63
N ILE A 159 -22.76 -11.07 35.90
CA ILE A 159 -21.75 -12.12 35.93
C ILE A 159 -22.28 -13.30 35.12
N SER A 160 -21.79 -13.44 33.90
CA SER A 160 -22.18 -14.54 33.03
C SER A 160 -21.08 -15.61 33.04
N VAL A 161 -21.50 -16.85 32.81
CA VAL A 161 -20.60 -17.99 32.75
C VAL A 161 -20.87 -18.72 31.44
N GLN A 162 -19.82 -18.94 30.65
CA GLN A 162 -19.91 -19.67 29.41
C GLN A 162 -19.11 -20.96 29.52
N ASP A 163 -19.60 -22.01 28.87
CA ASP A 163 -18.88 -23.28 28.80
C ASP A 163 -17.92 -23.24 27.62
N ARG A 164 -16.67 -23.63 27.85
CA ARG A 164 -15.66 -23.53 26.80
C ARG A 164 -15.93 -24.51 25.67
N HIS A 165 -16.26 -25.76 26.01
CA HIS A 165 -16.45 -26.82 25.01
C HIS A 165 -15.21 -26.96 24.13
N ASP A 166 -14.04 -26.94 24.76
CA ASP A 166 -12.77 -26.97 24.05
C ASP A 166 -12.11 -28.33 24.20
N GLY A 167 -10.92 -28.46 23.61
CA GLY A 167 -10.21 -29.72 23.60
C GLY A 167 -10.55 -30.53 22.37
N ARG A 168 -10.59 -31.85 22.52
CA ARG A 168 -10.95 -32.71 21.41
C ARG A 168 -12.41 -32.49 21.00
N SER A 169 -12.67 -32.64 19.71
CA SER A 169 -14.03 -32.65 19.21
C SER A 169 -14.71 -33.95 19.63
N PRO A 170 -16.05 -33.99 19.63
CA PRO A 170 -16.73 -35.27 19.87
C PRO A 170 -16.36 -36.28 18.80
N GLU A 171 -16.40 -37.56 19.18
CA GLU A 171 -15.89 -38.60 18.30
C GLU A 171 -16.64 -38.65 16.98
N VAL A 172 -17.92 -38.28 16.97
CA VAL A 172 -18.68 -38.29 15.72
C VAL A 172 -18.08 -37.32 14.72
N HIS A 173 -17.76 -36.10 15.17
CA HIS A 173 -17.22 -35.10 14.26
C HIS A 173 -15.82 -35.48 13.77
N ARG A 174 -14.97 -35.93 14.69
CA ARG A 174 -13.61 -36.31 14.32
C ARG A 174 -13.62 -37.49 13.35
N LYS A 175 -14.46 -38.49 13.61
CA LYS A 175 -14.50 -39.65 12.74
C LYS A 175 -15.10 -39.30 11.38
N THR A 176 -16.15 -38.49 11.34
CA THR A 176 -16.73 -38.12 10.05
C THR A 176 -15.77 -37.28 9.22
N VAL A 177 -15.05 -36.33 9.85
CA VAL A 177 -14.14 -35.50 9.07
C VAL A 177 -12.93 -36.32 8.60
N ALA A 178 -12.43 -37.21 9.45
CA ALA A 178 -11.34 -38.09 9.04
C ALA A 178 -11.77 -39.00 7.91
N ALA A 179 -12.99 -39.52 7.98
CA ALA A 179 -13.49 -40.40 6.92
C ALA A 179 -13.69 -39.63 5.63
N ASN A 180 -14.17 -38.39 5.70
CA ASN A 180 -14.32 -37.59 4.49
C ASN A 180 -12.96 -37.34 3.83
N LEU A 181 -11.95 -36.98 4.62
CA LEU A 181 -10.63 -36.72 4.05
C LEU A 181 -10.01 -37.98 3.47
N THR A 182 -10.06 -39.09 4.24
CA THR A 182 -9.50 -40.34 3.76
C THR A 182 -10.25 -40.85 2.54
N ASP A 183 -11.57 -40.63 2.48
CA ASP A 183 -12.35 -41.05 1.34
C ASP A 183 -12.00 -40.24 0.10
N ALA A 184 -11.76 -38.94 0.26
CA ALA A 184 -11.27 -38.13 -0.84
C ALA A 184 -9.95 -38.68 -1.37
N LEU A 185 -9.00 -38.92 -0.47
CA LEU A 185 -7.69 -39.41 -0.89
C LEU A 185 -7.75 -40.80 -1.50
N GLU A 186 -8.66 -41.66 -1.04
CA GLU A 186 -8.72 -43.03 -1.53
C GLU A 186 -9.53 -43.16 -2.81
N GLY A 187 -10.60 -42.38 -2.96
CA GLY A 187 -11.34 -42.37 -4.21
C GLY A 187 -10.60 -41.65 -5.31
N SER A 188 -9.75 -40.69 -4.95
CA SER A 188 -8.92 -40.03 -5.96
C SER A 188 -8.05 -41.05 -6.69
N THR A 189 -7.64 -42.11 -5.98
CA THR A 189 -6.79 -43.20 -6.44
C THR A 189 -5.37 -42.71 -6.71
N LEU A 190 -5.02 -41.50 -6.30
CA LEU A 190 -3.68 -40.97 -6.55
C LEU A 190 -2.61 -41.81 -5.88
N LYS A 191 -2.95 -42.49 -4.79
CA LYS A 191 -1.96 -43.29 -4.07
C LYS A 191 -1.47 -44.46 -4.92
N ARG A 192 -2.39 -45.15 -5.60
CA ARG A 192 -2.05 -46.32 -6.41
C ARG A 192 -1.63 -45.95 -7.82
N ARG A 193 -1.27 -44.70 -8.06
CA ARG A 193 -0.78 -44.25 -9.36
C ARG A 193 0.49 -43.45 -9.10
N LYS A 194 1.63 -44.15 -9.07
CA LYS A 194 2.88 -43.52 -8.70
C LYS A 194 3.45 -42.64 -9.81
N VAL A 195 3.16 -42.96 -11.07
CA VAL A 195 3.66 -42.14 -12.16
C VAL A 195 3.02 -40.76 -12.13
N ILE A 196 1.70 -40.70 -11.87
CA ILE A 196 1.02 -39.42 -11.81
C ILE A 196 1.49 -38.62 -10.60
N GLY A 197 1.64 -39.27 -9.45
CA GLY A 197 2.09 -38.55 -8.27
C GLY A 197 3.51 -38.01 -8.44
N LEU A 198 4.41 -38.84 -8.98
CA LEU A 198 5.78 -38.39 -9.21
C LEU A 198 5.82 -37.25 -10.23
N SER A 199 5.04 -37.37 -11.31
CA SER A 199 4.99 -36.30 -12.30
C SER A 199 4.43 -35.02 -11.72
N LEU A 200 3.40 -35.13 -10.88
CA LEU A 200 2.81 -33.96 -10.26
C LEU A 200 3.81 -33.28 -9.33
N GLY A 201 4.50 -34.06 -8.51
CA GLY A 201 5.53 -33.48 -7.66
C GLY A 201 6.63 -32.81 -8.45
N ILE A 202 7.12 -33.49 -9.49
CA ILE A 202 8.19 -32.93 -10.32
C ILE A 202 7.73 -31.64 -10.97
N GLY A 203 6.53 -31.64 -11.57
CA GLY A 203 6.06 -30.47 -12.27
C GLY A 203 5.80 -29.29 -11.36
N LEU A 204 5.15 -29.53 -10.21
CA LEU A 204 4.88 -28.44 -9.28
C LEU A 204 6.17 -27.88 -8.71
N GLY A 205 7.12 -28.76 -8.34
CA GLY A 205 8.40 -28.28 -7.84
C GLY A 205 9.17 -27.48 -8.88
N ALA A 206 9.15 -27.95 -10.13
CA ALA A 206 9.86 -27.25 -11.19
C ALA A 206 9.23 -25.89 -11.48
N PHE A 207 7.91 -25.83 -11.52
CA PHE A 207 7.24 -24.54 -11.75
C PHE A 207 7.49 -23.60 -10.59
N GLY A 208 7.44 -24.09 -9.36
CA GLY A 208 7.72 -23.24 -8.21
C GLY A 208 9.14 -22.71 -8.21
N ALA A 209 10.11 -23.59 -8.52
CA ALA A 209 11.50 -23.16 -8.59
C ALA A 209 11.69 -22.12 -9.69
N GLY A 210 11.12 -22.36 -10.87
CA GLY A 210 11.26 -21.41 -11.96
C GLY A 210 10.63 -20.07 -11.63
N THR A 211 9.44 -20.08 -11.02
CA THR A 211 8.77 -18.83 -10.66
C THR A 211 9.54 -18.08 -9.59
N LEU A 212 10.05 -18.80 -8.58
CA LEU A 212 10.82 -18.14 -7.52
C LEU A 212 12.10 -17.53 -8.07
N VAL A 213 12.78 -18.24 -8.97
CA VAL A 213 14.00 -17.70 -9.57
C VAL A 213 13.68 -16.49 -10.44
N ALA A 214 12.64 -16.59 -11.29
CA ALA A 214 12.26 -15.45 -12.11
C ALA A 214 11.68 -14.30 -11.30
N PHE A 215 11.31 -14.53 -10.04
CA PHE A 215 10.84 -13.48 -9.17
C PHE A 215 12.00 -12.76 -8.51
N ILE A 216 12.84 -13.50 -7.78
CA ILE A 216 13.95 -12.91 -7.05
C ILE A 216 15.07 -12.43 -7.97
N GLY A 217 15.17 -12.98 -9.18
CA GLY A 217 16.36 -12.78 -9.99
C GLY A 217 16.57 -11.35 -10.45
N GLY A 218 15.49 -10.55 -10.51
CA GLY A 218 15.65 -9.16 -10.88
C GLY A 218 16.36 -8.32 -9.85
N LEU A 219 16.36 -8.77 -8.59
CA LEU A 219 17.03 -8.05 -7.52
C LEU A 219 18.48 -8.45 -7.34
N ILE A 220 18.87 -9.64 -7.81
CA ILE A 220 20.21 -10.15 -7.56
C ILE A 220 21.21 -9.39 -8.43
N LYS A 221 22.11 -8.67 -7.78
CA LYS A 221 23.16 -7.91 -8.46
C LYS A 221 24.52 -8.39 -7.97
N ASN A 222 25.43 -8.58 -8.90
CA ASN A 222 26.80 -8.94 -8.53
C ASN A 222 27.50 -7.71 -7.96
N PRO A 223 27.98 -7.75 -6.72
CA PRO A 223 28.68 -6.58 -6.17
C PRO A 223 30.07 -6.40 -6.75
N TRP A 224 30.61 -7.40 -7.44
CA TRP A 224 31.98 -7.38 -7.92
C TRP A 224 32.07 -7.25 -9.43
N LYS A 225 31.01 -6.84 -10.09
CA LYS A 225 31.08 -6.52 -11.51
C LYS A 225 31.87 -5.24 -11.69
N PRO A 226 32.98 -5.25 -12.43
CA PRO A 226 33.76 -4.02 -12.61
C PRO A 226 32.97 -2.95 -13.36
N VAL A 227 32.69 -1.85 -12.68
CA VAL A 227 31.87 -0.79 -13.25
C VAL A 227 32.52 0.57 -13.06
N VAL A 228 33.54 0.65 -12.22
CA VAL A 228 34.16 1.92 -11.86
C VAL A 228 35.47 2.05 -12.63
N PRO A 229 35.64 3.07 -13.46
CA PRO A 229 36.93 3.29 -14.11
C PRO A 229 38.02 3.63 -13.11
N THR A 230 39.25 3.31 -13.50
CA THR A 230 40.42 3.46 -12.64
C THR A 230 41.64 3.48 -13.55
N ALA A 231 42.71 4.10 -13.06
CA ALA A 231 43.97 4.17 -13.79
C ALA A 231 44.57 2.77 -13.98
N GLU A 232 43.87 1.74 -13.51
CA GLU A 232 44.27 0.36 -13.72
C GLU A 232 43.11 -0.48 -14.24
N GLY A 233 42.26 0.10 -15.08
CA GLY A 233 41.15 -0.62 -15.68
C GLY A 233 39.83 -0.40 -14.97
N LYS A 234 38.94 -1.38 -15.10
CA LYS A 234 37.64 -1.33 -14.47
C LYS A 234 37.66 -2.15 -13.18
N LYS A 235 37.12 -1.57 -12.11
CA LYS A 235 37.17 -2.17 -10.79
C LYS A 235 35.81 -2.07 -10.11
N ALA A 236 35.59 -2.97 -9.16
CA ALA A 236 34.35 -3.02 -8.42
C ALA A 236 34.16 -1.76 -7.57
N VAL A 237 32.91 -1.52 -7.20
CA VAL A 237 32.56 -0.31 -6.45
C VAL A 237 33.24 -0.30 -5.08
N LEU A 238 33.18 -1.44 -4.37
CA LEU A 238 33.71 -1.48 -3.02
C LEU A 238 35.22 -1.33 -2.97
N TRP A 239 35.91 -1.53 -4.09
CA TRP A 239 37.36 -1.35 -4.16
C TRP A 239 37.75 0.09 -4.46
N THR A 240 36.79 0.97 -4.74
CA THR A 240 37.09 2.30 -5.25
C THR A 240 36.28 3.34 -4.52
N SER A 241 36.77 4.57 -4.56
CA SER A 241 36.06 5.73 -4.03
C SER A 241 36.35 6.91 -4.97
N GLY A 242 36.00 8.11 -4.52
CA GLY A 242 36.31 9.28 -5.32
C GLY A 242 37.78 9.68 -5.30
N TRP A 243 38.56 9.11 -4.38
CA TRP A 243 39.99 9.36 -4.33
C TRP A 243 40.78 8.45 -5.27
N THR A 244 40.12 7.51 -5.93
CA THR A 244 40.81 6.62 -6.84
C THR A 244 41.18 7.37 -8.12
N PRO A 245 42.45 7.46 -8.47
CA PRO A 245 42.82 8.17 -9.71
C PRO A 245 42.35 7.40 -10.93
N ARG A 246 42.04 8.15 -11.99
CA ARG A 246 41.36 7.58 -13.15
C ARG A 246 42.17 7.63 -14.45
N PHE A 247 43.24 8.42 -14.55
CA PHE A 247 44.04 8.37 -15.76
C PHE A 247 45.54 8.43 -15.50
N LYS A 248 45.99 7.88 -14.36
CA LYS A 248 47.41 7.64 -14.07
C LYS A 248 48.21 8.94 -14.09
N GLY A 249 47.90 9.77 -13.10
CA GLY A 249 48.56 11.05 -12.93
C GLY A 249 47.56 12.16 -12.73
N GLU A 250 46.35 11.76 -12.33
CA GLU A 250 45.25 12.71 -12.14
C GLU A 250 45.48 13.51 -10.87
N THR A 251 45.35 14.83 -10.98
CA THR A 251 45.52 15.72 -9.83
C THR A 251 44.20 15.79 -9.09
N ILE A 252 44.15 15.20 -7.90
CA ILE A 252 42.96 15.21 -7.07
C ILE A 252 43.23 16.14 -5.89
N TYR A 253 42.49 17.23 -5.84
CA TYR A 253 42.64 18.22 -4.78
C TYR A 253 41.81 17.86 -3.57
N LEU A 254 42.35 18.14 -2.40
CA LEU A 254 41.59 18.10 -1.15
C LEU A 254 40.83 19.40 -1.03
N ALA A 255 39.52 19.37 -1.29
CA ALA A 255 38.71 20.57 -1.33
C ALA A 255 37.82 20.65 -0.09
N ARG A 256 37.81 21.81 0.55
CA ARG A 256 36.90 22.02 1.67
C ARG A 256 35.49 22.32 1.14
N ALA A 257 34.50 21.95 1.94
CA ALA A 257 33.11 22.25 1.61
C ALA A 257 32.75 23.62 2.17
N THR A 258 32.53 24.59 1.29
CA THR A 258 32.11 25.91 1.73
C THR A 258 30.64 25.97 2.11
N GLY A 259 29.87 24.94 1.79
CA GLY A 259 28.47 24.88 2.20
C GLY A 259 27.61 25.96 1.60
N ARG A 260 27.85 26.30 0.34
CA ARG A 260 27.12 27.38 -0.32
C ARG A 260 26.67 26.97 -1.70
N GLU A 263 26.84 27.83 -5.10
CA GLU A 263 27.79 28.18 -6.14
C GLU A 263 29.23 28.07 -5.62
N SER A 264 29.97 27.13 -6.21
CA SER A 264 31.31 26.74 -5.79
C SER A 264 31.32 26.21 -4.37
N PRO A 265 30.62 25.11 -4.07
CA PRO A 265 30.65 24.56 -2.70
C PRO A 265 31.97 23.89 -2.35
N PHE A 266 32.87 23.70 -3.30
CA PHE A 266 34.19 23.14 -3.02
C PHE A 266 35.25 24.07 -3.60
N VAL A 267 36.36 24.19 -2.88
CA VAL A 267 37.46 25.06 -3.29
C VAL A 267 38.76 24.43 -2.84
N LYS A 268 39.81 24.62 -3.64
CA LYS A 268 41.15 24.17 -3.26
C LYS A 268 41.55 24.81 -1.94
N MET A 269 42.51 24.22 -1.25
CA MET A 269 42.95 24.75 0.03
C MET A 269 44.43 24.48 0.20
N ARG A 270 45.09 25.34 0.96
CA ARG A 270 46.53 25.33 1.14
C ARG A 270 46.88 24.82 2.53
N PRO A 271 48.09 24.27 2.70
CA PRO A 271 48.46 23.72 4.02
C PRO A 271 48.40 24.74 5.14
N GLU A 272 48.64 26.02 4.86
CA GLU A 272 48.58 27.03 5.92
C GLU A 272 47.15 27.44 6.25
N ASP A 273 46.16 26.81 5.65
CA ASP A 273 44.76 27.09 5.95
C ASP A 273 44.23 26.23 7.09
N ILE A 274 45.10 25.45 7.74
CA ILE A 274 44.73 24.65 8.90
C ILE A 274 45.70 24.99 10.01
N ASP A 275 45.20 25.57 11.09
CA ASP A 275 46.04 25.83 12.24
C ASP A 275 46.25 24.54 13.01
N ALA A 276 47.40 24.46 13.69
CA ALA A 276 47.75 23.24 14.41
C ALA A 276 46.70 22.92 15.47
N GLY A 277 46.37 21.63 15.58
CA GLY A 277 45.25 21.23 16.40
C GLY A 277 43.90 21.46 15.78
N GLY A 278 43.84 21.75 14.49
CA GLY A 278 42.59 21.99 13.79
C GLY A 278 42.25 20.83 12.88
N MET A 279 40.96 20.68 12.60
CA MET A 279 40.46 19.57 11.81
C MET A 279 39.69 20.11 10.61
N GLU A 280 39.79 19.40 9.49
CA GLU A 280 39.10 19.79 8.26
C GLU A 280 38.47 18.56 7.62
N THR A 281 37.32 18.78 7.00
CA THR A 281 36.66 17.76 6.19
C THR A 281 36.88 18.13 4.73
N VAL A 282 37.63 17.31 4.02
CA VAL A 282 37.97 17.56 2.63
C VAL A 282 37.37 16.47 1.77
N PHE A 283 37.23 16.78 0.49
CA PHE A 283 36.62 15.92 -0.50
C PHE A 283 37.51 15.87 -1.73
N PRO A 284 37.42 14.79 -2.52
CA PRO A 284 38.22 14.69 -3.74
C PRO A 284 37.61 15.52 -4.86
N TRP A 285 38.24 16.63 -5.19
CA TRP A 285 37.74 17.54 -6.22
C TRP A 285 38.82 17.73 -7.27
N ARG A 286 38.44 17.57 -8.53
CA ARG A 286 39.36 17.75 -9.65
C ARG A 286 39.00 19.00 -10.42
N GLU A 287 39.93 19.43 -11.28
CA GLU A 287 39.66 20.59 -12.14
C GLU A 287 38.48 20.32 -13.06
N SER A 288 38.38 19.12 -13.60
CA SER A 288 37.32 18.75 -14.53
C SER A 288 35.98 18.53 -13.85
N ASP A 289 35.82 18.84 -12.56
CA ASP A 289 34.52 18.72 -11.90
C ASP A 289 33.71 19.99 -11.96
N GLY A 290 34.35 21.15 -12.03
CA GLY A 290 33.66 22.41 -12.22
C GLY A 290 33.53 23.21 -10.94
N ASP A 291 32.56 24.13 -10.98
CA ASP A 291 32.32 25.04 -9.86
C ASP A 291 30.84 25.18 -9.54
N GLY A 292 29.99 24.29 -10.02
CA GLY A 292 28.58 24.28 -9.68
C GLY A 292 27.70 25.17 -10.53
N THR A 293 28.26 25.86 -11.53
CA THR A 293 27.46 26.75 -12.36
C THR A 293 26.61 25.95 -13.35
N THR A 294 27.27 25.17 -14.21
CA THR A 294 26.56 24.34 -15.17
C THR A 294 25.93 23.14 -14.47
N VAL A 295 24.86 22.62 -15.08
CA VAL A 295 24.07 21.57 -14.44
C VAL A 295 24.89 20.28 -14.30
N GLU A 296 25.74 19.98 -15.29
CA GLU A 296 26.59 18.81 -15.18
C GLU A 296 27.66 19.00 -14.10
N SER A 297 28.15 20.23 -13.94
CA SER A 297 29.04 20.52 -12.83
C SER A 297 28.37 20.26 -11.50
N GLU A 298 27.11 20.71 -11.35
CA GLU A 298 26.41 20.43 -10.10
C GLU A 298 26.17 18.95 -9.91
N HIS A 299 25.90 18.20 -10.99
CA HIS A 299 25.73 16.75 -10.85
C HIS A 299 27.00 16.10 -10.36
N LYS A 300 28.16 16.48 -10.91
CA LYS A 300 29.41 15.89 -10.44
C LYS A 300 29.73 16.28 -9.00
N LEU A 301 29.50 17.55 -8.64
CA LEU A 301 29.74 17.98 -7.27
C LEU A 301 28.81 17.27 -6.30
N THR A 302 27.54 17.07 -6.67
CA THR A 302 26.64 16.30 -5.84
C THR A 302 27.12 14.86 -5.69
N GLU A 303 27.56 14.24 -6.79
CA GLU A 303 27.98 12.85 -6.74
C GLU A 303 29.28 12.67 -5.96
N ILE A 304 30.09 13.72 -5.82
CA ILE A 304 31.26 13.60 -4.96
C ILE A 304 30.95 13.96 -3.51
N ALA A 305 29.96 14.83 -3.28
CA ALA A 305 29.56 15.11 -1.90
C ALA A 305 28.77 13.97 -1.28
N MET A 306 28.08 13.18 -2.10
CA MET A 306 27.28 12.06 -1.61
C MET A 306 28.03 10.73 -1.61
N GLY A 307 29.29 10.71 -2.03
CA GLY A 307 30.07 9.50 -2.00
C GLY A 307 30.29 9.05 -0.56
N VAL A 308 29.84 7.84 -0.24
CA VAL A 308 29.90 7.38 1.15
C VAL A 308 31.35 7.24 1.61
N ARG A 309 32.27 6.95 0.68
CA ARG A 309 33.67 6.76 1.01
C ARG A 309 34.53 7.96 0.62
N ASN A 310 33.91 9.09 0.32
CA ASN A 310 34.62 10.29 -0.12
C ASN A 310 35.23 11.13 1.00
N PRO A 311 34.51 11.45 2.08
CA PRO A 311 35.03 12.45 3.03
C PRO A 311 36.33 12.00 3.69
N VAL A 312 37.23 12.97 3.89
CA VAL A 312 38.53 12.74 4.50
C VAL A 312 38.73 13.75 5.62
N MET A 313 39.25 13.28 6.75
CA MET A 313 39.61 14.14 7.87
C MET A 313 41.08 14.51 7.76
N LEU A 314 41.37 15.80 7.70
CA LEU A 314 42.72 16.33 7.60
C LEU A 314 43.04 17.06 8.89
N ILE A 315 44.10 16.64 9.56
CA ILE A 315 44.46 17.15 10.87
C ILE A 315 45.92 17.60 10.85
N ARG A 316 46.20 18.76 11.44
CA ARG A 316 47.56 19.24 11.59
C ARG A 316 48.01 18.97 13.03
N ILE A 317 48.93 18.03 13.19
CA ILE A 317 49.51 17.75 14.50
C ILE A 317 50.37 18.94 14.93
N LYS A 318 50.29 19.29 16.21
CA LYS A 318 51.20 20.28 16.74
C LYS A 318 52.62 19.72 16.73
N PRO A 319 53.62 20.49 16.30
CA PRO A 319 54.98 19.94 16.21
C PRO A 319 55.50 19.42 17.53
N ALA A 320 55.14 20.06 18.64
CA ALA A 320 55.54 19.58 19.95
C ALA A 320 55.06 18.16 20.24
N ASP A 321 54.20 17.61 19.40
CA ASP A 321 53.72 16.24 19.56
C ASP A 321 54.10 15.33 18.40
N MET A 322 54.81 15.85 17.40
CA MET A 322 55.14 15.02 16.24
C MET A 322 56.14 13.93 16.55
N HIS A 323 56.82 14.01 17.69
CA HIS A 323 57.66 12.90 18.11
C HIS A 323 56.83 11.70 18.56
N ARG A 324 55.60 11.93 18.98
CA ARG A 324 54.73 10.86 19.47
C ARG A 324 54.08 10.07 18.34
N VAL A 325 54.25 10.48 17.08
CA VAL A 325 53.59 9.80 15.97
C VAL A 325 54.26 8.47 15.72
N ILE A 326 53.47 7.40 15.73
CA ILE A 326 53.90 6.07 15.31
C ILE A 326 53.25 5.80 13.96
N LYS A 327 54.05 5.39 12.99
CA LYS A 327 53.60 5.26 11.61
C LYS A 327 53.35 3.81 11.25
N ARG A 328 52.36 3.60 10.39
CA ARG A 328 52.00 2.26 9.94
C ARG A 328 52.98 1.76 8.89
N LYS A 329 53.23 0.45 8.90
CA LYS A 329 54.06 -0.16 7.88
C LYS A 329 53.42 0.04 6.50
N GLY A 330 54.21 0.53 5.55
CA GLY A 330 53.71 0.81 4.23
C GLY A 330 53.02 2.15 4.08
N GLN A 331 52.99 2.97 5.12
CA GLN A 331 52.41 4.31 5.07
C GLN A 331 53.32 5.32 5.77
N GLU A 332 54.62 5.04 5.82
CA GLU A 332 55.54 5.91 6.54
C GLU A 332 55.68 7.27 5.88
N SER A 333 55.26 7.41 4.62
CA SER A 333 55.42 8.64 3.85
C SER A 333 54.09 9.14 3.30
N PHE A 334 53.02 9.01 4.08
CA PHE A 334 51.72 9.49 3.64
C PHE A 334 51.35 10.86 4.19
N ASN A 335 52.07 11.35 5.21
CA ASN A 335 51.82 12.69 5.73
C ASN A 335 52.75 13.69 5.08
N PHE A 336 52.29 14.94 5.02
CA PHE A 336 53.09 16.06 4.53
C PHE A 336 53.41 16.94 5.72
N GLY A 337 54.50 16.60 6.42
CA GLY A 337 54.90 17.35 7.59
C GLY A 337 54.00 17.12 8.78
N GLU A 338 53.24 18.14 9.16
CA GLU A 338 52.33 18.06 10.29
C GLU A 338 50.91 17.67 9.89
N LEU A 339 50.61 17.59 8.61
CA LEU A 339 49.26 17.33 8.13
C LEU A 339 49.10 15.86 7.78
N PHE A 340 48.23 15.18 8.51
CA PHE A 340 47.82 13.81 8.20
C PHE A 340 46.41 13.83 7.66
N ALA A 341 46.09 12.83 6.84
CA ALA A 341 44.77 12.68 6.25
C ALA A 341 44.30 11.25 6.42
N TYR A 342 43.14 11.08 7.06
CA TYR A 342 42.56 9.77 7.27
C TYR A 342 41.16 9.74 6.66
N THR A 343 40.61 8.55 6.50
CA THR A 343 39.23 8.45 6.09
C THR A 343 38.31 8.94 7.19
N LYS A 344 37.19 9.55 6.80
CA LYS A 344 36.17 9.98 7.74
C LYS A 344 35.04 8.97 7.82
N VAL A 345 35.34 7.71 7.54
CA VAL A 345 34.38 6.62 7.59
C VAL A 345 34.87 5.62 8.62
N CYS A 346 34.05 5.37 9.63
CA CYS A 346 34.44 4.41 10.67
C CYS A 346 34.62 3.03 10.06
N SER A 347 35.61 2.30 10.55
CA SER A 347 35.85 0.95 10.07
C SER A 347 34.91 -0.07 10.68
N HIS A 348 34.08 0.32 11.65
CA HIS A 348 33.16 -0.63 12.28
C HIS A 348 31.91 -0.82 11.43
N LEU A 349 31.14 0.25 11.23
CA LEU A 349 29.90 0.14 10.47
C LEU A 349 29.67 1.31 9.51
N GLY A 350 30.68 2.13 9.25
CA GLY A 350 30.60 3.12 8.21
C GLY A 350 30.03 4.47 8.59
N CYS A 351 29.80 4.73 9.88
CA CYS A 351 29.38 6.06 10.28
C CYS A 351 30.56 7.02 10.20
N PRO A 352 30.28 8.32 10.04
CA PRO A 352 31.39 9.29 10.02
C PRO A 352 32.01 9.48 11.39
N SER A 353 33.19 8.89 11.58
CA SER A 353 33.95 9.06 12.83
C SER A 353 34.55 10.47 12.81
N SER A 354 33.75 11.44 13.22
CA SER A 354 34.02 12.84 12.93
C SER A 354 34.20 13.69 14.18
N LEU A 355 34.59 13.10 15.31
CA LEU A 355 34.83 13.86 16.52
C LEU A 355 36.33 13.87 16.79
N TYR A 356 37.00 14.96 16.44
CA TYR A 356 38.44 15.07 16.62
C TYR A 356 38.72 15.80 17.94
N GLU A 357 39.27 15.07 18.90
CA GLU A 357 39.75 15.65 20.16
C GLU A 357 41.23 15.93 20.01
N GLN A 358 41.59 17.22 19.95
CA GLN A 358 42.96 17.59 19.60
C GLN A 358 43.93 17.31 20.74
N GLN A 359 43.48 17.51 21.98
CA GLN A 359 44.40 17.41 23.12
C GLN A 359 44.66 15.96 23.47
N THR A 360 43.92 15.04 22.85
CA THR A 360 44.17 13.62 23.02
C THR A 360 44.44 12.99 21.65
N TYR A 361 44.25 13.79 20.60
CA TYR A 361 44.43 13.31 19.22
C TYR A 361 43.57 12.07 18.96
N ARG A 362 42.32 12.13 19.40
CA ARG A 362 41.44 10.96 19.35
C ARG A 362 40.32 11.23 18.36
N ILE A 363 40.16 10.32 17.40
CA ILE A 363 39.04 10.35 16.48
C ILE A 363 37.93 9.49 17.08
N LEU A 364 36.73 10.06 17.16
CA LEU A 364 35.61 9.42 17.84
C LEU A 364 34.43 9.35 16.88
N CYS A 365 33.79 8.18 16.86
CA CYS A 365 32.60 7.92 16.05
C CYS A 365 31.38 7.92 16.95
N PRO A 366 30.40 8.80 16.73
CA PRO A 366 29.26 8.88 17.66
C PRO A 366 28.27 7.74 17.54
N CYS A 367 28.31 6.97 16.44
CA CYS A 367 27.33 5.90 16.25
C CYS A 367 27.48 4.81 17.31
N HIS A 368 28.72 4.41 17.60
CA HIS A 368 28.92 3.37 18.61
C HIS A 368 30.12 3.64 19.52
N GLN A 369 30.60 4.88 19.57
CA GLN A 369 31.63 5.30 20.53
C GLN A 369 32.95 4.57 20.32
N SER A 370 33.40 4.48 19.07
CA SER A 370 34.74 3.98 18.78
C SER A 370 35.74 5.11 18.91
N GLN A 371 36.94 4.77 19.39
CA GLN A 371 38.02 5.74 19.54
C GLN A 371 39.28 5.21 18.85
N PHE A 372 39.77 5.99 17.89
CA PHE A 372 41.01 5.72 17.18
C PHE A 372 42.05 6.76 17.58
N ASP A 373 43.31 6.34 17.66
CA ASP A 373 44.39 7.24 18.03
C ASP A 373 45.00 7.84 16.77
N ALA A 374 44.84 9.15 16.59
CA ALA A 374 45.39 9.81 15.42
C ALA A 374 46.91 9.89 15.43
N LEU A 375 47.54 9.60 16.56
CA LEU A 375 49.00 9.57 16.64
C LEU A 375 49.58 8.21 16.31
N GLU A 376 48.75 7.19 16.12
CA GLU A 376 49.17 5.82 15.87
C GLU A 376 48.42 5.26 14.66
N PHE A 377 48.48 6.00 13.55
CA PHE A 377 47.86 5.62 12.27
C PHE A 377 46.39 5.24 12.44
N ALA A 378 45.69 5.99 13.28
CA ALA A 378 44.25 5.82 13.51
C ALA A 378 43.92 4.40 13.96
N LYS A 379 44.76 3.86 14.83
CA LYS A 379 44.51 2.53 15.37
C LYS A 379 43.38 2.58 16.38
N PRO A 380 42.38 1.69 16.28
CA PRO A 380 41.24 1.75 17.22
C PRO A 380 41.64 1.39 18.63
N ILE A 381 41.66 2.39 19.52
CA ILE A 381 42.04 2.15 20.90
C ILE A 381 40.84 1.85 21.80
N PHE A 382 39.62 2.07 21.32
CA PHE A 382 38.45 1.78 22.14
C PHE A 382 37.25 1.55 21.24
N GLY A 383 36.25 0.87 21.80
CA GLY A 383 34.98 0.68 21.14
C GLY A 383 34.90 -0.63 20.41
N PRO A 384 33.86 -0.79 19.58
CA PRO A 384 33.71 -2.02 18.80
C PRO A 384 34.53 -2.06 17.52
N ALA A 385 35.28 -1.01 17.21
CA ALA A 385 36.12 -1.00 16.02
C ALA A 385 37.40 -1.78 16.28
N ALA A 386 37.78 -2.62 15.32
CA ALA A 386 38.97 -3.44 15.43
C ALA A 386 39.97 -3.19 14.32
N ARG A 387 39.69 -2.27 13.40
CA ARG A 387 40.57 -2.00 12.26
C ARG A 387 40.87 -0.51 12.20
N ALA A 388 42.11 -0.19 11.84
CA ALA A 388 42.53 1.20 11.75
C ALA A 388 41.86 1.90 10.59
N LEU A 389 41.69 3.21 10.74
CA LEU A 389 41.19 4.02 9.64
C LEU A 389 42.25 4.15 8.55
N ALA A 390 41.80 4.10 7.30
CA ALA A 390 42.72 4.25 6.18
C ALA A 390 43.34 5.64 6.19
N GLN A 391 44.62 5.71 5.81
CA GLN A 391 45.34 6.97 5.72
C GLN A 391 45.51 7.34 4.26
N LEU A 392 45.16 8.56 3.91
CA LEU A 392 45.27 9.04 2.55
C LEU A 392 46.62 9.73 2.34
N PRO A 393 47.40 9.33 1.35
CA PRO A 393 48.67 10.03 1.08
C PRO A 393 48.41 11.39 0.46
N ILE A 394 49.05 12.42 1.03
CA ILE A 394 48.88 13.79 0.57
C ILE A 394 50.23 14.45 0.38
N THR A 395 50.24 15.49 -0.45
CA THR A 395 51.40 16.33 -0.71
C THR A 395 50.88 17.67 -1.23
N ILE A 396 51.76 18.47 -1.81
CA ILE A 396 51.36 19.71 -2.44
C ILE A 396 51.81 19.70 -3.89
N ASP A 397 51.10 20.44 -4.73
CA ASP A 397 51.44 20.56 -6.13
C ASP A 397 52.40 21.73 -6.32
N GLU A 398 52.64 22.12 -7.57
CA GLU A 398 53.56 23.21 -7.85
C GLU A 398 53.06 24.52 -7.25
N ASP A 399 51.75 24.79 -7.38
CA ASP A 399 51.19 26.00 -6.81
C ASP A 399 51.15 25.97 -5.29
N GLY A 400 51.29 24.79 -4.68
CA GLY A 400 51.26 24.65 -3.25
C GLY A 400 49.96 24.10 -2.69
N TYR A 401 48.93 23.97 -3.52
CA TYR A 401 47.64 23.48 -3.05
C TYR A 401 47.74 22.01 -2.67
N LEU A 402 47.14 21.66 -1.53
CA LEU A 402 47.17 20.28 -1.06
C LEU A 402 46.46 19.36 -2.05
N VAL A 403 47.12 18.25 -2.37
CA VAL A 403 46.61 17.25 -3.29
C VAL A 403 46.86 15.87 -2.68
N ALA A 404 46.15 14.88 -3.20
CA ALA A 404 46.33 13.49 -2.76
C ALA A 404 47.48 12.86 -3.54
N ASN A 405 48.43 12.27 -2.81
CA ASN A 405 49.60 11.64 -3.42
C ASN A 405 49.35 10.15 -3.67
N GLY A 406 48.28 9.84 -4.38
CA GLY A 406 47.92 8.46 -4.66
C GLY A 406 46.56 8.11 -4.10
N ASP A 407 46.30 6.81 -4.04
CA ASP A 407 45.04 6.28 -3.56
C ASP A 407 45.22 5.67 -2.17
N PHE A 408 44.10 5.37 -1.53
CA PHE A 408 44.12 4.59 -0.31
C PHE A 408 44.75 3.22 -0.58
N VAL A 409 45.54 2.75 0.38
CA VAL A 409 46.32 1.53 0.21
C VAL A 409 45.50 0.34 0.74
N GLU A 410 44.22 0.56 0.97
CA GLU A 410 43.31 -0.50 1.41
C GLU A 410 41.86 -0.08 1.22
N PRO A 411 40.91 -1.02 1.27
CA PRO A 411 39.49 -0.62 1.28
C PRO A 411 39.16 0.20 2.51
N VAL A 412 38.19 1.09 2.36
CA VAL A 412 38.01 2.21 3.27
C VAL A 412 36.95 1.94 4.33
N GLY A 413 35.73 1.55 3.92
CA GLY A 413 34.62 1.50 4.84
C GLY A 413 34.61 0.28 5.73
N PRO A 414 33.42 -0.13 6.16
CA PRO A 414 33.30 -1.33 6.99
C PRO A 414 33.69 -2.58 6.24
N ALA A 415 34.15 -3.58 6.99
CA ALA A 415 34.70 -4.78 6.39
C ALA A 415 33.61 -5.68 5.85
N PHE A 416 34.02 -6.63 5.02
CA PHE A 416 33.12 -7.58 4.39
C PHE A 416 33.87 -8.89 4.17
N TRP A 417 33.20 -9.84 3.54
CA TRP A 417 33.79 -11.17 3.35
C TRP A 417 35.07 -11.10 2.52
N GLU A 418 35.05 -10.32 1.44
CA GLU A 418 36.09 -10.38 0.44
C GLU A 418 37.24 -9.43 0.73
N ARG A 419 37.24 -8.77 1.88
CA ARG A 419 38.31 -7.87 2.25
C ARG A 419 39.56 -8.66 2.63
N LYS A 420 40.71 -7.98 2.50
CA LYS A 420 42.01 -8.57 2.77
C LYS A 420 42.26 -9.80 1.90
N ASP B 4 -40.76 5.68 16.54
CA ASP B 4 -40.56 5.73 15.10
C ASP B 4 -39.41 4.84 14.68
N PHE B 5 -38.36 4.79 15.51
CA PHE B 5 -37.19 3.97 15.20
C PHE B 5 -37.37 2.51 15.58
N ALA B 6 -38.37 2.19 16.41
CA ALA B 6 -38.60 0.78 16.76
C ALA B 6 -39.14 0.01 15.55
N LYS B 7 -40.06 0.61 14.81
CA LYS B 7 -40.57 -0.03 13.60
C LYS B 7 -39.48 -0.17 12.55
N LEU B 8 -38.63 0.86 12.42
CA LEU B 8 -37.51 0.77 11.48
C LEU B 8 -36.54 -0.33 11.88
N ALA B 9 -36.25 -0.44 13.18
CA ALA B 9 -35.36 -1.50 13.65
C ALA B 9 -35.95 -2.87 13.40
N ALA B 10 -37.25 -3.03 13.67
CA ALA B 10 -37.90 -4.32 13.46
C ALA B 10 -37.92 -4.70 11.97
N ALA B 11 -38.20 -3.73 11.10
CA ALA B 11 -38.25 -4.01 9.67
C ALA B 11 -36.85 -4.31 9.11
N GLN B 12 -35.84 -3.57 9.57
CA GLN B 12 -34.47 -3.86 9.15
C GLN B 12 -34.02 -5.23 9.63
N GLY B 13 -34.36 -5.60 10.87
CA GLY B 13 -34.01 -6.92 11.37
C GLY B 13 -34.71 -8.02 10.60
N ASP B 14 -35.99 -7.81 10.26
CA ASP B 14 -36.70 -8.81 9.47
C ASP B 14 -36.10 -8.96 8.08
N ALA B 15 -35.74 -7.85 7.44
CA ALA B 15 -35.10 -7.93 6.13
C ALA B 15 -33.76 -8.64 6.21
N ILE B 16 -32.95 -8.30 7.21
CA ILE B 16 -31.63 -8.92 7.36
C ILE B 16 -31.76 -10.41 7.62
N ASP B 17 -32.71 -10.81 8.48
CA ASP B 17 -32.88 -12.22 8.77
C ASP B 17 -33.44 -12.98 7.58
N SER B 18 -34.36 -12.36 6.82
CA SER B 18 -34.89 -13.02 5.64
C SER B 18 -33.83 -13.20 4.57
N ARG B 19 -32.87 -12.28 4.48
CA ARG B 19 -31.88 -12.35 3.42
C ARG B 19 -30.64 -13.16 3.79
N TYR B 20 -30.15 -13.06 5.02
CA TYR B 20 -28.91 -13.71 5.40
C TYR B 20 -29.03 -14.67 6.57
N HIS B 21 -30.20 -14.74 7.23
CA HIS B 21 -30.49 -15.55 8.41
C HIS B 21 -29.31 -15.67 9.35
N PRO B 22 -28.84 -14.57 9.93
CA PRO B 22 -27.69 -14.61 10.84
C PRO B 22 -28.03 -14.77 12.31
N SER B 23 -29.28 -15.07 12.65
CA SER B 23 -29.75 -14.93 14.02
C SER B 23 -28.97 -15.81 14.98
N ALA B 24 -28.79 -17.09 14.64
CA ALA B 24 -28.08 -17.99 15.56
C ALA B 24 -26.63 -17.53 15.75
N ALA B 25 -25.95 -17.17 14.65
CA ALA B 25 -24.56 -16.76 14.75
C ALA B 25 -24.42 -15.43 15.49
N VAL B 26 -25.29 -14.47 15.19
CA VAL B 26 -25.23 -13.18 15.87
C VAL B 26 -25.50 -13.36 17.36
N ARG B 27 -26.47 -14.20 17.71
CA ARG B 27 -26.74 -14.45 19.13
C ARG B 27 -25.55 -15.13 19.81
N ARG B 28 -24.87 -16.04 19.10
CA ARG B 28 -23.67 -16.66 19.65
C ARG B 28 -22.59 -15.62 19.90
N GLN B 29 -22.43 -14.67 18.99
CA GLN B 29 -21.39 -13.65 19.17
C GLN B 29 -21.77 -12.63 20.24
N LEU B 30 -23.06 -12.37 20.43
CA LEU B 30 -23.48 -11.42 21.47
C LEU B 30 -23.42 -12.03 22.86
N ASN B 31 -23.56 -13.35 22.97
CA ASN B 31 -23.54 -14.00 24.28
C ASN B 31 -22.14 -14.43 24.71
N LYS B 32 -21.13 -14.20 23.87
CA LYS B 32 -19.77 -14.59 24.23
C LYS B 32 -19.31 -13.86 25.48
N VAL B 33 -18.67 -14.59 26.38
CA VAL B 33 -18.29 -14.08 27.69
C VAL B 33 -16.79 -13.80 27.70
N PHE B 34 -16.42 -12.57 28.06
CA PHE B 34 -15.03 -12.16 28.17
C PHE B 34 -14.71 -11.80 29.62
N PRO B 35 -13.64 -12.37 30.19
CA PRO B 35 -13.25 -11.97 31.55
C PRO B 35 -12.84 -10.50 31.59
N THR B 36 -13.02 -9.90 32.76
CA THR B 36 -12.94 -8.46 32.92
C THR B 36 -11.66 -8.00 33.60
N HIS B 37 -10.62 -8.83 33.62
CA HIS B 37 -9.37 -8.40 34.24
C HIS B 37 -8.75 -7.27 33.45
N TRP B 38 -8.09 -6.35 34.15
CA TRP B 38 -7.52 -5.18 33.50
C TRP B 38 -6.41 -5.57 32.53
N SER B 39 -5.61 -6.58 32.88
CA SER B 39 -4.48 -6.95 32.03
C SER B 39 -4.95 -7.50 30.68
N PHE B 40 -6.15 -8.08 30.64
CA PHE B 40 -6.69 -8.55 29.37
C PHE B 40 -7.05 -7.39 28.43
N LEU B 41 -6.92 -6.15 28.89
CA LEU B 41 -7.06 -5.00 28.01
C LEU B 41 -5.76 -4.60 27.35
N LEU B 42 -4.61 -5.09 27.84
CA LEU B 42 -3.33 -4.63 27.34
C LEU B 42 -3.20 -4.85 25.84
N GLY B 43 -3.51 -6.05 25.39
CA GLY B 43 -3.45 -6.33 23.96
C GLY B 43 -4.29 -5.37 23.15
N GLU B 44 -5.46 -5.00 23.67
CA GLU B 44 -6.34 -4.09 22.93
C GLU B 44 -5.65 -2.77 22.64
N ILE B 45 -4.77 -2.30 23.53
CA ILE B 45 -4.06 -1.07 23.24
C ILE B 45 -3.27 -1.21 21.95
N ALA B 46 -2.53 -2.31 21.82
CA ALA B 46 -1.77 -2.55 20.61
C ALA B 46 -2.68 -2.60 19.38
N LEU B 47 -3.93 -3.03 19.58
CA LEU B 47 -4.87 -2.99 18.47
C LEU B 47 -5.24 -1.55 18.13
N TYR B 48 -5.64 -0.78 19.14
CA TYR B 48 -6.22 0.54 18.86
C TYR B 48 -5.19 1.48 18.26
N SER B 49 -3.98 1.51 18.83
CA SER B 49 -2.92 2.31 18.24
C SER B 49 -2.67 1.91 16.80
N PHE B 50 -2.70 0.61 16.51
CA PHE B 50 -2.50 0.17 15.13
C PHE B 50 -3.55 0.79 14.22
N ILE B 51 -4.80 0.85 14.68
CA ILE B 51 -5.83 1.47 13.86
C ILE B 51 -5.50 2.93 13.62
N ILE B 52 -5.05 3.64 14.67
CA ILE B 52 -4.58 5.01 14.50
C ILE B 52 -3.47 5.03 13.47
N LEU B 53 -2.54 4.08 13.57
CA LEU B 53 -1.44 4.03 12.62
C LEU B 53 -1.92 3.82 11.19
N LEU B 54 -3.03 3.11 11.01
CA LEU B 54 -3.62 3.04 9.67
C LEU B 54 -4.14 4.42 9.27
N LEU B 55 -4.97 5.02 10.12
CA LEU B 55 -5.69 6.23 9.72
C LEU B 55 -4.72 7.34 9.36
N THR B 56 -3.95 7.80 10.34
CA THR B 56 -2.94 8.82 10.07
C THR B 56 -2.06 8.39 8.91
N GLY B 57 -1.73 7.10 8.84
CA GLY B 57 -0.86 6.64 7.78
C GLY B 57 -1.42 6.96 6.41
N VAL B 58 -2.71 6.68 6.21
CA VAL B 58 -3.33 6.97 4.93
C VAL B 58 -3.23 8.46 4.63
N TRP B 59 -3.47 9.30 5.65
CA TRP B 59 -3.34 10.73 5.49
C TRP B 59 -1.95 11.08 4.99
N LEU B 60 -0.92 10.49 5.62
CA LEU B 60 0.44 10.83 5.25
C LEU B 60 0.77 10.37 3.84
N THR B 61 0.03 9.40 3.31
CA THR B 61 0.31 8.96 1.96
C THR B 61 -0.19 9.94 0.91
N LEU B 62 -1.01 10.91 1.29
CA LEU B 62 -1.54 11.87 0.33
C LEU B 62 -0.58 13.02 0.04
N PHE B 63 0.50 13.15 0.81
CA PHE B 63 1.41 14.28 0.66
C PHE B 63 2.88 13.90 0.55
N PHE B 64 3.24 12.63 0.71
CA PHE B 64 4.63 12.20 0.75
C PHE B 64 5.07 11.72 -0.63
N ASP B 65 6.20 12.26 -1.11
CA ASP B 65 6.85 11.80 -2.33
C ASP B 65 8.15 11.12 -1.95
N PRO B 66 8.26 9.80 -2.05
CA PRO B 66 9.43 9.07 -1.57
C PRO B 66 10.55 8.94 -2.59
N SER B 67 11.00 10.07 -3.12
CA SER B 67 12.01 10.09 -4.17
C SER B 67 13.35 10.52 -3.60
N MET B 68 14.41 9.82 -3.97
CA MET B 68 15.76 10.18 -3.57
C MET B 68 16.40 11.20 -4.51
N ALA B 69 15.66 11.65 -5.52
CA ALA B 69 16.13 12.71 -6.39
C ALA B 69 16.42 13.96 -5.57
N HIS B 70 17.45 14.70 -5.98
CA HIS B 70 17.92 15.85 -5.21
C HIS B 70 17.43 17.15 -5.83
N VAL B 71 16.91 18.03 -4.98
CA VAL B 71 16.34 19.31 -5.39
C VAL B 71 16.76 20.36 -4.38
N THR B 72 16.46 21.61 -4.70
CA THR B 72 16.67 22.74 -3.80
C THR B 72 15.34 23.11 -3.15
N TYR B 73 15.40 23.46 -1.86
CA TYR B 73 14.19 23.58 -1.05
C TYR B 73 13.23 24.64 -1.56
N ASP B 74 13.63 25.91 -1.48
CA ASP B 74 12.76 27.03 -1.80
C ASP B 74 11.35 26.85 -1.22
N GLY B 75 11.31 26.51 0.06
CA GLY B 75 10.06 26.38 0.79
C GLY B 75 9.82 27.57 1.69
N VAL B 76 9.03 27.35 2.75
CA VAL B 76 8.77 28.41 3.71
C VAL B 76 9.75 28.38 4.87
N TYR B 77 10.34 27.23 5.17
CA TYR B 77 11.26 27.12 6.30
C TYR B 77 12.57 27.82 5.94
N GLN B 78 12.77 29.01 6.51
CA GLN B 78 13.96 29.81 6.18
C GLN B 78 15.28 29.13 6.52
N PRO B 79 15.47 28.49 7.69
CA PRO B 79 16.81 27.97 8.01
C PRO B 79 17.26 26.80 7.15
N LEU B 80 16.47 26.47 6.11
CA LEU B 80 16.92 25.48 5.14
C LEU B 80 16.70 25.96 3.71
N ARG B 81 16.58 27.27 3.51
CA ARG B 81 16.39 27.82 2.17
C ARG B 81 17.66 27.66 1.35
N GLY B 82 17.52 27.12 0.14
CA GLY B 82 18.65 26.92 -0.73
C GLY B 82 19.50 25.71 -0.42
N VAL B 83 19.12 24.91 0.57
CA VAL B 83 19.86 23.70 0.91
C VAL B 83 19.42 22.57 -0.01
N GLN B 84 20.39 21.82 -0.51
CA GLN B 84 20.12 20.71 -1.42
C GLN B 84 19.71 19.48 -0.60
N MET B 85 18.53 18.94 -0.90
CA MET B 85 17.96 17.84 -0.15
C MET B 85 17.25 16.88 -1.10
N SER B 86 16.97 15.67 -0.60
CA SER B 86 16.20 14.72 -1.38
C SER B 86 14.74 15.16 -1.45
N ARG B 87 14.00 14.56 -2.38
CA ARG B 87 12.60 14.91 -2.56
C ARG B 87 11.74 14.43 -1.39
N ALA B 88 12.12 13.31 -0.77
CA ALA B 88 11.40 12.82 0.40
C ALA B 88 11.53 13.79 1.57
N TYR B 89 12.72 14.32 1.80
CA TYR B 89 12.91 15.27 2.89
C TYR B 89 12.13 16.55 2.63
N GLU B 90 12.12 17.02 1.38
CA GLU B 90 11.35 18.22 1.06
C GLU B 90 9.86 18.01 1.27
N THR B 91 9.33 16.85 0.85
CA THR B 91 7.92 16.60 1.04
C THR B 91 7.57 16.42 2.51
N ALA B 92 8.46 15.83 3.31
CA ALA B 92 8.22 15.77 4.75
C ALA B 92 8.20 17.16 5.36
N LEU B 93 9.10 18.04 4.91
CA LEU B 93 9.06 19.44 5.35
C LEU B 93 7.75 20.11 4.95
N ASP B 94 7.29 19.86 3.72
CA ASP B 94 6.02 20.43 3.27
C ASP B 94 4.86 19.94 4.11
N ILE B 95 4.88 18.67 4.51
CA ILE B 95 3.87 18.15 5.42
C ILE B 95 3.92 18.90 6.73
N SER B 96 5.13 19.11 7.26
CA SER B 96 5.27 19.73 8.57
C SER B 96 4.91 21.22 8.55
N PHE B 97 5.06 21.88 7.41
CA PHE B 97 4.92 23.33 7.34
C PHE B 97 3.89 23.83 6.35
N GLU B 98 3.60 23.11 5.27
CA GLU B 98 2.78 23.63 4.20
C GLU B 98 1.36 23.07 4.17
N VAL B 99 1.08 22.05 4.97
CA VAL B 99 -0.25 21.44 5.04
C VAL B 99 -0.82 21.72 6.41
N ARG B 100 -2.05 22.24 6.44
CA ARG B 100 -2.69 22.55 7.71
C ARG B 100 -2.96 21.27 8.49
N GLY B 101 -2.39 21.18 9.69
CA GLY B 101 -2.49 19.98 10.48
C GLY B 101 -1.54 18.87 10.08
N GLY B 102 -0.62 19.13 9.15
CA GLY B 102 0.32 18.10 8.74
C GLY B 102 1.29 17.71 9.83
N LEU B 103 1.79 18.70 10.57
CA LEU B 103 2.68 18.41 11.69
C LEU B 103 1.95 17.60 12.76
N PHE B 104 0.68 17.93 13.01
CA PHE B 104 -0.09 17.18 13.98
C PHE B 104 -0.27 15.73 13.55
N VAL B 105 -0.55 15.49 12.27
CA VAL B 105 -0.72 14.13 11.81
C VAL B 105 0.60 13.36 11.87
N ARG B 106 1.71 14.00 11.49
CA ARG B 106 3.01 13.35 11.61
C ARG B 106 3.29 12.95 13.04
N GLN B 107 3.05 13.86 13.99
CA GLN B 107 3.40 13.58 15.37
C GLN B 107 2.46 12.54 15.98
N VAL B 108 1.18 12.58 15.62
CA VAL B 108 0.25 11.56 16.10
C VAL B 108 0.66 10.20 15.56
N HIS B 109 1.13 10.17 14.31
CA HIS B 109 1.55 8.92 13.71
C HIS B 109 2.77 8.35 14.42
N HIS B 110 3.78 9.20 14.69
CA HIS B 110 4.98 8.72 15.36
C HIS B 110 4.68 8.31 16.80
N TRP B 111 3.84 9.07 17.50
CA TRP B 111 3.46 8.69 18.86
C TRP B 111 2.67 7.39 18.87
N ALA B 112 1.80 7.19 17.87
CA ALA B 112 1.06 5.95 17.78
C ALA B 112 1.99 4.78 17.52
N ALA B 113 3.02 4.98 16.71
CA ALA B 113 4.02 3.93 16.50
C ALA B 113 4.72 3.57 17.80
N LEU B 114 5.11 4.58 18.57
CA LEU B 114 5.79 4.32 19.85
C LEU B 114 4.87 3.58 20.81
N MET B 115 3.60 4.01 20.91
CA MET B 115 2.67 3.32 21.78
C MET B 115 2.37 1.91 21.29
N PHE B 116 2.32 1.72 19.98
CA PHE B 116 2.14 0.39 19.41
C PHE B 116 3.24 -0.55 19.88
N ALA B 117 4.49 -0.12 19.72
CA ALA B 117 5.62 -0.95 20.16
C ALA B 117 5.56 -1.21 21.66
N ALA B 118 5.36 -0.14 22.46
CA ALA B 118 5.38 -0.29 23.91
C ALA B 118 4.27 -1.20 24.40
N SER B 119 3.07 -1.05 23.83
CA SER B 119 1.95 -1.87 24.26
C SER B 119 2.11 -3.32 23.82
N ILE B 120 2.71 -3.55 22.66
CA ILE B 120 3.05 -4.92 22.28
C ILE B 120 4.00 -5.53 23.30
N MET B 121 5.01 -4.76 23.75
CA MET B 121 5.93 -5.28 24.74
C MET B 121 5.23 -5.60 26.06
N VAL B 122 4.36 -4.71 26.52
CA VAL B 122 3.68 -4.95 27.80
C VAL B 122 2.73 -6.12 27.69
N HIS B 123 2.04 -6.25 26.56
CA HIS B 123 1.18 -7.41 26.35
C HIS B 123 1.98 -8.70 26.31
N LEU B 124 3.16 -8.68 25.68
CA LEU B 124 4.03 -9.85 25.69
C LEU B 124 4.42 -10.21 27.11
N ALA B 125 4.74 -9.21 27.94
CA ALA B 125 5.06 -9.47 29.33
C ALA B 125 3.90 -10.15 30.04
N ARG B 126 2.69 -9.65 29.83
CA ARG B 126 1.51 -10.27 30.43
C ARG B 126 1.38 -11.73 30.00
N ILE B 127 1.46 -11.98 28.69
CA ILE B 127 1.29 -13.33 28.17
C ILE B 127 2.35 -14.26 28.73
N PHE B 128 3.59 -13.78 28.81
CA PHE B 128 4.69 -14.63 29.24
C PHE B 128 4.58 -14.96 30.73
N PHE B 129 4.29 -13.96 31.55
CA PHE B 129 4.28 -14.20 33.00
C PHE B 129 3.04 -14.94 33.46
N THR B 130 1.89 -14.73 32.82
CA THR B 130 0.70 -15.47 33.19
C THR B 130 0.69 -16.89 32.65
N GLY B 131 1.60 -17.23 31.74
CA GLY B 131 1.61 -18.55 31.14
C GLY B 131 0.50 -18.82 30.16
N ALA B 132 0.06 -17.80 29.43
CA ALA B 132 -0.99 -17.98 28.44
C ALA B 132 -0.47 -18.57 27.14
N PHE B 133 0.85 -18.68 26.98
CA PHE B 133 1.44 -19.32 25.81
C PHE B 133 1.31 -20.83 25.85
N ARG B 134 0.86 -21.39 26.97
CA ARG B 134 0.78 -22.83 27.11
C ARG B 134 -0.31 -23.39 26.21
N ARG B 135 -0.23 -24.70 25.96
CA ARG B 135 -1.22 -25.46 25.20
C ARG B 135 -2.62 -25.09 25.64
N PRO B 136 -3.55 -24.81 24.71
CA PRO B 136 -3.43 -24.91 23.24
C PRO B 136 -2.95 -23.64 22.54
N ARG B 137 -2.35 -22.70 23.26
CA ARG B 137 -2.10 -21.36 22.72
C ARG B 137 -0.63 -21.13 22.38
N GLU B 138 0.07 -22.16 21.87
CA GLU B 138 1.46 -21.97 21.46
C GLU B 138 1.57 -21.25 20.12
N ALA B 139 0.76 -21.66 19.14
CA ALA B 139 0.78 -21.01 17.84
C ALA B 139 0.39 -19.54 17.96
N ASN B 140 -0.45 -19.21 18.93
CA ASN B 140 -0.87 -17.83 19.11
C ASN B 140 0.29 -16.99 19.64
N TRP B 141 1.13 -17.60 20.49
CA TRP B 141 2.38 -16.98 20.91
C TRP B 141 3.33 -16.80 19.73
N VAL B 142 3.41 -17.79 18.83
CA VAL B 142 4.26 -17.66 17.64
C VAL B 142 3.80 -16.48 16.79
N ILE B 143 2.49 -16.37 16.58
CA ILE B 143 1.95 -15.26 15.80
C ILE B 143 2.25 -13.93 16.47
N GLY B 144 2.12 -13.87 17.80
CA GLY B 144 2.45 -12.65 18.51
C GLY B 144 3.91 -12.25 18.37
N SER B 145 4.82 -13.23 18.45
CA SER B 145 6.24 -12.93 18.29
C SER B 145 6.55 -12.41 16.89
N LEU B 146 5.93 -13.03 15.87
CA LEU B 146 6.10 -12.53 14.52
C LEU B 146 5.59 -11.10 14.39
N LEU B 147 4.46 -10.81 15.04
CA LEU B 147 3.93 -9.44 15.02
C LEU B 147 4.89 -8.46 15.70
N LEU B 148 5.51 -8.87 16.79
CA LEU B 148 6.47 -7.99 17.46
C LEU B 148 7.64 -7.66 16.55
N ILE B 149 8.20 -8.67 15.90
CA ILE B 149 9.34 -8.43 15.00
C ILE B 149 8.91 -7.52 13.84
N LEU B 150 7.75 -7.81 13.26
CA LEU B 150 7.27 -7.02 12.14
C LEU B 150 7.03 -5.58 12.53
N ALA B 151 6.48 -5.35 13.72
CA ALA B 151 6.25 -3.98 14.17
C ALA B 151 7.55 -3.23 14.39
N MET B 152 8.55 -3.91 14.97
CA MET B 152 9.85 -3.29 15.14
C MET B 152 10.41 -2.81 13.80
N PHE B 153 10.42 -3.71 12.81
CA PHE B 153 11.02 -3.34 11.53
C PHE B 153 10.15 -2.36 10.75
N GLU B 154 8.83 -2.42 10.94
CA GLU B 154 7.93 -1.47 10.31
C GLU B 154 8.18 -0.06 10.83
N GLY B 155 8.33 0.10 12.14
CA GLY B 155 8.65 1.40 12.69
C GLY B 155 10.01 1.89 12.25
N TYR B 156 10.99 0.98 12.19
CA TYR B 156 12.30 1.34 11.68
C TYR B 156 12.21 1.93 10.28
N PHE B 157 11.55 1.22 9.37
CA PHE B 157 11.40 1.72 8.01
C PHE B 157 10.64 3.03 7.98
N GLY B 158 9.60 3.15 8.78
CA GLY B 158 8.82 4.36 8.88
C GLY B 158 9.63 5.58 9.20
N TYR B 159 10.36 5.57 10.31
CA TYR B 159 11.13 6.79 10.57
C TYR B 159 12.36 6.90 9.68
N SER B 160 12.74 5.84 8.97
CA SER B 160 13.75 5.99 7.94
C SER B 160 13.20 6.64 6.67
N LEU B 161 11.89 6.69 6.49
CA LEU B 161 11.31 7.24 5.27
C LEU B 161 11.72 8.68 4.98
N PRO B 162 11.61 9.65 5.90
CA PRO B 162 12.12 10.98 5.59
C PRO B 162 13.64 11.00 5.66
N ASP B 163 14.30 11.19 4.52
CA ASP B 163 15.75 11.05 4.45
C ASP B 163 16.40 12.26 5.12
N ASP B 164 16.46 12.20 6.44
CA ASP B 164 17.13 13.22 7.25
C ASP B 164 18.41 12.65 7.83
N LEU B 165 19.16 13.52 8.53
CA LEU B 165 20.50 13.14 8.98
C LEU B 165 20.44 11.96 9.96
N LEU B 166 19.53 12.01 10.93
CA LEU B 166 19.48 10.98 11.95
C LEU B 166 19.03 9.64 11.37
N SER B 167 17.92 9.64 10.64
CA SER B 167 17.41 8.39 10.06
C SER B 167 18.37 7.84 9.02
N GLY B 168 18.97 8.72 8.21
CA GLY B 168 19.95 8.26 7.24
C GLY B 168 21.19 7.67 7.89
N THR B 169 21.63 8.26 9.00
CA THR B 169 22.74 7.68 9.75
C THR B 169 22.36 6.31 10.30
N GLY B 170 21.15 6.17 10.80
CA GLY B 170 20.69 4.87 11.27
C GLY B 170 20.65 3.84 10.16
N ILE B 171 20.16 4.25 8.97
CA ILE B 171 20.16 3.35 7.82
C ILE B 171 21.57 2.90 7.49
N ARG B 172 22.49 3.88 7.37
CA ARG B 172 23.87 3.57 7.00
C ARG B 172 24.51 2.65 8.01
N ALA B 173 24.32 2.92 9.30
CA ALA B 173 24.89 2.05 10.32
C ALA B 173 24.28 0.66 10.22
N ALA B 174 23.00 0.53 10.58
CA ALA B 174 22.45 -0.80 10.73
C ALA B 174 22.27 -1.50 9.39
N LEU B 175 21.36 -0.97 8.56
CA LEU B 175 20.85 -1.75 7.44
C LEU B 175 21.94 -1.95 6.39
N SER B 176 22.95 -1.10 6.38
CA SER B 176 24.06 -1.22 5.44
C SER B 176 25.25 -1.94 6.05
N GLY B 177 25.78 -1.44 7.18
CA GLY B 177 26.98 -2.03 7.73
C GLY B 177 26.79 -3.47 8.17
N ILE B 178 25.69 -3.76 8.88
CA ILE B 178 25.48 -5.12 9.36
C ILE B 178 25.27 -6.07 8.19
N THR B 179 24.46 -5.65 7.22
CA THR B 179 24.19 -6.49 6.06
C THR B 179 25.47 -6.77 5.27
N MET B 180 26.30 -5.74 5.09
CA MET B 180 27.49 -5.88 4.26
C MET B 180 28.47 -6.90 4.84
N GLY B 181 28.53 -7.01 6.16
CA GLY B 181 29.50 -7.85 6.82
C GLY B 181 29.14 -9.31 6.99
N MET B 182 27.94 -9.73 6.59
CA MET B 182 27.52 -11.11 6.81
C MET B 182 28.50 -12.05 6.09
N PRO B 183 28.75 -13.25 6.63
CA PRO B 183 29.89 -14.05 6.14
C PRO B 183 29.94 -14.32 4.64
N VAL B 184 28.97 -15.00 4.05
CA VAL B 184 29.12 -15.39 2.65
C VAL B 184 28.27 -14.57 1.69
N ILE B 185 27.05 -14.19 2.08
CA ILE B 185 26.11 -13.52 1.19
C ILE B 185 25.91 -12.06 1.54
N GLY B 186 26.75 -11.49 2.40
CA GLY B 186 26.47 -10.17 2.93
C GLY B 186 26.43 -9.09 1.87
N THR B 187 27.46 -9.04 1.02
CA THR B 187 27.48 -8.04 -0.04
C THR B 187 26.39 -8.30 -1.06
N TRP B 188 26.06 -9.57 -1.30
CA TRP B 188 24.96 -9.89 -2.20
C TRP B 188 23.63 -9.40 -1.64
N LEU B 189 23.40 -9.58 -0.34
CA LEU B 189 22.20 -9.03 0.27
C LEU B 189 22.19 -7.51 0.19
N HIS B 190 23.33 -6.88 0.43
CA HIS B 190 23.41 -5.42 0.37
C HIS B 190 23.08 -4.90 -1.01
N TRP B 191 23.59 -5.55 -2.05
CA TRP B 191 23.35 -5.09 -3.41
C TRP B 191 22.01 -5.54 -3.96
N ALA B 192 21.37 -6.53 -3.35
CA ALA B 192 19.98 -6.81 -3.66
C ALA B 192 19.04 -5.79 -3.03
N LEU B 193 19.36 -5.36 -1.81
CA LEU B 193 18.49 -4.43 -1.09
C LEU B 193 18.64 -3.00 -1.60
N PHE B 194 19.88 -2.50 -1.63
CA PHE B 194 20.12 -1.11 -2.01
C PHE B 194 20.22 -0.91 -3.50
N GLY B 195 20.30 -2.00 -4.29
CA GLY B 195 20.51 -1.85 -5.71
C GLY B 195 21.91 -1.46 -6.09
N GLY B 196 22.86 -1.62 -5.19
CA GLY B 196 24.20 -1.13 -5.35
C GLY B 196 24.76 -0.72 -4.00
N ASP B 197 25.64 0.28 -4.02
CA ASP B 197 26.21 0.78 -2.79
C ASP B 197 25.16 1.55 -1.99
N PHE B 198 25.48 1.80 -0.72
CA PHE B 198 24.52 2.38 0.22
C PHE B 198 23.91 3.70 -0.26
N PRO B 199 24.71 4.69 -0.68
CA PRO B 199 24.07 5.96 -1.10
C PRO B 199 23.50 5.83 -2.51
N GLY B 200 22.50 4.97 -2.66
CA GLY B 200 21.91 4.69 -3.96
C GLY B 200 20.77 5.62 -4.30
N GLU B 201 19.88 5.14 -5.15
CA GLU B 201 18.75 5.93 -5.63
C GLU B 201 17.42 5.22 -5.48
N ILE B 202 17.39 3.98 -5.01
CA ILE B 202 16.18 3.19 -4.96
C ILE B 202 15.74 2.84 -3.54
N LEU B 203 16.55 3.17 -2.53
CA LEU B 203 16.27 2.67 -1.18
C LEU B 203 14.96 3.23 -0.63
N ILE B 204 14.77 4.54 -0.70
CA ILE B 204 13.60 5.18 -0.11
C ILE B 204 12.30 4.72 -0.77
N PRO B 205 12.18 4.68 -2.10
CA PRO B 205 10.95 4.13 -2.69
C PRO B 205 10.68 2.69 -2.28
N ARG B 206 11.72 1.88 -2.19
CA ARG B 206 11.56 0.48 -1.80
C ARG B 206 11.07 0.36 -0.37
N LEU B 207 11.69 1.13 0.54
CA LEU B 207 11.26 1.12 1.93
C LEU B 207 9.84 1.67 2.07
N TYR B 208 9.49 2.66 1.24
CA TYR B 208 8.14 3.22 1.28
C TYR B 208 7.12 2.17 0.87
N ALA B 209 7.41 1.42 -0.19
CA ALA B 209 6.51 0.35 -0.61
C ALA B 209 6.41 -0.74 0.45
N LEU B 210 7.55 -1.11 1.04
CA LEU B 210 7.53 -2.11 2.11
C LEU B 210 6.74 -1.63 3.31
N HIS B 211 6.80 -0.34 3.60
CA HIS B 211 6.31 0.19 4.85
C HIS B 211 4.85 0.64 4.79
N ILE B 212 4.34 1.02 3.64
CA ILE B 212 2.95 1.43 3.59
C ILE B 212 2.03 0.30 3.14
N LEU B 213 2.56 -0.69 2.41
CA LEU B 213 1.72 -1.73 1.84
C LEU B 213 2.08 -3.13 2.32
N LEU B 214 3.33 -3.55 2.20
CA LEU B 214 3.68 -4.95 2.41
C LEU B 214 3.63 -5.33 3.88
N ILE B 215 4.45 -4.68 4.71
CA ILE B 215 4.45 -4.98 6.14
C ILE B 215 3.12 -4.66 6.78
N PRO B 216 2.45 -3.53 6.49
CA PRO B 216 1.10 -3.33 7.03
C PRO B 216 0.13 -4.43 6.64
N GLY B 217 0.21 -4.93 5.40
CA GLY B 217 -0.67 -6.01 4.99
C GLY B 217 -0.38 -7.30 5.75
N ILE B 218 0.89 -7.63 5.92
CA ILE B 218 1.25 -8.84 6.66
C ILE B 218 0.81 -8.72 8.12
N ILE B 219 1.02 -7.54 8.73
CA ILE B 219 0.61 -7.33 10.11
C ILE B 219 -0.91 -7.37 10.23
N LEU B 220 -1.63 -6.83 9.25
CA LEU B 220 -3.09 -6.87 9.28
C LEU B 220 -3.58 -8.31 9.22
N ALA B 221 -3.00 -9.12 8.32
CA ALA B 221 -3.41 -10.52 8.23
C ALA B 221 -3.07 -11.27 9.50
N LEU B 222 -1.89 -11.00 10.09
CA LEU B 222 -1.50 -11.71 11.30
C LEU B 222 -2.34 -11.29 12.49
N ILE B 223 -2.73 -10.01 12.57
CA ILE B 223 -3.61 -9.57 13.63
C ILE B 223 -5.00 -10.16 13.46
N GLY B 224 -5.47 -10.27 12.22
CA GLY B 224 -6.75 -10.94 12.00
C GLY B 224 -6.72 -12.38 12.45
N ALA B 225 -5.69 -13.13 12.05
CA ALA B 225 -5.57 -14.51 12.50
C ALA B 225 -5.40 -14.61 14.01
N HIS B 226 -4.64 -13.67 14.58
CA HIS B 226 -4.43 -13.61 16.02
C HIS B 226 -5.74 -13.47 16.77
N LEU B 227 -6.55 -12.49 16.38
CA LEU B 227 -7.81 -12.23 17.05
C LEU B 227 -8.82 -13.34 16.77
N ALA B 228 -8.76 -13.96 15.59
CA ALA B 228 -9.61 -15.11 15.33
C ALA B 228 -9.29 -16.26 16.27
N LEU B 229 -7.99 -16.53 16.48
CA LEU B 229 -7.59 -17.55 17.44
C LEU B 229 -8.06 -17.19 18.85
N VAL B 230 -7.90 -15.93 19.25
CA VAL B 230 -8.31 -15.52 20.59
C VAL B 230 -9.83 -15.65 20.75
N TRP B 231 -10.58 -15.35 19.69
CA TRP B 231 -12.03 -15.41 19.75
C TRP B 231 -12.52 -16.85 19.85
N PHE B 232 -12.01 -17.74 18.99
CA PHE B 232 -12.51 -19.11 18.95
C PHE B 232 -11.80 -20.02 19.94
N GLN B 233 -10.58 -19.69 20.34
CA GLN B 233 -9.97 -20.27 21.55
C GLN B 233 -10.26 -19.25 22.65
N LYS B 234 -11.38 -19.44 23.35
CA LYS B 234 -11.86 -18.45 24.31
C LYS B 234 -10.77 -18.02 25.29
N HIS B 235 -10.89 -16.79 25.79
CA HIS B 235 -9.84 -16.19 26.58
C HIS B 235 -9.57 -17.01 27.84
N THR B 236 -8.31 -16.98 28.28
CA THR B 236 -7.94 -17.59 29.54
C THR B 236 -8.54 -16.78 30.70
N GLN B 237 -8.27 -17.22 31.92
CA GLN B 237 -8.74 -16.49 33.09
C GLN B 237 -7.87 -16.88 34.28
N PHE B 238 -7.92 -16.05 35.26
CA PHE B 238 -7.22 -16.36 36.50
C PHE B 238 -8.10 -17.25 37.38
N PRO B 239 -7.49 -18.11 38.19
CA PRO B 239 -8.29 -18.88 39.15
C PRO B 239 -9.03 -17.96 40.11
N GLY B 240 -10.27 -18.32 40.43
CA GLY B 240 -11.11 -17.47 41.25
C GLY B 240 -12.27 -18.23 41.85
N PRO B 241 -13.24 -17.49 42.40
CA PRO B 241 -14.41 -18.13 43.02
C PRO B 241 -15.18 -19.06 42.10
N GLY B 242 -15.69 -18.53 40.99
CA GLY B 242 -16.50 -19.32 40.08
C GLY B 242 -15.76 -19.86 38.87
N ARG B 243 -14.43 -19.87 38.89
CA ARG B 243 -13.66 -20.18 37.71
C ARG B 243 -13.23 -21.64 37.71
N THR B 244 -13.11 -22.20 36.51
CA THR B 244 -12.72 -23.58 36.30
C THR B 244 -12.09 -23.67 34.92
N GLU B 245 -11.35 -24.76 34.69
CA GLU B 245 -10.73 -24.98 33.40
C GLU B 245 -11.74 -25.14 32.27
N THR B 246 -13.01 -25.40 32.59
CA THR B 246 -14.02 -25.71 31.60
C THR B 246 -15.04 -24.60 31.41
N ASN B 247 -14.80 -23.41 31.95
CA ASN B 247 -15.76 -22.33 31.80
C ASN B 247 -15.04 -21.00 31.63
N VAL B 248 -15.82 -19.98 31.28
CA VAL B 248 -15.38 -18.60 31.23
C VAL B 248 -16.35 -17.78 32.07
N VAL B 249 -15.82 -17.01 33.02
CA VAL B 249 -16.62 -16.17 33.90
C VAL B 249 -16.29 -14.72 33.62
N GLY B 250 -17.30 -13.94 33.28
CA GLY B 250 -17.09 -12.54 32.93
C GLY B 250 -18.38 -11.85 32.54
N VAL B 251 -18.35 -11.08 31.46
CA VAL B 251 -19.51 -10.36 30.97
C VAL B 251 -19.72 -10.71 29.51
N ARG B 252 -20.98 -10.72 29.08
CA ARG B 252 -21.29 -10.97 27.69
C ARG B 252 -20.89 -9.77 26.84
N VAL B 253 -20.82 -9.99 25.52
CA VAL B 253 -20.41 -8.94 24.61
C VAL B 253 -21.39 -7.78 24.64
N MET B 254 -22.68 -8.08 24.62
CA MET B 254 -23.70 -7.04 24.56
C MET B 254 -24.31 -6.84 25.93
N PRO B 255 -24.25 -5.63 26.50
CA PRO B 255 -23.55 -4.52 25.89
C PRO B 255 -22.27 -4.11 26.63
N VAL B 256 -21.96 -4.81 27.72
CA VAL B 256 -20.88 -4.35 28.62
C VAL B 256 -19.55 -4.35 27.88
N PHE B 257 -19.21 -5.47 27.25
CA PHE B 257 -17.90 -5.59 26.62
C PHE B 257 -17.75 -4.63 25.44
N ALA B 258 -18.80 -4.49 24.63
CA ALA B 258 -18.73 -3.60 23.49
C ALA B 258 -18.54 -2.15 23.93
N VAL B 259 -19.27 -1.71 24.94
CA VAL B 259 -19.16 -0.33 25.41
C VAL B 259 -17.80 -0.11 26.06
N LYS B 260 -17.32 -1.09 26.82
CA LYS B 260 -16.00 -0.96 27.43
C LYS B 260 -14.91 -0.85 26.38
N SER B 261 -14.97 -1.68 25.34
CA SER B 261 -13.96 -1.63 24.29
C SER B 261 -14.02 -0.33 23.51
N GLY B 262 -15.23 0.14 23.18
CA GLY B 262 -15.36 1.40 22.47
C GLY B 262 -14.84 2.58 23.29
N ALA B 263 -15.16 2.60 24.58
CA ALA B 263 -14.70 3.69 25.44
C ALA B 263 -13.18 3.65 25.61
N PHE B 264 -12.61 2.44 25.72
CA PHE B 264 -11.16 2.33 25.79
C PHE B 264 -10.51 2.80 24.51
N PHE B 265 -11.09 2.46 23.36
CA PHE B 265 -10.60 2.99 22.08
C PHE B 265 -10.63 4.51 22.08
N ALA B 266 -11.73 5.10 22.51
CA ALA B 266 -11.84 6.56 22.51
C ALA B 266 -10.80 7.19 23.42
N MET B 267 -10.58 6.60 24.60
CA MET B 267 -9.62 7.15 25.54
C MET B 267 -8.18 7.01 25.04
N ILE B 268 -7.87 5.90 24.37
CA ILE B 268 -6.54 5.73 23.81
C ILE B 268 -6.31 6.71 22.67
N THR B 269 -7.34 6.94 21.85
CA THR B 269 -7.24 7.96 20.81
C THR B 269 -7.04 9.33 21.43
N GLY B 270 -7.71 9.60 22.55
CA GLY B 270 -7.50 10.87 23.24
C GLY B 270 -6.08 11.05 23.73
N VAL B 271 -5.52 10.01 24.33
CA VAL B 271 -4.14 10.09 24.81
C VAL B 271 -3.18 10.33 23.65
N LEU B 272 -3.37 9.59 22.55
CA LEU B 272 -2.49 9.74 21.40
C LEU B 272 -2.62 11.14 20.79
N GLY B 273 -3.84 11.66 20.70
CA GLY B 273 -4.01 13.01 20.18
C GLY B 273 -3.39 14.07 21.06
N LEU B 274 -3.55 13.94 22.38
CA LEU B 274 -2.93 14.89 23.29
C LEU B 274 -1.41 14.86 23.18
N MET B 275 -0.83 13.67 23.09
CA MET B 275 0.62 13.59 22.97
C MET B 275 1.09 14.11 21.61
N GLY B 276 0.34 13.86 20.55
CA GLY B 276 0.70 14.38 19.25
C GLY B 276 0.57 15.88 19.12
N GLY B 277 -0.27 16.49 19.95
CA GLY B 277 -0.36 17.93 19.96
C GLY B 277 0.64 18.61 20.87
N LEU B 278 0.77 18.12 22.10
CA LEU B 278 1.51 18.83 23.14
C LEU B 278 2.99 18.44 23.21
N LEU B 279 3.38 17.32 22.63
CA LEU B 279 4.77 16.86 22.70
C LEU B 279 5.35 16.76 21.30
N THR B 280 6.57 17.26 21.15
CA THR B 280 7.26 17.22 19.87
C THR B 280 7.98 15.88 19.71
N ILE B 281 7.80 15.26 18.54
CA ILE B 281 8.46 14.02 18.22
C ILE B 281 9.02 14.12 16.81
N ASN B 282 10.29 13.73 16.65
CA ASN B 282 10.97 13.74 15.37
C ASN B 282 10.89 15.08 14.64
N PRO B 283 11.46 16.15 15.20
CA PRO B 283 11.49 17.44 14.48
C PRO B 283 12.52 17.42 13.36
N ILE B 284 12.12 16.90 12.20
CA ILE B 284 13.07 16.61 11.13
C ILE B 284 13.81 17.86 10.67
N TRP B 285 13.12 18.99 10.60
CA TRP B 285 13.71 20.21 10.05
C TRP B 285 14.92 20.68 10.85
N ASN B 286 15.05 20.25 12.11
CA ASN B 286 16.23 20.56 12.90
C ASN B 286 17.42 19.69 12.55
N LEU B 287 17.21 18.57 11.86
CA LEU B 287 18.29 17.64 11.56
C LEU B 287 18.93 17.89 10.21
N GLY B 288 18.20 18.47 9.26
CA GLY B 288 18.72 18.72 7.94
C GLY B 288 18.66 17.48 7.07
N PRO B 289 18.90 17.65 5.77
CA PRO B 289 18.93 16.49 4.88
C PRO B 289 20.10 15.57 5.20
N TYR B 290 19.93 14.29 4.89
CA TYR B 290 21.00 13.34 5.14
C TYR B 290 22.18 13.60 4.22
N LYS B 291 23.37 13.59 4.80
CA LYS B 291 24.61 13.77 4.07
C LYS B 291 25.65 12.78 4.60
N PRO B 292 26.27 11.98 3.74
CA PRO B 292 27.24 10.98 4.23
C PRO B 292 28.41 11.58 4.97
N SER B 293 28.69 12.87 4.78
CA SER B 293 29.81 13.53 5.43
C SER B 293 29.47 14.10 6.80
N GLN B 294 28.20 14.13 7.19
CA GLN B 294 27.77 14.71 8.46
C GLN B 294 27.13 13.64 9.33
N VAL B 295 27.26 13.81 10.64
CA VAL B 295 26.64 12.95 11.64
C VAL B 295 26.43 13.80 12.89
N SER B 296 25.66 13.27 13.84
CA SER B 296 25.35 13.99 15.06
C SER B 296 25.71 13.12 16.27
N ALA B 297 25.94 13.78 17.41
CA ALA B 297 26.36 13.07 18.60
C ALA B 297 25.27 12.12 19.10
N GLY B 298 24.02 12.57 19.11
CA GLY B 298 22.93 11.77 19.62
C GLY B 298 22.31 10.86 18.57
N SER B 299 23.01 9.79 18.21
CA SER B 299 22.58 8.89 17.14
C SER B 299 21.91 7.67 17.77
N GLN B 300 20.60 7.77 17.97
CA GLN B 300 19.87 6.60 18.51
C GLN B 300 18.61 6.36 17.67
N PRO B 301 18.18 5.10 17.46
CA PRO B 301 16.92 4.83 16.77
C PRO B 301 15.74 4.98 17.71
N ASP B 302 14.52 4.76 17.22
CA ASP B 302 13.37 4.67 18.11
C ASP B 302 13.56 3.51 19.08
N PHE B 303 12.95 3.64 20.26
CA PHE B 303 13.38 2.85 21.42
C PHE B 303 13.29 1.35 21.17
N TYR B 304 12.32 0.90 20.37
CA TYR B 304 12.16 -0.54 20.14
C TYR B 304 13.33 -1.14 19.37
N MET B 305 14.20 -0.31 18.78
CA MET B 305 15.43 -0.78 18.16
C MET B 305 16.65 -0.49 19.00
N MET B 306 16.50 0.32 20.06
CA MET B 306 17.67 0.80 20.81
C MET B 306 18.54 -0.33 21.31
N TRP B 307 17.92 -1.40 21.81
CA TRP B 307 18.66 -2.52 22.35
C TRP B 307 19.70 -3.01 21.34
N THR B 308 19.31 -3.12 20.07
CA THR B 308 20.25 -3.57 19.05
C THR B 308 21.51 -2.72 19.08
N GLU B 309 21.36 -1.40 19.01
CA GLU B 309 22.53 -0.54 19.04
C GLU B 309 23.32 -0.75 20.33
N GLY B 310 22.63 -0.89 21.45
CA GLY B 310 23.31 -1.17 22.70
C GLY B 310 24.18 -2.39 22.61
N LEU B 311 23.66 -3.45 22.00
CA LEU B 311 24.46 -4.65 21.78
C LEU B 311 25.72 -4.31 20.99
N ALA B 312 25.55 -3.58 19.88
CA ALA B 312 26.69 -3.22 19.05
C ALA B 312 27.63 -2.28 19.80
N ARG B 313 27.11 -1.55 20.78
CA ARG B 313 27.98 -0.68 21.58
C ARG B 313 28.76 -1.47 22.62
N LEU B 314 28.25 -2.63 23.03
CA LEU B 314 28.84 -3.34 24.16
C LEU B 314 29.68 -4.52 23.76
N TRP B 315 29.42 -5.14 22.62
CA TRP B 315 30.19 -6.31 22.22
C TRP B 315 31.62 -5.89 21.90
N PRO B 316 32.63 -6.56 22.45
CA PRO B 316 34.03 -6.05 22.44
C PRO B 316 34.91 -6.40 21.25
N ALA B 317 34.61 -5.78 20.10
CA ALA B 317 35.52 -5.70 18.94
C ALA B 317 36.15 -7.05 18.60
N TRP B 318 35.32 -8.09 18.60
CA TRP B 318 35.77 -9.45 18.32
C TRP B 318 35.55 -9.76 16.85
N GLU B 319 36.64 -9.87 16.10
CA GLU B 319 36.58 -10.13 14.67
C GLU B 319 37.47 -11.32 14.34
N PHE B 320 37.16 -11.98 13.23
CA PHE B 320 37.85 -13.18 12.80
C PHE B 320 38.38 -13.00 11.39
N TYR B 321 39.52 -13.62 11.12
CA TYR B 321 40.20 -13.51 9.82
C TYR B 321 40.56 -14.90 9.31
N PRO B 322 39.58 -15.60 8.73
CA PRO B 322 39.88 -16.87 8.04
C PRO B 322 40.72 -16.65 6.79
N PHE B 323 40.87 -17.68 5.96
CA PHE B 323 41.86 -17.65 4.90
C PHE B 323 41.52 -16.57 3.88
N GLY B 324 42.09 -15.38 4.07
CA GLY B 324 41.89 -14.28 3.16
C GLY B 324 40.57 -13.55 3.30
N HIS B 325 39.79 -13.85 4.34
CA HIS B 325 38.46 -13.29 4.52
C HIS B 325 38.34 -12.66 5.89
N THR B 326 37.42 -11.71 6.01
CA THR B 326 37.17 -10.98 7.24
C THR B 326 35.76 -11.24 7.74
N ILE B 327 35.65 -11.55 9.04
CA ILE B 327 34.35 -11.66 9.70
C ILE B 327 34.27 -10.54 10.73
N PRO B 328 33.60 -9.43 10.42
CA PRO B 328 33.68 -8.25 11.30
C PRO B 328 32.91 -8.40 12.60
N GLN B 329 32.91 -7.34 13.41
CA GLN B 329 32.19 -7.38 14.68
C GLN B 329 30.69 -7.35 14.47
N GLY B 330 30.23 -6.63 13.44
CA GLY B 330 28.79 -6.49 13.23
C GLY B 330 28.08 -7.81 13.06
N VAL B 331 28.79 -8.84 12.57
CA VAL B 331 28.19 -10.16 12.42
C VAL B 331 27.62 -10.63 13.74
N TRP B 332 28.40 -10.46 14.82
CA TRP B 332 27.92 -10.82 16.15
C TRP B 332 26.54 -10.23 16.39
N VAL B 333 26.41 -8.93 16.14
CA VAL B 333 25.13 -8.24 16.40
C VAL B 333 24.01 -8.96 15.66
N ALA B 334 24.22 -9.24 14.37
CA ALA B 334 23.20 -9.92 13.60
C ALA B 334 22.82 -11.23 14.27
N VAL B 335 23.83 -12.06 14.59
CA VAL B 335 23.54 -13.34 15.23
C VAL B 335 22.78 -13.10 16.52
N GLY B 336 23.22 -12.11 17.30
CA GLY B 336 22.55 -11.75 18.52
C GLY B 336 21.08 -11.60 18.27
N MET B 337 20.70 -10.70 17.35
CA MET B 337 19.29 -10.47 17.09
C MET B 337 18.60 -11.77 16.73
N GLY B 338 19.21 -12.52 15.81
CA GLY B 338 18.66 -13.79 15.37
C GLY B 338 18.36 -14.65 16.58
N LEU B 339 19.37 -14.87 17.42
CA LEU B 339 19.17 -15.73 18.57
C LEU B 339 18.01 -15.24 19.41
N VAL B 340 17.98 -13.93 19.67
CA VAL B 340 16.92 -13.38 20.51
C VAL B 340 15.57 -13.72 19.90
N PHE B 341 15.41 -13.41 18.60
CA PHE B 341 14.14 -13.69 17.95
C PHE B 341 13.84 -15.17 18.00
N ALA B 342 14.84 -16.01 17.74
CA ALA B 342 14.63 -17.45 17.85
C ALA B 342 14.17 -17.81 19.24
N LEU B 343 14.88 -17.32 20.26
CA LEU B 343 14.54 -17.66 21.63
C LEU B 343 13.18 -17.11 22.02
N LEU B 344 12.65 -16.15 21.26
CA LEU B 344 11.33 -15.65 21.57
C LEU B 344 10.25 -16.47 20.88
N ILE B 345 10.54 -17.00 19.69
CA ILE B 345 9.51 -17.69 18.92
C ILE B 345 9.22 -19.07 19.51
N ALA B 346 10.27 -19.79 19.93
CA ALA B 346 10.14 -21.17 20.34
C ALA B 346 10.18 -21.36 21.85
N TYR B 347 9.82 -20.32 22.62
CA TYR B 347 9.81 -20.48 24.07
C TYR B 347 8.78 -21.49 24.56
N PRO B 348 7.52 -21.50 24.11
CA PRO B 348 6.57 -22.48 24.64
C PRO B 348 7.05 -23.90 24.45
N PHE B 349 7.67 -24.21 23.31
CA PHE B 349 8.17 -25.55 23.07
C PHE B 349 9.40 -25.86 23.94
N ILE B 350 10.22 -24.84 24.22
CA ILE B 350 11.36 -25.05 25.12
C ILE B 350 10.88 -25.41 26.52
N GLU B 351 9.91 -24.65 27.04
CA GLU B 351 9.38 -24.95 28.36
C GLU B 351 8.62 -26.28 28.38
N LYS B 352 7.92 -26.59 27.30
CA LYS B 352 7.22 -27.88 27.20
C LYS B 352 8.22 -29.03 27.24
N LYS B 353 9.35 -28.89 26.57
CA LYS B 353 10.39 -29.92 26.64
C LYS B 353 11.01 -29.99 28.03
N VAL B 354 11.27 -28.84 28.65
CA VAL B 354 12.01 -28.82 29.90
C VAL B 354 11.19 -29.37 31.05
N THR B 355 9.92 -28.96 31.15
CA THR B 355 9.07 -29.36 32.26
C THR B 355 8.18 -30.55 31.92
N GLY B 356 8.15 -31.00 30.67
CA GLY B 356 7.31 -32.11 30.29
C GLY B 356 5.83 -31.84 30.44
N ASP B 357 5.43 -30.58 30.59
CA ASP B 357 4.05 -30.21 30.83
C ASP B 357 3.37 -29.98 29.49
N ASP B 358 2.58 -30.96 29.04
CA ASP B 358 1.88 -30.84 27.77
C ASP B 358 0.38 -31.09 27.98
N ALA B 359 -0.18 -30.45 29.00
CA ALA B 359 -1.59 -30.58 29.31
C ALA B 359 -2.35 -29.33 28.90
N HIS B 360 -3.62 -29.51 28.56
CA HIS B 360 -4.49 -28.40 28.19
C HIS B 360 -4.67 -27.48 29.39
N HIS B 361 -4.51 -26.18 29.17
CA HIS B 361 -4.52 -25.20 30.25
C HIS B 361 -5.38 -24.01 29.87
N ASN B 362 -6.41 -23.73 30.67
CA ASN B 362 -7.23 -22.54 30.50
C ASN B 362 -7.20 -21.60 31.69
N LEU B 363 -6.70 -22.04 32.84
CA LEU B 363 -6.59 -21.21 34.02
C LEU B 363 -5.17 -20.65 34.10
N LEU B 364 -5.05 -19.34 34.12
CA LEU B 364 -3.74 -18.70 34.13
C LEU B 364 -3.00 -19.00 35.43
N GLN B 365 -1.71 -18.72 35.40
CA GLN B 365 -0.87 -18.82 36.59
C GLN B 365 -0.48 -17.42 37.05
N ARG B 366 -0.60 -17.17 38.34
CA ARG B 366 0.00 -15.98 38.89
C ARG B 366 1.52 -16.09 38.79
N PRO B 367 2.21 -14.99 38.46
CA PRO B 367 3.67 -15.06 38.32
C PRO B 367 4.38 -15.55 39.58
N ARG B 368 3.85 -15.27 40.77
CA ARG B 368 4.49 -15.74 41.99
C ARG B 368 4.46 -17.26 42.10
N ASP B 369 3.47 -17.91 41.50
CA ASP B 369 3.34 -19.35 41.56
C ASP B 369 4.28 -20.08 40.61
N VAL B 370 4.95 -19.36 39.71
CA VAL B 370 5.92 -19.94 38.80
C VAL B 370 7.23 -19.18 38.98
N PRO B 371 7.98 -19.44 40.05
CA PRO B 371 9.16 -18.61 40.33
C PRO B 371 10.26 -18.73 39.28
N VAL B 372 10.38 -19.88 38.62
CA VAL B 372 11.44 -20.05 37.63
C VAL B 372 11.15 -19.23 36.39
N ARG B 373 9.93 -19.31 35.86
CA ARG B 373 9.60 -18.53 34.68
C ARG B 373 9.59 -17.03 34.99
N THR B 374 9.13 -16.66 36.18
CA THR B 374 9.19 -15.25 36.58
C THR B 374 10.63 -14.77 36.67
N ALA B 375 11.51 -15.61 37.20
CA ALA B 375 12.93 -15.26 37.27
C ALA B 375 13.53 -15.10 35.87
N ILE B 376 13.19 -16.00 34.94
CA ILE B 376 13.70 -15.90 33.58
C ILE B 376 13.18 -14.63 32.90
N GLY B 377 11.89 -14.32 33.09
CA GLY B 377 11.33 -13.14 32.48
C GLY B 377 11.93 -11.86 33.03
N SER B 378 12.14 -11.80 34.34
CA SER B 378 12.81 -10.65 34.93
C SER B 378 14.25 -10.55 34.43
N MET B 379 14.92 -11.68 34.24
CA MET B 379 16.27 -11.68 33.70
C MET B 379 16.31 -11.10 32.30
N ALA B 380 15.38 -11.54 31.44
CA ALA B 380 15.33 -11.03 30.08
C ALA B 380 14.97 -9.55 30.05
N ILE B 381 14.06 -9.12 30.92
CA ILE B 381 13.69 -7.71 30.98
C ILE B 381 14.88 -6.87 31.43
N ALA B 382 15.63 -7.37 32.41
CA ALA B 382 16.81 -6.65 32.88
C ALA B 382 17.85 -6.52 31.77
N LEU B 383 18.08 -7.60 31.03
CA LEU B 383 19.04 -7.54 29.92
C LEU B 383 18.59 -6.57 28.84
N TYR B 384 17.29 -6.61 28.50
CA TYR B 384 16.76 -5.70 27.48
C TYR B 384 16.89 -4.25 27.92
N LEU B 385 16.54 -3.96 29.18
CA LEU B 385 16.66 -2.60 29.69
C LEU B 385 18.10 -2.13 29.69
N LEU B 386 19.02 -3.03 30.07
CA LEU B 386 20.43 -2.66 30.10
C LEU B 386 20.95 -2.32 28.72
N LEU B 387 20.61 -3.15 27.72
CA LEU B 387 21.01 -2.83 26.35
C LEU B 387 20.39 -1.53 25.87
N THR B 388 19.11 -1.30 26.22
CA THR B 388 18.44 -0.07 25.83
C THR B 388 19.15 1.16 26.40
N PHE B 389 19.52 1.09 27.68
CA PHE B 389 20.20 2.22 28.31
C PHE B 389 21.63 2.37 27.82
N ALA B 390 22.28 1.25 27.45
CA ALA B 390 23.61 1.33 26.88
C ALA B 390 23.58 1.96 25.50
N CYS B 391 22.46 1.83 24.78
CA CYS B 391 22.27 2.61 23.57
C CYS B 391 22.24 4.11 23.86
N MET B 392 21.65 4.50 24.99
CA MET B 392 21.52 5.90 25.37
C MET B 392 22.63 6.36 26.30
N ASN B 393 23.78 5.69 26.29
CA ASN B 393 24.82 6.00 27.26
C ASN B 393 25.55 7.30 26.95
N ASP B 394 25.49 7.79 25.71
CA ASP B 394 26.06 9.11 25.43
C ASP B 394 25.21 10.22 26.04
N ILE B 395 23.88 10.12 25.92
CA ILE B 395 23.01 11.11 26.56
C ILE B 395 23.11 11.01 28.07
N ILE B 396 23.14 9.79 28.61
CA ILE B 396 23.29 9.62 30.05
C ILE B 396 24.60 10.21 30.52
N ALA B 397 25.69 9.99 29.76
CA ALA B 397 26.98 10.57 30.12
C ALA B 397 26.92 12.10 30.10
N LEU B 398 26.25 12.68 29.10
CA LEU B 398 26.18 14.14 29.02
C LEU B 398 25.37 14.73 30.17
N LYS B 399 24.16 14.20 30.41
CA LYS B 399 23.28 14.78 31.42
C LYS B 399 23.73 14.43 32.83
N PHE B 400 23.83 13.14 33.13
CA PHE B 400 24.39 12.69 34.40
C PHE B 400 25.91 12.57 34.22
N HIS B 401 26.65 13.29 35.05
CA HIS B 401 28.09 13.39 34.84
C HIS B 401 28.73 12.03 35.07
N ILE B 402 29.07 11.36 33.98
CA ILE B 402 29.76 10.07 34.00
C ILE B 402 30.48 9.94 32.67
N SER B 403 31.67 9.35 32.70
CA SER B 403 32.46 9.24 31.49
C SER B 403 31.87 8.19 30.56
N LEU B 404 32.13 8.35 29.27
CA LEU B 404 31.60 7.44 28.27
C LEU B 404 32.18 6.04 28.44
N ASN B 405 33.48 5.96 28.73
CA ASN B 405 34.10 4.66 28.98
C ASN B 405 33.54 4.01 30.23
N ALA B 406 33.17 4.80 31.24
CA ALA B 406 32.55 4.24 32.43
C ALA B 406 31.23 3.58 32.09
N THR B 407 30.37 4.27 31.33
CA THR B 407 29.11 3.66 30.95
C THR B 407 29.30 2.45 30.07
N THR B 408 30.30 2.48 29.17
CA THR B 408 30.58 1.33 28.34
C THR B 408 30.98 0.11 29.16
N TRP B 409 31.86 0.30 30.15
CA TRP B 409 32.30 -0.84 30.94
C TRP B 409 31.24 -1.28 31.94
N ILE B 410 30.44 -0.35 32.48
CA ILE B 410 29.29 -0.73 33.28
C ILE B 410 28.34 -1.60 32.47
N GLY B 411 28.07 -1.21 31.22
CA GLY B 411 27.22 -2.03 30.38
C GLY B 411 27.83 -3.39 30.09
N ARG B 412 29.13 -3.43 29.79
CA ARG B 412 29.78 -4.69 29.45
C ARG B 412 29.73 -5.66 30.62
N ILE B 413 30.14 -5.21 31.80
CA ILE B 413 30.10 -6.06 32.98
C ILE B 413 28.65 -6.37 33.38
N GLY B 414 27.75 -5.41 33.18
CA GLY B 414 26.37 -5.60 33.59
C GLY B 414 25.65 -6.67 32.79
N MET B 415 25.87 -6.71 31.47
CA MET B 415 25.19 -7.69 30.64
C MET B 415 25.51 -9.12 31.06
N VAL B 416 26.42 -9.29 32.01
CA VAL B 416 26.67 -10.56 32.67
C VAL B 416 26.17 -10.55 34.11
N VAL B 417 26.60 -9.58 34.90
CA VAL B 417 26.34 -9.61 36.34
C VAL B 417 24.87 -9.33 36.64
N LEU B 418 24.30 -8.29 36.03
CA LEU B 418 22.96 -7.83 36.40
C LEU B 418 21.88 -8.87 36.12
N PRO B 419 21.83 -9.54 34.97
CA PRO B 419 20.81 -10.59 34.80
C PRO B 419 20.85 -11.67 35.86
N ALA B 420 22.03 -12.07 36.34
CA ALA B 420 22.10 -13.09 37.37
C ALA B 420 21.53 -12.59 38.69
N ILE B 421 21.89 -11.36 39.09
CA ILE B 421 21.34 -10.77 40.30
C ILE B 421 19.83 -10.66 40.19
N VAL B 422 19.33 -10.24 39.03
CA VAL B 422 17.90 -10.06 38.85
C VAL B 422 17.19 -11.41 38.89
N TYR B 423 17.80 -12.45 38.31
CA TYR B 423 17.22 -13.79 38.40
C TYR B 423 17.10 -14.23 39.84
N PHE B 424 18.18 -14.08 40.61
CA PHE B 424 18.17 -14.49 42.02
C PHE B 424 17.11 -13.74 42.80
N VAL B 425 17.07 -12.41 42.63
CA VAL B 425 16.13 -11.59 43.38
C VAL B 425 14.70 -11.92 43.00
N ALA B 426 14.42 -12.08 41.70
CA ALA B 426 13.08 -12.40 41.26
C ALA B 426 12.62 -13.76 41.78
N TYR B 427 13.50 -14.76 41.74
CA TYR B 427 13.15 -16.09 42.24
C TYR B 427 12.79 -16.02 43.72
N ARG B 428 13.66 -15.40 44.52
CA ARG B 428 13.39 -15.31 45.96
C ARG B 428 12.14 -14.49 46.24
N TRP B 429 11.93 -13.43 45.46
CA TRP B 429 10.77 -12.56 45.65
C TRP B 429 9.47 -13.30 45.35
N ALA B 430 9.45 -14.11 44.29
CA ALA B 430 8.27 -14.89 43.97
C ALA B 430 7.96 -15.91 45.07
N ILE B 431 9.00 -16.63 45.53
CA ILE B 431 8.75 -17.59 46.61
C ILE B 431 8.29 -16.87 47.87
N SER B 432 8.80 -15.67 48.11
CA SER B 432 8.41 -14.94 49.31
C SER B 432 6.97 -14.44 49.21
N LEU B 433 6.54 -14.06 48.01
CA LEU B 433 5.13 -13.73 47.81
C LEU B 433 4.25 -14.95 48.06
N GLN B 434 4.70 -16.13 47.61
CA GLN B 434 3.99 -17.37 47.94
C GLN B 434 3.86 -17.54 49.44
N ARG B 435 4.96 -17.30 50.16
CA ARG B 435 4.94 -17.46 51.62
C ARG B 435 3.99 -16.46 52.28
N SER B 436 3.93 -15.24 51.75
CA SER B 436 2.98 -14.27 52.28
C SER B 436 1.54 -14.73 52.06
N ASP B 437 1.25 -15.26 50.87
CA ASP B 437 -0.08 -15.82 50.62
C ASP B 437 -0.41 -16.92 51.64
N ARG B 438 0.54 -17.83 51.87
CA ARG B 438 0.30 -18.91 52.81
C ARG B 438 0.09 -18.38 54.22
N GLU B 439 0.86 -17.37 54.61
CA GLU B 439 0.69 -16.78 55.94
C GLU B 439 -0.70 -16.19 56.11
N VAL B 440 -1.18 -15.48 55.09
CA VAL B 440 -2.54 -14.94 55.15
C VAL B 440 -3.56 -16.06 55.25
N LEU B 441 -3.39 -17.10 54.42
CA LEU B 441 -4.34 -18.21 54.43
C LEU B 441 -4.35 -18.98 55.75
N GLU B 442 -3.24 -18.99 56.47
CA GLU B 442 -3.13 -19.83 57.66
C GLU B 442 -3.39 -19.09 58.96
N HIS B 443 -3.11 -17.77 59.04
CA HIS B 443 -3.44 -17.00 60.22
C HIS B 443 -4.60 -16.03 60.04
N GLY B 444 -4.97 -15.69 58.82
CA GLY B 444 -5.95 -14.67 58.60
C GLY B 444 -5.32 -13.30 58.43
N VAL B 445 -6.12 -12.38 57.88
CA VAL B 445 -5.61 -11.05 57.55
C VAL B 445 -5.26 -10.30 58.82
N GLU B 446 -4.11 -9.63 58.81
CA GLU B 446 -3.70 -8.76 59.90
C GLU B 446 -4.44 -7.44 59.79
N THR B 447 -5.23 -7.10 60.80
CA THR B 447 -6.08 -5.92 60.75
C THR B 447 -5.38 -4.65 61.21
N GLY B 448 -4.14 -4.75 61.70
CA GLY B 448 -3.42 -3.59 62.18
C GLY B 448 -3.84 -3.12 63.55
N ILE B 449 -4.75 -3.81 64.22
CA ILE B 449 -5.27 -3.41 65.52
C ILE B 449 -4.55 -4.20 66.59
N ILE B 450 -3.98 -3.50 67.57
CA ILE B 450 -3.20 -4.11 68.63
C ILE B 450 -3.96 -3.93 69.95
N LYS B 451 -4.10 -5.02 70.69
CA LYS B 451 -4.72 -5.02 72.01
C LYS B 451 -3.70 -5.43 73.06
N ARG B 452 -3.74 -4.78 74.21
CA ARG B 452 -2.96 -5.18 75.37
C ARG B 452 -3.86 -5.97 76.31
N LEU B 453 -3.61 -7.25 76.45
CA LEU B 453 -4.39 -8.10 77.33
C LEU B 453 -4.10 -7.76 78.78
N PRO B 454 -4.99 -8.14 79.71
CA PRO B 454 -4.78 -7.77 81.12
C PRO B 454 -3.46 -8.25 81.70
N HIS B 455 -2.90 -9.34 81.19
CA HIS B 455 -1.60 -9.81 81.66
C HIS B 455 -0.44 -9.17 80.90
N GLY B 456 -0.73 -8.26 79.98
CA GLY B 456 0.31 -7.54 79.26
C GLY B 456 0.59 -8.03 77.85
N ALA B 457 -0.25 -8.91 77.30
CA ALA B 457 0.00 -9.46 75.98
C ALA B 457 -0.41 -8.46 74.90
N TYR B 458 0.54 -8.07 74.07
CA TYR B 458 0.25 -7.30 72.88
C TYR B 458 -0.08 -8.29 71.76
N VAL B 459 -1.33 -8.28 71.32
CA VAL B 459 -1.79 -9.17 70.26
C VAL B 459 -2.33 -8.32 69.12
N GLU B 460 -2.23 -8.84 67.90
CA GLU B 460 -2.86 -8.21 66.76
C GLU B 460 -4.15 -8.95 66.42
N LEU B 461 -5.18 -8.18 66.09
CA LEU B 461 -6.46 -8.78 65.72
C LEU B 461 -6.39 -9.33 64.31
N HIS B 462 -6.62 -10.62 64.17
CA HIS B 462 -6.62 -11.28 62.87
C HIS B 462 -8.05 -11.52 62.43
N GLN B 463 -8.32 -11.29 61.15
CA GLN B 463 -9.64 -11.56 60.61
C GLN B 463 -9.58 -12.82 59.78
N PRO B 464 -10.07 -13.95 60.28
CA PRO B 464 -10.02 -15.19 59.49
C PRO B 464 -10.83 -15.07 58.21
N LEU B 465 -10.33 -15.69 57.15
CA LEU B 465 -11.05 -15.76 55.90
C LEU B 465 -11.95 -16.99 55.82
N GLY B 466 -11.84 -17.91 56.77
CA GLY B 466 -12.71 -19.05 56.87
C GLY B 466 -13.16 -19.27 58.30
N PRO B 467 -13.70 -20.45 58.58
CA PRO B 467 -14.17 -20.74 59.94
C PRO B 467 -13.01 -20.94 60.90
N VAL B 468 -13.34 -20.89 62.19
CA VAL B 468 -12.35 -21.04 63.26
C VAL B 468 -12.70 -22.26 64.09
N ASP B 469 -11.67 -22.89 64.66
CA ASP B 469 -11.87 -24.11 65.43
C ASP B 469 -12.20 -23.81 66.89
N HIS B 473 -8.79 -19.75 66.82
CA HIS B 473 -7.85 -19.84 65.72
C HIS B 473 -8.54 -20.42 64.48
N PRO B 474 -8.27 -19.84 63.32
CA PRO B 474 -8.93 -20.32 62.09
C PRO B 474 -8.44 -21.70 61.68
N ILE B 475 -9.32 -22.43 61.02
CA ILE B 475 -8.88 -23.61 60.27
C ILE B 475 -8.11 -23.13 59.03
N PRO B 476 -6.89 -23.60 58.79
CA PRO B 476 -6.11 -23.09 57.66
C PRO B 476 -6.73 -23.52 56.34
N LEU B 477 -7.06 -22.54 55.51
CA LEU B 477 -7.61 -22.79 54.19
C LEU B 477 -6.50 -23.27 53.24
N GLU B 478 -6.92 -23.75 52.08
CA GLU B 478 -6.00 -24.30 51.09
C GLU B 478 -5.84 -23.29 49.96
N TYR B 479 -4.61 -23.09 49.51
CA TYR B 479 -4.35 -22.19 48.41
C TYR B 479 -5.01 -22.70 47.14
N ALA B 480 -5.68 -21.79 46.42
CA ALA B 480 -6.40 -22.15 45.20
C ALA B 480 -5.98 -21.27 44.02
N GLY B 481 -4.74 -20.82 44.01
CA GLY B 481 -4.23 -20.07 42.88
C GLY B 481 -4.83 -18.70 42.69
N ALA B 482 -5.47 -18.14 43.70
CA ALA B 482 -6.17 -16.89 43.55
C ALA B 482 -5.60 -15.83 44.49
N PRO B 483 -5.76 -14.55 44.17
CA PRO B 483 -5.29 -13.48 45.07
C PRO B 483 -6.05 -13.49 46.38
N LEU B 484 -5.38 -13.01 47.43
CA LEU B 484 -5.94 -12.97 48.76
C LEU B 484 -5.97 -11.54 49.29
N PRO B 485 -6.98 -11.17 50.07
CA PRO B 485 -7.01 -9.83 50.64
C PRO B 485 -6.04 -9.72 51.81
N LYS B 486 -5.38 -8.56 51.91
CA LYS B 486 -4.46 -8.32 53.01
C LYS B 486 -4.71 -7.00 53.72
N ARG B 487 -5.69 -6.21 53.29
CA ARG B 487 -6.13 -5.02 54.00
C ARG B 487 -7.62 -5.14 54.29
N MET B 488 -8.03 -4.62 55.45
CA MET B 488 -9.43 -4.74 55.85
C MET B 488 -10.33 -3.76 55.11
N ASN B 489 -9.80 -2.65 54.63
CA ASN B 489 -10.63 -1.74 53.85
C ASN B 489 -11.07 -2.38 52.54
N LYS B 490 -10.30 -3.35 52.05
CA LYS B 490 -10.64 -4.03 50.81
C LYS B 490 -11.70 -5.10 50.99
N LEU B 491 -11.97 -5.50 52.23
CA LEU B 491 -13.05 -6.43 52.53
C LEU B 491 -14.32 -5.73 53.01
N GLY B 492 -14.34 -4.41 53.00
CA GLY B 492 -15.53 -3.64 53.32
C GLY B 492 -15.54 -3.02 54.71
N SER B 493 -14.48 -3.22 55.49
CA SER B 493 -14.48 -2.70 56.86
C SER B 493 -14.47 -1.18 56.88
N GLY B 494 -14.00 -0.55 55.81
CA GLY B 494 -13.89 0.89 55.79
C GLY B 494 -15.24 1.59 55.70
N GLY B 495 -16.31 0.85 55.54
CA GLY B 495 -17.64 1.41 55.50
C GLY B 495 -17.89 2.21 54.24
N ALA B 496 -18.92 3.06 54.32
CA ALA B 496 -19.29 3.91 53.21
C ALA B 496 -19.47 5.35 53.68
N PRO B 497 -19.10 6.33 52.87
CA PRO B 497 -19.32 7.72 53.26
C PRO B 497 -20.80 8.09 53.13
N GLY B 498 -21.17 9.17 53.81
CA GLY B 498 -22.51 9.70 53.67
C GLY B 498 -22.78 10.13 52.24
N THR B 499 -23.89 9.66 51.67
CA THR B 499 -24.22 10.00 50.30
C THR B 499 -24.54 11.48 50.17
N GLY B 500 -24.18 12.07 49.04
CA GLY B 500 -24.38 13.48 48.83
C GLY B 500 -23.65 14.01 47.62
N SER B 501 -23.29 15.31 47.63
CA SER B 501 -22.66 15.96 46.49
C SER B 501 -21.27 16.47 46.82
N PHE B 502 -20.61 15.89 47.84
CA PHE B 502 -19.29 16.28 48.31
C PHE B 502 -19.35 17.60 49.06
N LEU B 503 -20.51 18.24 49.06
CA LEU B 503 -20.67 19.48 49.83
C LEU B 503 -21.95 19.42 50.66
N PHE B 504 -22.97 18.74 50.15
CA PHE B 504 -24.26 18.70 50.81
C PHE B 504 -24.79 17.28 50.85
N PRO B 505 -25.22 16.78 52.01
CA PRO B 505 -25.73 15.42 52.09
C PRO B 505 -27.12 15.30 51.50
N ASP B 506 -27.45 14.08 51.10
CA ASP B 506 -28.81 13.72 50.77
C ASP B 506 -29.57 13.37 52.04
N PRO B 507 -30.90 13.47 52.03
CA PRO B 507 -31.67 13.12 53.23
C PRO B 507 -31.39 11.68 53.66
N ALA B 508 -31.38 11.46 54.98
CA ALA B 508 -30.92 10.18 55.52
C ALA B 508 -31.74 9.01 55.00
N VAL B 509 -32.99 9.26 54.60
CA VAL B 509 -33.80 8.19 54.03
C VAL B 509 -33.19 7.68 52.73
N GLU B 510 -32.72 8.59 51.87
CA GLU B 510 -32.10 8.18 50.62
C GLU B 510 -30.77 7.47 50.89
N HIS B 511 -30.01 7.94 51.87
CA HIS B 511 -28.78 7.24 52.26
C HIS B 511 -29.09 5.82 52.69
N GLU B 512 -30.10 5.65 53.54
CA GLU B 512 -30.46 4.31 54.01
C GLU B 512 -30.88 3.42 52.85
N ALA B 513 -31.73 3.94 51.96
CA ALA B 513 -32.21 3.16 50.84
C ALA B 513 -31.06 2.72 49.94
N LEU B 514 -30.16 3.64 49.61
CA LEU B 514 -29.07 3.31 48.70
C LEU B 514 -28.08 2.34 49.34
N THR B 515 -27.69 2.60 50.59
CA THR B 515 -26.74 1.70 51.24
C THR B 515 -27.32 0.30 51.42
N GLU B 516 -28.60 0.21 51.82
CA GLU B 516 -29.21 -1.09 51.98
C GLU B 516 -29.33 -1.82 50.64
N ALA B 517 -29.70 -1.10 49.57
CA ALA B 517 -29.79 -1.71 48.26
C ALA B 517 -28.43 -2.23 47.79
N ALA B 518 -27.37 -1.44 47.99
CA ALA B 518 -26.04 -1.86 47.58
C ALA B 518 -25.56 -3.07 48.37
N HIS B 519 -25.82 -3.06 49.68
CA HIS B 519 -25.43 -4.20 50.51
C HIS B 519 -26.17 -5.47 50.07
N ALA B 520 -27.47 -5.34 49.80
CA ALA B 520 -28.24 -6.48 49.33
C ALA B 520 -27.72 -6.99 47.99
N SER B 521 -27.37 -6.07 47.08
CA SER B 521 -26.84 -6.48 45.78
C SER B 521 -25.50 -7.19 45.92
N GLU B 522 -24.63 -6.69 46.81
CA GLU B 522 -23.35 -7.35 47.02
C GLU B 522 -23.54 -8.75 47.57
N HIS B 523 -24.43 -8.91 48.55
CA HIS B 523 -24.73 -10.25 49.06
C HIS B 523 -25.31 -11.14 47.97
N LYS B 524 -26.18 -10.60 47.13
CA LYS B 524 -26.78 -11.40 46.06
C LYS B 524 -25.73 -11.87 45.07
N SER B 525 -24.81 -11.00 44.69
CA SER B 525 -23.75 -11.38 43.76
C SER B 525 -22.84 -12.44 44.35
N LEU B 526 -22.39 -12.23 45.59
CA LEU B 526 -21.54 -13.23 46.23
C LEU B 526 -22.27 -14.55 46.40
N THR B 527 -23.56 -14.49 46.77
CA THR B 527 -24.35 -15.71 46.91
C THR B 527 -24.46 -16.45 45.58
N ALA B 528 -24.69 -15.72 44.48
CA ALA B 528 -24.80 -16.37 43.17
C ALA B 528 -23.49 -17.06 42.81
N LEU B 529 -22.36 -16.38 43.02
CA LEU B 529 -21.07 -17.01 42.75
C LEU B 529 -20.86 -18.23 43.63
N LYS B 530 -21.25 -18.14 44.91
CA LYS B 530 -21.08 -19.26 45.81
C LYS B 530 -21.93 -20.46 45.40
N GLU B 531 -23.18 -20.22 44.99
CA GLU B 531 -24.03 -21.31 44.52
C GLU B 531 -23.45 -21.96 43.26
N HIS B 532 -22.97 -21.14 42.32
CA HIS B 532 -22.39 -21.71 41.11
C HIS B 532 -21.16 -22.54 41.43
N GLN B 533 -20.28 -22.03 42.30
CA GLN B 533 -19.09 -22.76 42.70
C GLN B 533 -19.45 -24.07 43.39
N ASP B 534 -20.42 -24.03 44.31
CA ASP B 534 -20.81 -25.22 45.04
C ASP B 534 -21.41 -26.27 44.11
N ARG B 535 -22.29 -25.84 43.21
CA ARG B 535 -22.98 -26.78 42.34
C ARG B 535 -22.03 -27.42 41.34
N ILE B 536 -21.21 -26.60 40.67
CA ILE B 536 -20.30 -27.15 39.66
C ILE B 536 -19.29 -28.08 40.30
N HIS B 537 -18.79 -27.73 41.48
CA HIS B 537 -17.92 -28.63 42.23
C HIS B 537 -18.73 -29.45 43.24
N GLN C 46 47.80 49.97 26.67
CA GLN C 46 47.65 51.06 27.61
C GLN C 46 48.34 50.72 28.94
N SER C 47 49.11 51.67 29.46
CA SER C 47 49.90 51.41 30.67
C SER C 47 49.01 51.05 31.85
N ALA C 48 47.95 51.83 32.08
CA ALA C 48 47.01 51.50 33.15
C ALA C 48 46.33 50.17 32.89
N LEU C 49 45.91 49.93 31.65
CA LEU C 49 45.24 48.68 31.30
C LEU C 49 46.17 47.49 31.47
N LEU C 50 47.39 47.60 30.97
CA LEU C 50 48.36 46.51 31.10
C LEU C 50 48.72 46.26 32.56
N ARG C 51 48.89 47.32 33.34
CA ARG C 51 49.20 47.15 34.75
C ARG C 51 48.06 46.48 35.51
N THR C 52 46.82 46.88 35.22
CA THR C 52 45.68 46.24 35.86
C THR C 52 45.58 44.77 35.45
N GLY C 53 45.82 44.49 34.16
CA GLY C 53 45.83 43.11 33.72
C GLY C 53 46.89 42.28 34.41
N LYS C 54 48.09 42.84 34.59
CA LYS C 54 49.15 42.11 35.27
C LYS C 54 48.83 41.90 36.74
N GLN C 55 48.23 42.90 37.39
CA GLN C 55 47.91 42.76 38.81
C GLN C 55 46.73 41.83 39.02
N LEU C 56 45.90 41.62 37.99
CA LEU C 56 44.88 40.58 38.07
C LEU C 56 45.48 39.20 37.80
N PHE C 57 46.40 39.12 36.83
CA PHE C 57 46.99 37.85 36.43
C PHE C 57 47.87 37.29 37.55
N GLU C 58 48.58 38.15 38.26
CA GLU C 58 49.53 37.70 39.28
C GLU C 58 48.85 37.19 40.54
N THR C 59 47.53 37.38 40.66
CA THR C 59 46.78 36.84 41.79
C THR C 59 45.67 35.90 41.37
N SER C 60 45.63 35.51 40.10
CA SER C 60 44.63 34.56 39.64
C SER C 60 45.15 33.49 38.69
N CYS C 61 46.36 33.60 38.16
CA CYS C 61 46.83 32.69 37.11
C CYS C 61 48.25 32.18 37.31
N VAL C 62 49.06 32.79 38.17
CA VAL C 62 50.46 32.42 38.25
C VAL C 62 50.66 31.04 38.86
N SER C 63 49.79 30.62 39.77
CA SER C 63 49.95 29.33 40.43
C SER C 63 49.87 28.17 39.44
N CYS C 64 49.31 28.39 38.26
CA CYS C 64 49.21 27.36 37.24
C CYS C 64 49.87 27.75 35.93
N HIS C 65 50.21 29.01 35.71
CA HIS C 65 50.73 29.45 34.43
C HIS C 65 52.10 30.10 34.51
N GLY C 66 52.75 30.11 35.68
CA GLY C 66 54.19 30.31 35.76
C GLY C 66 54.67 31.73 35.95
N ALA C 67 53.77 32.72 35.98
CA ALA C 67 54.07 34.09 36.34
C ALA C 67 54.88 34.83 35.27
N ASN C 68 55.32 34.10 34.25
CA ASN C 68 55.90 34.70 33.05
C ASN C 68 55.23 34.13 31.80
N LEU C 69 54.06 33.53 31.98
CA LEU C 69 53.19 32.97 30.94
C LEU C 69 53.75 31.71 30.30
N GLN C 70 54.86 31.17 30.79
CA GLN C 70 55.27 29.82 30.44
C GLN C 70 54.67 28.87 31.48
N GLY C 71 54.17 27.74 31.02
CA GLY C 71 53.37 26.90 31.89
C GLY C 71 54.09 26.32 33.09
N VAL C 72 53.33 26.02 34.14
CA VAL C 72 53.84 25.27 35.28
C VAL C 72 53.86 23.81 34.86
N PRO C 73 54.99 23.09 35.06
CA PRO C 73 55.17 21.76 34.45
C PRO C 73 53.95 20.85 34.42
N ASP C 74 53.31 20.64 35.58
CA ASP C 74 52.19 19.69 35.65
C ASP C 74 50.99 20.35 36.33
N ARG C 75 50.85 21.66 36.08
CA ARG C 75 49.63 22.34 36.50
C ARG C 75 48.92 23.00 35.32
N GLY C 76 49.67 23.72 34.48
CA GLY C 76 49.07 24.40 33.36
C GLY C 76 50.00 24.57 32.17
N PRO C 77 49.42 24.78 30.99
CA PRO C 77 50.23 24.98 29.79
C PRO C 77 50.76 26.41 29.69
N SER C 78 51.62 26.62 28.70
CA SER C 78 52.15 27.94 28.43
C SER C 78 51.07 28.85 27.85
N LEU C 79 51.22 30.15 28.10
CA LEU C 79 50.26 31.15 27.63
C LEU C 79 50.86 32.10 26.60
N ILE C 80 51.84 31.65 25.83
CA ILE C 80 52.45 32.48 24.79
C ILE C 80 51.75 32.19 23.48
N GLY C 81 51.11 33.22 22.91
CA GLY C 81 50.49 33.14 21.62
C GLY C 81 48.99 32.93 21.62
N THR C 82 48.41 32.55 22.77
CA THR C 82 46.97 32.29 22.81
C THR C 82 46.17 33.54 22.46
N GLY C 83 46.48 34.66 23.12
CA GLY C 83 45.94 35.94 22.70
C GLY C 83 44.67 36.37 23.41
N GLU C 84 44.23 37.57 23.01
CA GLU C 84 43.07 38.19 23.62
C GLU C 84 41.82 37.33 23.40
N ALA C 85 41.69 36.71 22.23
CA ALA C 85 40.53 35.88 21.95
C ALA C 85 40.46 34.70 22.92
N ALA C 86 41.59 34.02 23.12
CA ALA C 86 41.62 32.88 24.05
C ALA C 86 41.32 33.34 25.46
N VAL C 87 41.92 34.46 25.89
CA VAL C 87 41.67 34.94 27.25
C VAL C 87 40.21 35.27 27.44
N TYR C 88 39.60 35.95 26.46
CA TYR C 88 38.20 36.31 26.56
C TYR C 88 37.32 35.07 26.64
N PHE C 89 37.55 34.09 25.76
CA PHE C 89 36.69 32.92 25.80
C PHE C 89 36.88 32.13 27.09
N GLN C 90 38.10 32.13 27.65
CA GLN C 90 38.33 31.35 28.87
C GLN C 90 37.71 32.03 30.08
N VAL C 91 37.82 33.34 30.17
CA VAL C 91 37.38 34.03 31.39
C VAL C 91 35.91 34.45 31.31
N SER C 92 35.49 35.05 30.19
CA SER C 92 34.12 35.50 30.06
C SER C 92 33.11 34.37 30.12
N THR C 93 33.52 33.16 29.75
CA THR C 93 32.69 31.98 29.96
C THR C 93 32.73 31.53 31.42
N GLY C 94 33.71 31.99 32.18
CA GLY C 94 33.88 31.59 33.55
C GLY C 94 34.55 30.26 33.75
N ARG C 95 34.93 29.58 32.67
CA ARG C 95 35.70 28.35 32.82
C ARG C 95 36.96 28.60 33.60
N MET C 96 37.57 29.76 33.42
CA MET C 96 38.89 29.99 33.91
C MET C 96 38.84 31.20 34.84
N PRO C 97 39.44 31.15 36.03
CA PRO C 97 40.36 30.15 36.60
C PRO C 97 39.79 28.78 36.83
N ALA C 98 40.61 27.76 36.61
CA ALA C 98 40.28 26.40 36.98
C ALA C 98 40.58 26.15 38.45
N MET C 99 40.09 25.03 38.97
CA MET C 99 40.38 24.63 40.33
C MET C 99 40.95 23.22 40.45
N ARG C 100 40.62 22.33 39.52
CA ARG C 100 41.09 20.95 39.61
C ARG C 100 41.60 20.52 38.24
N GLY C 101 42.62 19.67 38.25
CA GLY C 101 43.11 19.05 37.04
C GLY C 101 42.36 17.76 36.81
N GLU C 102 41.53 17.76 35.77
CA GLU C 102 40.63 16.64 35.51
C GLU C 102 40.46 16.49 34.00
N ALA C 103 39.43 15.73 33.61
CA ALA C 103 39.19 15.50 32.20
C ALA C 103 38.78 16.76 31.47
N GLN C 104 38.11 17.70 32.16
CA GLN C 104 37.63 18.91 31.53
C GLN C 104 37.35 19.94 32.61
N ALA C 105 37.71 21.20 32.32
CA ALA C 105 37.36 22.31 33.20
C ALA C 105 35.98 22.82 32.84
N PRO C 106 35.02 22.79 33.76
CA PRO C 106 33.64 23.16 33.41
C PRO C 106 33.42 24.67 33.41
N SER C 107 32.32 25.06 32.75
CA SER C 107 31.94 26.47 32.72
C SER C 107 31.38 26.89 34.07
N LYS C 108 31.71 28.11 34.47
CA LYS C 108 31.29 28.66 35.76
C LYS C 108 30.89 30.11 35.58
N PRO C 109 30.33 30.77 36.59
CA PRO C 109 30.22 32.23 36.53
C PRO C 109 31.58 32.88 36.45
N PRO C 110 31.71 33.96 35.68
CA PRO C 110 33.03 34.61 35.54
C PRO C 110 33.56 35.10 36.87
N HIS C 111 34.89 35.03 37.02
CA HIS C 111 35.54 35.44 38.26
C HIS C 111 35.92 36.91 38.23
N PHE C 112 35.79 37.59 37.09
CA PHE C 112 36.05 39.02 36.95
C PHE C 112 34.93 39.72 36.20
N ASP C 113 35.13 40.99 35.86
CA ASP C 113 34.17 41.76 35.08
C ASP C 113 34.66 41.90 33.64
N GLU C 114 33.88 42.62 32.83
CA GLU C 114 34.23 42.80 31.43
C GLU C 114 35.54 43.58 31.27
N SER C 115 35.68 44.67 32.03
CA SER C 115 36.91 45.47 31.94
C SER C 115 38.12 44.67 32.39
N GLN C 116 37.96 43.87 33.45
CA GLN C 116 39.07 43.04 33.93
C GLN C 116 39.43 41.97 32.92
N ILE C 117 38.43 41.37 32.26
CA ILE C 117 38.70 40.41 31.20
C ILE C 117 39.46 41.09 30.06
N ASP C 118 39.09 42.33 29.73
CA ASP C 118 39.80 43.07 28.71
C ASP C 118 41.25 43.33 29.11
N ALA C 119 41.47 43.68 30.39
CA ALA C 119 42.83 43.92 30.87
C ALA C 119 43.68 42.66 30.81
N LEU C 120 43.10 41.52 31.21
CA LEU C 120 43.84 40.26 31.15
C LEU C 120 44.12 39.85 29.71
N GLY C 121 43.16 40.08 28.82
CA GLY C 121 43.39 39.81 27.41
C GLY C 121 44.50 40.66 26.84
N ALA C 122 44.51 41.96 27.18
CA ALA C 122 45.58 42.84 26.73
C ALA C 122 46.93 42.38 27.27
N TYR C 123 46.98 41.97 28.53
CA TYR C 123 48.23 41.50 29.12
C TYR C 123 48.76 40.28 28.38
N VAL C 124 47.93 39.26 28.22
CA VAL C 124 48.40 38.02 27.61
C VAL C 124 48.72 38.24 26.13
N GLN C 125 47.95 39.11 25.46
CA GLN C 125 48.21 39.40 24.06
C GLN C 125 49.55 40.12 23.90
N ALA C 126 49.80 41.14 24.72
CA ALA C 126 51.02 41.92 24.57
C ALA C 126 52.26 41.12 24.96
N ASN C 127 52.15 40.29 25.99
CA ASN C 127 53.30 39.47 26.36
C ASN C 127 53.60 38.39 25.33
N GLY C 128 52.56 37.88 24.66
CA GLY C 128 52.75 36.92 23.59
C GLY C 128 52.39 37.51 22.24
N GLY C 129 51.18 37.22 21.78
CA GLY C 129 50.68 37.74 20.53
C GLY C 129 49.91 36.69 19.76
N GLY C 130 48.68 37.02 19.38
CA GLY C 130 47.82 36.07 18.72
C GLY C 130 46.47 36.66 18.37
N PRO C 131 45.46 35.80 18.22
CA PRO C 131 44.14 36.26 17.77
C PRO C 131 43.49 37.19 18.78
N THR C 132 42.64 38.07 18.27
CA THR C 132 41.95 39.07 19.07
C THR C 132 40.44 38.89 18.90
N VAL C 133 39.68 39.38 19.87
CA VAL C 133 38.23 39.37 19.81
C VAL C 133 37.78 40.48 18.85
N PRO C 134 36.74 40.25 18.04
CA PRO C 134 36.21 41.33 17.22
C PRO C 134 35.57 42.41 18.08
N ARG C 135 36.07 43.63 17.95
CA ARG C 135 35.56 44.77 18.70
C ARG C 135 34.46 45.47 17.91
N ASP C 136 33.73 46.33 18.60
CA ASP C 136 32.66 47.13 18.02
C ASP C 136 33.09 48.59 17.93
N ASP C 137 32.16 49.44 17.49
CA ASP C 137 32.47 50.86 17.27
C ASP C 137 32.78 51.59 18.57
N HIS C 138 32.44 51.02 19.73
CA HIS C 138 32.53 51.73 20.99
C HIS C 138 33.54 51.13 21.95
N GLY C 139 34.39 50.22 21.49
CA GLY C 139 35.44 49.63 22.30
C GLY C 139 35.09 48.30 22.94
N ALA C 140 33.81 47.95 22.99
CA ALA C 140 33.39 46.68 23.56
C ALA C 140 33.60 45.57 22.52
N VAL C 141 33.07 44.40 22.80
CA VAL C 141 33.11 43.28 21.85
C VAL C 141 31.80 43.22 21.11
N ALA C 142 31.87 43.04 19.79
CA ALA C 142 30.67 43.05 18.96
C ALA C 142 29.80 41.83 19.26
N GLN C 143 28.53 42.08 19.55
CA GLN C 143 27.59 41.00 19.84
C GLN C 143 26.54 40.87 18.74
N GLU C 144 25.82 41.94 18.43
CA GLU C 144 24.84 41.88 17.34
C GLU C 144 25.50 41.90 15.98
N SER C 145 26.63 42.62 15.87
CA SER C 145 27.36 42.68 14.61
C SER C 145 27.89 41.31 14.19
N LEU C 146 28.18 40.44 15.16
CA LEU C 146 28.66 39.10 14.83
C LEU C 146 27.56 38.19 14.31
N ILE C 147 26.30 38.51 14.56
CA ILE C 147 25.19 37.71 14.06
C ILE C 147 25.16 37.80 12.53
N GLY C 148 25.42 36.68 11.86
CA GLY C 148 25.45 36.67 10.42
C GLY C 148 24.06 36.73 9.81
N GLY C 149 24.05 36.89 8.49
CA GLY C 149 22.81 36.96 7.74
C GLY C 149 22.32 35.60 7.28
N ASP C 150 23.17 34.87 6.57
CA ASP C 150 22.83 33.57 6.03
C ASP C 150 22.73 32.51 7.12
N VAL C 151 21.52 32.08 7.44
CA VAL C 151 21.35 31.08 8.49
C VAL C 151 21.30 29.67 7.91
N ALA C 152 20.86 29.51 6.66
CA ALA C 152 20.97 28.20 6.02
C ALA C 152 22.42 27.79 5.84
N ARG C 153 23.28 28.73 5.43
CA ARG C 153 24.69 28.42 5.28
C ARG C 153 25.34 28.16 6.64
N GLY C 154 24.98 28.96 7.64
CA GLY C 154 25.45 28.70 8.99
C GLY C 154 25.03 27.32 9.48
N GLY C 155 23.81 26.91 9.14
CA GLY C 155 23.37 25.57 9.51
C GLY C 155 24.13 24.47 8.82
N ASP C 156 24.39 24.64 7.52
CA ASP C 156 25.18 23.65 6.80
C ASP C 156 26.59 23.56 7.38
N LEU C 157 27.21 24.71 7.66
CA LEU C 157 28.55 24.72 8.24
C LEU C 157 28.55 24.10 9.63
N PHE C 158 27.54 24.40 10.44
CA PHE C 158 27.43 23.82 11.77
C PHE C 158 27.28 22.31 11.70
N ARG C 159 26.43 21.82 10.79
CA ARG C 159 26.23 20.39 10.69
C ARG C 159 27.48 19.68 10.16
N LEU C 160 28.24 20.33 9.28
CA LEU C 160 29.45 19.70 8.76
C LEU C 160 30.57 19.71 9.81
N ASN C 161 30.74 20.83 10.52
CA ASN C 161 31.87 21.02 11.42
C ASN C 161 31.52 20.83 12.88
N CYS C 162 30.33 21.25 13.31
CA CYS C 162 30.03 21.43 14.73
C CYS C 162 29.06 20.38 15.27
N ALA C 163 28.01 20.06 14.51
CA ALA C 163 26.97 19.15 14.99
C ALA C 163 27.51 17.77 15.32
N SER C 164 28.68 17.42 14.78
CA SER C 164 29.28 16.12 15.08
C SER C 164 29.57 15.95 16.57
N CYS C 165 29.73 17.05 17.31
CA CYS C 165 30.11 16.97 18.70
C CYS C 165 29.05 17.46 19.68
N HIS C 166 28.20 18.41 19.30
CA HIS C 166 27.12 18.80 20.21
C HIS C 166 25.85 18.03 19.84
N ASN C 167 25.21 18.42 18.74
CA ASN C 167 24.21 17.65 18.02
C ASN C 167 23.70 18.54 16.90
N PHE C 168 22.67 18.07 16.18
CA PHE C 168 21.98 18.89 15.20
C PHE C 168 21.83 20.35 15.64
N THR C 169 21.28 20.56 16.85
CA THR C 169 20.94 21.90 17.32
C THR C 169 21.78 22.33 18.52
N GLY C 170 23.00 21.80 18.63
CA GLY C 170 23.93 22.28 19.65
C GLY C 170 23.53 21.99 21.07
N LYS C 171 22.80 20.90 21.31
CA LYS C 171 22.34 20.58 22.66
C LYS C 171 23.40 19.91 23.50
N GLY C 172 24.57 19.62 22.92
CA GLY C 172 25.66 19.03 23.67
C GLY C 172 25.79 17.53 23.43
N GLY C 173 27.01 17.03 23.61
CA GLY C 173 27.28 15.62 23.41
C GLY C 173 28.49 15.20 24.22
N ALA C 174 28.58 13.89 24.44
CA ALA C 174 29.63 13.33 25.28
C ALA C 174 30.86 12.95 24.45
N LEU C 175 32.01 12.97 25.11
CA LEU C 175 33.29 12.64 24.49
C LEU C 175 33.91 11.43 25.19
N SER C 176 35.17 11.17 24.87
CA SER C 176 35.82 9.91 25.21
C SER C 176 35.88 9.62 26.71
N SER C 177 36.70 10.38 27.45
CA SER C 177 36.98 10.06 28.85
C SER C 177 36.65 11.27 29.72
N GLY C 178 35.40 11.35 30.17
CA GLY C 178 34.96 12.42 31.03
C GLY C 178 34.72 13.74 30.35
N LYS C 179 35.24 13.94 29.14
CA LYS C 179 35.08 15.16 28.38
C LYS C 179 33.73 15.16 27.68
N TYR C 180 33.31 16.34 27.25
CA TYR C 180 32.05 16.50 26.52
C TYR C 180 32.05 17.86 25.85
N ALA C 181 31.14 18.00 24.88
CA ALA C 181 30.91 19.28 24.23
C ALA C 181 29.67 19.92 24.80
N PRO C 182 29.75 21.09 25.44
CA PRO C 182 28.64 21.59 26.25
C PRO C 182 27.47 22.07 25.40
N ASP C 183 26.35 22.30 26.09
CA ASP C 183 25.18 22.90 25.47
C ASP C 183 25.48 24.35 25.12
N LEU C 184 25.17 24.73 23.88
CA LEU C 184 25.55 26.04 23.35
C LEU C 184 24.51 27.13 23.62
N GLY C 185 23.41 26.80 24.31
CA GLY C 185 22.30 27.73 24.37
C GLY C 185 22.65 29.03 25.09
N ASP C 186 23.28 28.92 26.25
CA ASP C 186 23.58 30.09 27.07
C ASP C 186 25.02 30.56 26.82
N ALA C 187 25.22 31.10 25.62
CA ALA C 187 26.50 31.66 25.23
C ALA C 187 26.26 32.77 24.22
N ASN C 188 26.76 33.97 24.52
CA ASN C 188 26.59 35.12 23.65
C ASN C 188 27.51 35.00 22.43
N PRO C 189 27.25 35.78 21.37
CA PRO C 189 27.97 35.56 20.10
C PRO C 189 29.49 35.62 20.20
N ALA C 190 30.05 36.53 21.01
CA ALA C 190 31.49 36.66 21.06
C ALA C 190 32.15 35.41 21.62
N GLN C 191 31.49 34.75 22.58
CA GLN C 191 32.00 33.48 23.09
C GLN C 191 31.99 32.40 22.02
N ILE C 192 30.93 32.33 21.22
CA ILE C 192 30.88 31.37 20.12
C ILE C 192 32.01 31.64 19.14
N TYR C 193 32.19 32.91 18.77
CA TYR C 193 33.21 33.29 17.81
C TYR C 193 34.61 32.96 18.31
N THR C 194 34.89 33.26 19.58
CA THR C 194 36.22 32.98 20.12
C THR C 194 36.42 31.52 20.44
N ALA C 195 35.35 30.74 20.63
CA ALA C 195 35.50 29.30 20.78
C ALA C 195 35.85 28.66 19.45
N MET C 196 35.20 29.11 18.37
CA MET C 196 35.64 28.68 17.05
C MET C 196 37.07 29.11 16.78
N LEU C 197 37.41 30.35 17.14
CA LEU C 197 38.69 30.92 16.74
C LEU C 197 39.86 30.29 17.50
N THR C 198 39.66 29.97 18.78
CA THR C 198 40.71 29.39 19.63
C THR C 198 40.13 28.15 20.33
N GLY C 199 40.25 26.99 19.70
CA GLY C 199 39.76 25.75 20.27
C GLY C 199 40.41 25.42 21.60
N PRO C 200 39.65 25.54 22.69
CA PRO C 200 40.23 25.42 24.04
C PRO C 200 40.89 24.08 24.35
N GLN C 201 40.11 23.02 24.30
CA GLN C 201 40.57 21.70 24.76
C GLN C 201 39.70 20.65 24.08
N ASN C 202 40.32 19.82 23.24
CA ASN C 202 39.65 18.80 22.45
C ASN C 202 38.67 19.40 21.45
N MET C 203 38.62 20.72 21.35
CA MET C 203 37.99 21.43 20.24
C MET C 203 39.01 21.64 19.14
N PRO C 204 38.74 21.23 17.90
CA PRO C 204 39.62 21.62 16.80
C PRO C 204 39.66 23.14 16.66
N LYS C 205 40.82 23.64 16.25
CA LYS C 205 41.02 25.08 16.11
C LYS C 205 40.60 25.52 14.72
N PHE C 206 39.66 26.45 14.65
CA PHE C 206 39.12 26.95 13.38
C PHE C 206 39.73 28.32 13.12
N SER C 207 40.79 28.35 12.32
CA SER C 207 41.47 29.60 12.00
C SER C 207 40.60 30.46 11.07
N ASP C 208 41.03 31.71 10.88
CA ASP C 208 40.28 32.65 10.07
C ASP C 208 40.30 32.31 8.58
N ARG C 209 41.16 31.39 8.15
CA ARG C 209 41.15 30.93 6.76
C ARG C 209 40.46 29.59 6.59
N GLN C 210 40.49 28.74 7.62
CA GLN C 210 39.66 27.54 7.62
C GLN C 210 38.18 27.91 7.71
N LEU C 211 37.83 28.79 8.62
CA LEU C 211 36.49 29.37 8.73
C LEU C 211 36.64 30.88 8.61
N THR C 212 36.24 31.44 7.47
CA THR C 212 36.36 32.86 7.24
C THR C 212 35.41 33.61 8.17
N PRO C 213 35.66 34.92 8.39
CA PRO C 213 34.77 35.68 9.28
C PRO C 213 33.31 35.65 8.86
N ASP C 214 33.01 35.69 7.56
CA ASP C 214 31.61 35.57 7.15
C ASP C 214 31.05 34.20 7.48
N GLU C 215 31.84 33.14 7.29
CA GLU C 215 31.41 31.80 7.69
C GLU C 215 31.20 31.73 9.20
N LYS C 216 32.11 32.31 9.98
CA LYS C 216 31.97 32.29 11.43
C LYS C 216 30.70 33.04 11.86
N ARG C 217 30.41 34.17 11.22
CA ARG C 217 29.20 34.90 11.55
C ARG C 217 27.94 34.13 11.16
N ASP C 218 27.97 33.41 10.03
CA ASP C 218 26.85 32.56 9.67
C ASP C 218 26.63 31.47 10.70
N ILE C 219 27.71 30.84 11.18
CA ILE C 219 27.58 29.81 12.19
C ILE C 219 27.05 30.41 13.49
N VAL C 220 27.53 31.59 13.87
CA VAL C 220 27.02 32.27 15.07
C VAL C 220 25.52 32.52 14.93
N ALA C 221 25.11 32.99 13.76
CA ALA C 221 23.69 33.27 13.53
C ALA C 221 22.86 32.01 13.65
N TYR C 222 23.32 30.92 13.06
CA TYR C 222 22.56 29.67 13.15
C TYR C 222 22.49 29.17 14.57
N VAL C 223 23.58 29.28 15.33
CA VAL C 223 23.58 28.79 16.71
C VAL C 223 22.61 29.61 17.56
N ARG C 224 22.63 30.93 17.40
CA ARG C 224 21.70 31.76 18.16
C ARG C 224 20.25 31.49 17.75
N GLU C 225 20.01 31.31 16.45
CA GLU C 225 18.66 31.02 15.99
C GLU C 225 18.16 29.69 16.54
N SER C 226 19.01 28.67 16.56
CA SER C 226 18.60 27.37 17.09
C SER C 226 18.39 27.42 18.60
N ALA C 227 19.19 28.23 19.31
CA ALA C 227 18.97 28.38 20.74
C ALA C 227 17.64 29.09 21.01
N GLU C 228 17.31 30.11 20.21
CA GLU C 228 16.20 31.00 20.50
C GLU C 228 14.90 30.60 19.80
N THR C 229 14.89 29.48 19.09
CA THR C 229 13.66 29.09 18.40
C THR C 229 12.81 28.18 19.28
N PRO C 230 11.54 28.50 19.49
CA PRO C 230 10.65 27.58 20.21
C PRO C 230 10.27 26.38 19.36
N SER C 231 10.02 25.26 20.04
CA SER C 231 9.58 24.06 19.36
C SER C 231 8.18 24.26 18.79
N TYR C 232 7.96 23.77 17.58
CA TYR C 232 6.68 23.95 16.91
C TYR C 232 5.69 22.83 17.20
N GLY C 233 6.17 21.60 17.32
CA GLY C 233 5.29 20.46 17.53
C GLY C 233 4.73 20.35 18.93
N GLY C 234 5.22 21.14 19.87
CA GLY C 234 4.75 21.07 21.24
C GLY C 234 5.87 21.35 22.22
N TYR C 235 6.06 20.46 23.18
CA TYR C 235 7.17 20.58 24.11
C TYR C 235 8.37 19.81 23.58
N GLY C 236 9.46 20.53 23.33
CA GLY C 236 10.70 19.90 22.92
C GLY C 236 11.27 19.09 24.06
N LEU C 237 11.37 17.77 23.89
CA LEU C 237 11.82 16.89 24.96
C LEU C 237 13.35 16.89 25.04
N GLY C 238 13.89 18.07 25.35
CA GLY C 238 15.32 18.24 25.50
C GLY C 238 16.08 18.39 24.20
N GLY C 239 15.44 18.17 23.05
CA GLY C 239 16.11 18.32 21.78
C GLY C 239 17.11 17.23 21.45
N PHE C 240 16.95 16.04 22.03
CA PHE C 240 17.90 14.95 21.83
C PHE C 240 17.39 13.83 20.92
N GLY C 241 16.08 13.73 20.73
CA GLY C 241 15.55 12.75 19.82
C GLY C 241 14.84 11.59 20.50
N PRO C 242 15.05 10.39 19.98
CA PRO C 242 14.20 9.25 20.39
C PRO C 242 14.34 8.83 21.85
N ALA C 243 15.42 9.21 22.55
CA ALA C 243 15.56 8.76 23.94
C ALA C 243 14.54 9.45 24.85
N PRO C 244 14.47 10.79 24.92
CA PRO C 244 13.39 11.39 25.70
C PRO C 244 12.00 11.07 25.19
N GLU C 245 11.86 10.86 23.87
CA GLU C 245 10.56 10.47 23.32
C GLU C 245 10.11 9.13 23.88
N GLY C 246 11.00 8.14 23.89
CA GLY C 246 10.65 6.85 24.45
C GLY C 246 10.40 6.91 25.94
N MET C 247 11.20 7.71 26.65
CA MET C 247 10.94 7.87 28.08
C MET C 247 9.58 8.51 28.35
N ALA C 248 9.22 9.51 27.54
CA ALA C 248 7.91 10.15 27.69
C ALA C 248 6.79 9.18 27.38
N MET C 249 6.94 8.37 26.32
CA MET C 249 5.92 7.39 25.99
C MET C 249 5.76 6.37 27.10
N TRP C 250 6.86 5.90 27.68
CA TRP C 250 6.77 4.89 28.73
C TRP C 250 6.25 5.47 30.03
N ILE C 251 6.49 6.76 30.30
CA ILE C 251 6.16 7.34 31.59
C ILE C 251 4.89 8.19 31.54
N ILE C 252 4.41 8.57 30.37
CA ILE C 252 3.17 9.34 30.28
C ILE C 252 2.12 8.53 29.53
N GLY C 253 2.41 8.19 28.27
CA GLY C 253 1.44 7.49 27.45
C GLY C 253 1.11 6.11 27.98
N MET C 254 2.13 5.31 28.27
CA MET C 254 1.89 3.96 28.75
C MET C 254 1.34 3.96 30.17
N VAL C 255 1.82 4.87 31.02
CA VAL C 255 1.29 4.96 32.38
C VAL C 255 -0.20 5.31 32.35
N ALA C 256 -0.55 6.32 31.54
CA ALA C 256 -1.96 6.71 31.43
C ALA C 256 -2.80 5.58 30.84
N ALA C 257 -2.27 4.89 29.82
CA ALA C 257 -3.01 3.79 29.20
C ALA C 257 -3.26 2.67 30.20
N ILE C 258 -2.23 2.29 30.96
CA ILE C 258 -2.38 1.23 31.94
C ILE C 258 -3.32 1.64 33.06
N GLY C 259 -3.24 2.90 33.50
CA GLY C 259 -4.17 3.38 34.51
C GLY C 259 -5.61 3.36 34.04
N VAL C 260 -5.83 3.73 32.78
CA VAL C 260 -7.17 3.67 32.21
C VAL C 260 -7.65 2.23 32.12
N ALA C 261 -6.76 1.30 31.74
CA ALA C 261 -7.12 -0.10 31.69
C ALA C 261 -7.48 -0.64 33.07
N MET C 262 -6.72 -0.23 34.09
CA MET C 262 -7.03 -0.64 35.46
C MET C 262 -8.36 -0.06 35.93
N TRP C 263 -8.67 1.17 35.52
CA TRP C 263 -9.96 1.76 35.85
C TRP C 263 -11.10 1.01 35.19
N ILE C 264 -10.95 0.69 33.90
CA ILE C 264 -12.01 0.02 33.16
C ILE C 264 -12.16 -1.43 33.62
N GLY C 265 -11.03 -2.13 33.77
CA GLY C 265 -11.06 -3.54 34.10
C GLY C 265 -11.21 -3.79 35.58
N SER C 266 -10.90 -5.02 35.98
CA SER C 266 -11.06 -5.46 37.36
C SER C 266 -9.81 -6.20 37.82
N ARG C 267 -9.69 -6.37 39.14
CA ARG C 267 -8.57 -7.06 39.73
C ARG C 267 -8.86 -8.56 39.86
N ALA C 268 -8.01 -9.25 40.60
CA ALA C 268 -8.11 -10.70 40.81
C ALA C 268 -8.03 -11.46 39.49
N GLY D 11 11.54 -30.50 41.42
CA GLY D 11 12.79 -30.68 42.14
C GLY D 11 12.82 -29.98 43.47
N VAL D 12 11.66 -29.49 43.91
CA VAL D 12 11.54 -28.79 45.18
C VAL D 12 10.36 -29.37 45.95
N ASP D 13 10.31 -29.06 47.24
CA ASP D 13 9.26 -29.51 48.13
C ASP D 13 8.35 -28.35 48.51
N VAL D 14 7.14 -28.69 48.96
CA VAL D 14 6.18 -27.67 49.37
C VAL D 14 6.74 -26.79 50.47
N GLU D 15 7.64 -27.34 51.30
CA GLU D 15 8.23 -26.55 52.38
C GLU D 15 9.17 -25.48 51.83
N ASP D 16 9.85 -25.75 50.72
CA ASP D 16 10.76 -24.78 50.12
C ASP D 16 10.04 -23.82 49.18
N VAL D 17 9.25 -24.36 48.25
CA VAL D 17 8.44 -23.54 47.35
C VAL D 17 6.98 -23.91 47.58
N PRO D 18 6.24 -23.11 48.36
CA PRO D 18 4.85 -23.48 48.70
C PRO D 18 3.98 -23.83 47.50
N SER D 19 4.03 -23.00 46.46
CA SER D 19 3.21 -23.22 45.27
C SER D 19 3.97 -24.01 44.20
N ALA D 20 4.52 -25.15 44.59
CA ALA D 20 5.32 -25.94 43.65
C ALA D 20 4.45 -26.69 42.66
N GLU D 21 3.29 -27.19 43.10
CA GLU D 21 2.41 -27.92 42.20
C GLU D 21 1.81 -27.04 41.12
N TRP D 22 1.85 -25.72 41.28
CA TRP D 22 1.12 -24.82 40.41
C TRP D 22 1.91 -24.40 39.19
N GLY D 23 3.24 -24.45 39.24
CA GLY D 23 4.02 -24.06 38.08
C GLY D 23 5.48 -24.42 38.25
N TRP D 24 6.20 -24.27 37.14
CA TRP D 24 7.64 -24.52 37.09
C TRP D 24 8.36 -23.76 38.21
N SER D 25 9.00 -24.51 39.10
CA SER D 25 9.55 -23.92 40.32
C SER D 25 10.94 -24.41 40.68
N HIS D 26 11.61 -25.20 39.85
CA HIS D 26 12.94 -25.69 40.14
C HIS D 26 13.82 -25.58 38.91
N MET D 27 15.05 -25.08 39.12
CA MET D 27 16.10 -25.10 38.11
C MET D 27 17.26 -25.94 38.61
N PRO D 28 17.73 -26.93 37.85
CA PRO D 28 18.84 -27.76 38.34
C PRO D 28 20.07 -26.92 38.63
N ILE D 29 20.73 -27.25 39.74
CA ILE D 29 21.86 -26.44 40.21
C ILE D 29 23.03 -26.50 39.24
N GLY D 30 23.09 -27.54 38.42
CA GLY D 30 24.11 -27.59 37.38
C GLY D 30 24.01 -26.42 36.42
N VAL D 31 22.79 -26.05 36.03
CA VAL D 31 22.63 -24.91 35.13
C VAL D 31 23.23 -23.66 35.75
N MET D 32 22.97 -23.43 37.05
CA MET D 32 23.50 -22.25 37.71
C MET D 32 25.02 -22.31 37.86
N HIS D 33 25.56 -23.50 38.17
CA HIS D 33 27.01 -23.61 38.34
C HIS D 33 27.75 -23.35 37.04
N ILE D 34 27.38 -24.06 35.97
CA ILE D 34 27.99 -23.79 34.67
C ILE D 34 27.70 -22.38 34.19
N GLY D 35 26.53 -21.82 34.51
CA GLY D 35 26.29 -20.43 34.17
C GLY D 35 27.26 -19.48 34.84
N GLY D 36 27.54 -19.71 36.12
CA GLY D 36 28.52 -18.89 36.81
C GLY D 36 29.91 -19.04 36.22
N LEU D 37 30.32 -20.27 35.93
CA LEU D 37 31.63 -20.49 35.34
C LEU D 37 31.74 -19.80 33.98
N LEU D 38 30.70 -19.90 33.16
CA LEU D 38 30.72 -19.27 31.85
C LEU D 38 30.71 -17.75 31.94
N SER D 39 29.95 -17.20 32.90
CA SER D 39 29.95 -15.76 33.09
C SER D 39 31.32 -15.26 33.53
N ALA D 40 31.98 -16.01 34.42
CA ALA D 40 33.33 -15.66 34.82
C ALA D 40 34.30 -15.74 33.65
N ALA D 41 34.16 -16.79 32.82
CA ALA D 41 35.02 -16.92 31.65
C ALA D 41 34.81 -15.77 30.67
N PHE D 42 33.56 -15.33 30.51
CA PHE D 42 33.28 -14.19 29.63
C PHE D 42 33.90 -12.91 30.19
N LEU D 43 33.76 -12.68 31.49
CA LEU D 43 34.36 -11.51 32.09
C LEU D 43 35.88 -11.52 31.93
N LEU D 44 36.49 -12.70 32.08
CA LEU D 44 37.93 -12.81 31.89
C LEU D 44 38.32 -12.56 30.44
N VAL D 45 37.63 -13.21 29.49
CA VAL D 45 38.00 -13.10 28.09
C VAL D 45 37.75 -11.69 27.56
N MET D 46 36.91 -10.90 28.22
CA MET D 46 36.75 -9.51 27.80
C MET D 46 37.99 -8.66 28.06
N MET D 47 39.02 -9.21 28.71
CA MET D 47 40.26 -8.48 28.90
C MET D 47 41.12 -8.44 27.65
N ARG D 48 40.80 -9.25 26.65
CA ARG D 48 41.50 -9.23 25.37
C ARG D 48 40.73 -8.31 24.42
N GLY D 49 41.39 -7.27 23.94
CA GLY D 49 40.73 -6.31 23.07
C GLY D 49 41.56 -5.08 22.87
N ASN D 50 40.87 -3.97 22.61
CA ASN D 50 41.51 -2.68 22.33
C ASN D 50 41.17 -1.69 23.44
N HIS D 51 42.10 -1.50 24.37
CA HIS D 51 42.01 -0.42 25.35
C HIS D 51 43.36 -0.19 26.04
N VAL D 52 43.78 1.07 26.11
CA VAL D 52 45.06 1.40 26.73
C VAL D 52 45.03 1.12 28.22
N GLY D 53 43.95 1.53 28.89
CA GLY D 53 43.92 1.48 30.33
C GLY D 53 43.68 0.09 30.89
N HIS D 54 43.94 -0.04 32.19
CA HIS D 54 43.86 -1.33 32.86
C HIS D 54 43.02 -1.30 34.14
N VAL D 55 42.23 -0.26 34.36
CA VAL D 55 41.31 -0.26 35.49
C VAL D 55 40.16 -1.22 35.23
N GLU D 56 39.67 -1.24 33.99
CA GLU D 56 38.57 -2.13 33.62
C GLU D 56 38.98 -3.59 33.75
N ASP D 57 40.26 -3.90 33.48
CA ASP D 57 40.73 -5.26 33.67
C ASP D 57 40.62 -5.68 35.13
N TRP D 58 40.94 -4.77 36.05
CA TRP D 58 40.84 -5.10 37.46
C TRP D 58 39.38 -5.22 37.90
N PHE D 59 38.49 -4.39 37.34
CA PHE D 59 37.07 -4.56 37.63
C PHE D 59 36.55 -5.91 37.15
N LEU D 60 36.93 -6.31 35.93
CA LEU D 60 36.54 -7.61 35.42
C LEU D 60 37.09 -8.73 36.29
N ILE D 61 38.35 -8.62 36.69
CA ILE D 61 38.96 -9.66 37.53
C ILE D 61 38.24 -9.76 38.87
N GLY D 62 37.91 -8.61 39.47
CA GLY D 62 37.21 -8.64 40.74
C GLY D 62 35.83 -9.26 40.65
N PHE D 63 35.07 -8.90 39.61
CA PHE D 63 33.73 -9.48 39.46
C PHE D 63 33.80 -10.97 39.15
N ALA D 64 34.76 -11.37 38.31
CA ALA D 64 34.93 -12.80 38.03
C ALA D 64 35.34 -13.55 39.29
N ALA D 65 36.20 -12.96 40.12
CA ALA D 65 36.57 -13.59 41.37
C ALA D 65 35.37 -13.76 42.30
N VAL D 66 34.52 -12.73 42.38
CA VAL D 66 33.33 -12.83 43.22
C VAL D 66 32.42 -13.96 42.71
N ILE D 67 32.23 -14.04 41.39
CA ILE D 67 31.34 -15.06 40.84
C ILE D 67 31.90 -16.45 41.09
N VAL D 68 33.21 -16.63 40.85
CA VAL D 68 33.82 -17.94 41.07
C VAL D 68 33.77 -18.32 42.55
N ALA D 69 33.96 -17.34 43.44
CA ALA D 69 33.87 -17.63 44.86
C ALA D 69 32.46 -18.06 45.25
N LEU D 70 31.44 -17.37 44.72
CA LEU D 70 30.07 -17.76 45.03
C LEU D 70 29.77 -19.16 44.52
N VAL D 71 30.17 -19.48 43.29
CA VAL D 71 29.92 -20.81 42.75
C VAL D 71 30.67 -21.87 43.54
N GLY D 72 31.93 -21.59 43.89
CA GLY D 72 32.70 -22.55 44.67
C GLY D 72 32.11 -22.82 46.03
N ARG D 73 31.67 -21.76 46.72
CA ARG D 73 31.05 -21.94 48.03
C ARG D 73 29.76 -22.74 47.92
N ASN D 74 28.92 -22.40 46.94
CA ASN D 74 27.65 -23.12 46.79
C ASN D 74 27.88 -24.59 46.47
N TRP D 75 28.82 -24.86 45.55
CA TRP D 75 29.14 -26.23 45.18
C TRP D 75 29.70 -27.00 46.37
N TRP D 76 30.60 -26.38 47.14
CA TRP D 76 31.18 -27.04 48.30
C TRP D 76 30.13 -27.37 49.34
N LEU D 77 29.22 -26.43 49.60
CA LEU D 77 28.20 -26.65 50.63
C LEU D 77 27.18 -27.69 50.20
N ARG D 78 26.85 -27.75 48.90
CA ARG D 78 26.00 -28.85 48.44
C ARG D 78 26.74 -30.18 48.43
N ARG D 79 28.07 -30.15 48.23
CA ARG D 79 28.84 -31.38 48.21
C ARG D 79 29.03 -31.93 49.63
N ARG D 80 29.01 -31.06 50.64
CA ARG D 80 29.18 -31.51 52.01
C ARG D 80 27.87 -31.77 52.75
N GLY D 81 26.74 -31.26 52.24
CA GLY D 81 25.45 -31.61 52.76
C GLY D 81 24.67 -30.48 53.40
N TRP D 82 25.34 -29.38 53.79
CA TRP D 82 24.65 -28.29 54.47
C TRP D 82 23.57 -27.68 53.59
N ILE D 83 23.92 -27.31 52.37
CA ILE D 83 22.96 -26.72 51.44
C ILE D 83 22.35 -27.81 50.58
N ARG D 84 21.04 -27.75 50.40
CA ARG D 84 20.35 -28.69 49.52
C ARG D 84 19.44 -27.93 48.55
N SER E 28 58.46 20.47 80.15
CA SER E 28 59.12 21.37 79.21
C SER E 28 59.12 20.80 77.80
N ASP E 29 60.24 20.20 77.41
CA ASP E 29 60.38 19.65 76.07
C ASP E 29 59.36 18.55 75.82
N ALA E 30 59.27 17.58 76.72
CA ALA E 30 58.31 16.48 76.55
C ALA E 30 56.92 16.87 77.04
N LEU E 31 56.84 17.73 78.06
CA LEU E 31 55.56 18.07 78.66
C LEU E 31 54.75 19.02 77.79
N ALA E 32 55.38 19.73 76.86
CA ALA E 32 54.63 20.60 75.95
C ALA E 32 54.06 19.82 74.78
N LEU E 33 54.34 18.51 74.72
CA LEU E 33 53.78 17.60 73.74
C LEU E 33 54.12 17.99 72.31
N GLY E 34 55.17 18.79 72.14
CA GLY E 34 55.73 19.06 70.83
C GLY E 34 55.67 20.50 70.38
N TRP E 35 55.13 21.42 71.18
CA TRP E 35 55.11 22.80 70.71
C TRP E 35 56.52 23.36 70.61
N PRO E 36 56.88 23.95 69.47
CA PRO E 36 58.19 24.59 69.35
C PRO E 36 58.34 25.74 70.32
N THR E 37 59.57 25.96 70.77
CA THR E 37 59.86 27.08 71.66
C THR E 37 59.44 28.38 71.01
N GLY E 38 58.79 29.24 71.79
CA GLY E 38 58.24 30.46 71.25
C GLY E 38 59.33 31.41 70.74
N ILE E 39 58.92 32.29 69.83
CA ILE E 39 59.78 33.34 69.31
C ILE E 39 59.19 34.72 69.48
N THR E 40 58.00 34.84 70.06
CA THR E 40 57.38 36.09 70.42
C THR E 40 56.88 36.00 71.86
N PRO E 41 56.78 37.12 72.56
CA PRO E 41 56.25 37.07 73.94
C PRO E 41 54.87 36.45 74.03
N GLU E 42 54.02 36.70 73.03
CA GLU E 42 52.72 36.06 72.99
C GLU E 42 52.87 34.54 72.84
N ALA E 43 53.82 34.11 72.01
CA ALA E 43 54.07 32.68 71.86
C ALA E 43 54.55 32.07 73.16
N LYS E 44 55.44 32.76 73.87
CA LYS E 44 55.92 32.26 75.16
C LYS E 44 54.78 32.12 76.15
N LEU E 45 53.93 33.14 76.25
CA LEU E 45 52.81 33.09 77.20
C LEU E 45 51.82 31.99 76.82
N ASN E 46 51.53 31.85 75.53
CA ASN E 46 50.64 30.80 75.06
C ASN E 46 51.22 29.42 75.38
N ARG E 47 52.53 29.25 75.18
CA ARG E 47 53.15 27.96 75.47
C ARG E 47 53.08 27.65 76.95
N GLU E 48 53.29 28.66 77.81
CA GLU E 48 53.20 28.42 79.24
C GLU E 48 51.77 28.04 79.65
N LEU E 49 50.78 28.72 79.08
CA LEU E 49 49.39 28.35 79.35
C LEU E 49 49.11 26.93 78.88
N TRP E 50 49.65 26.55 77.73
CA TRP E 50 49.48 25.19 77.23
C TRP E 50 50.12 24.17 78.16
N ILE E 51 51.30 24.48 78.68
CA ILE E 51 51.97 23.58 79.62
C ILE E 51 51.11 23.38 80.87
N GLY E 52 50.59 24.49 81.42
CA GLY E 52 49.75 24.37 82.60
C GLY E 52 48.47 23.60 82.34
N SER E 53 47.83 23.87 81.20
CA SER E 53 46.59 23.18 80.85
C SER E 53 46.83 21.69 80.62
N VAL E 54 47.95 21.35 79.99
CA VAL E 54 48.28 19.94 79.79
C VAL E 54 48.54 19.27 81.13
N ILE E 55 49.19 19.98 82.06
CA ILE E 55 49.38 19.43 83.39
C ILE E 55 48.03 19.12 84.03
N ALA E 56 47.10 20.07 83.97
CA ALA E 56 45.78 19.86 84.58
C ALA E 56 45.05 18.69 83.93
N SER E 57 45.06 18.65 82.59
CA SER E 57 44.37 17.59 81.86
C SER E 57 44.96 16.23 82.17
N PHE E 58 46.29 16.13 82.18
CA PHE E 58 46.94 14.85 82.48
C PHE E 58 46.73 14.45 83.93
N ALA E 59 46.66 15.40 84.85
CA ALA E 59 46.36 15.06 86.24
C ALA E 59 44.97 14.48 86.36
N VAL E 60 43.99 15.10 85.71
CA VAL E 60 42.62 14.59 85.73
C VAL E 60 42.57 13.21 85.10
N GLY E 61 43.25 13.04 83.96
CA GLY E 61 43.27 11.75 83.31
C GLY E 61 43.91 10.67 84.15
N ALA E 62 45.03 11.00 84.81
CA ALA E 62 45.68 10.05 85.71
C ALA E 62 44.74 9.63 86.83
N ILE E 63 44.04 10.61 87.43
CA ILE E 63 43.13 10.29 88.54
C ILE E 63 42.02 9.36 88.06
N VAL E 64 41.35 9.72 86.96
CA VAL E 64 40.19 8.95 86.55
C VAL E 64 40.60 7.58 86.01
N TRP E 65 41.74 7.50 85.31
CA TRP E 65 42.21 6.20 84.84
C TRP E 65 42.70 5.32 85.97
N GLY E 66 43.29 5.91 87.01
CA GLY E 66 43.60 5.13 88.20
C GLY E 66 42.34 4.60 88.86
N LEU E 67 41.28 5.40 88.88
CA LEU E 67 40.00 4.90 89.39
C LEU E 67 39.48 3.74 88.54
N ILE E 68 39.58 3.87 87.22
CA ILE E 68 39.10 2.81 86.33
C ILE E 68 39.90 1.53 86.55
N PHE E 69 41.23 1.65 86.63
CA PHE E 69 42.05 0.45 86.81
C PHE E 69 41.91 -0.14 88.20
N TRP E 70 41.67 0.71 89.21
CA TRP E 70 41.41 0.19 90.56
C TRP E 70 40.09 -0.56 90.60
N THR E 71 39.10 -0.10 89.83
CA THR E 71 37.82 -0.80 89.81
C THR E 71 37.90 -2.08 88.98
N SER E 72 38.68 -2.07 87.90
CA SER E 72 38.78 -3.26 87.06
C SER E 72 39.67 -4.33 87.68
N ALA E 73 40.78 -3.95 88.30
CA ALA E 73 41.68 -4.92 88.90
C ALA E 73 41.05 -5.54 90.14
N PHE E 74 40.69 -4.70 91.11
CA PHE E 74 39.92 -5.15 92.26
C PHE E 74 38.45 -5.23 91.86
N HIS E 75 37.57 -5.44 92.83
CA HIS E 75 36.12 -5.41 92.61
C HIS E 75 35.71 -6.29 91.44
N ARG E 76 36.32 -7.46 91.35
CA ARG E 76 36.00 -8.45 90.32
C ARG E 76 35.25 -9.61 90.96
N LYS E 77 34.29 -10.17 90.24
CA LYS E 77 33.46 -11.24 90.79
C LYS E 77 34.32 -12.44 91.13
N LYS E 78 34.49 -12.70 92.42
CA LYS E 78 35.38 -13.75 92.89
C LYS E 78 34.67 -15.09 92.89
N ALA E 79 35.45 -16.15 93.13
CA ALA E 79 34.84 -17.47 93.28
C ALA E 79 34.03 -17.56 94.55
N THR E 80 34.42 -16.81 95.59
CA THR E 80 33.68 -16.82 96.85
C THR E 80 32.37 -16.05 96.75
N ASP E 81 32.35 -14.96 95.98
CA ASP E 81 31.20 -14.08 95.91
C ASP E 81 29.94 -14.86 95.55
N THR E 82 28.99 -14.93 96.48
CA THR E 82 27.79 -15.73 96.31
C THR E 82 26.51 -14.92 96.16
N GLU E 83 26.46 -13.71 96.71
CA GLU E 83 25.27 -12.89 96.69
C GLU E 83 25.58 -11.52 96.10
N LEU E 84 24.55 -10.93 95.47
CA LEU E 84 24.72 -9.67 94.78
C LEU E 84 25.11 -8.57 95.77
N PRO E 85 25.92 -7.60 95.35
CA PRO E 85 26.49 -6.64 96.30
C PRO E 85 25.47 -5.63 96.80
N ARG E 86 25.93 -4.65 97.58
CA ARG E 86 25.04 -3.61 98.09
C ARG E 86 24.44 -2.85 96.92
N GLN E 87 23.11 -2.90 96.78
CA GLN E 87 22.43 -2.32 95.63
C GLN E 87 22.22 -0.82 95.80
N PHE E 88 23.33 -0.12 96.05
CA PHE E 88 23.29 1.32 96.24
C PHE E 88 23.42 2.05 94.91
N GLY E 89 22.66 3.14 94.78
CA GLY E 89 22.67 3.93 93.55
C GLY E 89 22.50 5.42 93.72
N TYR E 90 22.71 5.94 94.93
CA TYR E 90 22.52 7.37 95.18
C TYR E 90 23.38 7.79 96.35
N ASN E 91 24.31 8.72 96.10
CA ASN E 91 25.24 9.22 97.12
C ASN E 91 25.33 10.74 97.03
N MET E 92 24.17 11.41 97.06
CA MET E 92 23.97 12.83 96.77
C MET E 92 25.11 13.76 97.22
N PRO E 93 25.64 13.63 98.46
CA PRO E 93 26.76 14.50 98.86
C PRO E 93 27.96 14.43 97.92
N LEU E 94 28.48 13.23 97.67
CA LEU E 94 29.61 13.09 96.77
C LEU E 94 29.24 13.52 95.36
N GLU E 95 27.98 13.32 94.98
CA GLU E 95 27.51 13.79 93.68
C GLU E 95 27.69 15.30 93.56
N LEU E 96 27.30 16.05 94.60
CA LEU E 96 27.45 17.50 94.53
C LEU E 96 28.90 17.93 94.65
N THR E 97 29.71 17.21 95.45
CA THR E 97 31.12 17.54 95.57
C THR E 97 31.83 17.42 94.21
N LEU E 98 31.64 16.29 93.54
CA LEU E 98 32.21 16.10 92.22
C LEU E 98 31.45 16.85 91.13
N THR E 99 30.29 17.43 91.47
CA THR E 99 29.65 18.38 90.57
C THR E 99 30.37 19.73 90.62
N VAL E 100 30.81 20.14 91.80
CA VAL E 100 31.35 21.49 91.94
C VAL E 100 32.85 21.54 91.63
N ILE E 101 33.60 20.45 91.84
CA ILE E 101 35.03 20.47 91.52
C ILE E 101 35.31 20.86 90.07
N PRO E 102 34.68 20.25 89.06
CA PRO E 102 34.96 20.67 87.66
C PRO E 102 34.62 22.12 87.41
N PHE E 103 33.63 22.68 88.11
CA PHE E 103 33.33 24.10 87.95
C PHE E 103 34.52 24.96 88.37
N LEU E 104 35.16 24.62 89.49
CA LEU E 104 36.35 25.36 89.90
C LEU E 104 37.48 25.21 88.89
N ILE E 105 37.67 23.99 88.37
CA ILE E 105 38.76 23.80 87.40
C ILE E 105 38.51 24.62 86.14
N ILE E 106 37.30 24.57 85.61
CA ILE E 106 37.01 25.33 84.40
C ILE E 106 37.02 26.82 84.68
N SER E 107 36.73 27.24 85.92
CA SER E 107 36.79 28.65 86.25
C SER E 107 38.23 29.16 86.20
N VAL E 108 39.16 28.42 86.80
CA VAL E 108 40.56 28.85 86.76
C VAL E 108 41.06 28.81 85.32
N LEU E 109 40.66 27.78 84.56
CA LEU E 109 41.06 27.71 83.15
C LEU E 109 40.52 28.90 82.37
N PHE E 110 39.28 29.28 82.61
CA PHE E 110 38.68 30.41 81.91
C PHE E 110 39.39 31.72 82.24
N TYR E 111 39.75 31.90 83.52
CA TYR E 111 40.46 33.13 83.89
C TYR E 111 41.80 33.21 83.15
N PHE E 112 42.60 32.15 83.22
CA PHE E 112 43.89 32.16 82.53
C PHE E 112 43.71 32.30 81.03
N THR E 113 42.66 31.67 80.48
CA THR E 113 42.39 31.73 79.06
C THR E 113 42.09 33.15 78.61
N VAL E 114 41.20 33.85 79.32
CA VAL E 114 40.85 35.20 78.91
C VAL E 114 42.04 36.13 79.07
N VAL E 115 42.82 35.96 80.14
CA VAL E 115 44.02 36.78 80.32
C VAL E 115 44.96 36.61 79.13
N VAL E 116 45.24 35.36 78.77
CA VAL E 116 46.21 35.10 77.70
C VAL E 116 45.67 35.54 76.35
N GLN E 117 44.38 35.31 76.08
CA GLN E 117 43.84 35.65 74.76
C GLN E 117 43.68 37.16 74.60
N GLU E 118 43.56 37.88 75.71
CA GLU E 118 43.59 39.34 75.61
C GLU E 118 45.01 39.85 75.43
N ARG E 119 45.99 39.20 76.06
CA ARG E 119 47.38 39.57 75.84
C ARG E 119 47.79 39.33 74.39
N MET E 120 47.38 38.20 73.81
CA MET E 120 47.76 37.89 72.44
C MET E 120 47.05 38.76 71.40
N MET E 121 46.10 39.59 71.82
CA MET E 121 45.46 40.57 70.94
C MET E 121 45.53 41.92 71.64
N HIS E 122 46.65 42.63 71.46
CA HIS E 122 46.89 43.90 72.12
C HIS E 122 46.72 45.09 71.20
N LYS E 123 47.23 45.00 69.97
CA LYS E 123 46.97 46.00 68.92
C LYS E 123 47.33 47.42 69.36
N ASP E 124 48.63 47.62 69.57
CA ASP E 124 49.13 48.97 69.78
C ASP E 124 48.79 49.83 68.57
N PRO E 125 48.39 51.09 68.76
CA PRO E 125 47.95 51.92 67.64
C PRO E 125 49.06 52.47 66.76
N ASN E 126 50.33 52.15 67.05
CA ASN E 126 51.46 52.61 66.26
C ASN E 126 52.37 51.44 65.96
N PRO E 127 52.15 50.74 64.85
CA PRO E 127 53.05 49.65 64.45
C PRO E 127 54.39 50.19 63.97
N GLU E 128 55.38 49.30 63.94
CA GLU E 128 56.68 49.64 63.40
C GLU E 128 56.92 49.09 62.00
N VAL E 129 56.36 47.92 61.68
CA VAL E 129 56.37 47.39 60.32
C VAL E 129 54.98 46.84 60.03
N VAL E 130 54.49 47.10 58.82
CA VAL E 130 53.16 46.65 58.41
C VAL E 130 53.30 45.79 57.16
N ILE E 131 52.66 44.62 57.17
CA ILE E 131 52.67 43.69 56.05
C ILE E 131 51.24 43.55 55.54
N ASP E 132 51.07 43.65 54.23
CA ASP E 132 49.79 43.35 53.58
C ASP E 132 49.87 41.93 53.04
N VAL E 133 49.50 40.98 53.87
CA VAL E 133 49.50 39.58 53.46
C VAL E 133 48.29 39.35 52.58
N THR E 134 48.52 38.88 51.36
CA THR E 134 47.47 38.56 50.42
C THR E 134 47.63 37.11 50.00
N ALA E 135 46.58 36.32 50.19
CA ALA E 135 46.58 34.92 49.79
C ALA E 135 45.69 34.75 48.58
N PHE E 136 46.24 34.18 47.51
CA PHE E 136 45.46 33.86 46.33
C PHE E 136 45.59 32.37 46.06
N GLN E 137 45.04 31.93 44.93
CA GLN E 137 44.84 30.50 44.79
C GLN E 137 46.19 29.82 44.77
N TRP E 138 46.59 29.43 45.97
CA TRP E 138 47.73 28.60 46.30
C TRP E 138 49.05 29.35 46.17
N ASN E 139 49.07 30.60 46.64
CA ASN E 139 50.32 31.31 46.95
C ASN E 139 50.01 32.58 47.73
N TRP E 140 51.07 33.29 48.10
CA TRP E 140 51.04 34.44 49.00
C TRP E 140 51.67 35.65 48.32
N LYS E 141 51.52 36.81 48.96
CA LYS E 141 52.11 38.06 48.47
C LYS E 141 52.17 39.05 49.63
N PHE E 142 53.38 39.50 49.97
CA PHE E 142 53.60 40.39 51.09
C PHE E 142 53.85 41.82 50.60
N GLY E 143 53.55 42.79 51.46
CA GLY E 143 53.51 44.17 51.01
C GLY E 143 54.51 45.18 51.54
N TYR E 144 54.92 45.09 52.80
CA TYR E 144 55.69 46.15 53.45
C TYR E 144 55.00 47.51 53.29
N GLN E 145 53.81 47.61 53.87
CA GLN E 145 52.95 48.76 53.62
C GLN E 145 53.54 50.04 54.20
N LYS E 146 53.98 50.01 55.46
CA LYS E 146 54.42 51.22 56.13
C LYS E 146 55.40 50.86 57.22
N ILE E 147 56.68 51.18 57.01
CA ILE E 147 57.73 50.93 57.98
C ILE E 147 57.99 52.23 58.75
N ALA E 148 57.90 52.16 60.07
CA ALA E 148 58.15 53.31 60.95
C ALA E 148 58.89 52.80 62.17
N PHE E 149 60.21 52.88 62.13
CA PHE E 149 61.03 52.46 63.26
C PHE E 149 60.75 53.33 64.47
N ALA E 150 60.83 52.72 65.66
CA ALA E 150 60.53 53.45 66.89
C ALA E 150 61.64 54.42 67.27
N ASP E 151 62.88 54.11 66.91
CA ASP E 151 63.99 55.02 67.14
C ASP E 151 63.97 56.23 66.21
N GLY E 152 63.13 56.23 65.19
CA GLY E 152 63.08 57.32 64.24
C GLY E 152 64.21 57.31 63.25
N SER E 153 64.71 56.14 62.87
CA SER E 153 65.83 56.04 61.94
C SER E 153 65.41 55.73 60.51
N PHE E 154 64.20 55.21 60.30
CA PHE E 154 63.79 54.80 58.97
C PHE E 154 62.27 54.88 58.88
N ASP E 155 61.77 55.65 57.91
CA ASP E 155 60.35 55.71 57.61
C ASP E 155 60.15 55.52 56.13
N TYR E 156 59.32 54.55 55.76
CA TYR E 156 59.02 54.27 54.36
C TYR E 156 57.52 54.02 54.22
N ASP E 157 56.94 54.59 53.17
CA ASP E 157 55.50 54.56 52.93
C ASP E 157 55.27 53.82 51.62
N GLY E 158 55.05 52.51 51.71
CA GLY E 158 54.88 51.65 50.57
C GLY E 158 53.49 51.53 50.02
N ALA E 159 52.51 52.17 50.65
CA ALA E 159 51.13 52.07 50.19
C ALA E 159 51.00 52.59 48.77
N ASP E 160 50.36 51.81 47.91
CA ASP E 160 50.19 52.13 46.49
C ASP E 160 48.70 52.24 46.24
N PRO E 161 48.14 53.46 46.26
CA PRO E 161 46.68 53.60 46.14
C PRO E 161 46.17 53.63 44.70
N GLU E 162 47.02 53.96 43.73
CA GLU E 162 46.57 53.95 42.33
C GLU E 162 46.22 52.54 41.89
N ARG E 163 47.06 51.56 42.23
CA ARG E 163 46.75 50.17 41.91
C ARG E 163 45.48 49.71 42.61
N LYS E 164 45.32 50.09 43.88
CA LYS E 164 44.12 49.70 44.62
C LYS E 164 42.86 50.28 43.98
N GLU E 165 42.91 51.54 43.56
CA GLU E 165 41.75 52.14 42.90
C GLU E 165 41.56 51.64 41.47
N ALA E 166 42.59 51.05 40.88
CA ALA E 166 42.50 50.58 39.50
C ALA E 166 41.49 49.47 39.30
N MET E 167 41.02 48.83 40.37
CA MET E 167 40.07 47.72 40.27
C MET E 167 38.86 47.96 41.17
N THR E 168 38.27 49.15 41.07
CA THR E 168 37.05 49.46 41.79
C THR E 168 36.11 50.31 40.94
N ARG E 193 37.52 44.72 44.07
CA ARG E 193 38.30 44.19 45.18
C ARG E 193 38.98 45.30 45.95
N THR E 194 38.20 46.31 46.33
CA THR E 194 38.73 47.41 47.14
C THR E 194 39.32 46.90 48.46
N TYR E 195 38.78 45.80 48.99
CA TYR E 195 39.29 45.27 50.24
C TYR E 195 40.75 44.87 50.14
N LEU E 196 41.20 44.43 48.97
CA LEU E 196 42.59 44.03 48.81
C LEU E 196 43.52 45.23 48.91
N ASN E 197 44.77 44.96 49.29
CA ASN E 197 45.77 46.00 49.48
C ASN E 197 46.97 45.71 48.58
N PHE E 198 47.47 46.77 47.93
CA PHE E 198 48.62 46.68 47.07
C PHE E 198 49.77 47.49 47.66
N ASP E 199 50.97 47.23 47.17
CA ASP E 199 52.15 47.90 47.68
C ASP E 199 53.21 47.97 46.59
N LYS E 200 54.17 48.88 46.79
CA LYS E 200 55.25 49.05 45.81
C LYS E 200 56.23 47.88 45.85
N ILE E 201 56.65 47.47 47.04
CA ILE E 201 57.56 46.35 47.22
C ILE E 201 56.75 45.11 47.57
N GLU E 202 56.87 44.07 46.76
CA GLU E 202 56.06 42.87 46.93
C GLU E 202 56.93 41.63 46.81
N THR E 203 56.38 40.51 47.26
CA THR E 203 57.03 39.19 47.15
C THR E 203 55.96 38.21 46.72
N LEU E 204 55.81 38.04 45.40
CA LEU E 204 54.82 37.12 44.86
C LEU E 204 55.37 35.70 44.91
N GLY E 205 54.65 34.81 45.59
CA GLY E 205 55.01 33.40 45.55
C GLY E 205 54.66 32.79 44.21
N THR E 206 55.46 31.81 43.80
CA THR E 206 55.28 31.15 42.52
C THR E 206 55.32 29.65 42.74
N SER E 207 55.02 28.90 41.66
CA SER E 207 55.10 27.45 41.73
C SER E 207 56.54 26.98 41.93
N SER E 208 57.51 27.78 41.54
CA SER E 208 58.92 27.42 41.66
C SER E 208 59.65 28.16 42.76
N GLU E 209 59.09 29.26 43.27
CA GLU E 209 59.73 30.05 44.30
C GLU E 209 58.80 30.16 45.51
N ILE E 210 59.31 29.79 46.67
CA ILE E 210 58.56 29.98 47.92
C ILE E 210 58.64 31.46 48.31
N PRO E 211 57.52 32.12 48.58
CA PRO E 211 57.58 33.53 48.98
C PRO E 211 58.20 33.67 50.36
N VAL E 212 59.30 34.40 50.43
CA VAL E 212 60.05 34.59 51.66
C VAL E 212 59.77 35.99 52.19
N LEU E 213 59.22 36.06 53.41
CA LEU E 213 59.02 37.33 54.09
C LEU E 213 60.26 37.66 54.89
N VAL E 214 60.71 38.90 54.78
CA VAL E 214 61.89 39.38 55.49
C VAL E 214 61.43 40.44 56.49
N LEU E 215 61.78 40.25 57.75
CA LEU E 215 61.39 41.14 58.83
C LEU E 215 62.56 41.33 59.77
N PRO E 216 62.59 42.44 60.50
CA PRO E 216 63.63 42.64 61.50
C PRO E 216 63.28 41.96 62.81
N ALA E 217 64.23 41.98 63.74
CA ALA E 217 64.03 41.47 65.08
C ALA E 217 63.89 42.61 66.08
N GLY E 218 63.16 42.36 67.15
CA GLY E 218 62.94 43.38 68.16
C GLY E 218 62.04 44.51 67.73
N LYS E 219 61.37 44.38 66.59
CA LYS E 219 60.53 45.44 66.04
C LYS E 219 59.09 44.95 65.95
N ARG E 220 58.15 45.77 66.40
CA ARG E 220 56.75 45.42 66.34
C ARG E 220 56.31 45.19 64.89
N ILE E 221 55.58 44.11 64.65
CA ILE E 221 55.17 43.75 63.31
C ILE E 221 53.67 43.53 63.29
N GLU E 222 53.01 44.12 62.29
CA GLU E 222 51.58 44.00 62.09
C GLU E 222 51.32 43.28 60.78
N PHE E 223 50.38 42.35 60.79
CA PHE E 223 49.96 41.63 59.59
C PHE E 223 48.50 41.97 59.34
N VAL E 224 48.21 42.40 58.11
CA VAL E 224 46.86 42.66 57.64
C VAL E 224 46.55 41.60 56.59
N LEU E 225 45.59 40.74 56.90
CA LEU E 225 45.32 39.55 56.11
C LEU E 225 44.18 39.83 55.13
N ASN E 226 44.40 39.48 53.86
CA ASN E 226 43.36 39.55 52.85
C ASN E 226 43.51 38.35 51.93
N SER E 227 42.39 37.85 51.44
CA SER E 227 42.37 36.73 50.50
C SER E 227 41.61 37.17 49.27
N ALA E 228 42.20 36.91 48.09
CA ALA E 228 41.54 37.30 46.85
C ALA E 228 40.31 36.44 46.59
N ASP E 229 40.42 35.13 46.81
CA ASP E 229 39.44 34.18 46.29
C ASP E 229 38.66 33.44 47.36
N VAL E 230 39.33 32.71 48.25
CA VAL E 230 38.66 31.86 49.23
C VAL E 230 39.38 31.96 50.56
N ILE E 231 38.88 31.27 51.58
CA ILE E 231 39.52 31.28 52.88
C ILE E 231 40.83 30.50 52.81
N HIS E 232 41.90 31.10 53.32
CA HIS E 232 43.18 30.43 53.46
C HIS E 232 43.57 30.47 54.95
N GLY E 233 44.77 30.00 55.25
CA GLY E 233 45.23 30.03 56.62
C GLY E 233 46.63 30.56 56.78
N PHE E 234 46.79 31.59 57.61
CA PHE E 234 48.11 32.13 57.93
C PHE E 234 48.55 31.49 59.24
N TRP E 235 49.40 30.46 59.14
CA TRP E 235 50.00 29.83 60.31
C TRP E 235 51.51 29.82 60.18
N VAL E 236 52.18 30.36 61.18
CA VAL E 236 53.61 30.16 61.39
C VAL E 236 53.77 29.39 62.69
N PRO E 237 54.07 28.09 62.62
CA PRO E 237 54.06 27.26 63.83
C PRO E 237 54.98 27.75 64.93
N GLU E 238 55.83 28.73 64.65
CA GLU E 238 56.70 29.28 65.68
C GLU E 238 56.04 30.42 66.44
N PHE E 239 55.11 31.15 65.82
CA PHE E 239 54.34 32.15 66.55
C PHE E 239 53.36 31.53 67.53
N LEU E 240 53.09 30.24 67.42
CA LEU E 240 52.05 29.57 68.19
C LEU E 240 50.71 30.28 68.02
N PHE E 241 50.41 30.63 66.78
CA PHE E 241 49.24 31.45 66.45
C PHE E 241 48.96 31.33 64.97
N LYS E 242 47.68 31.29 64.61
CA LYS E 242 47.28 31.28 63.22
C LYS E 242 45.97 32.02 63.07
N ARG E 243 45.66 32.41 61.85
CA ARG E 243 44.47 33.21 61.59
C ARG E 243 43.89 32.85 60.22
N ASP E 244 42.57 32.84 60.14
CA ASP E 244 41.90 32.60 58.87
C ASP E 244 42.01 33.84 57.98
N VAL E 245 42.41 33.62 56.73
CA VAL E 245 42.55 34.69 55.76
C VAL E 245 41.29 34.66 54.89
N LEU E 246 40.38 35.58 55.17
CA LEU E 246 39.06 35.60 54.57
C LEU E 246 39.04 36.46 53.31
N PRO E 247 38.07 36.24 52.42
CA PRO E 247 37.94 37.11 51.25
C PRO E 247 37.74 38.57 51.61
N GLU E 248 36.69 38.91 52.37
CA GLU E 248 36.41 40.29 52.75
C GLU E 248 36.28 40.35 54.27
N PRO E 249 37.39 40.50 54.98
CA PRO E 249 37.35 40.45 56.45
C PRO E 249 36.47 41.51 57.10
N LYS E 250 36.26 42.66 56.46
CA LYS E 250 35.45 43.69 57.08
C LYS E 250 33.96 43.41 56.93
N ALA E 251 33.53 43.07 55.71
CA ALA E 251 32.12 42.77 55.48
C ALA E 251 31.66 41.55 56.27
N ASN E 252 32.59 40.67 56.65
CA ASN E 252 32.29 39.48 57.43
C ASN E 252 32.57 39.66 58.92
N ASN E 253 32.80 40.89 59.35
CA ASN E 253 32.98 41.23 60.77
C ASN E 253 34.16 40.49 61.40
N SER E 254 35.22 40.25 60.62
CA SER E 254 36.39 39.54 61.12
C SER E 254 37.56 40.50 61.27
N ASP E 255 38.43 40.20 62.23
CA ASP E 255 39.58 41.04 62.56
C ASP E 255 40.81 40.42 61.89
N ASN E 256 41.12 40.89 60.69
CA ASN E 256 42.20 40.35 59.88
C ASN E 256 43.56 40.91 60.26
N VAL E 257 43.63 41.72 61.30
CA VAL E 257 44.86 42.38 61.71
C VAL E 257 45.36 41.73 63.00
N PHE E 258 46.65 41.40 63.03
CA PHE E 258 47.24 40.98 64.30
C PHE E 258 48.71 41.35 64.34
N GLN E 259 49.20 41.56 65.56
CA GLN E 259 50.54 42.08 65.77
C GLN E 259 51.35 41.17 66.67
N VAL E 260 52.65 41.08 66.38
CA VAL E 260 53.63 40.51 67.30
C VAL E 260 54.47 41.67 67.83
N SER E 261 54.64 41.70 69.15
CA SER E 261 55.35 42.80 69.79
C SER E 261 56.80 42.86 69.33
N GLU E 262 57.45 41.71 69.25
CA GLU E 262 58.81 41.61 68.73
C GLU E 262 59.19 40.17 68.49
N ILE E 263 59.77 39.88 67.32
CA ILE E 263 60.37 38.57 67.07
C ILE E 263 61.73 38.56 67.76
N GLN E 264 61.93 37.60 68.66
CA GLN E 264 63.07 37.68 69.56
C GLN E 264 64.38 37.36 68.84
N GLN E 265 64.49 36.17 68.24
CA GLN E 265 65.72 35.78 67.56
C GLN E 265 65.48 35.66 66.07
N THR E 266 66.50 36.04 65.29
CA THR E 266 66.45 35.95 63.85
C THR E 266 66.57 34.50 63.38
N GLY E 267 66.23 34.28 62.12
CA GLY E 267 66.34 32.94 61.56
C GLY E 267 65.36 32.76 60.42
N ALA E 268 65.10 31.50 60.10
CA ALA E 268 64.21 31.13 59.02
C ALA E 268 63.14 30.20 59.56
N PHE E 269 61.87 30.50 59.25
CA PHE E 269 60.76 29.76 59.82
C PHE E 269 59.74 29.47 58.73
N VAL E 270 59.17 28.27 58.77
CA VAL E 270 58.22 27.81 57.76
C VAL E 270 56.82 28.27 58.16
N GLY E 271 56.02 28.61 57.15
CA GLY E 271 54.61 28.87 57.37
C GLY E 271 53.78 28.05 56.40
N ARG E 272 52.57 27.73 56.83
CA ARG E 272 51.71 26.84 56.07
C ARG E 272 50.31 27.41 55.96
N CYS E 273 49.57 26.92 54.99
CA CYS E 273 48.14 27.22 54.87
C CYS E 273 47.37 26.22 55.74
N THR E 274 46.55 26.74 56.63
CA THR E 274 45.81 25.91 57.58
C THR E 274 44.31 26.12 57.44
N GLU E 275 43.85 26.15 56.20
CA GLU E 275 42.41 26.20 55.93
C GLU E 275 42.21 25.62 54.54
N MET E 276 41.38 24.58 54.46
CA MET E 276 41.08 23.93 53.20
C MET E 276 40.74 24.95 52.12
N CYS E 277 41.49 24.90 51.03
CA CYS E 277 41.33 25.85 49.94
C CYS E 277 41.29 25.21 48.56
N GLY E 278 41.48 23.91 48.44
CA GLY E 278 41.33 23.26 47.17
C GLY E 278 42.45 22.30 46.91
N THR E 279 42.73 22.12 45.62
CA THR E 279 43.62 21.06 45.16
C THR E 279 44.95 21.04 45.89
N PHE E 280 45.67 22.16 45.86
CA PHE E 280 47.08 22.20 46.28
C PHE E 280 47.21 22.79 47.68
N HIS E 281 46.23 22.52 48.55
CA HIS E 281 46.22 23.11 49.88
C HIS E 281 47.50 22.78 50.63
N ALA E 282 48.04 21.58 50.43
CA ALA E 282 49.28 21.16 51.06
C ALA E 282 50.52 21.73 50.39
N MET E 283 50.36 22.43 49.27
CA MET E 283 51.49 22.89 48.47
C MET E 283 51.49 24.41 48.37
N MET E 284 51.29 25.09 49.50
CA MET E 284 51.16 26.55 49.51
C MET E 284 52.03 27.16 50.61
N ASN E 285 53.09 26.46 51.03
CA ASN E 285 53.90 26.95 52.13
C ASN E 285 54.60 28.26 51.77
N PHE E 286 55.03 28.98 52.80
CA PHE E 286 55.81 30.20 52.63
C PHE E 286 56.86 30.22 53.73
N GLU E 287 57.64 31.31 53.79
CA GLU E 287 58.73 31.37 54.75
C GLU E 287 58.89 32.79 55.27
N VAL E 288 59.18 32.89 56.57
CA VAL E 288 59.50 34.15 57.23
C VAL E 288 60.96 34.12 57.60
N ARG E 289 61.73 35.06 57.06
CA ARG E 289 63.16 35.17 57.35
C ARG E 289 63.37 36.43 58.19
N VAL E 290 63.52 36.24 59.49
CA VAL E 290 63.77 37.33 60.42
C VAL E 290 65.25 37.66 60.38
N VAL E 291 65.56 38.93 60.14
CA VAL E 291 66.93 39.41 60.03
C VAL E 291 67.14 40.53 61.05
N GLU E 292 68.32 41.13 61.04
CA GLU E 292 68.62 42.22 61.94
C GLU E 292 68.07 43.54 61.42
N PRO E 293 67.78 44.49 62.31
CA PRO E 293 67.20 45.77 61.85
C PRO E 293 68.03 46.52 60.83
N ASN E 294 69.36 46.55 60.99
CA ASN E 294 70.20 47.21 60.00
C ASN E 294 70.21 46.44 58.69
N ASP E 295 70.33 45.11 58.77
CA ASP E 295 70.18 44.28 57.58
C ASP E 295 68.81 44.45 56.96
N PHE E 296 67.77 44.61 57.79
CA PHE E 296 66.43 44.82 57.27
C PHE E 296 66.33 46.11 56.47
N LYS E 297 66.90 47.19 57.01
CA LYS E 297 66.87 48.46 56.30
C LYS E 297 67.66 48.37 55.00
N ALA E 298 68.81 47.69 55.02
CA ALA E 298 69.56 47.50 53.79
C ALA E 298 68.76 46.71 52.77
N TYR E 299 68.10 45.64 53.20
CA TYR E 299 67.26 44.85 52.31
C TYR E 299 66.15 45.70 51.70
N ILE E 300 65.50 46.53 52.51
CA ILE E 300 64.42 47.37 52.01
C ILE E 300 64.96 48.34 50.96
N ASP E 301 66.13 48.94 51.23
CA ASP E 301 66.71 49.88 50.29
C ASP E 301 67.08 49.20 48.97
N GLN E 302 67.59 47.97 49.04
CA GLN E 302 67.86 47.23 47.80
C GLN E 302 66.57 46.93 47.04
N ARG E 303 65.53 46.52 47.76
CA ARG E 303 64.25 46.24 47.10
C ARG E 303 63.66 47.51 46.49
N ASN E 304 63.99 48.67 47.04
CA ASN E 304 63.55 49.94 46.47
C ASN E 304 64.10 50.13 45.06
N ALA E 305 65.38 49.79 44.86
CA ALA E 305 66.05 50.02 43.59
C ALA E 305 65.87 48.82 42.65
N GLY E 306 64.60 48.48 42.41
CA GLY E 306 64.23 47.43 41.48
C GLY E 306 65.01 46.14 41.59
N LYS E 307 64.90 45.46 42.72
CA LYS E 307 65.58 44.19 42.96
C LYS E 307 64.54 43.15 43.35
N THR E 308 64.63 41.96 42.76
CA THR E 308 63.77 40.86 43.18
C THR E 308 64.22 40.38 44.56
N ASN E 309 63.41 39.48 45.13
CA ASN E 309 63.69 39.00 46.48
C ASN E 309 65.01 38.25 46.56
N ALA E 310 65.25 37.34 45.61
CA ALA E 310 66.48 36.56 45.64
C ALA E 310 67.71 37.45 45.53
N GLU E 311 67.65 38.44 44.63
CA GLU E 311 68.79 39.34 44.45
C GLU E 311 69.06 40.14 45.71
N ALA E 312 68.02 40.64 46.37
CA ALA E 312 68.21 41.42 47.59
C ALA E 312 68.72 40.54 48.73
N LEU E 313 68.21 39.31 48.83
CA LEU E 313 68.69 38.40 49.85
C LEU E 313 70.17 38.07 49.65
N ALA E 314 70.58 37.86 48.40
CA ALA E 314 72.00 37.64 48.11
C ALA E 314 72.81 38.89 48.44
N ALA E 315 72.24 40.07 48.17
CA ALA E 315 72.94 41.32 48.48
C ALA E 315 73.13 41.50 49.99
N ILE E 316 72.21 40.98 50.79
CA ILE E 316 72.25 41.17 52.23
C ILE E 316 72.90 39.96 52.92
N ASN E 317 73.66 39.16 52.18
CA ASN E 317 74.44 38.05 52.74
C ASN E 317 73.53 37.04 53.43
N GLN E 318 72.51 36.61 52.73
CA GLN E 318 71.54 35.61 53.17
C GLN E 318 71.28 34.66 52.01
N PRO E 319 70.78 33.45 52.30
CA PRO E 319 70.45 32.54 51.21
C PRO E 319 69.39 33.14 50.32
N PRO E 320 69.47 32.88 49.02
CA PRO E 320 68.54 33.55 48.09
C PRO E 320 67.14 32.96 48.09
N LEU E 321 67.02 31.69 48.45
CA LEU E 321 65.75 30.98 48.36
C LEU E 321 65.28 30.56 49.74
N ALA E 322 64.11 29.93 49.78
CA ALA E 322 63.62 29.34 51.01
C ALA E 322 64.50 28.17 51.42
N ILE E 323 64.69 28.01 52.73
CA ILE E 323 65.59 26.98 53.23
C ILE E 323 64.88 26.06 54.22
N THR E 324 63.80 26.55 54.83
CA THR E 324 63.00 25.70 55.71
C THR E 324 61.94 24.92 54.94
N THR E 325 61.56 25.39 53.76
CA THR E 325 60.67 24.66 52.87
C THR E 325 61.22 24.77 51.46
N GLU E 326 60.79 23.84 50.61
CA GLU E 326 61.21 23.80 49.21
C GLU E 326 59.97 23.81 48.34
N PRO E 327 60.09 24.29 47.10
CA PRO E 327 58.96 24.19 46.18
C PRO E 327 58.62 22.74 45.91
N PHE E 328 57.34 22.50 45.60
CA PHE E 328 56.85 21.15 45.43
C PHE E 328 56.97 20.73 43.98
N GLU E 329 57.21 19.43 43.76
CA GLU E 329 57.24 18.86 42.42
C GLU E 329 55.86 19.01 41.79
N SER E 330 55.78 19.75 40.68
CA SER E 330 54.51 19.95 40.01
C SER E 330 53.88 18.63 39.60
N ARG E 331 54.70 17.64 39.26
CA ARG E 331 54.25 16.30 38.91
C ARG E 331 53.22 15.80 39.91
N ARG E 332 52.07 15.34 39.41
CA ARG E 332 50.97 14.96 40.28
C ARG E 332 51.31 13.77 41.16
N GLY E 333 52.33 13.00 40.80
CA GLY E 333 52.75 11.90 41.65
C GLY E 333 54.08 11.35 41.17
N GLU E 334 54.56 10.34 41.89
CA GLU E 334 55.77 9.64 41.48
C GLU E 334 55.51 8.62 40.38
N LEU E 335 54.24 8.25 40.15
CA LEU E 335 53.89 7.38 39.04
C LEU E 335 53.58 8.19 37.79
N VAL E 336 54.37 9.22 37.54
CA VAL E 336 54.19 10.07 36.37
C VAL E 336 55.45 10.08 35.51
N LEU F 11 9.74 -33.80 81.08
CA LEU F 11 10.54 -33.70 79.87
C LEU F 11 9.71 -33.13 78.72
N GLU F 12 10.39 -32.48 77.77
CA GLU F 12 9.75 -31.86 76.63
C GLU F 12 10.65 -32.02 75.40
N ALA F 13 10.04 -31.97 74.22
CA ALA F 13 10.77 -32.18 72.99
C ALA F 13 11.34 -30.87 72.45
N ARG F 14 12.44 -31.00 71.72
CA ARG F 14 13.12 -29.87 71.08
C ARG F 14 13.76 -30.38 69.79
N ARG F 15 14.61 -29.55 69.20
CA ARG F 15 15.51 -29.97 68.14
C ARG F 15 16.94 -30.01 68.66
N PRO F 16 17.80 -30.85 68.10
CA PRO F 16 19.21 -30.85 68.55
C PRO F 16 19.87 -29.50 68.38
N PHE F 17 19.56 -28.78 67.29
CA PHE F 17 20.06 -27.44 67.07
C PHE F 17 18.91 -26.62 66.50
N PRO F 18 18.90 -25.30 66.74
CA PRO F 18 17.85 -24.46 66.14
C PRO F 18 18.00 -24.34 64.63
N GLU F 19 17.13 -23.57 64.00
CA GLU F 19 17.19 -23.42 62.55
C GLU F 19 18.36 -22.52 62.16
N ARG F 20 19.14 -22.96 61.17
CA ARG F 20 20.27 -22.16 60.72
C ARG F 20 19.80 -20.96 59.92
N MET F 21 19.11 -21.22 58.81
CA MET F 21 18.54 -20.18 57.98
C MET F 21 17.10 -20.53 57.67
N GLY F 22 16.30 -19.51 57.42
CA GLY F 22 14.93 -19.72 57.00
C GLY F 22 14.87 -20.21 55.58
N PRO F 23 13.68 -20.65 55.18
CA PRO F 23 13.51 -21.21 53.83
C PRO F 23 13.69 -20.13 52.77
N LYS F 24 13.63 -20.55 51.52
CA LYS F 24 13.75 -19.60 50.43
C LYS F 24 12.59 -18.62 50.45
N GLY F 25 12.87 -17.37 50.10
CA GLY F 25 11.84 -16.35 50.16
C GLY F 25 11.32 -16.06 51.54
N ASN F 26 12.19 -16.00 52.54
CA ASN F 26 11.75 -15.74 53.90
C ASN F 26 12.09 -14.35 54.40
N LEU F 27 12.87 -13.56 53.65
CA LEU F 27 13.34 -12.29 54.18
C LEU F 27 13.10 -11.13 53.22
N ILE F 28 13.11 -11.39 51.92
CA ILE F 28 13.23 -10.31 50.94
C ILE F 28 11.96 -9.46 50.91
N TYR F 29 10.79 -10.09 50.93
CA TYR F 29 9.56 -9.30 50.93
C TYR F 29 9.34 -8.63 52.27
N LYS F 30 9.83 -9.24 53.36
CA LYS F 30 9.88 -8.54 54.63
C LYS F 30 10.76 -7.30 54.54
N LEU F 31 11.95 -7.44 53.95
CA LEU F 31 12.83 -6.28 53.79
C LEU F 31 12.13 -5.18 53.01
N ILE F 32 11.40 -5.54 51.96
CA ILE F 32 10.73 -4.52 51.15
C ILE F 32 9.55 -3.89 51.90
N THR F 33 8.78 -4.69 52.63
CA THR F 33 7.48 -4.24 53.12
C THR F 33 7.31 -4.19 54.63
N THR F 34 8.37 -4.39 55.41
CA THR F 34 8.18 -4.52 56.85
C THR F 34 7.92 -3.17 57.50
N THR F 35 6.97 -3.16 58.44
CA THR F 35 6.83 -2.08 59.39
C THR F 35 7.38 -2.48 60.76
N ASP F 36 7.99 -3.65 60.86
CA ASP F 36 8.53 -4.13 62.12
C ASP F 36 9.77 -3.33 62.48
N HIS F 37 9.79 -2.79 63.70
CA HIS F 37 10.89 -1.94 64.12
C HIS F 37 12.16 -2.76 64.38
N LYS F 38 12.02 -4.03 64.73
CA LYS F 38 13.20 -4.85 64.99
C LYS F 38 13.94 -5.18 63.70
N LEU F 39 13.21 -5.57 62.66
CA LEU F 39 13.84 -5.82 61.36
C LEU F 39 14.47 -4.54 60.81
N ILE F 40 13.80 -3.41 61.01
CA ILE F 40 14.31 -2.14 60.49
C ILE F 40 15.57 -1.74 61.25
N GLY F 41 15.61 -1.98 62.56
CA GLY F 41 16.82 -1.74 63.32
C GLY F 41 17.97 -2.61 62.86
N ILE F 42 17.69 -3.88 62.56
CA ILE F 42 18.72 -4.76 62.01
C ILE F 42 19.22 -4.23 60.66
N MET F 43 18.30 -3.73 59.83
CA MET F 43 18.68 -3.18 58.55
C MET F 43 19.60 -1.97 58.70
N TYR F 44 19.27 -1.06 59.63
CA TYR F 44 20.21 0.00 59.97
C TYR F 44 21.57 -0.57 60.37
N CYS F 45 21.58 -1.54 61.27
CA CYS F 45 22.86 -2.04 61.76
C CYS F 45 23.73 -2.54 60.62
N VAL F 46 23.15 -3.36 59.74
CA VAL F 46 23.92 -3.95 58.65
C VAL F 46 24.39 -2.89 57.66
N VAL F 47 23.48 -2.00 57.25
CA VAL F 47 23.85 -1.03 56.22
C VAL F 47 24.84 0.00 56.76
N CYS F 48 24.65 0.42 58.02
CA CYS F 48 25.60 1.34 58.65
C CYS F 48 26.98 0.69 58.77
N PHE F 49 27.04 -0.60 59.07
CA PHE F 49 28.35 -1.22 59.16
C PHE F 49 29.01 -1.32 57.79
N ALA F 50 28.22 -1.60 56.74
CA ALA F 50 28.79 -1.61 55.40
C ALA F 50 29.34 -0.23 55.02
N PHE F 51 28.59 0.83 55.33
CA PHE F 51 29.07 2.18 55.05
C PHE F 51 30.30 2.50 55.88
N PHE F 52 30.36 1.99 57.11
CA PHE F 52 31.55 2.15 57.94
C PHE F 52 32.75 1.48 57.29
N LEU F 53 32.55 0.32 56.67
CA LEU F 53 33.64 -0.34 55.98
C LEU F 53 34.13 0.47 54.79
N VAL F 54 33.19 1.08 54.04
CA VAL F 54 33.59 1.94 52.93
C VAL F 54 34.39 3.14 53.43
N GLY F 55 33.92 3.78 54.50
CA GLY F 55 34.65 4.91 55.05
C GLY F 55 36.03 4.54 55.55
N GLY F 56 36.14 3.38 56.21
CA GLY F 56 37.44 2.91 56.63
C GLY F 56 38.37 2.57 55.49
N LEU F 57 37.82 2.09 54.37
CA LEU F 57 38.64 1.88 53.18
C LEU F 57 39.22 3.20 52.68
N MET F 58 38.39 4.25 52.67
CA MET F 58 38.92 5.57 52.32
C MET F 58 40.01 6.01 53.29
N ALA F 59 39.80 5.75 54.58
CA ALA F 59 40.79 6.12 55.59
C ALA F 59 42.11 5.38 55.36
N LEU F 60 42.03 4.10 55.00
CA LEU F 60 43.24 3.32 54.74
C LEU F 60 43.98 3.86 53.53
N PHE F 61 43.24 4.25 52.49
CA PHE F 61 43.90 4.88 51.34
C PHE F 61 44.65 6.14 51.76
N MET F 62 44.00 6.99 52.58
CA MET F 62 44.68 8.21 53.02
C MET F 62 45.92 7.91 53.83
N ARG F 63 45.82 6.95 54.76
CA ARG F 63 46.97 6.65 55.61
C ARG F 63 48.11 6.04 54.81
N THR F 64 47.78 5.19 53.84
CA THR F 64 48.81 4.62 52.97
C THR F 64 49.53 5.71 52.20
N GLU F 65 48.79 6.69 51.68
CA GLU F 65 49.45 7.82 51.02
C GLU F 65 50.32 8.60 51.99
N LEU F 66 49.80 8.86 53.19
CA LEU F 66 50.51 9.70 54.15
C LEU F 66 51.63 8.95 54.88
N ALA F 67 51.86 7.68 54.56
CA ALA F 67 52.96 6.95 55.17
C ALA F 67 54.32 7.57 54.81
N MET F 68 54.50 7.97 53.55
CA MET F 68 55.77 8.49 53.09
C MET F 68 55.61 9.88 52.46
N PRO F 69 56.64 10.72 52.53
CA PRO F 69 56.49 12.12 52.09
C PRO F 69 56.15 12.30 50.62
N GLY F 70 56.44 11.33 49.76
CA GLY F 70 56.12 11.48 48.36
C GLY F 70 54.67 11.16 48.05
N LEU F 71 54.23 11.57 46.85
CA LEU F 71 52.91 11.22 46.36
C LEU F 71 53.01 9.92 45.58
N GLN F 72 52.90 8.80 46.29
CA GLN F 72 53.12 7.50 45.66
C GLN F 72 52.04 7.16 44.64
N PHE F 73 50.77 7.17 45.06
CA PHE F 73 49.70 6.73 44.16
C PHE F 73 48.49 7.65 44.12
N LEU F 74 48.39 8.63 45.00
CA LEU F 74 47.25 9.54 45.03
C LEU F 74 47.68 10.93 44.58
N SER F 75 46.80 11.59 43.85
CA SER F 75 47.00 13.00 43.53
C SER F 75 46.46 13.85 44.68
N ASN F 76 46.54 15.17 44.53
CA ASN F 76 45.95 16.04 45.55
C ASN F 76 44.43 16.04 45.45
N GLU F 77 43.90 16.08 44.23
CA GLU F 77 42.45 16.02 44.03
C GLU F 77 41.86 14.78 44.67
N GLN F 78 42.47 13.62 44.42
CA GLN F 78 41.95 12.36 44.93
C GLN F 78 42.01 12.31 46.46
N PHE F 79 43.10 12.82 47.04
CA PHE F 79 43.21 12.81 48.50
C PHE F 79 42.15 13.71 49.13
N ASN F 80 41.90 14.88 48.53
CA ASN F 80 40.85 15.75 49.04
C ASN F 80 39.48 15.08 48.94
N GLN F 81 39.20 14.46 47.80
CA GLN F 81 37.99 13.64 47.67
C GLN F 81 37.91 12.62 48.79
N LEU F 82 39.04 11.97 49.09
CA LEU F 82 39.04 10.87 50.05
C LEU F 82 38.74 11.36 51.46
N PHE F 83 39.36 12.44 51.92
CA PHE F 83 39.02 12.79 53.30
C PHE F 83 37.64 13.42 53.38
N THR F 84 37.22 14.16 52.34
CA THR F 84 35.85 14.68 52.34
C THR F 84 34.84 13.56 52.47
N MET F 85 34.95 12.54 51.62
CA MET F 85 33.97 11.47 51.63
C MET F 85 34.13 10.55 52.84
N HIS F 86 35.34 10.35 53.32
CA HIS F 86 35.52 9.57 54.54
C HIS F 86 34.84 10.23 55.72
N GLY F 87 35.08 11.52 55.93
CA GLY F 87 34.41 12.23 57.00
C GLY F 87 32.90 12.23 56.85
N THR F 88 32.41 12.48 55.63
CA THR F 88 30.98 12.51 55.39
C THR F 88 30.34 11.16 55.67
N VAL F 89 30.95 10.09 55.18
CA VAL F 89 30.40 8.74 55.36
C VAL F 89 30.43 8.35 56.83
N MET F 90 31.54 8.62 57.51
CA MET F 90 31.67 8.20 58.90
C MET F 90 30.73 8.98 59.81
N LEU F 91 30.51 10.27 59.54
CA LEU F 91 29.63 11.05 60.42
C LEU F 91 28.15 10.87 60.09
N LEU F 92 27.79 10.81 58.81
CA LEU F 92 26.40 10.94 58.43
C LEU F 92 25.76 9.67 57.90
N PHE F 93 26.55 8.71 57.40
CA PHE F 93 25.99 7.47 56.89
C PHE F 93 26.28 6.28 57.79
N TYR F 94 27.01 6.47 58.88
CA TYR F 94 27.24 5.40 59.83
C TYR F 94 26.77 5.73 61.24
N ALA F 95 27.14 6.90 61.77
CA ALA F 95 26.89 7.20 63.18
C ALA F 95 25.44 7.63 63.42
N THR F 96 25.03 8.72 62.77
CA THR F 96 23.66 9.20 62.88
C THR F 96 22.62 8.12 62.60
N PRO F 97 22.78 7.27 61.59
CA PRO F 97 21.79 6.20 61.40
C PRO F 97 21.94 5.02 62.36
N ILE F 98 23.15 4.70 62.82
CA ILE F 98 23.27 3.60 63.80
C ILE F 98 22.59 4.00 65.10
N VAL F 99 22.53 5.31 65.38
CA VAL F 99 21.77 5.77 66.55
C VAL F 99 20.32 5.31 66.45
N PHE F 100 19.68 5.58 65.31
CA PHE F 100 18.29 5.19 65.15
C PHE F 100 18.13 3.69 64.94
N GLY F 101 19.18 3.01 64.48
CA GLY F 101 19.13 1.55 64.43
C GLY F 101 19.03 0.96 65.82
N PHE F 102 19.87 1.42 66.74
CA PHE F 102 19.77 0.97 68.12
C PHE F 102 18.45 1.38 68.73
N ALA F 103 17.98 2.60 68.44
CA ALA F 103 16.69 3.04 68.93
C ALA F 103 15.58 2.09 68.50
N ASN F 104 15.51 1.78 67.20
CA ASN F 104 14.50 0.85 66.72
C ASN F 104 14.67 -0.52 67.35
N LEU F 105 15.90 -0.95 67.60
CA LEU F 105 16.13 -2.26 68.18
C LEU F 105 15.54 -2.35 69.59
N VAL F 106 15.78 -1.34 70.43
CA VAL F 106 15.52 -1.58 71.85
C VAL F 106 14.50 -0.64 72.48
N LEU F 107 14.35 0.58 71.96
CA LEU F 107 13.50 1.56 72.63
C LEU F 107 12.05 1.10 72.79
N PRO F 108 11.37 0.56 71.76
CA PRO F 108 10.04 0.01 72.02
C PRO F 108 10.04 -1.12 73.04
N LEU F 109 11.09 -1.92 73.05
CA LEU F 109 11.23 -2.95 74.08
C LEU F 109 11.42 -2.32 75.46
N GLN F 110 12.13 -1.19 75.52
CA GLN F 110 12.50 -0.61 76.82
C GLN F 110 11.31 0.05 77.50
N ILE F 111 10.33 0.52 76.74
CA ILE F 111 9.17 1.19 77.31
C ILE F 111 7.93 0.31 77.30
N GLY F 112 8.07 -0.96 76.92
CA GLY F 112 6.94 -1.88 76.88
C GLY F 112 5.92 -1.58 75.81
N ALA F 113 6.37 -1.22 74.61
CA ALA F 113 5.49 -0.89 73.51
C ALA F 113 5.47 -2.00 72.47
N PRO F 114 4.37 -2.14 71.73
CA PRO F 114 4.31 -3.15 70.66
C PRO F 114 4.92 -2.70 69.34
N ASP F 115 5.28 -1.43 69.21
CA ASP F 115 5.66 -0.84 67.93
C ASP F 115 6.15 0.58 68.18
N VAL F 116 6.59 1.22 67.11
CA VAL F 116 6.88 2.66 67.13
C VAL F 116 5.60 3.40 66.77
N ALA F 117 5.57 4.70 67.04
CA ALA F 117 4.35 5.48 66.85
C ALA F 117 3.88 5.45 65.40
N PHE F 118 4.80 5.55 64.46
CA PHE F 118 4.48 5.58 63.03
C PHE F 118 5.32 4.52 62.33
N PRO F 119 4.83 3.27 62.29
CA PRO F 119 5.63 2.19 61.71
C PRO F 119 6.01 2.40 60.26
N ARG F 120 5.17 3.04 59.45
CA ARG F 120 5.50 3.26 58.04
C ARG F 120 6.47 4.43 57.89
N LEU F 121 6.33 5.45 58.73
CA LEU F 121 7.27 6.57 58.70
C LEU F 121 8.67 6.11 59.10
N ASN F 122 8.75 5.05 59.90
CA ASN F 122 10.04 4.47 60.28
C ASN F 122 10.75 3.88 59.08
N ALA F 123 10.04 3.05 58.31
CA ALA F 123 10.62 2.47 57.10
C ALA F 123 10.96 3.57 56.11
N LEU F 124 10.13 4.61 56.03
CA LEU F 124 10.47 5.74 55.17
C LEU F 124 11.79 6.39 55.60
N SER F 125 11.98 6.57 56.90
CA SER F 125 13.25 7.12 57.40
C SER F 125 14.42 6.25 56.98
N PHE F 126 14.29 4.92 57.13
CA PHE F 126 15.39 4.04 56.78
C PHE F 126 15.72 4.13 55.29
N TRP F 127 14.70 4.13 54.44
CA TRP F 127 14.98 4.15 53.01
C TRP F 127 15.52 5.50 52.57
N LEU F 128 15.07 6.59 53.20
CA LEU F 128 15.66 7.89 52.92
C LEU F 128 17.13 7.91 53.30
N PHE F 129 17.48 7.36 54.46
CA PHE F 129 18.88 7.09 54.78
C PHE F 129 19.61 6.39 53.65
N LEU F 130 19.17 5.19 53.28
CA LEU F 130 19.91 4.39 52.32
C LEU F 130 20.13 5.16 51.01
N PHE F 131 19.06 5.76 50.49
CA PHE F 131 19.16 6.39 49.18
C PHE F 131 19.90 7.71 49.21
N GLY F 132 19.77 8.50 50.27
CA GLY F 132 20.59 9.69 50.39
C GLY F 132 22.07 9.38 50.51
N ALA F 133 22.41 8.35 51.29
CA ALA F 133 23.80 7.94 51.39
C ALA F 133 24.33 7.49 50.04
N LEU F 134 23.56 6.70 49.30
CA LEU F 134 23.97 6.26 47.98
C LEU F 134 24.15 7.45 47.04
N ILE F 135 23.23 8.41 47.09
CA ILE F 135 23.32 9.58 46.21
C ILE F 135 24.60 10.37 46.50
N ALA F 136 24.90 10.58 47.77
CA ALA F 136 26.08 11.35 48.12
C ALA F 136 27.36 10.59 47.74
N ILE F 137 27.37 9.27 47.89
CA ILE F 137 28.57 8.51 47.53
C ILE F 137 28.73 8.34 46.01
N ALA F 138 27.64 8.40 45.24
CA ALA F 138 27.74 8.21 43.80
C ALA F 138 28.52 9.31 43.10
N GLY F 139 29.08 10.27 43.82
CA GLY F 139 29.89 11.29 43.19
C GLY F 139 31.19 10.78 42.60
N PHE F 140 31.68 9.63 43.09
CA PHE F 140 32.87 9.02 42.50
C PHE F 140 32.61 8.59 41.07
N ILE F 141 31.37 8.24 40.75
CA ILE F 141 31.02 7.82 39.39
C ILE F 141 31.25 8.96 38.41
N THR F 142 31.16 10.20 38.88
CA THR F 142 31.40 11.34 38.01
C THR F 142 32.88 11.44 37.64
N PRO F 143 33.18 11.87 36.41
CA PRO F 143 34.60 12.01 36.02
C PRO F 143 35.35 13.03 36.86
N GLY F 144 34.68 14.08 37.32
CA GLY F 144 35.34 15.03 38.19
C GLY F 144 35.61 14.47 39.58
N GLY F 145 34.87 13.44 39.97
CA GLY F 145 35.03 12.82 41.27
C GLY F 145 34.03 13.35 42.28
N ALA F 146 34.06 12.74 43.45
CA ALA F 146 33.17 13.12 44.54
C ALA F 146 33.58 14.47 45.11
N ALA F 147 32.89 14.88 46.16
CA ALA F 147 33.20 16.14 46.83
C ALA F 147 34.63 16.16 47.31
N ASP F 148 35.32 17.28 47.06
CA ASP F 148 36.73 17.43 47.38
C ASP F 148 36.97 18.72 48.14
N PHE F 149 36.00 19.11 48.95
CA PHE F 149 36.06 20.32 49.75
C PHE F 149 35.86 20.11 51.24
N GLY F 150 36.01 18.90 51.75
CA GLY F 150 35.86 18.63 53.17
C GLY F 150 34.40 18.44 53.55
N TRP F 151 34.21 17.88 54.75
CA TRP F 151 32.85 17.60 55.19
C TRP F 151 32.18 18.84 55.77
N THR F 152 32.96 19.87 56.07
CA THR F 152 32.42 21.09 56.67
C THR F 152 31.86 22.05 55.65
N ALA F 153 32.32 21.97 54.40
CA ALA F 153 31.75 22.70 53.27
C ALA F 153 31.80 24.21 53.48
N TYR F 154 33.01 24.72 53.69
CA TYR F 154 33.15 26.14 53.97
C TYR F 154 32.80 26.96 52.74
N SER F 155 32.30 28.17 52.98
CA SER F 155 31.45 28.85 52.01
C SER F 155 32.12 29.16 50.68
N PRO F 156 33.14 30.01 50.62
CA PRO F 156 33.60 30.44 49.28
C PRO F 156 34.20 29.31 48.47
N LEU F 157 34.82 28.33 49.13
CA LEU F 157 35.40 27.19 48.43
C LEU F 157 34.33 26.31 47.78
N THR F 158 33.07 26.44 48.20
CA THR F 158 32.00 25.57 47.72
C THR F 158 31.13 26.22 46.65
N ASP F 159 31.50 27.39 46.16
CA ASP F 159 30.67 28.11 45.20
C ASP F 159 30.73 27.43 43.83
N ALA F 160 29.96 27.96 42.90
CA ALA F 160 30.02 27.46 41.53
C ALA F 160 31.38 27.68 40.88
N ILE F 161 32.16 28.63 41.38
CA ILE F 161 33.49 28.90 40.83
C ILE F 161 34.49 27.89 41.40
N HIS F 162 34.68 27.90 42.71
CA HIS F 162 35.62 26.98 43.36
C HIS F 162 34.92 25.67 43.66
N SER F 163 35.52 24.57 43.22
CA SER F 163 34.92 23.24 43.27
C SER F 163 33.63 23.19 42.46
N PRO F 164 33.71 23.31 41.13
CA PRO F 164 32.51 23.41 40.29
C PRO F 164 31.91 22.09 39.83
N GLY F 165 32.46 20.95 40.25
CA GLY F 165 31.98 19.67 39.76
C GLY F 165 30.59 19.29 40.21
N ALA F 166 30.14 18.11 39.82
CA ALA F 166 28.83 17.61 40.21
C ALA F 166 28.86 16.77 41.48
N GLY F 167 30.02 16.23 41.85
CA GLY F 167 30.11 15.46 43.07
C GLY F 167 29.72 16.24 44.30
N GLY F 168 30.08 17.53 44.34
CA GLY F 168 29.67 18.37 45.45
C GLY F 168 28.17 18.60 45.49
N ASP F 169 27.54 18.74 44.33
CA ASP F 169 26.09 18.91 44.29
C ASP F 169 25.38 17.64 44.75
N LEU F 170 25.87 16.48 44.32
CA LEU F 170 25.32 15.22 44.81
C LEU F 170 25.54 15.08 46.31
N TRP F 171 26.70 15.53 46.81
CA TRP F 171 26.94 15.58 48.24
C TRP F 171 25.86 16.38 48.95
N ILE F 172 25.61 17.59 48.48
CA ILE F 172 24.62 18.47 49.12
C ILE F 172 23.25 17.79 49.16
N MET F 173 22.82 17.23 48.02
CA MET F 173 21.46 16.71 47.98
C MET F 173 21.31 15.38 48.70
N GLY F 174 22.33 14.52 48.67
CA GLY F 174 22.30 13.32 49.48
C GLY F 174 22.24 13.63 50.96
N LEU F 175 22.97 14.67 51.39
CA LEU F 175 22.84 15.12 52.77
C LEU F 175 21.42 15.61 53.06
N ALA F 176 20.81 16.32 52.11
CA ALA F 176 19.44 16.78 52.32
C ALA F 176 18.48 15.61 52.53
N VAL F 177 18.61 14.57 51.71
CA VAL F 177 17.70 13.42 51.82
C VAL F 177 17.94 12.66 53.12
N GLY F 178 19.22 12.42 53.45
CA GLY F 178 19.51 11.76 54.72
C GLY F 178 19.05 12.56 55.92
N GLY F 179 19.14 13.89 55.83
CA GLY F 179 18.66 14.73 56.91
C GLY F 179 17.16 14.67 57.07
N LEU F 180 16.42 14.63 55.95
CA LEU F 180 14.97 14.44 56.05
C LEU F 180 14.64 13.12 56.74
N GLY F 181 15.34 12.05 56.36
CA GLY F 181 15.16 10.78 57.02
C GLY F 181 15.43 10.85 58.52
N THR F 182 16.51 11.55 58.90
CA THR F 182 16.85 11.68 60.32
C THR F 182 15.80 12.46 61.09
N ILE F 183 15.28 13.53 60.50
CA ILE F 183 14.23 14.31 61.15
C ILE F 183 12.99 13.45 61.37
N LEU F 184 12.61 12.68 60.35
CA LEU F 184 11.44 11.81 60.49
C LEU F 184 11.65 10.76 61.58
N GLY F 185 12.84 10.17 61.63
CA GLY F 185 13.13 9.21 62.69
C GLY F 185 13.08 9.84 64.06
N GLY F 186 13.58 11.07 64.20
CA GLY F 186 13.51 11.75 65.48
C GLY F 186 12.10 12.06 65.92
N VAL F 187 11.27 12.50 64.97
CA VAL F 187 9.84 12.71 65.25
C VAL F 187 9.22 11.42 65.77
N ASN F 188 9.51 10.31 65.08
CA ASN F 188 8.95 9.03 65.47
C ASN F 188 9.38 8.65 66.88
N MET F 189 10.66 8.84 67.21
CA MET F 189 11.15 8.47 68.52
C MET F 189 10.53 9.31 69.62
N ILE F 190 10.42 10.62 69.40
CA ILE F 190 9.80 11.48 70.41
C ILE F 190 8.35 11.06 70.65
N THR F 191 7.60 10.86 69.57
CA THR F 191 6.19 10.50 69.73
C THR F 191 6.05 9.15 70.44
N THR F 192 6.85 8.17 70.04
CA THR F 192 6.78 6.85 70.65
C THR F 192 7.08 6.92 72.14
N VAL F 193 8.12 7.66 72.52
CA VAL F 193 8.46 7.78 73.93
C VAL F 193 7.35 8.48 74.69
N VAL F 194 6.80 9.55 74.11
CA VAL F 194 5.82 10.36 74.83
C VAL F 194 4.55 9.57 75.12
N CYS F 195 4.02 8.87 74.11
CA CYS F 195 2.65 8.38 74.26
C CYS F 195 2.49 6.90 73.91
N MET F 196 3.51 6.07 74.18
CA MET F 196 3.35 4.64 73.92
C MET F 196 3.99 3.78 75.00
N ARG F 197 4.07 4.27 76.22
CA ARG F 197 4.73 3.49 77.27
C ARG F 197 3.75 2.53 77.94
N ALA F 198 4.31 1.54 78.61
CA ALA F 198 3.51 0.57 79.34
C ALA F 198 2.88 1.20 80.58
N PRO F 199 1.81 0.59 81.12
CA PRO F 199 1.16 1.16 82.32
C PRO F 199 2.10 1.57 83.44
N GLY F 200 2.93 0.66 83.93
CA GLY F 200 3.79 1.00 85.05
C GLY F 200 4.92 1.97 84.72
N MET F 201 5.28 2.08 83.45
CA MET F 201 6.47 2.83 83.03
C MET F 201 6.20 4.32 83.09
N THR F 202 6.62 4.95 84.18
CA THR F 202 6.59 6.40 84.30
C THR F 202 7.84 6.99 83.65
N MET F 203 7.83 8.31 83.45
CA MET F 203 8.95 8.97 82.80
C MET F 203 10.25 8.75 83.56
N PHE F 204 10.19 8.81 84.90
CA PHE F 204 11.37 8.58 85.72
C PHE F 204 11.56 7.11 86.05
N ARG F 205 11.01 6.22 85.24
CA ARG F 205 11.33 4.80 85.29
C ARG F 205 11.86 4.26 83.97
N MET F 206 11.87 5.06 82.91
CA MET F 206 12.55 4.66 81.69
C MET F 206 14.05 4.63 81.92
N PRO F 207 14.77 3.74 81.24
CA PRO F 207 16.22 3.66 81.44
C PRO F 207 16.94 4.89 80.92
N ILE F 208 18.26 4.95 81.12
CA ILE F 208 19.03 6.08 80.62
C ILE F 208 19.03 6.12 79.10
N PHE F 209 18.98 4.95 78.46
CA PHE F 209 19.02 4.92 76.99
C PHE F 209 17.80 5.62 76.40
N THR F 210 16.62 5.40 76.98
CA THR F 210 15.41 6.04 76.46
C THR F 210 15.49 7.56 76.61
N TRP F 211 15.96 8.04 77.77
CA TRP F 211 16.13 9.47 77.98
C TRP F 211 17.12 10.04 76.97
N ASN F 212 18.20 9.32 76.70
CA ASN F 212 19.21 9.81 75.78
C ASN F 212 18.69 9.86 74.36
N ILE F 213 17.90 8.86 73.95
CA ILE F 213 17.29 8.91 72.62
C ILE F 213 16.29 10.05 72.53
N LEU F 214 15.57 10.34 73.62
CA LEU F 214 14.62 11.45 73.60
C LEU F 214 15.34 12.79 73.41
N VAL F 215 16.39 13.03 74.20
CA VAL F 215 17.12 14.29 74.04
C VAL F 215 17.84 14.33 72.69
N THR F 216 18.32 13.19 72.21
CA THR F 216 18.96 13.15 70.90
C THR F 216 17.99 13.50 69.80
N SER F 217 16.75 13.01 69.90
CA SER F 217 15.74 13.34 68.91
C SER F 217 15.37 14.82 68.97
N ILE F 218 15.34 15.40 70.18
CA ILE F 218 15.12 16.85 70.29
C ILE F 218 16.25 17.62 69.60
N LEU F 219 17.50 17.20 69.84
CA LEU F 219 18.63 17.84 69.19
C LEU F 219 18.57 17.68 67.68
N VAL F 220 18.12 16.51 67.21
CA VAL F 220 17.97 16.28 65.78
C VAL F 220 16.98 17.26 65.18
N LEU F 221 15.83 17.42 65.86
CA LEU F 221 14.82 18.36 65.38
C LEU F 221 15.36 19.78 65.37
N ILE F 222 16.21 20.12 66.34
CA ILE F 222 16.78 21.46 66.39
C ILE F 222 17.81 21.67 65.27
N ALA F 223 18.64 20.65 65.00
CA ALA F 223 19.83 20.83 64.18
C ALA F 223 19.62 20.55 62.70
N PHE F 224 18.97 19.45 62.35
CA PHE F 224 18.97 19.03 60.95
C PHE F 224 18.16 19.94 60.01
N PRO F 225 17.07 20.57 60.44
CA PRO F 225 16.44 21.58 59.56
C PRO F 225 17.35 22.76 59.24
N ILE F 226 18.20 23.18 60.17
CA ILE F 226 19.17 24.23 59.87
C ILE F 226 20.11 23.79 58.76
N LEU F 227 20.61 22.56 58.85
CA LEU F 227 21.51 22.08 57.80
C LEU F 227 20.78 21.97 56.47
N THR F 228 19.52 21.53 56.49
CA THR F 228 18.76 21.45 55.24
C THR F 228 18.56 22.83 54.62
N ALA F 229 18.24 23.83 55.43
CA ALA F 229 18.08 25.18 54.90
C ALA F 229 19.39 25.72 54.34
N ALA F 230 20.50 25.48 55.05
CA ALA F 230 21.80 25.91 54.55
C ALA F 230 22.15 25.23 53.25
N LEU F 231 21.89 23.92 53.15
CA LEU F 231 22.16 23.20 51.91
C LEU F 231 21.31 23.72 50.77
N PHE F 232 20.05 24.09 51.06
CA PHE F 232 19.19 24.60 50.01
C PHE F 232 19.65 25.97 49.54
N GLY F 233 20.12 26.81 50.46
CA GLY F 233 20.72 28.07 50.06
C GLY F 233 21.97 27.87 49.22
N LEU F 234 22.80 26.91 49.59
CA LEU F 234 23.99 26.60 48.82
C LEU F 234 23.63 26.12 47.41
N ALA F 235 22.62 25.26 47.31
CA ALA F 235 22.19 24.78 46.00
C ALA F 235 21.62 25.91 45.17
N ALA F 236 20.94 26.87 45.83
CA ALA F 236 20.48 28.06 45.11
C ALA F 236 21.66 28.87 44.58
N ASP F 237 22.70 29.06 45.39
CA ASP F 237 23.85 29.82 44.91
C ASP F 237 24.61 29.08 43.82
N ARG F 238 24.55 27.75 43.80
CA ARG F 238 25.29 27.00 42.79
C ARG F 238 24.51 26.85 41.48
N HIS F 239 23.18 26.74 41.53
CA HIS F 239 22.40 26.54 40.32
C HIS F 239 21.76 27.82 39.80
N LEU F 240 21.17 28.63 40.69
CA LEU F 240 20.47 29.84 40.30
C LEU F 240 21.36 31.09 40.42
N GLY F 241 22.65 30.91 40.72
CA GLY F 241 23.56 32.03 40.83
C GLY F 241 23.18 33.03 41.89
N ALA F 242 22.60 32.54 42.99
CA ALA F 242 22.16 33.43 44.06
C ALA F 242 23.36 33.97 44.84
N HIS F 243 23.11 34.98 45.67
CA HIS F 243 24.16 35.67 46.40
C HIS F 243 24.03 35.50 47.91
N ILE F 244 23.55 34.33 48.35
CA ILE F 244 23.35 34.11 49.79
C ILE F 244 24.69 34.12 50.51
N TYR F 245 25.66 33.36 50.02
CA TYR F 245 26.95 33.20 50.69
C TYR F 245 28.06 33.98 50.01
N ASP F 246 27.71 34.94 49.17
CA ASP F 246 28.72 35.74 48.47
C ASP F 246 29.52 36.55 49.50
N PRO F 247 30.84 36.60 49.38
CA PRO F 247 31.64 37.32 50.39
C PRO F 247 31.35 38.81 50.46
N ALA F 248 30.68 39.38 49.46
CA ALA F 248 30.30 40.80 49.54
C ALA F 248 29.40 41.04 50.73
N ASN F 249 28.43 40.17 50.94
CA ASN F 249 27.66 40.14 52.18
C ASN F 249 28.49 39.44 53.26
N GLY F 250 27.88 39.16 54.40
CA GLY F 250 28.58 38.36 55.40
C GLY F 250 28.46 36.88 55.09
N GLY F 251 28.73 36.51 53.84
CA GLY F 251 28.38 35.17 53.39
C GLY F 251 29.19 34.07 54.03
N VAL F 252 30.52 34.24 54.09
CA VAL F 252 31.37 33.16 54.58
C VAL F 252 31.10 32.91 56.06
N LEU F 253 30.96 33.98 56.84
CA LEU F 253 30.61 33.82 58.25
C LEU F 253 29.18 33.33 58.42
N LEU F 254 28.29 33.70 57.50
CA LEU F 254 26.93 33.17 57.53
C LEU F 254 26.94 31.65 57.44
N TRP F 255 27.67 31.11 56.45
CA TRP F 255 27.76 29.67 56.33
C TRP F 255 28.44 29.04 57.53
N GLN F 256 29.51 29.66 58.03
CA GLN F 256 30.17 29.09 59.20
C GLN F 256 29.21 28.99 60.39
N HIS F 257 28.46 30.06 60.65
CA HIS F 257 27.53 30.07 61.77
C HIS F 257 26.44 29.04 61.60
N LEU F 258 25.80 29.00 60.42
CA LEU F 258 24.73 28.02 60.19
C LEU F 258 25.26 26.60 60.30
N PHE F 259 26.37 26.32 59.63
CA PHE F 259 26.90 24.96 59.62
C PHE F 259 27.27 24.51 61.02
N TRP F 260 27.87 25.37 61.83
CA TRP F 260 28.30 24.87 63.13
C TRP F 260 27.15 24.80 64.13
N PHE F 261 26.16 25.70 63.99
CA PHE F 261 24.91 25.54 64.72
C PHE F 261 24.28 24.17 64.44
N PHE F 262 24.42 23.68 63.20
CA PHE F 262 24.09 22.28 62.94
C PHE F 262 25.09 21.32 63.59
N GLY F 263 26.37 21.49 63.29
CA GLY F 263 27.35 20.43 63.43
C GLY F 263 27.76 20.11 64.84
N HIS F 264 27.63 21.06 65.76
CA HIS F 264 28.00 20.61 67.11
C HIS F 264 26.85 19.82 67.73
N PRO F 265 25.59 20.26 67.57
CA PRO F 265 24.49 19.36 67.91
C PRO F 265 24.59 18.02 67.22
N GLU F 266 25.15 17.94 66.02
CA GLU F 266 25.31 16.65 65.35
C GLU F 266 26.25 15.72 66.14
N VAL F 267 27.37 16.25 66.62
CA VAL F 267 28.30 15.40 67.36
C VAL F 267 27.70 14.99 68.69
N TYR F 268 26.91 15.87 69.31
CA TYR F 268 26.25 15.40 70.54
C TYR F 268 25.09 14.45 70.25
N ILE F 269 24.47 14.57 69.08
CA ILE F 269 23.46 13.60 68.65
C ILE F 269 24.08 12.23 68.52
N ILE F 270 25.28 12.15 67.95
CA ILE F 270 25.93 10.84 67.83
C ILE F 270 26.67 10.44 69.10
N ALA F 271 26.75 11.32 70.09
CA ALA F 271 27.40 10.95 71.35
C ALA F 271 26.42 10.41 72.40
N LEU F 272 25.28 11.09 72.59
CA LEU F 272 24.41 10.79 73.74
C LEU F 272 23.84 9.37 73.76
N PRO F 273 23.27 8.84 72.66
CA PRO F 273 22.68 7.49 72.74
C PRO F 273 23.66 6.41 73.16
N PHE F 274 24.94 6.59 72.88
CA PHE F 274 25.93 5.61 73.30
C PHE F 274 26.31 5.77 74.76
N PHE F 275 26.22 7.00 75.29
CA PHE F 275 26.21 7.16 76.74
C PHE F 275 25.08 6.35 77.35
N GLY F 276 23.90 6.39 76.71
CA GLY F 276 22.81 5.56 77.19
C GLY F 276 23.11 4.08 77.11
N ILE F 277 23.72 3.64 76.01
CA ILE F 277 24.06 2.23 75.84
C ILE F 277 24.98 1.76 76.97
N VAL F 278 26.03 2.54 77.25
CA VAL F 278 26.96 2.11 78.30
C VAL F 278 26.32 2.20 79.67
N SER F 279 25.45 3.19 79.89
CA SER F 279 24.73 3.26 81.16
C SER F 279 23.75 2.11 81.32
N GLU F 280 23.35 1.48 80.21
CA GLU F 280 22.58 0.24 80.31
C GLU F 280 23.48 -0.95 80.60
N ILE F 281 24.63 -1.04 79.94
CA ILE F 281 25.47 -2.22 80.05
C ILE F 281 26.15 -2.30 81.41
N PHE F 282 26.60 -1.16 81.95
CA PHE F 282 27.40 -1.18 83.17
C PHE F 282 26.71 -1.86 84.35
N PRO F 283 25.48 -1.53 84.73
CA PRO F 283 24.88 -2.17 85.91
C PRO F 283 24.66 -3.66 85.75
N VAL F 284 24.52 -4.15 84.51
CA VAL F 284 24.28 -5.58 84.28
C VAL F 284 25.52 -6.38 84.67
N PHE F 285 26.65 -6.07 84.05
CA PHE F 285 27.90 -6.75 84.35
C PHE F 285 28.57 -6.26 85.61
N SER F 286 27.99 -5.26 86.28
CA SER F 286 28.44 -4.86 87.60
C SER F 286 27.65 -5.50 88.72
N ARG F 287 26.48 -6.06 88.42
CA ARG F 287 25.59 -6.67 89.41
C ARG F 287 25.09 -5.64 90.43
N LYS F 288 25.05 -4.38 90.01
CA LYS F 288 24.68 -3.24 90.83
C LYS F 288 23.64 -2.43 90.09
N PRO F 289 23.01 -1.46 90.77
CA PRO F 289 22.16 -0.50 90.06
C PRO F 289 22.99 0.64 89.48
N ILE F 290 22.43 1.26 88.44
CA ILE F 290 23.07 2.42 87.86
C ILE F 290 23.11 3.53 88.90
N PHE F 291 24.29 4.12 89.09
CA PHE F 291 24.47 5.12 90.14
C PHE F 291 24.07 6.50 89.62
N GLY F 292 23.32 7.23 90.43
CA GLY F 292 22.88 8.56 90.07
C GLY F 292 21.97 8.58 88.86
N TYR F 293 20.93 7.73 88.87
CA TYR F 293 19.96 7.68 87.79
C TYR F 293 19.38 9.06 87.49
N THR F 294 18.87 9.72 88.52
CA THR F 294 18.34 11.06 88.35
C THR F 294 19.45 12.05 87.96
N THR F 295 20.63 11.89 88.56
CA THR F 295 21.77 12.73 88.21
C THR F 295 22.13 12.55 86.74
N LEU F 296 22.10 11.32 86.24
CA LEU F 296 22.38 11.10 84.82
C LEU F 296 21.31 11.70 83.93
N ILE F 297 20.04 11.61 84.34
CA ILE F 297 18.98 12.24 83.56
C ILE F 297 19.21 13.74 83.45
N TYR F 298 19.53 14.38 84.57
CA TYR F 298 19.76 15.83 84.55
C TYR F 298 21.03 16.20 83.78
N ALA F 299 22.08 15.39 83.88
CA ALA F 299 23.30 15.66 83.13
C ALA F 299 23.05 15.53 81.63
N THR F 300 22.28 14.53 81.23
CA THR F 300 21.90 14.37 79.83
C THR F 300 21.09 15.57 79.35
N LEU F 301 20.14 16.04 80.18
CA LEU F 301 19.36 17.21 79.81
C LEU F 301 20.25 18.44 79.69
N ALA F 302 21.21 18.59 80.61
CA ALA F 302 22.11 19.74 80.56
C ALA F 302 22.97 19.72 79.31
N ILE F 303 23.50 18.54 78.94
CA ILE F 303 24.28 18.43 77.71
C ILE F 303 23.43 18.78 76.51
N ALA F 304 22.18 18.28 76.46
CA ALA F 304 21.31 18.56 75.33
C ALA F 304 21.01 20.06 75.23
N ALA F 305 20.77 20.72 76.37
CA ALA F 305 20.49 22.15 76.34
C ALA F 305 21.71 22.94 75.92
N LEU F 306 22.89 22.59 76.45
CA LEU F 306 24.08 23.39 76.23
C LEU F 306 24.74 23.13 74.89
N SER F 307 24.37 22.05 74.19
CA SER F 307 24.99 21.78 72.90
C SER F 307 24.48 22.67 71.79
N VAL F 308 23.71 23.71 72.10
CA VAL F 308 23.09 24.55 71.07
C VAL F 308 23.65 25.96 71.05
N ALA F 309 24.35 26.38 72.11
CA ALA F 309 24.87 27.74 72.20
C ALA F 309 26.39 27.80 72.19
N VAL F 310 27.06 26.70 71.88
CA VAL F 310 28.51 26.64 71.88
C VAL F 310 29.08 26.50 70.48
N TRP F 311 28.25 26.71 69.45
CA TRP F 311 28.60 26.33 68.08
C TRP F 311 29.86 27.00 67.55
N ALA F 312 30.27 28.14 68.13
CA ALA F 312 31.37 28.90 67.56
C ALA F 312 32.71 28.63 68.23
N HIS F 313 32.81 27.57 69.04
CA HIS F 313 34.14 27.16 69.47
C HIS F 313 34.89 26.47 68.35
N HIS F 314 34.23 26.17 67.24
CA HIS F 314 34.88 25.71 66.02
C HIS F 314 35.32 26.86 65.12
N MET F 315 35.03 28.10 65.51
CA MET F 315 35.25 29.27 64.68
C MET F 315 36.19 30.26 65.37
N TYR F 316 37.12 29.76 66.19
CA TYR F 316 38.04 30.65 66.90
C TYR F 316 38.99 31.35 65.94
N ALA F 317 39.51 30.63 64.93
CA ALA F 317 40.53 31.18 64.06
C ALA F 317 40.00 32.24 63.11
N THR F 318 38.68 32.40 63.01
CA THR F 318 38.11 33.38 62.09
C THR F 318 38.27 34.81 62.60
N GLY F 319 38.36 35.01 63.91
CA GLY F 319 38.39 36.35 64.46
C GLY F 319 37.12 37.14 64.22
N ALA F 320 35.96 36.46 64.21
CA ALA F 320 34.69 37.12 63.97
C ALA F 320 33.62 36.64 64.94
N VAL F 321 34.03 36.14 66.11
CA VAL F 321 33.10 35.61 67.10
C VAL F 321 33.47 36.18 68.47
N LEU F 322 32.58 35.97 69.43
CA LEU F 322 32.83 36.32 70.83
C LEU F 322 33.56 35.16 71.48
N LEU F 323 34.87 35.32 71.69
CA LEU F 323 35.65 34.25 72.31
C LEU F 323 35.20 33.91 73.72
N PRO F 324 35.03 34.86 74.65
CA PRO F 324 34.69 34.48 76.03
C PRO F 324 33.34 33.77 76.15
N PHE F 325 32.32 34.23 75.42
CA PHE F 325 30.99 33.62 75.52
C PHE F 325 31.04 32.14 75.17
N PHE F 326 31.58 31.81 73.99
CA PHE F 326 31.60 30.43 73.54
C PHE F 326 32.58 29.59 74.35
N SER F 327 33.73 30.15 74.72
CA SER F 327 34.68 29.37 75.52
C SER F 327 34.09 29.02 76.90
N PHE F 328 33.42 29.97 77.55
CA PHE F 328 32.80 29.70 78.84
C PHE F 328 31.68 28.68 78.69
N MET F 329 30.85 28.82 77.66
CA MET F 329 29.79 27.84 77.46
C MET F 329 30.35 26.46 77.17
N THR F 330 31.51 26.38 76.51
CA THR F 330 32.14 25.09 76.25
C THR F 330 32.63 24.46 77.54
N PHE F 331 33.25 25.24 78.42
CA PHE F 331 33.64 24.70 79.73
C PHE F 331 32.41 24.20 80.49
N LEU F 332 31.34 24.98 80.44
CA LEU F 332 30.11 24.64 81.15
C LEU F 332 29.54 23.33 80.62
N ILE F 333 29.56 23.13 79.31
CA ILE F 333 29.12 21.86 78.74
C ILE F 333 30.11 20.74 79.03
N ALA F 334 31.36 21.05 79.32
CA ALA F 334 32.33 20.02 79.67
C ALA F 334 32.02 19.43 81.05
N VAL F 335 31.49 20.24 81.96
CA VAL F 335 31.18 19.75 83.31
C VAL F 335 30.26 18.52 83.33
N PRO F 336 29.09 18.52 82.66
CA PRO F 336 28.18 17.37 82.80
C PRO F 336 28.75 16.04 82.34
N THR F 337 29.60 16.03 81.30
CA THR F 337 30.21 14.77 80.91
C THR F 337 31.11 14.22 82.01
N GLY F 338 31.78 15.12 82.74
CA GLY F 338 32.49 14.68 83.93
C GLY F 338 31.58 14.08 84.97
N ILE F 339 30.42 14.70 85.18
CA ILE F 339 29.45 14.11 86.11
C ILE F 339 29.05 12.71 85.63
N LYS F 340 28.92 12.54 84.31
CA LYS F 340 28.53 11.24 83.76
C LYS F 340 29.60 10.18 84.01
N PHE F 341 30.87 10.53 83.80
CA PHE F 341 31.93 9.59 84.14
C PHE F 341 31.91 9.23 85.62
N PHE F 342 31.65 10.22 86.48
CA PHE F 342 31.58 9.94 87.91
C PHE F 342 30.46 8.95 88.22
N ASN F 343 29.31 9.11 87.58
CA ASN F 343 28.21 8.18 87.80
C ASN F 343 28.54 6.77 87.29
N TRP F 344 29.19 6.68 86.13
CA TRP F 344 29.57 5.36 85.62
C TRP F 344 30.58 4.67 86.53
N ILE F 345 31.55 5.42 87.03
CA ILE F 345 32.53 4.86 87.96
C ILE F 345 31.83 4.38 89.23
N GLY F 346 30.91 5.20 89.75
CA GLY F 346 30.14 4.77 90.91
C GLY F 346 29.35 3.50 90.64
N THR F 347 28.85 3.35 89.42
CA THR F 347 28.18 2.11 89.04
C THR F 347 29.13 0.94 89.09
N MET F 348 30.33 1.09 88.54
CA MET F 348 31.30 0.00 88.58
C MET F 348 31.94 -0.18 89.95
N TRP F 349 31.91 0.83 90.80
CA TRP F 349 32.59 0.77 92.09
C TRP F 349 31.92 -0.25 93.02
N LYS F 350 32.76 -0.99 93.75
CA LYS F 350 32.35 -1.97 94.75
C LYS F 350 31.24 -2.88 94.25
N GLY F 351 31.50 -3.52 93.11
CA GLY F 351 30.55 -4.48 92.58
C GLY F 351 31.18 -5.84 92.35
N GLN F 352 30.62 -6.59 91.40
CA GLN F 352 31.14 -7.88 90.99
C GLN F 352 31.24 -7.85 89.46
N LEU F 353 32.40 -7.48 88.95
CA LEU F 353 32.59 -7.24 87.53
C LEU F 353 33.08 -8.50 86.85
N THR F 354 32.43 -8.86 85.74
CA THR F 354 32.90 -9.90 84.84
C THR F 354 33.02 -9.29 83.46
N PHE F 355 34.21 -9.41 82.86
CA PHE F 355 34.50 -8.71 81.61
C PHE F 355 34.16 -9.55 80.39
N GLU F 356 32.91 -10.00 80.31
CA GLU F 356 32.38 -10.44 79.04
C GLU F 356 32.48 -9.29 78.06
N THR F 357 32.43 -9.59 76.77
CA THR F 357 32.85 -8.62 75.75
C THR F 357 32.19 -7.25 75.86
N PRO F 358 30.87 -7.12 76.09
CA PRO F 358 30.30 -5.76 76.18
C PRO F 358 30.87 -4.92 77.32
N MET F 359 31.11 -5.50 78.49
CA MET F 359 31.68 -4.74 79.59
C MET F 359 33.11 -4.29 79.28
N LEU F 360 33.88 -5.17 78.63
CA LEU F 360 35.23 -4.82 78.21
C LEU F 360 35.21 -3.66 77.22
N PHE F 361 34.28 -3.71 76.26
CA PHE F 361 34.16 -2.61 75.30
C PHE F 361 33.71 -1.32 75.99
N SER F 362 32.84 -1.42 76.99
CA SER F 362 32.42 -0.23 77.71
C SER F 362 33.58 0.40 78.47
N VAL F 363 34.45 -0.43 79.07
CA VAL F 363 35.63 0.10 79.73
C VAL F 363 36.55 0.79 78.72
N GLY F 364 36.73 0.16 77.55
CA GLY F 364 37.48 0.82 76.49
C GLY F 364 36.89 2.16 76.10
N PHE F 365 35.55 2.22 75.99
CA PHE F 365 34.85 3.48 75.80
C PHE F 365 35.24 4.50 76.85
N LEU F 366 35.21 4.11 78.12
CA LEU F 366 35.55 5.04 79.20
C LEU F 366 36.93 5.63 78.96
N ILE F 367 37.92 4.77 78.75
CA ILE F 367 39.30 5.24 78.60
C ILE F 367 39.45 6.16 77.40
N THR F 368 38.97 5.69 76.24
CA THR F 368 39.18 6.40 74.99
C THR F 368 38.47 7.75 75.00
N PHE F 369 37.19 7.76 75.41
CA PHE F 369 36.44 9.00 75.41
C PHE F 369 36.95 9.95 76.47
N LEU F 370 37.48 9.44 77.59
CA LEU F 370 38.10 10.33 78.56
C LEU F 370 39.28 11.07 77.96
N LEU F 371 40.14 10.35 77.24
CA LEU F 371 41.28 11.05 76.64
C LEU F 371 40.82 12.04 75.57
N GLY F 372 39.80 11.67 74.80
CA GLY F 372 39.26 12.60 73.82
C GLY F 372 38.66 13.84 74.46
N GLY F 373 37.98 13.67 75.58
CA GLY F 373 37.40 14.82 76.27
C GLY F 373 38.47 15.74 76.85
N LEU F 374 39.55 15.16 77.37
CA LEU F 374 40.67 15.98 77.82
C LEU F 374 41.24 16.80 76.66
N SER F 375 41.44 16.14 75.52
CA SER F 375 41.93 16.87 74.34
C SER F 375 40.96 17.97 73.93
N GLY F 376 39.66 17.72 74.02
CA GLY F 376 38.68 18.74 73.68
C GLY F 376 38.70 19.91 74.63
N VAL F 377 38.88 19.65 75.93
CA VAL F 377 39.03 20.75 76.89
C VAL F 377 40.26 21.58 76.54
N LEU F 378 41.34 20.92 76.16
CA LEU F 378 42.52 21.66 75.72
C LEU F 378 42.19 22.52 74.50
N LEU F 379 41.45 21.96 73.55
CA LEU F 379 41.01 22.72 72.38
C LEU F 379 40.05 23.86 72.73
N ALA F 380 39.44 23.81 73.91
CA ALA F 380 38.38 24.77 74.23
C ALA F 380 38.93 26.17 74.47
N SER F 381 40.17 26.28 74.94
CA SER F 381 40.76 27.58 75.19
C SER F 381 41.15 28.24 73.88
N PRO F 382 40.63 29.43 73.58
CA PRO F 382 40.93 30.06 72.28
C PRO F 382 42.42 30.29 72.05
N PRO F 383 43.20 30.70 73.06
CA PRO F 383 44.66 30.82 72.81
C PRO F 383 45.32 29.52 72.41
N LEU F 384 44.89 28.38 72.95
CA LEU F 384 45.48 27.10 72.57
C LEU F 384 44.97 26.65 71.20
N ASP F 385 43.69 26.90 70.93
CA ASP F 385 43.14 26.63 69.61
C ASP F 385 43.79 27.52 68.55
N PHE F 386 44.37 28.65 68.96
CA PHE F 386 45.04 29.52 68.00
C PHE F 386 46.27 28.84 67.41
N HIS F 387 46.83 27.86 68.12
CA HIS F 387 47.93 27.07 67.60
C HIS F 387 47.46 25.72 67.04
N VAL F 388 46.57 25.01 67.76
CA VAL F 388 46.31 23.63 67.40
C VAL F 388 45.08 23.42 66.53
N THR F 389 44.37 24.48 66.15
CA THR F 389 43.25 24.29 65.23
C THR F 389 43.76 23.92 63.85
N ASP F 390 42.93 23.21 63.09
CA ASP F 390 43.22 22.75 61.73
C ASP F 390 44.47 21.88 61.66
N SER F 391 45.01 21.46 62.80
CA SER F 391 46.16 20.57 62.85
C SER F 391 45.73 19.21 63.32
N TYR F 392 46.63 18.23 63.17
CA TYR F 392 46.29 16.85 63.53
C TYR F 392 45.94 16.67 64.99
N PHE F 393 46.14 17.68 65.84
CA PHE F 393 45.65 17.59 67.21
C PHE F 393 44.14 17.50 67.24
N VAL F 394 43.46 18.30 66.42
CA VAL F 394 42.00 18.21 66.32
C VAL F 394 41.59 16.85 65.80
N ILE F 395 42.34 16.34 64.81
CA ILE F 395 42.08 15.02 64.25
C ILE F 395 42.12 13.95 65.33
N ALA F 396 43.19 13.97 66.13
CA ALA F 396 43.33 12.99 67.21
C ALA F 396 42.21 13.14 68.23
N HIS F 397 41.90 14.38 68.63
CA HIS F 397 40.86 14.59 69.62
C HIS F 397 39.53 14.03 69.15
N PHE F 398 39.09 14.39 67.94
CA PHE F 398 37.74 13.97 67.60
C PHE F 398 37.70 12.50 67.19
N HIS F 399 38.82 11.91 66.76
CA HIS F 399 38.81 10.46 66.60
C HIS F 399 38.73 9.76 67.95
N TYR F 400 39.36 10.31 68.97
CA TYR F 400 39.26 9.70 70.29
C TYR F 400 37.84 9.76 70.82
N VAL F 401 37.19 10.92 70.73
CA VAL F 401 35.81 10.98 71.22
C VAL F 401 34.88 10.13 70.36
N LEU F 402 35.17 10.02 69.06
CA LEU F 402 34.29 9.25 68.19
C LEU F 402 34.45 7.75 68.38
N PHE F 403 35.67 7.25 68.63
CA PHE F 403 35.76 5.85 69.03
C PHE F 403 35.20 5.63 70.42
N GLY F 404 35.30 6.62 71.30
CA GLY F 404 34.60 6.53 72.55
C GLY F 404 33.13 6.20 72.30
N THR F 405 32.42 7.12 71.65
CA THR F 405 30.98 6.96 71.54
C THR F 405 30.57 5.92 70.50
N ILE F 406 30.89 6.16 69.23
CA ILE F 406 30.21 5.46 68.15
C ILE F 406 30.99 4.23 67.68
N VAL F 407 32.01 3.80 68.41
CA VAL F 407 32.69 2.57 68.01
C VAL F 407 32.78 1.59 69.17
N PHE F 408 33.40 2.00 70.27
CA PHE F 408 33.48 1.12 71.42
C PHE F 408 32.11 0.87 72.03
N ALA F 409 31.29 1.91 72.13
CA ALA F 409 29.94 1.71 72.65
C ALA F 409 29.01 1.07 71.61
N THR F 410 29.22 1.34 70.32
CA THR F 410 28.46 0.60 69.30
C THR F 410 28.74 -0.89 69.40
N TYR F 411 30.01 -1.26 69.54
CA TYR F 411 30.35 -2.67 69.63
C TYR F 411 29.85 -3.26 70.94
N ALA F 412 29.96 -2.52 72.04
CA ALA F 412 29.38 -2.97 73.30
C ALA F 412 27.89 -3.26 73.15
N GLY F 413 27.16 -2.34 72.52
CA GLY F 413 25.74 -2.55 72.31
C GLY F 413 25.44 -3.72 71.40
N ILE F 414 26.24 -3.90 70.36
CA ILE F 414 26.03 -5.01 69.44
C ILE F 414 26.24 -6.34 70.15
N TYR F 415 27.34 -6.46 70.90
CA TYR F 415 27.60 -7.69 71.66
C TYR F 415 26.51 -7.92 72.69
N PHE F 416 26.02 -6.85 73.33
CA PHE F 416 25.01 -6.99 74.36
C PHE F 416 23.67 -7.44 73.79
N TRP F 417 23.23 -6.79 72.72
CA TRP F 417 21.88 -6.97 72.21
C TRP F 417 21.81 -7.93 71.03
N PHE F 418 22.92 -8.57 70.66
CA PHE F 418 22.86 -9.62 69.66
C PHE F 418 22.00 -10.81 70.09
N PRO F 419 22.15 -11.37 71.29
CA PRO F 419 21.26 -12.48 71.67
C PRO F 419 19.80 -12.08 71.71
N LYS F 420 19.52 -10.84 72.13
CA LYS F 420 18.14 -10.38 72.22
C LYS F 420 17.51 -10.27 70.84
N MET F 421 18.27 -9.90 69.82
CA MET F 421 17.71 -9.70 68.50
C MET F 421 17.76 -10.93 67.62
N THR F 422 18.68 -11.86 67.88
CA THR F 422 18.86 -13.02 67.03
C THR F 422 18.53 -14.35 67.70
N GLY F 423 18.57 -14.43 69.02
CA GLY F 423 18.47 -15.72 69.68
C GLY F 423 19.75 -16.52 69.67
N ARG F 424 20.87 -15.92 69.29
CA ARG F 424 22.16 -16.58 69.24
C ARG F 424 23.19 -15.74 69.98
N LEU F 425 24.19 -16.42 70.53
CA LEU F 425 25.31 -15.74 71.17
C LEU F 425 26.41 -15.46 70.16
N LEU F 426 27.21 -14.45 70.46
CA LEU F 426 28.44 -14.18 69.71
C LEU F 426 29.61 -14.77 70.47
N ASP F 427 30.53 -15.40 69.75
CA ASP F 427 31.64 -16.09 70.38
C ASP F 427 32.51 -15.12 71.15
N GLU F 428 32.65 -15.35 72.46
CA GLU F 428 33.34 -14.39 73.31
C GLU F 428 34.84 -14.36 73.06
N ARG F 429 35.42 -15.45 72.58
CA ARG F 429 36.86 -15.46 72.31
C ARG F 429 37.20 -14.57 71.10
N LEU F 430 36.42 -14.70 70.03
CA LEU F 430 36.57 -13.77 68.91
C LEU F 430 36.26 -12.35 69.34
N GLY F 431 35.34 -12.17 70.27
CA GLY F 431 35.05 -10.83 70.77
C GLY F 431 36.22 -10.21 71.50
N LYS F 432 36.89 -11.00 72.35
CA LYS F 432 38.06 -10.48 73.06
C LYS F 432 39.21 -10.18 72.10
N LEU F 433 39.42 -11.07 71.13
CA LEU F 433 40.45 -10.83 70.12
C LEU F 433 40.17 -9.56 69.35
N HIS F 434 38.91 -9.37 68.94
CA HIS F 434 38.50 -8.16 68.24
C HIS F 434 38.70 -6.92 69.09
N PHE F 435 38.32 -6.98 70.37
CA PHE F 435 38.48 -5.81 71.23
C PHE F 435 39.93 -5.42 71.35
N TRP F 436 40.82 -6.41 71.58
CA TRP F 436 42.21 -6.06 71.80
C TRP F 436 42.87 -5.57 70.51
N LEU F 437 42.52 -6.16 69.37
CA LEU F 437 43.00 -5.64 68.10
C LEU F 437 42.56 -4.20 67.89
N THR F 438 41.27 -3.92 68.15
CA THR F 438 40.77 -2.56 67.96
C THR F 438 41.48 -1.58 68.89
N PHE F 439 41.63 -1.95 70.16
CA PHE F 439 42.26 -1.05 71.13
C PHE F 439 43.69 -0.73 70.72
N ILE F 440 44.48 -1.77 70.44
CA ILE F 440 45.88 -1.56 70.10
C ILE F 440 46.01 -0.75 68.81
N GLY F 441 45.25 -1.13 67.78
CA GLY F 441 45.33 -0.43 66.52
C GLY F 441 44.93 1.03 66.65
N PHE F 442 43.88 1.31 67.43
CA PHE F 442 43.41 2.68 67.55
C PHE F 442 44.40 3.56 68.27
N HIS F 443 44.93 3.09 69.41
CA HIS F 443 45.91 3.93 70.09
C HIS F 443 47.19 4.07 69.29
N THR F 444 47.61 3.01 68.59
CA THR F 444 48.78 3.11 67.72
C THR F 444 48.58 4.17 66.65
N THR F 445 47.40 4.19 66.02
CA THR F 445 47.19 5.10 64.89
C THR F 445 46.78 6.51 65.29
N PHE F 446 46.39 6.75 66.55
CA PHE F 446 45.95 8.08 66.91
C PHE F 446 46.62 8.70 68.13
N LEU F 447 47.56 8.03 68.79
CA LEU F 447 48.25 8.69 69.90
C LEU F 447 49.28 9.70 69.40
N VAL F 448 49.99 9.36 68.32
CA VAL F 448 51.09 10.22 67.86
C VAL F 448 50.59 11.45 67.11
N GLN F 449 49.31 11.48 66.71
CA GLN F 449 48.83 12.64 65.96
C GLN F 449 48.70 13.88 66.82
N HIS F 450 48.55 13.72 68.14
CA HIS F 450 48.66 14.88 69.04
C HIS F 450 50.01 15.57 68.84
N TRP F 451 51.09 14.79 68.92
CA TRP F 451 52.43 15.35 68.69
C TRP F 451 52.56 15.86 67.27
N LEU F 452 52.01 15.13 66.30
CA LEU F 452 52.14 15.52 64.90
C LEU F 452 51.45 16.85 64.62
N GLY F 453 50.43 17.20 65.39
CA GLY F 453 49.77 18.47 65.21
C GLY F 453 50.37 19.57 66.07
N ASP F 454 50.93 19.19 67.22
CA ASP F 454 51.56 20.20 68.09
C ASP F 454 52.78 20.80 67.42
N GLU F 455 53.65 19.98 66.83
CA GLU F 455 54.68 20.46 65.93
C GLU F 455 54.07 20.47 64.53
N GLY F 456 53.96 21.65 63.94
CA GLY F 456 52.91 21.91 62.97
C GLY F 456 52.83 21.04 61.73
N MET F 457 51.87 20.12 61.74
CA MET F 457 51.40 19.44 60.54
C MET F 457 49.90 19.70 60.44
N PRO F 458 49.45 20.54 59.52
CA PRO F 458 48.03 20.84 59.43
C PRO F 458 47.24 19.62 58.96
N ARG F 459 45.93 19.72 59.08
CA ARG F 459 45.07 18.66 58.59
C ARG F 459 44.80 18.86 57.11
N ARG F 460 44.32 17.80 56.47
CA ARG F 460 43.91 17.80 55.07
C ARG F 460 45.07 18.04 54.11
N TYR F 461 46.30 17.74 54.52
CA TYR F 461 47.44 17.80 53.62
C TYR F 461 47.63 16.44 52.93
N ALA F 462 47.65 16.47 51.60
CA ALA F 462 47.87 15.26 50.83
C ALA F 462 49.34 14.84 50.82
N ASP F 463 50.25 15.80 50.96
CA ASP F 463 51.68 15.52 50.78
C ASP F 463 52.48 16.54 51.59
N TYR F 464 53.64 16.11 52.07
CA TYR F 464 54.52 16.96 52.87
C TYR F 464 55.95 16.75 52.38
N LEU F 465 56.91 17.31 53.12
CA LEU F 465 58.29 17.25 52.68
C LEU F 465 59.10 16.27 53.53
N PRO F 466 60.14 15.66 52.96
CA PRO F 466 61.05 14.86 53.79
C PRO F 466 61.76 15.70 54.84
N THR F 467 61.93 16.99 54.60
CA THR F 467 62.50 17.91 55.58
C THR F 467 61.46 18.48 56.52
N ASP F 468 60.18 18.14 56.35
CA ASP F 468 59.16 18.53 57.31
C ASP F 468 59.36 17.85 58.65
N GLY F 469 59.89 16.63 58.66
CA GLY F 469 60.11 15.91 59.89
C GLY F 469 58.91 15.18 60.44
N PHE F 470 58.05 14.66 59.57
CA PHE F 470 56.81 14.03 60.00
C PHE F 470 56.73 12.55 59.63
N THR F 471 57.83 11.94 59.19
CA THR F 471 57.73 10.62 58.59
C THR F 471 57.52 9.51 59.62
N THR F 472 58.23 9.56 60.74
CA THR F 472 58.16 8.47 61.72
C THR F 472 56.77 8.34 62.32
N LEU F 473 56.19 9.47 62.74
CA LEU F 473 54.87 9.42 63.36
C LEU F 473 53.80 9.02 62.36
N ASN F 474 53.94 9.45 61.11
CA ASN F 474 53.00 9.00 60.08
C ASN F 474 53.14 7.52 59.80
N VAL F 475 54.35 6.97 59.88
CA VAL F 475 54.53 5.52 59.74
C VAL F 475 53.82 4.79 60.87
N ILE F 476 53.98 5.28 62.10
CA ILE F 476 53.29 4.66 63.22
C ILE F 476 51.78 4.74 63.03
N SER F 477 51.29 5.89 62.56
CA SER F 477 49.86 6.05 62.34
C SER F 477 49.35 5.10 61.26
N THR F 478 50.12 4.91 60.19
CA THR F 478 49.67 4.02 59.11
C THR F 478 49.68 2.57 59.56
N VAL F 479 50.68 2.18 60.36
CA VAL F 479 50.70 0.83 60.91
C VAL F 479 49.47 0.60 61.78
N GLY F 480 49.18 1.57 62.67
CA GLY F 480 47.99 1.44 63.50
C GLY F 480 46.71 1.42 62.68
N ALA F 481 46.66 2.17 61.59
CA ALA F 481 45.49 2.18 60.72
C ALA F 481 45.27 0.81 60.10
N PHE F 482 46.36 0.14 59.70
CA PHE F 482 46.19 -1.19 59.13
C PHE F 482 45.87 -2.23 60.20
N ILE F 483 46.32 -2.03 61.44
CA ILE F 483 45.85 -2.90 62.52
C ILE F 483 44.35 -2.71 62.73
N LEU F 484 43.88 -1.47 62.68
CA LEU F 484 42.44 -1.22 62.75
C LEU F 484 41.72 -1.87 61.58
N GLY F 485 42.36 -1.90 60.42
CA GLY F 485 41.75 -2.56 59.27
C GLY F 485 41.61 -4.05 59.45
N VAL F 486 42.66 -4.70 59.97
CA VAL F 486 42.58 -6.15 60.19
C VAL F 486 41.73 -6.49 61.40
N SER F 487 41.44 -5.52 62.26
CA SER F 487 40.59 -5.80 63.42
C SER F 487 39.14 -6.04 63.01
N MET F 488 38.73 -5.61 61.83
CA MET F 488 37.35 -5.82 61.39
C MET F 488 37.08 -7.26 61.00
N LEU F 489 38.11 -8.04 60.68
CA LEU F 489 37.90 -9.44 60.30
C LEU F 489 37.38 -10.30 61.44
N PRO F 490 37.91 -10.22 62.67
CA PRO F 490 37.30 -11.00 63.76
C PRO F 490 35.82 -10.71 63.96
N PHE F 491 35.40 -9.45 63.93
CA PHE F 491 34.00 -9.12 64.17
C PHE F 491 33.12 -9.61 63.03
N VAL F 492 33.53 -9.37 61.79
CA VAL F 492 32.73 -9.80 60.65
C VAL F 492 32.60 -11.32 60.64
N TRP F 493 33.71 -12.02 60.86
CA TRP F 493 33.66 -13.49 60.91
C TRP F 493 32.79 -13.97 62.06
N ASN F 494 32.91 -13.34 63.23
CA ASN F 494 32.13 -13.75 64.38
C ASN F 494 30.64 -13.59 64.12
N VAL F 495 30.22 -12.44 63.59
CA VAL F 495 28.81 -12.22 63.32
C VAL F 495 28.32 -13.18 62.25
N PHE F 496 29.10 -13.36 61.18
CA PHE F 496 28.68 -14.20 60.06
C PHE F 496 28.50 -15.65 60.48
N LYS F 497 29.40 -16.16 61.33
CA LYS F 497 29.26 -17.53 61.81
C LYS F 497 28.23 -17.65 62.93
N SER F 498 28.10 -16.63 63.78
CA SER F 498 27.23 -16.74 64.94
C SER F 498 25.77 -16.54 64.59
N TRP F 499 25.47 -15.88 63.47
CA TRP F 499 24.07 -15.72 63.10
C TRP F 499 23.40 -17.08 62.94
N ARG F 500 24.05 -17.99 62.22
CA ARG F 500 23.48 -19.31 61.94
C ARG F 500 23.95 -20.36 62.94
N TYR F 501 25.26 -20.48 63.13
CA TYR F 501 25.84 -21.51 63.98
C TYR F 501 26.28 -20.95 65.33
N GLY F 502 25.53 -20.00 65.86
CA GLY F 502 25.81 -19.45 67.17
C GLY F 502 25.14 -20.25 68.28
N GLU F 503 25.70 -20.14 69.47
CA GLU F 503 25.19 -20.90 70.61
C GLU F 503 23.77 -20.46 70.93
N PRO F 504 22.81 -21.38 70.97
CA PRO F 504 21.40 -20.97 71.14
C PRO F 504 21.16 -20.32 72.49
N VAL F 505 20.20 -19.40 72.51
CA VAL F 505 19.72 -18.76 73.73
C VAL F 505 18.26 -19.14 73.88
N THR F 506 17.95 -19.93 74.91
CA THR F 506 16.58 -20.34 75.19
C THR F 506 16.00 -19.66 76.42
N VAL F 507 16.68 -18.65 76.95
CA VAL F 507 16.27 -18.00 78.19
C VAL F 507 15.97 -16.54 77.91
N ASP F 508 15.31 -15.90 78.87
CA ASP F 508 15.26 -14.45 78.91
C ASP F 508 16.54 -13.92 79.56
N ASP F 509 17.06 -12.83 79.00
CA ASP F 509 18.24 -12.20 79.60
C ASP F 509 19.41 -13.17 79.67
N PRO F 510 20.02 -13.52 78.53
CA PRO F 510 21.19 -14.43 78.56
C PRO F 510 22.42 -13.83 79.22
N TRP F 511 22.36 -12.58 79.67
CA TRP F 511 23.45 -11.95 80.41
C TRP F 511 23.21 -11.97 81.91
N GLY F 512 22.14 -12.59 82.36
CA GLY F 512 21.92 -12.84 83.78
C GLY F 512 21.24 -11.78 84.61
N TYR F 513 21.75 -10.56 84.57
CA TYR F 513 21.28 -9.49 85.44
C TYR F 513 20.88 -8.28 84.64
N GLY F 514 20.17 -8.49 83.53
CA GLY F 514 19.61 -7.38 82.79
C GLY F 514 18.61 -6.60 83.63
N ASN F 515 18.50 -5.31 83.35
CA ASN F 515 17.70 -4.42 84.17
C ASN F 515 16.43 -3.95 83.48
N SER F 516 16.52 -3.53 82.23
CA SER F 516 15.39 -2.92 81.55
C SER F 516 14.46 -4.00 80.99
N LEU F 517 13.35 -3.55 80.39
CA LEU F 517 12.27 -4.46 80.02
C LEU F 517 12.62 -5.37 78.85
N GLU F 518 13.64 -5.06 78.06
CA GLU F 518 13.95 -5.92 76.93
C GLU F 518 14.40 -7.30 77.36
N TRP F 519 14.80 -7.46 78.62
CA TRP F 519 15.19 -8.76 79.16
C TRP F 519 14.03 -9.44 79.88
N ALA F 520 12.83 -8.90 79.80
CA ALA F 520 11.63 -9.54 80.33
C ALA F 520 10.89 -10.35 79.28
N THR F 521 11.33 -10.32 78.03
CA THR F 521 10.76 -11.09 76.94
C THR F 521 11.79 -12.08 76.41
N SER F 522 11.39 -12.86 75.41
CA SER F 522 12.19 -13.98 74.93
C SER F 522 13.35 -13.47 74.09
N CYS F 523 14.09 -14.41 73.50
CA CYS F 523 15.20 -14.10 72.60
C CYS F 523 15.03 -14.92 71.32
N PRO F 524 14.62 -14.31 70.20
CA PRO F 524 14.24 -12.90 70.07
C PRO F 524 12.83 -12.65 70.60
N PRO F 525 12.47 -11.40 70.84
CA PRO F 525 11.10 -11.09 71.23
C PRO F 525 10.14 -11.42 70.11
N PRO F 526 8.94 -11.89 70.43
CA PRO F 526 7.95 -12.16 69.38
C PRO F 526 7.53 -10.86 68.71
N ARG F 527 6.75 -11.00 67.64
CA ARG F 527 6.12 -9.83 67.05
C ARG F 527 5.27 -9.15 68.12
N HIS F 528 5.45 -7.84 68.24
CA HIS F 528 4.85 -6.96 69.26
C HIS F 528 5.56 -7.12 70.60
N ASN F 529 6.65 -7.88 70.65
CA ASN F 529 7.68 -7.80 71.67
C ASN F 529 7.30 -8.36 73.02
N PHE F 530 6.03 -8.68 73.24
CA PHE F 530 5.58 -8.99 74.60
C PHE F 530 4.38 -9.90 74.58
N THR F 531 4.50 -11.05 75.26
CA THR F 531 3.35 -11.88 75.59
C THR F 531 2.83 -11.61 76.99
N GLU F 532 3.63 -10.97 77.84
CA GLU F 532 3.18 -10.56 79.16
C GLU F 532 4.10 -9.45 79.66
N LEU F 533 3.54 -8.57 80.48
CA LEU F 533 4.30 -7.48 81.06
C LEU F 533 4.36 -7.61 82.57
N PRO F 534 5.51 -7.38 83.18
CA PRO F 534 5.61 -7.47 84.64
C PRO F 534 5.11 -6.20 85.31
N ARG F 535 4.94 -6.30 86.63
CA ARG F 535 4.54 -5.13 87.42
C ARG F 535 5.71 -4.17 87.50
N ILE F 536 5.64 -3.08 86.74
CA ILE F 536 6.73 -2.13 86.67
C ILE F 536 6.69 -1.25 87.92
N ARG F 537 7.79 -1.24 88.67
CA ARG F 537 7.85 -0.44 89.89
C ARG F 537 9.10 0.39 90.04
N SER F 538 10.14 0.17 89.22
CA SER F 538 11.34 0.99 89.25
C SER F 538 11.95 0.97 87.85
N GLU F 539 13.17 1.48 87.74
CA GLU F 539 13.86 1.55 86.46
C GLU F 539 14.57 0.26 86.09
N ARG F 540 14.47 -0.77 86.91
CA ARG F 540 15.02 -2.09 86.59
C ARG F 540 13.97 -3.17 86.80
N PRO F 541 12.88 -3.13 86.01
CA PRO F 541 11.79 -4.09 86.24
C PRO F 541 12.18 -5.55 86.06
N ALA F 542 13.06 -5.84 85.09
CA ALA F 542 13.43 -7.22 84.84
C ALA F 542 14.27 -7.80 85.96
N PHE F 543 15.09 -6.97 86.62
CA PHE F 543 15.84 -7.44 87.78
C PHE F 543 14.91 -7.86 88.90
N GLU F 544 13.93 -7.01 89.25
CA GLU F 544 13.00 -7.35 90.30
C GLU F 544 12.15 -8.55 89.93
N LEU F 545 11.76 -8.66 88.65
CA LEU F 545 11.01 -9.83 88.22
C LEU F 545 11.82 -11.11 88.38
N HIS F 546 13.04 -11.13 87.85
CA HIS F 546 13.83 -12.36 87.82
C HIS F 546 14.43 -12.70 89.17
N TYR F 547 14.62 -11.71 90.05
CA TYR F 547 15.17 -11.91 91.38
C TYR F 547 14.27 -11.24 92.40
N PRO F 548 13.12 -11.83 92.70
CA PRO F 548 12.13 -11.15 93.56
C PRO F 548 12.54 -11.07 95.01
N HIS F 549 13.56 -11.82 95.44
CA HIS F 549 14.06 -11.74 96.80
C HIS F 549 14.88 -10.48 97.05
N MET F 550 15.32 -9.80 96.00
CA MET F 550 16.20 -8.64 96.12
C MET F 550 15.46 -7.31 96.14
N VAL F 551 14.13 -7.32 96.06
CA VAL F 551 13.38 -6.07 95.97
C VAL F 551 13.55 -5.26 97.25
N GLU F 552 13.36 -5.91 98.39
CA GLU F 552 13.50 -5.20 99.66
C GLU F 552 14.95 -4.80 99.91
N ARG F 553 15.91 -5.61 99.45
CA ARG F 553 17.31 -5.19 99.47
C ARG F 553 17.51 -3.89 98.70
N MET F 554 17.00 -3.84 97.47
CA MET F 554 17.20 -2.66 96.64
C MET F 554 16.54 -1.43 97.24
N ARG F 555 15.34 -1.59 97.82
CA ARG F 555 14.71 -0.45 98.49
C ARG F 555 15.52 -0.01 99.70
N ALA F 556 15.94 -0.95 100.54
CA ALA F 556 16.62 -0.59 101.78
C ALA F 556 18.00 0.02 101.51
N GLU F 557 18.72 -0.51 100.52
CA GLU F 557 20.11 -0.17 100.30
C GLU F 557 20.32 0.83 99.16
N ALA F 558 19.24 1.41 98.64
CA ALA F 558 19.38 2.32 97.50
C ALA F 558 20.22 3.55 97.85
N HIS F 559 20.00 4.12 99.03
CA HIS F 559 20.76 5.28 99.47
C HIS F 559 22.06 4.82 100.11
N VAL F 560 23.18 5.41 99.67
CA VAL F 560 24.46 5.06 100.23
C VAL F 560 24.55 5.52 101.69
N GLY F 561 24.12 6.75 101.96
CA GLY F 561 24.13 7.28 103.31
C GLY F 561 22.91 6.87 104.12
N LEU G 19 -12.03 9.67 76.07
CA LEU G 19 -10.90 10.49 75.63
C LEU G 19 -9.95 10.77 76.78
N ASN G 20 -9.30 9.72 77.28
CA ASN G 20 -8.41 9.83 78.43
C ASN G 20 -6.94 9.66 78.06
N ARG G 21 -6.59 9.90 76.81
CA ARG G 21 -5.23 9.76 76.33
C ARG G 21 -4.98 10.77 75.22
N PRO G 22 -3.73 11.14 74.97
CA PRO G 22 -3.43 12.07 73.89
C PRO G 22 -3.37 11.39 72.54
N ASN G 23 -3.52 12.21 71.51
CA ASN G 23 -3.54 11.75 70.12
C ASN G 23 -2.16 11.91 69.53
N MET G 24 -1.52 10.80 69.14
CA MET G 24 -0.12 10.87 68.73
C MET G 24 0.08 11.45 67.34
N VAL G 25 -0.89 11.36 66.45
CA VAL G 25 -0.72 12.01 65.16
C VAL G 25 -0.59 13.52 65.36
N SER G 26 -1.35 14.06 66.31
CA SER G 26 -1.27 15.48 66.63
C SER G 26 0.10 15.85 67.19
N VAL G 27 0.64 15.05 68.11
CA VAL G 27 1.91 15.42 68.72
C VAL G 27 3.04 15.29 67.72
N GLY G 28 2.98 14.28 66.86
CA GLY G 28 3.98 14.15 65.81
C GLY G 28 3.93 15.32 64.83
N THR G 29 2.73 15.74 64.46
CA THR G 29 2.59 16.91 63.61
C THR G 29 3.15 18.15 64.29
N ILE G 30 2.90 18.30 65.59
CA ILE G 30 3.38 19.48 66.30
C ILE G 30 4.90 19.53 66.32
N VAL G 31 5.55 18.40 66.65
CA VAL G 31 7.01 18.40 66.71
C VAL G 31 7.61 18.60 65.32
N TRP G 32 7.00 18.01 64.29
CA TRP G 32 7.52 18.23 62.94
C TRP G 32 7.33 19.68 62.50
N LEU G 33 6.23 20.31 62.91
CA LEU G 33 6.02 21.71 62.59
C LEU G 33 7.05 22.59 63.28
N SER G 34 7.45 22.23 64.50
CA SER G 34 8.52 22.94 65.17
C SER G 34 9.84 22.81 64.39
N SER G 35 10.12 21.61 63.87
CA SER G 35 11.32 21.44 63.04
C SER G 35 11.24 22.30 61.77
N GLU G 36 10.06 22.39 61.16
CA GLU G 36 9.92 23.25 59.99
C GLU G 36 10.12 24.72 60.35
N LEU G 37 9.67 25.12 61.53
CA LEU G 37 9.99 26.44 62.04
C LEU G 37 11.50 26.64 62.12
N MET G 38 12.24 25.60 62.48
CA MET G 38 13.70 25.71 62.50
C MET G 38 14.27 25.89 61.09
N PHE G 39 13.68 25.21 60.10
CA PHE G 39 14.11 25.41 58.72
C PHE G 39 13.92 26.87 58.29
N PHE G 40 12.75 27.43 58.60
CA PHE G 40 12.54 28.83 58.30
C PHE G 40 13.42 29.74 59.16
N ALA G 41 13.86 29.25 60.32
CA ALA G 41 14.88 29.98 61.09
C ALA G 41 16.16 30.11 60.29
N GLY G 42 16.58 29.03 59.64
CA GLY G 42 17.74 29.11 58.77
C GLY G 42 17.56 30.14 57.67
N LEU G 43 16.37 30.14 57.06
CA LEU G 43 16.11 31.14 56.02
C LEU G 43 16.12 32.57 56.57
N PHE G 44 15.56 32.76 57.77
CA PHE G 44 15.57 34.08 58.38
C PHE G 44 17.00 34.54 58.70
N ALA G 45 17.85 33.61 59.14
CA ALA G 45 19.25 33.96 59.35
C ALA G 45 19.92 34.36 58.05
N MET G 46 19.53 33.71 56.94
CA MET G 46 20.05 34.15 55.65
C MET G 46 19.59 35.57 55.32
N TYR G 47 18.34 35.89 55.62
CA TYR G 47 17.82 37.22 55.28
C TYR G 47 18.47 38.31 56.13
N PHE G 48 18.53 38.11 57.45
CA PHE G 48 19.02 39.16 58.33
C PHE G 48 20.47 39.53 58.01
N THR G 49 21.32 38.54 57.77
CA THR G 49 22.61 38.82 57.17
C THR G 49 22.40 39.27 55.73
N ALA G 50 23.25 40.19 55.29
CA ALA G 50 23.18 40.95 54.04
C ALA G 50 22.13 42.05 54.11
N ARG G 51 21.31 42.11 55.16
CA ARG G 51 20.58 43.33 55.46
C ARG G 51 21.45 44.30 56.24
N ALA G 52 22.35 43.80 57.08
CA ALA G 52 23.29 44.62 57.81
C ALA G 52 24.53 44.95 57.00
N GLN G 53 24.72 44.31 55.85
CA GLN G 53 25.85 44.61 54.97
C GLN G 53 25.51 45.59 53.87
N ALA G 54 24.22 45.81 53.59
CA ALA G 54 23.82 46.74 52.54
C ALA G 54 24.23 48.17 52.88
N GLY G 55 24.11 48.56 54.14
CA GLY G 55 24.46 49.89 54.57
C GLY G 55 23.30 50.82 54.81
N GLY G 56 22.07 50.31 54.86
CA GLY G 56 20.88 51.11 55.05
C GLY G 56 20.04 51.29 53.81
N ALA G 57 20.65 51.15 52.63
CA ALA G 57 19.89 51.22 51.38
C ALA G 57 19.14 49.90 51.17
N TRP G 58 18.15 49.63 52.02
CA TRP G 58 17.49 48.33 52.06
C TRP G 58 15.98 48.53 52.02
N PRO G 59 15.28 48.04 50.99
CA PRO G 59 15.87 47.38 49.81
C PRO G 59 16.54 48.37 48.86
N PRO G 60 17.63 47.95 48.23
CA PRO G 60 18.27 48.82 47.24
C PRO G 60 17.48 48.88 45.95
N GLU G 61 17.71 49.93 45.18
CA GLU G 61 17.10 50.06 43.88
C GLU G 61 17.64 49.00 42.92
N PRO G 62 16.86 48.60 41.90
CA PRO G 62 15.52 49.08 41.53
C PRO G 62 14.37 48.40 42.26
N THR G 63 14.61 47.90 43.47
CA THR G 63 13.55 47.24 44.20
C THR G 63 12.62 48.25 44.87
N GLU G 64 11.33 48.08 44.64
CA GLU G 64 10.30 48.91 45.28
C GLU G 64 9.16 47.96 45.63
N LEU G 65 9.07 47.61 46.91
CA LEU G 65 8.11 46.59 47.33
C LEU G 65 6.68 47.04 47.09
N ASN G 66 5.91 46.18 46.43
CA ASN G 66 4.51 46.46 46.10
C ASN G 66 3.67 46.13 47.32
N LEU G 67 3.60 47.08 48.24
CA LEU G 67 2.86 46.91 49.49
C LEU G 67 1.35 47.06 49.31
N ALA G 68 0.88 47.10 48.05
CA ALA G 68 -0.54 47.20 47.76
C ALA G 68 -1.16 45.88 47.35
N LEU G 69 -0.35 44.91 46.92
CA LEU G 69 -0.80 43.54 46.68
C LEU G 69 -0.36 42.58 47.79
N ALA G 70 0.64 42.96 48.59
CA ALA G 70 1.11 42.07 49.64
C ALA G 70 0.16 42.04 50.83
N VAL G 71 -0.49 43.16 51.14
CA VAL G 71 -1.47 43.22 52.22
C VAL G 71 -2.70 42.36 51.88
N PRO G 72 -3.28 42.44 50.68
CA PRO G 72 -4.43 41.59 50.39
C PRO G 72 -4.15 40.10 50.52
N VAL G 73 -3.00 39.61 50.06
CA VAL G 73 -2.74 38.18 50.14
C VAL G 73 -2.51 37.78 51.60
N THR G 74 -1.92 38.67 52.40
CA THR G 74 -1.81 38.39 53.83
C THR G 74 -3.17 38.27 54.49
N LEU G 75 -4.09 39.19 54.16
CA LEU G 75 -5.43 39.11 54.72
C LEU G 75 -6.17 37.86 54.25
N VAL G 76 -5.97 37.47 52.99
CA VAL G 76 -6.59 36.24 52.48
C VAL G 76 -6.03 35.03 53.22
N LEU G 77 -4.74 35.02 53.52
CA LEU G 77 -4.16 33.92 54.28
C LEU G 77 -4.75 33.85 55.69
N ILE G 78 -4.91 34.99 56.35
CA ILE G 78 -5.53 34.99 57.67
C ILE G 78 -6.97 34.48 57.60
N ALA G 79 -7.71 34.93 56.59
CA ALA G 79 -9.08 34.44 56.40
C ALA G 79 -9.10 32.94 56.17
N SER G 80 -8.12 32.43 55.41
CA SER G 80 -8.06 30.99 55.16
C SER G 80 -7.78 30.22 56.43
N SER G 81 -6.95 30.78 57.32
CA SER G 81 -6.73 30.15 58.61
C SER G 81 -8.02 30.10 59.42
N PHE G 82 -8.79 31.20 59.40
CA PHE G 82 -10.08 31.20 60.10
C PHE G 82 -11.02 30.15 59.55
N THR G 83 -11.11 30.05 58.22
CA THR G 83 -11.99 29.06 57.60
C THR G 83 -11.51 27.65 57.91
N CYS G 84 -10.19 27.43 57.94
CA CYS G 84 -9.68 26.11 58.27
C CYS G 84 -10.03 25.71 59.68
N GLN G 85 -9.93 26.65 60.62
CA GLN G 85 -10.36 26.35 61.99
C GLN G 85 -11.85 26.06 62.05
N MET G 86 -12.65 26.77 61.25
CA MET G 86 -14.08 26.48 61.22
C MET G 86 -14.35 25.09 60.66
N GLY G 87 -13.59 24.67 59.66
CA GLY G 87 -13.69 23.32 59.15
C GLY G 87 -13.27 22.28 60.18
N VAL G 88 -12.29 22.61 61.02
CA VAL G 88 -11.95 21.72 62.13
C VAL G 88 -13.13 21.61 63.09
N PHE G 89 -13.78 22.73 63.39
CA PHE G 89 -14.98 22.70 64.23
C PHE G 89 -16.03 21.79 63.62
N ALA G 90 -16.22 21.90 62.30
CA ALA G 90 -17.18 21.03 61.61
C ALA G 90 -16.79 19.57 61.74
N ALA G 91 -15.51 19.25 61.58
CA ALA G 91 -15.08 17.87 61.59
C ALA G 91 -15.00 17.28 63.00
N GLU G 92 -15.03 18.12 64.03
CA GLU G 92 -14.99 17.61 65.40
C GLU G 92 -16.32 17.00 65.83
N ARG G 93 -17.42 17.38 65.20
CA ARG G 93 -18.73 16.81 65.50
C ARG G 93 -19.16 15.77 64.48
N GLY G 94 -18.26 15.37 63.59
CA GLY G 94 -18.54 14.30 62.65
C GLY G 94 -19.22 14.70 61.36
N ASP G 95 -19.39 16.00 61.12
CA ASP G 95 -20.03 16.47 59.89
C ASP G 95 -18.96 16.55 58.79
N VAL G 96 -18.94 15.54 57.92
CA VAL G 96 -17.93 15.51 56.85
C VAL G 96 -18.20 16.57 55.80
N PHE G 97 -19.47 16.93 55.57
CA PHE G 97 -19.79 17.84 54.48
C PHE G 97 -19.40 19.28 54.82
N GLY G 98 -19.63 19.72 56.05
CA GLY G 98 -19.18 21.04 56.45
C GLY G 98 -17.68 21.16 56.43
N LEU G 99 -16.98 20.11 56.88
CA LEU G 99 -15.52 20.07 56.79
C LEU G 99 -15.08 20.19 55.34
N ARG G 100 -15.73 19.44 54.44
CA ARG G 100 -15.40 19.53 53.02
C ARG G 100 -15.59 20.94 52.50
N ARG G 101 -16.69 21.60 52.88
CA ARG G 101 -16.97 22.93 52.38
C ARG G 101 -15.92 23.93 52.86
N TRP G 102 -15.63 23.91 54.16
CA TRP G 102 -14.66 24.87 54.71
C TRP G 102 -13.27 24.61 54.16
N TYR G 103 -12.91 23.35 53.94
CA TYR G 103 -11.58 23.07 53.41
C TYR G 103 -11.47 23.38 51.93
N VAL G 104 -12.56 23.26 51.16
CA VAL G 104 -12.53 23.71 49.78
C VAL G 104 -12.40 25.22 49.71
N ILE G 105 -13.08 25.94 50.60
CA ILE G 105 -12.95 27.39 50.65
C ILE G 105 -11.51 27.77 51.00
N THR G 106 -10.94 27.09 51.99
CA THR G 106 -9.56 27.36 52.38
C THR G 106 -8.59 27.05 51.23
N PHE G 107 -8.83 25.96 50.51
CA PHE G 107 -7.98 25.61 49.37
C PHE G 107 -8.03 26.67 48.31
N LEU G 108 -9.23 27.17 48.00
CA LEU G 108 -9.37 28.19 46.96
C LEU G 108 -8.68 29.49 47.38
N MET G 109 -8.80 29.86 48.65
CA MET G 109 -8.19 31.13 49.07
C MET G 109 -6.67 31.01 49.18
N GLY G 110 -6.17 29.83 49.59
CA GLY G 110 -4.73 29.62 49.54
C GLY G 110 -4.19 29.62 48.12
N LEU G 111 -4.98 29.07 47.18
CA LEU G 111 -4.61 29.16 45.77
C LEU G 111 -4.54 30.60 45.32
N PHE G 112 -5.51 31.42 45.75
CA PHE G 112 -5.46 32.85 45.43
C PHE G 112 -4.21 33.51 46.01
N PHE G 113 -3.83 33.13 47.24
CA PHE G 113 -2.61 33.67 47.81
C PHE G 113 -1.39 33.30 46.98
N VAL G 114 -1.31 32.05 46.53
CA VAL G 114 -0.18 31.62 45.70
C VAL G 114 -0.16 32.39 44.39
N LEU G 115 -1.33 32.59 43.78
CA LEU G 115 -1.39 33.34 42.52
C LEU G 115 -0.95 34.78 42.73
N GLY G 116 -1.36 35.40 43.84
CA GLY G 116 -0.90 36.75 44.13
C GLY G 116 0.60 36.83 44.35
N GLN G 117 1.16 35.84 45.06
CA GLN G 117 2.60 35.79 45.23
C GLN G 117 3.32 35.68 43.90
N GLY G 118 2.81 34.82 43.02
CA GLY G 118 3.41 34.70 41.69
C GLY G 118 3.32 35.98 40.89
N TYR G 119 2.18 36.68 41.00
CA TYR G 119 2.01 37.95 40.31
C TYR G 119 3.02 38.99 40.80
N GLU G 120 3.21 39.07 42.11
CA GLU G 120 4.21 39.99 42.65
C GLU G 120 5.61 39.60 42.22
N TYR G 121 5.89 38.29 42.18
CA TYR G 121 7.16 37.82 41.64
C TYR G 121 7.37 38.34 40.21
N ILE G 122 6.35 38.19 39.38
CA ILE G 122 6.46 38.59 37.98
C ILE G 122 6.73 40.08 37.88
N HIS G 123 5.96 40.88 38.62
CA HIS G 123 6.13 42.34 38.55
C HIS G 123 7.50 42.75 39.07
N LEU G 124 8.04 42.04 40.05
CA LEU G 124 9.36 42.39 40.57
C LEU G 124 10.46 41.99 39.60
N VAL G 125 10.37 40.81 39.00
CA VAL G 125 11.38 40.38 38.04
C VAL G 125 11.36 41.28 36.81
N GLU G 126 10.19 41.74 36.42
CA GLU G 126 10.11 42.69 35.30
C GLU G 126 10.81 44.00 35.62
N HIS G 127 10.98 44.34 36.90
CA HIS G 127 11.59 45.59 37.31
C HIS G 127 13.04 45.41 37.77
N GLY G 128 13.74 44.45 37.20
CA GLY G 128 15.15 44.26 37.48
C GLY G 128 15.49 43.82 38.89
N THR G 129 14.70 42.93 39.46
CA THR G 129 14.96 42.36 40.78
C THR G 129 14.88 40.84 40.66
N THR G 130 16.04 40.19 40.64
CA THR G 130 16.11 38.76 40.37
C THR G 130 17.02 38.09 41.41
N ILE G 131 16.98 36.76 41.42
CA ILE G 131 17.87 36.00 42.30
C ILE G 131 19.34 36.24 41.96
N PRO G 132 19.79 36.12 40.71
CA PRO G 132 21.18 36.50 40.41
C PRO G 132 21.41 38.00 40.37
N GLY G 133 20.34 38.80 40.31
CA GLY G 133 20.51 40.24 40.16
C GLY G 133 21.12 40.91 41.37
N SER G 134 20.69 40.54 42.57
CA SER G 134 21.11 41.25 43.77
C SER G 134 21.05 40.32 44.96
N ALA G 135 21.72 40.74 46.05
CA ALA G 135 21.65 40.00 47.30
C ALA G 135 20.26 40.11 47.93
N TYR G 136 19.66 41.31 47.88
CA TYR G 136 18.29 41.45 48.37
C TYR G 136 17.36 40.54 47.60
N GLY G 137 17.47 40.53 46.27
CA GLY G 137 16.66 39.62 45.48
C GLY G 137 16.90 38.18 45.89
N SER G 138 18.16 37.80 46.08
CA SER G 138 18.47 36.44 46.47
C SER G 138 17.73 36.04 47.74
N VAL G 139 17.87 36.84 48.80
CA VAL G 139 17.26 36.48 50.08
C VAL G 139 15.74 36.55 49.99
N PHE G 140 15.21 37.58 49.31
CA PHE G 140 13.77 37.77 49.26
C PHE G 140 13.08 36.63 48.52
N TYR G 141 13.54 36.34 47.30
CA TYR G 141 12.93 35.24 46.58
C TYR G 141 13.21 33.90 47.25
N LEU G 142 14.38 33.71 47.88
CA LEU G 142 14.62 32.45 48.55
C LEU G 142 13.61 32.21 49.65
N ALA G 143 13.47 33.19 50.56
CA ALA G 143 12.57 33.01 51.70
C ALA G 143 11.11 32.91 51.25
N THR G 144 10.67 33.84 50.40
CA THR G 144 9.28 33.85 49.99
C THR G 144 8.93 32.63 49.13
N GLY G 145 9.85 32.20 48.27
CA GLY G 145 9.61 31.03 47.46
C GLY G 145 9.57 29.74 48.25
N PHE G 146 10.42 29.63 49.29
CA PHE G 146 10.31 28.44 50.13
C PHE G 146 9.02 28.44 50.91
N HIS G 147 8.59 29.61 51.40
CA HIS G 147 7.29 29.66 52.06
C HIS G 147 6.17 29.30 51.09
N GLY G 148 6.27 29.75 49.84
CA GLY G 148 5.28 29.38 48.84
C GLY G 148 5.27 27.90 48.53
N LEU G 149 6.44 27.28 48.55
CA LEU G 149 6.52 25.82 48.38
C LEU G 149 5.82 25.12 49.53
N HIS G 150 6.00 25.62 50.76
CA HIS G 150 5.28 25.05 51.89
C HIS G 150 3.76 25.24 51.74
N VAL G 151 3.34 26.39 51.20
CA VAL G 151 1.92 26.62 50.95
C VAL G 151 1.39 25.64 49.92
N ILE G 152 2.18 25.36 48.88
CA ILE G 152 1.75 24.42 47.85
C ILE G 152 1.66 23.02 48.41
N GLY G 153 2.60 22.66 49.30
CA GLY G 153 2.48 21.39 50.00
C GLY G 153 1.24 21.31 50.85
N GLY G 154 0.86 22.42 51.49
CA GLY G 154 -0.38 22.45 52.24
C GLY G 154 -1.60 22.28 51.36
N LEU G 155 -1.57 22.86 50.15
CA LEU G 155 -2.67 22.69 49.22
C LEU G 155 -2.80 21.24 48.77
N VAL G 156 -1.66 20.60 48.51
CA VAL G 156 -1.67 19.18 48.15
C VAL G 156 -2.22 18.35 49.31
N ALA G 157 -1.86 18.70 50.54
CA ALA G 157 -2.39 18.01 51.71
C ALA G 157 -3.90 18.19 51.80
N PHE G 158 -4.39 19.39 51.52
CA PHE G 158 -5.84 19.63 51.53
C PHE G 158 -6.54 18.74 50.51
N VAL G 159 -6.00 18.68 49.29
CA VAL G 159 -6.63 17.86 48.25
C VAL G 159 -6.64 16.39 48.65
N LEU G 160 -5.52 15.90 49.16
CA LEU G 160 -5.43 14.49 49.56
C LEU G 160 -6.40 14.19 50.70
N LEU G 161 -6.50 15.09 51.68
CA LEU G 161 -7.43 14.89 52.78
C LEU G 161 -8.87 14.87 52.31
N LEU G 162 -9.24 15.78 51.40
CA LEU G 162 -10.60 15.79 50.88
C LEU G 162 -10.90 14.49 50.14
N ALA G 163 -9.95 14.00 49.36
CA ALA G 163 -10.15 12.72 48.68
C ALA G 163 -10.33 11.58 49.68
N ARG G 164 -9.51 11.54 50.73
CA ARG G 164 -9.64 10.47 51.71
C ARG G 164 -10.98 10.53 52.43
N THR G 165 -11.45 11.74 52.74
CA THR G 165 -12.79 11.87 53.31
C THR G 165 -13.85 11.41 52.32
N LYS G 166 -13.58 11.56 51.02
CA LYS G 166 -14.53 11.10 50.02
C LYS G 166 -14.55 9.57 49.91
N MET G 167 -13.45 8.89 50.27
CA MET G 167 -13.34 7.47 49.96
C MET G 167 -13.65 6.54 51.12
N SER G 168 -14.05 7.05 52.28
CA SER G 168 -14.39 6.16 53.39
C SER G 168 -15.35 6.86 54.34
N LYS G 169 -15.99 6.07 55.20
CA LYS G 169 -16.89 6.62 56.21
C LYS G 169 -16.10 7.47 57.20
N PHE G 170 -16.68 8.61 57.58
CA PHE G 170 -15.94 9.64 58.30
C PHE G 170 -15.74 9.21 59.75
N THR G 171 -14.61 8.55 59.98
CA THR G 171 -14.23 8.06 61.30
C THR G 171 -13.52 9.17 62.07
N PRO G 172 -13.29 8.97 63.37
CA PRO G 172 -12.44 9.92 64.10
C PRO G 172 -11.01 9.99 63.57
N ALA G 173 -10.54 8.96 62.87
CA ALA G 173 -9.22 9.03 62.24
C ALA G 173 -9.20 10.11 61.17
N GLN G 174 -10.29 10.23 60.41
CA GLN G 174 -10.42 11.32 59.44
C GLN G 174 -10.42 12.68 60.13
N ALA G 175 -11.10 12.79 61.27
CA ALA G 175 -11.09 14.04 62.02
C ALA G 175 -9.68 14.38 62.49
N THR G 176 -8.93 13.37 62.93
CA THR G 176 -7.54 13.60 63.33
C THR G 176 -6.70 14.08 62.15
N ALA G 177 -6.86 13.45 60.99
CA ALA G 177 -6.13 13.88 59.81
C ALA G 177 -6.45 15.33 59.45
N ALA G 178 -7.74 15.70 59.51
CA ALA G 178 -8.11 17.08 59.24
C ALA G 178 -7.51 18.03 60.26
N ILE G 179 -7.48 17.61 61.52
CA ILE G 179 -6.91 18.43 62.59
C ILE G 179 -5.44 18.72 62.32
N VAL G 180 -4.68 17.69 61.93
CA VAL G 180 -3.25 17.91 61.73
C VAL G 180 -2.98 18.69 60.44
N VAL G 181 -3.83 18.52 59.41
CA VAL G 181 -3.68 19.35 58.22
C VAL G 181 -3.93 20.81 58.56
N SER G 182 -4.93 21.08 59.40
CA SER G 182 -5.16 22.44 59.86
C SER G 182 -4.00 22.95 60.70
N TYR G 183 -3.39 22.07 61.51
CA TYR G 183 -2.20 22.46 62.25
C TYR G 183 -1.12 22.95 61.31
N TYR G 184 -0.87 22.20 60.23
CA TYR G 184 0.13 22.61 59.26
C TYR G 184 -0.23 23.95 58.62
N TRP G 185 -1.50 24.14 58.29
CA TRP G 185 -1.94 25.40 57.67
C TRP G 185 -1.75 26.58 58.63
N HIS G 186 -2.06 26.39 59.91
CA HIS G 186 -1.85 27.44 60.89
C HIS G 186 -0.38 27.78 61.05
N PHE G 187 0.48 26.76 61.06
CA PHE G 187 1.91 27.03 61.11
C PHE G 187 2.35 27.83 59.90
N VAL G 188 1.84 27.47 58.72
CA VAL G 188 2.22 28.15 57.49
C VAL G 188 1.84 29.63 57.55
N ASP G 189 0.59 29.94 57.92
CA ASP G 189 0.23 31.36 57.84
C ASP G 189 0.84 32.15 58.98
N ILE G 190 1.13 31.52 60.13
CA ILE G 190 1.86 32.25 61.18
C ILE G 190 3.27 32.60 60.70
N VAL G 191 3.92 31.64 60.04
CA VAL G 191 5.24 31.92 59.46
C VAL G 191 5.14 33.05 58.44
N TRP G 192 4.05 33.07 57.65
CA TRP G 192 3.89 34.16 56.69
C TRP G 192 3.66 35.49 57.38
N ILE G 193 2.93 35.51 58.49
CA ILE G 193 2.74 36.75 59.23
C ILE G 193 4.09 37.28 59.69
N ALA G 194 4.93 36.40 60.25
CA ALA G 194 6.24 36.81 60.70
C ALA G 194 7.08 37.34 59.55
N LEU G 195 7.05 36.65 58.40
CA LEU G 195 7.89 37.03 57.28
C LEU G 195 7.41 38.33 56.65
N PHE G 196 6.09 38.53 56.57
CA PHE G 196 5.55 39.79 56.08
C PHE G 196 5.94 40.95 56.99
N ALA G 197 5.81 40.76 58.31
CA ALA G 197 6.21 41.81 59.24
C ALA G 197 7.70 42.10 59.12
N THR G 198 8.50 41.07 58.85
CA THR G 198 9.95 41.27 58.73
C THR G 198 10.35 41.95 57.42
N ILE G 199 9.64 41.68 56.32
CA ILE G 199 10.08 42.16 55.01
C ILE G 199 9.43 43.49 54.65
N TYR G 200 8.10 43.60 54.77
CA TYR G 200 7.42 44.80 54.29
C TYR G 200 7.23 45.87 55.37
N PHE G 201 7.54 45.58 56.63
CA PHE G 201 7.41 46.55 57.70
C PHE G 201 8.76 46.98 58.26
N VAL G 202 9.57 46.02 58.71
CA VAL G 202 10.91 46.37 59.21
C VAL G 202 11.79 46.87 58.08
N ARG G 203 11.77 46.18 56.94
CA ARG G 203 12.57 46.52 55.77
C ARG G 203 14.04 46.69 56.11
N MET H 1 0.11 14.19 81.24
CA MET H 1 1.49 14.21 80.77
C MET H 1 2.16 15.55 81.09
N HIS H 2 2.53 15.72 82.36
CA HIS H 2 3.15 16.96 82.81
C HIS H 2 4.66 16.94 82.62
N ILE H 3 5.28 15.75 82.68
CA ILE H 3 6.75 15.68 82.64
C ILE H 3 7.28 16.13 81.29
N GLU H 4 6.70 15.62 80.20
CA GLU H 4 7.19 15.97 78.87
C GLU H 4 7.06 17.46 78.62
N ALA H 5 5.90 18.02 78.96
CA ALA H 5 5.73 19.47 78.83
C ALA H 5 6.81 20.19 79.62
N ARG H 6 6.94 19.84 80.90
CA ARG H 6 7.87 20.55 81.78
C ARG H 6 9.28 20.51 81.23
N LEU H 7 9.72 19.37 80.71
CA LEU H 7 11.02 19.31 80.04
C LEU H 7 11.09 20.30 78.90
N PHE H 8 10.01 20.41 78.10
CA PHE H 8 10.07 21.31 76.96
C PHE H 8 10.12 22.79 77.38
N GLU H 9 9.35 23.20 78.40
CA GLU H 9 9.54 24.61 78.78
C GLU H 9 10.80 24.85 79.60
N ILE H 10 11.40 23.84 80.23
CA ILE H 10 12.74 24.02 80.77
C ILE H 10 13.71 24.34 79.66
N LEU H 11 13.67 23.55 78.58
CA LEU H 11 14.49 23.85 77.42
C LEU H 11 14.18 25.24 76.88
N THR H 12 12.90 25.62 76.86
CA THR H 12 12.51 26.94 76.37
C THR H 12 13.12 28.05 77.23
N ALA H 13 13.05 27.91 78.55
CA ALA H 13 13.61 28.93 79.43
C ALA H 13 15.09 29.10 79.21
N PHE H 14 15.83 27.98 79.16
CA PHE H 14 17.28 28.08 78.97
C PHE H 14 17.59 28.68 77.60
N PHE H 15 16.86 28.27 76.57
CA PHE H 15 17.14 28.74 75.21
C PHE H 15 16.84 30.24 75.09
N ALA H 16 15.76 30.70 75.73
CA ALA H 16 15.44 32.13 75.70
C ALA H 16 16.51 32.93 76.43
N LEU H 17 16.95 32.44 77.59
CA LEU H 17 18.01 33.15 78.32
C LEU H 17 19.28 33.23 77.48
N ALA H 18 19.67 32.11 76.86
CA ALA H 18 20.87 32.11 76.04
C ALA H 18 20.74 33.02 74.83
N ALA H 19 19.57 33.01 74.18
CA ALA H 19 19.37 33.85 73.01
C ALA H 19 19.44 35.33 73.37
N VAL H 20 18.81 35.71 74.48
CA VAL H 20 18.85 37.12 74.88
C VAL H 20 20.25 37.53 75.29
N VAL H 21 20.95 36.65 76.01
CA VAL H 21 22.34 36.94 76.39
C VAL H 21 23.21 37.12 75.16
N TYR H 22 23.04 36.25 74.17
CA TYR H 22 23.82 36.36 72.93
C TYR H 22 23.50 37.67 72.21
N ALA H 23 22.22 38.01 72.10
CA ALA H 23 21.83 39.24 71.42
C ALA H 23 22.44 40.45 72.10
N VAL H 24 22.40 40.49 73.43
CA VAL H 24 22.93 41.65 74.15
C VAL H 24 24.44 41.70 74.06
N LEU H 25 25.11 40.56 74.22
CA LEU H 25 26.56 40.53 74.18
C LEU H 25 27.12 40.72 72.77
N THR H 26 26.29 40.57 71.74
CA THR H 26 26.76 40.93 70.40
C THR H 26 26.36 42.35 70.01
N ALA H 27 25.27 42.88 70.54
CA ALA H 27 24.92 44.27 70.27
C ALA H 27 26.03 45.20 70.75
N MET H 28 26.54 44.95 71.94
CA MET H 28 27.71 45.63 72.48
C MET H 28 28.78 44.59 72.79
N PHE H 29 30.04 44.95 72.53
CA PHE H 29 31.22 44.09 72.66
C PHE H 29 31.42 43.14 71.48
N ALA H 30 30.80 43.38 70.32
CA ALA H 30 31.10 42.59 69.13
C ALA H 30 31.65 43.51 68.04
N THR H 31 32.17 42.88 66.98
CA THR H 31 32.81 43.63 65.92
C THR H 31 31.80 44.41 65.09
N GLY H 32 30.73 43.75 64.68
CA GLY H 32 29.78 44.38 63.77
C GLY H 32 28.35 44.42 64.29
N GLY H 33 28.17 44.69 65.58
CA GLY H 33 26.84 44.69 66.14
C GLY H 33 26.33 43.28 66.36
N VAL H 34 25.00 43.17 66.42
CA VAL H 34 24.37 41.87 66.64
C VAL H 34 24.78 40.92 65.50
N GLU H 35 24.95 39.65 65.85
CA GLU H 35 25.52 38.70 64.89
C GLU H 35 24.51 38.33 63.81
N TRP H 36 23.23 38.24 64.16
CA TRP H 36 22.09 38.07 63.26
C TRP H 36 21.98 36.67 62.65
N ALA H 37 22.87 35.74 62.99
CA ALA H 37 22.71 34.35 62.57
C ALA H 37 22.62 33.39 63.73
N GLY H 38 23.48 33.54 64.74
CA GLY H 38 23.29 32.82 65.98
C GLY H 38 22.09 33.32 66.75
N THR H 39 21.85 34.63 66.72
CA THR H 39 20.71 35.19 67.43
C THR H 39 19.39 34.69 66.84
N THR H 40 19.28 34.71 65.51
CA THR H 40 18.06 34.23 64.86
C THR H 40 17.83 32.75 65.16
N ALA H 41 18.88 31.93 65.03
CA ALA H 41 18.74 30.50 65.24
C ALA H 41 18.40 30.20 66.70
N LEU H 42 18.99 30.94 67.64
CA LEU H 42 18.70 30.71 69.05
C LEU H 42 17.27 31.13 69.39
N VAL H 43 16.82 32.26 68.84
CA VAL H 43 15.45 32.71 69.09
C VAL H 43 14.46 31.71 68.55
N LEU H 44 14.70 31.18 67.35
CA LEU H 44 13.75 30.22 66.80
C LEU H 44 13.90 28.83 67.41
N THR H 45 15.06 28.49 67.97
CA THR H 45 15.13 27.29 68.81
C THR H 45 14.26 27.44 70.05
N THR H 46 14.30 28.63 70.65
CA THR H 46 13.37 28.95 71.74
C THR H 46 11.94 28.79 71.27
N GLY H 47 11.64 29.27 70.06
CA GLY H 47 10.30 29.12 69.51
C GLY H 47 9.89 27.68 69.30
N LEU H 48 10.82 26.85 68.82
CA LEU H 48 10.57 25.42 68.63
C LEU H 48 10.19 24.74 69.93
N THR H 49 11.04 24.91 70.95
CA THR H 49 10.74 24.32 72.25
C THR H 49 9.46 24.91 72.83
N LEU H 50 9.21 26.19 72.58
CA LEU H 50 8.00 26.84 73.10
C LEU H 50 6.74 26.24 72.50
N ILE H 51 6.74 26.03 71.17
CA ILE H 51 5.58 25.43 70.52
C ILE H 51 5.33 24.03 71.08
N THR H 52 6.38 23.21 71.14
CA THR H 52 6.18 21.84 71.59
C THR H 52 5.69 21.81 73.04
N GLY H 53 6.32 22.62 73.90
CA GLY H 53 5.92 22.65 75.30
C GLY H 53 4.52 23.19 75.51
N THR H 54 4.15 24.22 74.75
CA THR H 54 2.81 24.78 74.88
C THR H 54 1.75 23.78 74.46
N PHE H 55 1.98 23.07 73.35
CA PHE H 55 1.00 22.07 72.94
C PHE H 55 0.90 20.96 73.97
N PHE H 56 2.03 20.49 74.50
CA PHE H 56 1.98 19.44 75.51
C PHE H 56 1.33 19.93 76.80
N ARG H 57 1.48 21.21 77.14
CA ARG H 57 0.84 21.74 78.34
C ARG H 57 -0.66 21.88 78.14
N PHE H 58 -1.09 22.26 76.95
CA PHE H 58 -2.53 22.27 76.66
C PHE H 58 -3.09 20.86 76.67
N VAL H 59 -2.30 19.86 76.28
CA VAL H 59 -2.74 18.48 76.40
C VAL H 59 -2.80 18.03 77.84
N ALA H 60 -1.86 18.44 78.68
CA ALA H 60 -1.86 18.03 80.08
C ALA H 60 -2.93 18.74 80.89
N ARG H 61 -3.33 19.95 80.49
CA ARG H 61 -4.43 20.63 81.15
C ARG H 61 -5.78 19.99 80.84
N ARG H 62 -5.82 19.09 79.86
CA ARG H 62 -7.05 18.53 79.33
C ARG H 62 -7.04 17.01 79.41
N LEU H 63 -6.30 16.46 80.38
CA LEU H 63 -6.06 15.03 80.46
C LEU H 63 -6.08 14.56 81.90
N ASP H 64 -6.86 13.53 82.17
CA ASP H 64 -6.74 12.79 83.42
C ASP H 64 -5.59 11.80 83.29
N THR H 65 -5.00 11.44 84.43
CA THR H 65 -3.75 10.69 84.41
C THR H 65 -3.92 9.35 83.71
N ARG H 66 -2.99 9.03 82.83
CA ARG H 66 -2.94 7.75 82.14
C ARG H 66 -2.24 6.73 83.01
N PRO H 67 -2.38 5.44 82.69
CA PRO H 67 -1.57 4.43 83.37
C PRO H 67 -0.08 4.77 83.41
N GLU H 68 0.52 5.11 82.26
CA GLU H 68 1.96 5.33 82.21
C GLU H 68 2.42 6.58 82.93
N ASP H 69 1.54 7.56 83.14
CA ASP H 69 1.90 8.71 83.97
C ASP H 69 1.64 8.48 85.45
N TYR H 70 1.08 7.34 85.80
CA TYR H 70 0.63 7.04 87.15
C TYR H 70 1.52 5.98 87.78
N GLU H 71 2.26 6.34 88.82
CA GLU H 71 3.06 5.32 89.55
C GLU H 71 2.09 4.28 90.12
N ASP H 72 2.60 3.26 90.80
CA ASP H 72 1.69 2.27 91.44
C ASP H 72 0.54 1.96 90.49
N ALA H 73 0.83 1.78 89.20
CA ALA H 73 -0.21 1.38 88.22
C ALA H 73 -0.08 -0.11 87.96
N GLU H 74 -1.19 -0.77 87.65
CA GLU H 74 -1.20 -2.20 87.38
C GLU H 74 -1.49 -2.42 85.90
N ILE H 75 -0.78 -3.38 85.30
CA ILE H 75 -0.89 -3.70 83.88
C ILE H 75 -2.35 -3.83 83.46
N SER H 76 -3.17 -4.41 84.34
CA SER H 76 -4.58 -4.60 84.03
C SER H 76 -5.30 -3.28 83.80
N ASP H 77 -4.79 -2.18 84.37
CA ASP H 77 -5.35 -0.87 84.09
C ASP H 77 -5.18 -0.49 82.62
N GLY H 78 -4.02 -0.80 82.05
CA GLY H 78 -3.76 -0.50 80.67
C GLY H 78 -4.37 -1.45 79.67
N ALA H 79 -5.12 -2.44 80.14
CA ALA H 79 -5.71 -3.42 79.25
C ALA H 79 -6.75 -2.77 78.34
N GLY H 80 -6.94 -3.37 77.17
CA GLY H 80 -7.88 -2.85 76.21
C GLY H 80 -7.30 -2.76 74.81
N GLU H 81 -7.74 -1.77 74.06
CA GLU H 81 -7.29 -1.57 72.68
C GLU H 81 -6.33 -0.39 72.62
N LEU H 82 -5.29 -0.53 71.81
CA LEU H 82 -4.31 0.53 71.62
C LEU H 82 -4.62 1.40 70.42
N GLY H 83 -4.84 0.81 69.26
CA GLY H 83 -5.15 1.55 68.07
C GLY H 83 -4.67 0.81 66.84
N PHE H 84 -4.50 1.55 65.75
CA PHE H 84 -4.13 0.98 64.47
C PHE H 84 -2.64 1.20 64.23
N PHE H 85 -1.92 0.10 63.99
CA PHE H 85 -0.54 0.14 63.53
C PHE H 85 -0.46 -0.62 62.21
N ALA H 86 0.14 0.00 61.21
CA ALA H 86 0.19 -0.61 59.89
C ALA H 86 0.95 -1.93 59.94
N PRO H 87 0.36 -3.03 59.47
CA PRO H 87 1.05 -4.33 59.53
C PRO H 87 2.16 -4.48 58.51
N HIS H 88 2.01 -3.85 57.35
CA HIS H 88 3.00 -3.93 56.29
C HIS H 88 2.63 -2.95 55.18
N SER H 89 3.65 -2.48 54.46
CA SER H 89 3.47 -1.53 53.37
C SER H 89 4.78 -1.41 52.60
N TRP H 90 4.67 -1.31 51.27
CA TRP H 90 5.83 -1.06 50.43
C TRP H 90 5.82 0.34 49.83
N TRP H 91 4.95 1.20 50.34
CA TRP H 91 4.92 2.58 49.89
C TRP H 91 6.10 3.42 50.38
N PRO H 92 6.63 3.21 51.59
CA PRO H 92 7.78 4.02 52.01
C PRO H 92 8.97 3.95 51.06
N ILE H 93 9.28 2.78 50.52
CA ILE H 93 10.40 2.67 49.61
C ILE H 93 10.12 3.43 48.32
N LEU H 94 8.87 3.44 47.87
CA LEU H 94 8.52 4.20 46.68
C LEU H 94 8.59 5.69 46.92
N ILE H 95 8.16 6.15 48.09
CA ILE H 95 8.27 7.57 48.44
C ILE H 95 9.74 7.98 48.47
N SER H 96 10.58 7.14 49.07
CA SER H 96 12.00 7.45 49.13
C SER H 96 12.64 7.46 47.74
N LEU H 97 12.25 6.52 46.88
CA LEU H 97 12.79 6.51 45.53
C LEU H 97 12.34 7.74 44.74
N SER H 98 11.10 8.19 44.98
CA SER H 98 10.61 9.38 44.31
C SER H 98 11.37 10.63 44.77
N PHE H 99 11.54 10.77 46.08
CA PHE H 99 12.30 11.90 46.60
C PHE H 99 13.76 11.84 46.15
N SER H 100 14.30 10.64 45.98
CA SER H 100 15.67 10.52 45.49
C SER H 100 15.77 10.90 44.02
N THR H 101 14.76 10.55 43.23
CA THR H 101 14.71 11.02 41.84
C THR H 101 14.67 12.55 41.79
N ALA H 102 13.85 13.17 42.64
CA ALA H 102 13.80 14.63 42.69
C ALA H 102 15.14 15.21 43.15
N ALA H 103 15.78 14.59 44.14
CA ALA H 103 17.05 15.09 44.65
C ALA H 103 18.15 15.00 43.59
N VAL H 104 18.17 13.90 42.83
CA VAL H 104 19.15 13.78 41.76
C VAL H 104 18.85 14.77 40.66
N GLY H 105 17.56 15.02 40.38
CA GLY H 105 17.22 15.99 39.35
C GLY H 105 17.53 17.42 39.75
N ALA H 106 17.61 17.69 41.04
CA ALA H 106 17.99 19.03 41.49
C ALA H 106 19.46 19.13 41.92
N ALA H 107 20.18 18.01 41.97
CA ALA H 107 21.62 18.05 42.18
C ALA H 107 22.35 18.27 40.86
N LEU H 108 22.08 17.42 39.89
CA LEU H 108 22.39 17.70 38.50
C LEU H 108 21.20 18.49 37.96
N TRP H 109 21.41 19.77 37.65
CA TRP H 109 20.26 20.64 37.48
C TRP H 109 19.49 20.28 36.22
N LEU H 110 18.47 19.43 36.39
CA LEU H 110 17.64 18.92 35.29
C LEU H 110 16.19 19.16 35.67
N PRO H 111 15.58 20.25 35.20
CA PRO H 111 14.20 20.55 35.60
C PRO H 111 13.21 19.46 35.25
N TRP H 112 13.40 18.75 34.14
CA TRP H 112 12.49 17.66 33.78
C TRP H 112 12.54 16.55 34.81
N LEU H 113 13.74 16.19 35.28
CA LEU H 113 13.86 15.18 36.31
C LEU H 113 13.29 15.67 37.64
N ILE H 114 13.40 16.97 37.93
CA ILE H 114 12.78 17.52 39.13
C ILE H 114 11.27 17.37 39.06
N ALA H 115 10.68 17.70 37.90
CA ALA H 115 9.23 17.58 37.76
C ALA H 115 8.78 16.13 37.84
N ALA H 116 9.54 15.22 37.23
CA ALA H 116 9.21 13.80 37.31
C ALA H 116 9.28 13.31 38.75
N GLY H 117 10.33 13.70 39.48
CA GLY H 117 10.44 13.30 40.87
C GLY H 117 9.31 13.87 41.72
N VAL H 118 8.90 15.10 41.44
CA VAL H 118 7.81 15.72 42.19
C VAL H 118 6.50 14.98 41.93
N ALA H 119 6.22 14.66 40.67
CA ALA H 119 5.02 13.90 40.35
C ALA H 119 5.04 12.53 41.01
N PHE H 120 6.20 11.86 40.99
CA PHE H 120 6.33 10.57 41.65
C PHE H 120 6.13 10.71 43.16
N VAL H 121 6.60 11.80 43.75
CA VAL H 121 6.40 12.03 45.18
C VAL H 121 4.91 12.18 45.49
N ILE H 122 4.20 12.99 44.71
CA ILE H 122 2.77 13.15 44.92
C ILE H 122 2.06 11.80 44.79
N THR H 123 2.43 11.01 43.79
CA THR H 123 1.78 9.72 43.58
C THR H 123 2.04 8.76 44.75
N SER H 124 3.30 8.66 45.19
CA SER H 124 3.62 7.72 46.25
C SER H 124 3.07 8.18 47.60
N VAL H 125 3.00 9.48 47.84
CA VAL H 125 2.37 9.98 49.07
C VAL H 125 0.87 9.73 49.03
N CYS H 126 0.25 9.91 47.86
CA CYS H 126 -1.16 9.53 47.72
C CYS H 126 -1.36 8.06 48.03
N GLY H 127 -0.48 7.20 47.50
CA GLY H 127 -0.60 5.78 47.76
C GLY H 127 -0.44 5.43 49.24
N LEU H 128 0.53 6.07 49.90
CA LEU H 128 0.72 5.84 51.32
C LEU H 128 -0.51 6.29 52.12
N VAL H 129 -1.00 7.49 51.84
CA VAL H 129 -2.10 8.06 52.62
C VAL H 129 -3.40 7.31 52.36
N PHE H 130 -3.63 6.90 51.12
CA PHE H 130 -4.87 6.24 50.74
C PHE H 130 -4.88 4.74 51.03
N GLU H 131 -3.79 4.18 51.56
CA GLU H 131 -3.59 2.73 51.53
C GLU H 131 -4.67 1.99 52.31
N TYR H 132 -5.01 2.48 53.50
CA TYR H 132 -5.98 1.81 54.35
C TYR H 132 -7.38 2.42 54.23
N TYR H 133 -7.62 3.19 53.18
CA TYR H 133 -8.91 3.84 52.98
C TYR H 133 -9.55 3.53 51.64
N TRP H 134 -8.80 3.03 50.66
CA TRP H 134 -9.40 2.53 49.43
C TRP H 134 -10.43 1.46 49.76
N GLY H 135 -11.62 1.60 49.19
CA GLY H 135 -12.67 0.63 49.42
C GLY H 135 -12.51 -0.57 48.53
N PRO H 136 -13.42 -1.53 48.70
CA PRO H 136 -13.45 -2.68 47.78
C PRO H 136 -13.83 -2.22 46.37
N GLU H 137 -13.29 -2.93 45.38
CA GLU H 137 -13.58 -2.59 43.99
C GLU H 137 -15.06 -2.80 43.69
N LYS H 138 -15.59 -1.97 42.80
CA LYS H 138 -17.02 -2.00 42.53
C LYS H 138 -17.40 -3.19 41.65
N HIS H 139 -16.72 -3.35 40.51
CA HIS H 139 -17.06 -4.37 39.51
C HIS H 139 -18.51 -4.24 39.06
N SER I 2 63.73 2.69 52.56
CA SER I 2 62.44 3.11 53.08
C SER I 2 61.29 2.34 52.43
N THR I 3 61.10 2.52 51.13
CA THR I 3 60.00 1.86 50.44
C THR I 3 60.09 0.34 50.57
N ALA I 4 61.32 -0.19 50.63
CA ALA I 4 61.48 -1.60 50.94
C ALA I 4 61.03 -1.91 52.36
N LEU I 5 61.35 -1.02 53.31
CA LEU I 5 61.15 -1.33 54.72
C LEU I 5 59.73 -1.01 55.18
N THR I 6 59.30 0.25 55.01
CA THR I 6 58.03 0.69 55.59
C THR I 6 56.85 -0.09 55.03
N HIS I 7 56.90 -0.42 53.74
CA HIS I 7 55.87 -1.30 53.18
C HIS I 7 55.85 -2.64 53.91
N GLY I 8 57.04 -3.16 54.25
CA GLY I 8 57.10 -4.37 55.04
C GLY I 8 56.49 -4.21 56.42
N LEU I 9 56.75 -3.08 57.06
CA LEU I 9 56.14 -2.81 58.36
C LEU I 9 54.62 -2.83 58.28
N ILE I 10 54.07 -2.05 57.34
CA ILE I 10 52.62 -1.94 57.25
C ILE I 10 52.00 -3.28 56.85
N GLY I 11 52.71 -4.08 56.05
CA GLY I 11 52.21 -5.39 55.70
C GLY I 11 52.26 -6.38 56.85
N GLY I 12 53.32 -6.34 57.65
CA GLY I 12 53.60 -7.43 58.56
C GLY I 12 53.29 -7.23 60.03
N VAL I 13 53.39 -6.00 60.53
CA VAL I 13 53.08 -5.75 61.95
C VAL I 13 51.63 -6.10 62.27
N PRO I 14 50.63 -5.70 61.46
CA PRO I 14 49.27 -6.21 61.72
C PRO I 14 49.19 -7.73 61.70
N LEU I 15 49.91 -8.38 60.79
CA LEU I 15 49.83 -9.83 60.69
C LEU I 15 50.40 -10.51 61.92
N VAL I 16 51.56 -10.05 62.41
CA VAL I 16 52.14 -10.68 63.59
C VAL I 16 51.32 -10.38 64.84
N LEU I 17 50.76 -9.16 64.93
CA LEU I 17 49.89 -8.86 66.06
C LEU I 17 48.66 -9.75 66.05
N PHE I 18 48.04 -9.92 64.87
CA PHE I 18 46.91 -10.82 64.75
C PHE I 18 47.30 -12.25 65.13
N ALA I 19 48.48 -12.70 64.70
CA ALA I 19 48.91 -14.05 65.00
C ALA I 19 49.04 -14.26 66.51
N VAL I 20 49.74 -13.36 67.20
CA VAL I 20 49.96 -13.55 68.62
C VAL I 20 48.65 -13.44 69.39
N LEU I 21 47.78 -12.49 69.01
CA LEU I 21 46.52 -12.36 69.72
C LEU I 21 45.60 -13.54 69.46
N ALA I 22 45.64 -14.11 68.25
CA ALA I 22 44.86 -15.32 67.98
C ALA I 22 45.38 -16.50 68.78
N LEU I 23 46.70 -16.64 68.89
CA LEU I 23 47.25 -17.69 69.74
C LEU I 23 46.78 -17.52 71.19
N ILE I 24 46.78 -16.28 71.68
CA ILE I 24 46.34 -16.03 73.05
C ILE I 24 44.87 -16.38 73.23
N PHE I 25 44.02 -15.91 72.30
CA PHE I 25 42.59 -15.83 72.55
C PHE I 25 41.75 -16.89 71.84
N LEU I 26 42.26 -17.53 70.80
CA LEU I 26 41.44 -18.52 70.10
C LEU I 26 41.61 -19.93 70.66
N THR I 27 42.84 -20.35 70.95
CA THR I 27 43.11 -21.68 71.46
C THR I 27 42.60 -21.89 72.90
N ARG I 28 41.92 -20.92 73.50
CA ARG I 28 41.41 -21.07 74.86
C ARG I 28 40.19 -21.97 74.89
N LYS I 29 39.92 -22.51 76.08
CA LYS I 29 38.71 -23.28 76.30
C LYS I 29 37.48 -22.36 76.22
N GLY I 30 36.46 -22.83 75.51
CA GLY I 30 35.20 -22.12 75.44
C GLY I 30 34.24 -22.57 76.53
N PRO I 31 33.00 -22.09 76.48
CA PRO I 31 31.99 -22.53 77.43
C PRO I 31 31.26 -23.80 76.99
N HIS I 32 31.38 -24.19 75.73
CA HIS I 32 30.74 -25.40 75.24
C HIS I 32 31.30 -26.61 75.99
N PRO I 33 30.43 -27.50 76.46
CA PRO I 33 30.92 -28.61 77.28
C PRO I 33 31.60 -29.71 76.49
N ASP I 34 32.53 -30.39 77.16
CA ASP I 34 33.32 -31.42 76.51
C ASP I 34 32.43 -32.58 76.09
N THR I 35 32.71 -33.12 74.90
CA THR I 35 31.84 -34.13 74.30
C THR I 35 31.82 -35.40 75.15
N TYR I 36 30.67 -36.06 75.15
CA TYR I 36 30.47 -37.26 75.94
C TYR I 36 31.26 -38.44 75.37
N LYS I 37 31.72 -39.31 76.26
CA LYS I 37 32.41 -40.53 75.89
C LYS I 37 31.54 -41.72 76.31
N MET I 38 31.40 -42.69 75.41
CA MET I 38 30.54 -43.84 75.68
C MET I 38 31.02 -44.66 76.86
N SER I 39 32.32 -44.60 77.16
CA SER I 39 32.83 -45.30 78.33
C SER I 39 32.26 -44.73 79.62
N ASP I 40 32.08 -43.41 79.68
CA ASP I 40 31.64 -42.75 80.91
C ASP I 40 30.13 -42.85 81.07
N PRO I 41 29.64 -42.78 82.30
CA PRO I 41 28.19 -42.81 82.53
C PRO I 41 27.50 -41.59 81.98
N TRP I 42 26.30 -41.79 81.47
CA TRP I 42 25.48 -40.72 80.91
C TRP I 42 24.84 -39.95 82.06
N THR I 43 25.53 -38.92 82.54
CA THR I 43 25.00 -38.09 83.61
C THR I 43 24.05 -37.00 83.13
N HIS I 44 24.05 -36.69 81.84
CA HIS I 44 23.21 -35.61 81.33
C HIS I 44 21.74 -35.97 81.45
N ALA I 45 20.92 -34.93 81.61
CA ALA I 45 19.48 -35.14 81.75
C ALA I 45 18.90 -35.74 80.47
N PRO I 46 17.82 -36.50 80.58
CA PRO I 46 17.26 -37.16 79.39
C PRO I 46 16.96 -36.17 78.28
N ILE I 47 17.25 -36.59 77.05
CA ILE I 47 17.17 -35.72 75.88
C ILE I 47 16.17 -36.33 74.90
N LEU I 48 15.21 -35.52 74.46
CA LEU I 48 14.21 -35.95 73.49
C LEU I 48 14.17 -34.92 72.36
N TRP I 49 14.76 -35.27 71.23
CA TRP I 49 14.75 -34.44 70.02
C TRP I 49 13.70 -34.96 69.05
N ALA I 50 13.01 -34.03 68.38
CA ALA I 50 12.01 -34.38 67.39
C ALA I 50 12.22 -33.52 66.15
N ALA I 51 12.00 -34.12 64.98
CA ALA I 51 12.27 -33.43 63.73
C ALA I 51 11.34 -32.24 63.52
N GLU I 52 10.15 -32.29 64.10
CA GLU I 52 9.13 -31.24 64.06
C GLU I 52 8.87 -30.71 62.64
N GLU I 53 9.18 -31.52 61.62
CA GLU I 53 8.89 -31.12 60.25
C GLU I 53 7.41 -31.31 59.93
N PRO I 54 6.81 -32.50 60.15
CA PRO I 54 5.38 -32.63 59.85
C PRO I 54 4.52 -31.87 60.85
N ARG I 55 3.91 -30.77 60.39
CA ARG I 55 3.19 -29.87 61.27
C ARG I 55 1.74 -30.28 61.46
N VAL I 69 -1.78 -41.53 71.02
CA VAL I 69 -1.11 -42.17 72.14
C VAL I 69 -0.79 -43.62 71.82
N VAL I 70 -1.74 -44.31 71.18
CA VAL I 70 -1.64 -45.76 71.02
C VAL I 70 -0.43 -46.10 70.16
N ILE I 71 0.32 -47.13 70.58
CA ILE I 71 1.52 -47.57 69.89
C ILE I 71 1.19 -48.85 69.13
N GLY I 72 1.44 -48.85 67.83
CA GLY I 72 1.12 -50.00 67.01
C GLY I 72 2.31 -50.68 66.38
N GLY I 73 3.46 -50.63 67.03
CA GLY I 73 4.64 -51.28 66.51
C GLY I 73 5.84 -51.03 67.40
N GLY I 74 6.97 -51.59 66.96
CA GLY I 74 8.22 -51.38 67.68
C GLY I 74 9.30 -52.31 67.18
N ALA I 75 10.46 -52.19 67.81
CA ALA I 75 11.63 -53.02 67.53
C ALA I 75 12.57 -52.89 68.72
N SER I 76 13.65 -53.65 68.72
CA SER I 76 14.55 -53.68 69.86
C SER I 76 15.91 -54.19 69.40
N GLY I 77 16.91 -54.00 70.27
CA GLY I 77 18.26 -54.43 69.97
C GLY I 77 19.21 -53.93 71.03
N LYS I 78 20.47 -54.34 70.89
CA LYS I 78 21.50 -54.01 71.85
C LYS I 78 22.85 -53.93 71.15
N TRP I 79 23.80 -53.26 71.80
CA TRP I 79 25.20 -53.32 71.39
C TRP I 79 26.07 -53.63 72.60
N ASP J 15 8.84 -25.24 91.96
CA ASP J 15 10.02 -24.48 92.34
C ASP J 15 10.78 -24.01 91.10
N LEU J 16 11.35 -22.81 91.19
CA LEU J 16 12.01 -22.19 90.05
C LEU J 16 13.48 -21.96 90.33
N PRO J 17 14.37 -22.23 89.37
CA PRO J 17 15.80 -21.99 89.57
C PRO J 17 16.14 -20.54 89.92
N TYR J 18 17.37 -20.31 90.34
CA TYR J 18 17.82 -18.94 90.62
C TYR J 18 17.76 -18.11 89.35
N GLY J 19 17.16 -16.92 89.46
CA GLY J 19 16.98 -16.07 88.31
C GLY J 19 15.81 -16.44 87.43
N SER J 20 14.90 -17.29 87.91
CA SER J 20 13.70 -17.65 87.16
C SER J 20 12.48 -17.18 87.92
N ALA J 21 11.43 -16.80 87.18
CA ALA J 21 10.23 -16.25 87.76
C ALA J 21 9.01 -16.69 86.97
N LEU J 22 7.91 -16.91 87.67
CA LEU J 22 6.64 -17.18 87.03
C LEU J 22 6.05 -15.88 86.50
N THR J 23 5.47 -15.95 85.30
CA THR J 23 4.88 -14.78 84.67
C THR J 23 3.37 -14.96 84.56
N SER J 24 2.70 -13.84 84.26
CA SER J 24 1.25 -13.80 84.27
C SER J 24 0.62 -14.64 83.16
N SER J 25 1.40 -15.11 82.19
CA SER J 25 0.89 -15.92 81.09
C SER J 25 1.41 -17.36 81.12
N GLY J 26 1.84 -17.83 82.29
CA GLY J 26 2.33 -19.19 82.44
C GLY J 26 3.76 -19.40 82.04
N ARG J 27 4.28 -18.59 81.12
CA ARG J 27 5.65 -18.73 80.65
C ARG J 27 6.65 -18.59 81.79
N ILE J 28 7.70 -19.39 81.75
CA ILE J 28 8.76 -19.36 82.75
C ILE J 28 9.92 -18.56 82.19
N SER J 29 10.16 -17.38 82.77
CA SER J 29 11.25 -16.51 82.33
C SER J 29 12.48 -16.79 83.17
N ALA J 30 13.46 -17.47 82.58
CA ALA J 30 14.69 -17.85 83.26
C ALA J 30 15.87 -17.11 82.67
N VAL J 31 16.98 -17.11 83.41
CA VAL J 31 18.19 -16.42 83.00
C VAL J 31 19.37 -17.38 83.13
N THR J 32 20.44 -17.07 82.40
CA THR J 32 21.69 -17.80 82.48
C THR J 32 22.79 -16.89 82.99
N GLU J 33 23.83 -17.50 83.55
CA GLU J 33 24.98 -16.75 84.03
C GLU J 33 25.72 -16.12 82.85
N PRO J 34 26.31 -14.94 83.06
CA PRO J 34 27.12 -14.34 81.99
C PRO J 34 28.21 -15.30 81.51
N GLY J 35 28.34 -15.41 80.19
CA GLY J 35 29.27 -16.34 79.60
C GLY J 35 28.85 -17.80 79.67
N GLU J 36 27.71 -18.10 80.25
CA GLU J 36 27.20 -19.46 80.35
C GLU J 36 26.13 -19.68 79.29
N LEU J 37 25.87 -20.95 78.98
CA LEU J 37 25.04 -21.34 77.86
C LEU J 37 23.71 -21.87 78.34
N SER J 38 22.63 -21.50 77.64
CA SER J 38 21.32 -22.05 77.96
C SER J 38 21.18 -23.49 77.49
N VAL J 39 21.86 -23.85 76.40
CA VAL J 39 21.90 -25.22 75.92
C VAL J 39 23.33 -25.71 76.04
N HIS J 40 23.50 -26.83 76.72
CA HIS J 40 24.82 -27.40 76.99
C HIS J 40 24.82 -28.90 76.71
N TYR J 41 24.31 -29.28 75.53
CA TYR J 41 24.37 -30.67 75.11
C TYR J 41 25.83 -31.13 75.06
N PRO J 42 26.11 -32.36 75.48
CA PRO J 42 27.49 -32.86 75.51
C PRO J 42 27.99 -33.38 74.16
N PHE J 43 27.73 -32.62 73.11
CA PHE J 43 28.07 -33.03 71.75
C PHE J 43 28.55 -31.83 70.97
N PRO J 44 29.33 -32.04 69.90
CA PRO J 44 29.78 -30.92 69.08
C PRO J 44 28.61 -30.21 68.40
N THR J 45 28.78 -28.90 68.22
CA THR J 45 27.71 -28.10 67.61
C THR J 45 27.41 -28.56 66.20
N MET J 46 28.45 -28.82 65.40
CA MET J 46 28.23 -29.25 64.03
C MET J 46 27.59 -30.63 63.97
N ASP J 47 27.91 -31.50 64.93
CA ASP J 47 27.23 -32.79 65.01
C ASP J 47 25.74 -32.61 65.26
N LEU J 48 25.38 -31.68 66.16
CA LEU J 48 23.98 -31.39 66.39
C LEU J 48 23.31 -30.82 65.15
N VAL J 49 24.01 -29.97 64.40
CA VAL J 49 23.46 -29.44 63.16
C VAL J 49 23.20 -30.57 62.17
N VAL J 50 24.14 -31.51 62.07
CA VAL J 50 23.98 -32.63 61.15
C VAL J 50 22.80 -33.50 61.58
N LEU J 51 22.65 -33.74 62.88
CA LEU J 51 21.53 -34.54 63.35
C LEU J 51 20.20 -33.83 63.11
N ASP J 52 20.16 -32.51 63.29
CA ASP J 52 18.96 -31.76 63.00
C ASP J 52 18.58 -31.88 61.53
N ASP J 53 19.58 -31.74 60.65
CA ASP J 53 19.32 -31.91 59.22
C ASP J 53 18.82 -33.31 58.93
N ALA J 54 19.47 -34.32 59.50
CA ALA J 54 19.04 -35.70 59.27
C ALA J 54 17.59 -35.89 59.67
N LEU J 55 17.25 -35.48 60.90
CA LEU J 55 15.88 -35.64 61.38
C LEU J 55 14.88 -34.91 60.49
N LYS J 56 15.13 -33.63 60.22
CA LYS J 56 14.11 -32.82 59.55
C LYS J 56 13.96 -33.24 58.09
N TYR J 57 15.04 -33.54 57.38
CA TYR J 57 14.92 -33.94 55.99
C TYR J 57 14.37 -35.36 55.86
N GLY J 58 14.74 -36.26 56.77
CA GLY J 58 14.16 -37.59 56.74
C GLY J 58 12.67 -37.58 57.01
N SER J 59 12.25 -36.79 58.01
CA SER J 59 10.82 -36.70 58.33
C SER J 59 10.06 -35.91 57.26
N ARG J 60 10.74 -35.04 56.52
CA ARG J 60 10.09 -34.39 55.38
C ARG J 60 9.88 -35.39 54.25
N ALA J 61 10.88 -36.23 53.98
CA ALA J 61 10.76 -37.18 52.87
C ALA J 61 9.76 -38.28 53.21
N ALA J 62 9.73 -38.75 54.46
CA ALA J 62 8.87 -39.86 54.85
C ALA J 62 7.52 -39.42 55.39
N LYS J 63 7.32 -38.10 55.56
CA LYS J 63 6.06 -37.56 56.11
C LYS J 63 5.70 -38.22 57.44
N ALA J 64 6.72 -38.51 58.25
CA ALA J 64 6.52 -39.07 59.59
C ALA J 64 7.61 -38.51 60.50
N ARG J 65 7.21 -38.08 61.69
CA ARG J 65 8.10 -37.34 62.58
C ARG J 65 9.11 -38.30 63.20
N PHE J 66 10.38 -38.14 62.85
CA PHE J 66 11.45 -38.93 63.46
C PHE J 66 11.95 -38.23 64.71
N ALA J 67 12.18 -39.02 65.76
CA ALA J 67 12.59 -38.50 67.05
C ALA J 67 13.69 -39.35 67.63
N VAL J 68 14.58 -38.72 68.38
CA VAL J 68 15.72 -39.38 69.00
C VAL J 68 15.68 -39.10 70.49
N TYR J 69 15.76 -40.15 71.29
CA TYR J 69 15.80 -40.04 72.74
C TYR J 69 17.09 -40.65 73.26
N ILE J 70 17.78 -39.93 74.14
CA ILE J 70 18.99 -40.41 74.78
C ILE J 70 18.81 -40.26 76.28
N GLY J 71 18.96 -41.37 77.01
CA GLY J 71 18.83 -41.32 78.45
C GLY J 71 18.56 -42.68 79.07
N PRO J 72 18.39 -42.70 80.40
CA PRO J 72 18.15 -43.96 81.09
C PRO J 72 16.85 -44.61 80.65
N LEU J 73 16.86 -45.94 80.59
CA LEU J 73 15.66 -46.72 80.33
C LEU J 73 15.29 -47.63 81.49
N GLY J 74 16.11 -47.68 82.54
CA GLY J 74 15.80 -48.54 83.68
C GLY J 74 15.70 -49.99 83.26
N ALA J 75 14.60 -50.62 83.65
CA ALA J 75 14.26 -51.97 83.23
C ALA J 75 13.00 -51.93 82.39
N ASP J 76 12.74 -53.01 81.67
CA ASP J 76 11.61 -53.10 80.76
C ASP J 76 11.65 -51.94 79.76
N THR J 77 12.70 -51.95 78.94
CA THR J 77 13.01 -50.81 78.09
C THR J 77 11.90 -50.55 77.08
N ALA J 78 11.25 -51.61 76.60
CA ALA J 78 10.16 -51.43 75.65
C ALA J 78 9.05 -50.57 76.24
N ALA J 79 8.67 -50.84 77.49
CA ALA J 79 7.64 -50.03 78.15
C ALA J 79 8.07 -48.58 78.28
N THR J 80 9.33 -48.35 78.66
CA THR J 80 9.82 -46.98 78.83
C THR J 80 9.80 -46.23 77.50
N ALA J 81 10.24 -46.87 76.42
CA ALA J 81 10.23 -46.20 75.12
C ALA J 81 8.81 -45.94 74.64
N ARG J 82 7.90 -46.88 74.86
CA ARG J 82 6.51 -46.66 74.47
C ARG J 82 5.87 -45.56 75.31
N GLU J 83 6.33 -45.37 76.55
CA GLU J 83 5.89 -44.24 77.35
C GLU J 83 6.43 -42.92 76.79
N ILE J 84 7.72 -42.91 76.43
CA ILE J 84 8.34 -41.69 75.92
C ILE J 84 7.69 -41.27 74.60
N LEU J 85 7.28 -42.24 73.79
CA LEU J 85 6.71 -41.93 72.47
C LEU J 85 5.48 -41.04 72.58
N ALA J 86 4.64 -41.27 73.61
CA ALA J 86 3.33 -40.63 73.64
C ALA J 86 3.39 -39.13 73.92
N ASN J 87 4.56 -38.58 74.26
CA ASN J 87 4.70 -37.15 74.47
C ASN J 87 5.43 -36.46 73.31
N VAL J 88 5.49 -37.11 72.15
CA VAL J 88 5.89 -36.50 70.89
C VAL J 88 4.69 -35.68 70.41
N PRO J 89 4.87 -34.58 69.68
CA PRO J 89 3.70 -33.78 69.26
C PRO J 89 2.64 -34.55 68.48
N THR J 90 3.04 -35.48 67.59
CA THR J 90 2.10 -36.32 66.86
C THR J 90 2.52 -37.78 67.00
N PRO J 91 2.21 -38.41 68.13
CA PRO J 91 2.73 -39.76 68.39
C PRO J 91 2.32 -40.79 67.35
N GLU J 92 1.12 -40.67 66.77
CA GLU J 92 0.65 -41.70 65.84
C GLU J 92 1.55 -41.77 64.61
N ASN J 93 1.86 -40.64 64.00
CA ASN J 93 2.80 -40.57 62.89
C ASN J 93 4.21 -40.24 63.38
N ALA J 94 4.73 -41.00 64.33
CA ALA J 94 6.03 -40.69 64.93
C ALA J 94 6.83 -41.96 65.11
N VAL J 95 8.13 -41.87 64.82
CA VAL J 95 9.08 -42.96 64.96
C VAL J 95 10.18 -42.50 65.90
N LEU J 96 10.27 -43.10 67.08
CA LEU J 96 11.18 -42.68 68.12
C LEU J 96 12.24 -43.75 68.35
N LEU J 97 13.50 -43.35 68.23
CA LEU J 97 14.64 -44.23 68.49
C LEU J 97 15.26 -43.84 69.82
N ALA J 98 15.26 -44.77 70.77
CA ALA J 98 15.77 -44.53 72.11
C ALA J 98 17.10 -45.27 72.30
N VAL J 99 18.06 -44.59 72.93
CA VAL J 99 19.39 -45.14 73.16
C VAL J 99 19.75 -44.90 74.62
N SER J 100 20.09 -45.97 75.33
CA SER J 100 20.53 -45.89 76.73
C SER J 100 21.96 -46.39 76.82
N PRO J 101 22.94 -45.50 76.92
CA PRO J 101 24.34 -45.97 76.97
C PRO J 101 24.73 -46.58 78.30
N ASP J 102 24.11 -46.15 79.41
CA ASP J 102 24.39 -46.79 80.69
C ASP J 102 23.93 -48.23 80.69
N GLN J 103 22.76 -48.51 80.11
CA GLN J 103 22.25 -49.86 79.97
C GLN J 103 22.45 -50.41 78.56
N ARG J 104 23.08 -49.66 77.68
CA ARG J 104 23.54 -50.14 76.37
C ARG J 104 22.38 -50.66 75.52
N ALA J 105 21.17 -50.13 75.73
CA ALA J 105 19.97 -50.66 75.10
C ALA J 105 19.50 -49.74 73.98
N ILE J 106 19.22 -50.33 72.81
CA ILE J 106 18.68 -49.61 71.67
C ILE J 106 17.24 -50.07 71.47
N GLU J 107 16.34 -49.11 71.24
CA GLU J 107 14.94 -49.43 71.01
C GLU J 107 14.40 -48.55 69.90
N VAL J 108 13.43 -49.10 69.16
CA VAL J 108 12.66 -48.34 68.19
C VAL J 108 11.18 -48.55 68.53
N VAL J 109 10.43 -47.46 68.62
CA VAL J 109 9.00 -47.52 68.86
C VAL J 109 8.28 -46.57 67.91
N TYR J 110 7.22 -47.04 67.28
CA TYR J 110 6.46 -46.23 66.33
C TYR J 110 4.97 -46.42 66.54
N GLY J 111 4.21 -45.44 66.06
CA GLY J 111 2.80 -45.34 66.36
C GLY J 111 1.93 -46.21 65.47
N ALA J 112 0.61 -46.04 65.66
CA ALA J 112 -0.35 -46.87 64.94
C ALA J 112 -0.47 -46.46 63.47
N ASP J 113 -0.52 -45.14 63.21
CA ASP J 113 -0.68 -44.69 61.84
C ASP J 113 0.55 -44.97 60.98
N VAL J 114 1.69 -45.26 61.60
CA VAL J 114 2.87 -45.75 60.87
C VAL J 114 2.76 -47.26 60.86
N LYS J 115 1.98 -47.78 59.92
CA LYS J 115 1.80 -49.21 59.79
C LYS J 115 1.79 -49.57 58.30
N GLY J 116 2.55 -50.61 57.95
CA GLY J 116 2.61 -51.04 56.57
C GLY J 116 3.16 -50.02 55.61
N ARG J 117 3.88 -49.03 56.11
CA ARG J 117 4.47 -48.00 55.25
C ARG J 117 5.90 -48.33 54.84
N GLY J 118 6.59 -49.19 55.59
CA GLY J 118 7.95 -49.56 55.28
C GLY J 118 8.85 -49.66 56.49
N ILE J 119 8.30 -49.33 57.66
CA ILE J 119 9.10 -49.36 58.88
C ILE J 119 9.27 -50.77 59.44
N GLU J 120 8.42 -51.71 59.03
CA GLU J 120 8.45 -53.05 59.58
C GLU J 120 9.81 -53.70 59.38
N SER J 121 10.38 -53.57 58.19
CA SER J 121 11.68 -54.14 57.86
C SER J 121 12.83 -53.17 58.13
N ALA J 122 12.55 -51.92 58.45
CA ALA J 122 13.60 -50.90 58.55
C ALA J 122 13.92 -50.49 59.98
N ALA J 123 13.03 -50.73 60.94
CA ALA J 123 13.39 -50.47 62.33
C ALA J 123 14.52 -51.37 62.81
N PRO J 124 14.50 -52.70 62.58
CA PRO J 124 15.71 -53.48 62.84
C PRO J 124 16.92 -53.01 62.05
N LEU J 125 16.72 -52.50 60.83
CA LEU J 125 17.84 -51.95 60.07
C LEU J 125 18.47 -50.77 60.79
N GLY J 126 17.62 -49.88 61.31
CA GLY J 126 18.15 -48.76 62.07
C GLY J 126 18.83 -49.20 63.35
N VAL J 127 18.28 -50.22 64.01
CA VAL J 127 18.93 -50.76 65.20
C VAL J 127 20.31 -51.30 64.86
N SER J 128 20.40 -52.05 63.76
CA SER J 128 21.68 -52.63 63.35
C SER J 128 22.70 -51.54 63.01
N ALA J 129 22.27 -50.50 62.28
CA ALA J 129 23.18 -49.42 61.96
C ALA J 129 23.66 -48.70 63.21
N ALA J 130 22.73 -48.38 64.11
CA ALA J 130 23.10 -47.71 65.35
C ALA J 130 24.06 -48.56 66.16
N ALA J 131 23.86 -49.88 66.19
CA ALA J 131 24.77 -50.75 66.93
C ALA J 131 26.15 -50.79 66.29
N ALA J 132 26.20 -50.93 64.96
CA ALA J 132 27.48 -50.98 64.26
C ALA J 132 28.23 -49.67 64.35
N SER J 133 27.55 -48.58 64.68
CA SER J 133 28.26 -47.33 64.95
C SER J 133 28.60 -47.17 66.43
N PHE J 134 27.76 -47.69 67.33
CA PHE J 134 28.02 -47.55 68.76
C PHE J 134 29.18 -48.43 69.21
N LYS J 135 29.42 -49.55 68.52
CA LYS J 135 30.59 -50.36 68.84
C LYS J 135 31.86 -49.52 68.85
N GLU J 136 32.08 -48.73 67.80
CA GLU J 136 33.25 -47.88 67.74
C GLU J 136 33.29 -46.86 68.87
N GLY J 137 32.12 -46.38 69.28
CA GLY J 137 32.03 -45.41 70.34
C GLY J 137 31.61 -44.01 69.94
N ASN J 138 30.69 -43.87 68.99
CA ASN J 138 30.17 -42.58 68.56
C ASN J 138 28.66 -42.57 68.73
N LEU J 139 28.16 -41.75 69.66
CA LEU J 139 26.74 -41.70 69.93
C LEU J 139 25.99 -40.94 68.85
N ILE J 140 26.36 -39.68 68.63
CA ILE J 140 25.67 -38.86 67.63
C ILE J 140 25.76 -39.49 66.26
N ASP J 141 26.95 -39.97 65.86
CA ASP J 141 27.12 -40.51 64.51
C ASP J 141 26.24 -41.73 64.30
N GLY J 142 26.16 -42.60 65.31
CA GLY J 142 25.25 -43.73 65.24
C GLY J 142 23.80 -43.28 65.10
N LEU J 143 23.41 -42.25 65.85
CA LEU J 143 22.08 -41.70 65.70
C LEU J 143 21.84 -41.21 64.28
N ILE J 144 22.83 -40.52 63.70
CA ILE J 144 22.68 -40.02 62.33
C ILE J 144 22.43 -41.18 61.38
N SER J 145 23.26 -42.22 61.47
CA SER J 145 23.13 -43.34 60.55
C SER J 145 21.79 -44.04 60.73
N ALA J 146 21.35 -44.22 61.98
CA ALA J 146 20.09 -44.89 62.23
C ALA J 146 18.92 -44.08 61.66
N VAL J 147 18.92 -42.77 61.86
CA VAL J 147 17.84 -41.95 61.34
C VAL J 147 17.84 -41.93 59.82
N ARG J 148 19.02 -41.82 59.21
CA ARG J 148 19.10 -41.85 57.75
C ARG J 148 18.53 -43.16 57.21
N VAL J 149 18.94 -44.29 57.80
CA VAL J 149 18.49 -45.59 57.31
C VAL J 149 16.99 -45.74 57.49
N MET J 150 16.48 -45.41 58.68
CA MET J 150 15.05 -45.58 58.94
C MET J 150 14.21 -44.67 58.04
N SER J 151 14.67 -43.43 57.81
CA SER J 151 13.97 -42.54 56.91
C SER J 151 13.96 -43.09 55.49
N ALA J 152 15.13 -43.55 55.02
CA ALA J 152 15.19 -44.13 53.68
C ALA J 152 14.36 -45.40 53.55
N GLY J 153 14.07 -46.06 54.66
CA GLY J 153 13.24 -47.25 54.65
C GLY J 153 11.75 -47.03 54.72
N VAL J 154 11.31 -45.79 54.88
CA VAL J 154 9.89 -45.47 55.00
C VAL J 154 9.49 -44.54 53.87
N SER J 155 8.39 -44.89 53.21
CA SER J 155 7.74 -44.08 52.18
C SER J 155 6.53 -43.38 52.78
N PRO J 156 6.06 -42.30 52.17
CA PRO J 156 4.90 -41.56 52.72
C PRO J 156 3.65 -42.42 52.84
N ALA J 157 2.63 -41.90 53.51
CA ALA J 157 1.39 -42.62 53.75
C ALA J 157 0.69 -42.98 52.43
N ALA K 17 30.52 -15.92 21.69
CA ALA K 17 31.33 -15.43 22.79
C ALA K 17 32.71 -16.10 22.79
N LEU K 18 33.62 -15.55 22.01
CA LEU K 18 34.94 -16.14 21.79
C LEU K 18 35.97 -15.02 21.78
N SER K 19 37.18 -15.34 21.31
CA SER K 19 38.35 -14.49 21.46
C SER K 19 38.46 -13.48 20.32
N ALA K 20 39.58 -12.76 20.28
CA ALA K 20 39.84 -11.71 19.31
C ALA K 20 41.08 -12.03 18.49
N CYS K 21 41.13 -11.50 17.27
CA CYS K 21 42.24 -11.67 16.36
C CYS K 21 42.63 -10.31 15.81
N SER K 22 43.92 -10.00 15.85
CA SER K 22 44.40 -8.75 15.25
C SER K 22 44.41 -8.86 13.73
N PRO K 23 44.17 -7.77 13.02
CA PRO K 23 44.22 -7.80 11.56
C PRO K 23 45.61 -8.12 11.07
N PRO K 24 45.75 -9.08 10.15
CA PRO K 24 47.09 -9.51 9.72
C PRO K 24 47.91 -8.42 9.06
N GLY K 25 47.28 -7.39 8.52
CA GLY K 25 47.97 -6.35 7.79
C GLY K 25 47.89 -4.98 8.43
N GLU K 26 48.06 -4.93 9.76
CA GLU K 26 47.92 -3.68 10.50
C GLU K 26 49.07 -3.52 11.48
N THR K 27 50.28 -3.89 11.06
CA THR K 27 51.45 -3.75 11.92
C THR K 27 51.98 -2.31 11.91
N ALA K 28 52.80 -2.01 12.90
CA ALA K 28 53.49 -0.73 12.97
C ALA K 28 54.84 -0.82 12.29
N SER K 29 55.52 0.32 12.19
CA SER K 29 56.79 0.40 11.50
C SER K 29 57.78 1.21 12.34
N SER K 30 59.04 1.18 11.93
CA SER K 30 60.08 2.01 12.51
C SER K 30 60.77 2.92 11.51
N GLU K 31 60.65 2.63 10.21
CA GLU K 31 61.20 3.52 9.19
C GLU K 31 60.47 4.85 9.23
N PRO K 32 61.20 5.98 9.18
CA PRO K 32 60.53 7.29 9.20
C PRO K 32 59.93 7.71 7.86
N GLY K 33 60.41 7.17 6.74
CA GLY K 33 59.85 7.53 5.44
C GLY K 33 60.29 8.89 4.94
N THR K 34 60.32 9.06 3.63
CA THR K 34 60.77 10.29 3.00
C THR K 34 59.61 11.28 2.85
N THR K 35 59.94 12.56 2.87
CA THR K 35 58.93 13.58 2.68
C THR K 35 58.35 13.46 1.27
N PRO K 36 57.04 13.65 1.10
CA PRO K 36 56.45 13.49 -0.23
C PRO K 36 56.98 14.51 -1.20
N ALA K 37 57.21 14.07 -2.44
CA ALA K 37 57.69 14.96 -3.49
C ALA K 37 56.57 15.86 -3.98
N ILE K 38 56.96 17.03 -4.51
CA ILE K 38 55.99 17.92 -5.11
C ILE K 38 55.26 17.20 -6.25
N TRP K 39 53.97 17.46 -6.37
CA TRP K 39 53.11 16.74 -7.29
C TRP K 39 53.08 17.42 -8.64
N THR K 40 53.12 16.61 -9.70
CA THR K 40 52.90 17.06 -11.07
C THR K 40 51.88 16.13 -11.70
N GLY K 41 50.95 16.69 -12.46
CA GLY K 41 49.85 15.93 -13.04
C GLY K 41 49.96 15.85 -14.56
N SER K 42 49.77 14.64 -15.08
CA SER K 42 49.76 14.44 -16.52
C SER K 42 48.58 15.17 -17.15
N PRO K 43 48.73 15.65 -18.38
CA PRO K 43 47.64 16.44 -18.99
C PRO K 43 46.34 15.66 -19.13
N SER K 44 46.40 14.36 -19.40
CA SER K 44 45.20 13.53 -19.50
C SER K 44 45.57 12.06 -19.53
N GLN L 41 -28.99 -41.61 17.64
CA GLN L 41 -27.71 -40.92 17.76
C GLN L 41 -26.60 -41.90 18.09
N PRO L 42 -25.56 -41.93 17.25
CA PRO L 42 -24.51 -42.94 17.41
C PRO L 42 -23.70 -42.74 18.68
N THR L 43 -23.23 -43.86 19.22
CA THR L 43 -22.29 -43.89 20.33
C THR L 43 -20.92 -44.29 19.80
N ASP L 44 -19.94 -44.39 20.70
CA ASP L 44 -18.60 -44.80 20.27
C ASP L 44 -18.59 -46.26 19.82
N ALA L 45 -19.38 -47.11 20.48
CA ALA L 45 -19.44 -48.52 20.12
C ALA L 45 -19.91 -48.69 18.68
N GLU L 46 -20.96 -47.97 18.29
CA GLU L 46 -21.48 -48.07 16.94
C GLU L 46 -20.92 -46.99 16.01
N LEU L 47 -19.93 -46.22 16.47
CA LEU L 47 -19.08 -45.44 15.57
C LEU L 47 -17.85 -46.21 15.13
N ALA L 48 -17.26 -46.98 16.04
CA ALA L 48 -15.99 -47.65 15.73
C ALA L 48 -16.15 -48.73 14.66
N GLU L 49 -17.34 -49.32 14.55
CA GLU L 49 -17.55 -50.41 13.61
C GLU L 49 -18.09 -49.97 12.26
N MET L 50 -18.62 -48.74 12.15
CA MET L 50 -19.06 -48.24 10.86
C MET L 50 -17.89 -48.22 9.88
N SER L 51 -18.17 -48.57 8.63
CA SER L 51 -17.16 -48.49 7.59
C SER L 51 -16.91 -47.03 7.22
N ARG L 52 -15.98 -46.82 6.28
CA ARG L 52 -15.70 -45.45 5.86
C ARG L 52 -16.82 -44.86 5.02
N GLU L 53 -17.50 -45.68 4.21
CA GLU L 53 -18.64 -45.17 3.46
C GLU L 53 -19.79 -44.82 4.39
N GLU L 54 -20.02 -45.63 5.43
CA GLU L 54 -21.03 -45.31 6.42
C GLU L 54 -20.69 -44.02 7.16
N LEU L 55 -19.41 -43.82 7.48
CA LEU L 55 -19.01 -42.61 8.19
C LEU L 55 -19.13 -41.38 7.29
N VAL L 56 -18.80 -41.52 6.01
CA VAL L 56 -18.99 -40.41 5.07
C VAL L 56 -20.46 -40.06 4.94
N LYS L 57 -21.32 -41.08 4.86
CA LYS L 57 -22.76 -40.82 4.80
C LYS L 57 -23.25 -40.14 6.06
N LEU L 58 -22.78 -40.58 7.22
CA LEU L 58 -23.18 -39.96 8.48
C LEU L 58 -22.74 -38.50 8.54
N GLY L 59 -21.52 -38.22 8.13
CA GLY L 59 -21.04 -36.85 8.13
C GLY L 59 -21.84 -35.96 7.20
N GLY L 60 -22.09 -36.44 5.99
CA GLY L 60 -22.91 -35.68 5.06
C GLY L 60 -24.32 -35.44 5.58
N LYS L 61 -24.91 -36.46 6.21
CA LYS L 61 -26.24 -36.30 6.78
C LYS L 61 -26.25 -35.28 7.90
N ILE L 62 -25.21 -35.28 8.73
CA ILE L 62 -25.07 -34.24 9.75
C ILE L 62 -24.96 -32.87 9.12
N ASP L 63 -24.27 -32.76 7.99
CA ASP L 63 -24.12 -31.48 7.31
C ASP L 63 -25.32 -31.11 6.45
N GLY L 64 -26.24 -32.04 6.20
CA GLY L 64 -27.35 -31.77 5.32
C GLY L 64 -27.12 -32.16 3.88
N VAL L 65 -26.08 -32.94 3.60
CA VAL L 65 -25.65 -33.25 2.24
C VAL L 65 -25.76 -34.75 2.02
N GLU L 66 -26.51 -35.15 1.00
CA GLU L 66 -26.55 -36.55 0.58
C GLU L 66 -25.95 -36.69 -0.81
N THR L 67 -24.97 -37.56 -0.93
CA THR L 67 -24.34 -37.86 -2.22
C THR L 67 -25.18 -38.94 -2.90
N ILE L 68 -26.11 -38.52 -3.75
CA ILE L 68 -27.07 -39.46 -4.34
C ILE L 68 -26.45 -40.31 -5.44
N PHE L 69 -25.20 -40.06 -5.80
CA PHE L 69 -24.53 -40.82 -6.84
C PHE L 69 -23.03 -40.62 -6.76
N LYS L 70 -22.27 -41.70 -6.57
CA LYS L 70 -20.80 -41.59 -6.57
C LYS L 70 -20.24 -42.97 -6.94
N GLU L 71 -19.82 -43.13 -8.19
CA GLU L 71 -19.27 -44.38 -8.65
C GLU L 71 -17.82 -44.20 -9.09
N PRO L 72 -17.00 -45.24 -8.96
CA PRO L 72 -15.60 -45.13 -9.42
C PRO L 72 -15.53 -44.94 -10.93
N ARG L 73 -14.45 -44.29 -11.37
CA ARG L 73 -14.30 -43.96 -12.77
C ARG L 73 -14.00 -45.19 -13.61
N TRP L 74 -13.24 -46.14 -13.06
CA TRP L 74 -12.84 -47.34 -13.77
C TRP L 74 -13.35 -48.55 -13.00
N PRO L 75 -14.63 -48.91 -13.17
CA PRO L 75 -15.16 -50.08 -12.46
C PRO L 75 -14.58 -51.39 -12.94
N VAL L 76 -14.21 -51.50 -14.20
CA VAL L 76 -13.59 -52.71 -14.75
C VAL L 76 -12.08 -52.56 -14.61
N PRO L 77 -11.40 -53.45 -13.88
CA PRO L 77 -9.96 -53.30 -13.66
C PRO L 77 -9.12 -54.04 -14.69
N GLY L 78 -7.91 -53.51 -14.89
CA GLY L 78 -6.95 -54.15 -15.78
C GLY L 78 -7.28 -53.99 -17.26
N THR L 79 -7.49 -52.76 -17.69
CA THR L 79 -7.73 -52.45 -19.09
C THR L 79 -6.57 -51.64 -19.65
N LYS L 80 -6.51 -51.57 -20.98
CA LYS L 80 -5.49 -50.73 -21.63
C LYS L 80 -5.87 -49.26 -21.57
N ALA L 81 -7.17 -48.95 -21.55
CA ALA L 81 -7.61 -47.56 -21.52
C ALA L 81 -7.18 -46.87 -20.23
N GLU L 82 -7.25 -47.58 -19.10
CA GLU L 82 -6.84 -46.99 -17.83
C GLU L 82 -5.36 -46.62 -17.85
N LYS L 83 -4.51 -47.50 -18.38
CA LYS L 83 -3.10 -47.19 -18.49
C LYS L 83 -2.85 -46.04 -19.46
N ARG L 84 -3.59 -46.01 -20.57
CA ARG L 84 -3.43 -44.94 -21.55
C ARG L 84 -3.78 -43.59 -20.94
N THR L 85 -4.89 -43.52 -20.19
CA THR L 85 -5.28 -42.26 -19.55
C THR L 85 -4.29 -41.86 -18.47
N GLU L 86 -3.79 -42.83 -17.71
CA GLU L 86 -2.78 -42.55 -16.70
C GLU L 86 -1.54 -41.93 -17.35
N ARG L 87 -1.10 -42.51 -18.47
CA ARG L 87 0.06 -41.98 -19.18
C ARG L 87 -0.23 -40.61 -19.78
N LEU L 88 -1.45 -40.36 -20.24
CA LEU L 88 -1.78 -39.04 -20.78
C LEU L 88 -1.69 -37.96 -19.70
N VAL L 89 -2.27 -38.22 -18.54
CA VAL L 89 -2.18 -37.25 -17.44
C VAL L 89 -0.72 -37.05 -17.04
N ALA L 90 0.04 -38.13 -16.96
CA ALA L 90 1.46 -38.01 -16.64
C ALA L 90 2.20 -37.21 -17.69
N TYR L 91 1.81 -37.36 -18.97
CA TYR L 91 2.47 -36.61 -20.03
C TYR L 91 2.24 -35.12 -19.89
N TRP L 92 1.01 -34.73 -19.57
CA TRP L 92 0.74 -33.30 -19.37
C TRP L 92 1.50 -32.75 -18.16
N LEU L 93 1.53 -33.50 -17.06
CA LEU L 93 2.26 -33.01 -15.90
C LEU L 93 3.77 -32.95 -16.15
N MET L 94 4.31 -33.89 -16.93
CA MET L 94 5.72 -33.86 -17.28
C MET L 94 6.04 -32.71 -18.23
N LEU L 95 5.11 -32.39 -19.13
CA LEU L 95 5.29 -31.20 -19.96
C LEU L 95 5.34 -29.95 -19.10
N GLY L 96 4.46 -29.88 -18.09
CA GLY L 96 4.53 -28.76 -17.16
C GLY L 96 5.87 -28.67 -16.46
N GLY L 97 6.38 -29.80 -15.97
CA GLY L 97 7.67 -29.79 -15.29
C GLY L 97 8.82 -29.41 -16.19
N LEU L 98 8.85 -29.95 -17.40
CA LEU L 98 9.92 -29.63 -18.33
C LEU L 98 9.84 -28.18 -18.80
N SER L 99 8.64 -27.62 -18.89
CA SER L 99 8.55 -26.20 -19.24
C SER L 99 8.94 -25.32 -18.07
N GLY L 100 8.73 -25.77 -16.84
CA GLY L 100 9.29 -25.06 -15.69
C GLY L 100 10.81 -25.06 -15.70
N LEU L 101 11.40 -26.21 -16.03
CA LEU L 101 12.86 -26.27 -16.21
C LEU L 101 13.32 -25.34 -17.33
N ALA L 102 12.57 -25.32 -18.44
CA ALA L 102 12.89 -24.42 -19.53
C ALA L 102 12.85 -22.97 -19.08
N LEU L 103 11.85 -22.61 -18.27
CA LEU L 103 11.77 -21.25 -17.75
C LEU L 103 12.97 -20.92 -16.89
N LEU L 104 13.37 -21.84 -16.02
CA LEU L 104 14.54 -21.62 -15.18
C LEU L 104 15.79 -21.38 -16.03
N LEU L 105 16.01 -22.25 -17.02
CA LEU L 105 17.22 -22.15 -17.83
C LEU L 105 17.21 -20.90 -18.70
N VAL L 106 16.05 -20.55 -19.27
CA VAL L 106 15.96 -19.37 -20.11
C VAL L 106 16.15 -18.11 -19.28
N PHE L 107 15.61 -18.08 -18.06
CA PHE L 107 15.83 -16.93 -17.20
C PHE L 107 17.30 -16.81 -16.82
N LEU L 108 17.96 -17.94 -16.55
CA LEU L 108 19.35 -17.89 -16.10
C LEU L 108 20.34 -17.59 -17.23
N PHE L 109 20.08 -18.08 -18.45
CA PHE L 109 21.11 -18.11 -19.48
C PHE L 109 20.63 -17.49 -20.79
N TRP L 110 19.78 -16.53 -20.72
CA TRP L 110 19.50 -15.85 -21.99
C TRP L 110 20.14 -14.46 -21.98
N PRO L 111 20.51 -13.95 -23.15
CA PRO L 111 21.00 -12.56 -23.22
C PRO L 111 19.85 -11.57 -23.07
N TRP L 112 19.48 -11.30 -21.81
CA TRP L 112 18.28 -10.53 -21.52
C TRP L 112 18.45 -9.04 -21.75
N GLU L 113 19.69 -8.56 -21.83
CA GLU L 113 19.95 -7.13 -21.79
C GLU L 113 19.58 -6.46 -23.10
N TYR L 114 19.18 -5.18 -22.99
CA TYR L 114 18.83 -4.40 -24.16
C TYR L 114 20.00 -4.27 -25.11
N GLN L 115 19.73 -4.45 -26.40
CA GLN L 115 20.73 -4.28 -27.44
C GLN L 115 20.22 -3.24 -28.43
N PRO L 116 21.07 -2.31 -28.88
CA PRO L 116 20.58 -1.18 -29.68
C PRO L 116 20.07 -1.58 -31.05
N PHE L 117 19.57 -0.59 -31.79
CA PHE L 117 18.97 -0.85 -33.09
C PHE L 117 20.01 -1.30 -34.10
N GLY L 118 19.65 -2.31 -34.88
CA GLY L 118 20.49 -2.76 -35.99
C GLY L 118 21.85 -3.30 -35.58
N SER L 119 21.91 -3.96 -34.43
CA SER L 119 23.17 -4.46 -33.89
C SER L 119 23.06 -5.95 -33.62
N GLU L 120 24.21 -6.59 -33.49
CA GLU L 120 24.24 -7.99 -33.09
C GLU L 120 23.62 -8.15 -31.72
N GLY L 121 22.82 -9.21 -31.57
CA GLY L 121 22.12 -9.47 -30.33
C GLY L 121 20.78 -8.79 -30.21
N GLU L 122 20.41 -7.93 -31.16
CA GLU L 122 19.08 -7.31 -31.13
C GLU L 122 17.99 -8.35 -31.28
N PHE L 123 18.17 -9.28 -32.22
CA PHE L 123 17.18 -10.35 -32.39
C PHE L 123 17.18 -11.29 -31.20
N LEU L 124 18.37 -11.67 -30.72
CA LEU L 124 18.46 -12.55 -29.57
C LEU L 124 18.00 -11.89 -28.28
N TYR L 125 17.90 -10.57 -28.26
CA TYR L 125 17.30 -9.84 -27.15
C TYR L 125 15.79 -9.71 -27.28
N SER L 126 15.29 -9.55 -28.51
CA SER L 126 13.85 -9.41 -28.69
C SER L 126 13.08 -10.68 -28.38
N LEU L 127 13.76 -11.80 -28.17
CA LEU L 127 13.12 -13.06 -27.80
C LEU L 127 13.09 -13.29 -26.30
N ALA L 128 13.68 -12.40 -25.49
CA ALA L 128 13.82 -12.64 -24.06
C ALA L 128 12.46 -12.73 -23.36
N THR L 129 11.72 -11.62 -23.35
CA THR L 129 10.39 -11.64 -22.74
C THR L 129 9.43 -12.62 -23.39
N PRO L 130 9.37 -12.74 -24.72
CA PRO L 130 8.57 -13.83 -25.31
C PRO L 130 8.94 -15.21 -24.79
N LEU L 131 10.24 -15.50 -24.62
CA LEU L 131 10.63 -16.81 -24.11
C LEU L 131 10.22 -16.99 -22.65
N TYR L 132 10.39 -15.94 -21.83
CA TYR L 132 9.96 -16.02 -20.44
C TYR L 132 8.47 -16.33 -20.36
N GLY L 133 7.66 -15.57 -21.11
CA GLY L 133 6.23 -15.79 -21.08
C GLY L 133 5.85 -17.15 -21.60
N LEU L 134 6.44 -17.56 -22.72
CA LEU L 134 6.14 -18.87 -23.29
C LEU L 134 6.42 -19.98 -22.29
N THR L 135 7.60 -19.98 -21.69
CA THR L 135 7.97 -21.07 -20.79
C THR L 135 7.11 -21.07 -19.53
N PHE L 136 6.94 -19.90 -18.90
CA PHE L 136 6.19 -19.85 -17.65
C PHE L 136 4.72 -20.22 -17.87
N GLY L 137 4.09 -19.59 -18.88
CA GLY L 137 2.71 -19.90 -19.16
C GLY L 137 2.50 -21.34 -19.59
N LEU L 138 3.42 -21.88 -20.38
CA LEU L 138 3.30 -23.27 -20.81
C LEU L 138 3.40 -24.22 -19.63
N SER L 139 4.33 -23.96 -18.71
CA SER L 139 4.48 -24.82 -17.54
C SER L 139 3.21 -24.83 -16.71
N ILE L 140 2.72 -23.65 -16.33
CA ILE L 140 1.58 -23.63 -15.41
C ILE L 140 0.29 -24.07 -16.13
N LEU L 141 0.18 -23.77 -17.42
CA LEU L 141 -0.99 -24.20 -18.18
C LEU L 141 -1.03 -25.72 -18.33
N SER L 142 0.12 -26.33 -18.60
CA SER L 142 0.17 -27.79 -18.69
C SER L 142 -0.16 -28.42 -17.34
N ILE L 143 0.32 -27.82 -16.24
CA ILE L 143 -0.02 -28.34 -14.92
C ILE L 143 -1.52 -28.29 -14.70
N GLY L 144 -2.15 -27.16 -15.06
CA GLY L 144 -3.58 -27.04 -14.90
C GLY L 144 -4.36 -28.02 -15.75
N ILE L 145 -3.91 -28.24 -16.99
CA ILE L 145 -4.57 -29.21 -17.86
C ILE L 145 -4.45 -30.62 -17.28
N GLY L 146 -3.28 -30.96 -16.75
CA GLY L 146 -3.14 -32.26 -16.10
C GLY L 146 -4.06 -32.43 -14.91
N ALA L 147 -4.20 -31.37 -14.10
CA ALA L 147 -5.11 -31.44 -12.96
C ALA L 147 -6.56 -31.62 -13.42
N VAL L 148 -6.96 -30.88 -14.47
CA VAL L 148 -8.31 -31.03 -14.99
C VAL L 148 -8.54 -32.45 -15.49
N LEU L 149 -7.55 -33.01 -16.19
CA LEU L 149 -7.69 -34.37 -16.70
C LEU L 149 -7.79 -35.38 -15.56
N PHE L 150 -7.01 -35.20 -14.51
CA PHE L 150 -7.12 -36.13 -13.38
C PHE L 150 -8.50 -36.03 -12.73
N GLN L 151 -9.04 -34.82 -12.64
CA GLN L 151 -10.40 -34.68 -12.13
C GLN L 151 -11.41 -35.35 -13.03
N LYS L 152 -11.27 -35.19 -14.34
CA LYS L 152 -12.26 -35.67 -15.31
C LYS L 152 -12.17 -37.15 -15.60
N LYS L 153 -11.06 -37.81 -15.26
CA LYS L 153 -10.87 -39.19 -15.66
C LYS L 153 -10.63 -40.15 -14.50
N PHE L 154 -10.16 -39.68 -13.35
CA PHE L 154 -9.82 -40.57 -12.25
C PHE L 154 -10.58 -40.30 -10.96
N ILE L 155 -10.91 -39.05 -10.68
CA ILE L 155 -11.72 -38.75 -9.49
C ILE L 155 -13.16 -39.16 -9.75
N PRO L 156 -13.79 -39.93 -8.85
CA PRO L 156 -15.12 -40.46 -9.15
C PRO L 156 -16.14 -39.37 -9.39
N GLU L 157 -17.00 -39.60 -10.38
CA GLU L 157 -18.10 -38.69 -10.63
C GLU L 157 -19.10 -38.76 -9.49
N GLU L 158 -19.58 -37.60 -9.06
CA GLU L 158 -20.50 -37.55 -7.93
C GLU L 158 -21.59 -36.53 -8.21
N ILE L 159 -22.74 -36.73 -7.56
CA ILE L 159 -23.85 -35.79 -7.57
C ILE L 159 -24.35 -35.69 -6.14
N SER L 160 -24.02 -34.59 -5.47
CA SER L 160 -24.43 -34.37 -4.09
C SER L 160 -25.53 -33.31 -4.04
N VAL L 161 -26.42 -33.46 -3.08
CA VAL L 161 -27.53 -32.53 -2.88
C VAL L 161 -27.45 -32.01 -1.44
N GLN L 162 -27.45 -30.68 -1.32
CA GLN L 162 -27.40 -30.01 -0.03
C GLN L 162 -28.66 -29.18 0.15
N ASP L 163 -29.15 -29.12 1.39
CA ASP L 163 -30.33 -28.32 1.71
C ASP L 163 -29.93 -26.88 1.95
N ARG L 164 -30.72 -25.95 1.39
CA ARG L 164 -30.44 -24.53 1.57
C ARG L 164 -30.53 -24.12 3.03
N HIS L 165 -31.65 -24.44 3.68
CA HIS L 165 -31.93 -23.97 5.03
C HIS L 165 -31.79 -22.45 5.11
N ASP L 166 -32.38 -21.76 4.13
CA ASP L 166 -32.24 -20.32 4.00
C ASP L 166 -33.61 -19.67 4.13
N GLY L 167 -33.66 -18.36 3.87
CA GLY L 167 -34.83 -17.57 4.20
C GLY L 167 -34.74 -17.11 5.63
N ARG L 168 -35.88 -16.97 6.30
CA ARG L 168 -35.85 -16.55 7.70
C ARG L 168 -35.31 -17.68 8.58
N SER L 169 -34.82 -17.27 9.74
CA SER L 169 -34.34 -18.21 10.75
C SER L 169 -35.51 -18.87 11.45
N PRO L 170 -35.28 -20.00 12.13
CA PRO L 170 -36.33 -20.56 12.98
C PRO L 170 -36.73 -19.57 14.05
N GLU L 171 -38.00 -19.63 14.46
CA GLU L 171 -38.56 -18.59 15.30
C GLU L 171 -37.79 -18.42 16.61
N VAL L 172 -37.26 -19.51 17.15
CA VAL L 172 -36.55 -19.43 18.42
C VAL L 172 -35.34 -18.50 18.31
N HIS L 173 -34.61 -18.60 17.21
CA HIS L 173 -33.42 -17.77 17.02
C HIS L 173 -33.80 -16.30 16.88
N ARG L 174 -34.83 -16.00 16.09
CA ARG L 174 -35.24 -14.61 15.90
C ARG L 174 -35.73 -14.01 17.21
N LYS L 175 -36.57 -14.76 17.94
CA LYS L 175 -37.08 -14.26 19.21
C LYS L 175 -35.95 -14.03 20.20
N THR L 176 -34.98 -14.95 20.27
CA THR L 176 -33.91 -14.81 21.25
C THR L 176 -32.95 -13.67 20.89
N VAL L 177 -32.69 -13.47 19.59
CA VAL L 177 -31.83 -12.36 19.18
C VAL L 177 -32.51 -11.03 19.46
N ALA L 178 -33.78 -10.90 19.08
CA ALA L 178 -34.51 -9.67 19.37
C ALA L 178 -34.56 -9.43 20.87
N ALA L 179 -34.77 -10.48 21.65
CA ALA L 179 -34.81 -10.35 23.10
C ALA L 179 -33.47 -9.85 23.63
N ASN L 180 -32.37 -10.42 23.16
CA ASN L 180 -31.05 -9.99 23.62
C ASN L 180 -30.79 -8.53 23.29
N LEU L 181 -31.11 -8.11 22.07
CA LEU L 181 -30.80 -6.74 21.67
C LEU L 181 -31.68 -5.73 22.41
N THR L 182 -32.99 -5.98 22.47
CA THR L 182 -33.86 -5.07 23.20
C THR L 182 -33.56 -5.11 24.69
N ASP L 183 -33.10 -6.24 25.22
CA ASP L 183 -32.71 -6.32 26.62
C ASP L 183 -31.50 -5.43 26.89
N ALA L 184 -30.50 -5.48 26.00
CA ALA L 184 -29.38 -4.56 26.13
C ALA L 184 -29.85 -3.12 26.13
N LEU L 185 -30.65 -2.75 25.11
CA LEU L 185 -31.06 -1.36 24.97
C LEU L 185 -31.95 -0.89 26.11
N GLU L 186 -32.74 -1.79 26.69
CA GLU L 186 -33.67 -1.41 27.75
C GLU L 186 -32.99 -1.40 29.11
N GLY L 187 -32.26 -2.46 29.45
CA GLY L 187 -31.54 -2.50 30.70
C GLY L 187 -30.48 -1.44 30.82
N SER L 188 -29.91 -1.02 29.68
CA SER L 188 -29.01 0.12 29.71
C SER L 188 -29.70 1.37 30.21
N THR L 189 -31.03 1.42 30.14
CA THR L 189 -31.85 2.54 30.61
C THR L 189 -31.48 3.86 29.95
N LEU L 190 -30.83 3.79 28.78
CA LEU L 190 -30.46 4.99 28.06
C LEU L 190 -31.66 5.69 27.43
N LYS L 191 -32.77 4.97 27.25
CA LYS L 191 -33.95 5.58 26.63
C LYS L 191 -34.61 6.61 27.53
N ARG L 192 -34.58 6.41 28.84
CA ARG L 192 -35.18 7.36 29.77
C ARG L 192 -34.19 8.40 30.28
N ARG L 193 -32.94 8.36 29.84
CA ARG L 193 -31.97 9.41 30.11
C ARG L 193 -31.95 10.33 28.89
N LYS L 194 -32.79 11.37 28.93
CA LYS L 194 -32.87 12.27 27.79
C LYS L 194 -31.60 13.11 27.66
N VAL L 195 -31.10 13.63 28.78
CA VAL L 195 -29.94 14.51 28.73
C VAL L 195 -28.69 13.73 28.31
N ILE L 196 -28.52 12.51 28.84
CA ILE L 196 -27.35 11.71 28.49
C ILE L 196 -27.38 11.38 26.99
N GLY L 197 -28.52 10.95 26.48
CA GLY L 197 -28.61 10.64 25.06
C GLY L 197 -28.37 11.87 24.19
N LEU L 198 -28.96 13.01 24.57
CA LEU L 198 -28.79 14.23 23.79
C LEU L 198 -27.34 14.67 23.78
N SER L 199 -26.69 14.68 24.95
CA SER L 199 -25.29 15.09 25.02
C SER L 199 -24.38 14.09 24.32
N LEU L 200 -24.72 12.80 24.34
CA LEU L 200 -23.93 11.82 23.60
C LEU L 200 -24.02 12.10 22.10
N GLY L 201 -25.23 12.35 21.60
CA GLY L 201 -25.38 12.67 20.19
C GLY L 201 -24.63 13.93 19.81
N ILE L 202 -24.76 14.98 20.63
CA ILE L 202 -24.11 16.25 20.34
C ILE L 202 -22.59 16.08 20.35
N GLY L 203 -22.07 15.39 21.37
CA GLY L 203 -20.62 15.22 21.47
C GLY L 203 -20.04 14.38 20.36
N LEU L 204 -20.72 13.28 20.01
CA LEU L 204 -20.26 12.44 18.91
C LEU L 204 -20.29 13.21 17.60
N GLY L 205 -21.36 13.99 17.36
CA GLY L 205 -21.41 14.77 16.14
C GLY L 205 -20.37 15.87 16.10
N ALA L 206 -20.11 16.51 17.22
CA ALA L 206 -19.09 17.55 17.28
C ALA L 206 -17.71 16.98 17.01
N PHE L 207 -17.40 15.84 17.63
CA PHE L 207 -16.13 15.18 17.36
C PHE L 207 -16.03 14.75 15.91
N GLY L 208 -17.12 14.21 15.35
CA GLY L 208 -17.08 13.78 13.96
C GLY L 208 -16.84 14.93 13.01
N ALA L 209 -17.52 16.06 13.23
CA ALA L 209 -17.32 17.24 12.39
C ALA L 209 -15.89 17.75 12.52
N GLY L 210 -15.40 17.86 13.75
CA GLY L 210 -14.04 18.34 13.94
C GLY L 210 -13.00 17.44 13.30
N THR L 211 -13.14 16.13 13.47
CA THR L 211 -12.18 15.19 12.90
C THR L 211 -12.27 15.18 11.37
N LEU L 212 -13.48 15.23 10.82
CA LEU L 212 -13.61 15.25 9.36
C LEU L 212 -12.99 16.51 8.78
N VAL L 213 -13.22 17.66 9.42
CA VAL L 213 -12.67 18.91 8.91
C VAL L 213 -11.17 18.95 9.06
N ALA L 214 -10.64 18.43 10.17
CA ALA L 214 -9.19 18.37 10.34
C ALA L 214 -8.56 17.43 9.32
N PHE L 215 -9.25 16.34 8.99
CA PHE L 215 -8.70 15.35 8.08
C PHE L 215 -8.71 15.85 6.64
N ILE L 216 -9.80 16.50 6.22
CA ILE L 216 -9.92 16.95 4.84
C ILE L 216 -9.24 18.31 4.59
N GLY L 217 -9.32 19.23 5.55
CA GLY L 217 -8.95 20.61 5.32
C GLY L 217 -7.50 20.84 4.96
N GLY L 218 -6.62 19.86 5.17
CA GLY L 218 -5.27 19.96 4.66
C GLY L 218 -5.19 19.93 3.16
N LEU L 219 -6.08 19.16 2.52
CA LEU L 219 -6.14 19.06 1.07
C LEU L 219 -6.77 20.29 0.42
N ILE L 220 -7.61 21.03 1.15
CA ILE L 220 -8.39 22.09 0.54
C ILE L 220 -7.49 23.29 0.25
N LYS L 221 -7.50 23.75 -1.00
CA LYS L 221 -6.77 24.94 -1.41
C LYS L 221 -7.73 25.88 -2.12
N ASN L 222 -7.52 27.17 -1.92
CA ASN L 222 -8.30 28.18 -2.63
C ASN L 222 -7.74 28.35 -4.03
N PRO L 223 -8.50 28.04 -5.09
CA PRO L 223 -7.96 28.20 -6.44
C PRO L 223 -7.75 29.65 -6.85
N TRP L 224 -8.55 30.57 -6.31
CA TRP L 224 -8.56 31.96 -6.74
C TRP L 224 -7.69 32.85 -5.85
N LYS L 225 -6.76 32.26 -5.13
CA LYS L 225 -5.82 33.03 -4.34
C LYS L 225 -4.81 33.72 -5.27
N PRO L 226 -4.55 35.01 -5.09
CA PRO L 226 -3.58 35.69 -5.97
C PRO L 226 -2.14 35.28 -5.66
N VAL L 227 -1.51 34.56 -6.57
CA VAL L 227 -0.16 34.04 -6.32
C VAL L 227 0.84 34.39 -7.41
N VAL L 228 0.43 34.78 -8.61
CA VAL L 228 1.35 35.01 -9.72
C VAL L 228 1.56 36.52 -9.85
N PRO L 229 2.77 37.03 -9.60
CA PRO L 229 3.00 38.47 -9.77
C PRO L 229 3.08 38.84 -11.23
N THR L 230 2.36 39.88 -11.61
CA THR L 230 2.29 40.37 -12.98
C THR L 230 2.19 41.90 -12.93
N ALA L 231 2.11 42.50 -14.12
CA ALA L 231 2.17 43.95 -14.28
C ALA L 231 0.97 44.65 -13.64
N GLU L 232 0.05 43.88 -13.06
CA GLU L 232 -1.10 44.42 -12.37
C GLU L 232 -1.24 43.77 -10.99
N GLY L 233 -0.12 43.56 -10.30
CA GLY L 233 -0.18 42.94 -9.00
C GLY L 233 -0.22 41.43 -9.08
N LYS L 234 -0.68 40.82 -8.00
CA LYS L 234 -0.75 39.37 -7.94
C LYS L 234 -2.11 38.88 -8.44
N LYS L 235 -2.08 37.86 -9.29
CA LYS L 235 -3.28 37.32 -9.92
C LYS L 235 -3.37 35.83 -9.64
N ALA L 236 -4.58 35.30 -9.82
CA ALA L 236 -4.80 33.87 -9.70
C ALA L 236 -4.18 33.13 -10.88
N VAL L 237 -3.96 31.83 -10.68
CA VAL L 237 -3.24 31.03 -11.69
C VAL L 237 -4.05 30.93 -12.97
N LEU L 238 -5.36 30.66 -12.85
CA LEU L 238 -6.16 30.38 -14.04
C LEU L 238 -6.28 31.61 -14.95
N TRP L 239 -6.21 32.80 -14.40
CA TRP L 239 -6.25 34.01 -15.23
C TRP L 239 -4.93 34.24 -15.96
N THR L 240 -3.82 33.78 -15.39
CA THR L 240 -2.51 34.06 -15.95
C THR L 240 -2.01 32.88 -16.77
N SER L 241 -0.80 33.05 -17.32
CA SER L 241 -0.10 32.06 -18.11
C SER L 241 1.35 32.54 -18.23
N GLY L 242 2.13 31.88 -19.08
CA GLY L 242 3.48 32.36 -19.33
C GLY L 242 3.54 33.58 -20.21
N TRP L 243 2.47 33.86 -20.96
CA TRP L 243 2.41 35.02 -21.84
C TRP L 243 1.94 36.28 -21.14
N THR L 244 1.49 36.20 -19.91
CA THR L 244 1.02 37.37 -19.19
C THR L 244 2.22 38.22 -18.78
N PRO L 245 2.30 39.48 -19.21
CA PRO L 245 3.49 40.29 -18.90
C PRO L 245 3.65 40.50 -17.41
N ARG L 246 4.91 40.51 -16.97
CA ARG L 246 5.22 40.67 -15.55
C ARG L 246 5.38 42.13 -15.15
N PHE L 247 5.92 42.97 -16.03
CA PHE L 247 5.92 44.41 -15.81
C PHE L 247 5.60 45.11 -17.12
N LYS L 248 5.05 46.31 -17.03
CA LYS L 248 4.66 47.07 -18.20
C LYS L 248 5.87 47.32 -19.10
N GLY L 249 5.73 46.99 -20.38
CA GLY L 249 6.81 47.16 -21.33
C GLY L 249 7.76 45.99 -21.43
N GLU L 250 7.34 44.79 -21.05
CA GLU L 250 8.21 43.63 -21.05
C GLU L 250 8.15 42.91 -22.39
N THR L 251 9.32 42.66 -22.97
CA THR L 251 9.42 41.98 -24.25
C THR L 251 9.40 40.47 -24.04
N ILE L 252 8.39 39.81 -24.59
CA ILE L 252 8.23 38.36 -24.49
C ILE L 252 8.40 37.80 -25.90
N TYR L 253 9.55 37.18 -26.16
CA TYR L 253 9.80 36.60 -27.46
C TYR L 253 9.03 35.30 -27.66
N LEU L 254 8.63 35.06 -28.91
CA LEU L 254 8.10 33.78 -29.33
C LEU L 254 9.27 32.88 -29.67
N ALA L 255 9.64 31.99 -28.78
CA ALA L 255 10.77 31.10 -29.01
C ALA L 255 10.29 29.76 -29.56
N ARG L 256 11.19 29.05 -30.22
CA ARG L 256 10.91 27.73 -30.76
C ARG L 256 11.74 26.69 -30.03
N ALA L 257 11.28 25.44 -30.10
CA ALA L 257 11.95 24.35 -29.41
C ALA L 257 12.99 23.75 -30.35
N THR L 258 14.25 23.77 -29.93
CA THR L 258 15.36 23.30 -30.74
C THR L 258 15.57 21.79 -30.63
N GLY L 259 14.96 21.14 -29.64
CA GLY L 259 15.10 19.70 -29.48
C GLY L 259 16.44 19.29 -28.90
N SER L 264 20.64 25.10 -25.58
CA SER L 264 19.64 26.15 -25.80
C SER L 264 18.38 25.58 -26.44
N PRO L 265 17.47 25.05 -25.62
CA PRO L 265 16.21 24.52 -26.14
C PRO L 265 15.26 25.59 -26.66
N PHE L 266 15.56 26.87 -26.46
CA PHE L 266 14.68 27.95 -26.90
C PHE L 266 15.51 29.02 -27.61
N VAL L 267 15.12 29.34 -28.84
CA VAL L 267 15.76 30.38 -29.62
C VAL L 267 14.69 31.27 -30.23
N LYS L 268 15.04 32.52 -30.51
CA LYS L 268 14.08 33.45 -31.07
C LYS L 268 13.78 33.11 -32.53
N MET L 269 12.75 33.75 -33.06
CA MET L 269 12.34 33.55 -34.45
C MET L 269 12.18 34.91 -35.13
N ARG L 270 11.97 34.86 -36.44
CA ARG L 270 11.67 36.02 -37.26
C ARG L 270 10.51 35.68 -38.17
N PRO L 271 9.77 36.67 -38.65
CA PRO L 271 8.63 36.39 -39.53
C PRO L 271 9.01 35.61 -40.79
N GLU L 272 10.27 35.64 -41.20
CA GLU L 272 10.71 34.92 -42.39
C GLU L 272 11.08 33.46 -42.10
N ASP L 273 11.26 33.09 -40.84
CA ASP L 273 11.57 31.70 -40.51
C ASP L 273 10.41 30.78 -40.90
N ILE L 274 9.20 31.11 -40.46
CA ILE L 274 8.01 30.38 -40.85
C ILE L 274 7.60 30.84 -42.25
N ASP L 275 7.00 29.93 -43.01
CA ASP L 275 6.61 30.21 -44.38
C ASP L 275 5.12 29.97 -44.57
N ALA L 276 4.58 30.53 -45.65
CA ALA L 276 3.17 30.39 -45.97
C ALA L 276 2.78 28.92 -46.06
N GLY L 277 1.83 28.51 -45.23
CA GLY L 277 1.44 27.13 -45.14
C GLY L 277 2.20 26.31 -44.12
N GLY L 278 2.99 26.95 -43.25
CA GLY L 278 3.69 26.27 -42.19
C GLY L 278 3.07 26.56 -40.83
N MET L 279 3.54 25.81 -39.83
CA MET L 279 3.07 25.94 -38.48
C MET L 279 4.22 25.74 -37.51
N GLU L 280 4.21 26.48 -36.41
CA GLU L 280 5.28 26.40 -35.43
C GLU L 280 4.72 26.50 -34.03
N THR L 281 5.16 25.62 -33.14
CA THR L 281 4.84 25.70 -31.72
C THR L 281 5.83 26.64 -31.05
N VAL L 282 5.34 27.75 -30.52
CA VAL L 282 6.17 28.77 -29.92
C VAL L 282 5.82 28.88 -28.43
N PHE L 283 6.83 29.28 -27.66
CA PHE L 283 6.74 29.38 -26.21
C PHE L 283 7.19 30.76 -25.77
N PRO L 284 6.66 31.26 -24.65
CA PRO L 284 7.02 32.59 -24.17
C PRO L 284 8.39 32.59 -23.51
N TRP L 285 9.38 33.15 -24.21
CA TRP L 285 10.75 33.19 -23.73
C TRP L 285 11.17 34.64 -23.54
N ARG L 286 11.55 34.99 -22.32
CA ARG L 286 12.13 36.29 -22.02
C ARG L 286 13.64 36.22 -22.12
N GLU L 287 14.27 37.38 -22.26
CA GLU L 287 15.72 37.42 -22.41
C GLU L 287 16.45 37.29 -21.08
N SER L 288 15.74 37.21 -19.97
CA SER L 288 16.34 36.87 -18.69
C SER L 288 16.20 35.40 -18.34
N ASP L 289 15.46 34.63 -19.15
CA ASP L 289 15.36 33.20 -18.91
C ASP L 289 16.65 32.48 -19.26
N GLY L 290 17.36 32.96 -20.28
CA GLY L 290 18.62 32.36 -20.66
C GLY L 290 18.47 31.18 -21.60
N ASP L 291 19.54 30.41 -21.71
CA ASP L 291 19.61 29.31 -22.65
C ASP L 291 19.81 27.95 -22.00
N GLY L 292 19.89 27.88 -20.67
CA GLY L 292 19.88 26.62 -19.97
C GLY L 292 21.21 26.10 -19.48
N THR L 293 22.30 26.85 -19.64
CA THR L 293 23.59 26.39 -19.15
C THR L 293 23.61 26.38 -17.63
N THR L 294 23.18 27.46 -16.99
CA THR L 294 23.14 27.52 -15.54
C THR L 294 21.91 26.79 -15.01
N VAL L 295 21.95 26.50 -13.71
CA VAL L 295 20.91 25.68 -13.09
C VAL L 295 19.59 26.45 -12.99
N GLU L 296 19.66 27.73 -12.61
CA GLU L 296 18.46 28.54 -12.61
C GLU L 296 17.89 28.68 -14.01
N SER L 297 18.78 28.74 -15.02
CA SER L 297 18.32 28.82 -16.40
C SER L 297 17.54 27.58 -16.79
N GLU L 298 18.05 26.39 -16.45
CA GLU L 298 17.33 25.18 -16.81
C GLU L 298 16.03 25.05 -16.03
N HIS L 299 16.00 25.48 -14.77
CA HIS L 299 14.74 25.49 -14.03
C HIS L 299 13.72 26.40 -14.70
N LYS L 300 14.15 27.60 -15.13
CA LYS L 300 13.22 28.53 -15.77
C LYS L 300 12.74 28.01 -17.12
N LEU L 301 13.64 27.42 -17.91
CA LEU L 301 13.24 26.87 -19.19
C LEU L 301 12.31 25.68 -19.01
N THR L 302 12.54 24.86 -17.99
CA THR L 302 11.62 23.78 -17.68
C THR L 302 10.26 24.31 -17.27
N GLU L 303 10.23 25.39 -16.50
CA GLU L 303 8.96 26.02 -16.15
C GLU L 303 8.24 26.52 -17.40
N ILE L 304 8.99 27.08 -18.35
CA ILE L 304 8.40 27.50 -19.62
C ILE L 304 7.78 26.32 -20.35
N ALA L 305 8.55 25.24 -20.50
CA ALA L 305 8.15 24.10 -21.31
C ALA L 305 7.14 23.19 -20.63
N MET L 306 6.92 23.34 -19.33
CA MET L 306 6.00 22.50 -18.58
C MET L 306 4.86 23.31 -17.97
N GLY L 307 4.47 24.39 -18.63
CA GLY L 307 3.30 25.15 -18.26
C GLY L 307 2.18 24.84 -19.23
N VAL L 308 1.04 24.43 -18.68
CA VAL L 308 0.02 23.82 -19.52
C VAL L 308 -0.64 24.84 -20.45
N ARG L 309 -0.57 26.12 -20.13
CA ARG L 309 -1.19 27.16 -20.94
C ARG L 309 -0.17 27.95 -21.76
N ASN L 310 1.07 27.51 -21.80
CA ASN L 310 2.17 28.21 -22.47
C ASN L 310 2.18 28.06 -23.99
N PRO L 311 2.11 26.84 -24.55
CA PRO L 311 2.39 26.66 -25.98
C PRO L 311 1.38 27.42 -26.85
N VAL L 312 1.88 27.90 -27.98
CA VAL L 312 1.10 28.70 -28.93
C VAL L 312 1.34 28.20 -30.33
N MET L 313 0.27 27.99 -31.09
CA MET L 313 0.35 27.67 -32.50
C MET L 313 0.51 28.97 -33.29
N LEU L 314 1.58 29.06 -34.07
CA LEU L 314 1.82 30.21 -34.93
C LEU L 314 1.77 29.74 -36.38
N ILE L 315 0.88 30.35 -37.15
CA ILE L 315 0.58 29.91 -38.51
C ILE L 315 0.73 31.08 -39.47
N ARG L 316 1.31 30.81 -40.63
CA ARG L 316 1.49 31.79 -41.68
C ARG L 316 0.48 31.53 -42.78
N ILE L 317 -0.54 32.39 -42.88
CA ILE L 317 -1.58 32.22 -43.89
C ILE L 317 -0.98 32.45 -45.27
N LYS L 318 -1.40 31.64 -46.24
CA LYS L 318 -1.03 31.89 -47.62
C LYS L 318 -1.65 33.22 -48.05
N PRO L 319 -0.89 34.11 -48.71
CA PRO L 319 -1.41 35.46 -48.98
C PRO L 319 -2.69 35.46 -49.81
N ALA L 320 -2.80 34.57 -50.78
CA ALA L 320 -3.95 34.55 -51.68
C ALA L 320 -5.24 34.13 -50.98
N ASP L 321 -5.16 33.72 -49.71
CA ASP L 321 -6.33 33.38 -48.92
C ASP L 321 -6.73 34.48 -47.94
N MET L 322 -6.02 35.62 -47.95
CA MET L 322 -6.28 36.67 -46.97
C MET L 322 -7.69 37.22 -47.08
N HIS L 323 -8.33 37.11 -48.24
CA HIS L 323 -9.70 37.60 -48.36
C HIS L 323 -10.71 36.75 -47.61
N ARG L 324 -10.31 35.57 -47.13
CA ARG L 324 -11.23 34.70 -46.40
C ARG L 324 -11.07 34.81 -44.88
N VAL L 325 -10.19 35.68 -44.40
CA VAL L 325 -10.01 35.85 -42.96
C VAL L 325 -11.18 36.66 -42.41
N ILE L 326 -11.96 36.06 -41.52
CA ILE L 326 -12.95 36.77 -40.72
C ILE L 326 -12.34 36.98 -39.33
N LYS L 327 -12.42 38.20 -38.83
CA LYS L 327 -11.76 38.57 -37.60
C LYS L 327 -12.75 38.55 -36.43
N ARG L 328 -12.21 38.77 -35.23
CA ARG L 328 -12.99 38.77 -34.01
C ARG L 328 -13.05 40.18 -33.42
N LYS L 329 -14.21 40.53 -32.87
CA LYS L 329 -14.35 41.80 -32.19
C LYS L 329 -13.36 41.91 -31.04
N GLY L 330 -12.61 43.02 -31.01
CA GLY L 330 -11.58 43.21 -30.02
C GLY L 330 -10.29 42.49 -30.29
N GLN L 331 -10.15 41.86 -31.46
CA GLN L 331 -8.95 41.11 -31.81
C GLN L 331 -8.52 41.40 -33.25
N GLU L 332 -8.78 42.60 -33.74
CA GLU L 332 -8.60 42.89 -35.16
C GLU L 332 -7.15 43.08 -35.54
N SER L 333 -6.33 43.66 -34.66
CA SER L 333 -4.92 43.91 -34.94
C SER L 333 -4.01 42.90 -34.26
N PHE L 334 -4.52 41.70 -33.97
CA PHE L 334 -3.72 40.70 -33.29
C PHE L 334 -2.76 39.97 -34.20
N ASN L 335 -3.02 39.93 -35.50
CA ASN L 335 -2.11 39.30 -36.44
C ASN L 335 -1.09 40.32 -36.94
N PHE L 336 0.02 39.80 -37.47
CA PHE L 336 1.04 40.58 -38.14
C PHE L 336 1.11 40.10 -39.58
N GLY L 337 0.27 40.67 -40.42
CA GLY L 337 0.20 40.26 -41.81
C GLY L 337 -0.28 38.82 -41.97
N GLU L 338 0.60 37.97 -42.47
CA GLU L 338 0.27 36.57 -42.68
C GLU L 338 0.34 35.73 -41.41
N LEU L 339 0.84 36.29 -40.31
CA LEU L 339 1.13 35.52 -39.11
C LEU L 339 -0.01 35.67 -38.11
N PHE L 340 -0.52 34.53 -37.64
CA PHE L 340 -1.51 34.47 -36.59
C PHE L 340 -1.00 33.57 -35.47
N ALA L 341 -1.38 33.89 -34.24
CA ALA L 341 -0.96 33.12 -33.08
C ALA L 341 -2.17 32.78 -32.23
N TYR L 342 -2.48 31.50 -32.13
CA TYR L 342 -3.59 31.01 -31.31
C TYR L 342 -3.05 30.17 -30.18
N THR L 343 -3.84 29.99 -29.14
CA THR L 343 -3.44 29.09 -28.08
C THR L 343 -3.41 27.65 -28.61
N LYS L 344 -2.37 26.91 -28.26
CA LYS L 344 -2.28 25.53 -28.68
C LYS L 344 -3.19 24.63 -27.87
N VAL L 345 -3.57 25.07 -26.67
CA VAL L 345 -4.48 24.33 -25.81
C VAL L 345 -5.88 24.34 -26.41
N CYS L 346 -6.56 23.19 -26.34
CA CYS L 346 -7.93 23.11 -26.84
C CYS L 346 -8.89 23.68 -25.79
N SER L 347 -9.87 24.43 -26.27
CA SER L 347 -10.83 25.06 -25.38
C SER L 347 -11.82 24.07 -24.77
N HIS L 348 -11.83 22.82 -25.23
CA HIS L 348 -12.80 21.86 -24.70
C HIS L 348 -12.33 21.26 -23.38
N LEU L 349 -11.20 20.54 -23.40
CA LEU L 349 -10.74 19.87 -22.19
C LEU L 349 -9.23 19.99 -22.00
N GLY L 350 -8.56 20.90 -22.70
CA GLY L 350 -7.18 21.22 -22.41
C GLY L 350 -6.13 20.46 -23.20
N CYS L 351 -6.52 19.52 -24.07
CA CYS L 351 -5.55 18.80 -24.86
C CYS L 351 -4.88 19.74 -25.86
N PRO L 352 -3.68 19.41 -26.32
CA PRO L 352 -3.04 20.25 -27.34
C PRO L 352 -3.71 20.09 -28.70
N SER L 353 -4.47 21.11 -29.13
CA SER L 353 -5.12 21.10 -30.44
C SER L 353 -4.08 21.46 -31.50
N SER L 354 -3.21 20.48 -31.78
CA SER L 354 -1.98 20.71 -32.52
C SER L 354 -1.98 20.09 -33.90
N LEU L 355 -3.15 19.75 -34.44
CA LEU L 355 -3.22 19.13 -35.77
C LEU L 355 -3.66 20.21 -36.75
N TYR L 356 -2.71 20.90 -37.35
CA TYR L 356 -3.00 22.00 -38.25
C TYR L 356 -3.02 21.51 -39.68
N GLU L 357 -4.09 21.83 -40.39
CA GLU L 357 -4.30 21.41 -41.77
C GLU L 357 -4.36 22.66 -42.65
N GLN L 358 -3.26 22.95 -43.33
CA GLN L 358 -3.32 23.91 -44.42
C GLN L 358 -4.11 23.31 -45.58
N GLN L 359 -4.49 24.17 -46.52
CA GLN L 359 -5.44 23.94 -47.60
C GLN L 359 -6.87 23.89 -47.06
N THR L 360 -7.05 23.85 -45.73
CA THR L 360 -8.33 24.06 -45.10
C THR L 360 -8.22 25.01 -43.92
N TYR L 361 -7.00 25.31 -43.45
CA TYR L 361 -6.77 26.17 -42.30
C TYR L 361 -7.57 25.68 -41.10
N ARG L 362 -7.53 24.38 -40.89
CA ARG L 362 -8.25 23.75 -39.79
C ARG L 362 -7.29 23.42 -38.66
N ILE L 363 -7.79 23.53 -37.43
CA ILE L 363 -7.04 23.14 -36.25
C ILE L 363 -7.81 22.03 -35.57
N LEU L 364 -7.15 20.90 -35.35
CA LEU L 364 -7.81 19.68 -34.93
C LEU L 364 -7.15 19.14 -33.67
N CYS L 365 -7.97 18.83 -32.68
CA CYS L 365 -7.53 18.25 -31.43
C CYS L 365 -7.67 16.74 -31.49
N PRO L 366 -6.60 15.96 -31.30
CA PRO L 366 -6.73 14.51 -31.44
C PRO L 366 -7.50 13.86 -30.31
N CYS L 367 -7.71 14.55 -29.19
CA CYS L 367 -8.37 13.93 -28.04
C CYS L 367 -9.83 13.63 -28.33
N HIS L 368 -10.61 14.66 -28.68
CA HIS L 368 -12.03 14.47 -28.94
C HIS L 368 -12.46 15.09 -30.27
N GLN L 369 -11.51 15.29 -31.19
CA GLN L 369 -11.80 15.60 -32.58
C GLN L 369 -12.56 16.90 -32.76
N SER L 370 -12.21 17.91 -31.97
CA SER L 370 -12.72 19.25 -32.20
C SER L 370 -12.00 19.88 -33.39
N GLN L 371 -12.73 20.66 -34.18
CA GLN L 371 -12.18 21.33 -35.35
C GLN L 371 -12.51 22.81 -35.28
N PHE L 372 -11.47 23.63 -35.28
CA PHE L 372 -11.57 25.08 -35.29
C PHE L 372 -11.12 25.61 -36.65
N ASP L 373 -11.66 26.76 -37.05
CA ASP L 373 -11.32 27.39 -38.33
C ASP L 373 -10.31 28.50 -38.07
N ALA L 374 -9.05 28.26 -38.45
CA ALA L 374 -8.01 29.26 -38.23
C ALA L 374 -8.30 30.55 -38.96
N LEU L 375 -8.96 30.48 -40.12
CA LEU L 375 -9.32 31.68 -40.86
C LEU L 375 -10.36 32.52 -40.14
N GLU L 376 -11.02 31.98 -39.13
CA GLU L 376 -12.12 32.66 -38.45
C GLU L 376 -11.86 32.73 -36.96
N PHE L 377 -10.68 33.21 -36.58
CA PHE L 377 -10.24 33.34 -35.19
C PHE L 377 -10.45 32.05 -34.40
N ALA L 378 -10.20 30.92 -35.08
CA ALA L 378 -10.28 29.59 -34.48
C ALA L 378 -11.67 29.31 -33.92
N LYS L 379 -12.68 29.73 -34.65
CA LYS L 379 -14.05 29.39 -34.29
C LYS L 379 -14.27 27.89 -34.49
N PRO L 380 -14.81 27.18 -33.49
CA PRO L 380 -14.96 25.72 -33.62
C PRO L 380 -16.04 25.37 -34.63
N ILE L 381 -15.65 24.63 -35.67
CA ILE L 381 -16.56 24.21 -36.72
C ILE L 381 -16.92 22.74 -36.63
N PHE L 382 -16.38 22.03 -35.64
CA PHE L 382 -16.79 20.64 -35.42
C PHE L 382 -16.33 20.20 -34.05
N GLY L 383 -16.89 19.08 -33.60
CA GLY L 383 -16.48 18.48 -32.36
C GLY L 383 -17.26 19.00 -31.16
N PRO L 384 -16.83 18.59 -29.96
CA PRO L 384 -17.50 19.04 -28.73
C PRO L 384 -17.06 20.40 -28.24
N ALA L 385 -16.39 21.20 -29.07
CA ALA L 385 -15.88 22.50 -28.66
C ALA L 385 -16.86 23.59 -29.04
N ALA L 386 -17.18 24.47 -28.08
CA ALA L 386 -18.09 25.59 -28.30
C ALA L 386 -17.39 26.94 -28.34
N ARG L 387 -16.30 27.11 -27.61
CA ARG L 387 -15.61 28.38 -27.52
C ARG L 387 -14.39 28.38 -28.44
N ALA L 388 -14.14 29.53 -29.06
CA ALA L 388 -13.00 29.66 -29.96
C ALA L 388 -11.69 29.67 -29.19
N LEU L 389 -10.60 29.42 -29.91
CA LEU L 389 -9.28 29.48 -29.32
C LEU L 389 -8.83 30.93 -29.19
N ALA L 390 -8.17 31.23 -28.07
CA ALA L 390 -7.78 32.60 -27.78
C ALA L 390 -6.57 32.99 -28.63
N GLN L 391 -6.73 34.04 -29.44
CA GLN L 391 -5.64 34.55 -30.24
C GLN L 391 -4.64 35.29 -29.36
N LEU L 392 -3.39 35.32 -29.81
CA LEU L 392 -2.31 35.99 -29.11
C LEU L 392 -1.80 37.16 -29.95
N PRO L 393 -1.72 38.37 -29.39
CA PRO L 393 -1.19 39.50 -30.17
C PRO L 393 0.30 39.34 -30.43
N ILE L 394 0.72 39.63 -31.65
CA ILE L 394 2.11 39.51 -32.04
C ILE L 394 2.54 40.77 -32.78
N THR L 395 3.85 41.03 -32.76
CA THR L 395 4.47 42.10 -33.53
C THR L 395 5.96 41.78 -33.64
N ILE L 396 6.74 42.73 -34.14
CA ILE L 396 8.17 42.54 -34.29
C ILE L 396 8.91 43.69 -33.63
N ASP L 397 10.18 43.43 -33.32
CA ASP L 397 11.07 44.45 -32.77
C ASP L 397 11.85 45.15 -33.88
N GLU L 398 12.60 46.18 -33.47
CA GLU L 398 13.57 46.77 -34.38
C GLU L 398 14.63 45.76 -34.77
N ASP L 399 15.04 44.92 -33.81
CA ASP L 399 15.93 43.80 -34.12
C ASP L 399 15.29 42.84 -35.11
N GLY L 400 13.96 42.85 -35.23
CA GLY L 400 13.26 42.04 -36.21
C GLY L 400 12.61 40.79 -35.67
N TYR L 401 12.88 40.41 -34.43
CA TYR L 401 12.36 39.18 -33.88
C TYR L 401 10.87 39.31 -33.56
N LEU L 402 10.19 38.17 -33.56
CA LEU L 402 8.76 38.12 -33.24
C LEU L 402 8.57 38.18 -31.72
N VAL L 403 7.67 39.06 -31.27
CA VAL L 403 7.41 39.24 -29.85
C VAL L 403 5.91 39.31 -29.63
N ALA L 404 5.52 39.09 -28.38
CA ALA L 404 4.13 39.16 -27.97
C ALA L 404 3.77 40.62 -27.68
N ASN L 405 2.70 41.10 -28.32
CA ASN L 405 2.24 42.47 -28.10
C ASN L 405 1.19 42.50 -26.99
N GLY L 406 1.60 42.00 -25.82
CA GLY L 406 0.71 41.94 -24.68
C GLY L 406 0.33 40.54 -24.28
N ASP L 407 -0.95 40.33 -23.98
CA ASP L 407 -1.45 39.06 -23.46
C ASP L 407 -2.75 38.72 -24.18
N PHE L 408 -3.18 37.47 -24.03
CA PHE L 408 -4.51 37.06 -24.47
C PHE L 408 -5.55 37.96 -23.85
N VAL L 409 -6.70 38.13 -24.51
CA VAL L 409 -7.77 38.95 -23.99
C VAL L 409 -8.84 38.10 -23.30
N GLU L 410 -8.49 36.87 -22.93
CA GLU L 410 -9.39 35.95 -22.25
C GLU L 410 -8.58 34.74 -21.79
N PRO L 411 -9.03 34.04 -20.75
CA PRO L 411 -8.31 32.84 -20.31
C PRO L 411 -8.31 31.78 -21.40
N VAL L 412 -7.23 31.01 -21.44
CA VAL L 412 -7.02 29.99 -22.45
C VAL L 412 -7.20 28.62 -21.81
N GLY L 413 -7.65 27.66 -22.61
CA GLY L 413 -7.81 26.30 -22.16
C GLY L 413 -9.23 25.97 -21.76
N PRO L 414 -9.39 24.93 -20.95
CA PRO L 414 -10.74 24.48 -20.57
C PRO L 414 -11.47 25.54 -19.76
N ALA L 415 -12.79 25.56 -19.92
CA ALA L 415 -13.62 26.53 -19.23
C ALA L 415 -13.84 26.08 -17.78
N PHE L 416 -14.52 26.94 -17.02
CA PHE L 416 -14.81 26.66 -15.62
C PHE L 416 -15.99 27.52 -15.19
N TRP L 417 -16.46 27.28 -13.97
CA TRP L 417 -17.63 27.99 -13.45
C TRP L 417 -17.38 29.49 -13.38
N GLU L 418 -16.18 29.90 -12.99
CA GLU L 418 -15.86 31.30 -12.71
C GLU L 418 -15.44 32.08 -13.95
N ARG L 419 -15.71 31.56 -15.14
CA ARG L 419 -15.23 32.18 -16.37
C ARG L 419 -16.27 33.14 -16.94
N LYS L 420 -15.80 34.03 -17.83
CA LYS L 420 -16.63 34.96 -18.59
C LYS L 420 -17.46 35.86 -17.66
N SER L 421 -16.73 36.65 -16.88
CA SER L 421 -17.31 37.66 -16.01
C SER L 421 -18.33 37.08 -15.03
N ASP M 4 4.60 -43.64 7.05
CA ASP M 4 5.11 -42.44 7.70
C ASP M 4 4.14 -41.29 7.55
N PHE M 5 3.76 -40.99 6.31
CA PHE M 5 2.83 -39.90 6.02
C PHE M 5 1.38 -40.27 6.24
N ALA M 6 1.10 -41.39 6.92
CA ALA M 6 -0.24 -41.69 7.41
C ALA M 6 -0.32 -41.44 8.91
N LYS M 7 0.60 -42.01 9.68
CA LYS M 7 0.67 -41.72 11.11
C LYS M 7 0.96 -40.25 11.35
N LEU M 8 1.77 -39.63 10.47
CA LEU M 8 2.04 -38.20 10.62
C LEU M 8 0.78 -37.38 10.39
N ALA M 9 -0.01 -37.72 9.37
CA ALA M 9 -1.25 -37.00 9.13
C ALA M 9 -2.23 -37.20 10.28
N ALA M 10 -2.31 -38.43 10.81
CA ALA M 10 -3.20 -38.67 11.94
C ALA M 10 -2.77 -37.88 13.17
N ALA M 11 -1.46 -37.81 13.43
CA ALA M 11 -0.96 -37.05 14.57
C ALA M 11 -1.23 -35.56 14.39
N GLN M 12 -0.99 -35.03 13.18
CA GLN M 12 -1.26 -33.62 12.93
C GLN M 12 -2.73 -33.31 13.08
N GLY M 13 -3.61 -34.20 12.59
CA GLY M 13 -5.02 -34.00 12.78
C GLY M 13 -5.44 -34.02 14.23
N ASP M 14 -4.88 -34.95 15.01
CA ASP M 14 -5.19 -35.01 16.43
C ASP M 14 -4.75 -33.75 17.16
N ALA M 15 -3.54 -33.26 16.84
CA ALA M 15 -3.04 -32.04 17.47
C ALA M 15 -3.90 -30.84 17.09
N ILE M 16 -4.24 -30.71 15.81
CA ILE M 16 -5.08 -29.60 15.38
C ILE M 16 -6.44 -29.66 16.05
N ASP M 17 -7.03 -30.84 16.16
CA ASP M 17 -8.36 -30.95 16.75
C ASP M 17 -8.33 -30.75 18.25
N SER M 18 -7.23 -31.11 18.92
CA SER M 18 -7.15 -30.88 20.35
C SER M 18 -6.91 -29.41 20.66
N ARG M 19 -6.18 -28.70 19.79
CA ARG M 19 -5.92 -27.29 20.07
C ARG M 19 -7.10 -26.41 19.65
N TYR M 20 -7.71 -26.67 18.49
CA TYR M 20 -8.67 -25.75 17.92
C TYR M 20 -10.06 -26.35 17.68
N HIS M 21 -10.21 -27.67 17.78
CA HIS M 21 -11.43 -28.43 17.51
C HIS M 21 -12.24 -27.87 16.35
N PRO M 22 -11.71 -27.86 15.14
CA PRO M 22 -12.47 -27.39 13.98
C PRO M 22 -13.19 -28.47 13.19
N SER M 23 -13.28 -29.70 13.72
CA SER M 23 -13.72 -30.84 12.92
C SER M 23 -15.13 -30.61 12.36
N ALA M 24 -16.05 -30.15 13.19
CA ALA M 24 -17.41 -29.89 12.71
C ALA M 24 -17.41 -28.81 11.64
N ALA M 25 -16.77 -27.68 11.91
CA ALA M 25 -16.75 -26.58 10.95
C ALA M 25 -16.01 -26.97 9.68
N VAL M 26 -14.86 -27.64 9.81
CA VAL M 26 -14.09 -28.03 8.63
C VAL M 26 -14.90 -29.01 7.79
N ARG M 27 -15.57 -29.97 8.42
CA ARG M 27 -16.40 -30.91 7.67
C ARG M 27 -17.57 -30.20 7.00
N ARG M 28 -18.15 -29.21 7.67
CA ARG M 28 -19.21 -28.41 7.04
C ARG M 28 -18.68 -27.70 5.81
N GLN M 29 -17.42 -27.25 5.85
CA GLN M 29 -16.85 -26.59 4.68
C GLN M 29 -16.50 -27.59 3.58
N LEU M 30 -16.13 -28.82 3.95
CA LEU M 30 -15.78 -29.81 2.93
C LEU M 30 -17.00 -30.35 2.22
N ASN M 31 -18.15 -30.36 2.87
CA ASN M 31 -19.37 -30.92 2.31
C ASN M 31 -20.25 -29.86 1.65
N LYS M 32 -19.76 -28.64 1.48
CA LYS M 32 -20.54 -27.62 0.81
C LYS M 32 -20.68 -27.96 -0.67
N VAL M 33 -21.91 -27.96 -1.16
CA VAL M 33 -22.20 -28.36 -2.53
C VAL M 33 -22.20 -27.11 -3.41
N PHE M 34 -21.59 -27.23 -4.59
CA PHE M 34 -21.48 -26.14 -5.53
C PHE M 34 -22.02 -26.61 -6.88
N PRO M 35 -22.91 -25.85 -7.50
CA PRO M 35 -23.37 -26.22 -8.84
C PRO M 35 -22.22 -26.14 -9.83
N THR M 36 -22.31 -26.95 -10.88
CA THR M 36 -21.20 -27.18 -11.80
C THR M 36 -21.39 -26.50 -13.15
N HIS M 37 -22.27 -25.51 -13.25
CA HIS M 37 -22.46 -24.81 -14.52
C HIS M 37 -21.22 -24.01 -14.87
N TRP M 38 -20.89 -23.98 -16.16
CA TRP M 38 -19.66 -23.33 -16.61
C TRP M 38 -19.66 -21.83 -16.32
N SER M 39 -20.82 -21.18 -16.43
CA SER M 39 -20.88 -19.75 -16.22
C SER M 39 -20.60 -19.37 -14.77
N PHE M 40 -20.84 -20.28 -13.83
CA PHE M 40 -20.49 -20.02 -12.44
C PHE M 40 -18.98 -19.96 -12.23
N LEU M 41 -18.19 -20.22 -13.27
CA LEU M 41 -16.76 -20.03 -13.20
C LEU M 41 -16.32 -18.63 -13.62
N LEU M 42 -17.21 -17.85 -14.23
CA LEU M 42 -16.81 -16.54 -14.74
C LEU M 42 -16.30 -15.64 -13.61
N GLY M 43 -17.03 -15.60 -12.49
CA GLY M 43 -16.57 -14.82 -11.36
C GLY M 43 -15.20 -15.24 -10.90
N GLU M 44 -14.94 -16.56 -10.93
CA GLU M 44 -13.63 -17.07 -10.54
C GLU M 44 -12.51 -16.37 -11.31
N ILE M 45 -12.72 -16.14 -12.60
CA ILE M 45 -11.70 -15.47 -13.40
C ILE M 45 -11.38 -14.12 -12.80
N ALA M 46 -12.42 -13.33 -12.50
CA ALA M 46 -12.19 -12.00 -11.92
C ALA M 46 -11.43 -12.10 -10.61
N LEU M 47 -11.61 -13.19 -9.86
CA LEU M 47 -10.84 -13.37 -8.65
C LEU M 47 -9.38 -13.68 -8.99
N TYR M 48 -9.17 -14.63 -9.88
CA TYR M 48 -7.83 -15.15 -10.10
C TYR M 48 -6.91 -14.10 -10.69
N SER M 49 -7.38 -13.39 -11.71
CA SER M 49 -6.59 -12.30 -12.27
C SER M 49 -6.26 -11.27 -11.19
N PHE M 50 -7.21 -11.00 -10.30
CA PHE M 50 -6.93 -10.08 -9.20
C PHE M 50 -5.74 -10.56 -8.39
N ILE M 51 -5.70 -11.85 -8.07
CA ILE M 51 -4.56 -12.38 -7.33
C ILE M 51 -3.27 -12.12 -8.10
N ILE M 52 -3.29 -12.35 -9.41
CA ILE M 52 -2.11 -12.07 -10.22
C ILE M 52 -1.75 -10.58 -10.10
N LEU M 53 -2.76 -9.71 -10.18
CA LEU M 53 -2.51 -8.28 -10.07
C LEU M 53 -1.86 -7.94 -8.74
N LEU M 54 -2.17 -8.69 -7.68
CA LEU M 54 -1.48 -8.45 -6.43
C LEU M 54 -0.02 -8.87 -6.53
N LEU M 55 0.22 -10.09 -7.00
CA LEU M 55 1.58 -10.64 -6.95
C LEU M 55 2.53 -9.80 -7.79
N THR M 56 2.28 -9.76 -9.11
CA THR M 56 3.07 -8.89 -9.97
C THR M 56 3.07 -7.46 -9.43
N GLY M 57 1.95 -7.00 -8.90
CA GLY M 57 1.89 -5.65 -8.39
C GLY M 57 2.93 -5.41 -7.32
N VAL M 58 3.02 -6.33 -6.35
CA VAL M 58 4.02 -6.19 -5.31
C VAL M 58 5.41 -6.13 -5.92
N TRP M 59 5.66 -6.98 -6.92
CA TRP M 59 6.95 -6.97 -7.60
C TRP M 59 7.24 -5.58 -8.17
N LEU M 60 6.24 -4.98 -8.81
CA LEU M 60 6.44 -3.68 -9.41
C LEU M 60 6.79 -2.61 -8.37
N THR M 61 6.30 -2.78 -7.14
CA THR M 61 6.60 -1.79 -6.13
C THR M 61 8.05 -1.82 -5.69
N LEU M 62 8.79 -2.88 -6.02
CA LEU M 62 10.17 -2.97 -5.60
C LEU M 62 11.12 -2.16 -6.48
N PHE M 63 10.63 -1.61 -7.60
CA PHE M 63 11.47 -0.89 -8.54
C PHE M 63 10.90 0.45 -8.99
N PHE M 64 9.62 0.72 -8.76
CA PHE M 64 9.01 1.96 -9.22
C PHE M 64 9.24 3.08 -8.21
N ASP M 65 9.52 4.27 -8.72
CA ASP M 65 9.67 5.47 -7.92
C ASP M 65 8.62 6.47 -8.37
N PRO M 66 7.63 6.79 -7.56
CA PRO M 66 6.55 7.71 -7.97
C PRO M 66 6.88 9.19 -7.74
N SER M 67 7.67 9.76 -8.63
CA SER M 67 8.08 11.16 -8.48
C SER M 67 7.85 11.91 -9.77
N MET M 68 7.55 13.19 -9.65
CA MET M 68 7.43 14.09 -10.78
C MET M 68 8.65 14.98 -10.94
N ALA M 69 9.71 14.72 -10.18
CA ALA M 69 10.94 15.50 -10.29
C ALA M 69 11.62 15.25 -11.63
N HIS M 70 12.17 16.31 -12.21
CA HIS M 70 12.76 16.22 -13.52
C HIS M 70 14.17 15.64 -13.45
N VAL M 71 14.46 14.75 -14.40
CA VAL M 71 15.78 14.15 -14.54
C VAL M 71 16.13 14.07 -16.01
N THR M 72 17.40 13.84 -16.30
CA THR M 72 17.88 13.47 -17.62
C THR M 72 18.11 11.97 -17.62
N TYR M 73 17.64 11.29 -18.66
CA TYR M 73 17.50 9.84 -18.63
C TYR M 73 18.81 9.13 -18.31
N ASP M 74 19.80 9.24 -19.19
CA ASP M 74 21.12 8.64 -18.98
C ASP M 74 20.98 7.15 -18.67
N GLY M 75 20.49 6.40 -19.65
CA GLY M 75 20.25 4.98 -19.47
C GLY M 75 20.76 4.13 -20.61
N VAL M 76 20.18 2.95 -20.80
CA VAL M 76 20.62 2.08 -21.89
C VAL M 76 19.82 2.33 -23.17
N TYR M 77 18.55 2.68 -23.04
CA TYR M 77 17.69 2.86 -24.20
C TYR M 77 18.10 4.12 -24.95
N GLN M 78 18.80 3.94 -26.06
CA GLN M 78 19.42 5.07 -26.77
C GLN M 78 18.42 6.12 -27.24
N PRO M 79 17.27 5.79 -27.85
CA PRO M 79 16.40 6.84 -28.42
C PRO M 79 15.88 7.87 -27.44
N LEU M 80 16.15 7.71 -26.15
CA LEU M 80 15.69 8.64 -25.14
C LEU M 80 16.80 9.22 -24.27
N ARG M 81 18.06 8.96 -24.59
CA ARG M 81 19.15 9.47 -23.77
C ARG M 81 19.27 10.98 -23.92
N GLY M 82 19.54 11.65 -22.81
CA GLY M 82 19.60 13.10 -22.79
C GLY M 82 18.27 13.80 -22.83
N VAL M 83 17.18 13.09 -22.60
CA VAL M 83 15.83 13.66 -22.69
C VAL M 83 15.35 13.98 -21.29
N GLN M 84 14.81 15.19 -21.12
CA GLN M 84 14.17 15.54 -19.85
C GLN M 84 12.92 14.71 -19.65
N MET M 85 12.84 14.03 -18.50
CA MET M 85 11.70 13.20 -18.16
C MET M 85 11.46 13.34 -16.67
N SER M 86 10.49 12.58 -16.17
CA SER M 86 10.23 12.51 -14.74
C SER M 86 10.89 11.27 -14.14
N ARG M 87 11.05 11.29 -12.82
CA ARG M 87 11.65 10.17 -12.12
C ARG M 87 10.78 8.92 -12.24
N ALA M 88 9.46 9.09 -12.29
CA ALA M 88 8.56 7.95 -12.45
C ALA M 88 8.70 7.32 -13.83
N TYR M 89 8.75 8.15 -14.88
CA TYR M 89 8.95 7.61 -16.21
C TYR M 89 10.32 6.96 -16.34
N GLU M 90 11.33 7.56 -15.72
CA GLU M 90 12.66 6.97 -15.74
C GLU M 90 12.68 5.60 -15.08
N THR M 91 12.01 5.46 -13.93
CA THR M 91 12.02 4.16 -13.26
C THR M 91 11.12 3.16 -13.96
N ALA M 92 10.10 3.61 -14.69
CA ALA M 92 9.33 2.68 -15.51
C ALA M 92 10.18 2.15 -16.66
N LEU M 93 10.95 3.03 -17.31
CA LEU M 93 11.90 2.59 -18.32
C LEU M 93 12.94 1.65 -17.73
N ASP M 94 13.37 1.92 -16.49
CA ASP M 94 14.33 1.05 -15.82
C ASP M 94 13.73 -0.31 -15.52
N ILE M 95 12.45 -0.36 -15.16
CA ILE M 95 11.78 -1.65 -15.00
C ILE M 95 11.78 -2.40 -16.34
N SER M 96 11.46 -1.68 -17.42
CA SER M 96 11.37 -2.32 -18.73
C SER M 96 12.72 -2.87 -19.20
N PHE M 97 13.80 -2.13 -18.98
CA PHE M 97 15.06 -2.43 -19.64
C PHE M 97 16.18 -2.91 -18.71
N GLU M 98 16.19 -2.48 -17.45
CA GLU M 98 17.32 -2.71 -16.55
C GLU M 98 17.13 -3.91 -15.64
N VAL M 99 15.90 -4.35 -15.42
CA VAL M 99 15.61 -5.44 -14.50
C VAL M 99 15.28 -6.68 -15.31
N ARG M 100 15.87 -7.81 -14.94
CA ARG M 100 15.61 -9.06 -15.65
C ARG M 100 14.21 -9.54 -15.31
N GLY M 101 13.38 -9.69 -16.34
CA GLY M 101 11.98 -10.01 -16.16
C GLY M 101 11.10 -8.84 -15.82
N GLY M 102 11.63 -7.62 -15.80
CA GLY M 102 10.81 -6.47 -15.49
C GLY M 102 9.76 -6.17 -16.55
N LEU M 103 10.16 -6.25 -17.82
CA LEU M 103 9.21 -6.03 -18.90
C LEU M 103 8.13 -7.12 -18.90
N PHE M 104 8.54 -8.37 -18.67
CA PHE M 104 7.57 -9.46 -18.61
C PHE M 104 6.57 -9.26 -17.47
N VAL M 105 7.04 -8.86 -16.30
CA VAL M 105 6.15 -8.64 -15.17
C VAL M 105 5.23 -7.45 -15.45
N ARG M 106 5.76 -6.40 -16.07
CA ARG M 106 4.93 -5.25 -16.46
C ARG M 106 3.82 -5.68 -17.40
N GLN M 107 4.16 -6.46 -18.42
CA GLN M 107 3.16 -6.85 -19.40
C GLN M 107 2.15 -7.82 -18.82
N VAL M 108 2.60 -8.76 -17.98
CA VAL M 108 1.66 -9.66 -17.32
C VAL M 108 0.73 -8.88 -16.42
N HIS M 109 1.24 -7.87 -15.74
CA HIS M 109 0.41 -7.06 -14.85
C HIS M 109 -0.64 -6.29 -15.62
N HIS M 110 -0.26 -5.69 -16.75
CA HIS M 110 -1.23 -4.91 -17.52
C HIS M 110 -2.24 -5.82 -18.22
N TRP M 111 -1.79 -6.99 -18.68
CA TRP M 111 -2.72 -7.97 -19.24
C TRP M 111 -3.67 -8.49 -18.18
N ALA M 112 -3.19 -8.68 -16.96
CA ALA M 112 -4.07 -9.11 -15.87
C ALA M 112 -5.07 -8.02 -15.49
N ALA M 113 -4.68 -6.75 -15.60
CA ALA M 113 -5.65 -5.67 -15.40
C ALA M 113 -6.75 -5.72 -16.47
N LEU M 114 -6.36 -5.94 -17.73
CA LEU M 114 -7.35 -6.05 -18.79
C LEU M 114 -8.27 -7.26 -18.57
N MET M 115 -7.70 -8.40 -18.17
CA MET M 115 -8.50 -9.58 -17.88
C MET M 115 -9.43 -9.35 -16.70
N PHE M 116 -8.95 -8.65 -15.67
CA PHE M 116 -9.79 -8.27 -14.54
C PHE M 116 -11.02 -7.52 -15.02
N ALA M 117 -10.82 -6.46 -15.81
CA ALA M 117 -11.95 -5.66 -16.28
C ALA M 117 -12.90 -6.48 -17.13
N ALA M 118 -12.35 -7.24 -18.08
CA ALA M 118 -13.21 -8.00 -19.00
C ALA M 118 -13.98 -9.10 -18.28
N SER M 119 -13.34 -9.78 -17.34
CA SER M 119 -14.02 -10.83 -16.59
C SER M 119 -15.07 -10.26 -15.67
N ILE M 120 -14.84 -9.08 -15.09
CA ILE M 120 -15.90 -8.45 -14.29
C ILE M 120 -17.08 -8.11 -15.17
N MET M 121 -16.82 -7.63 -16.39
CA MET M 121 -17.93 -7.32 -17.29
C MET M 121 -18.71 -8.58 -17.68
N VAL M 122 -18.02 -9.66 -18.00
CA VAL M 122 -18.71 -10.89 -18.41
C VAL M 122 -19.47 -11.48 -17.23
N HIS M 123 -18.89 -11.44 -16.02
CA HIS M 123 -19.58 -11.92 -14.85
C HIS M 123 -20.81 -11.09 -14.53
N LEU M 124 -20.71 -9.77 -14.70
CA LEU M 124 -21.87 -8.91 -14.52
C LEU M 124 -22.95 -9.24 -15.54
N ALA M 125 -22.56 -9.55 -16.78
CA ALA M 125 -23.53 -9.95 -17.78
C ALA M 125 -24.25 -11.22 -17.37
N ARG M 126 -23.50 -12.21 -16.87
CA ARG M 126 -24.12 -13.44 -16.40
C ARG M 126 -25.11 -13.16 -15.28
N ILE M 127 -24.68 -12.36 -14.28
CA ILE M 127 -25.54 -12.09 -13.13
C ILE M 127 -26.80 -11.36 -13.56
N PHE M 128 -26.65 -10.37 -14.45
CA PHE M 128 -27.80 -9.59 -14.90
C PHE M 128 -28.78 -10.46 -15.67
N PHE M 129 -28.30 -11.23 -16.65
CA PHE M 129 -29.20 -11.93 -17.53
C PHE M 129 -29.83 -13.16 -16.87
N THR M 130 -29.13 -13.79 -15.93
CA THR M 130 -29.69 -14.96 -15.26
C THR M 130 -30.54 -14.59 -14.05
N GLY M 131 -30.61 -13.32 -13.68
CA GLY M 131 -31.43 -12.90 -12.55
C GLY M 131 -30.87 -13.29 -11.20
N ALA M 132 -29.54 -13.38 -11.08
CA ALA M 132 -28.93 -13.73 -9.80
C ALA M 132 -28.93 -12.58 -8.82
N PHE M 133 -29.34 -11.39 -9.23
CA PHE M 133 -29.36 -10.22 -8.36
C PHE M 133 -30.63 -10.13 -7.53
N ARG M 134 -31.61 -10.98 -7.79
CA ARG M 134 -32.89 -10.87 -7.09
C ARG M 134 -32.73 -11.26 -5.63
N ARG M 135 -33.78 -11.01 -4.86
CA ARG M 135 -33.76 -11.28 -3.43
C ARG M 135 -33.41 -12.75 -3.19
N PRO M 136 -32.52 -13.05 -2.23
CA PRO M 136 -31.88 -12.17 -1.25
C PRO M 136 -30.51 -11.61 -1.66
N ARG M 137 -30.24 -11.53 -2.96
CA ARG M 137 -28.90 -11.25 -3.46
C ARG M 137 -28.78 -9.85 -4.07
N GLU M 138 -29.42 -8.85 -3.44
CA GLU M 138 -29.33 -7.49 -3.97
C GLU M 138 -28.12 -6.74 -3.43
N ALA M 139 -27.83 -6.88 -2.13
CA ALA M 139 -26.64 -6.24 -1.59
C ALA M 139 -25.38 -6.77 -2.25
N ASN M 140 -25.43 -8.02 -2.71
CA ASN M 140 -24.28 -8.61 -3.37
C ASN M 140 -24.10 -8.01 -4.76
N TRP M 141 -25.21 -7.68 -5.43
CA TRP M 141 -25.16 -6.90 -6.66
C TRP M 141 -24.58 -5.51 -6.44
N VAL M 142 -24.98 -4.86 -5.34
CA VAL M 142 -24.44 -3.53 -5.04
C VAL M 142 -22.93 -3.60 -4.82
N ILE M 143 -22.48 -4.61 -4.08
CA ILE M 143 -21.05 -4.80 -3.87
C ILE M 143 -20.34 -5.03 -5.19
N GLY M 144 -20.91 -5.87 -6.07
CA GLY M 144 -20.30 -6.11 -7.35
C GLY M 144 -20.19 -4.86 -8.21
N SER M 145 -21.23 -4.02 -8.20
CA SER M 145 -21.19 -2.79 -8.97
C SER M 145 -20.12 -1.84 -8.44
N LEU M 146 -20.01 -1.72 -7.12
CA LEU M 146 -18.94 -0.92 -6.55
C LEU M 146 -17.58 -1.48 -6.94
N LEU M 147 -17.47 -2.81 -7.04
CA LEU M 147 -16.21 -3.43 -7.45
C LEU M 147 -15.88 -3.09 -8.90
N LEU M 148 -16.88 -3.09 -9.78
CA LEU M 148 -16.64 -2.69 -11.17
C LEU M 148 -16.14 -1.25 -11.25
N ILE M 149 -16.79 -0.34 -10.52
CA ILE M 149 -16.37 1.06 -10.55
C ILE M 149 -14.95 1.21 -10.02
N LEU M 150 -14.66 0.55 -8.90
CA LEU M 150 -13.34 0.65 -8.29
C LEU M 150 -12.28 0.06 -9.20
N ALA M 151 -12.58 -1.05 -9.88
CA ALA M 151 -11.61 -1.64 -10.79
C ALA M 151 -11.34 -0.72 -11.98
N MET M 152 -12.38 -0.07 -12.50
CA MET M 152 -12.18 0.87 -13.60
C MET M 152 -11.24 1.99 -13.19
N PHE M 153 -11.52 2.63 -12.05
CA PHE M 153 -10.66 3.74 -11.63
C PHE M 153 -9.28 3.26 -11.19
N GLU M 154 -9.18 2.01 -10.73
CA GLU M 154 -7.88 1.47 -10.35
C GLU M 154 -7.00 1.27 -11.58
N GLY M 155 -7.54 0.66 -12.63
CA GLY M 155 -6.78 0.54 -13.86
C GLY M 155 -6.41 1.89 -14.44
N TYR M 156 -7.34 2.85 -14.36
CA TYR M 156 -7.05 4.20 -14.83
C TYR M 156 -5.86 4.80 -14.10
N PHE M 157 -5.90 4.78 -12.76
CA PHE M 157 -4.78 5.30 -11.98
C PHE M 157 -3.51 4.49 -12.17
N GLY M 158 -3.63 3.25 -12.63
CA GLY M 158 -2.46 2.42 -12.83
C GLY M 158 -1.70 2.73 -14.09
N TYR M 159 -2.37 2.73 -15.24
CA TYR M 159 -1.60 3.06 -16.43
C TYR M 159 -1.22 4.53 -16.51
N SER M 160 -1.67 5.35 -15.57
CA SER M 160 -1.22 6.73 -15.45
C SER M 160 0.02 6.88 -14.59
N LEU M 161 0.40 5.84 -13.83
CA LEU M 161 1.57 5.94 -12.97
C LEU M 161 2.87 6.20 -13.74
N PRO M 162 3.18 5.50 -14.86
CA PRO M 162 4.35 5.90 -15.64
C PRO M 162 4.04 7.16 -16.42
N ASP M 163 4.65 8.29 -16.04
CA ASP M 163 4.25 9.58 -16.59
C ASP M 163 4.72 9.71 -18.02
N ASP M 164 4.03 9.05 -18.94
CA ASP M 164 4.32 9.12 -20.36
C ASP M 164 3.30 10.00 -21.06
N LEU M 165 3.52 10.20 -22.37
CA LEU M 165 2.74 11.19 -23.10
C LEU M 165 1.27 10.78 -23.21
N LEU M 166 1.00 9.52 -23.51
CA LEU M 166 -0.38 9.06 -23.67
C LEU M 166 -1.15 9.14 -22.36
N SER M 167 -0.58 8.59 -21.28
CA SER M 167 -1.29 8.63 -20.01
C SER M 167 -1.33 10.02 -19.42
N GLY M 168 -0.33 10.86 -19.70
CA GLY M 168 -0.41 12.25 -19.29
C GLY M 168 -1.52 13.00 -20.01
N THR M 169 -1.68 12.73 -21.30
CA THR M 169 -2.81 13.30 -22.03
C THR M 169 -4.13 12.83 -21.44
N GLY M 170 -4.21 11.55 -21.07
CA GLY M 170 -5.41 11.05 -20.42
C GLY M 170 -5.69 11.71 -19.09
N ILE M 171 -4.64 11.96 -18.31
CA ILE M 171 -4.80 12.65 -17.03
C ILE M 171 -5.29 14.08 -17.25
N ARG M 172 -4.72 14.76 -18.24
CA ARG M 172 -5.13 16.15 -18.52
C ARG M 172 -6.58 16.21 -18.98
N ALA M 173 -6.96 15.34 -19.92
CA ALA M 173 -8.29 15.42 -20.52
C ALA M 173 -9.38 15.09 -19.50
N ALA M 174 -9.23 13.98 -18.80
CA ALA M 174 -10.30 13.46 -17.96
C ALA M 174 -10.18 13.91 -16.51
N LEU M 175 -9.04 13.61 -15.87
CA LEU M 175 -8.91 13.90 -14.45
C LEU M 175 -8.83 15.40 -14.18
N SER M 176 -8.42 16.20 -15.16
CA SER M 176 -8.24 17.62 -14.97
C SER M 176 -9.33 18.47 -15.61
N GLY M 177 -9.58 18.29 -16.91
CA GLY M 177 -10.54 19.12 -17.59
C GLY M 177 -11.95 18.96 -17.07
N ILE M 178 -12.39 17.71 -16.91
CA ILE M 178 -13.74 17.45 -16.42
C ILE M 178 -13.88 17.92 -14.97
N THR M 179 -12.88 17.66 -14.14
CA THR M 179 -12.91 18.12 -12.76
C THR M 179 -12.96 19.65 -12.68
N MET M 180 -12.14 20.32 -13.49
CA MET M 180 -12.13 21.78 -13.53
C MET M 180 -13.45 22.37 -13.98
N GLY M 181 -14.08 21.77 -14.98
CA GLY M 181 -15.26 22.37 -15.60
C GLY M 181 -16.52 22.33 -14.78
N MET M 182 -16.53 21.54 -13.70
CA MET M 182 -17.77 21.33 -12.89
C MET M 182 -18.23 22.62 -12.22
N PRO M 183 -19.48 22.73 -11.77
CA PRO M 183 -20.00 23.98 -11.24
C PRO M 183 -19.68 24.25 -9.76
N VAL M 184 -19.46 25.51 -9.38
CA VAL M 184 -19.19 25.94 -7.98
C VAL M 184 -17.96 25.25 -7.39
N ILE M 185 -17.99 23.93 -7.17
CA ILE M 185 -16.89 23.27 -6.48
C ILE M 185 -15.89 22.60 -7.42
N GLY M 186 -16.02 22.80 -8.74
CA GLY M 186 -15.14 22.16 -9.70
C GLY M 186 -13.67 22.51 -9.59
N THR M 187 -13.34 23.81 -9.67
CA THR M 187 -11.95 24.23 -9.53
C THR M 187 -11.41 23.91 -8.14
N TRP M 188 -12.28 23.97 -7.12
CA TRP M 188 -11.87 23.60 -5.78
C TRP M 188 -11.48 22.13 -5.72
N LEU M 189 -12.26 21.26 -6.38
CA LEU M 189 -11.91 19.85 -6.46
C LEU M 189 -10.59 19.66 -7.21
N HIS M 190 -10.41 20.38 -8.30
CA HIS M 190 -9.18 20.26 -9.08
C HIS M 190 -7.96 20.66 -8.25
N TRP M 191 -8.07 21.75 -7.50
CA TRP M 191 -6.91 22.21 -6.74
C TRP M 191 -6.68 21.39 -5.48
N ALA M 192 -7.73 20.80 -4.91
CA ALA M 192 -7.53 19.84 -3.84
C ALA M 192 -6.82 18.60 -4.35
N LEU M 193 -7.20 18.11 -5.53
CA LEU M 193 -6.66 16.85 -6.04
C LEU M 193 -5.23 17.02 -6.56
N PHE M 194 -5.01 18.00 -7.43
CA PHE M 194 -3.70 18.21 -8.03
C PHE M 194 -2.77 19.04 -7.16
N GLY M 195 -3.26 19.61 -6.06
CA GLY M 195 -2.43 20.47 -5.23
C GLY M 195 -2.09 21.80 -5.87
N GLY M 196 -2.87 22.22 -6.84
CA GLY M 196 -2.60 23.42 -7.60
C GLY M 196 -3.14 23.27 -9.01
N ASP M 197 -2.44 23.89 -9.96
CA ASP M 197 -2.78 23.71 -11.37
C ASP M 197 -2.41 22.30 -11.82
N PHE M 198 -2.83 21.95 -13.03
CA PHE M 198 -2.75 20.59 -13.53
C PHE M 198 -1.32 20.03 -13.50
N PRO M 199 -0.31 20.69 -14.08
CA PRO M 199 1.04 20.13 -13.98
C PRO M 199 1.63 20.37 -12.60
N GLY M 200 1.10 19.67 -11.61
CA GLY M 200 1.54 19.83 -10.23
C GLY M 200 2.79 19.01 -9.94
N GLU M 201 3.05 18.84 -8.65
CA GLU M 201 4.15 18.01 -8.18
C GLU M 201 3.70 16.87 -7.29
N ILE M 202 2.44 16.81 -6.89
CA ILE M 202 1.99 15.81 -5.92
C ILE M 202 0.87 15.00 -6.57
N LEU M 203 0.96 14.81 -7.89
CA LEU M 203 -0.03 14.00 -8.58
C LEU M 203 0.38 12.54 -8.71
N ILE M 204 1.57 12.27 -9.24
CA ILE M 204 2.03 10.89 -9.37
C ILE M 204 2.16 10.20 -8.01
N PRO M 205 2.77 10.81 -6.98
CA PRO M 205 2.79 10.15 -5.67
C PRO M 205 1.39 9.90 -5.11
N ARG M 206 0.47 10.83 -5.32
CA ARG M 206 -0.89 10.66 -4.82
C ARG M 206 -1.57 9.49 -5.51
N LEU M 207 -1.44 9.41 -6.83
CA LEU M 207 -2.02 8.28 -7.57
C LEU M 207 -1.36 6.97 -7.16
N TYR M 208 -0.06 7.00 -6.87
CA TYR M 208 0.64 5.80 -6.45
C TYR M 208 0.10 5.30 -5.12
N ALA M 209 -0.11 6.21 -4.16
CA ALA M 209 -0.66 5.81 -2.87
C ALA M 209 -2.11 5.36 -3.00
N LEU M 210 -2.87 5.97 -3.91
CA LEU M 210 -4.23 5.51 -4.17
C LEU M 210 -4.26 4.14 -4.84
N HIS M 211 -3.23 3.83 -5.62
CA HIS M 211 -3.26 2.69 -6.52
C HIS M 211 -2.60 1.45 -5.97
N ILE M 212 -1.56 1.57 -5.15
CA ILE M 212 -0.95 0.37 -4.58
C ILE M 212 -1.54 0.01 -3.22
N LEU M 213 -2.11 0.96 -2.50
CA LEU M 213 -2.64 0.70 -1.17
C LEU M 213 -4.15 0.94 -1.06
N LEU M 214 -4.62 2.15 -1.38
CA LEU M 214 -5.96 2.56 -0.98
C LEU M 214 -7.02 1.78 -1.73
N ILE M 215 -7.07 1.95 -3.05
CA ILE M 215 -8.07 1.25 -3.86
C ILE M 215 -7.90 -0.26 -3.78
N PRO M 216 -6.69 -0.84 -3.83
CA PRO M 216 -6.59 -2.29 -3.61
C PRO M 216 -7.09 -2.74 -2.25
N GLY M 217 -6.88 -1.94 -1.20
CA GLY M 217 -7.41 -2.32 0.10
C GLY M 217 -8.92 -2.33 0.12
N ILE M 218 -9.55 -1.29 -0.44
CA ILE M 218 -11.01 -1.25 -0.53
C ILE M 218 -11.52 -2.41 -1.39
N ILE M 219 -10.84 -2.68 -2.50
CA ILE M 219 -11.27 -3.76 -3.40
C ILE M 219 -11.15 -5.10 -2.71
N LEU M 220 -10.08 -5.31 -1.95
CA LEU M 220 -9.91 -6.56 -1.22
C LEU M 220 -10.99 -6.74 -0.17
N ALA M 221 -11.32 -5.67 0.56
CA ALA M 221 -12.41 -5.75 1.54
C ALA M 221 -13.73 -6.08 0.87
N LEU M 222 -14.03 -5.42 -0.26
CA LEU M 222 -15.30 -5.67 -0.94
C LEU M 222 -15.35 -7.06 -1.54
N ILE M 223 -14.22 -7.56 -2.06
CA ILE M 223 -14.18 -8.91 -2.60
C ILE M 223 -14.37 -9.93 -1.49
N GLY M 224 -13.77 -9.70 -0.33
CA GLY M 224 -13.98 -10.59 0.79
C GLY M 224 -15.43 -10.64 1.22
N ALA M 225 -16.06 -9.47 1.32
CA ALA M 225 -17.49 -9.43 1.65
C ALA M 225 -18.31 -10.13 0.58
N HIS M 226 -17.96 -9.92 -0.69
CA HIS M 226 -18.66 -10.53 -1.80
C HIS M 226 -18.63 -12.06 -1.72
N LEU M 227 -17.43 -12.61 -1.56
CA LEU M 227 -17.28 -14.06 -1.53
C LEU M 227 -17.87 -14.65 -0.25
N ALA M 228 -17.79 -13.94 0.88
CA ALA M 228 -18.46 -14.40 2.09
C ALA M 228 -19.96 -14.47 1.89
N LEU M 229 -20.54 -13.48 1.23
CA LEU M 229 -21.97 -13.49 0.94
C LEU M 229 -22.32 -14.67 0.04
N VAL M 230 -21.54 -14.90 -1.01
CA VAL M 230 -21.81 -16.01 -1.91
C VAL M 230 -21.69 -17.34 -1.18
N TRP M 231 -20.71 -17.45 -0.29
CA TRP M 231 -20.51 -18.69 0.46
C TRP M 231 -21.67 -18.95 1.42
N PHE M 232 -22.15 -17.92 2.11
CA PHE M 232 -23.14 -18.13 3.17
C PHE M 232 -24.57 -17.91 2.72
N GLN M 233 -24.80 -17.10 1.68
CA GLN M 233 -26.01 -17.23 0.86
C GLN M 233 -25.63 -18.15 -0.27
N LYS M 234 -26.03 -19.42 -0.17
CA LYS M 234 -25.52 -20.43 -1.09
C LYS M 234 -25.75 -20.06 -2.55
N HIS M 235 -24.98 -20.65 -3.44
CA HIS M 235 -25.04 -20.27 -4.85
C HIS M 235 -26.40 -20.61 -5.44
N THR M 236 -26.81 -19.82 -6.43
CA THR M 236 -28.01 -20.12 -7.19
C THR M 236 -27.76 -21.31 -8.10
N GLN M 237 -28.79 -21.70 -8.84
CA GLN M 237 -28.66 -22.80 -9.78
C GLN M 237 -29.75 -22.69 -10.84
N PHE M 238 -29.53 -23.31 -11.97
CA PHE M 238 -30.54 -23.34 -13.01
C PHE M 238 -31.56 -24.43 -12.70
N PRO M 239 -32.81 -24.24 -13.12
CA PRO M 239 -33.80 -25.32 -13.00
C PRO M 239 -33.35 -26.56 -13.76
N GLY M 240 -33.65 -27.72 -13.21
CA GLY M 240 -33.21 -28.98 -13.78
C GLY M 240 -33.85 -30.17 -13.12
N PRO M 241 -33.23 -31.35 -13.27
CA PRO M 241 -33.85 -32.59 -12.80
C PRO M 241 -34.13 -32.64 -11.31
N GLY M 242 -33.10 -32.48 -10.49
CA GLY M 242 -33.29 -32.54 -9.05
C GLY M 242 -33.24 -31.17 -8.39
N ARG M 243 -33.31 -30.12 -9.18
CA ARG M 243 -33.10 -28.77 -8.70
C ARG M 243 -34.40 -28.15 -8.22
N THR M 244 -34.40 -27.67 -6.97
CA THR M 244 -35.53 -26.97 -6.40
C THR M 244 -35.03 -25.69 -5.73
N GLU M 245 -35.99 -24.89 -5.26
CA GLU M 245 -35.66 -23.66 -4.55
C GLU M 245 -35.05 -23.92 -3.18
N THR M 246 -35.04 -25.18 -2.72
CA THR M 246 -34.60 -25.51 -1.39
C THR M 246 -33.38 -26.41 -1.33
N ASN M 247 -32.85 -26.86 -2.47
CA ASN M 247 -31.64 -27.66 -2.48
C ASN M 247 -30.60 -27.06 -3.39
N VAL M 248 -29.35 -27.48 -3.19
CA VAL M 248 -28.25 -27.18 -4.09
C VAL M 248 -27.72 -28.51 -4.60
N VAL M 249 -27.68 -28.67 -5.92
CA VAL M 249 -27.26 -29.92 -6.55
C VAL M 249 -25.98 -29.66 -7.34
N GLY M 250 -24.99 -30.51 -7.12
CA GLY M 250 -23.69 -30.35 -7.75
C GLY M 250 -22.65 -31.28 -7.16
N VAL M 251 -21.50 -30.74 -6.80
CA VAL M 251 -20.43 -31.52 -6.20
C VAL M 251 -20.01 -30.86 -4.90
N ARG M 252 -19.50 -31.67 -3.98
CA ARG M 252 -18.99 -31.15 -2.72
C ARG M 252 -17.64 -30.50 -2.92
N VAL M 253 -17.24 -29.70 -1.92
CA VAL M 253 -16.00 -28.93 -2.04
C VAL M 253 -14.80 -29.86 -2.17
N MET M 254 -14.74 -30.89 -1.33
CA MET M 254 -13.62 -31.83 -1.36
C MET M 254 -14.07 -33.12 -2.00
N PRO M 255 -13.38 -33.60 -3.05
CA PRO M 255 -12.23 -32.94 -3.66
C PRO M 255 -12.51 -32.27 -5.00
N VAL M 256 -13.68 -32.53 -5.58
CA VAL M 256 -13.92 -32.15 -6.98
C VAL M 256 -13.86 -30.65 -7.17
N PHE M 257 -14.58 -29.89 -6.34
CA PHE M 257 -14.62 -28.45 -6.51
C PHE M 257 -13.26 -27.81 -6.28
N ALA M 258 -12.52 -28.27 -5.27
CA ALA M 258 -11.21 -27.71 -4.99
C ALA M 258 -10.25 -27.95 -6.14
N VAL M 259 -10.24 -29.17 -6.69
CA VAL M 259 -9.37 -29.47 -7.82
C VAL M 259 -9.76 -28.64 -9.04
N LYS M 260 -11.06 -28.53 -9.31
CA LYS M 260 -11.51 -27.73 -10.44
C LYS M 260 -11.07 -26.28 -10.31
N SER M 261 -11.23 -25.71 -9.11
CA SER M 261 -10.88 -24.30 -8.91
C SER M 261 -9.37 -24.10 -9.02
N GLY M 262 -8.58 -24.99 -8.42
CA GLY M 262 -7.13 -24.87 -8.52
C GLY M 262 -6.63 -25.00 -9.94
N ALA M 263 -7.22 -25.93 -10.70
CA ALA M 263 -6.79 -26.12 -12.08
C ALA M 263 -7.21 -24.94 -12.96
N PHE M 264 -8.38 -24.37 -12.71
CA PHE M 264 -8.77 -23.17 -13.43
C PHE M 264 -7.84 -22.01 -13.09
N PHE M 265 -7.44 -21.89 -11.83
CA PHE M 265 -6.47 -20.88 -11.44
C PHE M 265 -5.15 -21.06 -12.20
N ALA M 266 -4.67 -22.30 -12.26
CA ALA M 266 -3.42 -22.59 -12.97
C ALA M 266 -3.55 -22.21 -14.45
N MET M 267 -4.67 -22.57 -15.08
CA MET M 267 -4.82 -22.32 -16.50
C MET M 267 -5.01 -20.83 -16.80
N ILE M 268 -5.67 -20.08 -15.91
CA ILE M 268 -5.79 -18.65 -16.09
C ILE M 268 -4.43 -17.97 -15.95
N THR M 269 -3.64 -18.40 -14.96
CA THR M 269 -2.28 -17.89 -14.83
C THR M 269 -1.46 -18.22 -16.07
N GLY M 270 -1.68 -19.40 -16.66
CA GLY M 270 -0.97 -19.74 -17.88
C GLY M 270 -1.34 -18.87 -19.06
N VAL M 271 -2.63 -18.59 -19.21
CA VAL M 271 -3.07 -17.68 -20.28
C VAL M 271 -2.45 -16.31 -20.09
N LEU M 272 -2.48 -15.80 -18.86
CA LEU M 272 -1.92 -14.48 -18.60
C LEU M 272 -0.42 -14.45 -18.84
N GLY M 273 0.28 -15.51 -18.46
CA GLY M 273 1.73 -15.57 -18.71
C GLY M 273 2.06 -15.62 -20.18
N LEU M 274 1.32 -16.43 -20.94
CA LEU M 274 1.54 -16.49 -22.38
C LEU M 274 1.28 -15.13 -23.03
N MET M 275 0.24 -14.42 -22.60
CA MET M 275 -0.02 -13.11 -23.19
C MET M 275 1.04 -12.10 -22.78
N GLY M 276 1.47 -12.13 -21.52
CA GLY M 276 2.51 -11.21 -21.10
C GLY M 276 3.83 -11.46 -21.77
N GLY M 277 4.06 -12.69 -22.23
CA GLY M 277 5.25 -12.98 -23.01
C GLY M 277 5.14 -12.62 -24.47
N LEU M 278 4.04 -13.01 -25.11
CA LEU M 278 3.94 -13.01 -26.56
C LEU M 278 3.12 -11.86 -27.13
N LEU M 279 2.71 -10.89 -26.31
CA LEU M 279 1.98 -9.74 -26.81
C LEU M 279 2.45 -8.49 -26.09
N THR M 280 2.78 -7.46 -26.87
CA THR M 280 3.27 -6.20 -26.31
C THR M 280 2.10 -5.34 -25.86
N ILE M 281 2.16 -4.87 -24.62
CA ILE M 281 1.15 -3.97 -24.08
C ILE M 281 1.85 -2.76 -23.47
N ASN M 282 1.40 -1.57 -23.84
CA ASN M 282 1.90 -0.31 -23.31
C ASN M 282 3.41 -0.20 -23.40
N PRO M 283 3.98 -0.11 -24.61
CA PRO M 283 5.44 0.10 -24.77
C PRO M 283 5.82 1.57 -24.63
N ILE M 284 5.99 2.00 -23.37
CA ILE M 284 6.06 3.42 -23.04
C ILE M 284 7.33 4.10 -23.52
N TRP M 285 8.32 3.35 -24.00
CA TRP M 285 9.50 4.01 -24.56
C TRP M 285 9.19 4.63 -25.92
N ASN M 286 8.19 4.10 -26.61
CA ASN M 286 7.78 4.67 -27.89
C ASN M 286 6.93 5.91 -27.71
N LEU M 287 6.20 6.01 -26.59
CA LEU M 287 5.33 7.15 -26.36
C LEU M 287 6.11 8.38 -25.92
N GLY M 288 7.17 8.19 -25.14
CA GLY M 288 7.98 9.29 -24.68
C GLY M 288 7.44 9.88 -23.39
N PRO M 289 8.25 10.69 -22.71
CA PRO M 289 7.78 11.34 -21.48
C PRO M 289 6.71 12.38 -21.78
N TYR M 290 5.89 12.65 -20.77
CA TYR M 290 4.77 13.57 -20.96
C TYR M 290 5.25 15.00 -20.90
N LYS M 291 5.02 15.74 -21.98
CA LYS M 291 5.19 17.18 -22.02
C LYS M 291 3.86 17.82 -22.39
N PRO M 292 3.42 18.87 -21.71
CA PRO M 292 2.08 19.41 -21.96
C PRO M 292 1.91 20.04 -23.33
N SER M 293 2.99 20.26 -24.07
CA SER M 293 2.93 20.98 -25.34
C SER M 293 2.86 20.06 -26.55
N GLN M 294 2.78 18.74 -26.35
CA GLN M 294 2.84 17.80 -27.45
C GLN M 294 1.88 16.65 -27.18
N VAL M 295 1.36 16.06 -28.27
CA VAL M 295 0.29 15.07 -28.21
C VAL M 295 0.39 14.19 -29.45
N SER M 296 -0.18 13.00 -29.36
CA SER M 296 -0.23 12.07 -30.48
C SER M 296 -1.66 11.91 -30.98
N ALA M 297 -1.78 11.27 -32.14
CA ALA M 297 -3.09 11.12 -32.78
C ALA M 297 -3.95 10.10 -32.05
N GLY M 298 -3.37 8.96 -31.67
CA GLY M 298 -4.14 7.89 -31.08
C GLY M 298 -4.24 7.96 -29.57
N SER M 299 -4.86 9.03 -29.06
CA SER M 299 -5.00 9.25 -27.63
C SER M 299 -6.25 8.52 -27.14
N GLN M 300 -6.06 7.38 -26.50
CA GLN M 300 -7.16 6.56 -26.01
C GLN M 300 -6.80 5.95 -24.67
N PRO M 301 -7.77 5.82 -23.77
CA PRO M 301 -7.53 5.10 -22.51
C PRO M 301 -7.61 3.61 -22.70
N ASP M 302 -7.48 2.85 -21.61
CA ASP M 302 -7.74 1.42 -21.68
C ASP M 302 -9.22 1.18 -22.01
N PHE M 303 -9.52 -0.03 -22.48
CA PHE M 303 -10.81 -0.27 -23.11
C PHE M 303 -11.98 0.01 -22.15
N TYR M 304 -11.82 -0.35 -20.88
CA TYR M 304 -12.91 -0.19 -19.93
C TYR M 304 -13.27 1.27 -19.68
N MET M 305 -12.39 2.19 -20.06
CA MET M 305 -12.68 3.62 -19.93
C MET M 305 -13.08 4.26 -21.24
N MET M 306 -12.95 3.54 -22.36
CA MET M 306 -13.13 4.16 -23.68
C MET M 306 -14.52 4.78 -23.82
N TRP M 307 -15.54 4.09 -23.33
CA TRP M 307 -16.90 4.63 -23.42
C TRP M 307 -16.97 6.04 -22.85
N THR M 308 -16.33 6.27 -21.69
CA THR M 308 -16.26 7.62 -21.15
C THR M 308 -15.78 8.60 -22.20
N GLU M 309 -14.58 8.36 -22.75
CA GLU M 309 -14.08 9.23 -23.81
C GLU M 309 -15.01 9.23 -25.00
N GLY M 310 -15.60 8.08 -25.33
CA GLY M 310 -16.57 8.05 -26.42
C GLY M 310 -17.75 8.96 -26.14
N LEU M 311 -18.23 8.95 -24.89
CA LEU M 311 -19.32 9.85 -24.53
C LEU M 311 -18.90 11.30 -24.65
N ALA M 312 -17.60 11.59 -24.51
CA ALA M 312 -17.12 12.94 -24.73
C ALA M 312 -17.02 13.29 -26.21
N ARG M 313 -16.81 12.28 -27.07
CA ARG M 313 -16.65 12.57 -28.49
C ARG M 313 -17.99 12.91 -29.14
N LEU M 314 -19.05 12.20 -28.77
CA LEU M 314 -20.30 12.27 -29.53
C LEU M 314 -21.26 13.34 -29.02
N TRP M 315 -21.16 13.75 -27.76
CA TRP M 315 -22.12 14.71 -27.23
C TRP M 315 -21.89 16.06 -27.91
N PRO M 316 -22.93 16.70 -28.44
CA PRO M 316 -22.76 17.76 -29.45
C PRO M 316 -22.56 19.17 -28.91
N ALA M 317 -21.52 19.36 -28.12
CA ALA M 317 -20.99 20.68 -27.79
C ALA M 317 -22.06 21.62 -27.25
N TRP M 318 -22.83 21.14 -26.29
CA TRP M 318 -23.91 21.92 -25.69
C TRP M 318 -23.42 22.51 -24.38
N GLU M 319 -23.35 23.84 -24.33
CA GLU M 319 -22.86 24.57 -23.17
C GLU M 319 -23.87 25.65 -22.78
N PHE M 320 -23.84 26.02 -21.50
CA PHE M 320 -24.74 27.02 -20.95
C PHE M 320 -23.93 28.10 -20.23
N TYR M 321 -24.38 29.34 -20.36
CA TYR M 321 -23.68 30.50 -19.79
C TYR M 321 -24.66 31.32 -18.95
N PRO M 322 -24.98 30.86 -17.75
CA PRO M 322 -25.93 31.59 -16.91
C PRO M 322 -25.24 32.64 -16.06
N PHE M 323 -25.62 33.91 -16.27
CA PHE M 323 -25.26 35.03 -15.39
C PHE M 323 -23.75 35.09 -15.13
N GLY M 324 -22.99 35.29 -16.19
CA GLY M 324 -21.56 35.49 -16.05
C GLY M 324 -20.77 34.26 -15.70
N HIS M 325 -21.36 33.07 -15.85
CA HIS M 325 -20.69 31.82 -15.58
C HIS M 325 -20.72 30.94 -16.82
N THR M 326 -20.00 29.83 -16.76
CA THR M 326 -19.94 28.87 -17.84
C THR M 326 -20.17 27.47 -17.29
N ILE M 327 -21.02 26.71 -17.95
CA ILE M 327 -21.20 25.29 -17.68
C ILE M 327 -20.76 24.53 -18.93
N PRO M 328 -19.53 24.02 -18.96
CA PRO M 328 -18.96 23.49 -20.20
C PRO M 328 -19.61 22.20 -20.68
N GLN M 329 -19.14 21.69 -21.82
CA GLN M 329 -19.66 20.43 -22.35
C GLN M 329 -19.24 19.26 -21.46
N GLY M 330 -18.03 19.30 -20.91
CA GLY M 330 -17.54 18.21 -20.09
C GLY M 330 -18.42 17.90 -18.90
N VAL M 331 -19.20 18.87 -18.42
CA VAL M 331 -20.14 18.62 -17.34
C VAL M 331 -21.07 17.48 -17.71
N TRP M 332 -21.61 17.52 -18.95
CA TRP M 332 -22.45 16.43 -19.43
C TRP M 332 -21.77 15.09 -19.20
N VAL M 333 -20.49 15.00 -19.58
CA VAL M 333 -19.77 13.73 -19.46
C VAL M 333 -19.84 13.24 -18.02
N ALA M 334 -19.53 14.12 -17.07
CA ALA M 334 -19.55 13.71 -15.67
C ALA M 334 -20.95 13.21 -15.31
N VAL M 335 -21.98 13.99 -15.66
CA VAL M 335 -23.34 13.57 -15.37
C VAL M 335 -23.61 12.22 -16.02
N GLY M 336 -23.17 12.07 -17.27
CA GLY M 336 -23.33 10.82 -17.98
C GLY M 336 -22.79 9.69 -17.13
N MET M 337 -21.52 9.80 -16.72
CA MET M 337 -20.91 8.75 -15.92
C MET M 337 -21.78 8.45 -14.71
N GLY M 338 -22.16 9.50 -13.99
CA GLY M 338 -22.93 9.29 -12.78
C GLY M 338 -24.20 8.52 -13.07
N LEU M 339 -24.93 8.93 -14.10
CA LEU M 339 -26.16 8.24 -14.44
C LEU M 339 -25.90 6.75 -14.61
N VAL M 340 -24.92 6.42 -15.44
CA VAL M 340 -24.58 5.01 -15.66
C VAL M 340 -24.35 4.34 -14.33
N PHE M 341 -23.42 4.89 -13.54
CA PHE M 341 -23.08 4.29 -12.26
C PHE M 341 -24.33 4.11 -11.41
N ALA M 342 -25.14 5.17 -11.32
CA ALA M 342 -26.34 5.08 -10.50
C ALA M 342 -27.23 3.97 -11.00
N LEU M 343 -27.50 3.96 -12.31
CA LEU M 343 -28.40 2.95 -12.85
C LEU M 343 -27.82 1.56 -12.73
N LEU M 344 -26.50 1.46 -12.60
CA LEU M 344 -25.91 0.14 -12.37
C LEU M 344 -26.16 -0.32 -10.94
N ILE M 345 -26.01 0.58 -9.97
CA ILE M 345 -26.09 0.17 -8.57
C ILE M 345 -27.51 -0.12 -8.13
N ALA M 346 -28.49 0.61 -8.64
CA ALA M 346 -29.86 0.53 -8.16
C ALA M 346 -30.75 -0.40 -8.96
N TYR M 347 -30.20 -1.12 -9.95
CA TYR M 347 -31.07 -1.89 -10.84
C TYR M 347 -31.97 -2.92 -10.14
N PRO M 348 -31.48 -3.73 -9.19
CA PRO M 348 -32.40 -4.72 -8.58
C PRO M 348 -33.61 -4.07 -7.95
N PHE M 349 -33.42 -2.93 -7.30
CA PHE M 349 -34.54 -2.21 -6.71
C PHE M 349 -35.45 -1.59 -7.76
N ILE M 350 -34.88 -1.15 -8.88
CA ILE M 350 -35.70 -0.62 -9.98
C ILE M 350 -36.59 -1.71 -10.55
N GLU M 351 -36.04 -2.90 -10.76
CA GLU M 351 -36.84 -4.01 -11.28
C GLU M 351 -37.85 -4.49 -10.25
N LYS M 352 -37.50 -4.45 -8.96
CA LYS M 352 -38.47 -4.77 -7.92
C LYS M 352 -39.62 -3.77 -7.92
N LYS M 353 -39.31 -2.49 -8.09
CA LYS M 353 -40.34 -1.46 -8.12
C LYS M 353 -41.21 -1.57 -9.36
N VAL M 354 -40.64 -2.03 -10.47
CA VAL M 354 -41.39 -2.08 -11.72
C VAL M 354 -42.27 -3.33 -11.78
N THR M 355 -41.68 -4.49 -11.53
CA THR M 355 -42.42 -5.74 -11.61
C THR M 355 -43.16 -6.10 -10.33
N GLY M 356 -42.86 -5.41 -9.22
CA GLY M 356 -43.53 -5.71 -7.97
C GLY M 356 -43.22 -7.07 -7.40
N ASP M 357 -42.12 -7.68 -7.82
CA ASP M 357 -41.75 -9.03 -7.38
C ASP M 357 -40.71 -8.92 -6.28
N ASP M 358 -41.11 -9.24 -5.06
CA ASP M 358 -40.22 -9.24 -3.91
C ASP M 358 -40.17 -10.63 -3.28
N ALA M 359 -40.19 -11.66 -4.11
CA ALA M 359 -40.14 -13.04 -3.64
C ALA M 359 -38.69 -13.50 -3.49
N HIS M 360 -38.50 -14.48 -2.60
CA HIS M 360 -37.20 -15.08 -2.41
C HIS M 360 -36.92 -16.03 -3.57
N HIS M 361 -35.78 -15.85 -4.23
CA HIS M 361 -35.45 -16.60 -5.43
C HIS M 361 -34.13 -17.32 -5.25
N ASN M 362 -34.07 -18.56 -5.73
CA ASN M 362 -32.82 -19.32 -5.79
C ASN M 362 -32.60 -20.00 -7.13
N LEU M 363 -33.64 -20.26 -7.91
CA LEU M 363 -33.49 -20.83 -9.24
C LEU M 363 -33.34 -19.71 -10.25
N LEU M 364 -32.27 -19.77 -11.04
CA LEU M 364 -32.01 -18.74 -12.02
C LEU M 364 -33.06 -18.76 -13.13
N GLN M 365 -33.11 -17.66 -13.86
CA GLN M 365 -33.92 -17.58 -15.06
C GLN M 365 -33.03 -17.74 -16.28
N ARG M 366 -33.52 -18.47 -17.26
CA ARG M 366 -32.86 -18.45 -18.55
C ARG M 366 -33.14 -17.12 -19.24
N PRO M 367 -32.16 -16.49 -19.87
CA PRO M 367 -32.40 -15.17 -20.48
C PRO M 367 -33.52 -15.16 -21.49
N ARG M 368 -33.84 -16.31 -22.11
CA ARG M 368 -34.95 -16.35 -23.05
C ARG M 368 -36.29 -16.18 -22.36
N ASP M 369 -36.40 -16.60 -21.09
CA ASP M 369 -37.65 -16.55 -20.36
C ASP M 369 -37.92 -15.21 -19.73
N VAL M 370 -37.01 -14.25 -19.88
CA VAL M 370 -37.23 -12.89 -19.36
C VAL M 370 -36.96 -11.94 -20.51
N PRO M 371 -37.86 -11.85 -21.49
CA PRO M 371 -37.55 -11.09 -22.71
C PRO M 371 -37.31 -9.61 -22.49
N VAL M 372 -38.02 -8.99 -21.55
CA VAL M 372 -37.89 -7.54 -21.35
C VAL M 372 -36.52 -7.21 -20.77
N ARG M 373 -36.11 -7.94 -19.72
CA ARG M 373 -34.82 -7.68 -19.12
C ARG M 373 -33.67 -8.05 -20.07
N THR M 374 -33.84 -9.12 -20.85
CA THR M 374 -32.83 -9.47 -21.83
C THR M 374 -32.69 -8.39 -22.89
N ALA M 375 -33.82 -7.84 -23.34
CA ALA M 375 -33.77 -6.73 -24.29
C ALA M 375 -33.13 -5.50 -23.67
N ILE M 376 -33.40 -5.23 -22.39
CA ILE M 376 -32.80 -4.08 -21.72
C ILE M 376 -31.29 -4.24 -21.64
N GLY M 377 -30.83 -5.42 -21.23
CA GLY M 377 -29.41 -5.67 -21.15
C GLY M 377 -28.73 -5.64 -22.51
N SER M 378 -29.42 -6.11 -23.54
CA SER M 378 -28.89 -5.99 -24.89
C SER M 378 -28.78 -4.54 -25.32
N MET M 379 -29.78 -3.73 -24.99
CA MET M 379 -29.71 -2.29 -25.23
C MET M 379 -28.48 -1.69 -24.56
N ALA M 380 -28.27 -2.03 -23.29
CA ALA M 380 -27.15 -1.49 -22.55
C ALA M 380 -25.81 -1.92 -23.15
N ILE M 381 -25.69 -3.20 -23.50
CA ILE M 381 -24.45 -3.69 -24.09
C ILE M 381 -24.19 -3.01 -25.43
N ALA M 382 -25.23 -2.84 -26.24
CA ALA M 382 -25.07 -2.19 -27.53
C ALA M 382 -24.62 -0.74 -27.36
N LEU M 383 -25.23 -0.02 -26.41
CA LEU M 383 -24.81 1.36 -26.17
C LEU M 383 -23.37 1.42 -25.70
N TYR M 384 -22.98 0.51 -24.80
CA TYR M 384 -21.59 0.45 -24.33
C TYR M 384 -20.63 0.19 -25.48
N LEU M 385 -20.95 -0.79 -26.32
CA LEU M 385 -20.08 -1.11 -27.45
C LEU M 385 -19.98 0.04 -28.42
N LEU M 386 -21.10 0.74 -28.65
CA LEU M 386 -21.08 1.87 -29.56
C LEU M 386 -20.22 3.00 -29.02
N LEU M 387 -20.32 3.29 -27.72
CA LEU M 387 -19.44 4.31 -27.13
C LEU M 387 -17.98 3.88 -27.20
N THR M 388 -17.70 2.60 -26.95
CA THR M 388 -16.33 2.11 -26.99
C THR M 388 -15.74 2.24 -28.38
N PHE M 389 -16.51 1.89 -29.42
CA PHE M 389 -16.00 2.01 -30.78
C PHE M 389 -15.99 3.46 -31.27
N ALA M 390 -16.87 4.32 -30.74
CA ALA M 390 -16.80 5.73 -31.06
C ALA M 390 -15.53 6.36 -30.51
N CYS M 391 -15.10 5.93 -29.32
CA CYS M 391 -13.80 6.31 -28.81
C CYS M 391 -12.68 5.98 -29.78
N MET M 392 -12.83 4.92 -30.57
CA MET M 392 -11.79 4.42 -31.46
C MET M 392 -12.05 4.80 -32.91
N ASN M 393 -12.93 5.78 -33.17
CA ASN M 393 -13.33 6.08 -34.53
C ASN M 393 -12.20 6.66 -35.36
N ASP M 394 -11.19 7.23 -34.72
CA ASP M 394 -10.03 7.73 -35.47
C ASP M 394 -9.23 6.59 -36.09
N ILE M 395 -8.93 5.55 -35.31
CA ILE M 395 -8.20 4.41 -35.86
C ILE M 395 -9.08 3.64 -36.84
N ILE M 396 -10.37 3.53 -36.53
CA ILE M 396 -11.30 2.87 -37.45
C ILE M 396 -11.35 3.60 -38.78
N ALA M 397 -11.34 4.94 -38.75
CA ALA M 397 -11.36 5.72 -39.98
C ALA M 397 -10.03 5.69 -40.71
N LEU M 398 -8.92 5.49 -39.98
CA LEU M 398 -7.63 5.37 -40.64
C LEU M 398 -7.47 4.03 -41.32
N LYS M 399 -7.93 2.95 -40.67
CA LYS M 399 -7.79 1.60 -41.22
C LYS M 399 -8.93 1.25 -42.16
N PHE M 400 -10.16 1.27 -41.66
CA PHE M 400 -11.35 1.08 -42.50
C PHE M 400 -11.74 2.46 -43.00
N HIS M 401 -11.28 2.79 -44.21
CA HIS M 401 -11.34 4.16 -44.70
C HIS M 401 -12.75 4.73 -44.63
N ILE M 402 -12.95 5.69 -43.72
CA ILE M 402 -14.21 6.39 -43.53
C ILE M 402 -13.86 7.80 -43.11
N SER M 403 -14.72 8.76 -43.46
CA SER M 403 -14.53 10.11 -42.95
C SER M 403 -14.70 10.11 -41.43
N LEU M 404 -13.80 10.80 -40.73
CA LEU M 404 -13.90 10.88 -39.28
C LEU M 404 -15.17 11.61 -38.87
N ASN M 405 -15.56 12.63 -39.62
CA ASN M 405 -16.85 13.28 -39.40
C ASN M 405 -18.00 12.31 -39.64
N ALA M 406 -17.87 11.46 -40.67
CA ALA M 406 -18.89 10.46 -40.92
C ALA M 406 -19.01 9.49 -39.75
N THR M 407 -17.87 9.08 -39.18
CA THR M 407 -17.91 8.20 -38.01
C THR M 407 -18.54 8.90 -36.82
N THR M 408 -18.25 10.18 -36.62
CA THR M 408 -18.85 10.91 -35.52
C THR M 408 -20.36 11.01 -35.68
N TRP M 409 -20.83 11.27 -36.90
CA TRP M 409 -22.27 11.38 -37.11
C TRP M 409 -22.95 10.02 -37.04
N ILE M 410 -22.28 8.96 -37.49
CA ILE M 410 -22.81 7.62 -37.32
C ILE M 410 -22.95 7.31 -35.83
N GLY M 411 -21.95 7.68 -35.03
CA GLY M 411 -22.06 7.48 -33.59
C GLY M 411 -23.19 8.29 -32.98
N ARG M 412 -23.35 9.55 -33.41
CA ARG M 412 -24.38 10.40 -32.83
C ARG M 412 -25.77 9.87 -33.12
N ILE M 413 -26.02 9.46 -34.38
CA ILE M 413 -27.31 8.87 -34.71
C ILE M 413 -27.47 7.51 -34.05
N GLY M 414 -26.39 6.75 -33.98
CA GLY M 414 -26.47 5.39 -33.45
C GLY M 414 -26.79 5.34 -31.98
N MET M 415 -26.19 6.23 -31.18
CA MET M 415 -26.36 6.17 -29.73
C MET M 415 -27.79 6.48 -29.33
N VAL M 416 -28.65 6.67 -30.34
CA VAL M 416 -30.09 6.77 -30.15
C VAL M 416 -30.84 5.68 -30.90
N VAL M 417 -30.46 5.43 -32.16
CA VAL M 417 -31.21 4.48 -32.99
C VAL M 417 -30.85 3.05 -32.63
N LEU M 418 -29.57 2.73 -32.55
CA LEU M 418 -29.13 1.35 -32.35
C LEU M 418 -29.66 0.72 -31.05
N PRO M 419 -29.67 1.40 -29.90
CA PRO M 419 -30.30 0.79 -28.71
C PRO M 419 -31.73 0.34 -28.93
N ALA M 420 -32.53 1.13 -29.65
CA ALA M 420 -33.93 0.75 -29.89
C ALA M 420 -34.01 -0.47 -30.79
N ILE M 421 -33.25 -0.48 -31.89
CA ILE M 421 -33.24 -1.63 -32.78
C ILE M 421 -32.81 -2.89 -32.02
N VAL M 422 -31.79 -2.75 -31.17
CA VAL M 422 -31.29 -3.89 -30.42
C VAL M 422 -32.34 -4.38 -29.43
N TYR M 423 -33.04 -3.46 -28.77
CA TYR M 423 -34.12 -3.85 -27.88
C TYR M 423 -35.19 -4.66 -28.63
N PHE M 424 -35.64 -4.13 -29.77
CA PHE M 424 -36.67 -4.82 -30.54
C PHE M 424 -36.22 -6.21 -30.95
N VAL M 425 -35.03 -6.30 -31.54
CA VAL M 425 -34.53 -7.57 -32.05
C VAL M 425 -34.34 -8.56 -30.90
N ALA M 426 -33.77 -8.11 -29.78
CA ALA M 426 -33.52 -9.01 -28.66
C ALA M 426 -34.81 -9.51 -28.03
N TYR M 427 -35.79 -8.63 -27.87
CA TYR M 427 -37.09 -9.06 -27.32
C TYR M 427 -37.74 -10.11 -28.21
N ARG M 428 -37.79 -9.84 -29.52
CA ARG M 428 -38.38 -10.80 -30.44
C ARG M 428 -37.59 -12.11 -30.46
N TRP M 429 -36.26 -12.02 -30.40
CA TRP M 429 -35.42 -13.21 -30.43
C TRP M 429 -35.63 -14.08 -29.19
N ALA M 430 -35.77 -13.45 -28.02
CA ALA M 430 -36.03 -14.22 -26.81
C ALA M 430 -37.39 -14.92 -26.88
N ILE M 431 -38.41 -14.22 -27.36
CA ILE M 431 -39.73 -14.86 -27.49
C ILE M 431 -39.65 -16.01 -28.49
N SER M 432 -38.88 -15.83 -29.57
CA SER M 432 -38.72 -16.88 -30.56
C SER M 432 -37.99 -18.10 -30.00
N LEU M 433 -37.01 -17.88 -29.13
CA LEU M 433 -36.36 -19.00 -28.45
C LEU M 433 -37.36 -19.75 -27.58
N GLN M 434 -38.22 -19.02 -26.87
CA GLN M 434 -39.28 -19.67 -26.11
C GLN M 434 -40.17 -20.52 -27.01
N ARG M 435 -40.53 -19.98 -28.18
CA ARG M 435 -41.38 -20.73 -29.10
C ARG M 435 -40.68 -21.98 -29.63
N SER M 436 -39.37 -21.90 -29.85
CA SER M 436 -38.60 -23.08 -30.23
C SER M 436 -38.67 -24.16 -29.15
N ASP M 437 -38.49 -23.75 -27.89
CA ASP M 437 -38.62 -24.70 -26.79
C ASP M 437 -40.01 -25.32 -26.75
N ARG M 438 -41.04 -24.49 -26.96
CA ARG M 438 -42.41 -25.00 -26.94
C ARG M 438 -42.65 -26.00 -28.07
N GLU M 439 -42.09 -25.73 -29.25
CA GLU M 439 -42.25 -26.67 -30.36
C GLU M 439 -41.57 -28.00 -30.04
N VAL M 440 -40.38 -27.95 -29.44
CA VAL M 440 -39.70 -29.18 -29.07
C VAL M 440 -40.47 -29.94 -27.99
N LEU M 441 -41.16 -29.23 -27.09
CA LEU M 441 -41.98 -29.92 -26.10
C LEU M 441 -43.26 -30.50 -26.71
N GLU M 442 -43.84 -29.83 -27.70
CA GLU M 442 -45.09 -30.30 -28.28
C GLU M 442 -44.86 -31.49 -29.21
N HIS M 443 -43.77 -31.49 -29.98
CA HIS M 443 -43.59 -32.49 -31.02
C HIS M 443 -42.41 -33.42 -30.79
N GLY M 444 -41.46 -33.05 -29.94
CA GLY M 444 -40.29 -33.88 -29.71
C GLY M 444 -39.11 -33.46 -30.57
N VAL M 445 -37.94 -33.99 -30.23
CA VAL M 445 -36.71 -33.65 -30.94
C VAL M 445 -36.84 -34.04 -32.40
N GLU M 446 -36.57 -33.10 -33.29
CA GLU M 446 -36.49 -33.41 -34.71
C GLU M 446 -35.18 -34.15 -34.98
N THR M 447 -35.28 -35.40 -35.43
CA THR M 447 -34.09 -36.22 -35.60
C THR M 447 -33.29 -35.83 -36.84
N GLY M 448 -33.96 -35.35 -37.88
CA GLY M 448 -33.34 -35.09 -39.15
C GLY M 448 -33.61 -36.14 -40.20
N ILE M 449 -34.04 -37.32 -39.79
CA ILE M 449 -34.35 -38.39 -40.73
C ILE M 449 -35.72 -38.14 -41.34
N ILE M 450 -35.81 -38.22 -42.65
CA ILE M 450 -37.04 -38.02 -43.39
C ILE M 450 -37.33 -39.30 -44.15
N LYS M 451 -38.59 -39.73 -44.13
CA LYS M 451 -38.98 -40.95 -44.82
C LYS M 451 -40.24 -40.71 -45.64
N ARG M 452 -40.38 -41.48 -46.71
CA ARG M 452 -41.53 -41.40 -47.60
C ARG M 452 -42.47 -42.56 -47.34
N LEU M 453 -43.74 -42.25 -47.16
CA LEU M 453 -44.77 -43.26 -46.97
C LEU M 453 -45.17 -43.89 -48.30
N PRO M 454 -45.81 -45.06 -48.27
CA PRO M 454 -46.22 -45.69 -49.54
C PRO M 454 -47.12 -44.82 -50.40
N HIS M 455 -47.88 -43.90 -49.82
CA HIS M 455 -48.68 -42.97 -50.61
C HIS M 455 -47.92 -41.69 -50.96
N GLY M 456 -46.68 -41.56 -50.51
CA GLY M 456 -45.85 -40.44 -50.89
C GLY M 456 -45.78 -39.29 -49.91
N ALA M 457 -46.10 -39.53 -48.64
CA ALA M 457 -46.00 -38.47 -47.63
C ALA M 457 -44.59 -38.45 -47.05
N TYR M 458 -43.96 -37.28 -47.10
CA TYR M 458 -42.65 -37.08 -46.48
C TYR M 458 -42.87 -36.69 -45.03
N VAL M 459 -42.36 -37.50 -44.11
CA VAL M 459 -42.47 -37.23 -42.68
C VAL M 459 -41.08 -37.28 -42.07
N GLU M 460 -40.77 -36.29 -41.24
CA GLU M 460 -39.55 -36.33 -40.47
C GLU M 460 -39.78 -37.12 -39.19
N LEU M 461 -38.91 -38.07 -38.91
CA LEU M 461 -39.04 -38.84 -37.69
C LEU M 461 -38.82 -37.94 -36.48
N HIS M 462 -39.73 -37.99 -35.53
CA HIS M 462 -39.67 -37.17 -34.33
C HIS M 462 -39.37 -38.08 -33.14
N GLN M 463 -38.64 -37.54 -32.17
CA GLN M 463 -38.28 -38.31 -30.99
C GLN M 463 -39.03 -37.74 -29.79
N PRO M 464 -40.12 -38.35 -29.34
CA PRO M 464 -40.81 -37.86 -28.15
C PRO M 464 -39.89 -37.88 -26.93
N LEU M 465 -40.00 -36.83 -26.11
CA LEU M 465 -39.19 -36.71 -24.92
C LEU M 465 -39.87 -37.26 -23.67
N GLY M 466 -41.09 -37.79 -23.81
CA GLY M 466 -41.79 -38.34 -22.68
C GLY M 466 -42.81 -39.38 -23.09
N PRO M 467 -43.91 -39.46 -22.33
CA PRO M 467 -44.98 -40.42 -22.67
C PRO M 467 -45.58 -40.13 -24.03
N VAL M 468 -46.07 -41.19 -24.67
CA VAL M 468 -46.64 -41.12 -26.01
C VAL M 468 -48.03 -41.76 -25.97
N ASP M 469 -48.98 -41.17 -26.69
CA ASP M 469 -50.37 -41.61 -26.63
C ASP M 469 -50.55 -42.97 -27.29
N GLU M 470 -51.80 -43.44 -27.36
CA GLU M 470 -52.08 -44.85 -27.67
C GLU M 470 -51.47 -45.27 -29.00
N HIS M 471 -51.75 -44.54 -30.08
CA HIS M 471 -51.21 -44.92 -31.38
C HIS M 471 -49.78 -44.43 -31.56
N GLY M 472 -49.60 -43.12 -31.63
CA GLY M 472 -48.34 -42.47 -31.36
C GLY M 472 -48.40 -40.99 -31.64
N HIS M 473 -48.07 -40.20 -30.63
CA HIS M 473 -47.91 -38.75 -30.68
C HIS M 473 -47.42 -38.36 -29.29
N PRO M 474 -46.45 -37.45 -29.17
CA PRO M 474 -45.97 -37.06 -27.84
C PRO M 474 -47.11 -36.54 -26.97
N ILE M 475 -47.09 -36.91 -25.69
CA ILE M 475 -47.99 -36.36 -24.71
C ILE M 475 -47.37 -35.05 -24.24
N PRO M 476 -47.91 -33.89 -24.64
CA PRO M 476 -47.23 -32.61 -24.39
C PRO M 476 -46.66 -32.45 -23.00
N LEU M 477 -45.35 -32.29 -22.90
CA LEU M 477 -44.72 -32.03 -21.62
C LEU M 477 -45.02 -30.59 -21.19
N GLU M 478 -44.53 -30.23 -20.01
CA GLU M 478 -44.67 -28.89 -19.49
C GLU M 478 -43.29 -28.29 -19.30
N TYR M 479 -43.11 -27.07 -19.77
CA TYR M 479 -41.83 -26.39 -19.60
C TYR M 479 -41.53 -26.19 -18.13
N ALA M 480 -40.31 -26.54 -17.72
CA ALA M 480 -39.89 -26.46 -16.33
C ALA M 480 -38.69 -25.55 -16.16
N GLY M 481 -38.47 -24.64 -17.12
CA GLY M 481 -37.41 -23.66 -17.01
C GLY M 481 -36.01 -24.18 -17.25
N ALA M 482 -35.85 -25.27 -17.97
CA ALA M 482 -34.56 -25.88 -18.19
C ALA M 482 -34.35 -26.14 -19.68
N PRO M 483 -33.10 -26.21 -20.13
CA PRO M 483 -32.84 -26.48 -21.54
C PRO M 483 -33.38 -27.83 -21.98
N LEU M 484 -33.76 -27.90 -23.25
CA LEU M 484 -34.23 -29.13 -23.85
C LEU M 484 -33.28 -29.56 -24.96
N PRO M 485 -32.98 -30.85 -25.09
CA PRO M 485 -32.16 -31.30 -26.21
C PRO M 485 -32.87 -31.02 -27.53
N LYS M 486 -32.09 -30.62 -28.54
CA LYS M 486 -32.63 -30.38 -29.86
C LYS M 486 -31.83 -31.06 -30.95
N ARG M 487 -30.72 -31.70 -30.62
CA ARG M 487 -29.98 -32.55 -31.54
C ARG M 487 -29.97 -33.95 -30.97
N MET M 488 -30.27 -34.95 -31.81
CA MET M 488 -30.31 -36.32 -31.34
C MET M 488 -28.92 -36.85 -30.98
N ASN M 489 -27.85 -36.22 -31.47
CA ASN M 489 -26.52 -36.63 -31.07
C ASN M 489 -26.27 -36.36 -29.59
N LYS M 490 -26.92 -35.34 -29.03
CA LYS M 490 -26.74 -35.04 -27.61
C LYS M 490 -27.35 -36.12 -26.74
N LEU M 491 -28.49 -36.67 -27.16
CA LEU M 491 -28.93 -37.95 -26.63
C LEU M 491 -28.00 -39.04 -27.15
N GLY M 492 -27.89 -40.14 -26.41
CA GLY M 492 -26.86 -41.09 -26.72
C GLY M 492 -27.06 -41.85 -28.02
N SER M 493 -27.19 -41.13 -29.13
CA SER M 493 -27.38 -41.73 -30.44
C SER M 493 -26.05 -41.76 -31.17
N GLY M 494 -25.53 -42.96 -31.40
CA GLY M 494 -24.27 -43.10 -32.10
C GLY M 494 -23.10 -42.43 -31.40
N GLY M 495 -22.71 -42.95 -30.25
CA GLY M 495 -21.71 -42.28 -29.45
C GLY M 495 -20.65 -43.16 -28.83
N ALA M 496 -20.27 -44.26 -29.49
CA ALA M 496 -19.27 -45.17 -28.95
C ALA M 496 -18.40 -45.72 -30.06
N PRO M 497 -17.29 -45.05 -30.37
CA PRO M 497 -16.31 -45.62 -31.30
C PRO M 497 -15.47 -46.70 -30.59
N GLY M 498 -14.50 -47.23 -31.34
CA GLY M 498 -13.59 -48.20 -30.78
C GLY M 498 -12.86 -47.66 -29.55
N THR M 499 -12.68 -48.50 -28.53
CA THR M 499 -12.15 -48.04 -27.25
C THR M 499 -10.63 -47.96 -27.23
N GLY M 500 -9.95 -48.46 -28.26
CA GLY M 500 -8.50 -48.51 -28.25
C GLY M 500 -7.84 -47.15 -28.33
N SER M 501 -6.55 -47.13 -28.63
CA SER M 501 -5.84 -45.88 -28.78
C SER M 501 -6.31 -45.17 -30.05
N PHE M 502 -5.74 -43.99 -30.30
CA PHE M 502 -6.13 -43.26 -31.50
C PHE M 502 -5.76 -44.01 -32.77
N LEU M 503 -4.69 -44.79 -32.74
CA LEU M 503 -4.21 -45.50 -33.91
C LEU M 503 -4.41 -47.01 -33.86
N PHE M 504 -4.41 -47.62 -32.68
CA PHE M 504 -4.55 -49.05 -32.59
C PHE M 504 -5.62 -49.43 -31.56
N PRO M 505 -6.45 -50.40 -31.86
CA PRO M 505 -7.56 -50.75 -30.96
C PRO M 505 -7.13 -51.69 -29.84
N ASP M 506 -7.97 -51.75 -28.83
CA ASP M 506 -7.85 -52.69 -27.73
C ASP M 506 -8.68 -53.94 -28.00
N PRO M 507 -8.41 -55.03 -27.29
CA PRO M 507 -9.22 -56.25 -27.47
C PRO M 507 -10.70 -55.98 -27.23
N ALA M 508 -11.53 -56.65 -28.03
CA ALA M 508 -12.97 -56.40 -28.01
C ALA M 508 -13.60 -56.73 -26.66
N VAL M 509 -12.95 -57.55 -25.84
CA VAL M 509 -13.50 -57.86 -24.51
C VAL M 509 -13.41 -56.64 -23.61
N GLU M 510 -12.26 -55.94 -23.63
CA GLU M 510 -12.13 -54.72 -22.86
C GLU M 510 -13.10 -53.65 -23.34
N HIS M 511 -13.30 -53.56 -24.66
CA HIS M 511 -14.28 -52.63 -25.20
C HIS M 511 -15.67 -52.97 -24.70
N GLU M 512 -16.04 -54.24 -24.70
CA GLU M 512 -17.34 -54.65 -24.19
C GLU M 512 -17.50 -54.27 -22.72
N ALA M 513 -16.48 -54.55 -21.92
CA ALA M 513 -16.56 -54.25 -20.49
C ALA M 513 -16.69 -52.75 -20.24
N LEU M 514 -15.92 -51.94 -20.95
CA LEU M 514 -15.99 -50.49 -20.75
C LEU M 514 -17.31 -49.93 -21.24
N THR M 515 -17.83 -50.42 -22.36
CA THR M 515 -19.11 -49.94 -22.87
C THR M 515 -20.25 -50.30 -21.91
N GLU M 516 -20.26 -51.54 -21.42
CA GLU M 516 -21.29 -51.93 -20.45
C GLU M 516 -21.17 -51.12 -19.16
N ALA M 517 -19.94 -50.87 -18.71
CA ALA M 517 -19.76 -50.06 -17.51
C ALA M 517 -20.28 -48.66 -17.70
N ALA M 518 -19.99 -48.04 -18.86
CA ALA M 518 -20.50 -46.70 -19.12
C ALA M 518 -22.01 -46.67 -19.17
N HIS M 519 -22.61 -47.64 -19.86
CA HIS M 519 -24.06 -47.71 -19.97
C HIS M 519 -24.71 -47.85 -18.60
N ALA M 520 -24.18 -48.76 -17.78
CA ALA M 520 -24.76 -48.99 -16.46
C ALA M 520 -24.57 -47.79 -15.55
N SER M 521 -23.40 -47.15 -15.59
CA SER M 521 -23.17 -45.99 -14.74
C SER M 521 -24.11 -44.84 -15.12
N GLU M 522 -24.31 -44.61 -16.42
CA GLU M 522 -25.22 -43.56 -16.84
C GLU M 522 -26.65 -43.88 -16.41
N HIS M 523 -27.08 -45.14 -16.57
CA HIS M 523 -28.41 -45.52 -16.11
C HIS M 523 -28.56 -45.32 -14.62
N LYS M 524 -27.53 -45.67 -13.85
CA LYS M 524 -27.58 -45.51 -12.40
C LYS M 524 -27.69 -44.04 -12.02
N SER M 525 -26.93 -43.17 -12.68
CA SER M 525 -27.00 -41.75 -12.37
C SER M 525 -28.38 -41.19 -12.69
N LEU M 526 -28.92 -41.54 -13.87
CA LEU M 526 -30.25 -41.07 -14.23
C LEU M 526 -31.30 -41.57 -13.24
N THR M 527 -31.21 -42.84 -12.85
CA THR M 527 -32.14 -43.40 -11.89
C THR M 527 -32.06 -42.68 -10.54
N ALA M 528 -30.84 -42.41 -10.07
CA ALA M 528 -30.70 -41.74 -8.79
C ALA M 528 -31.32 -40.35 -8.83
N LEU M 529 -31.06 -39.60 -9.91
CA LEU M 529 -31.67 -38.28 -10.05
C LEU M 529 -33.18 -38.38 -10.08
N LYS M 530 -33.73 -39.35 -10.82
CA LYS M 530 -35.17 -39.48 -10.93
C LYS M 530 -35.81 -39.84 -9.59
N GLU M 531 -35.20 -40.78 -8.85
CA GLU M 531 -35.75 -41.15 -7.55
C GLU M 531 -35.70 -39.98 -6.58
N HIS M 532 -34.61 -39.21 -6.58
CA HIS M 532 -34.56 -38.04 -5.70
C HIS M 532 -35.64 -37.03 -6.07
N GLN M 533 -35.80 -36.76 -7.36
CA GLN M 533 -36.80 -35.78 -7.80
C GLN M 533 -38.21 -36.24 -7.43
N ASP M 534 -38.49 -37.53 -7.58
CA ASP M 534 -39.79 -38.06 -7.18
C ASP M 534 -39.97 -37.97 -5.67
N ARG M 535 -38.90 -38.24 -4.91
CA ARG M 535 -38.98 -38.18 -3.46
C ARG M 535 -39.29 -36.77 -2.96
N ILE M 536 -38.76 -35.75 -3.63
CA ILE M 536 -39.01 -34.38 -3.19
C ILE M 536 -40.25 -33.85 -3.89
N HIS M 537 -41.03 -34.74 -4.49
CA HIS M 537 -42.29 -34.36 -5.12
C HIS M 537 -43.35 -35.44 -4.92
N GLN N 46 21.74 19.63 -67.86
CA GLN N 46 21.47 19.22 -69.23
C GLN N 46 20.11 19.71 -69.70
N SER N 47 20.06 20.20 -70.95
CA SER N 47 18.80 20.65 -71.52
C SER N 47 17.95 19.51 -72.06
N ALA N 48 18.58 18.41 -72.50
CA ALA N 48 17.80 17.24 -72.91
C ALA N 48 17.02 16.67 -71.74
N LEU N 49 17.54 16.84 -70.52
CA LEU N 49 16.77 16.48 -69.33
C LEU N 49 15.48 17.29 -69.27
N LEU N 50 15.58 18.61 -69.49
CA LEU N 50 14.39 19.44 -69.52
C LEU N 50 13.45 19.06 -70.66
N ARG N 51 14.00 18.66 -71.81
CA ARG N 51 13.15 18.31 -72.94
C ARG N 51 12.37 17.03 -72.67
N THR N 52 13.04 15.99 -72.17
CA THR N 52 12.34 14.76 -71.84
C THR N 52 11.38 14.95 -70.68
N GLY N 53 11.72 15.85 -69.74
CA GLY N 53 10.78 16.16 -68.67
C GLY N 53 9.54 16.87 -69.18
N LYS N 54 9.71 17.79 -70.13
CA LYS N 54 8.57 18.44 -70.76
C LYS N 54 7.69 17.43 -71.49
N GLN N 55 8.31 16.50 -72.21
CA GLN N 55 7.53 15.49 -72.91
C GLN N 55 6.77 14.60 -71.93
N LEU N 56 7.41 14.24 -70.81
CA LEU N 56 6.71 13.45 -69.80
C LEU N 56 5.55 14.22 -69.20
N PHE N 57 5.75 15.52 -68.95
CA PHE N 57 4.71 16.35 -68.34
C PHE N 57 3.54 16.55 -69.29
N GLU N 58 3.81 16.66 -70.59
CA GLU N 58 2.76 16.97 -71.55
C GLU N 58 1.85 15.78 -71.84
N THR N 59 2.35 14.56 -71.66
CA THR N 59 1.51 13.38 -71.86
C THR N 59 1.02 12.78 -70.55
N SER N 60 1.34 13.38 -69.41
CA SER N 60 0.89 12.83 -68.13
C SER N 60 0.34 13.87 -67.16
N CYS N 61 0.69 15.15 -67.28
CA CYS N 61 0.32 16.14 -66.27
C CYS N 61 -0.38 17.38 -66.82
N VAL N 62 -0.41 17.59 -68.14
CA VAL N 62 -0.99 18.82 -68.68
C VAL N 62 -2.44 18.96 -68.25
N SER N 63 -3.22 17.89 -68.41
CA SER N 63 -4.55 17.86 -67.81
C SER N 63 -4.41 17.92 -66.30
N CYS N 64 -5.21 18.77 -65.67
CA CYS N 64 -5.18 19.18 -64.28
C CYS N 64 -4.06 20.19 -63.99
N HIS N 65 -3.18 20.49 -64.94
CA HIS N 65 -2.10 21.45 -64.65
C HIS N 65 -1.77 22.44 -65.76
N GLY N 66 -2.30 22.28 -66.97
CA GLY N 66 -2.38 23.40 -67.91
C GLY N 66 -1.16 23.69 -68.77
N ALA N 67 -0.20 22.77 -68.90
CA ALA N 67 0.84 22.84 -69.92
C ALA N 67 1.87 23.93 -69.66
N ASN N 68 1.63 24.76 -68.66
CA ASN N 68 2.58 25.79 -68.27
C ASN N 68 2.63 25.92 -66.75
N LEU N 69 2.24 24.86 -66.04
CA LEU N 69 2.27 24.80 -64.59
C LEU N 69 1.33 25.83 -63.97
N GLN N 70 0.56 26.53 -64.79
CA GLN N 70 -0.56 27.32 -64.31
C GLN N 70 -1.73 26.40 -64.02
N GLY N 71 -2.29 26.49 -62.82
CA GLY N 71 -3.32 25.57 -62.40
C GLY N 71 -4.53 25.55 -63.31
N VAL N 72 -5.15 24.39 -63.45
CA VAL N 72 -6.42 24.25 -64.17
C VAL N 72 -7.54 24.41 -63.15
N PRO N 73 -8.44 25.37 -63.32
CA PRO N 73 -9.44 25.65 -62.29
C PRO N 73 -10.30 24.42 -62.00
N ASP N 74 -10.56 24.19 -60.71
CA ASP N 74 -11.37 23.08 -60.22
C ASP N 74 -10.84 21.72 -60.66
N ARG N 75 -9.59 21.65 -61.07
CA ARG N 75 -8.94 20.37 -61.38
C ARG N 75 -7.64 20.18 -60.64
N GLY N 76 -6.86 21.24 -60.43
CA GLY N 76 -5.60 21.15 -59.75
C GLY N 76 -4.98 22.51 -59.52
N PRO N 77 -3.89 22.55 -58.76
CA PRO N 77 -3.27 23.84 -58.43
C PRO N 77 -2.20 24.26 -59.44
N SER N 78 -1.65 25.44 -59.24
CA SER N 78 -0.48 25.87 -60.00
C SER N 78 0.77 25.14 -59.52
N LEU N 79 1.71 24.92 -60.44
CA LEU N 79 2.95 24.21 -60.12
C LEU N 79 4.18 25.09 -60.22
N ILE N 80 4.01 26.41 -60.27
CA ILE N 80 5.15 27.32 -60.35
C ILE N 80 5.62 27.64 -58.92
N GLY N 81 6.89 27.35 -58.65
CA GLY N 81 7.48 27.58 -57.35
C GLY N 81 7.43 26.39 -56.40
N THR N 82 6.76 25.30 -56.78
CA THR N 82 6.65 24.16 -55.88
C THR N 82 8.00 23.50 -55.65
N GLY N 83 8.74 23.24 -56.72
CA GLY N 83 10.11 22.79 -56.58
C GLY N 83 10.31 21.35 -57.01
N GLU N 84 11.56 21.04 -57.36
CA GLU N 84 11.92 19.68 -57.73
C GLU N 84 11.79 18.73 -56.55
N ALA N 85 12.02 19.21 -55.33
CA ALA N 85 11.79 18.37 -54.16
C ALA N 85 10.31 18.00 -54.03
N ALA N 86 9.43 18.96 -54.28
CA ALA N 86 7.99 18.67 -54.28
C ALA N 86 7.63 17.66 -55.35
N VAL N 87 8.18 17.83 -56.56
CA VAL N 87 7.89 16.89 -57.64
C VAL N 87 8.39 15.50 -57.28
N TYR N 88 9.61 15.42 -56.74
CA TYR N 88 10.18 14.13 -56.36
C TYR N 88 9.30 13.44 -55.33
N PHE N 89 8.89 14.16 -54.29
CA PHE N 89 8.01 13.54 -53.30
C PHE N 89 6.73 13.05 -53.95
N GLN N 90 6.04 13.93 -54.68
CA GLN N 90 4.71 13.61 -55.18
C GLN N 90 4.72 12.52 -56.25
N VAL N 91 5.85 12.26 -56.90
CA VAL N 91 5.92 11.23 -57.91
C VAL N 91 6.52 9.93 -57.36
N SER N 92 7.63 10.03 -56.62
CA SER N 92 8.24 8.83 -56.06
C SER N 92 7.33 8.15 -55.04
N THR N 93 6.61 8.94 -54.24
CA THR N 93 5.61 8.33 -53.37
C THR N 93 4.45 7.71 -54.15
N GLY N 94 4.36 7.99 -55.44
CA GLY N 94 3.34 7.44 -56.28
C GLY N 94 2.08 8.26 -56.39
N ARG N 95 1.95 9.32 -55.59
CA ARG N 95 0.70 10.07 -55.54
C ARG N 95 0.39 10.70 -56.89
N MET N 96 1.39 11.23 -57.57
CA MET N 96 1.09 11.82 -58.85
C MET N 96 1.49 10.90 -59.98
N PRO N 97 0.71 10.83 -61.07
CA PRO N 97 -0.48 11.66 -61.28
C PRO N 97 -1.72 11.16 -60.56
N ALA N 98 -2.56 12.08 -60.09
CA ALA N 98 -3.82 11.70 -59.46
C ALA N 98 -4.84 11.36 -60.53
N MET N 99 -5.81 10.52 -60.16
CA MET N 99 -6.81 10.05 -61.11
C MET N 99 -8.18 10.67 -60.87
N ARG N 100 -8.43 11.24 -59.70
CA ARG N 100 -9.70 11.90 -59.43
C ARG N 100 -9.53 12.80 -58.22
N GLY N 101 -10.54 13.66 -58.00
CA GLY N 101 -10.53 14.60 -56.91
C GLY N 101 -11.45 14.14 -55.80
N GLU N 102 -10.89 13.98 -54.61
CA GLU N 102 -11.65 13.61 -53.42
C GLU N 102 -11.00 14.27 -52.21
N ALA N 103 -11.34 13.79 -51.02
CA ALA N 103 -10.85 14.41 -49.79
C ALA N 103 -9.33 14.40 -49.72
N GLN N 104 -8.69 13.33 -50.21
CA GLN N 104 -7.25 13.21 -50.13
C GLN N 104 -6.73 12.45 -51.33
N ALA N 105 -5.57 12.87 -51.83
CA ALA N 105 -4.86 12.13 -52.85
C ALA N 105 -4.08 10.99 -52.19
N PRO N 106 -4.40 9.73 -52.49
CA PRO N 106 -3.75 8.63 -51.77
C PRO N 106 -2.46 8.20 -52.43
N SER N 107 -1.61 7.55 -51.62
CA SER N 107 -0.35 7.01 -52.11
C SER N 107 -0.59 5.84 -53.04
N LYS N 108 0.22 5.76 -54.09
CA LYS N 108 0.05 4.75 -55.14
C LYS N 108 1.40 4.16 -55.49
N PRO N 109 1.45 3.11 -56.31
CA PRO N 109 2.72 2.71 -56.92
C PRO N 109 3.20 3.79 -57.88
N PRO N 110 4.52 3.96 -58.02
CA PRO N 110 5.03 5.03 -58.87
C PRO N 110 4.71 4.78 -60.34
N HIS N 111 4.64 5.89 -61.08
CA HIS N 111 4.36 5.85 -62.51
C HIS N 111 5.55 6.24 -63.37
N PHE N 112 6.69 6.59 -62.75
CA PHE N 112 7.87 7.03 -63.48
C PHE N 112 9.11 6.50 -62.77
N ASP N 113 10.09 6.08 -63.55
CA ASP N 113 11.33 5.57 -62.98
C ASP N 113 12.16 6.72 -62.39
N GLU N 114 13.29 6.36 -61.79
CA GLU N 114 14.11 7.33 -61.06
C GLU N 114 14.51 8.51 -61.95
N SER N 115 15.09 8.20 -63.12
CA SER N 115 15.54 9.27 -64.01
C SER N 115 14.37 10.05 -64.58
N GLN N 116 13.23 9.40 -64.82
CA GLN N 116 12.06 10.13 -65.30
C GLN N 116 11.52 11.08 -64.23
N ILE N 117 11.53 10.65 -62.96
CA ILE N 117 11.15 11.54 -61.88
C ILE N 117 12.11 12.71 -61.80
N ASP N 118 13.41 12.45 -61.97
CA ASP N 118 14.40 13.52 -61.90
C ASP N 118 14.23 14.50 -63.05
N ALA N 119 13.88 14.01 -64.24
CA ALA N 119 13.66 14.89 -65.38
C ALA N 119 12.41 15.74 -65.19
N LEU N 120 11.33 15.13 -64.71
CA LEU N 120 10.12 15.92 -64.41
C LEU N 120 10.42 16.98 -63.36
N GLY N 121 11.18 16.61 -62.33
CA GLY N 121 11.53 17.57 -61.31
C GLY N 121 12.37 18.71 -61.84
N ALA N 122 13.35 18.41 -62.70
CA ALA N 122 14.15 19.46 -63.30
C ALA N 122 13.30 20.39 -64.17
N TYR N 123 12.37 19.81 -64.93
CA TYR N 123 11.49 20.63 -65.77
C TYR N 123 10.66 21.59 -64.91
N VAL N 124 10.00 21.05 -63.88
CA VAL N 124 9.18 21.90 -63.02
C VAL N 124 10.03 22.93 -62.28
N GLN N 125 11.25 22.55 -61.91
CA GLN N 125 12.14 23.47 -61.20
C GLN N 125 12.55 24.63 -62.10
N ALA N 126 12.90 24.33 -63.36
CA ALA N 126 13.27 25.40 -64.28
C ALA N 126 12.08 26.30 -64.58
N ASN N 127 10.92 25.71 -64.84
CA ASN N 127 9.73 26.52 -65.12
C ASN N 127 9.22 27.19 -63.85
N GLY N 128 9.65 26.71 -62.69
CA GLY N 128 9.20 27.23 -61.42
C GLY N 128 10.27 28.02 -60.70
N GLY N 129 10.98 27.34 -59.81
CA GLY N 129 11.96 27.96 -58.95
C GLY N 129 11.58 27.74 -57.50
N GLY N 130 12.31 26.85 -56.85
CA GLY N 130 11.97 26.42 -55.51
C GLY N 130 13.00 25.45 -54.97
N PRO N 131 12.61 24.69 -53.96
CA PRO N 131 13.57 23.76 -53.33
C PRO N 131 13.88 22.57 -54.22
N THR N 132 15.03 21.95 -53.94
CA THR N 132 15.51 20.81 -54.71
C THR N 132 15.75 19.63 -53.77
N VAL N 133 15.71 18.43 -54.35
CA VAL N 133 16.06 17.23 -53.58
C VAL N 133 17.55 17.24 -53.25
N PRO N 134 17.94 16.94 -52.01
CA PRO N 134 19.37 16.83 -51.71
C PRO N 134 20.02 15.70 -52.50
N ARG N 135 21.26 15.92 -52.91
CA ARG N 135 22.01 14.93 -53.67
C ARG N 135 23.36 14.70 -53.01
N ASP N 136 23.89 13.50 -53.16
CA ASP N 136 25.16 13.13 -52.59
C ASP N 136 26.29 13.41 -53.58
N ASP N 137 27.49 12.92 -53.27
CA ASP N 137 28.65 13.19 -54.11
C ASP N 137 28.47 12.62 -55.52
N HIS N 138 27.96 11.40 -55.62
CA HIS N 138 27.73 10.75 -56.91
C HIS N 138 26.57 11.37 -57.70
N GLY N 139 25.96 12.46 -57.22
CA GLY N 139 24.92 13.13 -57.98
C GLY N 139 23.56 12.46 -57.96
N ALA N 140 23.36 11.46 -57.11
CA ALA N 140 22.07 10.80 -56.98
C ALA N 140 21.33 11.33 -55.77
N VAL N 141 20.02 11.11 -55.76
CA VAL N 141 19.19 11.50 -54.61
C VAL N 141 19.75 10.87 -53.35
N ALA N 142 20.02 11.70 -52.34
CA ALA N 142 20.62 11.19 -51.11
C ALA N 142 19.67 10.27 -50.37
N GLN N 143 20.15 9.09 -50.03
CA GLN N 143 19.37 8.12 -49.26
C GLN N 143 19.99 7.81 -47.91
N GLU N 144 21.27 7.44 -47.87
CA GLU N 144 21.93 7.09 -46.63
C GLU N 144 22.62 8.29 -45.99
N SER N 145 22.88 9.35 -46.74
CA SER N 145 23.50 10.56 -46.22
C SER N 145 22.48 11.56 -45.71
N LEU N 146 21.24 11.14 -45.49
CA LEU N 146 20.21 11.98 -44.89
C LEU N 146 19.85 11.55 -43.48
N ILE N 147 20.41 10.44 -43.00
CA ILE N 147 20.10 9.91 -41.67
C ILE N 147 21.06 10.54 -40.67
N GLY N 148 20.52 11.16 -39.63
CA GLY N 148 21.33 11.81 -38.63
C GLY N 148 21.84 10.84 -37.58
N GLY N 149 22.56 11.41 -36.60
CA GLY N 149 23.12 10.62 -35.52
C GLY N 149 22.48 10.85 -34.18
N ASP N 150 21.56 11.82 -34.12
CA ASP N 150 20.84 12.16 -32.90
C ASP N 150 19.40 11.68 -33.05
N VAL N 151 19.07 10.59 -32.37
CA VAL N 151 17.71 10.04 -32.43
C VAL N 151 16.85 10.48 -31.25
N ALA N 152 17.46 10.92 -30.14
CA ALA N 152 16.67 11.51 -29.06
C ALA N 152 16.18 12.90 -29.44
N ARG N 153 17.06 13.71 -30.04
CA ARG N 153 16.63 15.00 -30.58
C ARG N 153 15.59 14.80 -31.67
N GLY N 154 15.81 13.82 -32.55
CA GLY N 154 14.82 13.51 -33.56
C GLY N 154 13.50 13.08 -32.97
N GLY N 155 13.54 12.30 -31.88
CA GLY N 155 12.30 11.88 -31.24
C GLY N 155 11.53 13.03 -30.63
N ASP N 156 12.23 13.94 -29.94
CA ASP N 156 11.57 15.10 -29.36
C ASP N 156 10.99 15.99 -30.44
N LEU N 157 11.73 16.21 -31.52
CA LEU N 157 11.23 17.01 -32.63
C LEU N 157 10.03 16.34 -33.29
N PHE N 158 10.08 15.01 -33.45
CA PHE N 158 8.98 14.27 -34.05
C PHE N 158 7.72 14.35 -33.20
N ARG N 159 7.89 14.27 -31.87
CA ARG N 159 6.73 14.33 -31.00
C ARG N 159 6.14 15.73 -30.96
N LEU N 160 6.98 16.76 -31.03
CA LEU N 160 6.44 18.12 -31.02
C LEU N 160 5.79 18.48 -32.35
N ASN N 161 6.42 18.08 -33.47
CA ASN N 161 6.04 18.55 -34.79
C ASN N 161 5.31 17.54 -35.64
N CYS N 162 5.61 16.25 -35.49
CA CYS N 162 5.15 15.22 -36.42
C CYS N 162 4.15 14.26 -35.79
N ALA N 163 4.41 13.83 -34.55
CA ALA N 163 3.58 12.82 -33.91
C ALA N 163 2.18 13.32 -33.61
N SER N 164 1.92 14.62 -33.75
CA SER N 164 0.57 15.13 -33.56
C SER N 164 -0.39 14.50 -34.56
N CYS N 165 0.03 14.38 -35.82
CA CYS N 165 -0.84 13.88 -36.87
C CYS N 165 -0.63 12.40 -37.16
N HIS N 166 0.58 11.90 -36.98
CA HIS N 166 0.84 10.48 -37.04
C HIS N 166 0.74 9.91 -35.62
N ASN N 167 1.15 8.66 -35.44
CA ASN N 167 1.20 8.11 -34.09
C ASN N 167 2.51 8.54 -33.42
N PHE N 168 2.75 8.01 -32.22
CA PHE N 168 4.04 8.20 -31.57
C PHE N 168 5.17 7.67 -32.44
N THR N 169 4.91 6.61 -33.21
CA THR N 169 5.92 5.96 -34.02
C THR N 169 5.60 6.06 -35.51
N GLY N 170 4.81 7.05 -35.90
CA GLY N 170 4.43 7.19 -37.30
C GLY N 170 3.58 6.07 -37.83
N LYS N 171 2.57 5.65 -37.08
CA LYS N 171 1.62 4.66 -37.54
C LYS N 171 0.44 5.28 -38.28
N GLY N 172 0.29 6.59 -38.23
CA GLY N 172 -0.74 7.28 -38.97
C GLY N 172 -1.90 7.71 -38.08
N GLY N 173 -2.52 8.82 -38.45
CA GLY N 173 -3.68 9.31 -37.74
C GLY N 173 -4.67 9.92 -38.71
N ALA N 174 -5.95 9.83 -38.34
CA ALA N 174 -7.02 10.36 -39.17
C ALA N 174 -7.11 11.88 -39.03
N LEU N 175 -7.60 12.52 -40.09
CA LEU N 175 -7.78 13.96 -40.15
C LEU N 175 -9.27 14.28 -40.33
N SER N 176 -9.56 15.55 -40.61
CA SER N 176 -10.89 16.11 -40.44
C SER N 176 -11.99 15.41 -41.22
N SER N 177 -11.98 15.50 -42.55
CA SER N 177 -13.08 14.99 -43.37
C SER N 177 -12.53 14.13 -44.49
N GLY N 178 -12.35 12.83 -44.21
CA GLY N 178 -11.85 11.91 -45.20
C GLY N 178 -10.35 11.91 -45.38
N LYS N 179 -9.65 12.86 -44.77
CA LYS N 179 -8.21 12.99 -44.88
C LYS N 179 -7.54 12.23 -43.74
N TYR N 180 -6.27 11.89 -43.94
CA TYR N 180 -5.54 11.15 -42.93
C TYR N 180 -4.05 11.36 -43.12
N ALA N 181 -3.31 11.20 -42.03
CA ALA N 181 -1.85 11.18 -42.08
C ALA N 181 -1.39 9.75 -42.30
N PRO N 182 -0.69 9.46 -43.40
CA PRO N 182 -0.38 8.06 -43.72
C PRO N 182 0.67 7.42 -42.84
N ASP N 183 0.97 6.16 -43.11
CA ASP N 183 2.00 5.42 -42.40
C ASP N 183 3.38 5.84 -42.89
N LEU N 184 4.30 6.01 -41.94
CA LEU N 184 5.68 6.38 -42.25
C LEU N 184 6.59 5.17 -42.43
N GLY N 185 6.04 3.96 -42.34
CA GLY N 185 6.89 2.78 -42.43
C GLY N 185 7.55 2.63 -43.79
N ASP N 186 6.79 2.83 -44.86
CA ASP N 186 7.32 2.75 -46.21
C ASP N 186 7.64 4.16 -46.69
N ALA N 187 8.82 4.64 -46.33
CA ALA N 187 9.31 5.93 -46.81
C ALA N 187 10.82 6.01 -46.63
N ASN N 188 11.56 6.10 -47.72
CA ASN N 188 13.00 6.24 -47.63
C ASN N 188 13.36 7.64 -47.13
N PRO N 189 14.59 7.82 -46.63
CA PRO N 189 14.95 9.14 -46.06
C PRO N 189 14.70 10.31 -46.99
N ALA N 190 14.92 10.14 -48.29
CA ALA N 190 14.67 11.22 -49.24
C ALA N 190 13.19 11.59 -49.28
N GLN N 191 12.31 10.57 -49.24
CA GLN N 191 10.88 10.85 -49.27
C GLN N 191 10.43 11.60 -48.02
N ILE N 192 10.94 11.20 -46.85
CA ILE N 192 10.61 11.92 -45.61
C ILE N 192 11.13 13.35 -45.68
N TYR N 193 12.35 13.53 -46.17
CA TYR N 193 12.94 14.85 -46.29
C TYR N 193 12.10 15.76 -47.17
N THR N 194 11.75 15.28 -48.37
CA THR N 194 10.98 16.09 -49.30
C THR N 194 9.54 16.29 -48.81
N ALA N 195 9.00 15.34 -48.05
CA ALA N 195 7.70 15.53 -47.42
C ALA N 195 7.75 16.70 -46.45
N MET N 196 8.62 16.63 -45.45
CA MET N 196 8.67 17.66 -44.44
C MET N 196 9.18 18.99 -44.97
N LEU N 197 9.81 19.01 -46.15
CA LEU N 197 10.35 20.25 -46.68
C LEU N 197 9.40 20.95 -47.65
N THR N 198 8.52 20.21 -48.33
CA THR N 198 7.53 20.77 -49.25
C THR N 198 6.18 20.16 -48.88
N GLY N 199 5.42 20.85 -48.04
CA GLY N 199 4.19 20.32 -47.48
C GLY N 199 3.22 19.81 -48.53
N PRO N 200 3.07 18.48 -48.60
CA PRO N 200 2.33 17.87 -49.71
C PRO N 200 0.86 18.27 -49.81
N GLN N 201 0.09 17.94 -48.77
CA GLN N 201 -1.36 18.14 -48.82
C GLN N 201 -1.86 18.11 -47.37
N ASN N 202 -2.32 19.26 -46.88
CA ASN N 202 -2.70 19.45 -45.49
C ASN N 202 -1.56 19.16 -44.52
N MET N 203 -0.35 18.96 -45.03
CA MET N 203 0.84 18.84 -44.21
C MET N 203 1.55 20.18 -44.18
N PRO N 204 1.75 20.79 -43.01
CA PRO N 204 2.39 22.10 -42.96
C PRO N 204 3.81 22.05 -43.52
N LYS N 205 4.20 23.15 -44.17
CA LYS N 205 5.51 23.24 -44.81
C LYS N 205 6.55 23.65 -43.78
N PHE N 206 7.50 22.75 -43.49
CA PHE N 206 8.61 23.06 -42.60
C PHE N 206 9.76 23.55 -43.45
N SER N 207 9.93 24.87 -43.50
CA SER N 207 10.99 25.46 -44.31
C SER N 207 12.36 25.11 -43.73
N ASP N 208 13.39 25.43 -44.51
CA ASP N 208 14.76 25.13 -44.11
C ASP N 208 15.22 25.99 -42.94
N ARG N 209 14.46 27.02 -42.58
CA ARG N 209 14.73 27.79 -41.36
C ARG N 209 13.95 27.24 -40.17
N GLN N 210 12.68 26.90 -40.37
CA GLN N 210 11.88 26.32 -39.31
C GLN N 210 12.44 24.98 -38.85
N LEU N 211 12.84 24.14 -39.80
CA LEU N 211 13.54 22.89 -39.53
C LEU N 211 14.80 22.88 -40.38
N THR N 212 15.92 23.25 -39.77
CA THR N 212 17.22 23.28 -40.44
C THR N 212 17.58 21.88 -40.91
N PRO N 213 18.41 21.73 -41.94
CA PRO N 213 18.67 20.39 -42.49
C PRO N 213 19.19 19.38 -41.49
N ASP N 214 19.92 19.80 -40.45
CA ASP N 214 20.39 18.86 -39.45
C ASP N 214 19.23 18.32 -38.62
N GLU N 215 18.30 19.19 -38.23
CA GLU N 215 17.12 18.73 -37.51
C GLU N 215 16.25 17.84 -38.38
N LYS N 216 16.15 18.16 -39.68
CA LYS N 216 15.45 17.27 -40.60
C LYS N 216 16.13 15.92 -40.68
N ARG N 217 17.46 15.90 -40.68
CA ARG N 217 18.20 14.63 -40.67
C ARG N 217 17.90 13.84 -39.41
N ASP N 218 17.82 14.51 -38.26
CA ASP N 218 17.53 13.82 -37.01
C ASP N 218 16.12 13.25 -37.02
N ILE N 219 15.15 14.00 -37.55
CA ILE N 219 13.78 13.51 -37.64
C ILE N 219 13.72 12.32 -38.59
N VAL N 220 14.45 12.38 -39.69
CA VAL N 220 14.52 11.26 -40.64
C VAL N 220 15.09 10.03 -39.94
N ALA N 221 16.15 10.21 -39.16
CA ALA N 221 16.74 9.10 -38.43
C ALA N 221 15.73 8.49 -37.47
N TYR N 222 15.00 9.32 -36.74
CA TYR N 222 14.01 8.81 -35.80
C TYR N 222 12.93 8.02 -36.51
N VAL N 223 12.42 8.55 -37.63
CA VAL N 223 11.37 7.85 -38.38
C VAL N 223 11.88 6.50 -38.86
N ARG N 224 13.10 6.47 -39.41
CA ARG N 224 13.65 5.22 -39.92
C ARG N 224 13.83 4.19 -38.80
N GLU N 225 14.36 4.63 -37.65
CA GLU N 225 14.55 3.71 -36.54
C GLU N 225 13.23 3.19 -36.01
N SER N 226 12.21 4.05 -35.93
CA SER N 226 10.89 3.61 -35.49
C SER N 226 10.32 2.58 -36.45
N ALA N 227 10.49 2.81 -37.75
CA ALA N 227 9.96 1.86 -38.73
C ALA N 227 10.67 0.51 -38.64
N GLU N 228 12.00 0.53 -38.48
CA GLU N 228 12.77 -0.70 -38.57
C GLU N 228 12.97 -1.42 -37.24
N THR N 229 12.54 -0.84 -36.12
CA THR N 229 12.84 -1.49 -34.85
C THR N 229 11.87 -2.64 -34.57
N PRO N 230 12.34 -3.69 -33.91
CA PRO N 230 11.46 -4.78 -33.48
C PRO N 230 10.70 -4.39 -32.22
N SER N 231 9.83 -5.29 -31.78
CA SER N 231 9.10 -5.14 -30.53
C SER N 231 9.69 -6.08 -29.49
N TYR N 232 9.92 -5.55 -28.28
CA TYR N 232 10.62 -6.31 -27.26
C TYR N 232 9.68 -7.18 -26.44
N GLY N 233 8.46 -6.71 -26.20
CA GLY N 233 7.51 -7.43 -25.38
C GLY N 233 6.68 -8.46 -26.10
N GLY N 234 6.94 -8.72 -27.37
CA GLY N 234 6.13 -9.66 -28.13
C GLY N 234 5.57 -9.02 -29.38
N TYR N 235 4.53 -9.61 -29.95
CA TYR N 235 3.96 -9.08 -31.20
C TYR N 235 3.30 -7.74 -30.94
N GLY N 236 3.90 -6.68 -31.48
CA GLY N 236 3.31 -5.35 -31.40
C GLY N 236 1.97 -5.30 -32.11
N LEU N 237 0.92 -5.00 -31.35
CA LEU N 237 -0.45 -5.07 -31.87
C LEU N 237 -0.75 -3.85 -32.74
N GLY N 238 0.06 -3.68 -33.78
CA GLY N 238 -0.06 -2.55 -34.67
C GLY N 238 0.49 -1.24 -34.14
N GLY N 239 1.01 -1.23 -32.92
CA GLY N 239 1.55 -0.03 -32.33
C GLY N 239 0.55 1.07 -32.05
N PHE N 240 -0.74 0.76 -32.06
CA PHE N 240 -1.78 1.77 -31.91
C PHE N 240 -2.26 1.96 -30.48
N GLY N 241 -1.83 1.09 -29.56
CA GLY N 241 -2.09 1.31 -28.16
C GLY N 241 -3.22 0.47 -27.59
N PRO N 242 -4.02 1.08 -26.73
CA PRO N 242 -4.99 0.30 -25.95
C PRO N 242 -6.13 -0.31 -26.76
N ALA N 243 -6.39 0.17 -27.98
CA ALA N 243 -7.49 -0.42 -28.75
C ALA N 243 -7.17 -1.82 -29.23
N PRO N 244 -6.06 -2.07 -29.94
CA PRO N 244 -5.71 -3.46 -30.28
C PRO N 244 -5.43 -4.31 -29.05
N GLU N 245 -4.94 -3.70 -27.96
CA GLU N 245 -4.72 -4.46 -26.74
C GLU N 245 -6.04 -4.95 -26.15
N GLY N 246 -7.05 -4.09 -26.13
CA GLY N 246 -8.36 -4.53 -25.68
C GLY N 246 -8.97 -5.57 -26.59
N MET N 247 -8.76 -5.42 -27.90
CA MET N 247 -9.23 -6.44 -28.84
C MET N 247 -8.56 -7.78 -28.58
N ALA N 248 -7.25 -7.77 -28.34
CA ALA N 248 -6.53 -9.01 -28.05
C ALA N 248 -6.99 -9.62 -26.74
N MET N 249 -7.28 -8.79 -25.73
CA MET N 249 -7.83 -9.29 -24.49
C MET N 249 -9.16 -9.98 -24.73
N TRP N 250 -10.05 -9.34 -25.50
CA TRP N 250 -11.41 -9.87 -25.63
C TRP N 250 -11.47 -11.08 -26.55
N ILE N 251 -10.57 -11.17 -27.55
CA ILE N 251 -10.68 -12.23 -28.54
C ILE N 251 -9.69 -13.36 -28.33
N ILE N 252 -8.60 -13.14 -27.58
CA ILE N 252 -7.62 -14.19 -27.32
C ILE N 252 -7.62 -14.58 -25.84
N GLY N 253 -7.79 -13.63 -24.94
CA GLY N 253 -7.72 -13.93 -23.52
C GLY N 253 -9.03 -14.40 -22.93
N MET N 254 -10.09 -13.61 -23.13
CA MET N 254 -11.38 -14.00 -22.56
C MET N 254 -12.02 -15.14 -23.34
N VAL N 255 -11.78 -15.22 -24.65
CA VAL N 255 -12.27 -16.38 -25.40
C VAL N 255 -11.62 -17.65 -24.88
N ALA N 256 -10.31 -17.61 -24.64
CA ALA N 256 -9.62 -18.77 -24.07
C ALA N 256 -10.14 -19.09 -22.68
N ALA N 257 -10.35 -18.07 -21.85
CA ALA N 257 -10.84 -18.31 -20.49
C ALA N 257 -12.23 -18.94 -20.50
N ILE N 258 -13.12 -18.43 -21.36
CA ILE N 258 -14.48 -18.95 -21.40
C ILE N 258 -14.51 -20.34 -22.00
N GLY N 259 -13.65 -20.61 -22.99
CA GLY N 259 -13.54 -21.97 -23.50
C GLY N 259 -13.04 -22.95 -22.46
N VAL N 260 -12.08 -22.53 -21.65
CA VAL N 260 -11.58 -23.39 -20.58
C VAL N 260 -12.65 -23.62 -19.53
N ALA N 261 -13.41 -22.59 -19.19
CA ALA N 261 -14.52 -22.74 -18.24
C ALA N 261 -15.58 -23.68 -18.79
N MET N 262 -15.88 -23.58 -20.08
CA MET N 262 -16.86 -24.47 -20.70
C MET N 262 -16.37 -25.92 -20.68
N TRP N 263 -15.07 -26.12 -20.92
CA TRP N 263 -14.52 -27.46 -20.83
C TRP N 263 -14.62 -27.99 -19.40
N ILE N 264 -14.25 -27.18 -18.42
CA ILE N 264 -14.25 -27.64 -17.03
C ILE N 264 -15.67 -27.82 -16.52
N GLY N 265 -16.55 -26.86 -16.79
CA GLY N 265 -17.89 -26.88 -16.24
C GLY N 265 -18.86 -27.67 -17.08
N SER N 266 -20.10 -27.73 -16.62
CA SER N 266 -21.18 -28.45 -17.28
C SER N 266 -22.11 -27.46 -17.97
N ARG N 267 -23.09 -27.99 -18.69
CA ARG N 267 -24.02 -27.18 -19.46
C ARG N 267 -25.40 -27.20 -18.81
N ALA N 268 -26.31 -26.41 -19.40
CA ALA N 268 -27.71 -26.36 -18.99
C ALA N 268 -27.87 -25.93 -17.54
N GLY O 11 -48.82 -6.54 -17.35
CA GLY O 11 -49.52 -7.80 -17.48
C GLY O 11 -49.65 -8.28 -18.91
N VAL O 12 -49.40 -9.57 -19.13
CA VAL O 12 -49.51 -10.19 -20.44
C VAL O 12 -49.84 -11.66 -20.27
N ASP O 13 -50.40 -12.26 -21.30
CA ASP O 13 -50.80 -13.66 -21.30
C ASP O 13 -49.71 -14.53 -21.91
N VAL O 14 -49.89 -15.85 -21.78
CA VAL O 14 -48.87 -16.79 -22.22
C VAL O 14 -49.03 -17.24 -23.65
N GLU O 15 -50.06 -16.76 -24.36
CA GLU O 15 -50.18 -17.07 -25.78
C GLU O 15 -49.23 -16.24 -26.63
N ASP O 16 -48.95 -15.01 -26.21
CA ASP O 16 -48.03 -14.13 -26.92
C ASP O 16 -46.59 -14.34 -26.46
N VAL O 17 -46.38 -14.42 -25.15
CA VAL O 17 -45.09 -14.77 -24.56
C VAL O 17 -45.26 -16.07 -23.80
N PRO O 18 -44.83 -17.21 -24.38
CA PRO O 18 -45.04 -18.51 -23.74
C PRO O 18 -44.65 -18.56 -22.26
N SER O 19 -43.42 -18.23 -21.93
CA SER O 19 -42.98 -18.26 -20.53
C SER O 19 -43.14 -16.91 -19.85
N ALA O 20 -44.36 -16.35 -19.93
CA ALA O 20 -44.64 -15.10 -19.24
C ALA O 20 -44.76 -15.29 -17.73
N GLU O 21 -44.95 -16.53 -17.27
CA GLU O 21 -45.00 -16.82 -15.85
C GLU O 21 -43.61 -16.91 -15.23
N TRP O 22 -42.56 -16.95 -16.04
CA TRP O 22 -41.21 -17.19 -15.54
C TRP O 22 -40.37 -15.92 -15.42
N GLY O 23 -40.79 -14.82 -16.03
CA GLY O 23 -39.99 -13.62 -15.96
C GLY O 23 -40.74 -12.41 -16.47
N TRP O 24 -40.11 -11.25 -16.29
CA TRP O 24 -40.65 -9.97 -16.73
C TRP O 24 -40.72 -9.94 -18.24
N SER O 25 -41.93 -10.01 -18.80
CA SER O 25 -42.10 -10.21 -20.24
C SER O 25 -43.03 -9.20 -20.89
N HIS O 26 -43.41 -8.13 -20.20
CA HIS O 26 -44.27 -7.12 -20.79
C HIS O 26 -43.76 -5.74 -20.43
N MET O 27 -43.70 -4.86 -21.42
CA MET O 27 -43.30 -3.48 -21.23
C MET O 27 -44.43 -2.58 -21.71
N PRO O 28 -44.90 -1.64 -20.88
CA PRO O 28 -46.04 -0.81 -21.28
C PRO O 28 -45.79 -0.08 -22.59
N ILE O 29 -46.80 -0.08 -23.46
CA ILE O 29 -46.65 0.48 -24.80
C ILE O 29 -46.37 1.97 -24.75
N GLY O 30 -46.90 2.64 -23.73
CA GLY O 30 -46.66 4.07 -23.60
C GLY O 30 -45.21 4.42 -23.43
N VAL O 31 -44.45 3.57 -22.75
CA VAL O 31 -43.03 3.84 -22.55
C VAL O 31 -42.29 3.82 -23.88
N MET O 32 -42.57 2.83 -24.74
CA MET O 32 -41.88 2.77 -26.03
C MET O 32 -42.34 3.90 -26.95
N HIS O 33 -43.63 4.23 -26.93
CA HIS O 33 -44.11 5.35 -27.75
C HIS O 33 -43.43 6.65 -27.34
N ILE O 34 -43.42 6.94 -26.03
CA ILE O 34 -42.81 8.18 -25.55
C ILE O 34 -41.32 8.18 -25.80
N GLY O 35 -40.66 7.02 -25.63
CA GLY O 35 -39.24 6.95 -25.89
C GLY O 35 -38.91 7.19 -27.35
N GLY O 36 -39.71 6.65 -28.26
CA GLY O 36 -39.50 6.93 -29.67
C GLY O 36 -39.66 8.40 -29.99
N LEU O 37 -40.71 9.02 -29.46
CA LEU O 37 -40.89 10.45 -29.71
C LEU O 37 -39.75 11.28 -29.12
N LEU O 38 -39.30 10.92 -27.92
CA LEU O 38 -38.18 11.63 -27.30
C LEU O 38 -36.90 11.46 -28.10
N SER O 39 -36.66 10.27 -28.63
CA SER O 39 -35.46 10.03 -29.44
C SER O 39 -35.51 10.82 -30.74
N ALA O 40 -36.69 10.88 -31.36
CA ALA O 40 -36.84 11.72 -32.55
C ALA O 40 -36.59 13.18 -32.22
N ALA O 41 -37.08 13.63 -31.06
CA ALA O 41 -36.83 15.00 -30.63
C ALA O 41 -35.34 15.24 -30.40
N PHE O 42 -34.64 14.27 -29.83
CA PHE O 42 -33.20 14.40 -29.63
C PHE O 42 -32.45 14.51 -30.95
N LEU O 43 -32.84 13.69 -31.92
CA LEU O 43 -32.26 13.78 -33.26
C LEU O 43 -32.50 15.16 -33.86
N LEU O 44 -33.72 15.68 -33.69
CA LEU O 44 -34.02 17.02 -34.19
C LEU O 44 -33.18 18.09 -33.49
N VAL O 45 -33.02 17.97 -32.17
CA VAL O 45 -32.26 18.94 -31.40
C VAL O 45 -30.80 18.96 -31.85
N MET O 46 -30.24 17.78 -32.15
CA MET O 46 -28.85 17.72 -32.59
C MET O 46 -28.59 18.48 -33.90
N MET O 47 -29.64 19.00 -34.54
CA MET O 47 -29.43 19.76 -35.78
C MET O 47 -28.77 21.10 -35.50
N ARG O 48 -29.17 21.78 -34.43
CA ARG O 48 -28.56 23.05 -34.06
C ARG O 48 -27.23 22.78 -33.36
N GLY O 49 -26.16 23.33 -33.90
CA GLY O 49 -24.84 23.03 -33.35
C GLY O 49 -23.78 23.86 -34.04
N ASN O 50 -22.53 23.48 -33.79
CA ASN O 50 -21.37 24.21 -34.29
C ASN O 50 -20.78 23.58 -35.54
N HIS O 51 -21.62 22.99 -36.39
CA HIS O 51 -21.15 22.31 -37.59
C HIS O 51 -21.66 23.04 -38.83
N VAL O 52 -20.85 22.98 -39.89
CA VAL O 52 -21.11 23.75 -41.10
C VAL O 52 -21.71 22.87 -42.19
N GLY O 53 -21.52 21.57 -42.08
CA GLY O 53 -22.10 20.65 -43.06
C GLY O 53 -23.60 20.54 -42.90
N HIS O 54 -24.24 19.98 -43.93
CA HIS O 54 -25.69 19.82 -43.90
C HIS O 54 -26.20 18.50 -44.44
N VAL O 55 -25.32 17.59 -44.90
CA VAL O 55 -25.77 16.24 -45.22
C VAL O 55 -26.24 15.53 -43.96
N GLU O 56 -25.49 15.69 -42.88
CA GLU O 56 -25.90 15.16 -41.58
C GLU O 56 -27.26 15.71 -41.16
N ASP O 57 -27.59 16.93 -41.56
CA ASP O 57 -28.92 17.45 -41.27
C ASP O 57 -29.99 16.62 -41.97
N TRP O 58 -29.77 16.27 -43.24
CA TRP O 58 -30.72 15.41 -43.94
C TRP O 58 -30.81 14.04 -43.29
N PHE O 59 -29.68 13.49 -42.84
CA PHE O 59 -29.73 12.18 -42.18
C PHE O 59 -30.52 12.25 -40.87
N LEU O 60 -30.31 13.32 -40.09
CA LEU O 60 -31.04 13.49 -38.84
C LEU O 60 -32.54 13.62 -39.11
N ILE O 61 -32.90 14.42 -40.11
CA ILE O 61 -34.31 14.60 -40.44
C ILE O 61 -34.92 13.28 -40.89
N GLY O 62 -34.21 12.53 -41.72
CA GLY O 62 -34.73 11.27 -42.21
C GLY O 62 -34.95 10.25 -41.10
N PHE O 63 -33.98 10.13 -40.19
CA PHE O 63 -34.14 9.18 -39.09
C PHE O 63 -35.24 9.62 -38.14
N ALA O 64 -35.34 10.91 -37.85
CA ALA O 64 -36.44 11.39 -37.02
C ALA O 64 -37.78 11.11 -37.71
N ALA O 65 -37.84 11.28 -39.03
CA ALA O 65 -39.07 11.04 -39.76
C ALA O 65 -39.47 9.58 -39.69
N VAL O 66 -38.51 8.66 -39.86
CA VAL O 66 -38.86 7.25 -39.82
C VAL O 66 -39.25 6.82 -38.41
N ILE O 67 -38.60 7.36 -37.38
CA ILE O 67 -38.97 7.03 -36.02
C ILE O 67 -40.39 7.52 -35.71
N VAL O 68 -40.69 8.76 -36.11
CA VAL O 68 -42.02 9.31 -35.86
C VAL O 68 -43.07 8.54 -36.66
N ALA O 69 -42.73 8.14 -37.88
CA ALA O 69 -43.67 7.34 -38.68
C ALA O 69 -43.96 6.00 -38.01
N LEU O 70 -42.93 5.33 -37.49
CA LEU O 70 -43.16 4.07 -36.80
C LEU O 70 -44.01 4.25 -35.56
N VAL O 71 -43.71 5.29 -34.77
CA VAL O 71 -44.47 5.54 -33.55
C VAL O 71 -45.93 5.84 -33.88
N GLY O 72 -46.16 6.69 -34.88
CA GLY O 72 -47.52 7.04 -35.25
C GLY O 72 -48.28 5.86 -35.82
N ARG O 73 -47.63 5.04 -36.64
CA ARG O 73 -48.27 3.84 -37.15
C ARG O 73 -48.69 2.91 -36.02
N ASN O 74 -47.77 2.66 -35.07
CA ASN O 74 -48.11 1.76 -33.97
C ASN O 74 -49.26 2.31 -33.14
N TRP O 75 -49.20 3.60 -32.82
CA TRP O 75 -50.25 4.20 -32.00
C TRP O 75 -51.60 4.17 -32.72
N TRP O 76 -51.59 4.47 -34.02
CA TRP O 76 -52.84 4.45 -34.78
C TRP O 76 -53.43 3.05 -34.84
N LEU O 77 -52.60 2.05 -35.15
CA LEU O 77 -53.11 0.68 -35.26
C LEU O 77 -53.65 0.19 -33.92
N ARG O 78 -52.95 0.50 -32.82
CA ARG O 78 -53.49 0.12 -31.51
C ARG O 78 -54.77 0.88 -31.19
N ARG O 79 -54.94 2.07 -31.77
CA ARG O 79 -56.16 2.84 -31.51
C ARG O 79 -57.37 2.19 -32.15
N ARG O 80 -57.23 1.68 -33.37
CA ARG O 80 -58.34 1.08 -34.10
C ARG O 80 -58.56 -0.38 -33.75
N GLY O 81 -57.74 -0.96 -32.88
CA GLY O 81 -57.87 -2.36 -32.53
C GLY O 81 -57.26 -3.33 -33.50
N TRP O 82 -56.58 -2.84 -34.56
CA TRP O 82 -55.83 -3.74 -35.42
C TRP O 82 -54.69 -4.42 -34.69
N ILE O 83 -54.24 -3.85 -33.57
CA ILE O 83 -53.32 -4.52 -32.65
C ILE O 83 -54.03 -4.62 -31.31
N ARG O 84 -54.24 -5.85 -30.85
CA ARG O 84 -54.89 -6.08 -29.57
C ARG O 84 -53.92 -6.71 -28.58
N SER P 28 -35.49 5.64 -96.24
CA SER P 28 -34.09 5.80 -96.59
C SER P 28 -33.34 6.62 -95.55
N ASP P 29 -34.03 7.65 -95.02
CA ASP P 29 -33.42 8.56 -94.06
C ASP P 29 -33.83 8.29 -92.62
N ALA P 30 -34.87 7.49 -92.40
CA ALA P 30 -35.34 7.18 -91.05
C ALA P 30 -35.00 5.77 -90.60
N LEU P 31 -34.69 4.87 -91.53
CA LEU P 31 -34.35 3.50 -91.17
C LEU P 31 -32.97 3.37 -90.55
N ALA P 32 -32.11 4.38 -90.73
CA ALA P 32 -30.77 4.32 -90.17
C ALA P 32 -30.76 4.52 -88.66
N LEU P 33 -31.87 5.00 -88.10
CA LEU P 33 -32.05 5.11 -86.65
C LEU P 33 -30.99 6.00 -86.00
N GLY P 34 -30.57 7.04 -86.72
CA GLY P 34 -29.64 8.02 -86.21
C GLY P 34 -28.25 7.96 -86.80
N TRP P 35 -27.89 6.86 -87.45
CA TRP P 35 -26.64 6.71 -88.19
C TRP P 35 -26.36 7.91 -89.08
N PRO P 36 -25.31 8.67 -88.78
CA PRO P 36 -24.95 9.79 -89.66
C PRO P 36 -24.48 9.28 -91.01
N THR P 37 -24.77 10.05 -92.06
CA THR P 37 -24.22 9.72 -93.36
C THR P 37 -22.70 9.78 -93.29
N GLY P 38 -22.05 8.73 -93.78
CA GLY P 38 -20.61 8.64 -93.66
C GLY P 38 -19.90 9.69 -94.49
N ILE P 39 -18.65 9.94 -94.13
CA ILE P 39 -17.76 10.79 -94.90
C ILE P 39 -16.64 9.99 -95.56
N THR P 40 -16.60 8.69 -95.31
CA THR P 40 -15.62 7.78 -95.88
C THR P 40 -16.35 6.67 -96.59
N PRO P 41 -15.73 6.05 -97.62
CA PRO P 41 -16.42 4.96 -98.33
C PRO P 41 -16.70 3.75 -97.46
N GLU P 42 -15.78 3.44 -96.55
CA GLU P 42 -16.01 2.35 -95.60
C GLU P 42 -17.25 2.64 -94.77
N ALA P 43 -17.42 3.89 -94.34
CA ALA P 43 -18.61 4.28 -93.60
C ALA P 43 -19.86 4.16 -94.46
N LYS P 44 -19.74 4.48 -95.76
CA LYS P 44 -20.88 4.32 -96.66
C LYS P 44 -21.33 2.87 -96.73
N LEU P 45 -20.38 1.96 -96.91
CA LEU P 45 -20.73 0.53 -96.98
C LEU P 45 -21.28 0.04 -95.66
N ASN P 46 -20.70 0.49 -94.54
CA ASN P 46 -21.20 0.09 -93.23
C ASN P 46 -22.63 0.59 -93.01
N ARG P 47 -22.94 1.81 -93.46
CA ARG P 47 -24.30 2.33 -93.30
C ARG P 47 -25.27 1.55 -94.19
N GLU P 48 -24.84 1.17 -95.39
CA GLU P 48 -25.67 0.33 -96.23
C GLU P 48 -26.00 -0.99 -95.54
N LEU P 49 -24.98 -1.63 -94.96
CA LEU P 49 -25.18 -2.87 -94.24
C LEU P 49 -26.11 -2.67 -93.05
N TRP P 50 -25.94 -1.58 -92.31
CA TRP P 50 -26.80 -1.32 -91.17
C TRP P 50 -28.25 -1.15 -91.58
N ILE P 51 -28.49 -0.43 -92.68
CA ILE P 51 -29.87 -0.18 -93.09
C ILE P 51 -30.52 -1.47 -93.58
N GLY P 52 -29.77 -2.29 -94.34
CA GLY P 52 -30.30 -3.59 -94.72
C GLY P 52 -30.59 -4.48 -93.53
N SER P 53 -29.69 -4.47 -92.55
CA SER P 53 -29.88 -5.31 -91.36
C SER P 53 -31.08 -4.84 -90.55
N VAL P 54 -31.28 -3.53 -90.45
CA VAL P 54 -32.46 -3.01 -89.77
C VAL P 54 -33.72 -3.44 -90.49
N ILE P 55 -33.69 -3.42 -91.83
CA ILE P 55 -34.83 -3.90 -92.61
C ILE P 55 -35.15 -5.35 -92.26
N ALA P 56 -34.12 -6.20 -92.27
CA ALA P 56 -34.35 -7.62 -92.01
C ALA P 56 -34.83 -7.86 -90.58
N SER P 57 -34.23 -7.17 -89.61
CA SER P 57 -34.62 -7.35 -88.21
C SER P 57 -36.03 -6.85 -87.98
N PHE P 58 -36.42 -5.74 -88.61
CA PHE P 58 -37.78 -5.25 -88.48
C PHE P 58 -38.76 -6.21 -89.14
N ALA P 59 -38.37 -6.86 -90.23
CA ALA P 59 -39.23 -7.87 -90.84
C ALA P 59 -39.47 -9.03 -89.88
N VAL P 60 -38.38 -9.56 -89.29
CA VAL P 60 -38.50 -10.67 -88.35
C VAL P 60 -39.36 -10.27 -87.15
N GLY P 61 -39.09 -9.08 -86.60
CA GLY P 61 -39.86 -8.62 -85.47
C GLY P 61 -41.33 -8.42 -85.81
N ALA P 62 -41.61 -7.93 -87.02
CA ALA P 62 -42.99 -7.78 -87.45
C ALA P 62 -43.69 -9.14 -87.48
N ILE P 63 -43.02 -10.15 -88.04
CA ILE P 63 -43.62 -11.49 -88.07
C ILE P 63 -43.94 -11.98 -86.66
N VAL P 64 -42.95 -11.88 -85.76
CA VAL P 64 -43.12 -12.47 -84.43
C VAL P 64 -44.15 -11.68 -83.61
N TRP P 65 -44.06 -10.35 -83.64
CA TRP P 65 -45.06 -9.52 -82.97
C TRP P 65 -46.45 -9.74 -83.55
N GLY P 66 -46.54 -9.98 -84.86
CA GLY P 66 -47.82 -10.31 -85.46
C GLY P 66 -48.39 -11.59 -84.91
N LEU P 67 -47.55 -12.61 -84.76
CA LEU P 67 -48.02 -13.85 -84.14
C LEU P 67 -48.50 -13.61 -82.71
N ILE P 68 -47.72 -12.83 -81.94
CA ILE P 68 -48.08 -12.58 -80.54
C ILE P 68 -49.42 -11.86 -80.45
N PHE P 69 -49.58 -10.78 -81.22
CA PHE P 69 -50.81 -10.00 -81.14
C PHE P 69 -51.99 -10.71 -81.80
N TRP P 70 -51.72 -11.57 -82.78
CA TRP P 70 -52.78 -12.41 -83.34
C TRP P 70 -53.30 -13.39 -82.30
N THR P 71 -52.41 -13.98 -81.52
CA THR P 71 -52.82 -14.90 -80.48
C THR P 71 -53.44 -14.18 -79.29
N SER P 72 -53.07 -12.92 -79.06
CA SER P 72 -53.61 -12.19 -77.91
C SER P 72 -54.95 -11.55 -78.24
N ALA P 73 -55.14 -11.08 -79.47
CA ALA P 73 -56.40 -10.41 -79.83
C ALA P 73 -57.52 -11.42 -80.02
N PHE P 74 -57.36 -12.32 -80.98
CA PHE P 74 -58.22 -13.49 -81.07
C PHE P 74 -57.65 -14.56 -80.15
N HIS P 75 -58.19 -15.77 -80.23
CA HIS P 75 -57.76 -16.93 -79.45
C HIS P 75 -57.98 -16.75 -77.96
N ARG P 76 -58.57 -15.64 -77.51
CA ARG P 76 -58.86 -15.47 -76.11
C ARG P 76 -59.96 -16.45 -75.67
N LYS P 77 -60.18 -16.50 -74.37
CA LYS P 77 -61.32 -17.26 -73.85
C LYS P 77 -62.62 -16.53 -74.16
N LYS P 78 -63.64 -17.30 -74.47
CA LYS P 78 -64.96 -16.77 -74.77
C LYS P 78 -65.99 -17.44 -73.88
N ALA P 79 -67.23 -16.93 -73.93
CA ALA P 79 -68.26 -17.44 -73.05
C ALA P 79 -68.79 -18.80 -73.48
N THR P 80 -68.60 -19.19 -74.73
CA THR P 80 -69.28 -20.35 -75.30
C THR P 80 -68.40 -21.59 -75.38
N ASP P 81 -67.26 -21.62 -74.70
CA ASP P 81 -66.41 -22.81 -74.69
C ASP P 81 -66.40 -23.43 -73.30
N THR P 82 -66.77 -24.71 -73.22
CA THR P 82 -66.72 -25.48 -71.99
C THR P 82 -65.70 -26.60 -72.03
N GLU P 83 -65.16 -26.91 -73.22
CA GLU P 83 -64.19 -27.98 -73.38
C GLU P 83 -62.80 -27.37 -73.56
N LEU P 84 -61.82 -27.94 -72.88
CA LEU P 84 -60.45 -27.48 -73.03
C LEU P 84 -59.98 -27.73 -74.46
N PRO P 85 -59.00 -26.95 -74.95
CA PRO P 85 -58.63 -27.04 -76.37
C PRO P 85 -58.01 -28.37 -76.74
N ARG P 86 -57.65 -28.52 -78.01
CA ARG P 86 -56.84 -29.65 -78.43
C ARG P 86 -55.49 -29.59 -77.73
N GLN P 87 -55.12 -30.68 -77.07
CA GLN P 87 -53.92 -30.70 -76.22
C GLN P 87 -52.67 -31.05 -77.03
N PHE P 88 -52.44 -30.31 -78.10
CA PHE P 88 -51.34 -30.62 -79.02
C PHE P 88 -50.06 -29.90 -78.59
N GLY P 89 -48.96 -30.65 -78.59
CA GLY P 89 -47.68 -30.11 -78.17
C GLY P 89 -46.52 -30.56 -79.03
N TYR P 90 -46.79 -30.98 -80.27
CA TYR P 90 -45.74 -31.42 -81.17
C TYR P 90 -46.22 -31.25 -82.61
N ASN P 91 -45.44 -30.51 -83.40
CA ASN P 91 -45.75 -30.25 -84.80
C ASN P 91 -44.48 -30.41 -85.64
N MET P 92 -43.82 -31.55 -85.48
CA MET P 92 -42.45 -31.85 -85.91
C MET P 92 -42.01 -31.20 -87.22
N PRO P 93 -42.75 -31.31 -88.32
CA PRO P 93 -42.30 -30.63 -89.55
C PRO P 93 -42.16 -29.13 -89.39
N LEU P 94 -43.08 -28.49 -88.65
CA LEU P 94 -42.97 -27.06 -88.42
C LEU P 94 -41.74 -26.74 -87.58
N GLU P 95 -41.41 -27.61 -86.62
CA GLU P 95 -40.21 -27.39 -85.83
C GLU P 95 -38.96 -27.50 -86.68
N LEU P 96 -38.91 -28.48 -87.59
CA LEU P 96 -37.77 -28.59 -88.49
C LEU P 96 -37.63 -27.36 -89.36
N THR P 97 -38.75 -26.89 -89.92
CA THR P 97 -38.70 -25.71 -90.80
C THR P 97 -38.26 -24.47 -90.03
N LEU P 98 -38.82 -24.27 -88.84
CA LEU P 98 -38.50 -23.10 -88.02
C LEU P 98 -37.15 -23.20 -87.36
N THR P 99 -36.50 -24.37 -87.42
CA THR P 99 -35.10 -24.44 -87.03
C THR P 99 -34.18 -24.19 -88.22
N VAL P 100 -34.58 -24.64 -89.41
CA VAL P 100 -33.76 -24.40 -90.60
C VAL P 100 -33.70 -22.92 -90.92
N ILE P 101 -34.84 -22.22 -90.86
CA ILE P 101 -34.91 -20.86 -91.40
C ILE P 101 -33.95 -19.89 -90.71
N PRO P 102 -33.89 -19.82 -89.37
CA PRO P 102 -32.92 -18.91 -88.74
C PRO P 102 -31.48 -19.17 -89.17
N PHE P 103 -31.13 -20.42 -89.46
CA PHE P 103 -29.76 -20.72 -89.88
C PHE P 103 -29.45 -20.06 -91.22
N LEU P 104 -30.36 -20.11 -92.17
CA LEU P 104 -30.10 -19.44 -93.44
C LEU P 104 -30.11 -17.94 -93.30
N ILE P 105 -30.98 -17.39 -92.43
CA ILE P 105 -30.99 -15.94 -92.23
C ILE P 105 -29.66 -15.47 -91.65
N ILE P 106 -29.16 -16.17 -90.62
CA ILE P 106 -27.89 -15.77 -90.04
C ILE P 106 -26.75 -16.04 -91.03
N SER P 107 -26.89 -17.03 -91.90
CA SER P 107 -25.86 -17.26 -92.91
C SER P 107 -25.75 -16.08 -93.86
N VAL P 108 -26.89 -15.55 -94.31
CA VAL P 108 -26.87 -14.37 -95.17
C VAL P 108 -26.24 -13.20 -94.43
N LEU P 109 -26.66 -12.99 -93.17
CA LEU P 109 -26.11 -11.88 -92.41
C LEU P 109 -24.61 -12.05 -92.19
N PHE P 110 -24.16 -13.27 -91.95
CA PHE P 110 -22.74 -13.55 -91.75
C PHE P 110 -21.94 -13.31 -93.01
N TYR P 111 -22.48 -13.69 -94.18
CA TYR P 111 -21.76 -13.45 -95.42
C TYR P 111 -21.56 -11.95 -95.64
N PHE P 112 -22.64 -11.17 -95.51
CA PHE P 112 -22.52 -9.73 -95.70
C PHE P 112 -21.61 -9.11 -94.65
N THR P 113 -21.70 -9.60 -93.41
CA THR P 113 -20.86 -9.11 -92.33
C THR P 113 -19.38 -9.33 -92.62
N VAL P 114 -19.03 -10.53 -93.05
CA VAL P 114 -17.62 -10.84 -93.34
C VAL P 114 -17.13 -10.00 -94.51
N VAL P 115 -17.94 -9.85 -95.56
CA VAL P 115 -17.53 -9.04 -96.70
C VAL P 115 -17.25 -7.60 -96.26
N VAL P 116 -18.19 -7.01 -95.52
CA VAL P 116 -18.01 -5.62 -95.09
C VAL P 116 -16.80 -5.50 -94.16
N GLN P 117 -16.64 -6.46 -93.25
CA GLN P 117 -15.56 -6.38 -92.27
C GLN P 117 -14.19 -6.48 -92.95
N GLU P 118 -14.07 -7.35 -93.95
CA GLU P 118 -12.81 -7.38 -94.70
C GLU P 118 -12.63 -6.11 -95.52
N ARG P 119 -13.72 -5.51 -96.00
CA ARG P 119 -13.62 -4.22 -96.66
C ARG P 119 -13.17 -3.12 -95.71
N MET P 120 -13.40 -3.29 -94.41
CA MET P 120 -13.19 -2.21 -93.45
C MET P 120 -11.84 -2.28 -92.76
N MET P 121 -11.26 -3.46 -92.61
CA MET P 121 -9.92 -3.63 -92.06
C MET P 121 -9.04 -4.13 -93.20
N HIS P 122 -8.46 -3.20 -93.96
CA HIS P 122 -7.67 -3.52 -95.14
C HIS P 122 -6.20 -3.16 -94.99
N LYS P 123 -5.91 -1.92 -94.62
CA LYS P 123 -4.54 -1.43 -94.38
C LYS P 123 -3.67 -1.59 -95.63
N ASP P 124 -4.03 -0.83 -96.66
CA ASP P 124 -3.17 -0.72 -97.84
C ASP P 124 -1.82 -0.15 -97.43
N PRO P 125 -0.70 -0.71 -97.91
CA PRO P 125 0.61 -0.41 -97.32
C PRO P 125 1.19 0.94 -97.68
N ASN P 126 0.50 1.79 -98.45
CA ASN P 126 1.04 3.09 -98.85
C ASN P 126 0.01 4.19 -98.57
N PRO P 127 -0.18 4.53 -97.30
CA PRO P 127 -1.05 5.66 -96.97
C PRO P 127 -0.43 6.98 -97.41
N GLU P 128 -1.30 7.93 -97.76
CA GLU P 128 -0.81 9.27 -98.05
C GLU P 128 -0.32 9.98 -96.79
N VAL P 129 -1.10 9.91 -95.71
CA VAL P 129 -0.80 10.58 -94.46
C VAL P 129 -0.86 9.56 -93.33
N VAL P 130 0.04 9.70 -92.36
CA VAL P 130 0.06 8.87 -91.16
C VAL P 130 -0.05 9.79 -89.95
N ILE P 131 -1.01 9.50 -89.07
CA ILE P 131 -1.23 10.28 -87.86
C ILE P 131 -1.00 9.36 -86.67
N ASP P 132 -0.14 9.79 -85.74
CA ASP P 132 0.18 9.02 -84.56
C ASP P 132 -0.73 9.48 -83.43
N VAL P 133 -1.95 8.94 -83.42
CA VAL P 133 -2.91 9.29 -82.38
C VAL P 133 -2.42 8.74 -81.06
N THR P 134 -2.18 9.63 -80.11
CA THR P 134 -1.83 9.27 -78.74
C THR P 134 -2.94 9.73 -77.83
N ALA P 135 -3.47 8.83 -77.03
CA ALA P 135 -4.53 9.17 -76.09
C ALA P 135 -3.97 9.04 -74.69
N PHE P 136 -3.88 10.16 -73.97
CA PHE P 136 -3.45 10.13 -72.58
C PHE P 136 -4.63 10.61 -71.75
N GLN P 137 -4.49 10.50 -70.42
CA GLN P 137 -5.70 10.64 -69.63
C GLN P 137 -6.32 12.01 -69.80
N TRP P 138 -7.38 12.00 -70.58
CA TRP P 138 -8.35 13.03 -70.84
C TRP P 138 -7.80 14.11 -71.79
N ASN P 139 -6.97 13.72 -72.75
CA ASN P 139 -6.69 14.48 -73.97
C ASN P 139 -5.98 13.60 -74.99
N TRP P 140 -5.79 14.18 -76.18
CA TRP P 140 -5.24 13.52 -77.36
C TRP P 140 -3.97 14.23 -77.83
N LYS P 141 -3.31 13.61 -78.81
CA LYS P 141 -2.10 14.15 -79.41
C LYS P 141 -1.99 13.59 -80.83
N PHE P 142 -1.97 14.47 -81.82
CA PHE P 142 -1.85 14.08 -83.22
C PHE P 142 -0.49 14.52 -83.76
N GLY P 143 0.22 13.61 -84.41
CA GLY P 143 1.63 13.80 -84.69
C GLY P 143 2.06 14.11 -86.10
N TYR P 144 1.33 13.61 -87.11
CA TYR P 144 1.75 13.73 -88.51
C TYR P 144 3.11 13.06 -88.73
N GLN P 145 3.14 11.74 -88.52
CA GLN P 145 4.39 11.01 -88.62
C GLN P 145 4.97 11.05 -90.03
N LYS P 146 4.15 10.70 -91.02
CA LYS P 146 4.62 10.66 -92.40
C LYS P 146 3.52 11.17 -93.32
N ILE P 147 3.92 12.00 -94.28
CA ILE P 147 3.03 12.50 -95.31
C ILE P 147 3.68 12.26 -96.65
N ALA P 148 3.01 11.49 -97.51
CA ALA P 148 3.54 11.16 -98.84
C ALA P 148 2.36 11.16 -99.81
N PHE P 149 2.13 12.29 -100.46
CA PHE P 149 1.05 12.40 -101.43
C PHE P 149 1.33 11.51 -102.63
N ALA P 150 0.26 10.91 -103.18
CA ALA P 150 0.42 10.01 -104.32
C ALA P 150 0.95 10.73 -105.54
N ASP P 151 0.45 11.93 -105.81
CA ASP P 151 0.80 12.68 -107.00
C ASP P 151 2.21 13.26 -106.96
N GLY P 152 3.04 12.95 -105.96
CA GLY P 152 4.35 13.54 -105.87
C GLY P 152 4.33 15.04 -105.72
N SER P 153 3.46 15.55 -104.86
CA SER P 153 3.30 16.98 -104.67
C SER P 153 3.61 17.45 -103.26
N PHE P 154 3.80 16.53 -102.32
CA PHE P 154 4.12 16.92 -100.95
C PHE P 154 4.71 15.73 -100.22
N ASP P 155 5.74 15.97 -99.42
CA ASP P 155 6.44 14.91 -98.71
C ASP P 155 6.99 15.48 -97.40
N TYR P 156 6.80 14.73 -96.32
CA TYR P 156 7.26 15.18 -95.01
C TYR P 156 7.47 13.97 -94.12
N ASP P 157 8.67 13.85 -93.56
CA ASP P 157 9.02 12.76 -92.66
C ASP P 157 9.09 13.33 -91.24
N GLY P 158 7.99 13.22 -90.51
CA GLY P 158 7.92 13.72 -89.15
C GLY P 158 8.39 12.75 -88.09
N ALA P 159 8.78 11.52 -88.49
CA ALA P 159 9.25 10.54 -87.52
C ALA P 159 10.42 11.10 -86.72
N ASP P 160 10.31 11.00 -85.39
CA ASP P 160 11.23 11.67 -84.48
C ASP P 160 11.81 10.65 -83.51
N PRO P 161 12.77 9.84 -83.96
CA PRO P 161 13.33 8.79 -83.09
C PRO P 161 14.19 9.32 -81.95
N GLU P 162 14.72 10.54 -82.05
CA GLU P 162 15.59 11.06 -81.01
C GLU P 162 14.85 11.18 -79.68
N ARG P 163 13.69 11.85 -79.69
CA ARG P 163 12.91 11.99 -78.46
C ARG P 163 12.34 10.65 -78.02
N LYS P 164 12.05 9.77 -78.97
CA LYS P 164 11.55 8.44 -78.65
C LYS P 164 12.57 7.66 -77.82
N GLU P 165 13.82 7.62 -78.29
CA GLU P 165 14.86 6.94 -77.51
C GLU P 165 15.21 7.72 -76.25
N ALA P 166 15.03 9.04 -76.25
CA ALA P 166 15.16 9.81 -75.02
C ALA P 166 14.03 9.54 -74.04
N MET P 167 12.98 8.86 -74.47
CA MET P 167 11.83 8.53 -73.63
C MET P 167 11.70 7.02 -73.44
N THR P 168 12.83 6.34 -73.21
CA THR P 168 12.84 4.90 -73.04
C THR P 168 12.42 4.50 -71.63
N ARG P 193 8.43 3.64 -71.97
CA ARG P 193 7.33 4.04 -72.86
C ARG P 193 7.80 4.12 -74.31
N THR P 194 8.71 3.21 -74.68
CA THR P 194 9.25 3.22 -76.04
C THR P 194 8.17 2.96 -77.08
N TYR P 195 7.09 2.28 -76.69
CA TYR P 195 6.01 1.99 -77.62
C TYR P 195 5.32 3.25 -78.12
N LEU P 196 5.48 4.37 -77.43
CA LEU P 196 4.86 5.62 -77.84
C LEU P 196 5.67 6.27 -78.96
N ASN P 197 4.96 6.83 -79.93
CA ASN P 197 5.57 7.40 -81.13
C ASN P 197 5.56 8.91 -81.04
N PHE P 198 6.71 9.52 -81.27
CA PHE P 198 6.88 10.96 -81.21
C PHE P 198 7.11 11.52 -82.61
N ASP P 199 6.54 12.69 -82.87
CA ASP P 199 6.67 13.36 -84.15
C ASP P 199 7.00 14.83 -83.93
N LYS P 200 7.44 15.48 -85.01
CA LYS P 200 7.81 16.90 -84.90
C LYS P 200 6.58 17.78 -84.73
N ILE P 201 5.68 17.77 -85.72
CA ILE P 201 4.53 18.67 -85.72
C ILE P 201 3.42 17.99 -84.92
N GLU P 202 3.46 18.18 -83.61
CA GLU P 202 2.44 17.59 -82.76
C GLU P 202 1.27 18.54 -82.60
N THR P 203 0.18 18.02 -82.01
CA THR P 203 -1.01 18.82 -81.72
C THR P 203 -1.54 18.35 -80.36
N LEU P 204 -1.09 19.03 -79.31
CA LEU P 204 -1.53 18.69 -77.96
C LEU P 204 -2.85 19.37 -77.63
N GLY P 205 -3.80 18.61 -77.13
CA GLY P 205 -4.98 19.16 -76.52
C GLY P 205 -4.77 19.38 -75.03
N THR P 206 -5.42 20.40 -74.50
CA THR P 206 -5.31 20.74 -73.09
C THR P 206 -6.71 20.81 -72.49
N SER P 207 -6.75 20.84 -71.15
CA SER P 207 -8.01 20.97 -70.45
C SER P 207 -8.76 22.25 -70.82
N SER P 208 -8.12 23.18 -71.53
CA SER P 208 -8.77 24.39 -72.01
C SER P 208 -8.62 24.56 -73.52
N GLU P 209 -8.28 23.49 -74.23
CA GLU P 209 -8.15 23.55 -75.68
C GLU P 209 -8.42 22.18 -76.28
N ILE P 210 -9.27 22.15 -77.32
CA ILE P 210 -9.66 20.92 -77.98
C ILE P 210 -8.78 20.75 -79.22
N PRO P 211 -7.99 19.68 -79.31
CA PRO P 211 -7.09 19.54 -80.46
C PRO P 211 -7.85 19.34 -81.76
N VAL P 212 -7.44 20.07 -82.78
CA VAL P 212 -8.09 20.03 -84.08
C VAL P 212 -7.18 19.26 -85.03
N LEU P 213 -7.56 18.02 -85.35
CA LEU P 213 -6.81 17.19 -86.28
C LEU P 213 -7.12 17.66 -87.70
N VAL P 214 -6.11 18.19 -88.39
CA VAL P 214 -6.27 18.71 -89.74
C VAL P 214 -5.82 17.64 -90.71
N LEU P 215 -6.74 17.22 -91.59
CA LEU P 215 -6.45 16.21 -92.58
C LEU P 215 -6.81 16.71 -93.97
N PRO P 216 -6.15 16.22 -95.01
CA PRO P 216 -6.57 16.55 -96.38
C PRO P 216 -7.86 15.84 -96.75
N ALA P 217 -8.37 16.09 -97.95
CA ALA P 217 -9.61 15.48 -98.42
C ALA P 217 -9.31 14.61 -99.64
N GLY P 218 -9.83 13.40 -99.63
CA GLY P 218 -9.63 12.47 -100.72
C GLY P 218 -8.32 11.70 -100.67
N LYS P 219 -7.48 11.95 -99.68
CA LYS P 219 -6.22 11.24 -99.53
C LYS P 219 -6.38 10.12 -98.52
N ARG P 220 -5.74 8.99 -98.79
CA ARG P 220 -5.82 7.83 -97.90
C ARG P 220 -5.06 8.09 -96.60
N ILE P 221 -5.79 8.18 -95.49
CA ILE P 221 -5.22 8.51 -94.20
C ILE P 221 -5.03 7.24 -93.39
N GLU P 222 -4.07 7.27 -92.47
CA GLU P 222 -3.81 6.16 -91.56
C GLU P 222 -3.71 6.70 -90.14
N PHE P 223 -4.30 5.97 -89.20
CA PHE P 223 -4.21 6.31 -87.79
C PHE P 223 -3.53 5.17 -87.06
N VAL P 224 -2.46 5.49 -86.33
CA VAL P 224 -1.78 4.56 -85.44
C VAL P 224 -2.12 4.98 -84.02
N LEU P 225 -2.78 4.11 -83.28
CA LEU P 225 -3.34 4.46 -81.98
C LEU P 225 -2.48 3.90 -80.86
N ASN P 226 -2.02 4.78 -79.98
CA ASN P 226 -1.28 4.37 -78.80
C ASN P 226 -1.77 5.17 -77.60
N SER P 227 -1.61 4.60 -76.42
CA SER P 227 -2.13 5.20 -75.20
C SER P 227 -1.03 5.26 -74.15
N ALA P 228 -1.00 6.35 -73.39
CA ALA P 228 0.06 6.53 -72.41
C ALA P 228 -0.13 5.58 -71.23
N ASP P 229 -1.31 5.61 -70.59
CA ASP P 229 -1.53 4.80 -69.39
C ASP P 229 -2.69 3.82 -69.52
N VAL P 230 -3.89 4.25 -69.90
CA VAL P 230 -5.05 3.36 -69.85
C VAL P 230 -5.70 3.23 -71.22
N ILE P 231 -6.76 2.44 -71.30
CA ILE P 231 -7.50 2.26 -72.55
C ILE P 231 -8.36 3.49 -72.79
N HIS P 232 -8.33 3.99 -74.02
CA HIS P 232 -9.20 5.08 -74.42
C HIS P 232 -9.98 4.67 -75.66
N GLY P 233 -10.84 5.56 -76.14
CA GLY P 233 -11.62 5.22 -77.32
C GLY P 233 -11.50 6.22 -78.44
N PHE P 234 -11.04 5.77 -79.61
CA PHE P 234 -11.02 6.60 -80.80
C PHE P 234 -12.31 6.38 -81.57
N TRP P 235 -13.23 7.33 -81.44
CA TRP P 235 -14.48 7.33 -82.20
C TRP P 235 -14.69 8.67 -82.87
N VAL P 236 -14.85 8.65 -84.18
CA VAL P 236 -15.32 9.81 -84.93
C VAL P 236 -16.66 9.42 -85.53
N PRO P 237 -17.78 9.74 -84.85
CA PRO P 237 -19.10 9.24 -85.29
C PRO P 237 -19.37 9.34 -86.78
N GLU P 238 -18.74 10.30 -87.46
CA GLU P 238 -18.92 10.40 -88.91
C GLU P 238 -18.18 9.30 -89.65
N PHE P 239 -17.04 8.85 -89.13
CA PHE P 239 -16.36 7.69 -89.72
C PHE P 239 -17.15 6.41 -89.60
N LEU P 240 -18.19 6.37 -88.75
CA LEU P 240 -18.99 5.17 -88.51
C LEU P 240 -18.11 4.00 -88.08
N PHE P 241 -17.00 4.31 -87.42
CA PHE P 241 -16.02 3.32 -87.00
C PHE P 241 -15.33 3.83 -85.76
N LYS P 242 -14.96 2.90 -84.88
CA LYS P 242 -14.20 3.25 -83.69
C LYS P 242 -13.26 2.12 -83.35
N ARG P 243 -12.27 2.44 -82.53
CA ARG P 243 -11.28 1.46 -82.10
C ARG P 243 -10.86 1.80 -80.67
N ASP P 244 -10.31 0.80 -79.99
CA ASP P 244 -9.83 0.98 -78.63
C ASP P 244 -8.35 1.30 -78.67
N VAL P 245 -7.97 2.40 -78.00
CA VAL P 245 -6.59 2.85 -77.92
C VAL P 245 -6.00 2.22 -76.67
N LEU P 246 -5.28 1.12 -76.86
CA LEU P 246 -4.69 0.30 -75.80
C LEU P 246 -3.31 0.80 -75.44
N PRO P 247 -2.88 0.61 -74.18
CA PRO P 247 -1.53 1.01 -73.80
C PRO P 247 -0.44 0.32 -74.61
N GLU P 248 -0.42 -1.01 -74.59
CA GLU P 248 0.64 -1.76 -75.23
C GLU P 248 0.05 -2.62 -76.36
N PRO P 249 -0.27 -2.03 -77.52
CA PRO P 249 -0.96 -2.80 -78.55
C PRO P 249 -0.22 -4.04 -79.02
N LYS P 250 1.11 -3.97 -79.14
CA LYS P 250 1.85 -5.11 -79.68
C LYS P 250 1.95 -6.25 -78.67
N ALA P 251 2.08 -5.92 -77.38
CA ALA P 251 2.15 -6.97 -76.36
C ALA P 251 0.82 -7.70 -76.23
N ASN P 252 -0.28 -6.98 -76.32
CA ASN P 252 -1.61 -7.56 -76.24
C ASN P 252 -2.12 -8.07 -77.57
N ASN P 253 -1.30 -8.02 -78.62
CA ASN P 253 -1.64 -8.53 -79.95
C ASN P 253 -2.86 -7.79 -80.53
N SER P 254 -2.72 -6.48 -80.66
CA SER P 254 -3.80 -5.62 -81.12
C SER P 254 -3.42 -4.91 -82.41
N ASP P 255 -4.42 -4.65 -83.24
CA ASP P 255 -4.25 -3.83 -84.44
C ASP P 255 -4.46 -2.38 -84.04
N ASN P 256 -3.37 -1.67 -83.76
CA ASN P 256 -3.46 -0.26 -83.40
C ASN P 256 -3.52 0.65 -84.62
N VAL P 257 -3.41 0.09 -85.83
CA VAL P 257 -3.35 0.85 -87.06
C VAL P 257 -4.61 0.58 -87.86
N PHE P 258 -5.28 1.65 -88.29
CA PHE P 258 -6.42 1.49 -89.18
C PHE P 258 -6.45 2.62 -90.20
N GLN P 259 -6.94 2.32 -91.39
CA GLN P 259 -6.82 3.20 -92.54
C GLN P 259 -8.19 3.60 -93.08
N VAL P 260 -8.24 4.83 -93.59
CA VAL P 260 -9.40 5.36 -94.30
C VAL P 260 -8.98 5.64 -95.73
N SER P 261 -9.77 5.12 -96.69
CA SER P 261 -9.39 5.24 -98.09
C SER P 261 -9.39 6.68 -98.56
N GLU P 262 -10.38 7.47 -98.12
CA GLU P 262 -10.51 8.87 -98.50
C GLU P 262 -11.68 9.47 -97.73
N ILE P 263 -11.71 10.79 -97.65
CA ILE P 263 -12.75 11.52 -96.94
C ILE P 263 -13.45 12.44 -97.94
N GLN P 264 -14.70 12.11 -98.28
CA GLN P 264 -15.40 12.85 -99.32
C GLN P 264 -15.64 14.31 -98.96
N GLN P 265 -15.79 14.63 -97.68
CA GLN P 265 -16.25 15.94 -97.28
C GLN P 265 -15.16 16.73 -96.55
N THR P 266 -15.09 18.02 -96.88
CA THR P 266 -14.27 18.98 -96.16
C THR P 266 -15.15 19.64 -95.10
N GLY P 267 -14.84 19.38 -93.83
CA GLY P 267 -15.71 19.87 -92.78
C GLY P 267 -15.15 19.58 -91.40
N ALA P 268 -15.96 19.90 -90.40
CA ALA P 268 -15.59 19.74 -89.00
C ALA P 268 -16.40 18.61 -88.38
N PHE P 269 -15.72 17.69 -87.71
CA PHE P 269 -16.34 16.50 -87.16
C PHE P 269 -15.88 16.28 -85.73
N VAL P 270 -16.83 15.99 -84.84
CA VAL P 270 -16.50 15.76 -83.44
C VAL P 270 -15.97 14.34 -83.25
N GLY P 271 -15.12 14.18 -82.25
CA GLY P 271 -14.66 12.87 -81.85
C GLY P 271 -14.64 12.77 -80.35
N ARG P 272 -14.89 11.57 -79.84
CA ARG P 272 -15.07 11.37 -78.41
C ARG P 272 -14.33 10.13 -77.96
N CYS P 273 -14.04 10.06 -76.67
CA CYS P 273 -13.49 8.88 -76.05
C CYS P 273 -14.62 7.91 -75.74
N THR P 274 -14.48 6.65 -76.17
CA THR P 274 -15.53 5.66 -75.98
C THR P 274 -15.00 4.41 -75.28
N GLU P 275 -14.13 4.60 -74.29
CA GLU P 275 -13.82 3.55 -73.33
C GLU P 275 -13.58 4.24 -71.99
N MET P 276 -14.22 3.73 -70.94
CA MET P 276 -14.10 4.34 -69.63
C MET P 276 -12.62 4.45 -69.25
N CYS P 277 -12.22 5.66 -68.85
CA CYS P 277 -10.83 5.94 -68.56
C CYS P 277 -10.63 6.68 -67.25
N GLY P 278 -11.69 6.99 -66.52
CA GLY P 278 -11.57 7.71 -65.28
C GLY P 278 -12.60 8.81 -65.21
N THR P 279 -12.32 9.80 -64.36
CA THR P 279 -13.34 10.77 -63.99
C THR P 279 -13.77 11.64 -65.16
N PHE P 280 -12.84 12.11 -65.99
CA PHE P 280 -13.18 13.07 -67.04
C PHE P 280 -13.38 12.39 -68.37
N HIS P 281 -13.93 11.17 -68.35
CA HIS P 281 -14.07 10.37 -69.56
C HIS P 281 -14.96 11.05 -70.58
N ALA P 282 -15.92 11.85 -70.13
CA ALA P 282 -16.76 12.65 -71.00
C ALA P 282 -16.13 13.97 -71.41
N MET P 283 -14.94 14.28 -70.88
CA MET P 283 -14.31 15.59 -71.04
C MET P 283 -13.14 15.54 -72.02
N MET P 284 -13.12 14.54 -72.91
CA MET P 284 -11.94 14.21 -73.69
C MET P 284 -12.16 14.42 -75.18
N ASN P 285 -13.10 15.28 -75.55
CA ASN P 285 -13.46 15.41 -76.96
C ASN P 285 -12.34 16.03 -77.78
N PHE P 286 -12.32 15.70 -79.07
CA PHE P 286 -11.40 16.27 -80.04
C PHE P 286 -12.17 16.60 -81.31
N GLU P 287 -11.52 17.24 -82.27
CA GLU P 287 -12.17 17.57 -83.52
C GLU P 287 -11.24 17.24 -84.68
N VAL P 288 -11.85 16.82 -85.79
CA VAL P 288 -11.15 16.59 -87.05
C VAL P 288 -11.66 17.61 -88.05
N ARG P 289 -10.75 18.39 -88.62
CA ARG P 289 -11.08 19.35 -89.68
C ARG P 289 -10.46 18.85 -90.98
N VAL P 290 -11.32 18.43 -91.90
CA VAL P 290 -10.88 17.96 -93.21
C VAL P 290 -10.92 19.15 -94.16
N VAL P 291 -9.74 19.58 -94.60
CA VAL P 291 -9.57 20.72 -95.50
C VAL P 291 -9.02 20.21 -96.82
N GLU P 292 -9.16 21.04 -97.85
CA GLU P 292 -8.66 20.67 -99.17
C GLU P 292 -7.13 20.54 -99.11
N PRO P 293 -6.55 19.70 -99.98
CA PRO P 293 -5.11 19.41 -99.87
C PRO P 293 -4.20 20.63 -99.96
N ASN P 294 -4.60 21.67 -100.70
CA ASN P 294 -3.79 22.88 -100.77
C ASN P 294 -3.78 23.60 -99.42
N ASP P 295 -4.95 23.77 -98.80
CA ASP P 295 -5.00 24.35 -97.46
C ASP P 295 -4.28 23.48 -96.46
N PHE P 296 -4.30 22.16 -96.65
CA PHE P 296 -3.57 21.27 -95.75
C PHE P 296 -2.06 21.48 -95.87
N LYS P 297 -1.56 21.60 -97.10
CA LYS P 297 -0.14 21.87 -97.30
C LYS P 297 0.24 23.23 -96.73
N ALA P 298 -0.64 24.23 -96.88
CA ALA P 298 -0.38 25.53 -96.28
C ALA P 298 -0.32 25.44 -94.76
N TYR P 299 -1.24 24.67 -94.17
CA TYR P 299 -1.24 24.48 -92.72
C TYR P 299 0.04 23.79 -92.25
N ILE P 300 0.49 22.76 -92.99
CA ILE P 300 1.70 22.06 -92.60
C ILE P 300 2.91 22.98 -92.73
N ASP P 301 2.95 23.83 -93.76
CA ASP P 301 4.04 24.79 -93.88
C ASP P 301 4.04 25.78 -92.72
N GLN P 302 2.86 26.27 -92.34
CA GLN P 302 2.77 27.18 -91.20
C GLN P 302 3.15 26.48 -89.89
N ARG P 303 2.95 25.16 -89.82
CA ARG P 303 3.39 24.41 -88.64
C ARG P 303 4.89 24.15 -88.64
N ASN P 304 5.52 24.06 -89.82
CA ASN P 304 6.97 23.84 -89.86
C ASN P 304 7.71 25.01 -89.24
N ALA P 305 7.31 26.24 -89.58
CA ALA P 305 7.70 27.39 -88.79
C ALA P 305 7.00 27.34 -87.44
N GLY P 306 7.73 27.64 -86.37
CA GLY P 306 7.17 27.46 -85.05
C GLY P 306 5.90 28.25 -84.82
N LYS P 307 4.77 27.55 -84.84
CA LYS P 307 3.45 28.15 -84.67
C LYS P 307 2.52 27.10 -84.09
N THR P 308 1.50 27.57 -83.37
CA THR P 308 0.54 26.69 -82.74
C THR P 308 -0.42 26.12 -83.78
N ASN P 309 -1.40 25.34 -83.33
CA ASN P 309 -2.42 24.82 -84.23
C ASN P 309 -3.41 25.91 -84.63
N ALA P 310 -3.83 26.73 -83.66
CA ALA P 310 -4.79 27.79 -83.94
C ALA P 310 -4.19 28.83 -84.88
N GLU P 311 -2.91 29.17 -84.68
CA GLU P 311 -2.28 30.17 -85.54
C GLU P 311 -2.26 29.73 -86.99
N ALA P 312 -1.91 28.46 -87.24
CA ALA P 312 -1.86 27.97 -88.61
C ALA P 312 -3.25 27.80 -89.19
N LEU P 313 -4.22 27.39 -88.38
CA LEU P 313 -5.59 27.29 -88.87
C LEU P 313 -6.14 28.64 -89.28
N ALA P 314 -5.85 29.68 -88.49
CA ALA P 314 -6.26 31.03 -88.88
C ALA P 314 -5.47 31.50 -90.10
N ALA P 315 -4.21 31.08 -90.21
CA ALA P 315 -3.41 31.42 -91.39
C ALA P 315 -3.99 30.82 -92.66
N ILE P 316 -4.63 29.66 -92.55
CA ILE P 316 -5.22 28.99 -93.71
C ILE P 316 -6.72 29.28 -93.81
N ASN P 317 -7.19 30.38 -93.21
CA ASN P 317 -8.57 30.85 -93.35
C ASN P 317 -9.57 29.87 -92.75
N GLN P 318 -9.29 29.40 -91.54
CA GLN P 318 -10.18 28.54 -90.81
C GLN P 318 -10.38 29.08 -89.40
N PRO P 319 -11.50 28.76 -88.77
CA PRO P 319 -11.66 29.07 -87.34
C PRO P 319 -10.55 28.43 -86.54
N PRO P 320 -10.03 29.10 -85.53
CA PRO P 320 -8.85 28.59 -84.82
C PRO P 320 -9.18 27.54 -83.77
N LEU P 321 -10.38 27.59 -83.24
CA LEU P 321 -10.80 26.68 -82.18
C LEU P 321 -11.69 25.57 -82.76
N ALA P 322 -12.23 24.75 -81.87
CA ALA P 322 -13.14 23.70 -82.28
C ALA P 322 -14.56 24.25 -82.37
N ILE P 323 -15.24 23.93 -83.48
CA ILE P 323 -16.53 24.53 -83.79
C ILE P 323 -17.67 23.53 -83.62
N THR P 324 -17.40 22.23 -83.78
CA THR P 324 -18.43 21.23 -83.50
C THR P 324 -18.52 20.91 -82.03
N THR P 325 -17.54 21.31 -81.23
CA THR P 325 -17.57 21.07 -79.80
C THR P 325 -16.75 22.14 -79.09
N GLU P 326 -17.39 22.85 -78.18
CA GLU P 326 -16.70 23.81 -77.35
C GLU P 326 -15.96 23.09 -76.23
N PRO P 327 -14.94 23.70 -75.64
CA PRO P 327 -14.25 23.06 -74.53
C PRO P 327 -15.15 22.95 -73.31
N PHE P 328 -14.83 21.97 -72.47
CA PHE P 328 -15.61 21.71 -71.27
C PHE P 328 -15.09 22.57 -70.12
N GLU P 329 -15.99 23.21 -69.40
CA GLU P 329 -15.61 23.95 -68.20
C GLU P 329 -14.98 22.99 -67.22
N SER P 330 -13.74 23.28 -66.82
CA SER P 330 -13.04 22.44 -65.86
C SER P 330 -13.69 22.48 -64.49
N ARG P 331 -14.60 23.43 -64.26
CA ARG P 331 -15.42 23.43 -63.06
C ARG P 331 -16.14 22.09 -62.91
N ARG P 332 -16.17 21.57 -61.68
CA ARG P 332 -16.75 20.27 -61.43
C ARG P 332 -18.27 20.26 -61.59
N GLY P 333 -18.91 21.43 -61.57
CA GLY P 333 -20.35 21.50 -61.70
C GLY P 333 -20.90 22.90 -61.59
N GLU P 334 -22.09 23.03 -61.00
CA GLU P 334 -22.74 24.32 -60.82
C GLU P 334 -22.87 24.74 -59.37
N LEU P 335 -23.03 23.79 -58.44
CA LEU P 335 -23.08 24.10 -57.02
C LEU P 335 -21.71 24.04 -56.36
N VAL P 336 -20.64 24.15 -57.14
CA VAL P 336 -19.29 24.14 -56.60
C VAL P 336 -18.85 25.55 -56.23
N LEU Q 11 -71.23 -30.01 -40.86
CA LEU Q 11 -70.45 -29.05 -41.60
C LEU Q 11 -69.19 -28.65 -40.81
N GLU Q 12 -68.18 -28.16 -41.54
CA GLU Q 12 -66.87 -27.90 -40.98
C GLU Q 12 -66.82 -26.54 -40.28
N ALA Q 13 -65.84 -26.39 -39.39
CA ALA Q 13 -65.57 -25.14 -38.70
C ALA Q 13 -64.33 -24.49 -39.31
N ARG Q 14 -64.43 -23.22 -39.67
CA ARG Q 14 -63.31 -22.50 -40.25
C ARG Q 14 -63.08 -21.22 -39.47
N ARG Q 15 -62.21 -20.36 -39.98
CA ARG Q 15 -62.05 -19.02 -39.41
C ARG Q 15 -62.63 -17.99 -40.37
N PRO Q 16 -63.22 -16.90 -39.84
CA PRO Q 16 -63.76 -15.86 -40.73
C PRO Q 16 -62.69 -15.21 -41.60
N PHE Q 17 -61.43 -15.27 -41.17
CA PHE Q 17 -60.29 -14.80 -41.94
C PHE Q 17 -59.03 -15.43 -41.36
N PRO Q 18 -58.14 -15.96 -42.19
CA PRO Q 18 -56.94 -16.62 -41.66
C PRO Q 18 -56.07 -15.65 -40.88
N GLU Q 19 -55.17 -16.21 -40.09
CA GLU Q 19 -54.31 -15.41 -39.22
C GLU Q 19 -53.38 -14.57 -40.08
N ARG Q 20 -53.45 -13.24 -39.90
CA ARG Q 20 -52.70 -12.34 -40.77
C ARG Q 20 -51.20 -12.49 -40.55
N MET Q 21 -50.76 -12.44 -39.29
CA MET Q 21 -49.36 -12.56 -38.94
C MET Q 21 -49.23 -13.45 -37.72
N GLY Q 22 -48.06 -14.06 -37.58
CA GLY Q 22 -47.79 -14.88 -36.43
C GLY Q 22 -47.59 -14.04 -35.19
N PRO Q 23 -47.47 -14.72 -34.06
CA PRO Q 23 -47.24 -14.01 -32.79
C PRO Q 23 -45.82 -13.47 -32.73
N LYS Q 24 -45.55 -12.73 -31.65
CA LYS Q 24 -44.19 -12.25 -31.42
C LYS Q 24 -43.24 -13.43 -31.31
N GLY Q 25 -42.07 -13.29 -31.93
CA GLY Q 25 -41.11 -14.38 -31.95
C GLY Q 25 -41.45 -15.52 -32.87
N ASN Q 26 -42.20 -15.26 -33.95
CA ASN Q 26 -42.58 -16.34 -34.85
C ASN Q 26 -41.57 -16.54 -35.97
N LEU Q 27 -40.80 -15.51 -36.30
CA LEU Q 27 -40.01 -15.50 -37.53
C LEU Q 27 -38.51 -15.34 -37.33
N ILE Q 28 -38.09 -14.52 -36.37
CA ILE Q 28 -36.69 -14.07 -36.35
C ILE Q 28 -35.74 -15.25 -36.13
N TYR Q 29 -36.08 -16.16 -35.22
CA TYR Q 29 -35.23 -17.32 -35.02
C TYR Q 29 -35.19 -18.21 -36.25
N LYS Q 30 -36.34 -18.37 -36.91
CA LYS Q 30 -36.35 -19.13 -38.16
C LYS Q 30 -35.43 -18.47 -39.19
N LEU Q 31 -35.51 -17.14 -39.33
CA LEU Q 31 -34.62 -16.44 -40.24
C LEU Q 31 -33.17 -16.75 -39.92
N ILE Q 32 -32.81 -16.70 -38.63
CA ILE Q 32 -31.42 -16.91 -38.24
C ILE Q 32 -30.99 -18.36 -38.49
N THR Q 33 -31.86 -19.33 -38.26
CA THR Q 33 -31.46 -20.74 -38.26
C THR Q 33 -32.19 -21.64 -39.24
N THR Q 34 -32.91 -21.11 -40.23
CA THR Q 34 -33.70 -21.98 -41.10
C THR Q 34 -32.81 -22.84 -41.98
N THR Q 35 -33.29 -24.05 -42.28
CA THR Q 35 -32.79 -24.86 -43.38
C THR Q 35 -33.91 -25.22 -44.35
N ASP Q 36 -35.02 -24.49 -44.29
CA ASP Q 36 -36.16 -24.72 -45.17
C ASP Q 36 -35.94 -23.96 -46.47
N HIS Q 37 -35.95 -24.70 -47.58
CA HIS Q 37 -35.68 -24.07 -48.87
C HIS Q 37 -36.75 -23.05 -49.24
N LYS Q 38 -37.97 -23.21 -48.71
CA LYS Q 38 -39.04 -22.26 -49.00
C LYS Q 38 -38.78 -20.92 -48.33
N LEU Q 39 -38.39 -20.94 -47.05
CA LEU Q 39 -38.06 -19.71 -46.35
C LEU Q 39 -36.82 -19.07 -46.94
N ILE Q 40 -35.83 -19.88 -47.34
CA ILE Q 40 -34.62 -19.34 -47.96
C ILE Q 40 -34.98 -18.65 -49.27
N GLY Q 41 -35.86 -19.25 -50.06
CA GLY Q 41 -36.30 -18.60 -51.29
C GLY Q 41 -37.03 -17.30 -51.02
N ILE Q 42 -37.89 -17.28 -49.99
CA ILE Q 42 -38.59 -16.05 -49.63
C ILE Q 42 -37.58 -14.95 -49.29
N MET Q 43 -36.60 -15.28 -48.44
CA MET Q 43 -35.60 -14.30 -48.04
C MET Q 43 -34.79 -13.81 -49.24
N TYR Q 44 -34.41 -14.73 -50.12
CA TYR Q 44 -33.76 -14.34 -51.37
C TYR Q 44 -34.59 -13.31 -52.11
N CYS Q 45 -35.88 -13.59 -52.31
CA CYS Q 45 -36.72 -12.69 -53.10
C CYS Q 45 -36.80 -11.31 -52.45
N VAL Q 46 -36.98 -11.27 -51.12
CA VAL Q 46 -37.13 -10.00 -50.44
C VAL Q 46 -35.85 -9.18 -50.53
N VAL Q 47 -34.71 -9.80 -50.21
CA VAL Q 47 -33.44 -9.08 -50.22
C VAL Q 47 -33.08 -8.63 -51.63
N CYS Q 48 -33.36 -9.49 -52.64
CA CYS Q 48 -33.08 -9.11 -54.01
C CYS Q 48 -33.92 -7.93 -54.45
N PHE Q 49 -35.20 -7.90 -54.07
CA PHE Q 49 -36.02 -6.74 -54.43
C PHE Q 49 -35.54 -5.48 -53.74
N ALA Q 50 -35.08 -5.59 -52.48
CA ALA Q 50 -34.52 -4.42 -51.81
C ALA Q 50 -33.28 -3.90 -52.53
N PHE Q 51 -32.39 -4.81 -52.96
CA PHE Q 51 -31.22 -4.39 -53.71
C PHE Q 51 -31.60 -3.79 -55.06
N PHE Q 52 -32.67 -4.33 -55.66
CA PHE Q 52 -33.22 -3.74 -56.87
C PHE Q 52 -33.68 -2.31 -56.64
N LEU Q 53 -34.30 -2.05 -55.48
CA LEU Q 53 -34.71 -0.68 -55.16
C LEU Q 53 -33.50 0.23 -55.05
N VAL Q 54 -32.44 -0.24 -54.41
CA VAL Q 54 -31.23 0.58 -54.27
C VAL Q 54 -30.61 0.88 -55.64
N GLY Q 55 -30.47 -0.16 -56.48
CA GLY Q 55 -29.90 0.05 -57.80
C GLY Q 55 -30.74 0.96 -58.66
N GLY Q 56 -32.06 0.83 -58.57
CA GLY Q 56 -32.93 1.73 -59.28
C GLY Q 56 -32.84 3.16 -58.79
N LEU Q 57 -32.63 3.36 -57.50
CA LEU Q 57 -32.38 4.72 -57.01
C LEU Q 57 -31.11 5.30 -57.63
N MET Q 58 -30.06 4.48 -57.72
CA MET Q 58 -28.85 4.93 -58.42
C MET Q 58 -29.16 5.32 -59.87
N ALA Q 59 -29.95 4.50 -60.55
CA ALA Q 59 -30.31 4.79 -61.94
C ALA Q 59 -31.11 6.09 -62.04
N LEU Q 60 -31.99 6.34 -61.07
CA LEU Q 60 -32.76 7.57 -61.06
C LEU Q 60 -31.86 8.79 -60.91
N PHE Q 61 -30.87 8.70 -60.01
CA PHE Q 61 -29.90 9.78 -59.90
C PHE Q 61 -29.16 10.01 -61.22
N MET Q 62 -28.74 8.92 -61.86
CA MET Q 62 -28.05 9.04 -63.15
C MET Q 62 -28.92 9.75 -64.17
N ARG Q 63 -30.18 9.32 -64.30
CA ARG Q 63 -31.07 9.93 -65.30
C ARG Q 63 -31.35 11.38 -64.99
N THR Q 64 -31.52 11.71 -63.70
CA THR Q 64 -31.77 13.10 -63.33
C THR Q 64 -30.59 13.98 -63.70
N GLU Q 65 -29.37 13.48 -63.48
CA GLU Q 65 -28.19 14.23 -63.96
C GLU Q 65 -28.19 14.36 -65.47
N LEU Q 66 -28.50 13.27 -66.18
CA LEU Q 66 -28.44 13.30 -67.63
C LEU Q 66 -29.61 14.04 -68.27
N ALA Q 67 -30.56 14.54 -67.47
CA ALA Q 67 -31.71 15.24 -68.03
C ALA Q 67 -31.28 16.49 -68.79
N MET Q 68 -30.34 17.26 -68.24
CA MET Q 68 -29.99 18.55 -68.81
C MET Q 68 -28.50 18.60 -69.15
N PRO Q 69 -28.10 19.44 -70.12
CA PRO Q 69 -26.75 19.32 -70.68
C PRO Q 69 -25.62 19.74 -69.75
N GLY Q 70 -25.90 20.37 -68.61
CA GLY Q 70 -24.85 20.74 -67.68
C GLY Q 70 -24.58 19.65 -66.67
N LEU Q 71 -23.83 20.01 -65.63
CA LEU Q 71 -23.61 19.17 -64.45
C LEU Q 71 -24.31 19.86 -63.27
N GLN Q 72 -25.60 19.58 -63.12
CA GLN Q 72 -26.41 20.35 -62.17
C GLN Q 72 -26.10 19.99 -60.73
N PHE Q 73 -26.02 18.70 -60.40
CA PHE Q 73 -25.78 18.31 -59.01
C PHE Q 73 -24.75 17.21 -58.80
N LEU Q 74 -24.45 16.37 -59.78
CA LEU Q 74 -23.42 15.36 -59.62
C LEU Q 74 -22.11 15.84 -60.24
N SER Q 75 -21.01 15.41 -59.64
CA SER Q 75 -19.70 15.56 -60.26
C SER Q 75 -19.44 14.38 -61.19
N ASN Q 76 -18.31 14.44 -61.90
CA ASN Q 76 -17.91 13.34 -62.76
C ASN Q 76 -17.71 12.06 -61.96
N GLU Q 77 -16.98 12.16 -60.84
CA GLU Q 77 -16.65 10.99 -60.04
C GLU Q 77 -17.90 10.31 -59.51
N GLN Q 78 -18.86 11.11 -59.03
CA GLN Q 78 -20.08 10.53 -58.47
C GLN Q 78 -20.89 9.80 -59.53
N PHE Q 79 -21.01 10.38 -60.73
CA PHE Q 79 -21.74 9.72 -61.80
C PHE Q 79 -21.05 8.41 -62.20
N ASN Q 80 -19.71 8.43 -62.25
CA ASN Q 80 -18.98 7.19 -62.54
C ASN Q 80 -19.28 6.12 -61.51
N GLN Q 81 -19.19 6.47 -60.23
CA GLN Q 81 -19.53 5.55 -59.15
C GLN Q 81 -20.97 5.06 -59.30
N LEU Q 82 -21.86 5.95 -59.70
CA LEU Q 82 -23.27 5.58 -59.80
C LEU Q 82 -23.48 4.52 -60.89
N PHE Q 83 -22.97 4.76 -62.09
CA PHE Q 83 -23.22 3.74 -63.11
C PHE Q 83 -22.49 2.44 -62.79
N THR Q 84 -21.30 2.53 -62.20
CA THR Q 84 -20.55 1.34 -61.84
C THR Q 84 -21.32 0.50 -60.83
N MET Q 85 -21.63 1.08 -59.67
CA MET Q 85 -22.28 0.33 -58.61
C MET Q 85 -23.71 -0.04 -58.97
N HIS Q 86 -24.38 0.75 -59.81
CA HIS Q 86 -25.72 0.39 -60.22
C HIS Q 86 -25.70 -0.84 -61.11
N GLY Q 87 -24.83 -0.86 -62.12
CA GLY Q 87 -24.68 -2.06 -62.93
C GLY Q 87 -24.31 -3.26 -62.09
N THR Q 88 -23.38 -3.09 -61.15
CA THR Q 88 -22.97 -4.20 -60.30
C THR Q 88 -24.12 -4.73 -59.46
N VAL Q 89 -24.85 -3.83 -58.80
CA VAL Q 89 -25.94 -4.24 -57.91
C VAL Q 89 -27.05 -4.92 -58.71
N MET Q 90 -27.41 -4.35 -59.86
CA MET Q 90 -28.48 -4.94 -60.65
C MET Q 90 -28.09 -6.31 -61.18
N LEU Q 91 -26.86 -6.46 -61.68
CA LEU Q 91 -26.49 -7.72 -62.30
C LEU Q 91 -26.22 -8.81 -61.27
N LEU Q 92 -25.49 -8.50 -60.21
CA LEU Q 92 -24.92 -9.54 -59.35
C LEU Q 92 -25.58 -9.67 -58.00
N PHE Q 93 -26.15 -8.61 -57.45
CA PHE Q 93 -26.78 -8.68 -56.13
C PHE Q 93 -28.29 -8.75 -56.22
N TYR Q 94 -28.86 -8.75 -57.42
CA TYR Q 94 -30.30 -8.92 -57.58
C TYR Q 94 -30.65 -10.09 -58.49
N ALA Q 95 -29.99 -10.22 -59.64
CA ALA Q 95 -30.48 -11.13 -60.69
C ALA Q 95 -30.09 -12.59 -60.42
N THR Q 96 -28.80 -12.87 -60.24
CA THR Q 96 -28.39 -14.24 -59.93
C THR Q 96 -28.98 -14.72 -58.61
N PRO Q 97 -28.97 -13.94 -57.53
CA PRO Q 97 -29.66 -14.37 -56.31
C PRO Q 97 -31.16 -14.56 -56.48
N ILE Q 98 -31.83 -13.78 -57.34
CA ILE Q 98 -33.26 -14.03 -57.54
C ILE Q 98 -33.46 -15.32 -58.32
N VAL Q 99 -32.52 -15.66 -59.21
CA VAL Q 99 -32.54 -16.97 -59.86
C VAL Q 99 -32.50 -18.07 -58.81
N PHE Q 100 -31.55 -17.97 -57.88
CA PHE Q 100 -31.47 -19.00 -56.84
C PHE Q 100 -32.66 -18.95 -55.90
N GLY Q 101 -33.26 -17.78 -55.71
CA GLY Q 101 -34.46 -17.70 -54.89
C GLY Q 101 -35.64 -18.43 -55.50
N PHE Q 102 -35.86 -18.24 -56.80
CA PHE Q 102 -36.91 -19.00 -57.48
C PHE Q 102 -36.62 -20.50 -57.46
N ALA Q 103 -35.35 -20.87 -57.68
CA ALA Q 103 -34.96 -22.27 -57.56
C ALA Q 103 -35.33 -22.82 -56.19
N ASN Q 104 -34.92 -22.12 -55.12
CA ASN Q 104 -35.21 -22.58 -53.77
C ASN Q 104 -36.71 -22.68 -53.53
N LEU Q 105 -37.47 -21.73 -54.07
CA LEU Q 105 -38.91 -21.75 -53.88
C LEU Q 105 -39.55 -23.00 -54.47
N VAL Q 106 -39.27 -23.29 -55.74
CA VAL Q 106 -40.14 -24.22 -56.47
C VAL Q 106 -39.43 -25.46 -57.02
N LEU Q 107 -38.10 -25.53 -57.08
CA LEU Q 107 -37.47 -26.72 -57.64
C LEU Q 107 -37.69 -27.97 -56.80
N PRO Q 108 -37.50 -27.95 -55.46
CA PRO Q 108 -37.81 -29.17 -54.71
C PRO Q 108 -39.25 -29.60 -54.82
N LEU Q 109 -40.18 -28.64 -54.90
CA LEU Q 109 -41.58 -28.98 -55.11
C LEU Q 109 -41.80 -29.59 -56.49
N GLN Q 110 -41.14 -29.05 -57.52
CA GLN Q 110 -41.43 -29.44 -58.90
C GLN Q 110 -41.03 -30.88 -59.20
N ILE Q 111 -40.09 -31.45 -58.44
CA ILE Q 111 -39.64 -32.81 -58.66
C ILE Q 111 -40.15 -33.77 -57.59
N GLY Q 112 -41.05 -33.33 -56.72
CA GLY Q 112 -41.53 -34.18 -55.64
C GLY Q 112 -40.49 -34.50 -54.59
N ALA Q 113 -39.71 -33.52 -54.18
CA ALA Q 113 -38.67 -33.73 -53.20
C ALA Q 113 -39.00 -33.02 -51.89
N PRO Q 114 -38.53 -33.53 -50.75
CA PRO Q 114 -38.85 -32.89 -49.48
C PRO Q 114 -37.93 -31.73 -49.11
N ASP Q 115 -36.76 -31.64 -49.73
CA ASP Q 115 -35.74 -30.68 -49.33
C ASP Q 115 -34.71 -30.58 -50.43
N VAL Q 116 -33.75 -29.66 -50.25
CA VAL Q 116 -32.55 -29.61 -51.09
C VAL Q 116 -31.55 -30.63 -50.54
N ALA Q 117 -30.51 -30.91 -51.31
CA ALA Q 117 -29.58 -31.98 -50.96
C ALA Q 117 -28.76 -31.65 -49.72
N PHE Q 118 -28.28 -30.42 -49.61
CA PHE Q 118 -27.33 -30.02 -48.57
C PHE Q 118 -27.87 -28.84 -47.78
N PRO Q 119 -28.95 -29.05 -47.03
CA PRO Q 119 -29.79 -27.90 -46.59
C PRO Q 119 -29.04 -26.81 -45.84
N ARG Q 120 -27.94 -27.12 -45.16
CA ARG Q 120 -27.16 -26.06 -44.52
C ARG Q 120 -26.33 -25.28 -45.52
N LEU Q 121 -25.88 -25.93 -46.60
CA LEU Q 121 -25.16 -25.22 -47.64
C LEU Q 121 -26.06 -24.21 -48.35
N ASN Q 122 -27.36 -24.46 -48.38
CA ASN Q 122 -28.31 -23.50 -48.95
C ASN Q 122 -28.33 -22.21 -48.15
N ALA Q 123 -28.44 -22.33 -46.83
CA ALA Q 123 -28.42 -21.15 -45.97
C ALA Q 123 -27.07 -20.47 -46.03
N LEU Q 124 -25.99 -21.25 -46.11
CA LEU Q 124 -24.67 -20.65 -46.27
C LEU Q 124 -24.60 -19.82 -47.55
N SER Q 125 -25.15 -20.34 -48.65
CA SER Q 125 -25.15 -19.59 -49.90
C SER Q 125 -25.94 -18.28 -49.76
N PHE Q 126 -27.09 -18.34 -49.10
CA PHE Q 126 -27.88 -17.12 -48.92
C PHE Q 126 -27.11 -16.07 -48.11
N TRP Q 127 -26.48 -16.49 -47.01
CA TRP Q 127 -25.83 -15.51 -46.17
C TRP Q 127 -24.54 -15.00 -46.81
N LEU Q 128 -23.86 -15.83 -47.58
CA LEU Q 128 -22.73 -15.35 -48.38
C LEU Q 128 -23.18 -14.28 -49.36
N PHE Q 129 -24.28 -14.55 -50.08
CA PHE Q 129 -24.92 -13.50 -50.85
C PHE Q 129 -25.10 -12.20 -50.08
N LEU Q 130 -25.84 -12.25 -48.98
CA LEU Q 130 -26.22 -11.01 -48.30
C LEU Q 130 -25.00 -10.24 -47.85
N PHE Q 131 -24.05 -10.92 -47.23
CA PHE Q 131 -22.91 -10.22 -46.66
C PHE Q 131 -21.91 -9.77 -47.72
N GLY Q 132 -21.72 -10.54 -48.80
CA GLY Q 132 -20.88 -10.07 -49.88
C GLY Q 132 -21.45 -8.85 -50.58
N ALA Q 133 -22.77 -8.86 -50.81
CA ALA Q 133 -23.41 -7.69 -51.39
C ALA Q 133 -23.24 -6.47 -50.50
N LEU Q 134 -23.41 -6.64 -49.19
CA LEU Q 134 -23.22 -5.51 -48.28
C LEU Q 134 -21.77 -5.04 -48.27
N ILE Q 135 -20.81 -5.97 -48.37
CA ILE Q 135 -19.40 -5.59 -48.40
C ILE Q 135 -19.10 -4.75 -49.64
N ALA Q 136 -19.62 -5.19 -50.79
CA ALA Q 136 -19.36 -4.43 -52.02
C ALA Q 136 -20.03 -3.07 -51.99
N ILE Q 137 -21.25 -2.99 -51.43
CA ILE Q 137 -21.93 -1.69 -51.36
C ILE Q 137 -21.27 -0.77 -50.35
N ALA Q 138 -20.64 -1.31 -49.30
CA ALA Q 138 -20.04 -0.48 -48.26
C ALA Q 138 -18.97 0.47 -48.78
N GLY Q 139 -18.59 0.36 -50.04
CA GLY Q 139 -17.63 1.28 -50.62
C GLY Q 139 -18.14 2.71 -50.68
N PHE Q 140 -19.45 2.89 -50.54
CA PHE Q 140 -20.01 4.24 -50.48
C PHE Q 140 -19.67 4.94 -49.18
N ILE Q 141 -19.52 4.18 -48.08
CA ILE Q 141 -19.17 4.77 -46.80
C ILE Q 141 -17.75 5.32 -46.81
N THR Q 142 -16.89 4.82 -47.68
CA THR Q 142 -15.52 5.32 -47.77
C THR Q 142 -15.51 6.75 -48.29
N PRO Q 143 -14.55 7.57 -47.84
CA PRO Q 143 -14.53 8.97 -48.28
C PRO Q 143 -14.31 9.13 -49.78
N GLY Q 144 -13.52 8.24 -50.40
CA GLY Q 144 -13.30 8.31 -51.83
C GLY Q 144 -14.49 7.88 -52.66
N GLY Q 145 -15.43 7.17 -52.06
CA GLY Q 145 -16.58 6.65 -52.78
C GLY Q 145 -16.34 5.22 -53.26
N ALA Q 146 -17.40 4.64 -53.79
CA ALA Q 146 -17.36 3.26 -54.25
C ALA Q 146 -16.59 3.15 -55.57
N ALA Q 147 -16.60 1.96 -56.14
CA ALA Q 147 -15.91 1.74 -57.40
C ALA Q 147 -16.50 2.63 -58.50
N ASP Q 148 -15.63 3.13 -59.37
CA ASP Q 148 -16.01 4.08 -60.42
C ASP Q 148 -15.35 3.72 -61.74
N PHE Q 149 -15.19 2.41 -61.99
CA PHE Q 149 -14.57 1.93 -63.21
C PHE Q 149 -15.48 1.01 -63.99
N GLY Q 150 -16.79 1.19 -63.86
CA GLY Q 150 -17.72 0.32 -64.55
C GLY Q 150 -17.85 -1.02 -63.87
N TRP Q 151 -18.89 -1.79 -64.19
CA TRP Q 151 -19.00 -3.12 -63.64
C TRP Q 151 -18.09 -4.10 -64.35
N THR Q 152 -17.57 -3.75 -65.53
CA THR Q 152 -16.66 -4.62 -66.25
C THR Q 152 -15.24 -4.54 -65.73
N ALA Q 153 -14.83 -3.39 -65.22
CA ALA Q 153 -13.58 -3.24 -64.49
C ALA Q 153 -12.36 -3.64 -65.33
N TYR Q 154 -12.16 -2.93 -66.43
CA TYR Q 154 -11.05 -3.26 -67.32
C TYR Q 154 -9.71 -3.04 -66.66
N SER Q 155 -8.67 -3.66 -67.25
CA SER Q 155 -7.43 -4.00 -66.58
C SER Q 155 -6.60 -2.81 -66.12
N PRO Q 156 -6.14 -1.92 -67.00
CA PRO Q 156 -5.21 -0.89 -66.51
C PRO Q 156 -5.88 0.15 -65.64
N LEU Q 157 -7.18 0.37 -65.81
CA LEU Q 157 -7.88 1.37 -65.01
C LEU Q 157 -8.15 0.87 -63.59
N THR Q 158 -8.25 -0.45 -63.41
CA THR Q 158 -8.46 -1.03 -62.10
C THR Q 158 -7.17 -1.27 -61.34
N ASP Q 159 -6.04 -0.85 -61.88
CA ASP Q 159 -4.74 -1.02 -61.24
C ASP Q 159 -4.71 -0.23 -59.93
N ALA Q 160 -3.62 -0.39 -59.17
CA ALA Q 160 -3.48 0.42 -57.97
C ALA Q 160 -3.24 1.89 -58.31
N ILE Q 161 -2.61 2.17 -59.46
CA ILE Q 161 -2.38 3.56 -59.85
C ILE Q 161 -3.69 4.23 -60.23
N HIS Q 162 -4.36 3.72 -61.25
CA HIS Q 162 -5.65 4.24 -61.68
C HIS Q 162 -6.72 3.66 -60.76
N SER Q 163 -7.56 4.53 -60.20
CA SER Q 163 -8.55 4.12 -59.19
C SER Q 163 -7.85 3.55 -57.95
N PRO Q 164 -7.17 4.39 -57.18
CA PRO Q 164 -6.44 3.88 -56.01
C PRO Q 164 -7.29 3.69 -54.77
N GLY Q 165 -8.56 4.10 -54.78
CA GLY Q 165 -9.38 4.05 -53.58
C GLY Q 165 -9.69 2.62 -53.14
N ALA Q 166 -10.23 2.52 -51.93
CA ALA Q 166 -10.59 1.23 -51.34
C ALA Q 166 -11.98 0.74 -51.79
N GLY Q 167 -12.77 1.59 -52.42
CA GLY Q 167 -14.04 1.13 -52.96
C GLY Q 167 -13.88 0.02 -53.97
N GLY Q 168 -12.86 0.14 -54.83
CA GLY Q 168 -12.60 -0.92 -55.79
C GLY Q 168 -12.23 -2.23 -55.13
N ASP Q 169 -11.43 -2.18 -54.07
CA ASP Q 169 -11.04 -3.39 -53.37
C ASP Q 169 -12.24 -4.04 -52.68
N LEU Q 170 -13.07 -3.23 -52.01
CA LEU Q 170 -14.28 -3.76 -51.40
C LEU Q 170 -15.20 -4.37 -52.44
N TRP Q 171 -15.31 -3.73 -53.60
CA TRP Q 171 -16.06 -4.28 -54.72
C TRP Q 171 -15.54 -5.65 -55.13
N ILE Q 172 -14.23 -5.76 -55.31
CA ILE Q 172 -13.63 -7.02 -55.74
C ILE Q 172 -13.94 -8.13 -54.74
N MET Q 173 -13.76 -7.84 -53.45
CA MET Q 173 -13.86 -8.92 -52.48
C MET Q 173 -15.32 -9.28 -52.19
N GLY Q 174 -16.22 -8.30 -52.21
CA GLY Q 174 -17.63 -8.62 -52.12
C GLY Q 174 -18.11 -9.46 -53.28
N LEU Q 175 -17.62 -9.16 -54.49
CA LEU Q 175 -17.93 -10.01 -55.63
C LEU Q 175 -17.39 -11.42 -55.44
N ALA Q 176 -16.21 -11.55 -54.85
CA ALA Q 176 -15.66 -12.89 -54.58
C ALA Q 176 -16.56 -13.67 -53.62
N VAL Q 177 -17.02 -13.03 -52.55
CA VAL Q 177 -17.86 -13.71 -51.57
C VAL Q 177 -19.20 -14.10 -52.20
N GLY Q 178 -19.82 -13.18 -52.93
CA GLY Q 178 -21.06 -13.51 -53.61
C GLY Q 178 -20.89 -14.63 -54.63
N GLY Q 179 -19.74 -14.67 -55.30
CA GLY Q 179 -19.47 -15.74 -56.24
C GLY Q 179 -19.33 -17.09 -55.56
N LEU Q 180 -18.68 -17.11 -54.39
CA LEU Q 180 -18.62 -18.36 -53.63
C LEU Q 180 -20.03 -18.83 -53.27
N GLY Q 181 -20.87 -17.92 -52.80
CA GLY Q 181 -22.24 -18.28 -52.49
C GLY Q 181 -22.98 -18.82 -53.70
N THR Q 182 -22.79 -18.19 -54.86
CA THR Q 182 -23.45 -18.63 -56.08
C THR Q 182 -22.97 -20.02 -56.52
N ILE Q 183 -21.67 -20.28 -56.42
CA ILE Q 183 -21.15 -21.60 -56.78
C ILE Q 183 -21.72 -22.67 -55.86
N LEU Q 184 -21.78 -22.39 -54.56
CA LEU Q 184 -22.35 -23.37 -53.64
C LEU Q 184 -23.82 -23.63 -53.94
N GLY Q 185 -24.57 -22.57 -54.26
CA GLY Q 185 -25.96 -22.75 -54.64
C GLY Q 185 -26.12 -23.61 -55.87
N GLY Q 186 -25.25 -23.39 -56.87
CA GLY Q 186 -25.32 -24.21 -58.07
C GLY Q 186 -25.03 -25.67 -57.80
N VAL Q 187 -24.01 -25.94 -56.96
CA VAL Q 187 -23.72 -27.32 -56.56
C VAL Q 187 -24.94 -27.95 -55.91
N ASN Q 188 -25.56 -27.23 -54.97
CA ASN Q 188 -26.72 -27.75 -54.27
C ASN Q 188 -27.84 -28.08 -55.25
N MET Q 189 -28.13 -27.18 -56.18
CA MET Q 189 -29.24 -27.39 -57.10
C MET Q 189 -28.98 -28.56 -58.03
N ILE Q 190 -27.76 -28.68 -58.55
CA ILE Q 190 -27.48 -29.81 -59.45
C ILE Q 190 -27.61 -31.13 -58.71
N THR Q 191 -27.07 -31.21 -57.50
CA THR Q 191 -27.18 -32.47 -56.75
C THR Q 191 -28.64 -32.81 -56.45
N THR Q 192 -29.42 -31.82 -56.03
CA THR Q 192 -30.83 -32.04 -55.75
C THR Q 192 -31.56 -32.55 -56.99
N VAL Q 193 -31.32 -31.92 -58.15
CA VAL Q 193 -31.98 -32.35 -59.37
C VAL Q 193 -31.55 -33.78 -59.74
N VAL Q 194 -30.26 -34.08 -59.58
CA VAL Q 194 -29.74 -35.37 -60.02
C VAL Q 194 -30.33 -36.50 -59.20
N CYS Q 195 -30.34 -36.39 -57.87
CA CYS Q 195 -30.61 -37.57 -57.07
C CYS Q 195 -31.54 -37.31 -55.89
N MET Q 196 -32.62 -36.54 -56.11
CA MET Q 196 -33.67 -36.48 -55.11
C MET Q 196 -35.09 -36.45 -55.70
N ARG Q 197 -35.26 -36.81 -56.97
CA ARG Q 197 -36.57 -36.69 -57.58
C ARG Q 197 -37.54 -37.73 -57.02
N ALA Q 198 -38.81 -37.57 -57.40
CA ALA Q 198 -39.87 -38.47 -57.01
C ALA Q 198 -39.79 -39.77 -57.81
N PRO Q 199 -40.46 -40.83 -57.35
CA PRO Q 199 -40.36 -42.11 -58.06
C PRO Q 199 -40.81 -42.07 -59.51
N GLY Q 200 -41.81 -41.26 -59.84
CA GLY Q 200 -42.21 -41.19 -61.23
C GLY Q 200 -41.51 -40.15 -62.07
N MET Q 201 -40.56 -39.42 -61.49
CA MET Q 201 -39.98 -38.22 -62.12
C MET Q 201 -38.66 -38.58 -62.80
N THR Q 202 -38.76 -39.16 -63.99
CA THR Q 202 -37.59 -39.31 -64.84
C THR Q 202 -37.16 -37.94 -65.36
N MET Q 203 -35.88 -37.84 -65.74
CA MET Q 203 -35.34 -36.54 -66.15
C MET Q 203 -36.14 -35.93 -67.29
N PHE Q 204 -36.68 -36.76 -68.19
CA PHE Q 204 -37.53 -36.27 -69.26
C PHE Q 204 -38.98 -36.12 -68.83
N ARG Q 205 -39.23 -36.01 -67.52
CA ARG Q 205 -40.55 -35.66 -67.02
C ARG Q 205 -40.51 -34.48 -66.06
N MET Q 206 -39.33 -33.97 -65.72
CA MET Q 206 -39.23 -32.75 -64.96
C MET Q 206 -39.69 -31.56 -65.81
N PRO Q 207 -40.17 -30.50 -65.18
CA PRO Q 207 -40.64 -29.34 -65.95
C PRO Q 207 -39.51 -28.61 -66.67
N ILE Q 208 -39.85 -27.55 -67.40
CA ILE Q 208 -38.82 -26.77 -68.06
C ILE Q 208 -38.03 -25.95 -67.05
N PHE Q 209 -38.67 -25.50 -65.97
CA PHE Q 209 -37.96 -24.72 -64.96
C PHE Q 209 -36.85 -25.54 -64.32
N THR Q 210 -37.11 -26.81 -64.04
CA THR Q 210 -36.08 -27.64 -63.41
C THR Q 210 -34.91 -27.88 -64.36
N TRP Q 211 -35.20 -28.13 -65.64
CA TRP Q 211 -34.16 -28.26 -66.65
C TRP Q 211 -33.30 -27.00 -66.71
N ASN Q 212 -33.97 -25.84 -66.75
CA ASN Q 212 -33.24 -24.58 -66.88
C ASN Q 212 -32.40 -24.29 -65.64
N ILE Q 213 -32.91 -24.60 -64.45
CA ILE Q 213 -32.12 -24.38 -63.24
C ILE Q 213 -30.91 -25.30 -63.21
N LEU Q 214 -31.08 -26.56 -63.63
CA LEU Q 214 -29.96 -27.48 -63.68
C LEU Q 214 -28.87 -26.95 -64.61
N VAL Q 215 -29.24 -26.59 -65.84
CA VAL Q 215 -28.25 -26.16 -66.81
C VAL Q 215 -27.65 -24.82 -66.39
N THR Q 216 -28.46 -23.95 -65.78
CA THR Q 216 -27.95 -22.68 -65.26
C THR Q 216 -26.93 -22.90 -64.16
N SER Q 217 -27.14 -23.90 -63.31
CA SER Q 217 -26.17 -24.19 -62.27
C SER Q 217 -24.87 -24.72 -62.87
N ILE Q 218 -24.97 -25.52 -63.95
CA ILE Q 218 -23.76 -25.92 -64.67
C ILE Q 218 -23.03 -24.70 -65.21
N LEU Q 219 -23.77 -23.77 -65.79
CA LEU Q 219 -23.17 -22.53 -66.29
C LEU Q 219 -22.51 -21.74 -65.17
N VAL Q 220 -23.15 -21.71 -64.00
CA VAL Q 220 -22.56 -21.04 -62.84
C VAL Q 220 -21.22 -21.68 -62.49
N LEU Q 221 -21.21 -23.02 -62.45
CA LEU Q 221 -19.99 -23.73 -62.08
C LEU Q 221 -18.87 -23.46 -63.07
N ILE Q 222 -19.20 -23.29 -64.35
CA ILE Q 222 -18.17 -22.96 -65.33
C ILE Q 222 -17.71 -21.51 -65.16
N ALA Q 223 -18.65 -20.57 -65.03
CA ALA Q 223 -18.32 -19.16 -65.14
C ALA Q 223 -17.72 -18.61 -63.84
N PHE Q 224 -18.45 -18.71 -62.74
CA PHE Q 224 -18.08 -17.98 -61.52
C PHE Q 224 -16.68 -18.30 -61.00
N PRO Q 225 -16.19 -19.54 -61.02
CA PRO Q 225 -14.80 -19.76 -60.57
C PRO Q 225 -13.76 -19.00 -61.38
N ILE Q 226 -13.97 -18.81 -62.68
CA ILE Q 226 -13.03 -18.00 -63.46
C ILE Q 226 -13.05 -16.56 -62.99
N LEU Q 227 -14.23 -16.02 -62.71
CA LEU Q 227 -14.31 -14.66 -62.18
C LEU Q 227 -13.61 -14.58 -60.82
N THR Q 228 -13.77 -15.60 -59.99
CA THR Q 228 -13.08 -15.61 -58.70
C THR Q 228 -11.57 -15.62 -58.88
N ALA Q 229 -11.08 -16.42 -59.83
CA ALA Q 229 -9.65 -16.45 -60.10
C ALA Q 229 -9.15 -15.10 -60.61
N ALA Q 230 -9.90 -14.48 -61.53
CA ALA Q 230 -9.51 -13.18 -62.07
C ALA Q 230 -9.51 -12.12 -60.98
N LEU Q 231 -10.50 -12.16 -60.09
CA LEU Q 231 -10.57 -11.18 -59.01
C LEU Q 231 -9.45 -11.39 -58.00
N PHE Q 232 -9.08 -12.64 -57.74
CA PHE Q 232 -7.95 -12.89 -56.87
C PHE Q 232 -6.65 -12.41 -57.51
N GLY Q 233 -6.51 -12.61 -58.82
CA GLY Q 233 -5.36 -12.06 -59.52
C GLY Q 233 -5.31 -10.54 -59.46
N LEU Q 234 -6.46 -9.89 -59.62
CA LEU Q 234 -6.51 -8.43 -59.55
C LEU Q 234 -6.23 -7.93 -58.15
N ALA Q 235 -6.71 -8.63 -57.12
CA ALA Q 235 -6.42 -8.24 -55.75
C ALA Q 235 -4.94 -8.41 -55.44
N ALA Q 236 -4.33 -9.50 -55.92
CA ALA Q 236 -2.89 -9.65 -55.78
C ALA Q 236 -2.16 -8.53 -56.50
N ASP Q 237 -2.63 -8.15 -57.68
CA ASP Q 237 -2.04 -7.04 -58.43
C ASP Q 237 -2.09 -5.76 -57.63
N ARG Q 238 -3.24 -5.46 -57.03
CA ARG Q 238 -3.42 -4.18 -56.35
C ARG Q 238 -2.73 -4.11 -55.00
N HIS Q 239 -2.70 -5.22 -54.25
CA HIS Q 239 -2.13 -5.22 -52.91
C HIS Q 239 -0.70 -5.72 -52.86
N LEU Q 240 -0.16 -6.22 -53.97
CA LEU Q 240 1.18 -6.80 -53.98
C LEU Q 240 2.03 -6.29 -55.13
N GLY Q 241 1.48 -5.46 -56.02
CA GLY Q 241 2.18 -5.06 -57.23
C GLY Q 241 2.60 -6.26 -58.04
N ALA Q 242 1.63 -7.09 -58.43
CA ALA Q 242 1.93 -8.41 -58.98
C ALA Q 242 2.44 -8.38 -60.41
N HIS Q 243 1.89 -7.52 -61.26
CA HIS Q 243 2.11 -7.45 -62.72
C HIS Q 243 1.34 -8.51 -63.46
N ILE Q 244 0.31 -9.11 -62.86
CA ILE Q 244 -0.52 -10.09 -63.58
C ILE Q 244 -1.17 -9.43 -64.78
N TYR Q 245 -1.73 -8.25 -64.59
CA TYR Q 245 -2.46 -7.54 -65.64
C TYR Q 245 -1.72 -6.30 -66.12
N ASP Q 246 -0.39 -6.33 -66.06
CA ASP Q 246 0.38 -5.22 -66.61
C ASP Q 246 0.22 -5.17 -68.13
N PRO Q 247 0.05 -3.98 -68.70
CA PRO Q 247 -0.06 -3.89 -70.17
C PRO Q 247 1.18 -4.38 -70.90
N ALA Q 248 2.35 -4.40 -70.24
CA ALA Q 248 3.56 -4.87 -70.91
C ALA Q 248 3.47 -6.35 -71.26
N ASN Q 249 2.78 -7.13 -70.43
CA ASN Q 249 2.37 -8.47 -70.80
C ASN Q 249 1.05 -8.38 -71.57
N GLY Q 250 0.38 -9.51 -71.78
CA GLY Q 250 -0.94 -9.45 -72.37
C GLY Q 250 -2.02 -9.08 -71.38
N GLY Q 251 -1.65 -8.30 -70.36
CA GLY Q 251 -2.52 -8.13 -69.20
C GLY Q 251 -3.86 -7.53 -69.53
N VAL Q 252 -3.89 -6.52 -70.39
CA VAL Q 252 -5.14 -5.86 -70.75
C VAL Q 252 -6.10 -6.87 -71.38
N LEU Q 253 -5.68 -7.47 -72.49
CA LEU Q 253 -6.54 -8.43 -73.17
C LEU Q 253 -6.70 -9.72 -72.36
N LEU Q 254 -5.75 -10.05 -71.50
CA LEU Q 254 -5.93 -11.18 -70.59
C LEU Q 254 -7.13 -10.94 -69.68
N TRP Q 255 -7.19 -9.76 -69.06
CA TRP Q 255 -8.32 -9.44 -68.21
C TRP Q 255 -9.61 -9.42 -69.01
N GLN Q 256 -9.58 -8.84 -70.21
CA GLN Q 256 -10.81 -8.80 -71.00
C GLN Q 256 -11.30 -10.20 -71.33
N HIS Q 257 -10.38 -11.10 -71.72
CA HIS Q 257 -10.76 -12.47 -72.04
C HIS Q 257 -11.35 -13.17 -70.83
N LEU Q 258 -10.66 -13.11 -69.70
CA LEU Q 258 -11.16 -13.77 -68.49
C LEU Q 258 -12.52 -13.23 -68.09
N PHE Q 259 -12.64 -11.90 -68.04
CA PHE Q 259 -13.87 -11.30 -67.56
C PHE Q 259 -15.04 -11.62 -68.48
N TRP Q 260 -14.83 -11.60 -69.80
CA TRP Q 260 -15.97 -11.88 -70.66
C TRP Q 260 -16.31 -13.37 -70.72
N PHE Q 261 -15.30 -14.24 -70.59
CA PHE Q 261 -15.57 -15.66 -70.45
C PHE Q 261 -16.42 -15.92 -69.21
N PHE Q 262 -16.24 -15.12 -68.16
CA PHE Q 262 -17.25 -15.08 -67.10
C PHE Q 262 -18.57 -14.49 -67.60
N GLY Q 263 -18.52 -13.30 -68.19
CA GLY Q 263 -19.66 -12.41 -68.22
C GLY Q 263 -20.75 -12.80 -69.19
N HIS Q 264 -20.42 -13.48 -70.27
CA HIS Q 264 -21.52 -13.87 -71.14
C HIS Q 264 -22.24 -15.10 -70.60
N PRO Q 265 -21.52 -16.10 -70.10
CA PRO Q 265 -22.20 -17.12 -69.29
C PRO Q 265 -23.01 -16.54 -68.16
N GLU Q 266 -22.60 -15.43 -67.56
CA GLU Q 266 -23.39 -14.82 -66.50
C GLU Q 266 -24.74 -14.31 -67.02
N VAL Q 267 -24.75 -13.67 -68.18
CA VAL Q 267 -26.01 -13.17 -68.72
C VAL Q 267 -26.92 -14.32 -69.11
N TYR Q 268 -26.36 -15.44 -69.60
CA TYR Q 268 -27.24 -16.57 -69.85
C TYR Q 268 -27.66 -17.29 -68.57
N ILE Q 269 -26.84 -17.21 -67.52
CA ILE Q 269 -27.26 -17.67 -66.19
C ILE Q 269 -28.50 -16.93 -65.75
N ILE Q 270 -28.52 -15.61 -65.95
CA ILE Q 270 -29.68 -14.82 -65.53
C ILE Q 270 -30.76 -14.78 -66.60
N ALA Q 271 -30.55 -15.42 -67.75
CA ALA Q 271 -31.59 -15.52 -68.78
C ALA Q 271 -32.35 -16.84 -68.77
N LEU Q 272 -31.67 -17.98 -68.61
CA LEU Q 272 -32.33 -19.27 -68.78
C LEU Q 272 -33.43 -19.56 -67.75
N PRO Q 273 -33.23 -19.37 -66.44
CA PRO Q 273 -34.31 -19.71 -65.50
C PRO Q 273 -35.60 -18.95 -65.72
N PHE Q 274 -35.52 -17.71 -66.20
CA PHE Q 274 -36.75 -16.97 -66.45
C PHE Q 274 -37.42 -17.41 -67.74
N PHE Q 275 -36.65 -17.91 -68.70
CA PHE Q 275 -37.23 -18.68 -69.80
C PHE Q 275 -38.02 -19.86 -69.23
N GLY Q 276 -37.44 -20.55 -68.25
CA GLY Q 276 -38.15 -21.65 -67.62
C GLY Q 276 -39.43 -21.21 -66.92
N ILE Q 277 -39.37 -20.06 -66.24
CA ILE Q 277 -40.53 -19.55 -65.53
C ILE Q 277 -41.67 -19.24 -66.50
N VAL Q 278 -41.35 -18.58 -67.61
CA VAL Q 278 -42.42 -18.29 -68.57
C VAL Q 278 -42.90 -19.56 -69.25
N SER Q 279 -42.02 -20.56 -69.40
CA SER Q 279 -42.45 -21.83 -69.97
C SER Q 279 -43.35 -22.60 -69.00
N GLU Q 280 -43.20 -22.34 -67.70
CA GLU Q 280 -44.18 -22.85 -66.74
C GLU Q 280 -45.50 -22.11 -66.87
N ILE Q 281 -45.45 -20.79 -66.97
CA ILE Q 281 -46.66 -19.98 -66.88
C ILE Q 281 -47.53 -20.10 -68.13
N PHE Q 282 -46.94 -20.22 -69.31
CA PHE Q 282 -47.73 -20.22 -70.54
C PHE Q 282 -48.77 -21.34 -70.60
N PRO Q 283 -48.43 -22.61 -70.31
CA PRO Q 283 -49.48 -23.66 -70.37
C PRO Q 283 -50.63 -23.45 -69.40
N VAL Q 284 -50.35 -22.88 -68.22
CA VAL Q 284 -51.39 -22.73 -67.20
C VAL Q 284 -52.51 -21.83 -67.71
N PHE Q 285 -52.14 -20.70 -68.30
CA PHE Q 285 -53.10 -19.73 -68.80
C PHE Q 285 -53.42 -19.91 -70.28
N SER Q 286 -52.85 -20.93 -70.92
CA SER Q 286 -53.25 -21.31 -72.26
C SER Q 286 -54.13 -22.55 -72.29
N ARG Q 287 -54.20 -23.29 -71.18
CA ARG Q 287 -55.04 -24.49 -71.06
C ARG Q 287 -54.61 -25.57 -72.05
N LYS Q 288 -53.31 -25.70 -72.26
CA LYS Q 288 -52.77 -26.68 -73.19
C LYS Q 288 -51.31 -26.94 -72.82
N PRO Q 289 -50.73 -28.05 -73.27
CA PRO Q 289 -49.38 -28.39 -72.83
C PRO Q 289 -48.34 -27.45 -73.42
N ILE Q 290 -47.14 -27.49 -72.83
CA ILE Q 290 -46.03 -26.73 -73.36
C ILE Q 290 -45.65 -27.28 -74.73
N PHE Q 291 -45.56 -26.39 -75.72
CA PHE Q 291 -45.25 -26.81 -77.07
C PHE Q 291 -43.78 -27.16 -77.19
N GLY Q 292 -43.48 -28.33 -77.74
CA GLY Q 292 -42.11 -28.78 -77.91
C GLY Q 292 -41.35 -28.89 -76.61
N TYR Q 293 -41.74 -29.83 -75.76
CA TYR Q 293 -41.06 -30.00 -74.48
C TYR Q 293 -39.60 -30.43 -74.69
N THR Q 294 -39.37 -31.49 -75.45
CA THR Q 294 -38.02 -31.93 -75.73
C THR Q 294 -37.28 -30.92 -76.61
N THR Q 295 -38.01 -30.26 -77.51
CA THR Q 295 -37.41 -29.18 -78.30
C THR Q 295 -36.91 -28.06 -77.40
N LEU Q 296 -37.70 -27.70 -76.38
CA LEU Q 296 -37.25 -26.67 -75.44
C LEU Q 296 -36.03 -27.13 -74.66
N ILE Q 297 -35.99 -28.40 -74.25
CA ILE Q 297 -34.82 -28.90 -73.54
C ILE Q 297 -33.58 -28.83 -74.43
N TYR Q 298 -33.72 -29.23 -75.70
CA TYR Q 298 -32.58 -29.19 -76.61
C TYR Q 298 -32.14 -27.76 -76.88
N ALA Q 299 -33.09 -26.84 -76.98
CA ALA Q 299 -32.75 -25.43 -77.18
C ALA Q 299 -31.99 -24.88 -75.97
N THR Q 300 -32.44 -25.22 -74.76
CA THR Q 300 -31.72 -24.79 -73.57
C THR Q 300 -30.30 -25.35 -73.55
N LEU Q 301 -30.15 -26.64 -73.88
CA LEU Q 301 -28.83 -27.25 -73.87
C LEU Q 301 -27.92 -26.61 -74.90
N ALA Q 302 -28.45 -26.33 -76.09
CA ALA Q 302 -27.65 -25.69 -77.13
C ALA Q 302 -27.24 -24.28 -76.73
N ILE Q 303 -28.17 -23.52 -76.12
CA ILE Q 303 -27.85 -22.17 -75.69
C ILE Q 303 -26.74 -22.19 -74.65
N ALA Q 304 -26.85 -23.09 -73.67
CA ALA Q 304 -25.83 -23.16 -72.64
C ALA Q 304 -24.48 -23.58 -73.21
N ALA Q 305 -24.48 -24.56 -74.13
CA ALA Q 305 -23.22 -24.98 -74.72
C ALA Q 305 -22.57 -23.82 -75.50
N LEU Q 306 -23.36 -23.11 -76.31
CA LEU Q 306 -22.79 -22.06 -77.12
C LEU Q 306 -22.46 -20.81 -76.30
N SER Q 307 -23.01 -20.69 -75.09
CA SER Q 307 -22.76 -19.50 -74.29
C SER Q 307 -21.33 -19.43 -73.76
N VAL Q 308 -20.62 -20.56 -73.71
CA VAL Q 308 -19.27 -20.59 -73.18
C VAL Q 308 -18.23 -20.16 -74.21
N ALA Q 309 -18.51 -20.29 -75.50
CA ALA Q 309 -17.55 -20.03 -76.56
C ALA Q 309 -18.01 -18.89 -77.45
N VAL Q 310 -18.53 -17.81 -76.84
CA VAL Q 310 -18.95 -16.63 -77.58
C VAL Q 310 -18.42 -15.33 -76.97
N TRP Q 311 -17.66 -15.40 -75.88
CA TRP Q 311 -17.43 -14.23 -75.05
C TRP Q 311 -16.81 -13.07 -75.82
N ALA Q 312 -15.83 -13.36 -76.66
CA ALA Q 312 -15.04 -12.29 -77.26
C ALA Q 312 -15.80 -11.47 -78.29
N HIS Q 313 -17.11 -11.69 -78.47
CA HIS Q 313 -17.87 -10.72 -79.24
C HIS Q 313 -18.14 -9.45 -78.44
N HIS Q 314 -17.84 -9.46 -77.14
CA HIS Q 314 -17.82 -8.24 -76.34
C HIS Q 314 -16.53 -7.45 -76.53
N MET Q 315 -15.70 -7.84 -77.49
CA MET Q 315 -14.34 -7.35 -77.58
C MET Q 315 -13.96 -6.98 -79.01
N TYR Q 316 -14.94 -6.72 -79.87
CA TYR Q 316 -14.67 -6.44 -81.28
C TYR Q 316 -13.85 -5.17 -81.45
N ALA Q 317 -14.00 -4.22 -80.54
CA ALA Q 317 -13.36 -2.91 -80.70
C ALA Q 317 -11.88 -2.93 -80.35
N THR Q 318 -11.42 -3.90 -79.56
CA THR Q 318 -10.02 -3.94 -79.18
C THR Q 318 -9.11 -4.26 -80.37
N GLY Q 319 -9.64 -4.89 -81.41
CA GLY Q 319 -8.81 -5.28 -82.53
C GLY Q 319 -7.88 -6.44 -82.26
N ALA Q 320 -8.15 -7.22 -81.21
CA ALA Q 320 -7.22 -8.25 -80.74
C ALA Q 320 -7.86 -9.64 -80.73
N VAL Q 321 -9.02 -9.82 -81.35
CA VAL Q 321 -9.73 -11.08 -81.32
C VAL Q 321 -10.07 -11.51 -82.74
N LEU Q 322 -10.35 -12.80 -82.88
CA LEU Q 322 -10.73 -13.38 -84.17
C LEU Q 322 -12.21 -13.12 -84.40
N LEU Q 323 -12.51 -12.16 -85.26
CA LEU Q 323 -13.91 -11.78 -85.49
C LEU Q 323 -14.77 -12.90 -86.05
N PRO Q 324 -14.37 -13.64 -87.10
CA PRO Q 324 -15.29 -14.62 -87.69
C PRO Q 324 -15.76 -15.69 -86.72
N PHE Q 325 -14.86 -16.20 -85.88
CA PHE Q 325 -15.21 -17.28 -84.97
C PHE Q 325 -16.33 -16.87 -84.03
N PHE Q 326 -16.16 -15.74 -83.34
CA PHE Q 326 -17.14 -15.32 -82.36
C PHE Q 326 -18.40 -14.75 -83.01
N SER Q 327 -18.28 -14.15 -84.19
CA SER Q 327 -19.48 -13.71 -84.92
C SER Q 327 -20.36 -14.91 -85.28
N PHE Q 328 -19.75 -15.95 -85.88
CA PHE Q 328 -20.52 -17.13 -86.24
C PHE Q 328 -21.09 -17.81 -85.01
N MET Q 329 -20.30 -17.91 -83.93
CA MET Q 329 -20.80 -18.55 -82.73
C MET Q 329 -21.95 -17.76 -82.11
N THR Q 330 -21.92 -16.43 -82.24
CA THR Q 330 -23.00 -15.62 -81.69
C THR Q 330 -24.29 -15.78 -82.49
N PHE Q 331 -24.19 -15.82 -83.83
CA PHE Q 331 -25.40 -16.12 -84.61
C PHE Q 331 -25.94 -17.50 -84.28
N LEU Q 332 -25.05 -18.48 -84.15
CA LEU Q 332 -25.46 -19.85 -83.88
C LEU Q 332 -26.14 -19.96 -82.51
N ILE Q 333 -25.65 -19.21 -81.52
CA ILE Q 333 -26.35 -19.19 -80.23
C ILE Q 333 -27.65 -18.40 -80.31
N ALA Q 334 -27.76 -17.46 -81.25
CA ALA Q 334 -29.02 -16.74 -81.40
C ALA Q 334 -30.13 -17.65 -81.93
N VAL Q 335 -29.78 -18.67 -82.71
CA VAL Q 335 -30.81 -19.55 -83.30
C VAL Q 335 -31.68 -20.25 -82.25
N PRO Q 336 -31.13 -20.96 -81.26
CA PRO Q 336 -32.01 -21.71 -80.34
C PRO Q 336 -32.98 -20.85 -79.55
N THR Q 337 -32.61 -19.60 -79.24
CA THR Q 337 -33.55 -18.71 -78.58
C THR Q 337 -34.75 -18.41 -79.46
N GLY Q 338 -34.52 -18.31 -80.79
CA GLY Q 338 -35.64 -18.21 -81.71
C GLY Q 338 -36.49 -19.45 -81.73
N ILE Q 339 -35.85 -20.63 -81.63
CA ILE Q 339 -36.63 -21.85 -81.46
C ILE Q 339 -37.51 -21.76 -80.23
N LYS Q 340 -36.97 -21.19 -79.15
CA LYS Q 340 -37.73 -21.04 -77.91
C LYS Q 340 -38.95 -20.13 -78.10
N PHE Q 341 -38.76 -18.98 -78.76
CA PHE Q 341 -39.91 -18.12 -79.03
C PHE Q 341 -40.95 -18.79 -79.91
N PHE Q 342 -40.54 -19.55 -80.92
CA PHE Q 342 -41.55 -20.21 -81.72
C PHE Q 342 -42.28 -21.30 -80.92
N ASN Q 343 -41.58 -21.96 -80.00
CA ASN Q 343 -42.26 -22.92 -79.13
C ASN Q 343 -43.25 -22.22 -78.20
N TRP Q 344 -42.89 -21.06 -77.68
CA TRP Q 344 -43.81 -20.32 -76.81
C TRP Q 344 -45.03 -19.83 -77.58
N ILE Q 345 -44.82 -19.34 -78.80
CA ILE Q 345 -45.93 -18.96 -79.66
C ILE Q 345 -46.85 -20.16 -79.90
N GLY Q 346 -46.27 -21.32 -80.21
CA GLY Q 346 -47.07 -22.51 -80.38
C GLY Q 346 -47.84 -22.88 -79.13
N THR Q 347 -47.23 -22.67 -77.97
CA THR Q 347 -47.94 -22.92 -76.71
C THR Q 347 -49.15 -22.00 -76.58
N MET Q 348 -48.97 -20.70 -76.80
CA MET Q 348 -50.10 -19.79 -76.74
C MET Q 348 -51.12 -20.07 -77.84
N TRP Q 349 -50.66 -20.62 -78.95
CA TRP Q 349 -51.51 -20.81 -80.12
C TRP Q 349 -52.70 -21.71 -79.81
N LYS Q 350 -53.89 -21.28 -80.25
CA LYS Q 350 -55.12 -22.06 -80.14
C LYS Q 350 -55.39 -22.50 -78.70
N GLY Q 351 -55.21 -21.58 -77.76
CA GLY Q 351 -55.56 -21.82 -76.39
C GLY Q 351 -56.79 -21.01 -75.96
N GLN Q 352 -57.10 -21.12 -74.68
CA GLN Q 352 -58.12 -20.29 -74.05
C GLN Q 352 -57.37 -19.34 -73.10
N LEU Q 353 -56.95 -18.21 -73.64
CA LEU Q 353 -56.09 -17.29 -72.92
C LEU Q 353 -56.93 -16.39 -72.02
N THR Q 354 -56.66 -16.45 -70.72
CA THR Q 354 -57.19 -15.48 -69.77
C THR Q 354 -55.99 -14.72 -69.21
N PHE Q 355 -55.97 -13.42 -69.42
CA PHE Q 355 -54.77 -12.61 -69.19
C PHE Q 355 -54.72 -12.13 -67.75
N GLU Q 356 -54.52 -13.09 -66.85
CA GLU Q 356 -54.21 -12.77 -65.47
C GLU Q 356 -52.76 -12.32 -65.39
N THR Q 357 -52.43 -11.64 -64.29
CA THR Q 357 -51.20 -10.86 -64.19
C THR Q 357 -49.92 -11.61 -64.58
N PRO Q 358 -49.68 -12.86 -64.15
CA PRO Q 358 -48.48 -13.56 -64.64
C PRO Q 358 -48.45 -13.75 -66.14
N MET Q 359 -49.60 -14.04 -66.76
CA MET Q 359 -49.66 -14.15 -68.21
C MET Q 359 -49.37 -12.81 -68.88
N LEU Q 360 -49.88 -11.73 -68.29
CA LEU Q 360 -49.61 -10.40 -68.82
C LEU Q 360 -48.13 -10.07 -68.79
N PHE Q 361 -47.46 -10.39 -67.68
CA PHE Q 361 -46.02 -10.18 -67.61
C PHE Q 361 -45.25 -11.11 -68.54
N SER Q 362 -45.77 -12.31 -68.78
CA SER Q 362 -45.12 -13.20 -69.75
C SER Q 362 -45.18 -12.64 -71.16
N VAL Q 363 -46.31 -12.03 -71.53
CA VAL Q 363 -46.40 -11.43 -72.85
C VAL Q 363 -45.53 -10.18 -72.94
N GLY Q 364 -45.46 -9.40 -71.85
CA GLY Q 364 -44.51 -8.31 -71.80
C GLY Q 364 -43.09 -8.79 -72.02
N PHE Q 365 -42.72 -9.89 -71.35
CA PHE Q 365 -41.46 -10.58 -71.62
C PHE Q 365 -41.28 -10.88 -73.09
N LEU Q 366 -42.28 -11.48 -73.71
CA LEU Q 366 -42.14 -11.88 -75.11
C LEU Q 366 -41.80 -10.68 -75.99
N ILE Q 367 -42.57 -9.61 -75.86
CA ILE Q 367 -42.36 -8.42 -76.71
C ILE Q 367 -41.00 -7.80 -76.42
N THR Q 368 -40.71 -7.57 -75.13
CA THR Q 368 -39.48 -6.87 -74.75
C THR Q 368 -38.25 -7.65 -75.19
N PHE Q 369 -38.19 -8.93 -74.85
CA PHE Q 369 -37.01 -9.72 -75.19
C PHE Q 369 -36.94 -9.97 -76.68
N LEU Q 370 -38.06 -9.90 -77.40
CA LEU Q 370 -38.00 -9.95 -78.85
C LEU Q 370 -37.21 -8.78 -79.41
N LEU Q 371 -37.59 -7.56 -79.00
CA LEU Q 371 -36.87 -6.41 -79.53
C LEU Q 371 -35.42 -6.41 -79.05
N GLY Q 372 -35.19 -6.89 -77.83
CA GLY Q 372 -33.82 -7.02 -77.34
C GLY Q 372 -32.99 -7.99 -78.16
N GLY Q 373 -33.59 -9.12 -78.57
CA GLY Q 373 -32.86 -10.07 -79.39
C GLY Q 373 -32.58 -9.54 -80.78
N LEU Q 374 -33.53 -8.78 -81.35
CA LEU Q 374 -33.25 -8.13 -82.63
C LEU Q 374 -32.06 -7.19 -82.53
N SER Q 375 -32.05 -6.35 -81.49
CA SER Q 375 -30.89 -5.49 -81.25
C SER Q 375 -29.62 -6.29 -81.04
N GLY Q 376 -29.73 -7.44 -80.37
CA GLY Q 376 -28.55 -8.26 -80.12
C GLY Q 376 -27.94 -8.82 -81.39
N VAL Q 377 -28.78 -9.35 -82.28
CA VAL Q 377 -28.24 -9.87 -83.54
C VAL Q 377 -27.74 -8.73 -84.42
N LEU Q 378 -28.27 -7.52 -84.22
CA LEU Q 378 -27.62 -6.36 -84.83
C LEU Q 378 -26.21 -6.17 -84.27
N LEU Q 379 -26.06 -6.31 -82.94
CA LEU Q 379 -24.78 -6.12 -82.28
C LEU Q 379 -23.78 -7.24 -82.60
N ALA Q 380 -24.26 -8.41 -83.04
CA ALA Q 380 -23.37 -9.53 -83.28
C ALA Q 380 -22.38 -9.26 -84.40
N SER Q 381 -22.79 -8.46 -85.39
CA SER Q 381 -21.96 -8.21 -86.56
C SER Q 381 -20.83 -7.25 -86.21
N PRO Q 382 -19.56 -7.66 -86.36
CA PRO Q 382 -18.44 -6.80 -85.96
C PRO Q 382 -18.43 -5.47 -86.69
N PRO Q 383 -18.71 -5.41 -88.00
CA PRO Q 383 -18.77 -4.08 -88.65
C PRO Q 383 -19.76 -3.12 -88.01
N LEU Q 384 -20.93 -3.60 -87.61
CA LEU Q 384 -21.90 -2.72 -86.95
C LEU Q 384 -21.48 -2.40 -85.52
N ASP Q 385 -21.01 -3.41 -84.79
CA ASP Q 385 -20.51 -3.18 -83.44
C ASP Q 385 -19.35 -2.21 -83.42
N PHE Q 386 -18.64 -2.05 -84.54
CA PHE Q 386 -17.59 -1.05 -84.61
C PHE Q 386 -18.16 0.34 -84.40
N HIS Q 387 -19.33 0.62 -84.98
CA HIS Q 387 -19.94 1.92 -84.79
C HIS Q 387 -20.68 2.01 -83.45
N VAL Q 388 -21.41 0.96 -83.08
CA VAL Q 388 -22.38 1.11 -81.98
C VAL Q 388 -21.86 0.67 -80.62
N THR Q 389 -20.66 0.08 -80.53
CA THR Q 389 -20.19 -0.35 -79.23
C THR Q 389 -19.91 0.85 -78.33
N ASP Q 390 -20.01 0.62 -77.02
CA ASP Q 390 -19.75 1.66 -76.02
C ASP Q 390 -20.60 2.91 -76.27
N SER Q 391 -21.83 2.70 -76.72
CA SER Q 391 -22.81 3.76 -76.90
C SER Q 391 -24.12 3.34 -76.24
N TYR Q 392 -25.14 4.21 -76.31
CA TYR Q 392 -26.43 3.83 -75.76
C TYR Q 392 -27.21 2.87 -76.62
N PHE Q 393 -26.76 2.54 -77.83
CA PHE Q 393 -27.40 1.43 -78.52
C PHE Q 393 -27.18 0.13 -77.75
N VAL Q 394 -25.97 -0.07 -77.25
CA VAL Q 394 -25.68 -1.22 -76.39
C VAL Q 394 -26.49 -1.14 -75.11
N ILE Q 395 -26.58 0.05 -74.52
CA ILE Q 395 -27.33 0.24 -73.29
C ILE Q 395 -28.79 -0.16 -73.49
N ALA Q 396 -29.40 0.34 -74.56
CA ALA Q 396 -30.79 0.00 -74.83
C ALA Q 396 -30.96 -1.48 -75.12
N HIS Q 397 -30.05 -2.07 -75.89
CA HIS Q 397 -30.11 -3.50 -76.16
C HIS Q 397 -30.15 -4.32 -74.87
N PHE Q 398 -29.11 -4.15 -74.04
CA PHE Q 398 -29.04 -5.04 -72.89
C PHE Q 398 -30.07 -4.66 -71.85
N HIS Q 399 -30.55 -3.43 -71.84
CA HIS Q 399 -31.67 -3.12 -70.97
C HIS Q 399 -32.94 -3.82 -71.42
N TYR Q 400 -33.16 -3.88 -72.73
CA TYR Q 400 -34.34 -4.58 -73.22
C TYR Q 400 -34.30 -6.06 -72.85
N VAL Q 401 -33.15 -6.70 -73.04
CA VAL Q 401 -33.10 -8.14 -72.73
C VAL Q 401 -33.16 -8.36 -71.22
N LEU Q 402 -32.39 -7.59 -70.43
CA LEU Q 402 -32.38 -7.76 -68.99
C LEU Q 402 -33.72 -7.41 -68.36
N PHE Q 403 -34.48 -6.52 -68.99
CA PHE Q 403 -35.75 -6.09 -68.41
C PHE Q 403 -36.89 -7.00 -68.85
N GLY Q 404 -36.80 -7.55 -70.06
CA GLY Q 404 -37.71 -8.61 -70.42
C GLY Q 404 -37.52 -9.84 -69.56
N THR Q 405 -36.27 -10.20 -69.28
CA THR Q 405 -35.98 -11.46 -68.59
C THR Q 405 -36.08 -11.35 -67.07
N ILE Q 406 -35.31 -10.44 -66.47
CA ILE Q 406 -35.14 -10.44 -65.02
C ILE Q 406 -36.15 -9.54 -64.33
N VAL Q 407 -36.96 -8.78 -65.07
CA VAL Q 407 -37.99 -7.93 -64.48
C VAL Q 407 -39.39 -8.44 -64.83
N PHE Q 408 -39.68 -8.59 -66.13
CA PHE Q 408 -41.00 -9.05 -66.53
C PHE Q 408 -41.25 -10.48 -66.10
N ALA Q 409 -40.29 -11.37 -66.34
CA ALA Q 409 -40.48 -12.76 -65.96
C ALA Q 409 -40.36 -12.96 -64.46
N THR Q 410 -39.54 -12.16 -63.78
CA THR Q 410 -39.51 -12.20 -62.32
C THR Q 410 -40.86 -11.81 -61.73
N TYR Q 411 -41.48 -10.76 -62.27
CA TYR Q 411 -42.80 -10.36 -61.79
C TYR Q 411 -43.85 -11.41 -62.13
N ALA Q 412 -43.76 -12.02 -63.31
CA ALA Q 412 -44.68 -13.10 -63.65
C ALA Q 412 -44.54 -14.26 -62.67
N GLY Q 413 -43.30 -14.62 -62.33
CA GLY Q 413 -43.08 -15.68 -61.36
C GLY Q 413 -43.59 -15.34 -59.98
N ILE Q 414 -43.45 -14.08 -59.58
CA ILE Q 414 -43.93 -13.66 -58.27
C ILE Q 414 -45.45 -13.72 -58.21
N TYR Q 415 -46.12 -13.14 -59.21
CA TYR Q 415 -47.58 -13.22 -59.26
C TYR Q 415 -48.07 -14.65 -59.41
N PHE Q 416 -47.23 -15.54 -59.95
CA PHE Q 416 -47.61 -16.93 -60.11
C PHE Q 416 -47.50 -17.69 -58.79
N TRP Q 417 -46.35 -17.61 -58.14
CA TRP Q 417 -46.03 -18.46 -57.00
C TRP Q 417 -46.21 -17.78 -55.66
N PHE Q 418 -46.72 -16.55 -55.64
CA PHE Q 418 -47.10 -15.93 -54.37
C PHE Q 418 -48.25 -16.67 -53.69
N PRO Q 419 -49.33 -17.05 -54.38
CA PRO Q 419 -50.34 -17.88 -53.70
C PRO Q 419 -49.80 -19.19 -53.18
N LYS Q 420 -48.88 -19.82 -53.93
CA LYS Q 420 -48.33 -21.09 -53.49
C LYS Q 420 -47.44 -20.93 -52.26
N MET Q 421 -46.70 -19.83 -52.17
CA MET Q 421 -45.76 -19.63 -51.07
C MET Q 421 -46.40 -18.98 -49.85
N THR Q 422 -47.50 -18.27 -50.02
CA THR Q 422 -48.14 -17.53 -48.95
C THR Q 422 -49.53 -18.04 -48.59
N GLY Q 423 -50.25 -18.63 -49.53
CA GLY Q 423 -51.64 -18.98 -49.32
C GLY Q 423 -52.60 -17.85 -49.55
N ARG Q 424 -52.14 -16.71 -50.06
CA ARG Q 424 -52.98 -15.56 -50.33
C ARG Q 424 -52.71 -15.04 -51.73
N LEU Q 425 -53.73 -14.46 -52.33
CA LEU Q 425 -53.69 -14.00 -53.72
C LEU Q 425 -53.45 -12.51 -53.78
N LEU Q 426 -52.45 -12.10 -54.56
CA LEU Q 426 -52.24 -10.69 -54.84
C LEU Q 426 -53.41 -10.13 -55.66
N ASP Q 427 -53.63 -8.83 -55.54
CA ASP Q 427 -54.77 -8.20 -56.19
C ASP Q 427 -54.51 -8.05 -57.69
N GLU Q 428 -55.55 -8.35 -58.49
CA GLU Q 428 -55.42 -8.31 -59.94
C GLU Q 428 -55.43 -6.88 -60.47
N ARG Q 429 -56.24 -6.00 -59.88
CA ARG Q 429 -56.29 -4.62 -60.35
C ARG Q 429 -54.95 -3.92 -60.14
N LEU Q 430 -54.36 -4.10 -58.95
CA LEU Q 430 -53.03 -3.55 -58.71
C LEU Q 430 -51.99 -4.20 -59.62
N GLY Q 431 -52.14 -5.49 -59.89
CA GLY Q 431 -51.24 -6.15 -60.82
C GLY Q 431 -51.28 -5.54 -62.21
N LYS Q 432 -52.48 -5.31 -62.73
CA LYS Q 432 -52.63 -4.71 -64.05
C LYS Q 432 -52.08 -3.28 -64.07
N LEU Q 433 -52.39 -2.50 -63.03
CA LEU Q 433 -51.87 -1.14 -62.94
C LEU Q 433 -50.35 -1.13 -62.95
N HIS Q 434 -49.74 -1.98 -62.12
CA HIS Q 434 -48.29 -2.03 -62.02
C HIS Q 434 -47.66 -2.50 -63.34
N PHE Q 435 -48.26 -3.50 -63.98
CA PHE Q 435 -47.71 -3.98 -65.23
C PHE Q 435 -47.74 -2.89 -66.30
N TRP Q 436 -48.88 -2.21 -66.44
CA TRP Q 436 -48.98 -1.20 -67.50
C TRP Q 436 -48.06 -0.02 -67.22
N LEU Q 437 -47.95 0.38 -65.95
CA LEU Q 437 -46.99 1.42 -65.59
C LEU Q 437 -45.58 1.01 -65.95
N THR Q 438 -45.19 -0.21 -65.59
CA THR Q 438 -43.83 -0.68 -65.86
C THR Q 438 -43.57 -0.74 -67.36
N PHE Q 439 -44.53 -1.25 -68.13
CA PHE Q 439 -44.33 -1.40 -69.57
C PHE Q 439 -44.17 -0.05 -70.25
N ILE Q 440 -45.09 0.88 -69.97
CA ILE Q 440 -45.02 2.19 -70.59
C ILE Q 440 -43.74 2.91 -70.17
N GLY Q 441 -43.41 2.87 -68.88
CA GLY Q 441 -42.21 3.55 -68.42
C GLY Q 441 -40.95 2.99 -69.03
N PHE Q 442 -40.85 1.66 -69.11
CA PHE Q 442 -39.68 1.02 -69.70
C PHE Q 442 -39.51 1.44 -71.15
N HIS Q 443 -40.58 1.35 -71.95
CA HIS Q 443 -40.43 1.70 -73.35
C HIS Q 443 -40.10 3.18 -73.51
N THR Q 444 -40.73 4.04 -72.72
CA THR Q 444 -40.44 5.47 -72.80
C THR Q 444 -38.96 5.75 -72.50
N THR Q 445 -38.42 5.10 -71.46
CA THR Q 445 -37.05 5.43 -71.07
C THR Q 445 -35.98 4.71 -71.88
N PHE Q 446 -36.32 3.66 -72.64
CA PHE Q 446 -35.28 2.93 -73.34
C PHE Q 446 -35.44 2.81 -74.84
N LEU Q 447 -36.55 3.25 -75.43
CA LEU Q 447 -36.69 3.11 -76.87
C LEU Q 447 -35.98 4.21 -77.65
N VAL Q 448 -35.57 5.29 -76.98
CA VAL Q 448 -34.87 6.38 -77.65
C VAL Q 448 -33.36 6.35 -77.41
N GLN Q 449 -32.88 5.49 -76.51
CA GLN Q 449 -31.44 5.37 -76.35
C GLN Q 449 -30.78 4.67 -77.53
N HIS Q 450 -31.53 3.91 -78.32
CA HIS Q 450 -31.02 3.46 -79.61
C HIS Q 450 -30.62 4.65 -80.47
N TRP Q 451 -31.53 5.60 -80.62
CA TRP Q 451 -31.25 6.79 -81.42
C TRP Q 451 -30.14 7.62 -80.80
N LEU Q 452 -30.13 7.70 -79.46
CA LEU Q 452 -29.07 8.43 -78.77
C LEU Q 452 -27.70 7.85 -79.10
N GLY Q 453 -27.56 6.52 -78.95
CA GLY Q 453 -26.27 5.90 -79.20
C GLY Q 453 -25.85 5.97 -80.66
N ASP Q 454 -26.81 5.85 -81.57
CA ASP Q 454 -26.48 5.87 -82.99
C ASP Q 454 -25.98 7.24 -83.44
N GLU Q 455 -26.54 8.32 -82.86
CA GLU Q 455 -26.07 9.65 -83.21
C GLU Q 455 -24.65 9.89 -82.73
N GLY Q 456 -24.24 9.22 -81.67
CA GLY Q 456 -22.87 9.35 -81.20
C GLY Q 456 -22.72 9.71 -79.75
N MET Q 457 -23.74 9.44 -78.92
CA MET Q 457 -23.57 9.62 -77.49
C MET Q 457 -23.00 8.35 -76.88
N PRO Q 458 -21.77 8.38 -76.39
CA PRO Q 458 -21.20 7.18 -75.78
C PRO Q 458 -21.79 6.91 -74.40
N ARG Q 459 -21.77 5.64 -74.03
CA ARG Q 459 -22.20 5.25 -72.70
C ARG Q 459 -21.15 5.66 -71.67
N ARG Q 460 -21.61 5.87 -70.44
CA ARG Q 460 -20.78 6.25 -69.29
C ARG Q 460 -20.31 7.70 -69.38
N TYR Q 461 -21.04 8.56 -70.08
CA TYR Q 461 -20.77 9.99 -70.07
C TYR Q 461 -21.59 10.67 -68.97
N ALA Q 462 -20.91 11.39 -68.09
CA ALA Q 462 -21.57 12.15 -67.04
C ALA Q 462 -22.08 13.50 -67.51
N ASP Q 463 -21.65 13.97 -68.68
CA ASP Q 463 -21.97 15.33 -69.11
C ASP Q 463 -21.77 15.44 -70.62
N TYR Q 464 -22.66 16.18 -71.27
CA TYR Q 464 -22.55 16.50 -72.68
C TYR Q 464 -22.69 18.01 -72.86
N LEU Q 465 -22.87 18.43 -74.12
CA LEU Q 465 -22.98 19.84 -74.44
C LEU Q 465 -24.24 20.11 -75.24
N PRO Q 466 -24.81 21.33 -75.15
CA PRO Q 466 -26.05 21.61 -75.88
C PRO Q 466 -25.91 21.54 -77.40
N THR Q 467 -24.69 21.67 -77.93
CA THR Q 467 -24.48 21.53 -79.36
C THR Q 467 -24.43 20.06 -79.80
N ASP Q 468 -24.24 19.14 -78.85
CA ASP Q 468 -24.21 17.72 -79.18
C ASP Q 468 -25.54 17.25 -79.76
N GLY Q 469 -26.65 17.78 -79.26
CA GLY Q 469 -27.96 17.36 -79.73
C GLY Q 469 -28.59 16.25 -78.92
N PHE Q 470 -28.08 15.98 -77.72
CA PHE Q 470 -28.50 14.84 -76.92
C PHE Q 470 -29.52 15.21 -75.85
N THR Q 471 -30.21 16.34 -76.01
CA THR Q 471 -30.98 16.89 -74.89
C THR Q 471 -32.40 16.32 -74.84
N THR Q 472 -33.12 16.37 -75.96
CA THR Q 472 -34.51 15.96 -75.96
C THR Q 472 -34.66 14.48 -75.60
N LEU Q 473 -33.81 13.63 -76.16
CA LEU Q 473 -33.93 12.20 -75.90
C LEU Q 473 -33.54 11.88 -74.46
N ASN Q 474 -32.56 12.60 -73.91
CA ASN Q 474 -32.21 12.42 -72.51
C ASN Q 474 -33.36 12.85 -71.60
N VAL Q 475 -34.08 13.91 -71.98
CA VAL Q 475 -35.23 14.33 -71.20
C VAL Q 475 -36.33 13.27 -71.25
N ILE Q 476 -36.59 12.72 -72.43
CA ILE Q 476 -37.61 11.67 -72.56
C ILE Q 476 -37.21 10.45 -71.74
N SER Q 477 -35.92 10.09 -71.79
CA SER Q 477 -35.45 8.94 -71.02
C SER Q 477 -35.58 9.18 -69.52
N THR Q 478 -35.31 10.41 -69.05
CA THR Q 478 -35.47 10.68 -67.63
C THR Q 478 -36.95 10.64 -67.23
N VAL Q 479 -37.83 11.13 -68.11
CA VAL Q 479 -39.26 11.02 -67.85
C VAL Q 479 -39.68 9.55 -67.71
N GLY Q 480 -39.18 8.72 -68.62
CA GLY Q 480 -39.51 7.30 -68.55
C GLY Q 480 -38.92 6.62 -67.33
N ALA Q 481 -37.71 7.02 -66.93
CA ALA Q 481 -37.11 6.46 -65.72
C ALA Q 481 -37.91 6.83 -64.49
N PHE Q 482 -38.44 8.05 -64.43
CA PHE Q 482 -39.28 8.39 -63.29
C PHE Q 482 -40.63 7.69 -63.34
N ILE Q 483 -41.13 7.41 -64.54
CA ILE Q 483 -42.34 6.57 -64.62
C ILE Q 483 -42.05 5.18 -64.10
N LEU Q 484 -40.88 4.62 -64.42
CA LEU Q 484 -40.52 3.30 -63.91
C LEU Q 484 -40.35 3.32 -62.40
N GLY Q 485 -39.77 4.39 -61.86
CA GLY Q 485 -39.67 4.50 -60.41
C GLY Q 485 -41.03 4.61 -59.74
N VAL Q 486 -41.95 5.35 -60.36
CA VAL Q 486 -43.31 5.45 -59.84
C VAL Q 486 -44.03 4.11 -59.92
N SER Q 487 -43.74 3.31 -60.94
CA SER Q 487 -44.42 2.03 -61.12
C SER Q 487 -44.13 1.02 -60.02
N MET Q 488 -43.13 1.26 -59.18
CA MET Q 488 -42.82 0.33 -58.11
C MET Q 488 -43.71 0.52 -56.89
N LEU Q 489 -44.41 1.65 -56.80
CA LEU Q 489 -45.35 1.85 -55.70
C LEU Q 489 -46.53 0.87 -55.75
N PRO Q 490 -47.21 0.66 -56.89
CA PRO Q 490 -48.31 -0.32 -56.89
C PRO Q 490 -47.86 -1.72 -56.51
N PHE Q 491 -46.69 -2.16 -56.96
CA PHE Q 491 -46.26 -3.53 -56.67
C PHE Q 491 -45.92 -3.69 -55.19
N VAL Q 492 -45.17 -2.74 -54.63
CA VAL Q 492 -44.83 -2.80 -53.22
C VAL Q 492 -46.08 -2.74 -52.36
N TRP Q 493 -47.02 -1.85 -52.72
CA TRP Q 493 -48.27 -1.77 -51.99
C TRP Q 493 -49.05 -3.08 -52.09
N ASN Q 494 -49.11 -3.66 -53.28
CA ASN Q 494 -49.84 -4.91 -53.47
C ASN Q 494 -49.28 -6.01 -52.60
N VAL Q 495 -47.95 -6.16 -52.61
CA VAL Q 495 -47.33 -7.23 -51.82
C VAL Q 495 -47.51 -6.98 -50.34
N PHE Q 496 -47.28 -5.74 -49.91
CA PHE Q 496 -47.37 -5.40 -48.49
C PHE Q 496 -48.78 -5.62 -47.95
N LYS Q 497 -49.80 -5.25 -48.73
CA LYS Q 497 -51.17 -5.45 -48.27
C LYS Q 497 -51.59 -6.91 -48.36
N SER Q 498 -51.23 -7.59 -49.45
CA SER Q 498 -51.76 -8.91 -49.73
C SER Q 498 -51.00 -10.03 -49.03
N TRP Q 499 -49.87 -9.73 -48.39
CA TRP Q 499 -49.26 -10.76 -47.55
C TRP Q 499 -50.20 -11.15 -46.42
N ARG Q 500 -50.87 -10.16 -45.83
CA ARG Q 500 -51.69 -10.34 -44.64
C ARG Q 500 -53.18 -10.30 -44.94
N TYR Q 501 -53.64 -9.33 -45.73
CA TYR Q 501 -55.06 -9.15 -45.98
C TYR Q 501 -55.47 -9.58 -47.38
N GLY Q 502 -54.59 -10.28 -48.10
CA GLY Q 502 -54.95 -10.76 -49.41
C GLY Q 502 -55.97 -11.87 -49.35
N GLU Q 503 -56.66 -12.06 -50.46
CA GLU Q 503 -57.70 -13.07 -50.53
C GLU Q 503 -57.13 -14.46 -50.27
N PRO Q 504 -57.65 -15.19 -49.28
CA PRO Q 504 -57.05 -16.48 -48.95
C PRO Q 504 -57.18 -17.50 -50.06
N VAL Q 505 -56.21 -18.41 -50.12
CA VAL Q 505 -56.23 -19.56 -51.01
C VAL Q 505 -56.38 -20.80 -50.16
N THR Q 506 -57.46 -21.55 -50.38
CA THR Q 506 -57.77 -22.72 -49.57
C THR Q 506 -57.76 -24.00 -50.41
N VAL Q 507 -57.25 -23.93 -51.64
CA VAL Q 507 -57.23 -25.07 -52.54
C VAL Q 507 -55.82 -25.22 -53.08
N ASP Q 508 -55.55 -26.39 -53.68
CA ASP Q 508 -54.39 -26.52 -54.54
C ASP Q 508 -54.64 -25.77 -55.84
N ASP Q 509 -53.55 -25.31 -56.46
CA ASP Q 509 -53.63 -24.76 -57.80
C ASP Q 509 -54.62 -23.60 -57.89
N PRO Q 510 -54.33 -22.44 -57.30
CA PRO Q 510 -55.23 -21.29 -57.44
C PRO Q 510 -55.40 -20.81 -58.87
N TRP Q 511 -54.65 -21.37 -59.82
CA TRP Q 511 -54.78 -21.03 -61.22
C TRP Q 511 -55.46 -22.13 -62.04
N GLY Q 512 -55.81 -23.25 -61.40
CA GLY Q 512 -56.69 -24.23 -62.00
C GLY Q 512 -56.04 -25.25 -62.92
N TYR Q 513 -55.30 -24.79 -63.92
CA TYR Q 513 -54.73 -25.65 -64.94
C TYR Q 513 -53.22 -25.73 -64.83
N GLY Q 514 -52.72 -25.78 -63.60
CA GLY Q 514 -51.30 -25.86 -63.34
C GLY Q 514 -50.73 -27.24 -63.62
N ASN Q 515 -49.41 -27.33 -63.50
CA ASN Q 515 -48.68 -28.54 -63.82
C ASN Q 515 -47.55 -28.68 -62.79
N SER Q 516 -46.55 -29.49 -63.14
CA SER Q 516 -45.22 -29.43 -62.52
C SER Q 516 -45.21 -29.79 -61.05
N LEU Q 517 -46.28 -30.40 -60.54
CA LEU Q 517 -46.37 -31.10 -59.26
C LEU Q 517 -46.37 -30.18 -58.04
N GLU Q 518 -46.14 -28.88 -58.19
CA GLU Q 518 -46.31 -28.00 -57.03
C GLU Q 518 -47.75 -27.54 -56.86
N TRP Q 519 -48.59 -27.74 -57.88
CA TRP Q 519 -50.02 -27.51 -57.77
C TRP Q 519 -50.77 -28.78 -57.35
N ALA Q 520 -50.07 -29.76 -56.80
CA ALA Q 520 -50.67 -30.93 -56.17
C ALA Q 520 -50.30 -30.97 -54.69
N THR Q 521 -50.27 -29.79 -54.06
CA THR Q 521 -49.97 -29.67 -52.64
C THR Q 521 -50.51 -28.33 -52.16
N SER Q 522 -50.72 -28.23 -50.85
CA SER Q 522 -51.48 -27.14 -50.27
C SER Q 522 -50.81 -25.80 -50.53
N CYS Q 523 -51.56 -24.73 -50.28
CA CYS Q 523 -51.05 -23.35 -50.36
C CYS Q 523 -51.13 -22.72 -48.98
N PRO Q 524 -50.01 -22.51 -48.28
CA PRO Q 524 -48.65 -22.93 -48.66
C PRO Q 524 -48.46 -24.43 -48.47
N PRO Q 525 -47.42 -25.01 -49.06
CA PRO Q 525 -47.13 -26.42 -48.81
C PRO Q 525 -46.61 -26.60 -47.40
N PRO Q 526 -46.83 -27.77 -46.80
CA PRO Q 526 -46.32 -27.99 -45.44
C PRO Q 526 -44.82 -28.12 -45.42
N ARG Q 527 -44.23 -28.18 -44.23
CA ARG Q 527 -42.82 -28.54 -44.15
C ARG Q 527 -42.65 -29.96 -44.67
N HIS Q 528 -41.62 -30.17 -45.50
CA HIS Q 528 -41.30 -31.41 -46.22
C HIS Q 528 -42.19 -31.58 -47.45
N ASN Q 529 -43.03 -30.60 -47.76
CA ASN Q 529 -43.58 -30.24 -49.06
C ASN Q 529 -44.68 -31.16 -49.59
N PHE Q 530 -44.95 -32.31 -48.98
CA PHE Q 530 -45.86 -33.26 -49.62
C PHE Q 530 -46.44 -34.21 -48.59
N THR Q 531 -47.76 -34.22 -48.47
CA THR Q 531 -48.46 -35.24 -47.72
C THR Q 531 -48.92 -36.40 -48.60
N GLU Q 532 -48.66 -36.32 -49.90
CA GLU Q 532 -48.98 -37.38 -50.86
C GLU Q 532 -48.37 -37.03 -52.21
N LEU Q 533 -48.01 -38.04 -53.00
CA LEU Q 533 -47.57 -37.76 -54.34
C LEU Q 533 -48.41 -38.56 -55.33
N PRO Q 534 -48.91 -37.93 -56.38
CA PRO Q 534 -49.65 -38.67 -57.41
C PRO Q 534 -48.71 -39.48 -58.28
N ARG Q 535 -49.30 -40.46 -58.96
CA ARG Q 535 -48.54 -41.24 -59.93
C ARG Q 535 -48.11 -40.35 -61.09
N ILE Q 536 -46.81 -40.23 -61.29
CA ILE Q 536 -46.25 -39.37 -62.33
C ILE Q 536 -46.12 -40.18 -63.61
N ARG Q 537 -46.90 -39.82 -64.62
CA ARG Q 537 -46.87 -40.49 -65.91
C ARG Q 537 -46.57 -39.56 -67.07
N SER Q 538 -46.64 -38.25 -66.88
CA SER Q 538 -46.41 -37.28 -67.94
C SER Q 538 -45.67 -36.09 -67.35
N GLU Q 539 -45.36 -35.12 -68.21
CA GLU Q 539 -44.65 -33.93 -67.78
C GLU Q 539 -45.49 -33.04 -66.87
N ARG Q 540 -46.79 -33.25 -66.80
CA ARG Q 540 -47.72 -32.35 -66.10
C ARG Q 540 -48.62 -33.15 -65.17
N PRO Q 541 -48.05 -33.75 -64.12
CA PRO Q 541 -48.83 -34.68 -63.29
C PRO Q 541 -50.03 -34.06 -62.61
N ALA Q 542 -49.93 -32.80 -62.17
CA ALA Q 542 -51.03 -32.19 -61.44
C ALA Q 542 -52.26 -32.00 -62.34
N PHE Q 543 -52.04 -31.66 -63.61
CA PHE Q 543 -53.16 -31.45 -64.52
C PHE Q 543 -53.95 -32.72 -64.71
N GLU Q 544 -53.27 -33.86 -64.87
CA GLU Q 544 -53.97 -35.13 -65.00
C GLU Q 544 -54.42 -35.70 -63.66
N LEU Q 545 -53.92 -35.16 -62.55
CA LEU Q 545 -54.47 -35.51 -61.25
C LEU Q 545 -55.80 -34.82 -61.00
N HIS Q 546 -55.95 -33.58 -61.47
CA HIS Q 546 -57.17 -32.82 -61.23
C HIS Q 546 -58.22 -33.01 -62.31
N TYR Q 547 -57.82 -33.37 -63.53
CA TYR Q 547 -58.75 -33.63 -64.63
C TYR Q 547 -58.38 -34.96 -65.26
N PRO Q 548 -58.75 -36.08 -64.61
CA PRO Q 548 -58.38 -37.39 -65.15
C PRO Q 548 -58.98 -37.68 -66.52
N HIS Q 549 -60.19 -37.18 -66.80
CA HIS Q 549 -60.84 -37.45 -68.07
C HIS Q 549 -60.06 -36.89 -69.25
N MET Q 550 -59.11 -35.98 -69.00
CA MET Q 550 -58.30 -35.43 -70.07
C MET Q 550 -57.11 -36.30 -70.43
N VAL Q 551 -56.75 -37.28 -69.58
CA VAL Q 551 -55.50 -38.01 -69.79
C VAL Q 551 -55.49 -38.66 -71.16
N GLU Q 552 -56.55 -39.43 -71.46
CA GLU Q 552 -56.67 -40.06 -72.77
C GLU Q 552 -56.51 -39.03 -73.87
N ARG Q 553 -57.20 -37.90 -73.75
CA ARG Q 553 -57.11 -36.87 -74.77
C ARG Q 553 -55.69 -36.35 -74.92
N MET Q 554 -54.99 -36.14 -73.80
CA MET Q 554 -53.61 -35.67 -73.90
C MET Q 554 -52.74 -36.67 -74.64
N ARG Q 555 -53.08 -37.96 -74.57
CA ARG Q 555 -52.30 -38.97 -75.26
C ARG Q 555 -52.77 -39.21 -76.68
N ALA Q 556 -53.89 -38.61 -77.08
CA ALA Q 556 -54.40 -38.79 -78.44
C ALA Q 556 -54.18 -37.56 -79.32
N GLU Q 557 -54.19 -36.36 -78.74
CA GLU Q 557 -54.07 -35.13 -79.50
C GLU Q 557 -52.70 -34.49 -79.40
N ALA Q 558 -51.73 -35.15 -78.79
CA ALA Q 558 -50.45 -34.51 -78.50
C ALA Q 558 -49.68 -34.18 -79.78
N HIS Q 559 -49.82 -35.02 -80.81
CA HIS Q 559 -49.03 -34.89 -82.02
C HIS Q 559 -49.90 -34.34 -83.14
N VAL Q 560 -49.59 -33.12 -83.58
CA VAL Q 560 -50.34 -32.51 -84.69
C VAL Q 560 -50.14 -33.33 -85.96
N GLY Q 561 -48.91 -33.73 -86.24
CA GLY Q 561 -48.61 -34.54 -87.42
C GLY Q 561 -48.37 -35.99 -87.09
N LEU R 19 -27.31 -51.61 -51.85
CA LEU R 19 -26.67 -50.40 -52.31
C LEU R 19 -27.13 -50.07 -53.73
N ASN R 20 -28.27 -49.39 -53.84
CA ASN R 20 -28.87 -49.09 -55.13
C ASN R 20 -29.19 -47.61 -55.27
N ARG R 21 -28.40 -46.75 -54.64
CA ARG R 21 -28.54 -45.30 -54.74
C ARG R 21 -27.18 -44.68 -54.95
N PRO R 22 -27.12 -43.51 -55.58
CA PRO R 22 -25.88 -42.74 -55.58
C PRO R 22 -25.72 -41.96 -54.28
N ASN R 23 -24.48 -41.87 -53.81
CA ASN R 23 -24.16 -41.11 -52.61
C ASN R 23 -24.04 -39.65 -52.99
N MET R 24 -25.01 -38.83 -52.58
CA MET R 24 -25.03 -37.46 -53.08
C MET R 24 -23.96 -36.56 -52.48
N VAL R 25 -23.39 -36.93 -51.33
CA VAL R 25 -22.22 -36.20 -50.86
C VAL R 25 -21.09 -36.34 -51.87
N SER R 26 -20.93 -37.55 -52.42
CA SER R 26 -19.90 -37.80 -53.42
C SER R 26 -20.14 -37.00 -54.70
N VAL R 27 -21.39 -36.97 -55.18
CA VAL R 27 -21.66 -36.26 -56.42
C VAL R 27 -21.51 -34.75 -56.20
N GLY R 28 -21.92 -34.26 -55.04
CA GLY R 28 -21.70 -32.86 -54.72
C GLY R 28 -20.22 -32.50 -54.68
N THR R 29 -19.42 -33.38 -54.09
CA THR R 29 -17.98 -33.13 -54.04
C THR R 29 -17.36 -33.16 -55.43
N ILE R 30 -17.78 -34.10 -56.29
CA ILE R 30 -17.28 -34.13 -57.66
C ILE R 30 -17.62 -32.84 -58.40
N VAL R 31 -18.87 -32.38 -58.26
CA VAL R 31 -19.30 -31.17 -58.95
C VAL R 31 -18.48 -29.97 -58.47
N TRP R 32 -18.31 -29.85 -57.15
CA TRP R 32 -17.54 -28.73 -56.63
C TRP R 32 -16.08 -28.82 -57.04
N LEU R 33 -15.52 -30.04 -57.10
CA LEU R 33 -14.13 -30.19 -57.52
C LEU R 33 -13.96 -29.78 -58.98
N SER R 34 -14.96 -30.04 -59.81
CA SER R 34 -14.94 -29.53 -61.18
C SER R 34 -14.90 -28.00 -61.17
N SER R 35 -15.72 -27.37 -60.33
CA SER R 35 -15.67 -25.91 -60.23
C SER R 35 -14.28 -25.41 -59.82
N GLU R 36 -13.66 -26.09 -58.84
CA GLU R 36 -12.32 -25.69 -58.40
C GLU R 36 -11.30 -25.88 -59.52
N LEU R 37 -11.47 -26.93 -60.32
CA LEU R 37 -10.64 -27.11 -61.51
C LEU R 37 -10.79 -25.92 -62.44
N MET R 38 -11.98 -25.34 -62.51
CA MET R 38 -12.17 -24.18 -63.37
C MET R 38 -11.45 -22.95 -62.79
N PHE R 39 -11.44 -22.83 -61.46
CA PHE R 39 -10.63 -21.79 -60.81
C PHE R 39 -9.16 -21.94 -61.20
N PHE R 40 -8.64 -23.17 -61.16
CA PHE R 40 -7.27 -23.37 -61.58
C PHE R 40 -7.10 -23.15 -63.08
N ALA R 41 -8.17 -23.32 -63.85
CA ALA R 41 -8.13 -22.91 -65.26
C ALA R 41 -7.84 -21.42 -65.37
N GLY R 42 -8.51 -20.62 -64.56
CA GLY R 42 -8.18 -19.19 -64.54
C GLY R 42 -6.72 -18.93 -64.22
N LEU R 43 -6.19 -19.67 -63.24
CA LEU R 43 -4.78 -19.51 -62.90
C LEU R 43 -3.86 -19.90 -64.07
N PHE R 44 -4.17 -21.00 -64.76
CA PHE R 44 -3.38 -21.38 -65.92
C PHE R 44 -3.47 -20.34 -67.03
N ALA R 45 -4.64 -19.74 -67.22
CA ALA R 45 -4.77 -18.67 -68.20
C ALA R 45 -3.88 -17.49 -67.85
N MET R 46 -3.77 -17.18 -66.55
CA MET R 46 -2.81 -16.16 -66.14
C MET R 46 -1.38 -16.57 -66.49
N TYR R 47 -1.02 -17.83 -66.21
CA TYR R 47 0.36 -18.25 -66.40
C TYR R 47 0.76 -18.28 -67.87
N PHE R 48 -0.12 -18.78 -68.74
CA PHE R 48 0.27 -19.01 -70.13
C PHE R 48 0.48 -17.70 -70.87
N THR R 49 -0.42 -16.74 -70.69
CA THR R 49 -0.10 -15.37 -71.06
C THR R 49 0.99 -14.85 -70.14
N ALA R 50 1.78 -13.91 -70.65
CA ALA R 50 3.01 -13.37 -70.06
C ALA R 50 4.16 -14.37 -70.18
N ARG R 51 3.90 -15.59 -70.65
CA ARG R 51 4.93 -16.52 -71.10
C ARG R 51 5.12 -16.46 -72.60
N ALA R 52 4.04 -16.20 -73.34
CA ALA R 52 4.13 -15.81 -74.75
C ALA R 52 4.75 -14.43 -74.92
N GLN R 53 4.93 -13.68 -73.83
CA GLN R 53 5.58 -12.38 -73.82
C GLN R 53 6.94 -12.44 -73.16
N ALA R 54 7.68 -13.52 -73.38
CA ALA R 54 8.94 -13.75 -72.68
C ALA R 54 10.15 -13.31 -73.50
N GLY R 55 10.01 -13.22 -74.83
CA GLY R 55 11.13 -12.82 -75.67
C GLY R 55 12.29 -13.80 -75.66
N GLY R 56 12.00 -15.10 -75.62
CA GLY R 56 13.03 -16.11 -75.66
C GLY R 56 13.68 -16.41 -74.32
N ALA R 57 13.24 -15.78 -73.24
CA ALA R 57 13.73 -16.07 -71.90
C ALA R 57 12.54 -16.44 -71.03
N TRP R 58 12.38 -17.75 -70.79
CA TRP R 58 11.33 -18.22 -69.90
C TRP R 58 11.73 -19.57 -69.31
N PRO R 59 12.00 -19.66 -68.01
CA PRO R 59 11.95 -18.58 -67.01
C PRO R 59 13.05 -17.54 -67.19
N PRO R 60 12.67 -16.27 -67.32
CA PRO R 60 13.67 -15.23 -67.51
C PRO R 60 14.54 -15.05 -66.27
N GLU R 61 15.77 -14.57 -66.50
CA GLU R 61 16.74 -14.41 -65.44
C GLU R 61 16.21 -13.43 -64.39
N PRO R 62 16.69 -13.53 -63.13
CA PRO R 62 17.72 -14.43 -62.63
C PRO R 62 17.24 -15.74 -62.01
N THR R 63 15.96 -16.10 -62.17
CA THR R 63 15.45 -17.29 -61.52
C THR R 63 16.08 -18.55 -62.12
N GLU R 64 16.23 -19.57 -61.28
CA GLU R 64 16.80 -20.86 -61.68
C GLU R 64 15.93 -21.94 -61.07
N LEU R 65 15.13 -22.62 -61.89
CA LEU R 65 14.20 -23.62 -61.42
C LEU R 65 14.95 -24.83 -60.89
N ASN R 66 14.94 -25.01 -59.57
CA ASN R 66 15.66 -26.11 -58.93
C ASN R 66 14.76 -27.34 -58.93
N LEU R 67 14.79 -28.06 -60.06
CA LEU R 67 14.05 -29.30 -60.19
C LEU R 67 14.48 -30.34 -59.16
N ALA R 68 15.71 -30.23 -58.65
CA ALA R 68 16.26 -31.24 -57.75
C ALA R 68 15.48 -31.31 -56.46
N LEU R 69 15.00 -30.17 -55.96
CA LEU R 69 14.12 -30.16 -54.79
C LEU R 69 12.65 -30.30 -55.16
N ALA R 70 12.28 -29.98 -56.41
CA ALA R 70 10.87 -30.02 -56.80
C ALA R 70 10.39 -31.44 -57.05
N VAL R 71 11.24 -32.33 -57.59
CA VAL R 71 10.82 -33.71 -57.81
C VAL R 71 10.46 -34.43 -56.51
N PRO R 72 11.26 -34.36 -55.43
CA PRO R 72 10.90 -35.11 -54.22
C PRO R 72 9.53 -34.74 -53.66
N VAL R 73 9.17 -33.46 -53.64
CA VAL R 73 7.89 -33.06 -53.06
C VAL R 73 6.73 -33.55 -53.93
N THR R 74 6.92 -33.58 -55.25
CA THR R 74 5.90 -34.16 -56.12
C THR R 74 5.72 -35.64 -55.84
N LEU R 75 6.82 -36.37 -55.67
CA LEU R 75 6.72 -37.78 -55.34
C LEU R 75 6.04 -37.99 -53.98
N VAL R 76 6.34 -37.11 -53.02
CA VAL R 76 5.70 -37.19 -51.71
C VAL R 76 4.19 -37.01 -51.85
N LEU R 77 3.76 -36.01 -52.63
CA LEU R 77 2.33 -35.78 -52.80
C LEU R 77 1.64 -36.96 -53.47
N ILE R 78 2.29 -37.54 -54.49
CA ILE R 78 1.68 -38.67 -55.19
C ILE R 78 1.55 -39.87 -54.26
N ALA R 79 2.61 -40.18 -53.51
CA ALA R 79 2.52 -41.28 -52.58
C ALA R 79 1.53 -40.99 -51.46
N SER R 80 1.33 -39.72 -51.12
CA SER R 80 0.34 -39.36 -50.12
C SER R 80 -1.07 -39.64 -50.65
N SER R 81 -1.28 -39.41 -51.94
CA SER R 81 -2.54 -39.84 -52.55
C SER R 81 -2.71 -41.35 -52.48
N PHE R 82 -1.62 -42.09 -52.70
CA PHE R 82 -1.69 -43.55 -52.58
C PHE R 82 -2.13 -43.95 -51.18
N THR R 83 -1.53 -43.34 -50.16
CA THR R 83 -1.91 -43.65 -48.78
C THR R 83 -3.34 -43.21 -48.47
N CYS R 84 -3.79 -42.10 -49.05
CA CYS R 84 -5.17 -41.68 -48.89
C CYS R 84 -6.13 -42.72 -49.47
N GLN R 85 -5.79 -43.28 -50.63
CA GLN R 85 -6.62 -44.33 -51.19
C GLN R 85 -6.61 -45.57 -50.31
N MET R 86 -5.46 -45.89 -49.73
CA MET R 86 -5.40 -47.00 -48.76
C MET R 86 -6.34 -46.73 -47.57
N GLY R 87 -6.38 -45.47 -47.11
CA GLY R 87 -7.30 -45.12 -46.04
C GLY R 87 -8.75 -45.27 -46.43
N VAL R 88 -9.07 -44.93 -47.68
CA VAL R 88 -10.43 -45.14 -48.18
C VAL R 88 -10.77 -46.62 -48.18
N PHE R 89 -9.83 -47.46 -48.62
CA PHE R 89 -10.04 -48.90 -48.60
C PHE R 89 -10.28 -49.39 -47.18
N ALA R 90 -9.56 -48.83 -46.22
CA ALA R 90 -9.80 -49.17 -44.82
C ALA R 90 -11.19 -48.74 -44.37
N ALA R 91 -11.59 -47.53 -44.74
CA ALA R 91 -12.85 -46.97 -44.24
C ALA R 91 -14.06 -47.68 -44.83
N GLU R 92 -13.97 -48.11 -46.09
CA GLU R 92 -15.12 -48.71 -46.75
C GLU R 92 -15.56 -50.01 -46.10
N ARG R 93 -14.67 -50.70 -45.41
CA ARG R 93 -15.00 -51.93 -44.71
C ARG R 93 -15.20 -51.74 -43.21
N GLY R 94 -15.29 -50.49 -42.75
CA GLY R 94 -15.59 -50.22 -41.36
C GLY R 94 -14.40 -50.23 -40.43
N ASP R 95 -13.17 -50.25 -40.96
CA ASP R 95 -11.98 -50.26 -40.12
C ASP R 95 -11.59 -48.81 -39.85
N VAL R 96 -12.10 -48.27 -38.75
CA VAL R 96 -11.84 -46.87 -38.41
C VAL R 96 -10.37 -46.67 -38.08
N PHE R 97 -9.73 -47.65 -37.44
CA PHE R 97 -8.35 -47.47 -37.01
C PHE R 97 -7.38 -47.46 -38.19
N GLY R 98 -7.60 -48.34 -39.17
CA GLY R 98 -6.77 -48.30 -40.36
C GLY R 98 -6.97 -47.03 -41.16
N LEU R 99 -8.21 -46.54 -41.22
CA LEU R 99 -8.46 -45.25 -41.86
C LEU R 99 -7.72 -44.13 -41.14
N ARG R 100 -7.75 -44.14 -39.81
CA ARG R 100 -7.00 -43.13 -39.07
C ARG R 100 -5.51 -43.22 -39.34
N ARG R 101 -4.97 -44.44 -39.40
CA ARG R 101 -3.54 -44.62 -39.65
C ARG R 101 -3.15 -44.06 -41.02
N TRP R 102 -3.86 -44.48 -42.06
CA TRP R 102 -3.51 -44.03 -43.40
C TRP R 102 -3.76 -42.53 -43.57
N TYR R 103 -4.74 -41.97 -42.87
CA TYR R 103 -4.98 -40.54 -43.02
C TYR R 103 -3.99 -39.71 -42.23
N VAL R 104 -3.49 -40.22 -41.11
CA VAL R 104 -2.37 -39.54 -40.44
C VAL R 104 -1.14 -39.58 -41.33
N ILE R 105 -0.93 -40.70 -42.03
CA ILE R 105 0.18 -40.75 -42.99
C ILE R 105 0.01 -39.69 -44.06
N THR R 106 -1.21 -39.60 -44.63
CA THR R 106 -1.46 -38.62 -45.67
C THR R 106 -1.27 -37.19 -45.16
N PHE R 107 -1.71 -36.92 -43.94
CA PHE R 107 -1.53 -35.59 -43.35
C PHE R 107 -0.06 -35.25 -43.20
N LEU R 108 0.71 -36.16 -42.62
CA LEU R 108 2.14 -35.90 -42.43
C LEU R 108 2.82 -35.66 -43.76
N MET R 109 2.46 -36.42 -44.79
CA MET R 109 3.14 -36.29 -46.07
C MET R 109 2.72 -35.02 -46.80
N GLY R 110 1.45 -34.63 -46.69
CA GLY R 110 1.03 -33.35 -47.25
C GLY R 110 1.67 -32.17 -46.55
N LEU R 111 1.84 -32.26 -45.23
CA LEU R 111 2.55 -31.22 -44.51
C LEU R 111 4.01 -31.16 -44.95
N PHE R 112 4.61 -32.33 -45.23
CA PHE R 112 5.94 -32.35 -45.81
C PHE R 112 5.98 -31.62 -47.15
N PHE R 113 4.96 -31.83 -47.98
CA PHE R 113 4.88 -31.12 -49.25
C PHE R 113 4.77 -29.61 -49.04
N VAL R 114 3.96 -29.19 -48.07
CA VAL R 114 3.82 -27.75 -47.78
C VAL R 114 5.16 -27.16 -47.35
N LEU R 115 5.89 -27.88 -46.49
CA LEU R 115 7.18 -27.38 -46.04
C LEU R 115 8.21 -27.37 -47.17
N GLY R 116 8.17 -28.36 -48.05
CA GLY R 116 9.05 -28.33 -49.22
C GLY R 116 8.76 -27.16 -50.13
N GLN R 117 7.48 -26.86 -50.34
CA GLN R 117 7.12 -25.70 -51.15
C GLN R 117 7.54 -24.40 -50.48
N GLY R 118 7.44 -24.34 -49.14
CA GLY R 118 7.95 -23.18 -48.43
C GLY R 118 9.44 -22.99 -48.58
N TYR R 119 10.20 -24.09 -48.51
CA TYR R 119 11.64 -24.01 -48.71
C TYR R 119 11.96 -23.55 -50.13
N GLU R 120 11.24 -24.07 -51.13
CA GLU R 120 11.43 -23.60 -52.50
C GLU R 120 11.13 -22.11 -52.61
N TYR R 121 10.07 -21.65 -51.95
CA TYR R 121 9.73 -20.23 -51.98
C TYR R 121 10.84 -19.38 -51.40
N ILE R 122 11.36 -19.77 -50.23
CA ILE R 122 12.38 -18.95 -49.58
C ILE R 122 13.67 -18.97 -50.39
N HIS R 123 13.98 -20.09 -51.02
CA HIS R 123 15.15 -20.17 -51.89
C HIS R 123 15.01 -19.23 -53.08
N LEU R 124 13.83 -19.22 -53.71
CA LEU R 124 13.63 -18.33 -54.85
C LEU R 124 13.64 -16.87 -54.44
N VAL R 125 13.02 -16.55 -53.30
CA VAL R 125 12.95 -15.16 -52.86
C VAL R 125 14.34 -14.63 -52.52
N GLU R 126 15.15 -15.42 -51.82
CA GLU R 126 16.50 -14.97 -51.47
C GLU R 126 17.30 -14.58 -52.70
N HIS R 127 17.08 -15.26 -53.83
CA HIS R 127 17.79 -14.90 -55.05
C HIS R 127 17.25 -13.61 -55.65
N GLY R 128 15.94 -13.40 -55.59
CA GLY R 128 15.36 -12.21 -56.17
C GLY R 128 14.15 -12.44 -57.05
N THR R 129 13.58 -13.65 -56.99
CA THR R 129 12.33 -13.95 -57.69
C THR R 129 11.19 -13.68 -56.72
N THR R 130 10.48 -12.58 -56.95
CA THR R 130 9.40 -12.17 -56.07
C THR R 130 8.20 -11.74 -56.90
N ILE R 131 7.05 -11.62 -56.23
CA ILE R 131 5.84 -11.15 -56.91
C ILE R 131 6.02 -9.74 -57.48
N PRO R 132 6.47 -8.74 -56.72
CA PRO R 132 6.65 -7.41 -57.32
C PRO R 132 7.89 -7.26 -58.17
N GLY R 133 8.67 -8.32 -58.37
CA GLY R 133 9.87 -8.24 -59.16
C GLY R 133 9.67 -8.44 -60.64
N SER R 134 9.10 -9.58 -61.03
CA SER R 134 8.97 -9.94 -62.43
C SER R 134 7.60 -10.57 -62.67
N ALA R 135 7.24 -10.66 -63.96
CA ALA R 135 6.01 -11.34 -64.34
C ALA R 135 6.10 -12.85 -64.11
N TYR R 136 7.28 -13.43 -64.32
CA TYR R 136 7.45 -14.86 -64.03
C TYR R 136 7.20 -15.15 -62.57
N GLY R 137 7.85 -14.39 -61.68
CA GLY R 137 7.59 -14.57 -60.26
C GLY R 137 6.14 -14.34 -59.93
N SER R 138 5.52 -13.38 -60.60
CA SER R 138 4.10 -13.09 -60.39
C SER R 138 3.25 -14.34 -60.64
N VAL R 139 3.28 -14.86 -61.87
CA VAL R 139 2.40 -15.97 -62.21
C VAL R 139 2.80 -17.23 -61.43
N PHE R 140 4.10 -17.44 -61.24
CA PHE R 140 4.56 -18.63 -60.53
C PHE R 140 4.06 -18.64 -59.09
N TYR R 141 4.30 -17.54 -58.37
CA TYR R 141 3.87 -17.47 -56.98
C TYR R 141 2.37 -17.50 -56.88
N LEU R 142 1.65 -16.85 -57.81
CA LEU R 142 0.20 -16.87 -57.74
C LEU R 142 -0.34 -18.29 -57.86
N ALA R 143 0.07 -19.00 -58.91
CA ALA R 143 -0.45 -20.34 -59.15
C ALA R 143 -0.05 -21.30 -58.05
N THR R 144 1.25 -21.35 -57.72
CA THR R 144 1.70 -22.32 -56.73
C THR R 144 1.21 -21.96 -55.33
N GLY R 145 1.07 -20.67 -55.02
CA GLY R 145 0.54 -20.28 -53.72
C GLY R 145 -0.93 -20.62 -53.56
N PHE R 146 -1.71 -20.47 -54.62
CA PHE R 146 -3.10 -20.91 -54.51
C PHE R 146 -3.21 -22.43 -54.42
N HIS R 147 -2.31 -23.16 -55.09
CA HIS R 147 -2.29 -24.60 -54.88
C HIS R 147 -1.91 -24.95 -53.44
N GLY R 148 -0.94 -24.24 -52.87
CA GLY R 148 -0.57 -24.47 -51.49
C GLY R 148 -1.70 -24.12 -50.53
N LEU R 149 -2.48 -23.09 -50.83
CA LEU R 149 -3.66 -22.79 -50.05
C LEU R 149 -4.66 -23.94 -50.10
N HIS R 150 -4.84 -24.53 -51.28
CA HIS R 150 -5.73 -25.68 -51.40
C HIS R 150 -5.19 -26.86 -50.59
N VAL R 151 -3.86 -27.03 -50.56
CA VAL R 151 -3.29 -28.13 -49.79
C VAL R 151 -3.49 -27.91 -48.29
N ILE R 152 -3.33 -26.67 -47.84
CA ILE R 152 -3.58 -26.36 -46.43
C ILE R 152 -5.05 -26.60 -46.09
N GLY R 153 -5.96 -26.24 -47.01
CA GLY R 153 -7.35 -26.57 -46.81
C GLY R 153 -7.60 -28.06 -46.70
N GLY R 154 -6.93 -28.84 -47.54
CA GLY R 154 -7.03 -30.29 -47.45
C GLY R 154 -6.54 -30.83 -46.12
N LEU R 155 -5.44 -30.28 -45.61
CA LEU R 155 -4.92 -30.72 -44.31
C LEU R 155 -5.89 -30.38 -43.20
N VAL R 156 -6.50 -29.19 -43.25
CA VAL R 156 -7.53 -28.83 -42.28
C VAL R 156 -8.70 -29.81 -42.36
N ALA R 157 -9.09 -30.18 -43.58
CA ALA R 157 -10.16 -31.17 -43.75
C ALA R 157 -9.77 -32.51 -43.14
N PHE R 158 -8.52 -32.92 -43.32
CA PHE R 158 -8.05 -34.19 -42.74
C PHE R 158 -8.15 -34.17 -41.22
N VAL R 159 -7.70 -33.07 -40.61
CA VAL R 159 -7.74 -32.97 -39.15
C VAL R 159 -9.18 -33.00 -38.65
N LEU R 160 -10.05 -32.22 -39.31
CA LEU R 160 -11.45 -32.16 -38.90
C LEU R 160 -12.11 -33.53 -39.02
N LEU R 161 -11.86 -34.23 -40.13
CA LEU R 161 -12.44 -35.55 -40.33
C LEU R 161 -11.95 -36.55 -39.30
N LEU R 162 -10.65 -36.50 -38.97
CA LEU R 162 -10.13 -37.43 -37.98
C LEU R 162 -10.76 -37.18 -36.61
N ALA R 163 -10.90 -35.92 -36.23
CA ALA R 163 -11.60 -35.63 -34.97
C ALA R 163 -13.04 -36.13 -35.02
N ARG R 164 -13.71 -35.93 -36.15
CA ARG R 164 -15.11 -36.36 -36.25
C ARG R 164 -15.23 -37.87 -36.11
N THR R 165 -14.31 -38.62 -36.73
CA THR R 165 -14.29 -40.07 -36.53
C THR R 165 -14.01 -40.40 -35.07
N LYS R 166 -13.27 -39.55 -34.37
CA LYS R 166 -13.04 -39.79 -32.95
C LYS R 166 -14.27 -39.50 -32.09
N MET R 167 -15.21 -38.69 -32.58
CA MET R 167 -16.34 -38.29 -31.73
C MET R 167 -17.49 -39.29 -31.71
N SER R 168 -17.51 -40.29 -32.57
CA SER R 168 -18.72 -41.09 -32.71
C SER R 168 -18.39 -42.45 -33.29
N LYS R 169 -19.30 -43.39 -33.07
CA LYS R 169 -19.15 -44.72 -33.65
C LYS R 169 -19.09 -44.62 -35.17
N PHE R 170 -18.20 -45.41 -35.76
CA PHE R 170 -17.82 -45.22 -37.17
C PHE R 170 -18.94 -45.73 -38.06
N THR R 171 -19.84 -44.83 -38.43
CA THR R 171 -21.01 -45.15 -39.24
C THR R 171 -20.67 -45.03 -40.72
N PRO R 172 -21.57 -45.48 -41.60
CA PRO R 172 -21.34 -45.28 -43.04
C PRO R 172 -21.20 -43.82 -43.44
N ALA R 173 -21.86 -42.89 -42.75
CA ALA R 173 -21.72 -41.48 -43.08
C ALA R 173 -20.29 -41.00 -42.83
N GLN R 174 -19.68 -41.49 -41.75
CA GLN R 174 -18.26 -41.24 -41.51
C GLN R 174 -17.41 -41.67 -42.70
N ALA R 175 -17.67 -42.88 -43.22
CA ALA R 175 -16.91 -43.37 -44.35
C ALA R 175 -17.16 -42.53 -45.59
N THR R 176 -18.40 -42.09 -45.80
CA THR R 176 -18.70 -41.18 -46.90
C THR R 176 -17.88 -39.89 -46.81
N ALA R 177 -17.80 -39.31 -45.62
CA ALA R 177 -17.02 -38.10 -45.45
C ALA R 177 -15.54 -38.35 -45.73
N ALA R 178 -15.01 -39.48 -45.25
CA ALA R 178 -13.62 -39.81 -45.53
C ALA R 178 -13.39 -39.98 -47.03
N ILE R 179 -14.34 -40.61 -47.71
CA ILE R 179 -14.22 -40.83 -49.15
C ILE R 179 -14.18 -39.50 -49.89
N VAL R 180 -15.06 -38.57 -49.54
CA VAL R 180 -15.08 -37.30 -50.28
C VAL R 180 -13.84 -36.46 -49.94
N VAL R 181 -13.32 -36.55 -48.72
CA VAL R 181 -12.05 -35.88 -48.42
C VAL R 181 -10.93 -36.45 -49.28
N SER R 182 -10.93 -37.76 -49.49
CA SER R 182 -9.94 -38.36 -50.37
C SER R 182 -10.11 -37.89 -51.81
N TYR R 183 -11.36 -37.75 -52.26
CA TYR R 183 -11.61 -37.12 -53.55
C TYR R 183 -10.94 -35.76 -53.66
N TYR R 184 -11.08 -34.93 -52.62
CA TYR R 184 -10.46 -33.62 -52.65
C TYR R 184 -8.94 -33.73 -52.74
N TRP R 185 -8.36 -34.66 -51.99
CA TRP R 185 -6.90 -34.85 -52.04
C TRP R 185 -6.44 -35.30 -53.43
N HIS R 186 -7.19 -36.21 -54.06
CA HIS R 186 -6.84 -36.65 -55.41
C HIS R 186 -6.90 -35.50 -56.39
N PHE R 187 -7.93 -34.66 -56.29
CA PHE R 187 -8.02 -33.48 -57.14
C PHE R 187 -6.84 -32.55 -56.94
N VAL R 188 -6.37 -32.42 -55.70
CA VAL R 188 -5.24 -31.48 -55.41
C VAL R 188 -3.97 -32.05 -56.02
N ASP R 189 -3.72 -33.35 -55.85
CA ASP R 189 -2.47 -33.98 -56.36
C ASP R 189 -2.46 -33.94 -57.89
N ILE R 190 -3.62 -34.09 -58.52
CA ILE R 190 -3.70 -34.02 -60.01
C ILE R 190 -3.40 -32.58 -60.46
N VAL R 191 -4.06 -31.58 -59.86
CA VAL R 191 -3.76 -30.20 -60.21
C VAL R 191 -2.27 -29.92 -60.02
N TRP R 192 -1.66 -30.48 -58.98
CA TRP R 192 -0.24 -30.27 -58.78
C TRP R 192 0.59 -30.93 -59.87
N ILE R 193 0.18 -32.11 -60.34
CA ILE R 193 0.90 -32.77 -61.41
C ILE R 193 0.83 -31.92 -62.68
N ALA R 194 -0.34 -31.35 -62.96
CA ALA R 194 -0.45 -30.46 -64.11
C ALA R 194 0.44 -29.23 -63.94
N LEU R 195 0.45 -28.64 -62.75
CA LEU R 195 1.29 -27.47 -62.51
C LEU R 195 2.77 -27.80 -62.68
N PHE R 196 3.20 -28.95 -62.16
CA PHE R 196 4.58 -29.37 -62.30
C PHE R 196 4.95 -29.56 -63.77
N ALA R 197 4.12 -30.33 -64.50
CA ALA R 197 4.41 -30.59 -65.91
C ALA R 197 4.42 -29.32 -66.74
N THR R 198 3.68 -28.29 -66.31
CA THR R 198 3.66 -27.04 -67.06
C THR R 198 4.78 -26.09 -66.67
N ILE R 199 5.20 -26.07 -65.41
CA ILE R 199 6.15 -25.08 -64.91
C ILE R 199 7.58 -25.57 -65.01
N TYR R 200 7.84 -26.83 -64.67
CA TYR R 200 9.23 -27.31 -64.59
C TYR R 200 9.67 -28.13 -65.79
N PHE R 201 8.74 -28.62 -66.61
CA PHE R 201 9.10 -29.39 -67.80
C PHE R 201 8.82 -28.63 -69.09
N VAL R 202 7.59 -28.17 -69.28
CA VAL R 202 7.28 -27.39 -70.48
C VAL R 202 7.95 -26.02 -70.42
N ARG R 203 7.94 -25.39 -69.24
CA ARG R 203 8.56 -24.08 -69.03
C ARG R 203 8.08 -23.04 -70.04
N MET S 1 -28.33 -43.45 -63.48
CA MET S 1 -28.36 -42.08 -63.99
C MET S 1 -27.71 -42.00 -65.37
N HIS S 2 -28.30 -42.70 -66.34
CA HIS S 2 -27.76 -42.67 -67.69
C HIS S 2 -27.91 -41.29 -68.32
N ILE S 3 -29.04 -40.63 -68.08
CA ILE S 3 -29.33 -39.36 -68.75
C ILE S 3 -28.43 -38.25 -68.24
N GLU S 4 -28.13 -38.25 -66.94
CA GLU S 4 -27.23 -37.23 -66.39
C GLU S 4 -25.84 -37.33 -67.01
N ALA S 5 -25.27 -38.53 -67.00
CA ALA S 5 -23.97 -38.74 -67.63
C ALA S 5 -24.03 -38.46 -69.12
N ARG S 6 -25.18 -38.71 -69.76
CA ARG S 6 -25.31 -38.40 -71.18
C ARG S 6 -25.25 -36.91 -71.43
N LEU S 7 -25.93 -36.12 -70.59
CA LEU S 7 -25.86 -34.67 -70.71
C LEU S 7 -24.43 -34.19 -70.56
N PHE S 8 -23.73 -34.68 -69.55
CA PHE S 8 -22.37 -34.21 -69.34
C PHE S 8 -21.42 -34.70 -70.42
N GLU S 9 -21.67 -35.89 -70.99
CA GLU S 9 -20.88 -36.36 -72.12
C GLU S 9 -21.09 -35.49 -73.35
N ILE S 10 -22.34 -35.10 -73.62
CA ILE S 10 -22.62 -34.23 -74.75
C ILE S 10 -21.92 -32.88 -74.58
N LEU S 11 -22.01 -32.32 -73.38
CA LEU S 11 -21.33 -31.06 -73.11
C LEU S 11 -19.82 -31.20 -73.25
N THR S 12 -19.27 -32.31 -72.77
CA THR S 12 -17.83 -32.53 -72.88
C THR S 12 -17.40 -32.61 -74.34
N ALA S 13 -18.17 -33.32 -75.16
CA ALA S 13 -17.85 -33.42 -76.58
C ALA S 13 -17.87 -32.04 -77.23
N PHE S 14 -18.93 -31.28 -77.00
CA PHE S 14 -19.01 -29.97 -77.64
C PHE S 14 -17.89 -29.06 -77.17
N PHE S 15 -17.55 -29.11 -75.87
CA PHE S 15 -16.50 -28.26 -75.35
C PHE S 15 -15.13 -28.65 -75.88
N ALA S 16 -14.89 -29.95 -76.06
CA ALA S 16 -13.63 -30.39 -76.66
C ALA S 16 -13.52 -29.91 -78.10
N LEU S 17 -14.61 -30.02 -78.87
CA LEU S 17 -14.59 -29.50 -80.22
C LEU S 17 -14.34 -28.00 -80.23
N ALA S 18 -15.00 -27.26 -79.34
CA ALA S 18 -14.81 -25.80 -79.29
C ALA S 18 -13.37 -25.46 -78.95
N ALA S 19 -12.79 -26.14 -77.95
CA ALA S 19 -11.42 -25.85 -77.55
C ALA S 19 -10.43 -26.15 -78.67
N VAL S 20 -10.56 -27.31 -79.30
CA VAL S 20 -9.62 -27.68 -80.36
C VAL S 20 -9.77 -26.77 -81.58
N VAL S 21 -11.02 -26.45 -81.95
CA VAL S 21 -11.24 -25.57 -83.08
C VAL S 21 -10.68 -24.18 -82.79
N TYR S 22 -10.86 -23.69 -81.57
CA TYR S 22 -10.31 -22.38 -81.21
C TYR S 22 -8.78 -22.40 -81.26
N ALA S 23 -8.16 -23.45 -80.74
CA ALA S 23 -6.70 -23.54 -80.76
C ALA S 23 -6.17 -23.57 -82.19
N VAL S 24 -6.81 -24.35 -83.06
CA VAL S 24 -6.36 -24.42 -84.45
C VAL S 24 -6.63 -23.11 -85.18
N LEU S 25 -7.79 -22.49 -84.93
CA LEU S 25 -8.19 -21.28 -85.63
C LEU S 25 -7.43 -20.05 -85.15
N THR S 26 -6.80 -20.08 -83.99
CA THR S 26 -5.97 -18.97 -83.57
C THR S 26 -4.48 -19.25 -83.66
N ALA S 27 -4.06 -20.52 -83.70
CA ALA S 27 -2.64 -20.79 -83.95
C ALA S 27 -2.22 -20.15 -85.26
N MET S 28 -3.02 -20.35 -86.29
CA MET S 28 -2.99 -19.58 -87.52
C MET S 28 -4.08 -18.52 -87.45
N PHE S 29 -3.91 -17.44 -88.21
CA PHE S 29 -4.85 -16.33 -88.40
C PHE S 29 -4.96 -15.38 -87.20
N ALA S 30 -4.29 -15.62 -86.08
CA ALA S 30 -4.32 -14.70 -84.95
C ALA S 30 -2.97 -14.02 -84.82
N THR S 31 -2.99 -12.78 -84.31
CA THR S 31 -1.79 -11.96 -84.27
C THR S 31 -0.67 -12.62 -83.47
N GLY S 32 -0.97 -13.04 -82.25
CA GLY S 32 0.02 -13.64 -81.39
C GLY S 32 0.10 -15.14 -81.44
N GLY S 33 -0.60 -15.78 -82.38
CA GLY S 33 -0.65 -17.22 -82.41
C GLY S 33 -1.77 -17.74 -81.52
N VAL S 34 -1.53 -18.87 -80.84
CA VAL S 34 -2.52 -19.41 -79.92
C VAL S 34 -2.86 -18.33 -78.90
N GLU S 35 -4.17 -18.12 -78.69
CA GLU S 35 -4.61 -17.03 -77.83
C GLU S 35 -4.17 -17.24 -76.38
N TRP S 36 -4.04 -18.49 -75.94
CA TRP S 36 -3.46 -18.85 -74.66
C TRP S 36 -4.34 -18.44 -73.48
N ALA S 37 -5.46 -17.77 -73.77
CA ALA S 37 -6.40 -17.35 -72.75
C ALA S 37 -7.75 -18.04 -72.90
N GLY S 38 -8.39 -17.88 -74.06
CA GLY S 38 -9.61 -18.62 -74.32
C GLY S 38 -9.37 -20.12 -74.46
N THR S 39 -8.22 -20.49 -75.04
CA THR S 39 -7.91 -21.91 -75.22
C THR S 39 -7.82 -22.64 -73.89
N THR S 40 -7.15 -22.04 -72.90
CA THR S 40 -7.02 -22.67 -71.60
C THR S 40 -8.38 -22.84 -70.93
N ALA S 41 -9.20 -21.79 -70.98
CA ALA S 41 -10.52 -21.86 -70.36
C ALA S 41 -11.40 -22.90 -71.01
N LEU S 42 -11.37 -22.99 -72.35
CA LEU S 42 -12.17 -23.98 -73.04
C LEU S 42 -11.68 -25.40 -72.75
N VAL S 43 -10.36 -25.59 -72.72
CA VAL S 43 -9.82 -26.91 -72.43
C VAL S 43 -10.23 -27.36 -71.03
N LEU S 44 -10.14 -26.46 -70.06
CA LEU S 44 -10.52 -26.88 -68.72
C LEU S 44 -12.03 -26.91 -68.51
N THR S 45 -12.81 -26.23 -69.35
CA THR S 45 -14.26 -26.47 -69.36
C THR S 45 -14.56 -27.88 -69.83
N THR S 46 -13.88 -28.32 -70.88
CA THR S 46 -13.94 -29.72 -71.27
C THR S 46 -13.55 -30.61 -70.11
N GLY S 47 -12.49 -30.25 -69.39
CA GLY S 47 -12.09 -31.03 -68.23
C GLY S 47 -13.16 -31.10 -67.15
N LEU S 48 -13.81 -29.98 -66.87
CA LEU S 48 -14.88 -29.94 -65.87
C LEU S 48 -16.02 -30.88 -66.26
N THR S 49 -16.53 -30.72 -67.48
CA THR S 49 -17.65 -31.56 -67.90
C THR S 49 -17.22 -33.01 -67.99
N LEU S 50 -15.98 -33.26 -68.39
CA LEU S 50 -15.48 -34.63 -68.47
C LEU S 50 -15.43 -35.28 -67.10
N ILE S 51 -14.90 -34.57 -66.10
CA ILE S 51 -14.84 -35.12 -64.75
C ILE S 51 -16.24 -35.46 -64.27
N THR S 52 -17.17 -34.51 -64.40
CA THR S 52 -18.51 -34.75 -63.87
C THR S 52 -19.20 -35.91 -64.59
N GLY S 53 -19.15 -35.91 -65.92
CA GLY S 53 -19.83 -36.95 -66.67
C GLY S 53 -19.22 -38.32 -66.51
N THR S 54 -17.88 -38.39 -66.49
CA THR S 54 -17.22 -39.67 -66.30
C THR S 54 -17.52 -40.25 -64.93
N PHE S 55 -17.50 -39.42 -63.88
CA PHE S 55 -17.87 -39.91 -62.56
C PHE S 55 -19.31 -40.38 -62.54
N PHE S 56 -20.22 -39.62 -63.16
CA PHE S 56 -21.62 -40.04 -63.20
C PHE S 56 -21.78 -41.36 -63.94
N ARG S 57 -20.95 -41.60 -64.96
CA ARG S 57 -21.05 -42.84 -65.72
C ARG S 57 -20.52 -44.02 -64.93
N PHE S 58 -19.42 -43.84 -64.18
CA PHE S 58 -19.02 -44.88 -63.24
C PHE S 58 -20.11 -45.17 -62.22
N VAL S 59 -20.78 -44.13 -61.73
CA VAL S 59 -21.88 -44.34 -60.80
C VAL S 59 -22.99 -45.14 -61.45
N ALA S 60 -23.35 -44.80 -62.69
CA ALA S 60 -24.52 -45.38 -63.33
C ALA S 60 -24.27 -46.80 -63.82
N ARG S 61 -23.02 -47.16 -64.15
CA ARG S 61 -22.76 -48.50 -64.66
C ARG S 61 -22.92 -49.56 -63.57
N ARG S 62 -22.56 -49.23 -62.34
CA ARG S 62 -22.67 -50.16 -61.21
C ARG S 62 -23.94 -49.96 -60.41
N LEU S 63 -24.86 -49.12 -60.90
CA LEU S 63 -26.08 -48.78 -60.20
C LEU S 63 -27.25 -49.50 -60.87
N ASP S 64 -28.04 -50.22 -60.08
CA ASP S 64 -29.31 -50.75 -60.57
C ASP S 64 -30.32 -49.62 -60.65
N THR S 65 -31.30 -49.79 -61.54
CA THR S 65 -32.21 -48.70 -61.84
C THR S 65 -32.97 -48.25 -60.59
N ARG S 66 -32.99 -46.93 -60.39
CA ARG S 66 -33.75 -46.34 -59.31
C ARG S 66 -35.18 -46.11 -59.75
N PRO S 67 -36.12 -45.91 -58.82
CA PRO S 67 -37.47 -45.53 -59.24
C PRO S 67 -37.49 -44.26 -60.06
N GLU S 68 -36.68 -43.26 -59.71
CA GLU S 68 -36.69 -41.99 -60.42
C GLU S 68 -36.37 -42.17 -61.89
N ASP S 69 -35.48 -43.12 -62.22
CA ASP S 69 -35.03 -43.29 -63.59
C ASP S 69 -35.84 -44.31 -64.37
N TYR S 70 -36.92 -44.84 -63.79
CA TYR S 70 -37.69 -45.92 -64.40
C TYR S 70 -39.12 -45.44 -64.60
N GLU S 71 -39.51 -45.24 -65.86
CA GLU S 71 -40.87 -44.84 -66.22
C GLU S 71 -41.87 -45.90 -65.77
N ASP S 72 -43.15 -45.53 -65.68
CA ASP S 72 -44.24 -46.39 -65.22
C ASP S 72 -43.85 -47.15 -63.94
N ALA S 73 -43.53 -46.37 -62.91
CA ALA S 73 -43.25 -46.89 -61.58
C ALA S 73 -44.25 -46.30 -60.58
N GLU S 74 -44.43 -47.00 -59.47
CA GLU S 74 -45.36 -46.59 -58.44
C GLU S 74 -44.67 -45.77 -57.36
N ILE S 75 -45.45 -44.91 -56.69
CA ILE S 75 -44.92 -44.14 -55.58
C ILE S 75 -44.50 -45.07 -54.45
N SER S 76 -45.23 -46.17 -54.26
CA SER S 76 -44.91 -47.12 -53.21
C SER S 76 -43.53 -47.74 -53.39
N ASP S 77 -42.97 -47.69 -54.61
CA ASP S 77 -41.61 -48.16 -54.82
C ASP S 77 -40.60 -47.34 -54.02
N GLY S 78 -40.88 -46.06 -53.82
CA GLY S 78 -39.98 -45.17 -53.11
C GLY S 78 -40.13 -45.14 -51.62
N ALA S 79 -40.96 -46.03 -51.05
CA ALA S 79 -41.16 -46.03 -49.61
C ALA S 79 -39.89 -46.41 -48.88
N GLY S 80 -39.85 -46.08 -47.59
CA GLY S 80 -38.69 -46.28 -46.75
C GLY S 80 -38.12 -44.98 -46.28
N GLU S 81 -37.01 -45.09 -45.56
CA GLU S 81 -36.34 -43.90 -45.05
C GLU S 81 -35.45 -43.30 -46.13
N LEU S 82 -35.72 -42.05 -46.48
CA LEU S 82 -34.72 -41.24 -47.15
C LEU S 82 -33.58 -40.96 -46.16
N GLY S 83 -32.55 -40.27 -46.64
CA GLY S 83 -31.40 -40.07 -45.79
C GLY S 83 -31.61 -39.04 -44.69
N PHE S 84 -30.54 -38.37 -44.29
CA PHE S 84 -30.57 -37.41 -43.20
C PHE S 84 -30.53 -36.00 -43.76
N PHE S 85 -31.38 -35.12 -43.24
CA PHE S 85 -31.40 -33.72 -43.60
C PHE S 85 -31.41 -32.88 -42.33
N ALA S 86 -30.51 -31.90 -42.25
CA ALA S 86 -30.43 -31.07 -41.06
C ALA S 86 -31.73 -30.31 -40.85
N PRO S 87 -32.39 -30.46 -39.70
CA PRO S 87 -33.62 -29.69 -39.48
C PRO S 87 -33.36 -28.20 -39.34
N HIS S 88 -32.30 -27.81 -38.64
CA HIS S 88 -31.97 -26.40 -38.45
C HIS S 88 -30.50 -26.29 -38.11
N SER S 89 -29.96 -25.08 -38.24
CA SER S 89 -28.60 -24.77 -37.86
C SER S 89 -28.40 -23.27 -37.93
N TRP S 90 -27.64 -22.72 -36.98
CA TRP S 90 -27.20 -21.33 -37.03
C TRP S 90 -25.72 -21.20 -37.35
N TRP S 91 -25.07 -22.28 -37.76
CA TRP S 91 -23.68 -22.26 -38.16
C TRP S 91 -23.44 -21.64 -39.54
N PRO S 92 -24.33 -21.81 -40.53
CA PRO S 92 -24.07 -21.17 -41.82
C PRO S 92 -23.91 -19.66 -41.76
N ILE S 93 -24.70 -18.98 -40.91
CA ILE S 93 -24.57 -17.53 -40.86
C ILE S 93 -23.26 -17.13 -40.20
N LEU S 94 -22.77 -17.91 -39.23
CA LEU S 94 -21.47 -17.63 -38.65
C LEU S 94 -20.34 -17.91 -39.64
N ILE S 95 -20.47 -18.96 -40.44
CA ILE S 95 -19.47 -19.23 -41.47
C ILE S 95 -19.41 -18.08 -42.46
N SER S 96 -20.59 -17.60 -42.88
CA SER S 96 -20.62 -16.49 -43.83
C SER S 96 -20.04 -15.21 -43.21
N LEU S 97 -20.33 -14.97 -41.93
CA LEU S 97 -19.77 -13.79 -41.28
C LEU S 97 -18.25 -13.90 -41.13
N SER S 98 -17.74 -15.10 -40.86
CA SER S 98 -16.30 -15.27 -40.77
C SER S 98 -15.63 -15.07 -42.12
N PHE S 99 -16.21 -15.64 -43.18
CA PHE S 99 -15.68 -15.41 -44.52
C PHE S 99 -15.74 -13.94 -44.87
N SER S 100 -16.79 -13.23 -44.45
CA SER S 100 -16.89 -11.80 -44.71
C SER S 100 -15.83 -11.02 -43.95
N THR S 101 -15.55 -11.41 -42.71
CA THR S 101 -14.48 -10.76 -41.96
C THR S 101 -13.13 -10.95 -42.65
N ALA S 102 -12.85 -12.17 -43.11
CA ALA S 102 -11.61 -12.41 -43.83
C ALA S 102 -11.56 -11.64 -45.15
N ALA S 103 -12.69 -11.56 -45.84
CA ALA S 103 -12.74 -10.83 -47.11
C ALA S 103 -12.55 -9.33 -46.91
N VAL S 104 -13.11 -8.78 -45.83
CA VAL S 104 -12.89 -7.38 -45.51
C VAL S 104 -11.43 -7.15 -45.16
N GLY S 105 -10.82 -8.07 -44.41
CA GLY S 105 -9.40 -7.95 -44.12
C GLY S 105 -8.55 -7.96 -45.37
N ALA S 106 -8.89 -8.82 -46.33
CA ALA S 106 -8.11 -8.90 -47.57
C ALA S 106 -8.41 -7.74 -48.51
N ALA S 107 -9.61 -7.16 -48.46
CA ALA S 107 -9.93 -6.01 -49.29
C ALA S 107 -9.11 -4.80 -48.88
N LEU S 108 -9.11 -4.48 -47.59
CA LEU S 108 -8.34 -3.36 -47.06
C LEU S 108 -6.90 -3.75 -46.76
N TRP S 109 -6.53 -5.00 -46.98
CA TRP S 109 -5.20 -5.54 -46.68
C TRP S 109 -4.78 -5.21 -45.23
N LEU S 110 -5.56 -5.76 -44.31
CA LEU S 110 -5.19 -5.76 -42.90
C LEU S 110 -4.82 -7.19 -42.52
N PRO S 111 -3.53 -7.53 -42.43
CA PRO S 111 -3.16 -8.93 -42.21
C PRO S 111 -3.71 -9.52 -40.92
N TRP S 112 -3.80 -8.72 -39.86
CA TRP S 112 -4.39 -9.21 -38.62
C TRP S 112 -5.85 -9.58 -38.82
N LEU S 113 -6.57 -8.77 -39.60
CA LEU S 113 -7.97 -9.06 -39.86
C LEU S 113 -8.13 -10.30 -40.74
N ILE S 114 -7.20 -10.50 -41.69
CA ILE S 114 -7.24 -11.73 -42.47
C ILE S 114 -7.01 -12.94 -41.59
N ALA S 115 -6.02 -12.86 -40.69
CA ALA S 115 -5.73 -13.99 -39.80
C ALA S 115 -6.92 -14.28 -38.89
N ALA S 116 -7.53 -13.23 -38.33
CA ALA S 116 -8.69 -13.42 -37.47
C ALA S 116 -9.87 -14.00 -38.25
N GLY S 117 -10.08 -13.53 -39.48
CA GLY S 117 -11.15 -14.07 -40.29
C GLY S 117 -10.95 -15.54 -40.63
N VAL S 118 -9.71 -15.93 -40.91
CA VAL S 118 -9.44 -17.34 -41.20
C VAL S 118 -9.61 -18.20 -39.95
N ALA S 119 -9.20 -17.67 -38.79
CA ALA S 119 -9.44 -18.41 -37.54
C ALA S 119 -10.93 -18.59 -37.29
N PHE S 120 -11.72 -17.54 -37.51
CA PHE S 120 -13.17 -17.64 -37.36
C PHE S 120 -13.75 -18.62 -38.36
N VAL S 121 -13.26 -18.60 -39.59
CA VAL S 121 -13.74 -19.53 -40.61
C VAL S 121 -13.49 -20.97 -40.18
N ILE S 122 -12.29 -21.24 -39.68
CA ILE S 122 -11.96 -22.60 -39.24
C ILE S 122 -12.85 -23.01 -38.08
N THR S 123 -13.06 -22.12 -37.10
CA THR S 123 -13.91 -22.44 -35.96
C THR S 123 -15.35 -22.71 -36.40
N SER S 124 -15.89 -21.88 -37.28
CA SER S 124 -17.28 -22.05 -37.69
C SER S 124 -17.47 -23.26 -38.59
N VAL S 125 -16.48 -23.58 -39.43
CA VAL S 125 -16.55 -24.81 -40.22
C VAL S 125 -16.44 -26.02 -39.31
N CYS S 126 -15.61 -25.94 -38.26
CA CYS S 126 -15.56 -27.01 -37.28
C CYS S 126 -16.92 -27.21 -36.62
N GLY S 127 -17.57 -26.10 -36.25
CA GLY S 127 -18.90 -26.19 -35.67
C GLY S 127 -19.91 -26.83 -36.62
N LEU S 128 -19.86 -26.44 -37.90
CA LEU S 128 -20.80 -27.00 -38.87
C LEU S 128 -20.56 -28.49 -39.11
N VAL S 129 -19.30 -28.88 -39.30
CA VAL S 129 -19.00 -30.28 -39.60
C VAL S 129 -19.22 -31.16 -38.38
N PHE S 130 -18.99 -30.63 -37.18
CA PHE S 130 -19.14 -31.39 -35.95
C PHE S 130 -20.54 -31.34 -35.37
N GLU S 131 -21.47 -30.61 -36.00
CA GLU S 131 -22.74 -30.28 -35.36
C GLU S 131 -23.51 -31.53 -34.94
N TYR S 132 -23.67 -32.49 -35.84
CA TYR S 132 -24.48 -33.67 -35.57
C TYR S 132 -23.66 -34.88 -35.15
N TYR S 133 -22.46 -34.65 -34.60
CA TYR S 133 -21.62 -35.74 -34.11
C TYR S 133 -21.15 -35.56 -32.68
N TRP S 134 -21.21 -34.35 -32.12
CA TRP S 134 -20.93 -34.17 -30.70
C TRP S 134 -21.85 -35.04 -29.85
N GLY S 135 -21.24 -35.94 -29.07
CA GLY S 135 -22.00 -36.76 -28.17
C GLY S 135 -22.34 -36.03 -26.89
N PRO S 136 -23.00 -36.75 -25.98
CA PRO S 136 -23.40 -36.13 -24.71
C PRO S 136 -22.18 -35.70 -23.91
N GLU S 137 -22.33 -34.61 -23.16
CA GLU S 137 -21.23 -34.15 -22.31
C GLU S 137 -21.05 -35.14 -21.17
N LYS S 138 -19.82 -35.68 -21.06
CA LYS S 138 -19.61 -36.88 -20.27
C LYS S 138 -19.59 -36.61 -18.77
N HIS S 139 -19.41 -35.36 -18.36
CA HIS S 139 -19.32 -35.01 -16.94
C HIS S 139 -18.18 -35.73 -16.25
N MET T 1 -33.03 22.02 -71.85
CA MET T 1 -33.66 23.28 -72.24
C MET T 1 -34.82 23.61 -71.32
N SER T 2 -34.94 24.88 -70.94
CA SER T 2 -36.04 25.36 -70.11
C SER T 2 -36.11 24.59 -68.79
N THR T 3 -35.06 24.80 -67.99
CA THR T 3 -34.86 24.10 -66.72
C THR T 3 -36.16 23.90 -65.93
N ALA T 4 -36.90 24.99 -65.71
CA ALA T 4 -38.16 24.87 -64.98
C ALA T 4 -39.15 23.99 -65.73
N LEU T 5 -39.22 24.13 -67.06
CA LEU T 5 -40.11 23.27 -67.85
C LEU T 5 -39.66 21.82 -67.78
N THR T 6 -38.35 21.57 -67.84
CA THR T 6 -37.85 20.21 -67.73
C THR T 6 -38.26 19.56 -66.41
N HIS T 7 -38.02 20.25 -65.29
CA HIS T 7 -38.40 19.69 -64.00
C HIS T 7 -39.91 19.53 -63.88
N GLY T 8 -40.68 20.49 -64.40
CA GLY T 8 -42.13 20.33 -64.36
C GLY T 8 -42.60 19.13 -65.16
N LEU T 9 -42.01 18.92 -66.34
CA LEU T 9 -42.37 17.77 -67.16
C LEU T 9 -42.04 16.46 -66.44
N ILE T 10 -40.84 16.38 -65.85
CA ILE T 10 -40.41 15.17 -65.16
C ILE T 10 -41.31 14.90 -63.95
N GLY T 11 -41.67 15.95 -63.22
CA GLY T 11 -42.54 15.76 -62.06
C GLY T 11 -44.00 15.59 -62.37
N GLY T 12 -44.44 15.93 -63.58
CA GLY T 12 -45.86 15.88 -63.89
C GLY T 12 -46.32 14.75 -64.77
N VAL T 13 -45.55 14.39 -65.81
CA VAL T 13 -45.99 13.33 -66.71
C VAL T 13 -46.16 11.98 -65.99
N PRO T 14 -45.21 11.53 -65.16
CA PRO T 14 -45.47 10.30 -64.39
C PRO T 14 -46.69 10.41 -63.49
N LEU T 15 -46.91 11.56 -62.86
CA LEU T 15 -48.07 11.72 -61.99
C LEU T 15 -49.36 11.64 -62.77
N VAL T 16 -49.44 12.28 -63.94
CA VAL T 16 -50.64 12.22 -64.76
C VAL T 16 -50.89 10.81 -65.25
N LEU T 17 -49.83 10.13 -65.69
CA LEU T 17 -49.98 8.75 -66.15
C LEU T 17 -50.48 7.84 -65.03
N PHE T 18 -49.88 7.96 -63.85
CA PHE T 18 -50.32 7.16 -62.71
C PHE T 18 -51.76 7.47 -62.35
N ALA T 19 -52.15 8.74 -62.38
CA ALA T 19 -53.52 9.11 -62.03
C ALA T 19 -54.51 8.48 -63.00
N VAL T 20 -54.27 8.63 -64.31
CA VAL T 20 -55.23 8.10 -65.27
C VAL T 20 -55.28 6.58 -65.18
N LEU T 21 -54.13 5.95 -64.93
CA LEU T 21 -54.13 4.49 -64.81
C LEU T 21 -54.84 4.05 -63.54
N ALA T 22 -54.70 4.80 -62.44
CA ALA T 22 -55.39 4.43 -61.21
C ALA T 22 -56.90 4.57 -61.35
N LEU T 23 -57.36 5.62 -62.04
CA LEU T 23 -58.80 5.73 -62.29
C LEU T 23 -59.30 4.65 -63.23
N ILE T 24 -58.51 4.27 -64.24
CA ILE T 24 -59.00 3.27 -65.18
C ILE T 24 -59.01 1.89 -64.55
N PHE T 25 -58.05 1.57 -63.69
CA PHE T 25 -57.89 0.21 -63.22
C PHE T 25 -58.45 -0.04 -61.82
N LEU T 26 -58.29 0.92 -60.90
CA LEU T 26 -58.77 0.71 -59.54
C LEU T 26 -60.25 1.02 -59.38
N THR T 27 -60.92 1.49 -60.42
CA THR T 27 -62.36 1.71 -60.38
C THR T 27 -63.14 0.56 -60.99
N ARG T 28 -62.48 -0.51 -61.42
CA ARG T 28 -63.20 -1.69 -61.86
C ARG T 28 -63.69 -2.50 -60.66
N LYS T 29 -64.60 -3.41 -60.93
CA LYS T 29 -65.17 -4.25 -59.88
C LYS T 29 -64.24 -5.42 -59.60
N GLY T 30 -63.87 -5.59 -58.33
CA GLY T 30 -63.02 -6.68 -57.95
C GLY T 30 -63.78 -7.99 -57.89
N PRO T 31 -63.02 -9.08 -57.74
CA PRO T 31 -63.65 -10.41 -57.71
C PRO T 31 -64.35 -10.71 -56.39
N HIS T 32 -64.15 -9.90 -55.36
CA HIS T 32 -64.83 -10.09 -54.09
C HIS T 32 -66.33 -9.95 -54.27
N PRO T 33 -67.14 -10.86 -53.74
CA PRO T 33 -68.58 -10.77 -53.93
C PRO T 33 -69.20 -9.62 -53.15
N ASP T 34 -70.37 -9.19 -53.62
CA ASP T 34 -71.05 -8.05 -53.01
C ASP T 34 -71.64 -8.43 -51.66
N THR T 35 -71.56 -7.50 -50.71
CA THR T 35 -71.96 -7.74 -49.32
C THR T 35 -73.42 -8.17 -49.23
N TYR T 36 -73.73 -9.04 -48.27
CA TYR T 36 -75.09 -9.48 -48.00
C TYR T 36 -75.83 -8.44 -47.17
N LYS T 37 -77.10 -8.23 -47.50
CA LYS T 37 -77.97 -7.35 -46.73
C LYS T 37 -79.06 -8.16 -46.06
N MET T 38 -79.48 -7.71 -44.87
CA MET T 38 -80.51 -8.43 -44.14
C MET T 38 -81.89 -8.34 -44.80
N SER T 39 -82.05 -7.47 -45.79
CA SER T 39 -83.27 -7.42 -46.59
C SER T 39 -83.18 -8.31 -47.82
N ASP T 40 -82.36 -9.35 -47.77
CA ASP T 40 -82.15 -10.30 -48.85
C ASP T 40 -82.24 -11.71 -48.31
N PRO T 41 -82.63 -12.68 -49.13
CA PRO T 41 -82.66 -14.07 -48.67
C PRO T 41 -81.25 -14.62 -48.52
N TRP T 42 -81.06 -15.43 -47.48
CA TRP T 42 -79.75 -16.02 -47.20
C TRP T 42 -79.53 -17.15 -48.21
N THR T 43 -79.18 -16.77 -49.43
CA THR T 43 -79.02 -17.70 -50.53
C THR T 43 -77.61 -18.28 -50.62
N HIS T 44 -76.74 -17.93 -49.68
CA HIS T 44 -75.40 -18.48 -49.61
C HIS T 44 -75.42 -19.84 -48.92
N ALA T 45 -74.27 -20.50 -48.88
CA ALA T 45 -74.12 -21.73 -48.14
C ALA T 45 -74.03 -21.44 -46.64
N PRO T 46 -74.30 -22.42 -45.79
CA PRO T 46 -74.18 -22.19 -44.34
C PRO T 46 -72.75 -21.87 -43.94
N ILE T 47 -72.62 -21.00 -42.95
CA ILE T 47 -71.33 -20.51 -42.47
C ILE T 47 -71.15 -20.98 -41.04
N LEU T 48 -70.00 -21.59 -40.75
CA LEU T 48 -69.65 -21.99 -39.39
C LEU T 48 -68.23 -21.54 -39.10
N TRP T 49 -68.09 -20.55 -38.21
CA TRP T 49 -66.80 -20.03 -37.82
C TRP T 49 -66.52 -20.37 -36.36
N ALA T 50 -65.31 -20.83 -36.08
CA ALA T 50 -64.87 -21.13 -34.72
C ALA T 50 -63.52 -20.49 -34.48
N ALA T 51 -63.34 -19.96 -33.27
CA ALA T 51 -62.09 -19.26 -32.96
C ALA T 51 -60.90 -20.20 -32.92
N GLU T 52 -61.14 -21.49 -32.68
CA GLU T 52 -60.16 -22.57 -32.64
C GLU T 52 -58.98 -22.23 -31.72
N GLU T 53 -59.12 -21.20 -30.91
CA GLU T 53 -57.98 -20.61 -30.23
C GLU T 53 -57.53 -21.44 -29.02
N PRO T 54 -58.43 -21.91 -28.13
CA PRO T 54 -57.95 -22.76 -27.04
C PRO T 54 -57.56 -24.14 -27.56
N ARG T 55 -56.26 -24.41 -27.59
CA ARG T 55 -55.74 -25.62 -28.22
C ARG T 55 -55.73 -26.79 -27.24
N VAL T 69 -71.61 -32.70 -28.01
CA VAL T 69 -72.52 -33.84 -27.92
C VAL T 69 -73.51 -33.64 -26.78
N VAL T 70 -73.00 -33.17 -25.64
CA VAL T 70 -73.81 -32.88 -24.46
C VAL T 70 -73.90 -31.38 -24.28
N ILE T 71 -75.04 -30.90 -23.80
CA ILE T 71 -75.34 -29.48 -23.77
C ILE T 71 -75.44 -28.99 -22.33
N GLY T 72 -75.21 -27.70 -22.13
CA GLY T 72 -75.39 -27.08 -20.83
C GLY T 72 -76.49 -26.04 -20.73
N GLY T 73 -77.02 -25.57 -21.85
CA GLY T 73 -78.08 -24.56 -21.77
C GLY T 73 -78.45 -23.98 -23.12
N GLY T 74 -78.97 -22.76 -23.10
CA GLY T 74 -79.40 -22.11 -24.32
C GLY T 74 -80.11 -20.80 -24.05
N ALA T 75 -80.32 -20.05 -25.13
CA ALA T 75 -81.02 -18.77 -25.09
C ALA T 75 -81.61 -18.50 -26.46
N SER T 76 -82.58 -17.58 -26.52
CA SER T 76 -83.31 -17.34 -27.76
C SER T 76 -83.60 -15.86 -27.92
N GLY T 77 -84.05 -15.50 -29.11
CA GLY T 77 -84.43 -14.12 -29.39
C GLY T 77 -84.84 -13.96 -30.84
N LYS T 78 -85.36 -12.77 -31.14
CA LYS T 78 -85.76 -12.43 -32.50
C LYS T 78 -85.58 -10.93 -32.68
N TRP T 79 -85.47 -10.50 -33.94
CA TRP T 79 -85.42 -9.08 -34.26
C TRP T 79 -86.47 -8.73 -35.31
N ASP U 15 -71.00 -34.74 -54.80
CA ASP U 15 -69.98 -35.14 -55.75
C ASP U 15 -68.83 -34.14 -55.78
N LEU U 16 -67.68 -34.58 -56.29
CA LEU U 16 -66.53 -33.69 -56.39
C LEU U 16 -66.76 -32.67 -57.50
N PRO U 17 -66.45 -31.40 -57.26
CA PRO U 17 -66.65 -30.40 -58.31
C PRO U 17 -65.59 -30.49 -59.40
N TYR U 18 -65.63 -29.54 -60.34
CA TYR U 18 -64.68 -29.54 -61.45
C TYR U 18 -63.26 -29.37 -60.93
N GLY U 19 -62.40 -30.33 -61.24
CA GLY U 19 -61.01 -30.26 -60.87
C GLY U 19 -60.69 -30.72 -59.47
N SER U 20 -61.61 -31.40 -58.79
CA SER U 20 -61.36 -31.90 -57.43
C SER U 20 -61.04 -33.39 -57.50
N ALA U 21 -60.01 -33.79 -56.75
CA ALA U 21 -59.53 -35.16 -56.78
C ALA U 21 -59.27 -35.68 -55.37
N LEU U 22 -59.58 -36.95 -55.16
CA LEU U 22 -59.29 -37.63 -53.89
C LEU U 22 -57.91 -38.29 -54.03
N THR U 23 -56.93 -37.75 -53.31
CA THR U 23 -55.56 -38.20 -53.47
C THR U 23 -55.33 -39.51 -52.71
N SER U 24 -54.12 -40.06 -52.86
CA SER U 24 -53.78 -41.33 -52.23
C SER U 24 -53.68 -41.23 -50.71
N SER U 25 -53.60 -40.03 -50.15
CA SER U 25 -53.60 -39.84 -48.70
C SER U 25 -54.98 -39.58 -48.15
N GLY U 26 -56.01 -39.60 -48.99
CA GLY U 26 -57.36 -39.29 -48.58
C GLY U 26 -57.72 -37.83 -48.65
N ARG U 27 -56.72 -36.95 -48.62
CA ARG U 27 -56.95 -35.52 -48.72
C ARG U 27 -57.53 -35.19 -50.08
N ILE U 28 -58.35 -34.15 -50.13
CA ILE U 28 -59.02 -33.74 -51.35
C ILE U 28 -58.24 -32.58 -51.97
N SER U 29 -57.96 -32.69 -53.27
CA SER U 29 -57.20 -31.67 -53.99
C SER U 29 -58.17 -30.91 -54.91
N ALA U 30 -58.53 -29.70 -54.52
CA ALA U 30 -59.43 -28.85 -55.28
C ALA U 30 -58.64 -27.80 -56.05
N VAL U 31 -59.29 -27.17 -57.02
CA VAL U 31 -58.70 -26.13 -57.84
C VAL U 31 -59.65 -24.94 -57.92
N THR U 32 -59.17 -23.87 -58.56
CA THR U 32 -59.95 -22.66 -58.77
C THR U 32 -59.68 -22.13 -60.17
N GLU U 33 -60.72 -21.64 -60.82
CA GLU U 33 -60.56 -21.07 -62.15
C GLU U 33 -59.65 -19.84 -62.07
N PRO U 34 -58.77 -19.62 -63.06
CA PRO U 34 -57.85 -18.48 -63.01
C PRO U 34 -58.55 -17.15 -62.82
N GLY U 35 -58.33 -16.51 -61.68
CA GLY U 35 -58.94 -15.26 -61.34
C GLY U 35 -60.09 -15.36 -60.35
N GLU U 36 -60.65 -16.56 -60.17
CA GLU U 36 -61.78 -16.75 -59.27
C GLU U 36 -61.28 -16.84 -57.82
N LEU U 37 -62.18 -17.13 -56.90
CA LEU U 37 -61.90 -17.14 -55.47
C LEU U 37 -62.15 -18.51 -54.87
N SER U 38 -61.23 -18.94 -54.01
CA SER U 38 -61.47 -20.13 -53.19
C SER U 38 -62.45 -19.82 -52.05
N VAL U 39 -62.44 -18.59 -51.55
CA VAL U 39 -63.35 -18.15 -50.49
C VAL U 39 -64.08 -16.91 -50.99
N HIS U 40 -65.41 -16.95 -50.93
CA HIS U 40 -66.24 -15.87 -51.44
C HIS U 40 -67.36 -15.55 -50.44
N TYR U 41 -67.00 -15.38 -49.17
CA TYR U 41 -67.97 -14.96 -48.17
C TYR U 41 -68.53 -13.59 -48.56
N PRO U 42 -69.84 -13.38 -48.41
CA PRO U 42 -70.47 -12.12 -48.83
C PRO U 42 -70.31 -10.98 -47.82
N PHE U 43 -69.08 -10.80 -47.33
CA PHE U 43 -68.79 -9.72 -46.39
C PHE U 43 -67.41 -9.17 -46.68
N PRO U 44 -67.16 -7.91 -46.38
CA PRO U 44 -65.85 -7.32 -46.66
C PRO U 44 -64.76 -7.93 -45.79
N THR U 45 -63.52 -7.84 -46.28
CA THR U 45 -62.38 -8.40 -45.57
C THR U 45 -62.13 -7.70 -44.24
N MET U 46 -62.45 -6.41 -44.14
CA MET U 46 -62.09 -5.67 -42.92
C MET U 46 -62.96 -6.09 -41.74
N ASP U 47 -64.28 -6.15 -41.94
CA ASP U 47 -65.12 -6.60 -40.83
C ASP U 47 -65.00 -8.10 -40.60
N LEU U 48 -64.61 -8.88 -41.60
CA LEU U 48 -64.24 -10.27 -41.34
C LEU U 48 -63.02 -10.36 -40.44
N VAL U 49 -62.03 -9.50 -40.67
CA VAL U 49 -60.87 -9.44 -39.77
C VAL U 49 -61.31 -9.02 -38.37
N VAL U 50 -62.24 -8.07 -38.29
CA VAL U 50 -62.73 -7.62 -36.98
C VAL U 50 -63.41 -8.76 -36.25
N LEU U 51 -64.26 -9.52 -36.95
CA LEU U 51 -64.94 -10.64 -36.33
C LEU U 51 -63.97 -11.74 -35.92
N ASP U 52 -62.95 -11.98 -36.75
CA ASP U 52 -61.94 -12.98 -36.40
C ASP U 52 -61.18 -12.57 -35.14
N ASP U 53 -60.79 -11.30 -35.05
CA ASP U 53 -60.13 -10.81 -33.85
C ASP U 53 -61.04 -10.93 -32.64
N ALA U 54 -62.32 -10.57 -32.80
CA ALA U 54 -63.25 -10.66 -31.69
C ALA U 54 -63.39 -12.09 -31.20
N LEU U 55 -63.55 -13.03 -32.14
CA LEU U 55 -63.68 -14.43 -31.75
C LEU U 55 -62.41 -14.92 -31.05
N LYS U 56 -61.25 -14.66 -31.64
CA LYS U 56 -60.00 -15.15 -31.07
C LYS U 56 -59.75 -14.60 -29.69
N TYR U 57 -59.81 -13.27 -29.53
CA TYR U 57 -59.48 -12.67 -28.25
C TYR U 57 -60.56 -12.87 -27.20
N GLY U 58 -61.84 -12.91 -27.60
CA GLY U 58 -62.87 -13.24 -26.64
C GLY U 58 -62.79 -14.68 -26.16
N SER U 59 -62.44 -15.60 -27.06
CA SER U 59 -62.28 -16.98 -26.66
C SER U 59 -61.07 -17.16 -25.76
N ARG U 60 -60.01 -16.37 -25.99
CA ARG U 60 -58.87 -16.42 -25.07
C ARG U 60 -59.21 -15.79 -23.72
N ALA U 61 -60.01 -14.72 -23.73
CA ALA U 61 -60.35 -14.05 -22.48
C ALA U 61 -61.32 -14.88 -21.63
N ALA U 62 -62.23 -15.60 -22.27
CA ALA U 62 -63.19 -16.44 -21.56
C ALA U 62 -62.72 -17.88 -21.42
N LYS U 63 -61.52 -18.20 -21.93
CA LYS U 63 -60.96 -19.55 -21.88
C LYS U 63 -61.92 -20.59 -22.46
N ALA U 64 -62.85 -20.15 -23.30
CA ALA U 64 -63.86 -21.01 -23.89
C ALA U 64 -64.00 -20.66 -25.36
N ARG U 65 -64.02 -21.67 -26.21
CA ARG U 65 -64.13 -21.43 -27.65
C ARG U 65 -65.48 -20.80 -27.99
N PHE U 66 -65.44 -19.80 -28.86
CA PHE U 66 -66.64 -19.16 -29.36
C PHE U 66 -66.83 -19.52 -30.83
N ALA U 67 -68.09 -19.58 -31.25
CA ALA U 67 -68.42 -19.95 -32.62
C ALA U 67 -69.62 -19.15 -33.08
N VAL U 68 -69.63 -18.81 -34.37
CA VAL U 68 -70.70 -18.04 -34.98
C VAL U 68 -71.21 -18.84 -36.18
N TYR U 69 -72.53 -19.01 -36.27
CA TYR U 69 -73.15 -19.76 -37.35
C TYR U 69 -74.16 -18.87 -38.06
N ILE U 70 -74.10 -18.85 -39.39
CA ILE U 70 -75.10 -18.17 -40.22
C ILE U 70 -75.67 -19.21 -41.18
N GLY U 71 -76.96 -19.48 -41.07
CA GLY U 71 -77.60 -20.45 -41.92
C GLY U 71 -79.00 -20.78 -41.46
N PRO U 72 -79.73 -21.56 -42.27
CA PRO U 72 -81.11 -21.90 -41.91
C PRO U 72 -81.15 -22.77 -40.67
N LEU U 73 -82.24 -22.66 -39.93
CA LEU U 73 -82.43 -23.43 -38.70
C LEU U 73 -83.62 -24.38 -38.75
N GLY U 74 -84.51 -24.21 -39.72
CA GLY U 74 -85.67 -25.08 -39.78
C GLY U 74 -86.60 -24.82 -38.60
N ALA U 75 -87.41 -25.84 -38.31
CA ALA U 75 -88.28 -25.80 -37.16
C ALA U 75 -87.50 -26.10 -35.89
N ASP U 76 -87.94 -25.50 -34.78
CA ASP U 76 -87.32 -25.70 -33.47
C ASP U 76 -85.84 -25.31 -33.50
N THR U 77 -85.62 -24.01 -33.71
CA THR U 77 -84.26 -23.49 -33.88
C THR U 77 -83.35 -23.92 -32.75
N ALA U 78 -83.91 -24.08 -31.55
CA ALA U 78 -83.14 -24.62 -30.44
C ALA U 78 -82.52 -25.96 -30.80
N ALA U 79 -83.34 -26.90 -31.28
CA ALA U 79 -82.85 -28.24 -31.58
C ALA U 79 -81.82 -28.21 -32.71
N THR U 80 -82.01 -27.33 -33.69
CA THR U 80 -81.04 -27.20 -34.78
C THR U 80 -79.70 -26.71 -34.24
N ALA U 81 -79.73 -25.72 -33.35
CA ALA U 81 -78.48 -25.22 -32.78
C ALA U 81 -77.81 -26.27 -31.90
N ARG U 82 -78.61 -27.11 -31.22
CA ARG U 82 -78.05 -28.28 -30.56
C ARG U 82 -77.36 -29.19 -31.55
N GLU U 83 -77.97 -29.39 -32.72
CA GLU U 83 -77.39 -30.27 -33.72
C GLU U 83 -76.06 -29.74 -34.22
N ILE U 84 -75.98 -28.44 -34.51
CA ILE U 84 -74.80 -27.91 -35.18
C ILE U 84 -73.63 -27.66 -34.24
N LEU U 85 -73.87 -27.55 -32.92
CA LEU U 85 -72.76 -27.37 -31.99
C LEU U 85 -71.93 -28.65 -31.84
N ALA U 86 -72.44 -29.79 -32.30
CA ALA U 86 -71.63 -31.01 -32.28
C ALA U 86 -70.41 -30.89 -33.17
N ASN U 87 -70.49 -30.05 -34.22
CA ASN U 87 -69.37 -29.90 -35.14
C ASN U 87 -68.28 -28.98 -34.61
N VAL U 88 -68.53 -28.24 -33.53
CA VAL U 88 -67.47 -27.42 -32.94
C VAL U 88 -66.38 -28.34 -32.42
N PRO U 89 -65.09 -28.01 -32.59
CA PRO U 89 -64.03 -28.95 -32.20
C PRO U 89 -64.09 -29.38 -30.74
N THR U 90 -64.48 -28.49 -29.83
CA THR U 90 -64.65 -28.83 -28.42
C THR U 90 -66.05 -28.39 -27.99
N PRO U 91 -67.07 -29.20 -28.28
CA PRO U 91 -68.45 -28.75 -28.02
C PRO U 91 -68.75 -28.46 -26.56
N GLU U 92 -68.15 -29.22 -25.64
CA GLU U 92 -68.40 -29.00 -24.22
C GLU U 92 -67.87 -27.64 -23.77
N ASN U 93 -66.68 -27.26 -24.24
CA ASN U 93 -66.13 -25.93 -24.00
C ASN U 93 -66.37 -25.09 -25.25
N ALA U 94 -67.63 -24.66 -25.43
CA ALA U 94 -67.99 -23.92 -26.63
C ALA U 94 -69.20 -23.06 -26.35
N VAL U 95 -69.28 -21.95 -27.09
CA VAL U 95 -70.42 -21.04 -27.06
C VAL U 95 -70.73 -20.69 -28.50
N LEU U 96 -71.82 -21.24 -29.03
CA LEU U 96 -72.18 -21.09 -30.44
C LEU U 96 -73.38 -20.16 -30.54
N LEU U 97 -73.24 -19.09 -31.31
CA LEU U 97 -74.32 -18.16 -31.60
C LEU U 97 -74.81 -18.45 -33.01
N ALA U 98 -75.99 -19.06 -33.12
CA ALA U 98 -76.55 -19.45 -34.40
C ALA U 98 -77.62 -18.43 -34.79
N VAL U 99 -77.41 -17.78 -35.94
CA VAL U 99 -78.32 -16.77 -36.45
C VAL U 99 -78.86 -17.24 -37.79
N SER U 100 -80.18 -17.36 -37.88
CA SER U 100 -80.86 -17.61 -39.15
C SER U 100 -81.47 -16.31 -39.61
N PRO U 101 -80.85 -15.59 -40.55
CA PRO U 101 -81.35 -14.26 -40.90
C PRO U 101 -82.66 -14.28 -41.67
N ASP U 102 -82.91 -15.32 -42.45
CA ASP U 102 -84.18 -15.39 -43.19
C ASP U 102 -85.32 -15.80 -42.28
N GLN U 103 -85.07 -16.72 -41.34
CA GLN U 103 -86.03 -17.04 -40.29
C GLN U 103 -85.95 -16.10 -39.10
N ARG U 104 -84.98 -15.17 -39.09
CA ARG U 104 -84.85 -14.16 -38.06
C ARG U 104 -84.77 -14.78 -36.67
N ALA U 105 -83.99 -15.85 -36.55
CA ALA U 105 -83.86 -16.59 -35.30
C ALA U 105 -82.45 -16.47 -34.73
N ILE U 106 -82.36 -16.33 -33.42
CA ILE U 106 -81.08 -16.28 -32.72
C ILE U 106 -81.10 -17.30 -31.60
N GLU U 107 -80.03 -18.10 -31.52
CA GLU U 107 -79.94 -19.09 -30.44
C GLU U 107 -78.50 -19.21 -29.99
N VAL U 108 -78.24 -18.89 -28.73
CA VAL U 108 -76.97 -19.17 -28.09
C VAL U 108 -77.03 -20.55 -27.45
N VAL U 109 -76.00 -21.35 -27.70
CA VAL U 109 -75.89 -22.70 -27.12
C VAL U 109 -74.53 -22.83 -26.48
N TYR U 110 -74.51 -23.27 -25.22
CA TYR U 110 -73.27 -23.38 -24.47
C TYR U 110 -73.17 -24.72 -23.76
N GLY U 111 -71.96 -25.28 -23.76
CA GLY U 111 -71.73 -26.64 -23.32
C GLY U 111 -71.64 -26.79 -21.81
N ALA U 112 -71.44 -28.04 -21.40
CA ALA U 112 -71.42 -28.38 -19.98
C ALA U 112 -70.27 -27.69 -19.26
N ASP U 113 -69.08 -27.67 -19.86
CA ASP U 113 -67.94 -27.05 -19.22
C ASP U 113 -68.17 -25.57 -18.98
N VAL U 114 -68.87 -24.91 -19.90
CA VAL U 114 -69.24 -23.49 -19.72
C VAL U 114 -70.59 -23.50 -19.02
N LYS U 115 -70.57 -23.62 -17.69
CA LYS U 115 -71.79 -23.63 -16.90
C LYS U 115 -71.59 -22.79 -15.65
N GLY U 116 -72.50 -21.85 -15.42
CA GLY U 116 -72.35 -20.94 -14.30
C GLY U 116 -71.08 -20.12 -14.33
N ARG U 117 -70.53 -19.89 -15.53
CA ARG U 117 -69.28 -19.16 -15.70
C ARG U 117 -69.53 -17.71 -16.11
N GLY U 118 -70.64 -17.12 -15.66
CA GLY U 118 -71.04 -15.80 -16.10
C GLY U 118 -71.81 -15.77 -17.39
N ILE U 119 -72.02 -16.92 -18.03
CA ILE U 119 -72.73 -16.95 -19.30
C ILE U 119 -74.24 -16.92 -19.12
N GLU U 120 -74.75 -17.25 -17.93
CA GLU U 120 -76.18 -17.28 -17.71
C GLU U 120 -76.82 -15.92 -17.99
N SER U 121 -76.17 -14.85 -17.53
CA SER U 121 -76.66 -13.52 -17.86
C SER U 121 -76.16 -13.06 -19.23
N ALA U 122 -74.98 -13.51 -19.65
CA ALA U 122 -74.39 -13.02 -20.89
C ALA U 122 -75.21 -13.44 -22.10
N ALA U 123 -75.73 -14.68 -22.13
CA ALA U 123 -76.42 -15.16 -23.31
C ALA U 123 -77.65 -14.34 -23.68
N PRO U 124 -78.58 -14.05 -22.76
CA PRO U 124 -79.69 -13.14 -23.15
C PRO U 124 -79.19 -11.75 -23.50
N LEU U 125 -78.16 -11.25 -22.82
CA LEU U 125 -77.58 -9.97 -23.18
C LEU U 125 -76.89 -10.04 -24.53
N GLY U 126 -76.25 -11.18 -24.83
CA GLY U 126 -75.68 -11.38 -26.15
C GLY U 126 -76.74 -11.34 -27.25
N VAL U 127 -77.88 -12.00 -27.01
CA VAL U 127 -78.96 -11.97 -27.99
C VAL U 127 -79.52 -10.55 -28.13
N SER U 128 -79.62 -9.82 -27.02
CA SER U 128 -80.10 -8.45 -27.09
C SER U 128 -79.16 -7.58 -27.91
N ALA U 129 -77.86 -7.69 -27.69
CA ALA U 129 -76.90 -6.91 -28.46
C ALA U 129 -76.96 -7.28 -29.94
N ALA U 130 -77.00 -8.59 -30.23
CA ALA U 130 -77.07 -9.04 -31.61
C ALA U 130 -78.29 -8.49 -32.32
N ALA U 131 -79.47 -8.63 -31.71
CA ALA U 131 -80.70 -8.16 -32.35
C ALA U 131 -80.74 -6.65 -32.46
N ALA U 132 -80.24 -5.94 -31.44
CA ALA U 132 -80.23 -4.48 -31.47
C ALA U 132 -79.37 -3.96 -32.62
N SER U 133 -78.19 -4.55 -32.80
CA SER U 133 -77.36 -4.15 -33.93
C SER U 133 -77.94 -4.64 -35.25
N PHE U 134 -78.67 -5.77 -35.21
CA PHE U 134 -79.28 -6.31 -36.41
C PHE U 134 -80.34 -5.37 -36.97
N LYS U 135 -81.16 -4.78 -36.09
CA LYS U 135 -82.30 -3.99 -36.55
C LYS U 135 -81.91 -2.84 -37.47
N GLU U 136 -80.63 -2.46 -37.51
CA GLU U 136 -80.19 -1.50 -38.51
C GLU U 136 -79.91 -2.15 -39.85
N GLY U 137 -79.52 -3.41 -39.87
CA GLY U 137 -79.26 -4.12 -41.11
C GLY U 137 -77.81 -4.49 -41.30
N ASN U 138 -77.09 -4.74 -40.20
CA ASN U 138 -75.66 -5.05 -40.23
C ASN U 138 -75.45 -6.40 -39.57
N LEU U 139 -75.39 -7.45 -40.38
CA LEU U 139 -75.27 -8.81 -39.86
C LEU U 139 -73.94 -9.02 -39.14
N ILE U 140 -72.83 -8.69 -39.80
CA ILE U 140 -71.51 -8.92 -39.21
C ILE U 140 -71.30 -8.04 -37.99
N ASP U 141 -71.81 -6.80 -38.04
CA ASP U 141 -71.70 -5.93 -36.88
C ASP U 141 -72.43 -6.51 -35.68
N GLY U 142 -73.62 -7.07 -35.90
CA GLY U 142 -74.36 -7.69 -34.81
C GLY U 142 -73.66 -8.92 -34.27
N LEU U 143 -73.10 -9.74 -35.16
CA LEU U 143 -72.35 -10.91 -34.71
C LEU U 143 -71.13 -10.50 -33.88
N ILE U 144 -70.42 -9.47 -34.34
CA ILE U 144 -69.25 -8.97 -33.61
C ILE U 144 -69.67 -8.48 -32.23
N SER U 145 -70.75 -7.69 -32.18
CA SER U 145 -71.21 -7.14 -30.91
C SER U 145 -71.62 -8.25 -29.95
N ALA U 146 -72.35 -9.25 -30.45
CA ALA U 146 -72.80 -10.34 -29.60
C ALA U 146 -71.62 -11.14 -29.07
N VAL U 147 -70.63 -11.43 -29.93
CA VAL U 147 -69.46 -12.16 -29.47
C VAL U 147 -68.70 -11.35 -28.42
N ARG U 148 -68.56 -10.04 -28.64
CA ARG U 148 -67.85 -9.19 -27.69
C ARG U 148 -68.55 -9.20 -26.34
N VAL U 149 -69.86 -9.02 -26.32
CA VAL U 149 -70.57 -8.92 -25.05
C VAL U 149 -70.60 -10.27 -24.35
N MET U 150 -70.77 -11.36 -25.10
CA MET U 150 -70.74 -12.68 -24.49
C MET U 150 -69.37 -13.00 -23.90
N SER U 151 -68.29 -12.63 -24.61
CA SER U 151 -66.96 -12.87 -24.09
C SER U 151 -66.68 -12.02 -22.86
N ALA U 152 -67.22 -10.80 -22.83
CA ALA U 152 -67.13 -9.99 -21.61
C ALA U 152 -67.86 -10.66 -20.45
N GLY U 153 -69.07 -11.18 -20.71
CA GLY U 153 -69.85 -11.85 -19.69
C GLY U 153 -69.25 -13.12 -19.16
N VAL U 154 -68.80 -14.00 -20.04
CA VAL U 154 -68.19 -15.24 -19.60
C VAL U 154 -66.84 -14.96 -18.95
N SER U 155 -66.48 -15.80 -17.99
CA SER U 155 -65.21 -15.66 -17.28
C SER U 155 -64.44 -16.97 -17.36
N PRO U 156 -63.11 -16.89 -17.36
CA PRO U 156 -62.31 -18.11 -17.45
C PRO U 156 -62.56 -19.03 -16.26
N ALA U 157 -62.52 -20.34 -16.52
CA ALA U 157 -62.76 -21.34 -15.49
C ALA U 157 -61.79 -21.20 -14.33
N ALA V 17 -29.34 16.13 -22.92
CA ALA V 17 -30.46 16.08 -23.84
C ALA V 17 -31.25 17.38 -23.80
N LEU V 18 -30.54 18.48 -24.04
CA LEU V 18 -31.13 19.81 -23.97
C LEU V 18 -30.57 20.65 -25.11
N SER V 19 -30.78 21.97 -25.04
CA SER V 19 -30.36 22.88 -26.08
C SER V 19 -28.98 23.46 -25.73
N ALA V 20 -28.55 24.47 -26.49
CA ALA V 20 -27.25 25.08 -26.27
C ALA V 20 -27.31 26.56 -26.61
N CYS V 21 -26.44 27.31 -25.97
CA CYS V 21 -26.32 28.75 -26.18
C CYS V 21 -24.93 29.09 -26.70
N SER V 22 -24.87 30.13 -27.53
CA SER V 22 -23.60 30.58 -28.08
C SER V 22 -22.83 31.40 -27.04
N PRO V 23 -21.50 31.40 -27.11
CA PRO V 23 -20.71 32.22 -26.18
C PRO V 23 -21.03 33.69 -26.34
N PRO V 24 -21.38 34.38 -25.26
CA PRO V 24 -21.81 35.78 -25.38
C PRO V 24 -20.68 36.78 -25.63
N GLY V 25 -19.43 36.32 -25.66
CA GLY V 25 -18.31 37.19 -25.94
C GLY V 25 -17.47 36.72 -27.12
N GLU V 26 -18.11 36.21 -28.16
CA GLU V 26 -17.40 35.59 -29.27
C GLU V 26 -18.00 36.04 -30.61
N THR V 27 -18.22 37.33 -30.76
CA THR V 27 -18.78 37.87 -32.00
C THR V 27 -17.68 38.35 -32.93
N ALA V 28 -17.98 38.28 -34.23
CA ALA V 28 -17.05 38.72 -35.25
C ALA V 28 -17.19 40.22 -35.50
N SER V 29 -16.15 40.80 -36.10
CA SER V 29 -16.10 42.22 -36.40
C SER V 29 -15.77 42.45 -37.86
N SER V 30 -16.49 43.38 -38.49
CA SER V 30 -16.19 43.80 -39.85
C SER V 30 -15.08 44.83 -39.94
N GLU V 31 -14.58 45.31 -38.80
CA GLU V 31 -13.56 46.33 -38.80
C GLU V 31 -12.26 45.82 -39.43
N PRO V 32 -11.54 46.67 -40.15
CA PRO V 32 -10.35 46.21 -40.88
C PRO V 32 -9.18 45.82 -39.99
N GLY V 33 -8.81 46.69 -39.05
CA GLY V 33 -7.57 46.47 -38.32
C GLY V 33 -6.39 47.09 -39.03
N THR V 34 -5.37 47.42 -38.24
CA THR V 34 -4.17 48.07 -38.74
C THR V 34 -2.94 47.27 -38.35
N THR V 35 -1.85 47.53 -39.06
CA THR V 35 -0.60 46.81 -38.82
C THR V 35 -0.08 47.12 -37.43
N PRO V 36 0.25 46.12 -36.61
CA PRO V 36 0.71 46.39 -35.25
C PRO V 36 2.00 47.21 -35.24
N ALA V 37 2.12 48.08 -34.24
CA ALA V 37 3.29 48.92 -34.10
C ALA V 37 4.52 48.10 -33.76
N ILE V 38 5.70 48.62 -34.12
CA ILE V 38 6.94 47.98 -33.73
C ILE V 38 7.08 48.08 -32.21
N TRP V 39 7.46 46.96 -31.60
CA TRP V 39 7.49 46.84 -30.15
C TRP V 39 8.81 47.38 -29.60
N THR V 40 8.70 48.26 -28.61
CA THR V 40 9.84 48.73 -27.84
C THR V 40 9.64 48.31 -26.39
N GLY V 41 10.68 47.73 -25.79
CA GLY V 41 10.56 47.13 -24.48
C GLY V 41 11.09 48.01 -23.36
N SER V 42 10.22 48.37 -22.44
CA SER V 42 10.64 49.09 -21.24
C SER V 42 11.50 48.16 -20.40
N PRO V 43 12.69 48.58 -19.97
CA PRO V 43 13.65 47.65 -19.35
C PRO V 43 13.09 46.81 -18.21
N SER V 44 12.59 47.44 -17.16
CA SER V 44 12.11 46.71 -15.99
C SER V 44 11.41 47.63 -14.99
#